data_8DBA
#
_entry.id   8DBA
#
_cell.length_a   105.110
_cell.length_b   136.090
_cell.length_c   146.200
_cell.angle_alpha   93.130
_cell.angle_beta   94.430
_cell.angle_gamma   108.090
#
_symmetry.space_group_name_H-M   'P 1'
#
loop_
_entity.id
_entity.type
_entity.pdbx_description
1 polymer 'Circadian clock protein KaiC'
2 non-polymer "ADENOSINE-5'-DIPHOSPHATE"
3 non-polymer 'MAGNESIUM ION'
4 water water
#
_entity_poly.entity_id   1
_entity_poly.type   'polypeptide(L)'
_entity_poly.pdbx_seq_one_letter_code
;GAMGIGKSPTGIQGFDELTLGGLPTGRPSLVCGSAGCGKTLFASTFLINGVRDHGEPGVFVTFEERPEDIVNNVASLGFE
LDKLIEEEKIAIEHIAVDPSEVAEIGDYDLEGLFLRLELAIDTVGAKRVVLDTIESLFSAFSNPAILRAEIRRLFDWLKE
RGLTTVITAERGDGALTRQGLEEYVSDCVILLDHRVENQISTRRLRIVKYRGTAHGTNEYPFLIDTDGFSVLPVSALGLL
HQVHEERIASGVPDLDAMMAGGGFFRGSSILVSGVAGAGKSSLAAHFAAAACARGERAMYFSFEEAADQAVRNMRSLGLD
LGRWRDAGLLRFMATRPTFYSLEMHLAVILREVMRFEPSVVVLDPISAFTESGDRLEVQSMLLRIVDFLKNRGITGIFTH
LAHSQNEATTDAGLSSLMDGWVLMLNREVNGEFNRELYLLKARGMAHSNQVREFLMSDRGISLLPPHLGEGGALTGTARK
AEEARLRRAEIERQTELGRLQQQIEQRRRRARAQIEALEAELQAEEIALKALVESESAHERQRLADADTLARSRGNERFA
DLLMNKGE
;
_entity_poly.pdbx_strand_id   A,B,C,D,E,F,G,H,I,J,K,L
#
loop_
_chem_comp.id
_chem_comp.type
_chem_comp.name
_chem_comp.formula
ADP non-polymer ADENOSINE-5'-DIPHOSPHATE 'C10 H15 N5 O10 P2'
MG non-polymer 'MAGNESIUM ION' 'Mg 2'
#
# COMPACT_ATOMS: atom_id res chain seq x y z
N GLY A 4 38.07 119.81 16.73
CA GLY A 4 39.01 118.79 16.29
C GLY A 4 40.35 118.88 17.00
N ILE A 5 41.25 117.97 16.66
CA ILE A 5 42.59 117.93 17.23
C ILE A 5 43.61 117.87 16.11
N GLY A 6 44.68 118.65 16.22
CA GLY A 6 45.71 118.64 15.20
C GLY A 6 46.48 117.34 15.21
N LYS A 7 46.95 116.95 14.01
CA LYS A 7 47.65 115.68 13.84
C LYS A 7 48.77 115.86 12.84
N SER A 8 49.77 114.98 12.94
CA SER A 8 50.91 114.97 12.03
C SER A 8 51.44 113.54 11.92
N PRO A 9 51.28 112.88 10.77
CA PRO A 9 51.68 111.47 10.68
C PRO A 9 53.18 111.28 10.88
N THR A 10 53.53 110.11 11.40
CA THR A 10 54.92 109.69 11.52
C THR A 10 55.41 108.94 10.28
N GLY A 11 54.54 108.72 9.30
CA GLY A 11 54.86 107.84 8.19
C GLY A 11 54.86 106.38 8.54
N ILE A 12 54.49 106.01 9.75
CA ILE A 12 54.50 104.62 10.20
C ILE A 12 53.09 104.06 9.99
N GLN A 13 52.95 103.18 9.00
CA GLN A 13 51.70 102.49 8.76
C GLN A 13 51.36 101.62 9.96
N GLY A 14 50.11 101.73 10.42
CA GLY A 14 49.69 101.00 11.60
C GLY A 14 49.71 101.89 12.84
N PHE A 15 50.87 102.48 13.13
CA PHE A 15 50.93 103.45 14.21
C PHE A 15 50.04 104.65 13.91
N ASP A 16 50.01 105.08 12.65
CA ASP A 16 49.11 106.18 12.29
C ASP A 16 47.65 105.77 12.44
N GLU A 17 47.34 104.48 12.30
CA GLU A 17 45.98 104.02 12.57
C GLU A 17 45.69 104.03 14.07
N LEU A 18 46.65 103.58 14.88
CA LEU A 18 46.47 103.62 16.32
C LEU A 18 46.19 105.05 16.78
N THR A 19 46.99 106.01 16.33
CA THR A 19 46.87 107.39 16.78
C THR A 19 45.81 108.18 16.02
N LEU A 20 45.29 107.65 14.91
CA LEU A 20 44.27 108.33 14.10
C LEU A 20 44.79 109.68 13.62
N GLY A 21 45.92 109.64 12.93
CA GLY A 21 46.49 110.83 12.32
C GLY A 21 47.96 111.02 12.61
N GLY A 22 48.46 110.38 13.65
CA GLY A 22 49.84 110.51 14.07
C GLY A 22 49.96 111.26 15.39
N LEU A 23 51.19 111.65 15.69
CA LEU A 23 51.44 112.41 16.90
C LEU A 23 50.78 113.77 16.83
N PRO A 24 50.46 114.38 17.97
CA PRO A 24 49.73 115.68 17.94
C PRO A 24 50.61 116.77 17.36
N THR A 25 50.12 117.42 16.31
CA THR A 25 50.90 118.45 15.63
C THR A 25 51.09 119.67 16.52
N GLY A 26 52.31 120.19 16.53
CA GLY A 26 52.61 121.35 17.35
C GLY A 26 52.53 121.12 18.84
N ARG A 27 52.52 119.86 19.27
CA ARG A 27 52.46 119.51 20.68
C ARG A 27 53.56 118.52 21.00
N PRO A 28 54.04 118.49 22.24
CA PRO A 28 55.13 117.59 22.60
C PRO A 28 54.65 116.18 22.92
N SER A 29 55.49 115.21 22.55
CA SER A 29 55.24 113.81 22.83
C SER A 29 56.51 113.17 23.37
N LEU A 30 56.32 112.15 24.21
CA LEU A 30 57.42 111.49 24.91
C LEU A 30 57.43 110.02 24.54
N VAL A 31 58.52 109.57 23.91
CA VAL A 31 58.69 108.17 23.57
C VAL A 31 59.53 107.49 24.65
N CYS A 32 58.88 107.08 25.73
CA CYS A 32 59.58 106.41 26.82
C CYS A 32 59.99 105.01 26.40
N GLY A 33 61.19 104.61 26.83
CA GLY A 33 61.70 103.29 26.51
C GLY A 33 63.09 103.05 27.07
N SER A 34 63.35 101.81 27.48
CA SER A 34 64.65 101.44 27.98
C SER A 34 65.64 101.34 26.81
N ALA A 35 66.86 100.89 27.11
CA ALA A 35 67.88 100.77 26.08
C ALA A 35 67.54 99.62 25.14
N GLY A 36 67.59 99.88 23.84
CA GLY A 36 67.37 98.87 22.83
C GLY A 36 65.97 98.79 22.28
N CYS A 37 65.03 99.58 22.82
CA CYS A 37 63.65 99.51 22.35
C CYS A 37 63.50 100.15 20.98
N GLY A 38 64.23 101.24 20.72
CA GLY A 38 64.21 101.88 19.42
C GLY A 38 63.64 103.29 19.42
N LYS A 39 63.86 104.02 20.50
CA LYS A 39 63.36 105.39 20.58
C LYS A 39 64.03 106.28 19.54
N THR A 40 65.35 106.21 19.46
CA THR A 40 66.08 107.05 18.51
C THR A 40 65.69 106.71 17.08
N LEU A 41 65.49 105.43 16.79
CA LEU A 41 65.05 105.04 15.45
C LEU A 41 63.64 105.54 15.17
N PHE A 42 62.76 105.49 16.17
CA PHE A 42 61.42 106.04 15.99
C PHE A 42 61.48 107.52 15.65
N ALA A 43 62.34 108.27 16.33
CA ALA A 43 62.45 109.70 16.06
C ALA A 43 63.08 109.96 14.69
N SER A 44 64.09 109.18 14.33
CA SER A 44 64.66 109.28 12.99
C SER A 44 63.59 109.07 11.93
N THR A 45 62.78 108.02 12.09
CA THR A 45 61.67 107.80 11.18
C THR A 45 60.74 109.00 11.15
N PHE A 46 60.30 109.45 12.32
CA PHE A 46 59.47 110.65 12.42
C PHE A 46 59.97 111.75 11.48
N LEU A 47 61.18 112.23 11.74
CA LEU A 47 61.67 113.39 11.00
C LEU A 47 61.88 113.07 9.51
N ILE A 48 62.55 111.96 9.21
CA ILE A 48 62.95 111.67 7.84
C ILE A 48 61.71 111.43 6.97
N ASN A 49 60.77 110.63 7.46
CA ASN A 49 59.54 110.39 6.70
C ASN A 49 58.66 111.63 6.63
N GLY A 50 58.71 112.49 7.65
CA GLY A 50 58.01 113.76 7.54
C GLY A 50 58.55 114.62 6.41
N VAL A 51 59.87 114.64 6.25
CA VAL A 51 60.47 115.36 5.12
C VAL A 51 60.10 114.69 3.80
N ARG A 52 60.22 113.37 3.74
CA ARG A 52 60.03 112.65 2.48
C ARG A 52 58.59 112.76 2.00
N ASP A 53 57.64 112.30 2.81
CA ASP A 53 56.25 112.19 2.37
C ASP A 53 55.49 113.50 2.54
N HIS A 54 55.54 114.08 3.74
CA HIS A 54 54.70 115.22 4.09
C HIS A 54 55.42 116.56 3.95
N GLY A 55 56.57 116.58 3.29
CA GLY A 55 57.25 117.85 3.02
C GLY A 55 57.42 118.71 4.25
N GLU A 56 57.66 118.09 5.40
CA GLU A 56 57.82 118.82 6.65
C GLU A 56 59.29 118.80 7.08
N PRO A 57 60.00 119.92 7.05
CA PRO A 57 61.38 119.93 7.52
C PRO A 57 61.46 119.89 9.05
N GLY A 58 62.62 119.46 9.52
CA GLY A 58 62.82 119.30 10.95
C GLY A 58 64.27 119.39 11.34
N VAL A 59 64.49 119.47 12.64
CA VAL A 59 65.83 119.55 13.22
C VAL A 59 65.97 118.49 14.30
N PHE A 60 67.15 117.87 14.37
CA PHE A 60 67.44 116.77 15.27
C PHE A 60 68.51 117.22 16.24
N VAL A 61 68.10 117.48 17.49
CA VAL A 61 69.03 117.89 18.54
C VAL A 61 69.46 116.63 19.30
N THR A 62 70.76 116.36 19.32
CA THR A 62 71.32 115.23 20.01
C THR A 62 72.16 115.73 21.19
N PHE A 63 71.92 115.16 22.37
CA PHE A 63 72.62 115.57 23.58
C PHE A 63 73.71 114.59 23.98
N GLU A 64 74.01 113.59 23.16
CA GLU A 64 74.97 112.57 23.54
C GLU A 64 75.92 112.19 22.41
N GLU A 65 75.38 111.70 21.29
CA GLU A 65 76.18 111.11 20.24
C GLU A 65 76.52 112.12 19.16
N ARG A 66 77.36 111.68 18.14
CA ARG A 66 77.79 112.56 17.07
C ARG A 66 76.88 112.46 15.85
N PRO A 67 76.83 113.52 15.04
CA PRO A 67 76.03 113.46 13.81
C PRO A 67 76.46 112.34 12.88
N GLU A 68 77.76 112.05 12.81
CA GLU A 68 78.22 110.92 11.99
C GLU A 68 77.64 109.61 12.50
N ASP A 69 77.61 109.41 13.81
CA ASP A 69 77.01 108.22 14.37
C ASP A 69 75.54 108.13 14.01
N ILE A 70 74.81 109.24 14.15
CA ILE A 70 73.39 109.24 13.79
C ILE A 70 73.22 108.86 12.32
N VAL A 71 74.02 109.47 11.45
CA VAL A 71 73.89 109.23 10.01
C VAL A 71 74.14 107.76 9.70
N ASN A 72 75.21 107.19 10.26
CA ASN A 72 75.50 105.78 10.04
C ASN A 72 74.34 104.91 10.50
N ASN A 73 73.86 105.16 11.72
CA ASN A 73 72.81 104.32 12.31
C ASN A 73 71.56 104.32 11.44
N VAL A 74 71.12 105.50 11.00
CA VAL A 74 69.90 105.55 10.21
C VAL A 74 70.13 105.17 8.75
N ALA A 75 71.37 105.27 8.25
CA ALA A 75 71.64 104.98 6.86
C ALA A 75 71.76 103.48 6.61
N SER A 76 72.36 102.74 7.56
CA SER A 76 72.47 101.30 7.37
C SER A 76 71.10 100.67 7.09
N LEU A 77 70.03 101.28 7.59
CA LEU A 77 68.68 100.75 7.34
C LEU A 77 68.28 100.97 5.89
N GLY A 78 68.49 102.18 5.38
CA GLY A 78 68.08 102.53 4.03
C GLY A 78 67.71 104.00 3.91
N PHE A 79 67.54 104.67 5.04
CA PHE A 79 67.21 106.09 5.04
C PHE A 79 68.42 106.89 4.55
N GLU A 80 68.24 107.59 3.44
CA GLU A 80 69.32 108.36 2.82
C GLU A 80 69.37 109.73 3.49
N LEU A 81 69.93 109.74 4.70
CA LEU A 81 69.94 110.96 5.50
C LEU A 81 71.09 111.89 5.13
N ASP A 82 72.22 111.36 4.68
CA ASP A 82 73.34 112.22 4.28
C ASP A 82 72.92 113.16 3.16
N LYS A 83 72.23 112.62 2.15
CA LYS A 83 71.75 113.44 1.05
C LYS A 83 70.84 114.55 1.56
N LEU A 84 69.91 114.21 2.47
CA LEU A 84 68.99 115.21 3.00
C LEU A 84 69.74 116.27 3.80
N ILE A 85 70.79 115.85 4.52
CA ILE A 85 71.60 116.80 5.27
C ILE A 85 72.21 117.82 4.34
N GLU A 86 72.90 117.35 3.30
CA GLU A 86 73.53 118.28 2.36
C GLU A 86 72.52 118.97 1.44
N GLU A 87 71.27 118.50 1.40
CA GLU A 87 70.23 119.20 0.67
C GLU A 87 69.74 120.45 1.39
N GLU A 88 70.21 120.69 2.62
CA GLU A 88 69.82 121.86 3.40
C GLU A 88 68.34 121.79 3.79
N LYS A 89 67.81 120.58 3.94
CA LYS A 89 66.44 120.37 4.38
C LYS A 89 66.34 119.73 5.75
N ILE A 90 67.45 119.29 6.33
CA ILE A 90 67.48 118.69 7.66
C ILE A 90 68.81 119.05 8.31
N ALA A 91 68.81 119.06 9.65
CA ALA A 91 69.99 119.49 10.38
C ALA A 91 70.14 118.69 11.66
N ILE A 92 71.39 118.49 12.06
CA ILE A 92 71.76 117.82 13.30
C ILE A 92 72.52 118.82 14.17
N GLU A 93 72.15 118.88 15.45
CA GLU A 93 72.78 119.83 16.38
C GLU A 93 73.28 119.07 17.59
N HIS A 94 74.58 119.19 17.87
CA HIS A 94 75.25 118.46 18.93
C HIS A 94 75.41 119.37 20.16
N ILE A 95 75.00 118.88 21.32
CA ILE A 95 75.17 119.63 22.56
C ILE A 95 75.76 118.73 23.63
N ALA A 96 76.46 119.36 24.59
CA ALA A 96 77.28 118.64 25.55
C ALA A 96 76.93 119.06 26.98
N VAL A 97 77.50 118.33 27.94
CA VAL A 97 77.33 118.61 29.37
C VAL A 97 78.72 118.74 29.99
N ASP A 98 78.75 119.22 31.23
CA ASP A 98 79.98 119.49 31.98
C ASP A 98 81.00 120.16 31.07
N PRO A 99 80.72 121.37 30.57
CA PRO A 99 81.57 121.97 29.54
C PRO A 99 82.98 122.26 30.03
N SER A 100 83.10 123.05 31.10
CA SER A 100 84.40 123.44 31.62
C SER A 100 85.13 122.24 32.24
N LEU A 110 70.13 128.79 29.06
CA LEU A 110 68.76 128.49 28.63
C LEU A 110 68.51 129.01 27.23
N GLU A 111 68.95 130.24 26.96
CA GLU A 111 68.73 130.87 25.67
C GLU A 111 69.63 130.32 24.57
N GLY A 112 70.72 129.65 24.93
CA GLY A 112 71.58 129.06 23.92
C GLY A 112 70.85 128.04 23.07
N LEU A 113 70.08 127.17 23.73
CA LEU A 113 69.25 126.21 22.99
C LEU A 113 68.29 126.92 22.06
N PHE A 114 67.62 127.96 22.57
CA PHE A 114 66.66 128.68 21.73
C PHE A 114 67.34 129.28 20.51
N LEU A 115 68.55 129.84 20.69
CA LEU A 115 69.20 130.52 19.57
C LEU A 115 69.73 129.52 18.53
N ARG A 116 70.35 128.43 18.99
CA ARG A 116 70.79 127.40 18.04
C ARG A 116 69.59 126.81 17.31
N LEU A 117 68.48 126.60 18.03
CA LEU A 117 67.27 126.08 17.40
C LEU A 117 66.72 127.08 16.39
N GLU A 118 66.78 128.37 16.70
CA GLU A 118 66.31 129.38 15.75
C GLU A 118 67.15 129.37 14.48
N LEU A 119 68.47 129.29 14.63
CA LEU A 119 69.34 129.19 13.46
C LEU A 119 68.94 127.99 12.60
N ALA A 120 68.87 126.81 13.21
CA ALA A 120 68.53 125.61 12.44
C ALA A 120 67.14 125.71 11.83
N ILE A 121 66.18 126.27 12.57
CA ILE A 121 64.81 126.35 12.10
C ILE A 121 64.70 127.25 10.89
N ASP A 122 65.33 128.42 10.94
CA ASP A 122 65.30 129.31 9.78
C ASP A 122 66.16 128.78 8.64
N THR A 123 67.15 127.94 8.93
CA THR A 123 67.99 127.40 7.87
C THR A 123 67.27 126.31 7.08
N VAL A 124 66.49 125.46 7.75
CA VAL A 124 65.87 124.31 7.10
C VAL A 124 64.35 124.44 7.05
N GLY A 125 63.80 125.60 7.40
CA GLY A 125 62.36 125.76 7.48
C GLY A 125 61.69 124.67 8.28
N ALA A 126 62.07 124.54 9.55
CA ALA A 126 61.67 123.38 10.34
C ALA A 126 60.30 123.56 10.97
N LYS A 127 59.49 122.51 10.90
CA LYS A 127 58.26 122.39 11.67
C LYS A 127 58.28 121.21 12.63
N ARG A 128 59.23 120.29 12.48
CA ARG A 128 59.36 119.14 13.36
C ARG A 128 60.70 119.20 14.09
N VAL A 129 60.72 118.75 15.35
CA VAL A 129 61.92 118.79 16.16
C VAL A 129 61.99 117.52 17.00
N VAL A 130 63.20 116.98 17.11
CA VAL A 130 63.47 115.83 17.97
C VAL A 130 64.52 116.23 18.99
N LEU A 131 64.27 115.89 20.26
CA LEU A 131 65.20 116.11 21.35
C LEU A 131 65.63 114.74 21.87
N ASP A 132 66.88 114.36 21.58
CA ASP A 132 67.42 113.07 21.98
C ASP A 132 68.25 113.26 23.24
N THR A 133 67.75 112.70 24.35
CA THR A 133 68.40 112.72 25.65
C THR A 133 68.52 114.14 26.19
N ILE A 134 67.38 114.83 26.25
CA ILE A 134 67.29 116.01 27.10
C ILE A 134 67.56 115.62 28.55
N GLU A 135 67.47 114.32 28.85
CA GLU A 135 67.86 113.83 30.18
C GLU A 135 69.19 114.41 30.62
N SER A 136 70.21 114.33 29.75
CA SER A 136 71.57 114.71 30.13
C SER A 136 71.61 115.91 31.08
N LEU A 137 71.07 117.04 30.65
CA LEU A 137 71.15 118.26 31.44
C LEU A 137 70.56 118.06 32.83
N PHE A 138 69.40 117.41 32.93
CA PHE A 138 68.70 117.30 34.21
C PHE A 138 69.30 116.22 35.09
N SER A 139 69.74 115.11 34.48
CA SER A 139 70.22 113.96 35.22
C SER A 139 71.66 114.15 35.71
N ALA A 140 72.53 114.73 34.88
CA ALA A 140 73.91 114.97 35.30
C ALA A 140 73.94 115.65 36.65
N PHE A 141 73.13 116.69 36.84
CA PHE A 141 73.00 117.36 38.12
C PHE A 141 71.52 117.59 38.41
N SER A 142 71.05 117.04 39.53
CA SER A 142 69.73 117.34 40.06
C SER A 142 69.78 118.43 41.12
N ASN A 143 70.90 119.16 41.23
CA ASN A 143 71.02 120.18 42.27
C ASN A 143 69.98 121.28 42.12
N PRO A 144 69.72 121.83 40.93
CA PRO A 144 68.67 122.85 40.81
C PRO A 144 67.30 122.23 41.03
N ALA A 145 66.51 122.90 41.87
CA ALA A 145 65.15 122.43 42.16
C ALA A 145 64.14 122.91 41.12
N ILE A 146 64.58 123.53 40.03
CA ILE A 146 63.69 124.07 39.01
C ILE A 146 63.80 123.23 37.75
N LEU A 147 64.00 121.93 37.91
CA LEU A 147 64.15 121.03 36.76
C LEU A 147 62.86 120.98 35.95
N ARG A 148 61.73 120.77 36.61
CA ARG A 148 60.45 120.79 35.91
C ARG A 148 60.21 122.14 35.23
N ALA A 149 60.69 123.22 35.86
CA ALA A 149 60.56 124.54 35.25
C ALA A 149 61.33 124.62 33.94
N GLU A 150 62.57 124.10 33.92
CA GLU A 150 63.33 124.10 32.68
C GLU A 150 62.67 123.23 31.62
N ILE A 151 62.17 122.06 32.02
CA ILE A 151 61.48 121.17 31.09
C ILE A 151 60.32 121.90 30.43
N ARG A 152 59.37 122.36 31.24
CA ARG A 152 58.21 123.07 30.70
C ARG A 152 58.63 124.36 30.00
N ARG A 153 59.79 124.92 30.32
CA ARG A 153 60.28 126.09 29.61
C ARG A 153 60.55 125.77 28.15
N LEU A 154 61.38 124.75 27.90
CA LEU A 154 61.65 124.37 26.52
C LEU A 154 60.37 123.90 25.83
N PHE A 155 59.49 123.21 26.58
CA PHE A 155 58.25 122.74 25.98
C PHE A 155 57.39 123.91 25.52
N ASP A 156 57.26 124.94 26.36
CA ASP A 156 56.49 126.11 25.98
C ASP A 156 57.16 126.89 24.86
N TRP A 157 58.49 126.89 24.81
CA TRP A 157 59.17 127.55 23.69
C TRP A 157 58.81 126.86 22.37
N LEU A 158 58.89 125.53 22.34
CA LEU A 158 58.53 124.82 21.12
C LEU A 158 57.05 124.98 20.79
N LYS A 159 56.19 124.98 21.81
CA LYS A 159 54.76 125.17 21.56
C LYS A 159 54.48 126.56 21.00
N GLU A 160 55.23 127.57 21.47
CA GLU A 160 55.12 128.91 20.90
C GLU A 160 55.57 128.92 19.45
N ARG A 161 56.69 128.27 19.16
CA ARG A 161 57.15 128.14 17.78
C ARG A 161 56.21 127.29 16.93
N GLY A 162 55.25 126.60 17.55
CA GLY A 162 54.33 125.78 16.78
C GLY A 162 54.99 124.55 16.20
N LEU A 163 56.01 124.02 16.87
CA LEU A 163 56.79 122.91 16.36
C LEU A 163 56.31 121.60 16.97
N THR A 164 56.14 120.59 16.14
CA THR A 164 55.91 119.26 16.69
C THR A 164 57.19 118.75 17.33
N THR A 165 57.07 118.09 18.47
CA THR A 165 58.22 117.64 19.23
C THR A 165 58.11 116.15 19.52
N VAL A 166 59.24 115.45 19.41
CA VAL A 166 59.33 114.05 19.80
C VAL A 166 60.52 113.92 20.76
N ILE A 167 60.24 114.06 22.06
CA ILE A 167 61.28 113.97 23.08
C ILE A 167 61.52 112.50 23.40
N THR A 168 62.77 112.07 23.31
CA THR A 168 63.11 110.74 23.80
C THR A 168 63.42 110.82 25.30
N ALA A 169 63.38 109.66 25.96
CA ALA A 169 63.57 109.59 27.39
C ALA A 169 64.30 108.30 27.75
N GLU A 170 64.61 108.15 29.03
CA GLU A 170 65.29 106.97 29.56
C GLU A 170 64.49 106.42 30.72
N ARG A 171 64.30 105.09 30.74
CA ARG A 171 63.45 104.42 31.72
C ARG A 171 64.19 103.16 32.18
N GLY A 172 65.18 103.35 33.04
CA GLY A 172 65.96 102.25 33.56
C GLY A 172 65.64 101.93 35.00
N ASP A 173 65.61 102.96 35.85
CA ASP A 173 65.31 102.74 37.26
C ASP A 173 63.91 102.15 37.44
N GLY A 174 62.97 102.56 36.61
CA GLY A 174 61.62 102.05 36.68
C GLY A 174 60.62 103.09 36.23
N ALA A 175 59.35 102.85 36.55
CA ALA A 175 58.28 103.76 36.17
C ALA A 175 58.23 103.93 34.66
N LEU A 176 57.59 105.00 34.19
CA LEU A 176 57.61 105.33 32.77
C LEU A 176 58.77 106.26 32.42
N THR A 177 59.25 107.05 33.39
CA THR A 177 60.34 107.97 33.18
C THR A 177 61.21 108.01 34.43
N ARG A 178 62.53 108.12 34.24
CA ARG A 178 63.43 108.26 35.38
C ARG A 178 63.24 109.61 36.06
N GLN A 179 62.82 110.63 35.31
CA GLN A 179 62.63 111.95 35.91
C GLN A 179 61.43 111.98 36.85
N GLY A 180 60.35 111.28 36.48
CA GLY A 180 59.15 111.23 37.28
C GLY A 180 58.12 112.29 36.97
N LEU A 181 58.52 113.37 36.29
CA LEU A 181 57.62 114.48 35.97
C LEU A 181 57.40 114.64 34.48
N GLU A 182 58.29 114.12 33.65
CA GLU A 182 58.20 114.29 32.21
C GLU A 182 56.95 113.62 31.64
N GLU A 183 56.61 112.44 32.15
CA GLU A 183 55.41 111.75 31.66
C GLU A 183 54.16 112.59 31.88
N TYR A 184 54.14 113.40 32.93
CA TYR A 184 53.00 114.26 33.22
C TYR A 184 53.11 115.63 32.56
N VAL A 185 54.31 116.01 32.08
CA VAL A 185 54.43 117.24 31.30
C VAL A 185 54.20 117.01 29.81
N SER A 186 54.22 115.76 29.35
CA SER A 186 53.97 115.48 27.94
C SER A 186 52.49 115.15 27.69
N ASP A 187 52.04 115.45 26.47
CA ASP A 187 50.66 115.17 26.08
C ASP A 187 50.47 113.72 25.65
N CYS A 188 51.28 113.25 24.70
CA CYS A 188 51.18 111.91 24.17
C CYS A 188 52.40 111.10 24.60
N VAL A 189 52.16 110.05 25.36
CA VAL A 189 53.22 109.21 25.92
C VAL A 189 53.15 107.85 25.25
N ILE A 190 54.26 107.44 24.63
CA ILE A 190 54.37 106.15 23.94
C ILE A 190 55.41 105.31 24.67
N LEU A 191 54.99 104.18 25.21
CA LEU A 191 55.90 103.27 25.90
C LEU A 191 56.35 102.18 24.94
N LEU A 192 57.66 102.02 24.82
CA LEU A 192 58.25 100.94 24.03
C LEU A 192 58.79 99.87 24.97
N ASP A 193 58.67 98.61 24.54
CA ASP A 193 59.09 97.48 25.35
C ASP A 193 59.71 96.42 24.45
N HIS A 194 60.55 95.58 25.04
CA HIS A 194 61.26 94.52 24.31
C HIS A 194 61.47 93.37 25.30
N ARG A 195 60.41 92.59 25.52
CA ARG A 195 60.46 91.58 26.58
C ARG A 195 60.95 90.25 26.03
N VAL A 196 61.27 89.34 26.94
CA VAL A 196 61.84 88.03 26.61
C VAL A 196 60.99 86.97 27.29
N GLU A 197 60.03 86.41 26.54
CA GLU A 197 59.30 85.24 26.99
C GLU A 197 60.00 83.98 26.50
N ASN A 198 60.00 82.95 27.34
CA ASN A 198 60.80 81.76 27.08
C ASN A 198 62.26 82.17 26.89
N GLN A 199 62.73 82.16 25.65
CA GLN A 199 64.03 82.74 25.29
C GLN A 199 63.90 83.48 23.97
N ILE A 200 62.74 84.09 23.74
CA ILE A 200 62.43 84.78 22.50
C ILE A 200 61.99 86.20 22.84
N SER A 201 62.51 87.17 22.10
CA SER A 201 62.26 88.58 22.38
C SER A 201 61.16 89.09 21.47
N THR A 202 60.18 89.75 22.08
CA THR A 202 59.08 90.38 21.36
C THR A 202 59.08 91.88 21.66
N ARG A 203 59.04 92.68 20.59
CA ARG A 203 59.00 94.13 20.66
C ARG A 203 57.56 94.61 20.66
N ARG A 204 57.22 95.49 21.60
CA ARG A 204 55.87 95.98 21.77
C ARG A 204 55.88 97.50 21.96
N LEU A 205 54.73 98.12 21.68
CA LEU A 205 54.54 99.53 21.98
C LEU A 205 53.13 99.71 22.53
N ARG A 206 52.93 100.83 23.22
CA ARG A 206 51.61 101.15 23.75
C ARG A 206 51.45 102.66 23.84
N ILE A 207 50.24 103.13 23.52
CA ILE A 207 49.88 104.53 23.69
C ILE A 207 49.35 104.67 25.10
N VAL A 208 50.24 105.04 26.03
CA VAL A 208 49.84 105.15 27.43
C VAL A 208 48.82 106.26 27.61
N LYS A 209 49.03 107.40 26.95
CA LYS A 209 48.18 108.56 27.13
C LYS A 209 48.17 109.39 25.86
N TYR A 210 47.00 109.92 25.51
CA TYR A 210 46.85 110.86 24.40
C TYR A 210 45.74 111.84 24.79
N ARG A 211 46.04 113.13 24.71
CA ARG A 211 45.12 114.17 25.17
C ARG A 211 44.24 114.62 23.99
N GLY A 212 42.96 114.28 24.05
CA GLY A 212 41.99 114.81 23.12
C GLY A 212 41.69 113.95 21.91
N THR A 213 42.09 112.68 21.92
CA THR A 213 41.81 111.81 20.79
C THR A 213 41.79 110.37 21.26
N ALA A 214 41.11 109.52 20.50
CA ALA A 214 41.09 108.09 20.76
C ALA A 214 42.33 107.44 20.17
N HIS A 215 42.95 106.54 20.95
CA HIS A 215 44.18 105.89 20.54
C HIS A 215 44.11 104.41 20.88
N GLY A 216 45.12 103.67 20.44
CA GLY A 216 45.19 102.24 20.68
C GLY A 216 45.56 101.92 22.10
N THR A 217 44.57 101.60 22.93
CA THR A 217 44.79 101.29 24.34
C THR A 217 45.06 99.80 24.51
N ASN A 218 46.24 99.39 24.06
CA ASN A 218 46.71 98.02 24.26
C ASN A 218 48.08 97.91 23.63
N GLU A 219 48.75 96.79 23.92
CA GLU A 219 50.12 96.55 23.45
C GLU A 219 50.07 96.08 22.00
N TYR A 220 50.53 96.94 21.09
CA TYR A 220 50.65 96.58 19.68
C TYR A 220 52.08 96.14 19.42
N PRO A 221 52.31 94.91 18.94
CA PRO A 221 53.69 94.49 18.68
C PRO A 221 54.25 95.17 17.44
N PHE A 222 55.53 95.54 17.52
CA PHE A 222 56.23 96.20 16.42
C PHE A 222 57.53 95.47 16.17
N LEU A 223 58.17 95.79 15.04
CA LEU A 223 59.40 95.16 14.64
C LEU A 223 60.34 96.20 14.06
N ILE A 224 61.65 95.97 14.19
CA ILE A 224 62.68 96.81 13.61
C ILE A 224 63.42 95.97 12.58
N ASP A 225 63.18 96.26 11.30
CA ASP A 225 63.84 95.54 10.22
C ASP A 225 64.52 96.53 9.28
N THR A 226 65.04 96.04 8.15
CA THR A 226 65.61 96.94 7.15
C THR A 226 64.54 97.88 6.60
N ASP A 227 63.31 97.39 6.46
CA ASP A 227 62.21 98.27 6.08
C ASP A 227 62.03 99.40 7.09
N GLY A 228 62.41 99.16 8.35
CA GLY A 228 62.38 100.21 9.36
C GLY A 228 61.59 99.82 10.59
N PHE A 229 60.98 100.82 11.23
CA PHE A 229 60.08 100.61 12.36
C PHE A 229 58.70 100.28 11.81
N SER A 230 58.31 99.01 11.88
CA SER A 230 57.10 98.52 11.23
C SER A 230 56.11 98.01 12.27
N VAL A 231 54.84 98.34 12.06
CA VAL A 231 53.74 97.88 12.90
C VAL A 231 52.76 97.11 12.03
N LEU A 232 52.41 95.90 12.44
CA LEU A 232 51.43 95.11 11.72
C LEU A 232 50.09 95.83 11.75
N PRO A 233 49.54 96.25 10.62
CA PRO A 233 48.34 97.12 10.65
C PRO A 233 47.19 96.44 11.38
N VAL A 234 46.37 97.28 12.01
CA VAL A 234 45.20 96.82 12.75
C VAL A 234 43.94 97.44 12.16
N ALA A 236 39.39 95.83 11.93
CA ALA A 236 40.80 95.55 12.16
C ALA A 236 41.23 94.32 11.36
N LEU A 237 41.17 94.42 10.04
CA LEU A 237 41.50 93.30 9.15
C LEU A 237 40.74 92.04 9.59
N GLY A 238 39.41 92.18 9.62
CA GLY A 238 38.56 91.09 10.06
C GLY A 238 37.10 91.34 9.77
N LEU A 239 36.40 90.32 9.27
CA LEU A 239 35.00 90.39 8.91
C LEU A 239 34.73 91.43 7.82
N LEU A 240 35.78 91.81 7.08
CA LEU A 240 35.66 92.64 5.89
C LEU A 240 35.90 91.78 4.64
N HIS A 241 35.44 90.54 4.70
CA HIS A 241 35.79 89.56 3.69
C HIS A 241 35.24 89.94 2.31
N GLN A 242 35.86 89.38 1.28
CA GLN A 242 35.37 89.48 -0.09
C GLN A 242 34.53 88.24 -0.40
N VAL A 243 33.35 88.46 -0.94
CA VAL A 243 32.37 87.39 -1.17
C VAL A 243 32.30 87.15 -2.66
N HIS A 244 32.90 86.06 -3.12
CA HIS A 244 32.89 85.67 -4.53
C HIS A 244 31.88 84.56 -4.76
N GLU A 245 31.18 84.63 -5.88
CA GLU A 245 30.24 83.60 -6.28
C GLU A 245 30.83 82.61 -7.29
N GLU A 246 32.00 82.90 -7.82
CA GLU A 246 32.68 81.98 -8.72
C GLU A 246 33.33 80.85 -7.92
N ARG A 247 33.63 79.75 -8.61
CA ARG A 247 34.17 78.56 -7.99
C ARG A 247 35.62 78.36 -8.40
N ILE A 248 36.39 77.76 -7.49
CA ILE A 248 37.81 77.49 -7.70
C ILE A 248 38.00 76.00 -7.91
N ALA A 249 38.89 75.65 -8.84
CA ALA A 249 39.20 74.25 -9.11
C ALA A 249 40.20 73.72 -8.10
N SER A 250 40.03 72.46 -7.71
CA SER A 250 40.87 71.83 -6.71
C SER A 250 42.02 71.03 -7.30
N GLY A 251 41.99 70.75 -8.60
CA GLY A 251 42.90 69.82 -9.21
C GLY A 251 42.45 68.37 -9.13
N VAL A 252 41.52 68.06 -8.25
CA VAL A 252 40.91 66.72 -8.17
C VAL A 252 39.49 66.84 -8.71
N PRO A 253 39.26 66.47 -9.98
CA PRO A 253 37.92 66.67 -10.55
C PRO A 253 36.83 65.92 -9.81
N ASP A 254 37.14 64.75 -9.25
CA ASP A 254 36.15 64.02 -8.48
C ASP A 254 35.72 64.82 -7.25
N LEU A 255 36.69 65.32 -6.49
CA LEU A 255 36.35 66.17 -5.35
C LEU A 255 35.53 67.37 -5.80
N ASP A 256 35.96 68.04 -6.86
CA ASP A 256 35.20 69.19 -7.37
C ASP A 256 33.75 68.79 -7.63
N ALA A 257 33.53 67.68 -8.34
CA ALA A 257 32.18 67.22 -8.63
C ALA A 257 31.41 66.86 -7.38
N MET A 258 32.11 66.54 -6.28
CA MET A 258 31.42 66.15 -5.06
C MET A 258 30.53 67.26 -4.49
N MET A 259 30.76 68.52 -4.85
CA MET A 259 29.96 69.63 -4.35
C MET A 259 29.17 70.25 -5.49
N ALA A 260 27.97 70.72 -5.16
CA ALA A 260 27.13 71.40 -6.15
C ALA A 260 27.82 72.66 -6.64
N GLY A 261 27.58 72.98 -7.91
CA GLY A 261 28.24 74.10 -8.56
C GLY A 261 29.57 73.78 -9.19
N GLY A 262 30.26 72.74 -8.70
CA GLY A 262 31.49 72.29 -9.29
C GLY A 262 32.77 72.75 -8.63
N GLY A 263 32.70 73.26 -7.41
CA GLY A 263 33.91 73.66 -6.73
C GLY A 263 33.59 74.52 -5.52
N PHE A 264 34.61 74.70 -4.70
CA PHE A 264 34.53 75.58 -3.55
C PHE A 264 34.42 77.03 -4.01
N PHE A 265 33.98 77.89 -3.09
CA PHE A 265 33.95 79.31 -3.36
C PHE A 265 35.38 79.87 -3.35
N ARG A 266 35.61 80.88 -4.17
CA ARG A 266 36.96 81.39 -4.38
C ARG A 266 37.55 81.94 -3.08
N GLY A 267 37.07 83.11 -2.64
CA GLY A 267 37.58 83.69 -1.42
C GLY A 267 37.15 82.93 -0.18
N SER A 268 37.51 81.66 -0.12
CA SER A 268 37.04 80.75 0.92
C SER A 268 38.22 80.15 1.69
N SER A 269 37.88 79.53 2.81
CA SER A 269 38.83 78.78 3.63
C SER A 269 38.46 77.30 3.59
N ILE A 270 39.46 76.45 3.43
CA ILE A 270 39.30 75.01 3.33
C ILE A 270 40.22 74.38 4.36
N LEU A 271 39.72 73.38 5.08
CA LEU A 271 40.49 72.70 6.12
C LEU A 271 40.62 71.22 5.74
N VAL A 272 41.84 70.81 5.41
CA VAL A 272 42.10 69.41 5.02
C VAL A 272 42.55 68.71 6.30
N SER A 273 41.58 68.36 7.13
CA SER A 273 41.89 67.71 8.39
C SER A 273 42.22 66.24 8.16
N GLY A 274 43.19 65.73 8.91
CA GLY A 274 43.56 64.34 8.76
C GLY A 274 44.58 63.94 9.80
N VAL A 275 45.20 62.77 9.57
CA VAL A 275 46.23 62.24 10.44
C VAL A 275 47.46 61.92 9.60
N ALA A 276 48.56 61.62 10.29
CA ALA A 276 49.81 61.31 9.61
C ALA A 276 49.61 60.11 8.67
N GLY A 277 49.76 60.36 7.38
CA GLY A 277 49.55 59.34 6.37
C GLY A 277 48.27 59.47 5.57
N ALA A 278 47.50 60.54 5.79
CA ALA A 278 46.23 60.69 5.11
C ALA A 278 46.39 61.22 3.69
N GLY A 279 47.23 62.24 3.50
CA GLY A 279 47.44 62.82 2.18
C GLY A 279 47.09 64.29 2.08
N LYS A 280 47.01 64.94 3.26
CA LYS A 280 46.61 66.34 3.31
C LYS A 280 47.54 67.20 2.44
N SER A 281 48.85 67.01 2.60
CA SER A 281 49.81 67.82 1.87
C SER A 281 49.65 67.63 0.37
N SER A 282 49.33 66.41 -0.06
CA SER A 282 49.20 66.16 -1.50
C SER A 282 47.93 66.81 -2.04
N LEU A 283 46.83 66.78 -1.29
CA LEU A 283 45.64 67.49 -1.74
C LEU A 283 45.91 69.00 -1.84
N ALA A 284 46.64 69.54 -0.86
CA ALA A 284 46.98 70.96 -0.93
C ALA A 284 47.85 71.25 -2.15
N ALA A 285 48.82 70.38 -2.42
CA ALA A 285 49.66 70.55 -3.60
C ALA A 285 48.85 70.48 -4.88
N HIS A 286 47.79 69.67 -4.91
CA HIS A 286 46.93 69.62 -6.09
C HIS A 286 46.16 70.92 -6.27
N PHE A 287 45.64 71.47 -5.17
CA PHE A 287 45.06 72.82 -5.23
C PHE A 287 46.05 73.80 -5.85
N ALA A 288 47.29 73.79 -5.35
CA ALA A 288 48.30 74.71 -5.84
C ALA A 288 48.60 74.49 -7.32
N ALA A 289 48.67 73.23 -7.74
CA ALA A 289 48.94 72.93 -9.15
C ALA A 289 47.81 73.42 -10.04
N ALA A 290 46.57 73.29 -9.57
CA ALA A 290 45.45 73.89 -10.31
C ALA A 290 45.67 75.38 -10.49
N ALA A 291 46.00 76.07 -9.39
CA ALA A 291 46.24 77.51 -9.48
C ALA A 291 47.35 77.84 -10.48
N CYS A 292 48.44 77.09 -10.45
CA CYS A 292 49.58 77.38 -11.33
C CYS A 292 49.26 77.04 -12.79
N ALA A 293 48.47 75.99 -13.03
CA ALA A 293 48.15 75.61 -14.40
C ALA A 293 47.13 76.55 -15.02
N ARG A 294 46.30 77.19 -14.22
CA ARG A 294 45.33 78.15 -14.76
C ARG A 294 45.90 79.55 -14.93
N GLY A 295 47.21 79.74 -14.74
CA GLY A 295 47.85 81.01 -14.97
C GLY A 295 48.00 81.89 -13.75
N GLU A 296 47.48 81.47 -12.60
CA GLU A 296 47.55 82.26 -11.38
C GLU A 296 48.85 81.96 -10.62
N ARG A 297 49.01 82.58 -9.46
CA ARG A 297 50.15 82.35 -8.59
C ARG A 297 49.67 81.76 -7.28
N ALA A 298 50.45 80.84 -6.73
CA ALA A 298 50.10 80.13 -5.51
C ALA A 298 51.28 80.10 -4.56
N MET A 299 50.97 80.00 -3.27
CA MET A 299 52.00 79.95 -2.24
C MET A 299 51.83 78.68 -1.41
N TYR A 300 52.94 78.04 -1.10
CA TYR A 300 52.99 76.84 -0.26
C TYR A 300 53.86 77.15 0.95
N PHE A 301 53.24 77.32 2.11
CA PHE A 301 53.94 77.56 3.37
C PHE A 301 54.08 76.22 4.07
N SER A 302 55.24 75.59 3.90
CA SER A 302 55.54 74.33 4.57
C SER A 302 56.17 74.62 5.93
N PHE A 303 55.72 73.88 6.94
CA PHE A 303 56.25 74.00 8.29
C PHE A 303 56.85 72.69 8.78
N GLU A 304 56.93 71.67 7.92
CA GLU A 304 57.50 70.40 8.32
C GLU A 304 58.25 69.70 7.19
N GLU A 305 58.40 70.34 6.03
CA GLU A 305 59.00 69.69 4.87
C GLU A 305 59.78 70.72 4.06
N ALA A 306 60.97 70.33 3.61
CA ALA A 306 61.73 71.17 2.70
C ALA A 306 61.01 71.25 1.34
N ALA A 307 61.23 72.36 0.65
CA ALA A 307 60.52 72.57 -0.62
C ALA A 307 60.98 71.58 -1.69
N ASP A 308 62.30 71.36 -1.79
CA ASP A 308 62.79 70.35 -2.71
C ASP A 308 62.25 68.97 -2.36
N GLN A 309 62.19 68.67 -1.07
CA GLN A 309 61.60 67.40 -0.64
C GLN A 309 60.14 67.30 -1.04
N ALA A 310 59.41 68.42 -0.99
CA ALA A 310 58.01 68.41 -1.39
C ALA A 310 57.88 68.14 -2.88
N VAL A 311 58.74 68.77 -3.69
CA VAL A 311 58.73 68.48 -5.13
C VAL A 311 58.98 67.00 -5.36
N ARG A 312 60.03 66.46 -4.74
CA ARG A 312 60.32 65.04 -4.89
C ARG A 312 59.15 64.17 -4.46
N ASN A 313 58.47 64.56 -3.39
CA ASN A 313 57.43 63.71 -2.82
C ASN A 313 56.16 63.72 -3.67
N MET A 314 55.76 64.89 -4.16
CA MET A 314 54.56 65.01 -4.97
C MET A 314 54.81 64.74 -6.45
N ARG A 315 56.06 64.52 -6.86
CA ARG A 315 56.30 64.09 -8.23
C ARG A 315 55.74 62.68 -8.47
N SER A 316 55.93 61.78 -7.51
CA SER A 316 55.45 60.41 -7.69
C SER A 316 53.94 60.35 -7.89
N LEU A 317 53.21 61.27 -7.27
CA LEU A 317 51.76 61.31 -7.39
C LEU A 317 51.28 62.03 -8.66
N GLY A 318 52.18 62.25 -9.62
CA GLY A 318 51.81 62.84 -10.89
C GLY A 318 51.83 64.35 -10.95
N LEU A 319 52.30 65.02 -9.91
CA LEU A 319 52.34 66.48 -9.86
C LEU A 319 53.75 66.96 -10.11
N ASP A 320 53.95 67.68 -11.21
CA ASP A 320 55.25 68.28 -11.54
C ASP A 320 55.33 69.67 -10.92
N LEU A 321 55.39 69.70 -9.58
CA LEU A 321 55.57 70.95 -8.87
C LEU A 321 56.82 71.68 -9.34
N GLY A 322 57.82 70.92 -9.81
CA GLY A 322 59.07 71.53 -10.23
C GLY A 322 58.89 72.47 -11.41
N ARG A 323 58.01 72.10 -12.35
CA ARG A 323 57.79 72.96 -13.52
C ARG A 323 57.25 74.31 -13.08
N TRP A 324 56.21 74.33 -12.25
CA TRP A 324 55.64 75.59 -11.80
C TRP A 324 56.61 76.36 -10.91
N ARG A 325 57.40 75.67 -10.10
CA ARG A 325 58.39 76.36 -9.28
C ARG A 325 59.45 77.03 -10.14
N ASP A 326 59.92 76.34 -11.18
CA ASP A 326 60.89 76.94 -12.10
C ASP A 326 60.27 78.11 -12.85
N ALA A 327 58.99 77.99 -13.24
CA ALA A 327 58.32 79.08 -13.92
C ALA A 327 58.04 80.26 -13.00
N GLY A 328 58.04 80.04 -11.69
CA GLY A 328 57.88 81.11 -10.74
C GLY A 328 56.47 81.35 -10.25
N LEU A 329 55.51 80.51 -10.64
CA LEU A 329 54.13 80.66 -10.23
C LEU A 329 53.80 79.97 -8.92
N LEU A 330 54.76 79.25 -8.33
CA LEU A 330 54.60 78.66 -7.02
C LEU A 330 55.72 79.16 -6.12
N ARG A 331 55.36 79.70 -4.97
CA ARG A 331 56.33 80.19 -3.99
C ARG A 331 56.30 79.23 -2.80
N PHE A 332 57.30 78.35 -2.73
CA PHE A 332 57.38 77.34 -1.68
C PHE A 332 58.29 77.88 -0.58
N MET A 333 57.67 78.54 0.40
CA MET A 333 58.40 79.04 1.56
C MET A 333 58.29 77.99 2.67
N ALA A 334 59.44 77.50 3.12
CA ALA A 334 59.50 76.44 4.13
C ALA A 334 60.18 77.01 5.36
N THR A 335 59.44 77.12 6.46
CA THR A 335 59.93 77.71 7.69
C THR A 335 59.56 76.84 8.87
N ARG A 336 60.56 76.47 9.66
CA ARG A 336 60.28 75.73 10.88
C ARG A 336 59.59 76.64 11.90
N PRO A 337 58.58 76.13 12.63
CA PRO A 337 57.82 77.00 13.52
C PRO A 337 58.53 77.35 14.82
N THR A 338 59.56 76.60 15.20
CA THR A 338 60.21 76.81 16.49
C THR A 338 61.21 77.96 16.45
N PHE A 339 61.84 78.19 15.30
CA PHE A 339 62.86 79.24 15.21
C PHE A 339 62.24 80.61 15.46
N TYR A 340 61.17 80.94 14.75
CA TYR A 340 60.53 82.24 14.85
C TYR A 340 59.55 82.24 16.03
N SER A 341 58.81 83.33 16.17
CA SER A 341 57.71 83.43 17.13
C SER A 341 56.39 83.59 16.36
N LEU A 342 55.30 83.62 17.11
CA LEU A 342 53.99 83.70 16.47
C LEU A 342 53.78 85.04 15.79
N GLU A 343 54.01 86.14 16.50
CA GLU A 343 53.83 87.46 15.90
C GLU A 343 54.77 87.63 14.71
N MET A 344 56.01 87.17 14.84
CA MET A 344 56.97 87.25 13.72
C MET A 344 56.52 86.39 12.55
N HIS A 345 56.03 85.18 12.83
CA HIS A 345 55.53 84.32 11.75
C HIS A 345 54.37 84.99 11.01
N LEU A 346 53.44 85.57 11.76
CA LEU A 346 52.32 86.26 11.13
C LEU A 346 52.81 87.39 10.24
N ALA A 347 53.76 88.19 10.73
CA ALA A 347 54.28 89.29 9.92
C ALA A 347 54.96 88.77 8.65
N VAL A 348 55.78 87.73 8.79
CA VAL A 348 56.48 87.16 7.62
C VAL A 348 55.46 86.69 6.59
N ILE A 349 54.48 85.90 7.02
CA ILE A 349 53.51 85.33 6.09
C ILE A 349 52.70 86.44 5.42
N LEU A 350 52.24 87.41 6.20
CA LEU A 350 51.43 88.48 5.64
C LEU A 350 52.23 89.33 4.67
N ARG A 351 53.53 89.54 4.95
CA ARG A 351 54.38 90.25 4.00
C ARG A 351 54.49 89.48 2.70
N GLU A 352 54.78 88.18 2.79
CA GLU A 352 54.90 87.38 1.57
C GLU A 352 53.62 87.43 0.76
N VAL A 353 52.47 87.37 1.42
CA VAL A 353 51.19 87.40 0.70
C VAL A 353 50.96 88.78 0.09
N MET A 354 51.19 89.84 0.85
CA MET A 354 50.97 91.19 0.35
C MET A 354 51.89 91.53 -0.81
N ARG A 355 53.07 90.93 -0.85
CA ARG A 355 54.06 91.25 -1.87
C ARG A 355 54.01 90.29 -3.06
N PHE A 356 53.43 89.11 -2.90
CA PHE A 356 53.29 88.16 -3.99
C PHE A 356 51.90 88.18 -4.61
N GLU A 357 50.91 88.77 -3.92
CA GLU A 357 49.52 88.84 -4.35
C GLU A 357 49.09 87.53 -5.00
N PRO A 358 49.02 86.44 -4.24
CA PRO A 358 48.66 85.15 -4.80
C PRO A 358 47.15 85.02 -4.96
N SER A 359 46.74 83.90 -5.55
CA SER A 359 45.33 83.53 -5.64
C SER A 359 44.96 82.44 -4.65
N VAL A 360 45.88 81.54 -4.33
CA VAL A 360 45.66 80.48 -3.35
C VAL A 360 46.89 80.35 -2.46
N VAL A 361 46.64 80.17 -1.16
CA VAL A 361 47.67 80.10 -0.15
C VAL A 361 47.47 78.82 0.66
N VAL A 362 48.51 78.00 0.74
CA VAL A 362 48.49 76.74 1.47
C VAL A 362 49.30 76.94 2.74
N LEU A 363 48.70 76.63 3.88
CA LEU A 363 49.38 76.61 5.17
C LEU A 363 49.41 75.16 5.65
N ASP A 364 50.57 74.53 5.58
CA ASP A 364 50.68 73.09 5.80
C ASP A 364 51.82 72.79 6.77
N PRO A 365 51.53 72.33 8.00
CA PRO A 365 50.21 72.30 8.65
C PRO A 365 50.01 73.49 9.58
N ILE A 366 48.76 73.88 9.85
CA ILE A 366 48.49 74.88 10.87
C ILE A 366 48.64 74.31 12.27
N SER A 367 48.72 72.99 12.41
CA SER A 367 48.94 72.37 13.71
C SER A 367 50.38 72.50 14.19
N ALA A 368 51.29 73.01 13.35
CA ALA A 368 52.67 73.19 13.77
C ALA A 368 52.80 74.38 14.72
N PHE A 369 51.89 75.35 14.63
CA PHE A 369 51.91 76.50 15.53
C PHE A 369 51.29 76.20 16.88
N THR A 370 50.47 75.16 16.98
CA THR A 370 49.72 74.91 18.21
C THR A 370 50.64 74.66 19.40
N GLU A 371 51.81 74.06 19.17
CA GLU A 371 52.72 73.75 20.25
C GLU A 371 53.36 74.99 20.87
N SER A 372 53.14 76.17 20.29
CA SER A 372 53.83 77.39 20.71
C SER A 372 52.94 78.19 21.64
N GLY A 373 52.85 77.74 22.89
CA GLY A 373 52.32 78.57 23.95
C GLY A 373 50.81 78.65 23.93
N ASP A 374 50.30 79.88 23.99
CA ASP A 374 48.91 80.12 24.33
C ASP A 374 47.97 79.71 23.21
N ARG A 375 46.93 78.95 23.56
CA ARG A 375 45.87 78.63 22.61
C ARG A 375 45.27 79.90 22.04
N LEU A 376 45.10 80.94 22.87
CA LEU A 376 44.53 82.19 22.39
C LEU A 376 45.49 82.88 21.41
N GLU A 377 46.79 82.82 21.67
CA GLU A 377 47.75 83.39 20.73
C GLU A 377 47.68 82.67 19.39
N VAL A 378 47.63 81.34 19.42
CA VAL A 378 47.55 80.57 18.19
C VAL A 378 46.27 80.91 17.42
N GLN A 379 45.15 81.00 18.16
CA GLN A 379 43.88 81.33 17.51
C GLN A 379 43.93 82.73 16.91
N SER A 380 44.59 83.68 17.59
CA SER A 380 44.71 85.03 17.06
C SER A 380 45.50 85.01 15.75
N MET A 381 46.63 84.29 15.74
CA MET A 381 47.42 84.21 14.51
C MET A 381 46.60 83.62 13.37
N LEU A 382 45.91 82.50 13.63
CA LEU A 382 45.13 81.85 12.58
C LEU A 382 44.01 82.75 12.08
N LEU A 383 43.32 83.43 13.01
CA LEU A 383 42.24 84.33 12.62
C LEU A 383 42.76 85.48 11.78
N ARG A 384 43.93 86.03 12.14
CA ARG A 384 44.50 87.11 11.34
C ARG A 384 44.84 86.63 9.94
N ILE A 385 45.45 85.45 9.83
CA ILE A 385 45.76 84.89 8.51
C ILE A 385 44.49 84.78 7.69
N VAL A 386 43.46 84.13 8.25
CA VAL A 386 42.23 83.91 7.51
C VAL A 386 41.60 85.23 7.09
N ASP A 387 41.59 86.21 8.00
CA ASP A 387 40.95 87.48 7.71
C ASP A 387 41.67 88.23 6.60
N PHE A 388 43.00 88.29 6.66
CA PHE A 388 43.73 88.94 5.57
C PHE A 388 43.44 88.26 4.24
N LEU A 389 43.54 86.92 4.22
CA LEU A 389 43.34 86.20 2.96
C LEU A 389 41.94 86.46 2.41
N LYS A 390 40.92 86.37 3.26
CA LYS A 390 39.55 86.51 2.78
C LYS A 390 39.20 87.96 2.44
N ASN A 391 39.88 88.92 3.08
CA ASN A 391 39.66 90.32 2.71
C ASN A 391 40.33 90.65 1.37
N ARG A 392 41.45 90.00 1.07
CA ARG A 392 42.09 90.19 -0.22
C ARG A 392 41.55 89.24 -1.29
N GLY A 393 40.61 88.38 -0.94
CA GLY A 393 39.98 87.54 -1.95
C GLY A 393 40.83 86.38 -2.39
N ILE A 394 41.50 85.71 -1.43
CA ILE A 394 42.44 84.64 -1.72
C ILE A 394 41.89 83.36 -1.13
N THR A 395 42.02 82.26 -1.88
CA THR A 395 41.63 80.96 -1.37
C THR A 395 42.67 80.47 -0.37
N GLY A 396 42.21 79.78 0.66
CA GLY A 396 43.12 79.25 1.66
C GLY A 396 42.94 77.77 1.89
N ILE A 397 44.03 77.01 1.91
CA ILE A 397 44.01 75.58 2.22
C ILE A 397 44.86 75.38 3.46
N PHE A 398 44.22 75.05 4.58
CA PHE A 398 44.88 74.86 5.87
C PHE A 398 44.87 73.37 6.18
N THR A 399 46.05 72.78 6.32
CA THR A 399 46.15 71.36 6.65
C THR A 399 46.37 71.21 8.16
N HIS A 400 45.61 70.29 8.77
CA HIS A 400 45.65 70.07 10.20
C HIS A 400 45.74 68.58 10.50
N LEU A 401 46.49 68.25 11.55
CA LEU A 401 46.66 66.87 11.99
C LEU A 401 45.69 66.53 13.11
N LEU A 414 37.23 75.60 16.09
CA LEU A 414 38.27 75.04 15.24
C LEU A 414 37.83 75.04 13.77
N SER A 415 37.03 74.04 13.40
CA SER A 415 36.51 73.95 12.05
C SER A 415 35.43 74.98 11.76
N SER A 416 34.91 75.65 12.80
CA SER A 416 33.85 76.64 12.58
C SER A 416 34.38 77.90 11.93
N LEU A 417 35.65 78.24 12.17
CA LEU A 417 36.23 79.44 11.58
C LEU A 417 36.53 79.26 10.09
N MET A 418 36.43 78.05 9.56
CA MET A 418 36.62 77.78 8.14
C MET A 418 35.27 77.74 7.43
N ASP A 419 35.33 77.79 6.10
CA ASP A 419 34.15 77.72 5.26
C ASP A 419 34.00 76.38 4.55
N GLY A 420 34.97 75.49 4.69
CA GLY A 420 34.89 74.17 4.09
C GLY A 420 35.74 73.16 4.84
N TRP A 421 35.22 71.93 5.00
CA TRP A 421 35.88 70.90 5.80
C TRP A 421 36.01 69.63 4.96
N VAL A 422 37.24 69.26 4.65
CA VAL A 422 37.55 67.99 3.98
C VAL A 422 38.31 67.12 4.97
N LEU A 423 37.73 65.98 5.32
CA LEU A 423 38.30 65.08 6.32
C LEU A 423 38.85 63.84 5.62
N MET A 424 40.11 63.52 5.90
CA MET A 424 40.81 62.41 5.28
C MET A 424 41.16 61.37 6.34
N LEU A 425 40.96 60.08 6.01
CA LEU A 425 41.15 59.01 6.96
C LEU A 425 42.03 57.92 6.39
N ASN A 426 42.84 57.32 7.26
CA ASN A 426 43.63 56.12 6.96
C ASN A 426 43.29 55.06 8.02
N ARG A 427 42.07 54.52 7.93
CA ARG A 427 41.60 53.60 8.95
C ARG A 427 42.18 52.21 8.75
N GLU A 428 42.03 51.36 9.76
CA GLU A 428 42.46 49.97 9.71
C GLU A 428 41.23 49.08 9.63
N VAL A 429 41.14 48.27 8.58
CA VAL A 429 40.00 47.40 8.34
C VAL A 429 40.53 45.98 8.12
N ASN A 430 40.38 45.13 9.13
CA ASN A 430 40.72 43.71 9.01
C ASN A 430 42.16 43.52 8.54
N GLY A 431 43.07 44.29 9.12
CA GLY A 431 44.49 44.10 8.88
C GLY A 431 45.07 44.91 7.73
N GLU A 432 44.27 45.70 7.03
CA GLU A 432 44.74 46.52 5.93
C GLU A 432 44.28 47.96 6.14
N PHE A 433 45.15 48.91 5.80
CA PHE A 433 44.85 50.33 5.93
C PHE A 433 44.11 50.80 4.69
N ASN A 434 42.90 51.32 4.89
CA ASN A 434 42.06 51.86 3.82
C ASN A 434 41.93 53.36 3.97
N ARG A 435 42.05 54.08 2.86
CA ARG A 435 42.05 55.53 2.84
C ARG A 435 40.71 56.03 2.30
N GLU A 436 40.10 56.97 3.02
CA GLU A 436 38.77 57.45 2.68
C GLU A 436 38.71 58.96 2.83
N LEU A 437 37.68 59.57 2.22
CA LEU A 437 37.51 61.01 2.24
C LEU A 437 36.04 61.37 2.43
N TYR A 438 35.84 62.45 3.20
CA TYR A 438 34.53 63.00 3.52
C TYR A 438 34.56 64.49 3.24
N LEU A 439 33.51 65.00 2.57
CA LEU A 439 33.26 66.43 2.49
C LEU A 439 32.24 66.75 3.57
N LEU A 440 32.74 67.17 4.74
CA LEU A 440 31.86 67.33 5.89
C LEU A 440 31.13 68.66 5.90
N LYS A 441 31.70 69.71 5.31
CA LYS A 441 31.06 71.01 5.35
C LYS A 441 31.37 71.81 4.09
N ALA A 442 30.39 72.64 3.70
CA ALA A 442 30.54 73.59 2.59
C ALA A 442 29.36 74.58 2.73
N ARG A 443 29.63 75.73 3.34
CA ARG A 443 28.55 76.53 3.90
C ARG A 443 27.55 76.98 2.83
N GLY A 444 28.04 77.33 1.65
CA GLY A 444 27.17 77.89 0.63
C GLY A 444 26.57 76.89 -0.33
N MET A 445 27.16 75.70 -0.40
CA MET A 445 26.82 74.71 -1.41
C MET A 445 25.93 73.61 -0.82
N ALA A 446 25.73 72.55 -1.61
CA ALA A 446 25.03 71.35 -1.18
C ALA A 446 26.05 70.21 -1.26
N HIS A 447 26.75 69.96 -0.16
CA HIS A 447 27.81 68.98 -0.14
C HIS A 447 27.24 67.56 -0.21
N SER A 448 28.12 66.62 -0.57
CA SER A 448 27.76 65.21 -0.53
C SER A 448 27.86 64.68 0.91
N ASN A 449 26.95 63.77 1.25
CA ASN A 449 26.91 63.16 2.57
C ASN A 449 27.45 61.73 2.56
N GLN A 450 28.16 61.35 1.51
CA GLN A 450 28.67 60.00 1.35
C GLN A 450 30.19 59.99 1.50
N VAL A 451 30.71 58.82 1.86
CA VAL A 451 32.15 58.59 1.93
C VAL A 451 32.61 58.16 0.54
N ARG A 452 33.72 58.74 0.07
CA ARG A 452 34.30 58.30 -1.20
C ARG A 452 35.76 57.96 -0.96
N GLU A 453 36.18 56.82 -1.49
CA GLU A 453 37.48 56.28 -1.12
C GLU A 453 38.60 56.95 -1.89
N PHE A 454 39.76 57.02 -1.24
CA PHE A 454 40.92 57.77 -1.71
C PHE A 454 41.91 56.79 -2.35
N LEU A 455 42.33 57.09 -3.57
CA LEU A 455 43.33 56.28 -4.28
C LEU A 455 44.51 57.17 -4.64
N MET A 456 45.69 56.78 -4.15
CA MET A 456 46.95 57.42 -4.47
C MET A 456 47.57 56.68 -5.64
N SER A 457 47.86 57.39 -6.74
CA SER A 457 48.28 56.74 -7.96
C SER A 457 49.36 57.57 -8.64
N ASP A 458 50.23 56.89 -9.38
CA ASP A 458 51.23 57.59 -10.17
C ASP A 458 50.59 58.52 -11.19
N ARG A 459 49.33 58.29 -11.55
CA ARG A 459 48.60 59.14 -12.47
C ARG A 459 47.79 60.24 -11.76
N GLY A 460 47.82 60.28 -10.44
CA GLY A 460 47.17 61.34 -9.70
C GLY A 460 46.46 60.81 -8.47
N ILE A 461 45.65 61.68 -7.87
CA ILE A 461 44.87 61.35 -6.69
C ILE A 461 43.41 61.29 -7.12
N SER A 462 42.76 60.16 -6.87
CA SER A 462 41.41 59.94 -7.36
C SER A 462 40.48 59.51 -6.23
N LEU A 463 39.19 59.71 -6.47
CA LEU A 463 38.14 59.29 -5.55
C LEU A 463 37.22 58.30 -6.25
N LEU A 464 36.86 57.24 -5.54
CA LEU A 464 35.91 56.29 -6.09
C LEU A 464 34.64 56.25 -5.23
N PRO A 465 33.47 56.15 -5.86
CA PRO A 465 32.22 56.23 -5.10
C PRO A 465 32.02 54.99 -4.24
N PRO A 466 31.05 55.02 -3.31
CA PRO A 466 30.86 53.90 -2.39
C PRO A 466 30.07 52.75 -3.01
N HIS A 467 29.70 51.77 -2.17
CA HIS A 467 28.87 50.65 -2.59
C HIS A 467 27.45 50.92 -2.07
N LEU A 468 26.72 51.74 -2.82
CA LEU A 468 25.37 52.10 -2.43
C LEU A 468 24.45 50.88 -2.47
N GLY A 469 23.42 50.92 -1.64
CA GLY A 469 22.38 49.89 -1.64
C GLY A 469 22.62 48.72 -0.71
N GLU A 470 23.78 48.09 -0.81
CA GLU A 470 24.07 46.91 -0.01
C GLU A 470 24.19 47.29 1.46
N GLY A 471 24.42 46.28 2.30
CA GLY A 471 24.54 46.50 3.73
C GLY A 471 25.68 47.39 4.11
N GLY A 472 25.60 48.66 3.72
CA GLY A 472 26.63 49.64 4.02
C GLY A 472 27.44 50.01 2.80
N ALA A 473 28.13 51.15 2.91
CA ALA A 473 28.97 51.65 1.83
C ALA A 473 30.41 51.16 2.03
N LEU A 474 30.57 49.85 1.88
CA LEU A 474 31.89 49.24 1.97
C LEU A 474 32.83 49.89 0.95
N THR A 475 34.03 50.25 1.41
CA THR A 475 35.00 50.97 0.58
C THR A 475 36.35 50.27 0.70
N GLY A 476 36.78 49.64 -0.39
CA GLY A 476 38.08 49.02 -0.43
C GLY A 476 38.18 47.76 0.40
N THR A 477 38.83 46.73 -0.14
CA THR A 477 39.00 45.46 0.57
C THR A 477 37.65 44.85 0.89
N ALA A 478 36.88 45.48 1.77
CA ALA A 478 35.54 44.99 2.06
C ALA A 478 34.63 45.12 0.85
N ARG A 479 34.79 46.20 0.08
CA ARG A 479 34.06 46.33 -1.17
C ARG A 479 34.46 45.24 -2.16
N LYS A 480 35.77 45.02 -2.30
CA LYS A 480 36.27 43.99 -3.21
C LYS A 480 35.88 42.59 -2.75
N ALA A 481 35.54 42.42 -1.47
CA ALA A 481 35.08 41.13 -0.96
C ALA A 481 33.58 40.94 -1.13
N GLU A 482 32.79 41.99 -0.91
CA GLU A 482 31.36 41.89 -1.18
C GLU A 482 31.11 41.68 -2.67
N GLU A 483 31.91 42.31 -3.53
CA GLU A 483 31.82 42.07 -4.96
C GLU A 483 32.04 40.59 -5.27
N ALA A 484 33.08 40.01 -4.67
CA ALA A 484 33.37 38.59 -4.91
C ALA A 484 32.24 37.71 -4.40
N ARG A 485 31.71 38.02 -3.22
CA ARG A 485 30.58 37.26 -2.68
C ARG A 485 29.41 37.29 -3.65
N LEU A 486 29.05 38.48 -4.14
CA LEU A 486 27.90 38.61 -5.03
C LEU A 486 28.15 37.87 -6.34
N ARG A 487 29.38 37.93 -6.86
CA ARG A 487 29.67 37.25 -8.12
C ARG A 487 29.60 35.73 -7.96
N ARG A 488 30.19 35.20 -6.88
CA ARG A 488 30.08 33.77 -6.60
C ARG A 488 28.63 33.38 -6.43
N ALA A 489 27.82 34.23 -5.79
CA ALA A 489 26.41 33.90 -5.61
C ALA A 489 25.66 33.90 -6.93
N GLU A 490 26.01 34.80 -7.85
CA GLU A 490 25.41 34.79 -9.17
C GLU A 490 25.73 33.49 -9.90
N ILE A 491 27.01 33.10 -9.90
CA ILE A 491 27.38 31.83 -10.54
C ILE A 491 26.62 30.68 -9.90
N GLU A 492 26.50 30.70 -8.57
CA GLU A 492 25.81 29.62 -7.85
C GLU A 492 24.35 29.56 -8.26
N ARG A 493 23.70 30.72 -8.38
CA ARG A 493 22.30 30.73 -8.78
C ARG A 493 22.12 30.19 -10.20
N GLN A 494 23.05 30.54 -11.10
CA GLN A 494 22.96 30.00 -12.46
C GLN A 494 23.10 28.48 -12.45
N THR A 495 24.09 27.97 -11.70
CA THR A 495 24.24 26.53 -11.59
C THR A 495 22.97 25.88 -11.04
N GLU A 496 22.35 26.53 -10.05
CA GLU A 496 21.13 25.99 -9.45
C GLU A 496 19.99 25.96 -10.45
N LEU A 497 19.86 27.01 -11.28
CA LEU A 497 18.81 27.02 -12.29
C LEU A 497 19.00 25.89 -13.28
N GLY A 498 20.23 25.71 -13.77
CA GLY A 498 20.49 24.59 -14.67
C GLY A 498 20.16 23.25 -14.02
N ARG A 499 20.60 23.07 -12.78
CA ARG A 499 20.32 21.84 -12.05
C ARG A 499 18.82 21.59 -11.95
N LEU A 500 18.05 22.63 -11.61
CA LEU A 500 16.62 22.44 -11.44
C LEU A 500 15.94 22.10 -12.76
N GLN A 501 16.38 22.73 -13.85
CA GLN A 501 15.85 22.33 -15.16
C GLN A 501 16.11 20.86 -15.42
N GLN A 502 17.34 20.41 -15.17
CA GLN A 502 17.65 18.99 -15.34
C GLN A 502 16.70 18.12 -14.53
N GLN A 503 16.49 18.47 -13.26
CA GLN A 503 15.70 17.62 -12.38
C GLN A 503 14.25 17.57 -12.84
N ILE A 504 13.66 18.72 -13.17
CA ILE A 504 12.25 18.72 -13.57
C ILE A 504 12.08 17.98 -14.89
N GLU A 505 13.06 18.11 -15.79
CA GLU A 505 12.97 17.38 -17.06
C GLU A 505 12.98 15.87 -16.82
N GLN A 506 13.90 15.40 -15.97
CA GLN A 506 13.96 13.97 -15.70
C GLN A 506 12.70 13.47 -15.00
N ARG A 507 12.17 14.26 -14.07
CA ARG A 507 10.93 13.88 -13.39
C ARG A 507 9.76 13.82 -14.38
N ARG A 508 9.71 14.77 -15.31
CA ARG A 508 8.66 14.75 -16.31
C ARG A 508 8.76 13.51 -17.19
N ARG A 509 9.99 13.12 -17.54
CA ARG A 509 10.15 11.90 -18.33
C ARG A 509 9.71 10.67 -17.55
N ARG A 510 10.05 10.61 -16.26
CA ARG A 510 9.58 9.49 -15.43
C ARG A 510 8.07 9.44 -15.39
N ALA A 511 7.41 10.60 -15.26
CA ALA A 511 5.96 10.62 -15.21
C ALA A 511 5.35 10.21 -16.54
N ARG A 512 5.95 10.63 -17.65
CA ARG A 512 5.48 10.17 -18.96
C ARG A 512 5.59 8.65 -19.07
N ALA A 513 6.69 8.08 -18.57
CA ALA A 513 6.85 6.63 -18.60
C ALA A 513 5.77 5.94 -17.79
N GLN A 514 5.48 6.46 -16.60
CA GLN A 514 4.42 5.86 -15.78
C GLN A 514 3.06 5.96 -16.46
N ILE A 515 2.81 7.08 -17.15
CA ILE A 515 1.56 7.24 -17.87
C ILE A 515 1.45 6.21 -18.99
N GLU A 516 2.56 6.00 -19.71
CA GLU A 516 2.56 4.97 -20.75
C GLU A 516 2.30 3.59 -20.17
N ALA A 517 2.88 3.31 -19.00
CA ALA A 517 2.61 2.04 -18.33
C ALA A 517 1.13 1.87 -18.02
N LEU A 518 0.52 2.94 -17.49
CA LEU A 518 -0.91 2.88 -17.17
C LEU A 518 -1.74 2.62 -18.43
N GLU A 519 -1.41 3.31 -19.53
CA GLU A 519 -2.16 3.11 -20.76
C GLU A 519 -2.01 1.68 -21.29
N ALA A 520 -0.79 1.13 -21.21
CA ALA A 520 -0.57 -0.23 -21.66
C ALA A 520 -1.38 -1.21 -20.82
N GLU A 521 -1.40 -1.00 -19.50
CA GLU A 521 -2.21 -1.86 -18.63
C GLU A 521 -3.68 -1.75 -19.00
N LEU A 522 -4.16 -0.54 -19.29
CA LEU A 522 -5.53 -0.36 -19.74
C LEU A 522 -5.83 -1.22 -20.96
N GLN A 523 -4.98 -1.12 -21.99
CA GLN A 523 -5.23 -1.86 -23.22
C GLN A 523 -5.19 -3.36 -22.97
N ALA A 524 -4.24 -3.83 -22.16
CA ALA A 524 -4.15 -5.25 -21.88
C ALA A 524 -5.41 -5.75 -21.18
N GLU A 525 -5.88 -5.01 -20.18
CA GLU A 525 -7.10 -5.40 -19.48
C GLU A 525 -8.30 -5.39 -20.43
N GLU A 526 -8.37 -4.39 -21.32
CA GLU A 526 -9.44 -4.33 -22.29
C GLU A 526 -9.46 -5.59 -23.15
N ILE A 527 -8.30 -5.97 -23.68
CA ILE A 527 -8.26 -7.12 -24.58
C ILE A 527 -8.54 -8.41 -23.83
N ALA A 528 -8.11 -8.51 -22.57
CA ALA A 528 -8.45 -9.69 -21.77
C ALA A 528 -9.95 -9.80 -21.58
N LEU A 529 -10.59 -8.69 -21.17
CA LEU A 529 -12.03 -8.71 -20.95
C LEU A 529 -12.78 -9.02 -22.25
N LYS A 530 -12.26 -8.50 -23.38
CA LYS A 530 -12.90 -8.79 -24.67
C LYS A 530 -12.76 -10.26 -25.02
N ALA A 531 -11.62 -10.86 -24.71
CA ALA A 531 -11.45 -12.29 -24.93
C ALA A 531 -12.43 -13.09 -24.07
N LEU A 532 -12.62 -12.66 -22.83
CA LEU A 532 -13.57 -13.34 -21.95
C LEU A 532 -14.99 -13.18 -22.47
N GLY B 4 19.20 111.74 54.58
CA GLY B 4 20.38 110.94 54.29
C GLY B 4 21.64 111.77 54.17
N ILE B 5 22.50 111.41 53.23
CA ILE B 5 23.77 112.09 53.00
C ILE B 5 23.69 112.77 51.64
N GLY B 6 24.12 114.04 51.59
CA GLY B 6 24.06 114.77 50.34
C GLY B 6 24.98 114.17 49.29
N LYS B 7 24.48 114.13 48.05
CA LYS B 7 25.23 113.58 46.94
C LYS B 7 25.01 114.45 45.71
N SER B 8 26.01 114.49 44.84
CA SER B 8 25.96 115.27 43.62
C SER B 8 26.03 114.32 42.42
N PRO B 9 25.08 114.39 41.49
CA PRO B 9 25.15 113.50 40.32
C PRO B 9 26.38 113.80 39.47
N THR B 10 27.07 112.73 39.08
CA THR B 10 28.28 112.88 38.26
C THR B 10 27.96 113.12 36.80
N GLY B 11 26.75 112.79 36.36
CA GLY B 11 26.42 112.78 34.95
C GLY B 11 26.82 111.51 34.25
N ILE B 12 27.71 110.71 34.83
CA ILE B 12 28.03 109.38 34.32
C ILE B 12 27.01 108.43 34.94
N GLN B 13 25.88 108.28 34.25
CA GLN B 13 24.85 107.36 34.71
C GLN B 13 25.38 105.94 34.64
N GLY B 14 25.08 105.15 35.68
CA GLY B 14 25.72 103.87 35.86
C GLY B 14 26.79 104.00 36.92
N PHE B 15 27.73 104.93 36.72
CA PHE B 15 28.59 105.31 37.82
C PHE B 15 27.77 105.88 38.98
N ASP B 16 26.68 106.58 38.66
CA ASP B 16 25.77 107.02 39.72
C ASP B 16 25.12 105.84 40.42
N GLU B 17 24.90 104.72 39.71
CA GLU B 17 24.39 103.53 40.38
C GLU B 17 25.47 102.91 41.27
N LEU B 18 26.72 102.92 40.81
CA LEU B 18 27.81 102.41 41.63
C LEU B 18 27.95 103.22 42.92
N THR B 19 27.87 104.54 42.82
CA THR B 19 28.07 105.43 43.95
C THR B 19 26.76 105.83 44.63
N LEU B 20 25.64 105.21 44.25
CA LEU B 20 24.34 105.47 44.85
C LEU B 20 24.04 106.97 44.89
N GLY B 21 24.22 107.63 43.75
CA GLY B 21 23.88 109.03 43.62
C GLY B 21 24.99 109.88 43.06
N GLY B 22 26.23 109.50 43.32
CA GLY B 22 27.37 110.25 42.83
C GLY B 22 28.31 110.70 43.92
N LEU B 23 29.18 111.65 43.59
CA LEU B 23 30.16 112.14 44.54
C LEU B 23 29.48 112.82 45.72
N PRO B 24 30.17 112.92 46.85
CA PRO B 24 29.56 113.58 48.03
C PRO B 24 29.38 115.07 47.79
N THR B 25 28.29 115.61 48.32
CA THR B 25 27.98 117.03 48.17
C THR B 25 28.74 117.85 49.20
N GLY B 26 29.23 119.01 48.77
CA GLY B 26 29.92 119.91 49.68
C GLY B 26 31.11 119.28 50.38
N ARG B 27 31.85 118.43 49.69
CA ARG B 27 33.01 117.78 50.27
C ARG B 27 34.00 117.49 49.16
N PRO B 28 35.27 117.23 49.50
CA PRO B 28 36.25 116.87 48.48
C PRO B 28 36.32 115.37 48.23
N SER B 29 36.66 115.03 47.00
CA SER B 29 36.84 113.65 46.57
C SER B 29 38.13 113.52 45.77
N LEU B 30 38.78 112.37 45.90
CA LEU B 30 40.12 112.15 45.38
C LEU B 30 40.09 111.11 44.27
N VAL B 31 40.49 111.51 43.07
CA VAL B 31 40.59 110.61 41.93
C VAL B 31 42.05 110.23 41.78
N CYS B 32 42.38 108.99 42.14
CA CYS B 32 43.74 108.49 42.15
C CYS B 32 43.99 107.61 40.94
N GLY B 33 45.05 107.89 40.19
CA GLY B 33 45.37 107.09 39.02
C GLY B 33 46.73 107.44 38.48
N SER B 34 47.23 106.56 37.61
CA SER B 34 48.53 106.75 36.98
C SER B 34 48.41 107.64 35.75
N ALA B 35 49.42 107.60 34.88
CA ALA B 35 49.40 108.43 33.68
C ALA B 35 48.34 107.94 32.71
N GLY B 36 47.45 108.84 32.30
CA GLY B 36 46.45 108.53 31.31
C GLY B 36 45.51 107.41 31.71
N CYS B 37 44.88 107.54 32.89
CA CYS B 37 43.89 106.59 33.35
C CYS B 37 42.48 107.15 33.36
N GLY B 38 42.29 108.37 32.86
CA GLY B 38 40.98 108.98 32.79
C GLY B 38 40.65 109.96 33.89
N LYS B 39 41.64 110.42 34.66
CA LYS B 39 41.39 111.28 35.81
C LYS B 39 40.84 112.64 35.38
N THR B 40 41.63 113.36 34.57
CA THR B 40 41.24 114.70 34.16
C THR B 40 39.94 114.67 33.38
N LEU B 41 39.75 113.64 32.55
CA LEU B 41 38.49 113.53 31.81
C LEU B 41 37.32 113.28 32.75
N PHE B 42 37.54 112.46 33.79
CA PHE B 42 36.48 112.24 34.78
C PHE B 42 36.06 113.56 35.41
N ALA B 43 37.04 114.38 35.82
CA ALA B 43 36.71 115.65 36.46
C ALA B 43 36.04 116.62 35.47
N SER B 44 36.57 116.69 34.25
CA SER B 44 35.96 117.55 33.24
C SER B 44 34.51 117.14 32.97
N THR B 45 34.25 115.84 32.91
CA THR B 45 32.89 115.36 32.72
C THR B 45 32.02 115.73 33.92
N PHE B 46 32.55 115.58 35.13
CA PHE B 46 31.83 116.00 36.32
C PHE B 46 31.31 117.43 36.14
N LEU B 47 32.23 118.36 35.86
CA LEU B 47 31.82 119.76 35.72
C LEU B 47 30.86 119.97 34.56
N ILE B 48 31.20 119.39 33.39
CA ILE B 48 30.42 119.65 32.19
C ILE B 48 28.99 119.15 32.35
N ASN B 49 28.83 117.94 32.89
CA ASN B 49 27.50 117.40 33.10
C ASN B 49 26.77 118.14 34.20
N GLY B 50 27.49 118.57 35.24
CA GLY B 50 26.86 119.41 36.24
C GLY B 50 26.21 120.65 35.62
N VAL B 51 26.92 121.29 34.69
CA VAL B 51 26.38 122.49 34.06
C VAL B 51 25.25 122.13 33.10
N ARG B 52 25.47 121.11 32.25
CA ARG B 52 24.59 120.85 31.13
C ARG B 52 23.29 120.18 31.58
N ASP B 53 23.39 119.12 32.37
CA ASP B 53 22.23 118.31 32.73
C ASP B 53 21.55 118.81 34.00
N HIS B 54 22.30 118.88 35.10
CA HIS B 54 21.75 119.17 36.41
C HIS B 54 21.83 120.65 36.79
N GLY B 55 22.29 121.50 35.89
CA GLY B 55 22.30 122.93 36.17
C GLY B 55 23.17 123.34 37.34
N GLU B 56 24.36 122.75 37.44
CA GLU B 56 25.30 123.07 38.51
C GLU B 56 26.48 123.85 37.95
N PRO B 57 26.65 125.13 38.28
CA PRO B 57 27.79 125.88 37.75
C PRO B 57 29.12 125.39 38.34
N GLY B 58 30.19 125.56 37.56
CA GLY B 58 31.46 124.93 37.90
C GLY B 58 32.65 125.85 37.74
N VAL B 59 33.77 125.39 38.30
CA VAL B 59 35.05 126.06 38.14
C VAL B 59 36.16 125.00 38.12
N PHE B 60 37.21 125.28 37.37
CA PHE B 60 38.31 124.35 37.14
C PHE B 60 39.61 125.07 37.48
N VAL B 61 40.46 124.44 38.28
CA VAL B 61 41.71 125.02 38.73
C VAL B 61 42.83 124.13 38.23
N THR B 62 43.52 124.55 37.17
CA THR B 62 44.58 123.78 36.53
C THR B 62 45.92 124.27 37.02
N PHE B 63 46.77 123.35 37.47
CA PHE B 63 48.09 123.71 37.98
C PHE B 63 49.21 123.42 37.00
N GLU B 64 48.93 122.70 35.90
CA GLU B 64 49.97 122.37 34.93
C GLU B 64 49.51 122.48 33.48
N GLU B 65 48.25 122.23 33.17
CA GLU B 65 47.76 122.31 31.80
C GLU B 65 47.17 123.69 31.51
N ARG B 66 47.52 124.24 30.35
CA ARG B 66 47.03 125.55 29.98
C ARG B 66 45.51 125.52 29.84
N PRO B 67 44.84 126.66 30.04
CA PRO B 67 43.41 126.73 29.69
C PRO B 67 43.14 126.46 28.22
N GLU B 68 44.14 126.65 27.36
CA GLU B 68 43.97 126.38 25.94
C GLU B 68 43.92 124.88 25.66
N ASP B 69 44.65 124.08 26.44
CA ASP B 69 44.76 122.66 26.16
C ASP B 69 43.49 121.91 26.53
N ILE B 70 42.81 122.32 27.60
CA ILE B 70 41.68 121.54 28.12
C ILE B 70 40.50 121.60 27.16
N VAL B 71 40.21 122.79 26.61
CA VAL B 71 39.10 122.91 25.68
C VAL B 71 39.35 122.04 24.46
N ASN B 72 40.59 122.02 23.95
CA ASN B 72 40.90 121.16 22.82
C ASN B 72 40.82 119.68 23.21
N ASN B 73 41.16 119.34 24.46
CA ASN B 73 41.07 117.96 24.90
C ASN B 73 39.63 117.46 24.90
N VAL B 74 38.70 118.31 25.33
CA VAL B 74 37.29 117.90 25.37
C VAL B 74 36.52 118.21 24.08
N ALA B 75 37.14 118.97 23.16
CA ALA B 75 36.47 119.31 21.91
C ALA B 75 36.06 118.04 21.14
N SER B 76 37.00 117.11 20.97
CA SER B 76 36.68 115.88 20.28
C SER B 76 35.54 115.13 20.97
N LEU B 77 35.47 115.21 22.30
CA LEU B 77 34.33 114.64 23.00
C LEU B 77 33.04 115.32 22.59
N GLY B 78 33.11 116.60 22.25
CA GLY B 78 31.94 117.33 21.83
C GLY B 78 31.24 118.06 22.93
N PHE B 79 31.82 118.10 24.13
CA PHE B 79 31.23 118.85 25.24
C PHE B 79 31.12 120.33 24.89
N GLU B 80 32.01 120.83 24.04
CA GLU B 80 32.01 122.22 23.61
C GLU B 80 32.21 123.16 24.80
N LEU B 81 33.42 123.10 25.36
CA LEU B 81 33.79 123.96 26.46
C LEU B 81 33.98 125.40 26.02
N ASP B 82 34.27 125.62 24.72
CA ASP B 82 34.47 126.98 24.23
C ASP B 82 33.23 127.84 24.45
N LYS B 83 32.05 127.33 24.09
CA LYS B 83 30.81 128.07 24.32
C LYS B 83 30.63 128.40 25.80
N LEU B 84 30.76 127.38 26.65
CA LEU B 84 30.50 127.58 28.07
C LEU B 84 31.49 128.55 28.71
N ILE B 85 32.70 128.65 28.16
CA ILE B 85 33.68 129.58 28.72
C ILE B 85 33.16 131.01 28.62
N GLU B 86 32.76 131.42 27.42
CA GLU B 86 32.22 132.77 27.25
C GLU B 86 30.87 132.93 27.96
N GLU B 87 30.06 131.86 27.99
CA GLU B 87 28.78 131.96 28.68
C GLU B 87 28.92 131.97 30.20
N GLU B 88 30.11 131.66 30.72
CA GLU B 88 30.41 131.79 32.15
C GLU B 88 29.55 130.86 33.01
N LYS B 89 29.34 129.64 32.51
CA LYS B 89 28.85 128.55 33.35
C LYS B 89 29.99 127.75 33.97
N ILE B 90 31.18 127.88 33.39
CA ILE B 90 32.36 127.14 33.79
C ILE B 90 33.57 127.99 33.44
N ALA B 91 34.61 127.90 34.26
CA ALA B 91 35.80 128.73 34.09
C ALA B 91 37.04 127.89 34.35
N ILE B 92 38.19 128.40 33.89
CA ILE B 92 39.48 127.76 34.09
C ILE B 92 40.44 128.77 34.70
N GLU B 93 41.24 128.33 35.66
CA GLU B 93 42.20 129.17 36.36
C GLU B 93 43.56 128.48 36.33
N HIS B 94 44.50 129.05 35.59
CA HIS B 94 45.86 128.52 35.56
C HIS B 94 46.65 129.02 36.75
N ILE B 95 47.47 128.14 37.31
CA ILE B 95 48.28 128.54 38.46
C ILE B 95 49.67 127.91 38.36
N LEU B 110 49.62 131.40 49.86
CA LEU B 110 48.52 130.50 49.57
C LEU B 110 47.19 131.27 49.55
N GLU B 111 47.05 132.24 50.45
CA GLU B 111 45.79 132.97 50.55
C GLU B 111 45.52 133.84 49.32
N GLY B 112 46.55 134.21 48.56
CA GLY B 112 46.32 134.98 47.35
C GLY B 112 45.68 134.14 46.26
N LEU B 113 46.28 132.99 45.96
CA LEU B 113 45.64 132.02 45.09
C LEU B 113 44.25 131.69 45.61
N PHE B 114 44.11 131.66 46.94
CA PHE B 114 42.84 131.45 47.59
C PHE B 114 41.81 132.48 47.15
N LEU B 115 42.17 133.76 47.26
CA LEU B 115 41.26 134.82 46.86
C LEU B 115 40.99 134.80 45.36
N ARG B 116 41.96 134.35 44.55
CA ARG B 116 41.69 134.18 43.13
C ARG B 116 40.58 133.15 42.91
N LEU B 117 40.68 132.01 43.59
CA LEU B 117 39.62 131.01 43.48
C LEU B 117 38.28 131.56 43.99
N GLU B 118 38.31 132.35 45.06
CA GLU B 118 37.06 132.89 45.60
C GLU B 118 36.42 133.85 44.61
N LEU B 119 37.22 134.69 43.96
CA LEU B 119 36.67 135.61 42.96
C LEU B 119 36.15 134.85 41.76
N ALA B 120 36.80 133.75 41.37
CA ALA B 120 36.28 132.95 40.27
C ALA B 120 34.93 132.32 40.64
N ILE B 121 34.84 131.77 41.85
CA ILE B 121 33.59 131.16 42.30
C ILE B 121 32.48 132.20 42.33
N ASP B 122 32.79 133.41 42.80
CA ASP B 122 31.78 134.47 42.83
C ASP B 122 31.49 135.03 41.44
N THR B 123 32.41 134.87 40.50
CA THR B 123 32.19 135.36 39.14
C THR B 123 31.23 134.46 38.38
N VAL B 124 31.43 133.14 38.46
CA VAL B 124 30.57 132.22 37.73
C VAL B 124 29.56 131.52 38.65
N GLY B 125 29.38 132.02 39.87
CA GLY B 125 28.44 131.41 40.79
C GLY B 125 28.61 129.91 40.93
N ALA B 126 29.85 129.45 40.99
CA ALA B 126 30.13 128.02 40.92
C ALA B 126 29.72 127.30 42.20
N LYS B 127 29.14 126.11 42.03
CA LYS B 127 28.90 125.18 43.13
C LYS B 127 29.80 123.95 43.03
N ARG B 128 30.46 123.75 41.89
CA ARG B 128 31.34 122.61 41.68
C ARG B 128 32.75 123.08 41.39
N VAL B 129 33.73 122.30 41.85
CA VAL B 129 35.13 122.67 41.75
C VAL B 129 35.94 121.47 41.28
N VAL B 130 36.97 121.74 40.48
CA VAL B 130 37.96 120.74 40.12
C VAL B 130 39.33 121.28 40.46
N LEU B 131 40.15 120.47 41.12
CA LEU B 131 41.52 120.81 41.49
C LEU B 131 42.45 119.85 40.76
N ASP B 132 43.01 120.29 39.63
CA ASP B 132 43.80 119.42 38.77
C ASP B 132 45.29 119.70 38.97
N THR B 133 46.03 118.67 39.37
CA THR B 133 47.47 118.72 39.58
C THR B 133 47.82 119.59 40.80
N ILE B 134 47.06 119.39 41.87
CA ILE B 134 47.37 120.06 43.15
C ILE B 134 48.75 119.65 43.64
N GLU B 135 49.23 118.48 43.22
CA GLU B 135 50.56 118.04 43.61
C GLU B 135 51.64 118.99 43.11
N SER B 136 51.38 119.76 42.05
CA SER B 136 52.36 120.73 41.60
C SER B 136 52.53 121.85 42.63
N LEU B 137 51.42 122.42 43.10
CA LEU B 137 51.50 123.37 44.21
C LEU B 137 52.17 122.73 45.41
N PHE B 138 51.92 121.43 45.64
CA PHE B 138 52.60 120.72 46.72
C PHE B 138 53.98 120.20 46.33
N SER B 139 54.54 120.68 45.21
CA SER B 139 55.89 120.31 44.81
C SER B 139 56.74 121.56 44.59
N ALA B 145 54.37 118.56 57.03
CA ALA B 145 53.50 119.11 58.06
C ALA B 145 52.87 120.42 57.58
N ILE B 146 53.71 121.34 57.11
CA ILE B 146 53.20 122.57 56.50
C ILE B 146 52.23 122.22 55.38
N LEU B 147 52.57 121.21 54.58
CA LEU B 147 51.69 120.76 53.51
C LEU B 147 50.35 120.31 54.06
N ARG B 148 50.37 119.55 55.16
CA ARG B 148 49.12 119.10 55.76
C ARG B 148 48.28 120.29 56.23
N ALA B 149 48.92 121.30 56.80
CA ALA B 149 48.19 122.48 57.23
C ALA B 149 47.54 123.20 56.05
N GLU B 150 48.29 123.36 54.95
CA GLU B 150 47.73 123.99 53.76
C GLU B 150 46.53 123.20 53.22
N ILE B 151 46.69 121.87 53.14
CA ILE B 151 45.61 121.02 52.67
C ILE B 151 44.39 121.20 53.55
N ARG B 152 44.58 121.21 54.88
CA ARG B 152 43.46 121.37 55.79
C ARG B 152 42.75 122.70 55.56
N ARG B 153 43.52 123.78 55.47
CA ARG B 153 42.93 125.09 55.21
C ARG B 153 42.05 125.06 53.96
N LEU B 154 42.64 124.61 52.84
CA LEU B 154 41.92 124.62 51.57
C LEU B 154 40.66 123.77 51.63
N PHE B 155 40.80 122.52 52.06
CA PHE B 155 39.66 121.61 52.11
C PHE B 155 38.57 122.14 53.04
N ASP B 156 38.97 122.70 54.18
CA ASP B 156 38.00 123.23 55.12
C ASP B 156 37.20 124.36 54.51
N TRP B 157 37.88 125.30 53.84
CA TRP B 157 37.16 126.42 53.24
C TRP B 157 36.20 125.95 52.16
N LEU B 158 36.65 125.02 51.31
CA LEU B 158 35.75 124.50 50.28
C LEU B 158 34.53 123.83 50.92
N LYS B 159 34.75 123.07 51.99
CA LYS B 159 33.64 122.46 52.71
C LYS B 159 32.68 123.53 53.24
N GLU B 160 33.22 124.60 53.81
CA GLU B 160 32.37 125.66 54.36
C GLU B 160 31.50 126.27 53.26
N ARG B 161 32.11 126.61 52.12
CA ARG B 161 31.31 127.11 51.02
C ARG B 161 30.36 126.06 50.46
N GLY B 162 30.56 124.79 50.79
CA GLY B 162 29.65 123.76 50.31
C GLY B 162 29.92 123.34 48.90
N LEU B 163 31.12 123.61 48.40
CA LEU B 163 31.46 123.26 47.03
C LEU B 163 31.70 121.77 46.91
N THR B 164 31.24 121.17 45.81
CA THR B 164 31.52 119.77 45.54
C THR B 164 32.77 119.69 44.66
N THR B 165 33.83 119.09 45.18
CA THR B 165 35.16 119.17 44.58
C THR B 165 35.63 117.80 44.09
N VAL B 166 36.30 117.81 42.95
CA VAL B 166 36.98 116.64 42.40
C VAL B 166 38.45 116.98 42.28
N ILE B 167 39.32 116.19 42.91
CA ILE B 167 40.75 116.46 42.96
C ILE B 167 41.49 115.39 42.18
N THR B 168 42.32 115.82 41.23
CA THR B 168 43.13 114.90 40.45
C THR B 168 44.42 114.58 41.21
N ALA B 169 44.70 113.29 41.36
CA ALA B 169 45.90 112.83 42.05
C ALA B 169 46.59 111.77 41.21
N GLU B 170 47.91 111.69 41.34
CA GLU B 170 48.74 110.80 40.55
C GLU B 170 49.30 109.71 41.45
N ARG B 171 48.98 108.46 41.10
CA ARG B 171 49.43 107.33 41.92
C ARG B 171 50.95 107.20 41.91
N GLY B 172 51.54 107.21 40.72
CA GLY B 172 53.00 107.19 40.64
C GLY B 172 53.58 105.83 40.96
N ASP B 173 54.62 105.84 41.79
CA ASP B 173 55.36 104.61 42.05
C ASP B 173 54.61 103.68 43.00
N GLY B 174 53.99 104.23 44.05
CA GLY B 174 53.33 103.40 45.04
C GLY B 174 52.14 104.08 45.66
N ALA B 175 51.43 103.32 46.51
CA ALA B 175 50.25 103.81 47.20
C ALA B 175 49.17 104.20 46.20
N LEU B 176 48.12 104.89 46.68
CA LEU B 176 47.14 105.49 45.80
C LEU B 176 47.51 106.92 45.42
N THR B 177 48.30 107.60 46.24
CA THR B 177 48.77 108.94 45.96
C THR B 177 50.29 108.97 46.11
N ARG B 178 50.94 109.79 45.28
CA ARG B 178 52.38 109.95 45.40
C ARG B 178 52.76 110.65 46.70
N GLN B 179 51.93 111.60 47.14
CA GLN B 179 52.25 112.37 48.34
C GLN B 179 52.30 111.46 49.57
N GLY B 180 51.36 110.54 49.69
CA GLY B 180 51.29 109.62 50.81
C GLY B 180 50.31 110.01 51.89
N LEU B 181 49.92 111.29 51.95
CA LEU B 181 48.96 111.76 52.94
C LEU B 181 47.65 112.24 52.34
N GLU B 182 47.61 112.54 51.04
CA GLU B 182 46.36 112.96 50.43
C GLU B 182 45.30 111.87 50.49
N GLU B 183 45.71 110.60 50.64
CA GLU B 183 44.75 109.52 50.72
C GLU B 183 43.85 109.64 51.95
N TYR B 184 44.39 110.16 53.05
CA TYR B 184 43.69 110.19 54.33
C TYR B 184 43.24 111.58 54.72
N VAL B 185 43.16 112.51 53.76
CA VAL B 185 42.57 113.82 53.99
C VAL B 185 41.35 114.04 53.10
N SER B 186 40.73 112.95 52.64
CA SER B 186 39.58 112.99 51.76
C SER B 186 38.51 112.04 52.27
N ASP B 187 37.25 112.38 52.02
CA ASP B 187 36.13 111.56 52.45
C ASP B 187 35.68 110.56 51.39
N CYS B 188 36.05 110.77 50.14
CA CYS B 188 35.74 109.83 49.07
C CYS B 188 36.98 109.65 48.20
N VAL B 189 37.26 108.40 47.84
CA VAL B 189 38.42 108.06 47.02
C VAL B 189 38.00 107.10 45.93
N ILE B 190 38.30 107.45 44.68
CA ILE B 190 38.02 106.62 43.51
C ILE B 190 39.34 106.36 42.79
N LEU B 191 39.65 105.09 42.56
CA LEU B 191 40.88 104.67 41.91
C LEU B 191 40.59 104.28 40.47
N LEU B 192 41.38 104.82 39.54
CA LEU B 192 41.30 104.52 38.12
C LEU B 192 42.62 103.89 37.71
N ASP B 193 42.57 102.69 37.12
CA ASP B 193 43.78 102.00 36.71
C ASP B 193 43.57 101.37 35.34
N HIS B 194 44.54 101.53 34.46
CA HIS B 194 44.47 101.06 33.08
C HIS B 194 45.53 99.96 32.93
N ARG B 195 45.09 98.70 33.02
CA ARG B 195 46.00 97.57 33.10
C ARG B 195 45.91 96.72 31.84
N VAL B 196 47.06 96.19 31.41
CA VAL B 196 47.17 95.41 30.19
C VAL B 196 47.50 93.97 30.55
N GLU B 197 46.76 93.03 29.96
CA GLU B 197 47.03 91.60 30.11
C GLU B 197 46.73 90.91 28.78
N ASN B 198 47.59 89.97 28.41
CA ASN B 198 47.45 89.26 27.14
C ASN B 198 47.43 90.21 25.96
N GLN B 199 48.13 91.34 26.08
CA GLN B 199 48.22 92.39 25.07
C GLN B 199 46.89 93.08 24.83
N ILE B 200 45.90 92.87 25.69
CA ILE B 200 44.62 93.59 25.65
C ILE B 200 44.50 94.38 26.94
N SER B 201 44.32 95.69 26.83
CA SER B 201 44.30 96.58 27.99
C SER B 201 42.87 97.01 28.28
N THR B 202 42.56 97.05 29.58
CA THR B 202 41.24 97.45 30.06
C THR B 202 41.38 98.46 31.18
N ARG B 203 40.43 99.38 31.25
CA ARG B 203 40.37 100.40 32.29
C ARG B 203 39.38 99.96 33.36
N ARG B 204 39.79 100.04 34.61
CA ARG B 204 38.99 99.57 35.74
C ARG B 204 39.00 100.62 36.84
N LEU B 205 37.84 100.85 37.44
CA LEU B 205 37.71 101.80 38.54
C LEU B 205 37.17 101.10 39.78
N ARG B 206 37.63 101.55 40.94
CA ARG B 206 37.15 101.02 42.22
C ARG B 206 36.99 102.16 43.22
N ILE B 207 35.85 102.19 43.90
CA ILE B 207 35.63 103.16 44.96
C ILE B 207 36.36 102.64 46.21
N VAL B 208 37.55 103.17 46.46
CA VAL B 208 38.38 102.66 47.55
C VAL B 208 37.74 102.98 48.89
N LYS B 209 37.16 104.17 49.03
CA LYS B 209 36.53 104.57 50.29
C LYS B 209 35.52 105.66 50.00
N TYR B 210 34.24 105.33 50.14
CA TYR B 210 33.16 106.31 50.14
C TYR B 210 32.51 106.27 51.51
N ARG B 211 32.78 107.28 52.33
CA ARG B 211 32.39 107.25 53.73
C ARG B 211 30.94 107.70 53.90
N GLY B 212 30.17 106.94 54.69
CA GLY B 212 28.81 107.28 55.03
C GLY B 212 27.75 106.63 54.16
N THR B 213 28.12 106.18 52.96
CA THR B 213 27.18 105.59 52.03
C THR B 213 27.75 104.30 51.46
N ALA B 214 26.86 103.35 51.20
CA ALA B 214 27.26 102.13 50.52
C ALA B 214 27.67 102.45 49.09
N HIS B 215 28.58 101.63 48.55
CA HIS B 215 29.09 101.84 47.20
C HIS B 215 29.32 100.47 46.57
N GLY B 216 30.10 100.44 45.49
CA GLY B 216 30.43 99.20 44.82
C GLY B 216 31.82 98.71 45.17
N THR B 217 31.91 97.75 46.08
CA THR B 217 33.22 97.26 46.52
C THR B 217 34.01 96.67 45.36
N ASN B 218 33.36 95.87 44.52
CA ASN B 218 34.05 95.23 43.42
C ASN B 218 34.44 96.23 42.35
N GLU B 219 35.51 95.93 41.63
CA GLU B 219 35.94 96.78 40.53
C GLU B 219 34.87 96.82 39.44
N TYR B 220 34.88 97.90 38.66
CA TYR B 220 33.95 98.07 37.56
C TYR B 220 34.74 98.50 36.33
N PRO B 221 34.67 97.76 35.23
CA PRO B 221 35.36 98.22 34.00
C PRO B 221 34.64 99.40 33.38
N PHE B 222 35.41 100.24 32.71
CA PHE B 222 34.86 101.41 32.03
C PHE B 222 35.68 101.69 30.78
N LEU B 223 35.14 102.55 29.92
CA LEU B 223 35.77 102.89 28.66
C LEU B 223 35.66 104.38 28.39
N ILE B 224 36.71 104.94 27.77
CA ILE B 224 36.72 106.34 27.34
C ILE B 224 36.63 106.33 25.82
N ASP B 225 35.49 106.79 25.30
CA ASP B 225 35.28 106.81 23.86
C ASP B 225 34.72 108.16 23.41
N THR B 226 34.24 108.23 22.17
CA THR B 226 33.66 109.48 21.69
C THR B 226 32.47 109.90 22.54
N ASP B 227 31.67 108.92 22.99
CA ASP B 227 30.56 109.24 23.88
C ASP B 227 31.05 109.87 25.18
N GLY B 228 32.26 109.54 25.60
CA GLY B 228 32.84 110.10 26.81
C GLY B 228 33.31 109.03 27.78
N PHE B 229 33.18 109.32 29.07
CA PHE B 229 33.38 108.31 30.11
C PHE B 229 32.17 107.41 30.17
N SER B 230 32.39 106.09 30.12
CA SER B 230 31.30 105.13 29.97
C SER B 230 31.48 104.00 30.98
N VAL B 231 30.47 103.81 31.82
CA VAL B 231 30.40 102.69 32.76
C VAL B 231 29.13 101.91 32.42
N LEU B 232 29.26 100.59 32.32
CA LEU B 232 28.16 99.75 31.87
C LEU B 232 27.29 99.35 33.07
N PRO B 233 26.00 99.69 33.09
CA PRO B 233 25.13 99.27 34.19
C PRO B 233 24.61 97.84 34.02
N LEU B 239 18.54 89.38 37.84
CA LEU B 239 17.64 88.31 37.44
C LEU B 239 16.18 88.75 37.56
N LEU B 240 15.85 89.84 36.86
CA LEU B 240 14.49 90.36 36.85
C LEU B 240 13.90 90.19 35.45
N HIS B 241 13.90 88.96 34.94
CA HIS B 241 13.54 88.71 33.56
C HIS B 241 12.07 89.03 33.30
N GLN B 242 11.76 89.29 32.03
CA GLN B 242 10.39 89.47 31.58
C GLN B 242 9.83 88.13 31.13
N VAL B 243 8.70 87.74 31.72
CA VAL B 243 8.11 86.42 31.51
C VAL B 243 6.86 86.59 30.67
N HIS B 244 6.95 86.18 29.40
CA HIS B 244 5.85 86.29 28.46
C HIS B 244 5.23 84.91 28.21
N GLU B 245 3.97 84.93 27.79
CA GLU B 245 3.27 83.72 27.38
C GLU B 245 2.96 83.66 25.90
N GLU B 246 2.83 84.82 25.25
CA GLU B 246 2.69 84.83 23.80
C GLU B 246 3.90 84.15 23.15
N ARG B 247 3.64 83.18 22.30
CA ARG B 247 4.68 82.36 21.71
C ARG B 247 5.03 82.87 20.32
N ILE B 248 6.32 82.84 19.99
CA ILE B 248 6.86 83.44 18.77
C ILE B 248 7.05 82.36 17.73
N ALA B 249 6.80 82.72 16.47
CA ALA B 249 7.03 81.79 15.37
C ALA B 249 8.52 81.60 15.15
N SER B 250 8.92 80.37 14.83
CA SER B 250 10.33 80.04 14.65
C SER B 250 10.81 80.21 13.21
N GLY B 251 9.90 80.29 12.25
CA GLY B 251 10.25 80.24 10.85
C GLY B 251 10.36 78.85 10.29
N VAL B 252 10.50 77.84 11.15
CA VAL B 252 10.46 76.43 10.74
C VAL B 252 9.21 75.83 11.38
N PRO B 253 8.08 75.81 10.67
CA PRO B 253 6.83 75.37 11.30
C PRO B 253 6.88 73.96 11.84
N ASP B 254 7.77 73.11 11.34
CA ASP B 254 7.89 71.77 11.91
C ASP B 254 8.48 71.84 13.32
N LEU B 255 9.53 72.64 13.50
CA LEU B 255 10.06 72.86 14.84
C LEU B 255 8.99 73.50 15.73
N ASP B 256 8.23 74.46 15.20
CA ASP B 256 7.14 75.02 15.98
C ASP B 256 6.15 73.94 16.39
N ALA B 257 5.83 73.01 15.48
CA ALA B 257 4.88 71.95 15.79
C ALA B 257 5.39 71.05 16.89
N MET B 258 6.70 70.78 16.90
CA MET B 258 7.26 69.94 17.96
C MET B 258 6.89 70.46 19.34
N MET B 259 6.79 71.78 19.50
CA MET B 259 6.44 72.36 20.79
C MET B 259 4.93 72.36 20.99
N ALA B 260 4.52 72.19 22.24
CA ALA B 260 3.10 72.14 22.59
C ALA B 260 2.38 73.40 22.15
N GLY B 261 2.71 74.53 22.80
CA GLY B 261 2.06 75.79 22.47
C GLY B 261 2.34 76.29 21.06
N GLY B 262 3.25 75.64 20.34
CA GLY B 262 3.51 76.00 18.96
C GLY B 262 4.65 76.97 18.75
N GLY B 263 5.53 77.14 19.73
CA GLY B 263 6.65 78.04 19.58
C GLY B 263 7.25 78.47 20.90
N PHE B 264 8.57 78.67 20.91
CA PHE B 264 9.24 79.14 22.13
C PHE B 264 8.62 80.44 22.61
N PHE B 265 8.73 80.68 23.92
CA PHE B 265 8.16 81.89 24.50
C PHE B 265 8.84 83.12 23.92
N ARG B 266 8.08 84.22 23.87
CA ARG B 266 8.59 85.44 23.26
C ARG B 266 9.91 85.88 23.88
N GLY B 267 9.89 86.21 25.18
CA GLY B 267 11.09 86.64 25.86
C GLY B 267 11.80 85.48 26.53
N SER B 268 12.64 84.77 25.79
CA SER B 268 13.31 83.59 26.30
C SER B 268 14.66 83.42 25.62
N SER B 269 15.38 82.38 26.04
CA SER B 269 16.69 82.04 25.53
C SER B 269 16.63 80.64 24.92
N ILE B 270 17.11 80.53 23.68
CA ILE B 270 17.15 79.28 22.94
C ILE B 270 18.61 78.94 22.69
N LEU B 271 18.97 77.69 22.97
CA LEU B 271 20.29 77.15 22.69
C LEU B 271 20.19 76.21 21.50
N VAL B 272 21.14 76.32 20.58
CA VAL B 272 21.14 75.48 19.39
C VAL B 272 22.47 74.75 19.29
N SER B 273 22.67 73.76 20.16
CA SER B 273 23.92 73.02 20.19
C SER B 273 24.11 72.22 18.91
N GLY B 274 25.36 72.07 18.52
CA GLY B 274 25.66 71.19 17.40
C GLY B 274 27.14 71.14 17.11
N VAL B 275 27.49 70.41 16.06
CA VAL B 275 28.86 70.30 15.58
C VAL B 275 29.00 71.17 14.34
N ALA B 276 30.17 71.13 13.71
CA ALA B 276 30.39 71.94 12.51
C ALA B 276 29.56 71.41 11.35
N GLY B 277 29.04 72.31 10.54
CA GLY B 277 28.21 71.92 9.42
C GLY B 277 26.96 71.18 9.82
N ALA B 278 26.27 71.65 10.87
CA ALA B 278 25.06 71.01 11.36
C ALA B 278 23.79 71.78 11.03
N GLY B 279 23.90 73.06 10.66
CA GLY B 279 22.74 73.87 10.35
C GLY B 279 22.34 74.87 11.42
N LYS B 280 23.18 75.07 12.43
CA LYS B 280 22.83 75.96 13.53
C LYS B 280 22.61 77.39 13.04
N SER B 281 23.60 77.93 12.34
CA SER B 281 23.48 79.29 11.80
C SER B 281 22.28 79.40 10.87
N SER B 282 21.94 78.33 10.16
CA SER B 282 20.81 78.37 9.25
C SER B 282 19.50 78.48 10.02
N LEU B 283 19.34 77.68 11.08
CA LEU B 283 18.13 77.80 11.89
C LEU B 283 18.04 79.17 12.55
N ALA B 284 19.18 79.73 12.96
CA ALA B 284 19.17 81.06 13.55
C ALA B 284 18.73 82.11 12.53
N ALA B 285 19.29 82.04 11.32
CA ALA B 285 18.86 82.94 10.25
C ALA B 285 17.37 82.76 9.94
N HIS B 286 16.86 81.53 10.09
CA HIS B 286 15.44 81.31 9.85
C HIS B 286 14.59 82.01 10.91
N PHE B 287 14.98 81.89 12.18
CA PHE B 287 14.31 82.64 13.22
C PHE B 287 14.30 84.13 12.89
N ALA B 288 15.47 84.67 12.51
CA ALA B 288 15.57 86.08 12.23
C ALA B 288 14.70 86.49 11.05
N ALA B 289 14.68 85.67 9.99
CA ALA B 289 13.88 85.98 8.82
C ALA B 289 12.39 85.93 9.14
N ALA B 290 11.98 84.97 9.97
CA ALA B 290 10.58 84.91 10.37
C ALA B 290 10.19 86.14 11.18
N ALA B 291 11.07 86.59 12.06
CA ALA B 291 10.80 87.83 12.79
C ALA B 291 10.65 89.01 11.84
N CYS B 292 11.64 89.19 10.95
CA CYS B 292 11.59 90.31 10.00
C CYS B 292 10.33 90.25 9.16
N ALA B 293 9.89 89.05 8.77
CA ALA B 293 8.66 88.92 8.01
C ALA B 293 7.45 89.29 8.85
N ARG B 294 7.44 88.88 10.13
CA ARG B 294 6.40 89.29 11.05
C ARG B 294 6.40 90.81 11.24
N GLY B 295 7.49 91.48 10.87
CA GLY B 295 7.59 92.91 11.01
C GLY B 295 8.42 93.35 12.19
N GLU B 296 8.88 92.41 13.01
CA GLU B 296 9.69 92.72 14.17
C GLU B 296 11.12 93.05 13.76
N ARG B 297 11.86 93.64 14.69
CA ARG B 297 13.25 93.97 14.46
C ARG B 297 14.15 92.82 14.92
N ALA B 298 15.24 92.63 14.18
CA ALA B 298 16.12 91.49 14.38
C ALA B 298 17.58 91.95 14.28
N MET B 299 18.43 91.28 15.03
CA MET B 299 19.87 91.53 14.98
C MET B 299 20.59 90.20 14.95
N TYR B 300 21.63 90.12 14.13
CA TYR B 300 22.43 88.91 13.96
C TYR B 300 23.88 89.26 14.26
N PHE B 301 24.42 88.69 15.36
CA PHE B 301 25.80 88.92 15.77
C PHE B 301 26.61 87.70 15.33
N SER B 302 27.38 87.86 14.26
CA SER B 302 28.24 86.81 13.74
C SER B 302 29.65 87.05 14.26
N PHE B 303 30.18 86.09 15.03
CA PHE B 303 31.52 86.18 15.58
C PHE B 303 32.52 85.30 14.81
N GLU B 304 32.20 84.96 13.57
CA GLU B 304 33.10 84.15 12.76
C GLU B 304 32.78 84.25 11.27
N GLU B 305 31.80 85.07 10.90
CA GLU B 305 31.27 85.08 9.54
C GLU B 305 30.86 86.49 9.17
N ALA B 306 31.11 86.85 7.91
CA ALA B 306 30.78 88.17 7.41
C ALA B 306 29.31 88.27 7.06
N ALA B 307 28.83 89.52 6.94
CA ALA B 307 27.41 89.74 6.67
C ALA B 307 27.04 89.31 5.26
N ASP B 308 27.70 89.89 4.25
CA ASP B 308 27.47 89.47 2.88
C ASP B 308 27.68 87.97 2.74
N GLN B 309 28.73 87.45 3.35
CA GLN B 309 29.04 86.03 3.24
C GLN B 309 27.90 85.17 3.76
N ALA B 310 27.44 85.43 4.99
CA ALA B 310 26.39 84.59 5.58
C ALA B 310 25.07 84.75 4.83
N VAL B 311 24.71 85.98 4.46
CA VAL B 311 23.46 86.19 3.73
C VAL B 311 23.49 85.44 2.41
N ARG B 312 24.62 85.49 1.71
CA ARG B 312 24.74 84.76 0.45
C ARG B 312 24.71 83.26 0.68
N ASN B 313 25.34 82.78 1.75
CA ASN B 313 25.26 81.37 2.09
C ASN B 313 23.83 80.94 2.32
N MET B 314 23.00 81.84 2.87
CA MET B 314 21.60 81.52 3.12
C MET B 314 20.74 81.65 1.87
N ARG B 315 21.23 82.28 0.81
CA ARG B 315 20.52 82.19 -0.46
C ARG B 315 20.26 80.74 -0.86
N SER B 316 21.21 79.84 -0.56
CA SER B 316 21.06 78.44 -0.96
C SER B 316 19.90 77.75 -0.25
N LEU B 317 19.40 78.31 0.85
CA LEU B 317 18.26 77.77 1.56
C LEU B 317 16.99 78.60 1.33
N GLY B 318 16.94 79.34 0.23
CA GLY B 318 15.75 80.13 -0.07
C GLY B 318 15.46 81.22 0.95
N LEU B 319 16.49 81.87 1.46
CA LEU B 319 16.34 82.95 2.42
C LEU B 319 16.99 84.20 1.86
N ASP B 320 16.19 85.24 1.64
CA ASP B 320 16.69 86.53 1.17
C ASP B 320 16.92 87.46 2.36
N LEU B 321 17.91 87.09 3.17
CA LEU B 321 18.27 87.90 4.33
C LEU B 321 18.64 89.32 3.90
N GLY B 322 19.29 89.46 2.75
CA GLY B 322 19.66 90.77 2.27
C GLY B 322 18.48 91.67 2.01
N ARG B 323 17.34 91.10 1.63
CA ARG B 323 16.13 91.90 1.44
C ARG B 323 15.75 92.59 2.75
N TRP B 324 15.66 91.83 3.84
CA TRP B 324 15.30 92.42 5.13
C TRP B 324 16.37 93.40 5.59
N ARG B 325 17.65 93.09 5.33
CA ARG B 325 18.70 94.01 5.71
C ARG B 325 18.57 95.33 4.97
N ASP B 326 18.19 95.28 3.70
CA ASP B 326 17.97 96.51 2.94
C ASP B 326 16.74 97.25 3.46
N ALA B 327 15.70 96.52 3.84
CA ALA B 327 14.49 97.15 4.36
C ALA B 327 14.80 97.92 5.64
N GLY B 328 15.55 97.30 6.55
CA GLY B 328 15.96 97.95 7.79
C GLY B 328 15.50 97.24 9.04
N LEU B 329 14.85 96.09 8.96
CA LEU B 329 14.43 95.33 10.12
C LEU B 329 15.45 94.29 10.55
N LEU B 330 16.65 94.31 9.96
CA LEU B 330 17.73 93.41 10.33
C LEU B 330 19.02 94.20 10.44
N ARG B 331 19.73 94.02 11.55
CA ARG B 331 21.04 94.64 11.76
C ARG B 331 22.06 93.54 11.99
N PHE B 332 23.06 93.47 11.11
CA PHE B 332 24.06 92.41 11.12
C PHE B 332 25.38 92.99 11.64
N MET B 333 25.84 92.49 12.78
CA MET B 333 27.10 92.92 13.38
C MET B 333 28.10 91.77 13.25
N ALA B 334 29.14 92.00 12.45
CA ALA B 334 30.20 91.02 12.23
C ALA B 334 31.43 91.47 13.00
N THR B 335 31.93 90.60 13.88
CA THR B 335 33.11 90.91 14.68
C THR B 335 33.87 89.62 14.94
N ARG B 336 34.99 89.74 15.66
CA ARG B 336 35.86 88.62 15.96
C ARG B 336 36.29 88.68 17.42
N PRO B 337 36.35 87.55 18.12
CA PRO B 337 36.69 87.59 19.55
C PRO B 337 38.00 88.29 19.85
N THR B 338 39.09 87.86 19.21
CA THR B 338 40.42 88.30 19.61
C THR B 338 40.65 89.80 19.43
N PHE B 339 39.72 90.52 18.80
CA PHE B 339 39.94 91.94 18.56
C PHE B 339 39.79 92.75 19.84
N TYR B 340 38.70 92.53 20.58
CA TYR B 340 38.40 93.26 21.79
C TYR B 340 38.55 92.36 23.02
N SER B 341 38.42 92.97 24.18
CA SER B 341 38.26 92.22 25.41
C SER B 341 36.82 91.75 25.55
N LEU B 342 36.60 90.75 26.41
CA LEU B 342 35.25 90.24 26.63
C LEU B 342 34.33 91.35 27.12
N GLU B 343 34.84 92.23 27.99
CA GLU B 343 34.03 93.34 28.47
C GLU B 343 33.64 94.28 27.34
N MET B 344 34.59 94.58 26.44
CA MET B 344 34.27 95.45 25.31
C MET B 344 33.24 94.81 24.39
N HIS B 345 33.37 93.50 24.16
CA HIS B 345 32.38 92.80 23.34
C HIS B 345 31.00 92.91 23.97
N LEU B 346 30.89 92.64 25.27
CA LEU B 346 29.62 92.77 25.96
C LEU B 346 29.05 94.17 25.80
N ALA B 347 29.87 95.19 26.04
CA ALA B 347 29.40 96.57 25.98
C ALA B 347 28.93 96.93 24.58
N VAL B 348 29.67 96.53 23.55
CA VAL B 348 29.30 96.86 22.18
C VAL B 348 28.00 96.17 21.80
N ILE B 349 27.86 94.91 22.18
CA ILE B 349 26.63 94.17 21.90
C ILE B 349 25.44 94.90 22.52
N LEU B 350 25.55 95.23 23.82
CA LEU B 350 24.45 95.90 24.50
C LEU B 350 24.17 97.27 23.88
N ARG B 351 25.22 97.97 23.46
CA ARG B 351 25.05 99.27 22.81
C ARG B 351 24.21 99.14 21.55
N GLU B 352 24.62 98.26 20.64
CA GLU B 352 23.88 98.12 19.38
C GLU B 352 22.47 97.63 19.63
N VAL B 353 22.28 96.76 20.62
CA VAL B 353 20.94 96.27 20.93
C VAL B 353 20.05 97.41 21.42
N MET B 354 20.58 98.23 22.34
CA MET B 354 19.81 99.35 22.84
C MET B 354 19.48 100.35 21.74
N ARG B 355 20.38 100.48 20.75
CA ARG B 355 20.11 101.45 19.68
C ARG B 355 19.13 100.92 18.65
N PHE B 356 19.07 99.60 18.43
CA PHE B 356 18.15 99.06 17.45
C PHE B 356 16.80 98.66 18.02
N GLU B 357 16.69 98.46 19.33
CA GLU B 357 15.44 98.03 19.96
C GLU B 357 14.92 96.76 19.28
N PRO B 358 15.72 95.71 19.20
CA PRO B 358 15.33 94.52 18.46
C PRO B 358 14.29 93.69 19.20
N SER B 359 13.63 92.82 18.43
CA SER B 359 12.74 91.81 19.00
C SER B 359 13.38 90.44 19.05
N VAL B 360 14.26 90.12 18.10
CA VAL B 360 14.99 88.86 18.12
C VAL B 360 16.48 89.14 17.92
N VAL B 361 17.33 88.38 18.62
CA VAL B 361 18.77 88.58 18.56
C VAL B 361 19.44 87.21 18.47
N VAL B 362 20.25 87.02 17.43
CA VAL B 362 21.02 85.79 17.24
C VAL B 362 22.46 86.07 17.61
N LEU B 363 23.10 85.09 18.25
CA LEU B 363 24.51 85.15 18.62
C LEU B 363 25.15 83.86 18.10
N ASP B 364 25.79 83.96 16.94
CA ASP B 364 26.36 82.78 16.28
C ASP B 364 27.86 82.99 16.08
N PRO B 365 28.74 82.31 16.82
CA PRO B 365 28.54 81.41 17.97
C PRO B 365 29.13 81.93 19.27
N ILE B 366 28.62 81.44 20.41
CA ILE B 366 29.22 81.77 21.71
C ILE B 366 30.44 80.90 22.01
N SER B 367 30.60 79.79 21.27
CA SER B 367 31.77 78.94 21.44
C SER B 367 33.06 79.70 21.19
N ALA B 368 33.04 80.69 20.29
CA ALA B 368 34.23 81.47 20.03
C ALA B 368 34.68 82.21 21.29
N PHE B 369 33.76 82.93 21.93
CA PHE B 369 34.10 83.60 23.18
C PHE B 369 34.56 82.61 24.24
N THR B 370 33.88 81.47 24.35
CA THR B 370 34.31 80.47 25.33
C THR B 370 35.76 80.09 25.11
N GLU B 371 36.11 79.71 23.87
CA GLU B 371 37.48 79.32 23.58
C GLU B 371 38.45 80.49 23.77
N SER B 372 37.97 81.73 23.66
CA SER B 372 38.84 82.89 23.74
C SER B 372 38.63 83.70 25.02
N GLY B 373 38.25 83.05 26.12
CA GLY B 373 38.18 83.73 27.40
C GLY B 373 38.41 82.82 28.58
N ASP B 374 38.74 83.44 29.71
CA ASP B 374 38.74 82.74 30.99
C ASP B 374 37.33 82.24 31.29
N ARG B 375 37.26 81.11 32.00
CA ARG B 375 35.96 80.46 32.19
C ARG B 375 35.01 81.34 33.01
N LEU B 376 35.50 81.91 34.11
CA LEU B 376 34.64 82.74 34.95
C LEU B 376 34.19 84.00 34.21
N GLU B 377 35.13 84.67 33.54
CA GLU B 377 34.78 85.88 32.79
C GLU B 377 33.77 85.57 31.70
N VAL B 378 33.94 84.44 31.01
CA VAL B 378 33.03 84.06 29.94
C VAL B 378 31.65 83.76 30.50
N GLN B 379 31.58 83.04 31.62
CA GLN B 379 30.28 82.79 32.24
C GLN B 379 29.59 84.09 32.61
N SER B 380 30.34 85.03 33.20
CA SER B 380 29.75 86.32 33.56
C SER B 380 29.22 87.04 32.33
N MET B 381 30.01 87.06 31.25
CA MET B 381 29.57 87.72 30.01
C MET B 381 28.29 87.10 29.49
N LEU B 382 28.26 85.78 29.34
CA LEU B 382 27.08 85.11 28.81
C LEU B 382 25.87 85.36 29.70
N LEU B 383 26.05 85.27 31.02
CA LEU B 383 24.94 85.45 31.94
C LEU B 383 24.39 86.87 31.85
N ARG B 384 25.27 87.87 31.76
CA ARG B 384 24.81 89.26 31.67
C ARG B 384 24.04 89.48 30.38
N ILE B 385 24.56 88.99 29.25
CA ILE B 385 23.86 89.17 27.98
C ILE B 385 22.49 88.50 28.02
N VAL B 386 22.45 87.26 28.52
CA VAL B 386 21.18 86.53 28.59
C VAL B 386 20.20 87.28 29.48
N ASP B 387 20.67 87.76 30.63
CA ASP B 387 19.78 88.43 31.57
C ASP B 387 19.20 89.69 30.96
N PHE B 388 20.02 90.48 30.27
CA PHE B 388 19.49 91.70 29.66
C PHE B 388 18.49 91.37 28.55
N LEU B 389 18.82 90.39 27.69
CA LEU B 389 17.91 90.06 26.60
C LEU B 389 16.59 89.55 27.12
N LYS B 390 16.60 88.80 28.23
CA LYS B 390 15.35 88.34 28.82
C LYS B 390 14.62 89.47 29.55
N ASN B 391 15.37 90.41 30.12
CA ASN B 391 14.73 91.51 30.86
C ASN B 391 13.98 92.44 29.90
N ARG B 392 14.54 92.67 28.72
CA ARG B 392 13.87 93.54 27.76
C ARG B 392 12.68 92.87 27.08
N GLY B 393 12.48 91.57 27.28
CA GLY B 393 11.43 90.86 26.56
C GLY B 393 11.81 90.49 25.15
N ILE B 394 13.10 90.36 24.87
CA ILE B 394 13.62 90.10 23.52
C ILE B 394 14.03 88.64 23.43
N THR B 395 13.77 88.02 22.29
CA THR B 395 14.16 86.62 22.08
C THR B 395 15.65 86.52 21.81
N GLY B 396 16.28 85.49 22.38
CA GLY B 396 17.72 85.33 22.19
C GLY B 396 18.14 83.94 21.78
N ILE B 397 18.62 83.78 20.55
CA ILE B 397 19.09 82.50 20.04
C ILE B 397 20.61 82.49 20.12
N PHE B 398 21.17 81.40 20.64
CA PHE B 398 22.61 81.26 20.86
C PHE B 398 23.05 79.95 20.24
N THR B 399 24.04 80.00 19.33
CA THR B 399 24.55 78.79 18.71
C THR B 399 25.87 78.40 19.37
N HIS B 400 26.02 77.12 19.68
CA HIS B 400 27.21 76.62 20.36
C HIS B 400 27.73 75.36 19.67
N LEU B 401 29.01 75.39 19.31
CA LEU B 401 29.69 74.22 18.77
C LEU B 401 29.95 73.21 19.88
N ALA B 402 30.27 71.99 19.47
CA ALA B 402 30.59 70.94 20.43
C ALA B 402 31.42 69.83 19.78
N THR B 409 33.80 70.81 28.37
CA THR B 409 32.77 70.30 29.28
C THR B 409 32.23 71.42 30.18
N THR B 410 31.87 72.55 29.56
CA THR B 410 31.18 73.64 30.24
C THR B 410 29.82 73.91 29.59
N ASP B 411 29.29 72.95 28.84
CA ASP B 411 28.06 73.14 28.07
C ASP B 411 26.82 72.88 28.90
N ALA B 412 26.89 71.97 29.87
CA ALA B 412 25.72 71.69 30.70
C ALA B 412 25.25 72.94 31.45
N GLY B 413 26.19 73.73 31.95
CA GLY B 413 25.81 74.97 32.61
C GLY B 413 25.11 75.94 31.68
N LEU B 414 25.63 76.07 30.45
CA LEU B 414 24.97 76.92 29.46
C LEU B 414 23.56 76.42 29.19
N SER B 415 23.39 75.10 29.10
CA SER B 415 22.07 74.54 28.90
C SER B 415 21.14 74.92 30.03
N SER B 416 21.62 74.84 31.27
CA SER B 416 20.79 75.24 32.41
C SER B 416 20.44 76.72 32.33
N LEU B 417 21.40 77.55 31.92
CA LEU B 417 21.12 78.98 31.79
C LEU B 417 20.01 79.23 30.77
N MET B 418 20.06 78.55 29.63
CA MET B 418 19.09 78.78 28.57
C MET B 418 17.81 78.00 28.85
N ASP B 419 16.69 78.60 28.44
CA ASP B 419 15.38 77.98 28.68
C ASP B 419 15.14 76.81 27.72
N GLY B 420 15.29 77.05 26.42
CA GLY B 420 15.08 76.03 25.42
C GLY B 420 16.39 75.47 24.90
N TRP B 421 16.38 74.18 24.54
CA TRP B 421 17.55 73.49 24.04
C TRP B 421 17.14 72.69 22.81
N VAL B 422 17.83 72.92 21.69
CA VAL B 422 17.45 72.36 20.39
C VAL B 422 18.73 71.76 19.80
N LEU B 423 18.97 70.49 20.05
CA LEU B 423 20.20 69.84 19.60
C LEU B 423 20.11 69.51 18.12
N MET B 424 21.22 69.73 17.40
CA MET B 424 21.31 69.44 15.98
C MET B 424 22.55 68.59 15.76
N LEU B 425 22.42 67.56 14.90
CA LEU B 425 23.46 66.56 14.74
C LEU B 425 23.63 66.23 13.25
N ASN B 426 24.88 65.91 12.89
CA ASN B 426 25.23 65.42 11.56
C ASN B 426 26.01 64.11 11.74
N ARG B 427 25.31 63.08 12.20
CA ARG B 427 25.97 61.84 12.58
C ARG B 427 26.28 60.99 11.36
N GLU B 428 27.13 59.99 11.54
CA GLU B 428 27.54 59.08 10.47
C GLU B 428 26.82 57.76 10.62
N VAL B 429 26.21 57.29 9.53
CA VAL B 429 25.42 56.06 9.53
C VAL B 429 25.91 55.22 8.36
N ASN B 430 26.88 54.33 8.63
CA ASN B 430 27.31 53.31 7.68
C ASN B 430 27.72 53.93 6.35
N GLY B 431 28.71 54.82 6.42
CA GLY B 431 29.23 55.44 5.22
C GLY B 431 28.42 56.60 4.68
N GLU B 432 27.55 57.18 5.51
CA GLU B 432 26.76 58.32 5.09
C GLU B 432 26.48 59.20 6.30
N PHE B 433 26.36 60.50 6.05
CA PHE B 433 26.15 61.49 7.11
C PHE B 433 24.69 61.94 7.06
N ASN B 434 23.93 61.57 8.08
CA ASN B 434 22.53 61.93 8.21
C ASN B 434 22.34 62.95 9.33
N ARG B 435 21.40 63.86 9.12
CA ARG B 435 21.19 64.99 10.00
C ARG B 435 19.92 64.80 10.82
N GLU B 436 20.02 65.06 12.13
CA GLU B 436 18.90 64.86 13.04
C GLU B 436 18.78 66.05 13.97
N LEU B 437 17.59 66.23 14.53
CA LEU B 437 17.29 67.33 15.43
C LEU B 437 16.42 66.83 16.57
N TYR B 438 16.73 67.31 17.78
CA TYR B 438 15.96 67.00 18.97
C TYR B 438 15.59 68.29 19.70
N LEU B 439 14.41 68.29 20.31
CA LEU B 439 14.01 69.31 21.28
C LEU B 439 14.27 68.72 22.67
N LEU B 440 15.35 69.16 23.31
CA LEU B 440 15.77 68.56 24.57
C LEU B 440 15.27 69.32 25.78
N LYS B 441 14.82 70.57 25.64
CA LYS B 441 14.33 71.31 26.78
C LYS B 441 13.39 72.42 26.33
N ALA B 442 12.28 72.56 27.06
CA ALA B 442 11.36 73.69 26.92
C ALA B 442 10.67 73.84 28.26
N ARG B 443 11.06 74.87 29.01
CA ARG B 443 10.72 74.92 30.44
C ARG B 443 9.21 74.90 30.65
N GLY B 444 8.48 75.75 29.94
CA GLY B 444 7.06 75.91 30.19
C GLY B 444 6.15 75.30 29.14
N MET B 445 6.61 74.23 28.49
CA MET B 445 5.83 73.58 27.44
C MET B 445 6.07 72.08 27.50
N ALA B 446 5.34 71.36 26.64
CA ALA B 446 5.59 69.94 26.37
C ALA B 446 6.11 69.82 24.95
N HIS B 447 7.25 69.16 24.79
CA HIS B 447 7.91 69.05 23.50
C HIS B 447 8.04 67.58 23.10
N SER B 448 8.36 67.37 21.83
CA SER B 448 8.58 66.02 21.31
C SER B 448 9.83 65.42 21.95
N ASN B 449 9.67 64.26 22.58
CA ASN B 449 10.79 63.50 23.11
C ASN B 449 11.35 62.52 22.08
N GLN B 450 11.17 62.80 20.80
CA GLN B 450 11.57 61.92 19.72
C GLN B 450 12.53 62.65 18.77
N VAL B 451 13.31 61.86 18.03
CA VAL B 451 14.19 62.43 17.02
C VAL B 451 13.37 62.96 15.85
N ARG B 452 13.99 63.83 15.06
CA ARG B 452 13.38 64.26 13.81
C ARG B 452 14.46 64.36 12.74
N GLU B 453 14.10 63.96 11.53
CA GLU B 453 15.04 63.95 10.41
C GLU B 453 15.18 65.36 9.83
N PHE B 454 16.38 65.93 9.92
CA PHE B 454 16.64 67.30 9.50
C PHE B 454 17.13 67.30 8.06
N LEU B 455 16.46 68.06 7.19
CA LEU B 455 16.80 68.14 5.78
C LEU B 455 16.95 69.60 5.38
N MET B 456 18.04 69.91 4.69
CA MET B 456 18.32 71.26 4.21
C MET B 456 18.18 71.26 2.70
N SER B 457 17.33 72.14 2.17
CA SER B 457 17.01 72.16 0.75
C SER B 457 16.87 73.60 0.28
N ASP B 458 16.89 73.78 -1.04
CA ASP B 458 16.68 75.10 -1.60
C ASP B 458 15.32 75.66 -1.22
N ARG B 459 14.32 74.78 -1.06
CA ARG B 459 13.00 75.22 -0.63
C ARG B 459 13.00 75.68 0.83
N GLY B 460 14.00 75.28 1.61
CA GLY B 460 14.11 75.70 3.00
C GLY B 460 14.58 74.55 3.86
N ILE B 461 14.36 74.70 5.16
CA ILE B 461 14.72 73.68 6.14
C ILE B 461 13.47 72.91 6.52
N SER B 462 13.59 71.58 6.57
CA SER B 462 12.45 70.71 6.79
C SER B 462 12.78 69.66 7.85
N LEU B 463 11.75 69.22 8.55
CA LEU B 463 11.85 68.16 9.54
C LEU B 463 10.83 67.09 9.22
N LEU B 464 11.26 65.84 9.18
CA LEU B 464 10.36 64.73 8.92
C LEU B 464 10.35 63.78 10.10
N PRO B 465 9.25 63.07 10.33
CA PRO B 465 9.14 62.23 11.52
C PRO B 465 9.89 60.92 11.35
N PRO B 466 10.22 60.24 12.44
CA PRO B 466 10.80 58.89 12.32
C PRO B 466 9.73 57.87 12.00
N HIS B 467 10.14 56.81 11.31
CA HIS B 467 9.22 55.73 10.97
C HIS B 467 9.16 54.79 12.18
N LEU B 468 8.14 55.01 13.02
CA LEU B 468 8.04 54.27 14.27
C LEU B 468 7.79 52.79 14.03
N GLY B 469 8.04 51.99 15.06
CA GLY B 469 7.89 50.56 14.96
C GLY B 469 9.23 49.84 15.02
N GLU B 470 9.39 48.81 14.20
CA GLU B 470 10.67 48.10 14.14
C GLU B 470 11.78 49.08 13.79
N GLY B 471 12.83 49.07 14.59
CA GLY B 471 13.88 50.09 14.46
C GLY B 471 13.47 51.42 15.05
N GLY B 472 12.32 51.93 14.63
CA GLY B 472 11.75 53.13 15.23
C GLY B 472 12.27 54.45 14.72
N ALA B 473 13.60 54.62 14.69
CA ALA B 473 14.22 55.89 14.33
C ALA B 473 15.41 55.60 13.40
N LEU B 474 15.10 55.32 12.13
CA LEU B 474 16.16 55.17 11.14
C LEU B 474 16.58 56.52 10.57
N THR B 475 15.60 57.36 10.24
CA THR B 475 15.84 58.75 9.84
C THR B 475 17.10 58.92 9.01
N GLY B 476 17.00 58.65 7.72
CA GLY B 476 18.12 58.79 6.81
C GLY B 476 18.00 57.78 5.67
N THR B 477 19.16 57.41 5.11
CA THR B 477 19.19 56.36 4.11
C THR B 477 18.66 55.04 4.68
N ALA B 478 18.72 54.86 6.00
CA ALA B 478 18.15 53.67 6.62
C ALA B 478 16.64 53.62 6.43
N ARG B 479 15.98 54.79 6.44
CA ARG B 479 14.54 54.81 6.14
C ARG B 479 14.28 54.29 4.73
N LYS B 480 15.06 54.76 3.76
CA LYS B 480 14.90 54.28 2.39
C LYS B 480 15.12 52.78 2.31
N ALA B 481 16.20 52.30 2.93
CA ALA B 481 16.51 50.87 2.89
C ALA B 481 15.40 50.05 3.52
N GLU B 482 14.86 50.49 4.66
CA GLU B 482 13.85 49.72 5.35
C GLU B 482 12.53 49.74 4.61
N GLU B 483 12.16 50.89 4.03
CA GLU B 483 10.94 50.93 3.24
C GLU B 483 11.05 50.05 2.01
N ALA B 484 12.24 50.03 1.38
CA ALA B 484 12.46 49.12 0.25
C ALA B 484 12.36 47.67 0.70
N ARG B 485 12.95 47.34 1.85
CA ARG B 485 12.83 45.99 2.39
C ARG B 485 11.38 45.60 2.58
N LEU B 486 10.59 46.49 3.18
CA LEU B 486 9.19 46.18 3.43
C LEU B 486 8.41 46.00 2.13
N ARG B 487 8.64 46.88 1.15
CA ARG B 487 7.96 46.76 -0.12
C ARG B 487 8.28 45.44 -0.81
N ARG B 488 9.57 45.11 -0.91
CA ARG B 488 9.96 43.87 -1.56
C ARG B 488 9.46 42.65 -0.79
N ALA B 489 9.39 42.74 0.55
CA ALA B 489 8.91 41.63 1.34
C ALA B 489 7.41 41.42 1.12
N GLU B 490 6.65 42.50 0.99
CA GLU B 490 5.23 42.36 0.70
C GLU B 490 5.02 41.78 -0.69
N ILE B 491 5.82 42.22 -1.67
CA ILE B 491 5.74 41.63 -3.01
C ILE B 491 6.01 40.13 -2.95
N GLU B 492 7.04 39.74 -2.18
CA GLU B 492 7.35 38.33 -2.03
C GLU B 492 6.19 37.58 -1.38
N ARG B 493 5.60 38.15 -0.33
CA ARG B 493 4.46 37.49 0.31
C ARG B 493 3.35 37.26 -0.69
N GLN B 494 3.04 38.26 -1.51
CA GLN B 494 1.97 38.12 -2.49
C GLN B 494 2.27 37.01 -3.49
N THR B 495 3.48 37.03 -4.08
CA THR B 495 3.81 36.02 -5.08
C THR B 495 3.84 34.62 -4.48
N GLU B 496 4.36 34.48 -3.27
CA GLU B 496 4.40 33.17 -2.62
C GLU B 496 3.01 32.68 -2.25
N LEU B 497 2.10 33.59 -1.87
CA LEU B 497 0.73 33.17 -1.63
C LEU B 497 0.07 32.68 -2.92
N GLY B 498 0.29 33.40 -4.02
CA GLY B 498 -0.23 32.92 -5.30
C GLY B 498 0.31 31.55 -5.68
N ARG B 499 1.61 31.35 -5.47
CA ARG B 499 2.22 30.06 -5.78
C ARG B 499 1.64 28.96 -4.89
N LEU B 500 1.50 29.23 -3.60
CA LEU B 500 0.89 28.26 -2.69
C LEU B 500 -0.51 27.90 -3.16
N GLN B 501 -1.28 28.89 -3.61
CA GLN B 501 -2.64 28.62 -4.04
C GLN B 501 -2.66 27.74 -5.29
N GLN B 502 -1.81 28.06 -6.27
CA GLN B 502 -1.82 27.26 -7.50
C GLN B 502 -1.37 25.83 -7.21
N GLN B 503 -0.39 25.66 -6.31
CA GLN B 503 0.04 24.31 -5.95
C GLN B 503 -1.07 23.57 -5.19
N ILE B 504 -1.78 24.26 -4.31
CA ILE B 504 -2.90 23.65 -3.60
C ILE B 504 -3.96 23.19 -4.60
N GLU B 505 -4.25 24.03 -5.59
CA GLU B 505 -5.21 23.66 -6.61
C GLU B 505 -4.78 22.39 -7.34
N GLN B 506 -3.51 22.34 -7.75
CA GLN B 506 -3.05 21.18 -8.51
C GLN B 506 -3.09 19.91 -7.66
N ARG B 507 -2.73 20.02 -6.38
CA ARG B 507 -2.79 18.84 -5.51
C ARG B 507 -4.23 18.41 -5.28
N ARG B 508 -5.15 19.37 -5.16
CA ARG B 508 -6.57 19.03 -5.03
C ARG B 508 -7.08 18.36 -6.29
N ARG B 509 -6.61 18.79 -7.46
CA ARG B 509 -6.96 18.12 -8.71
C ARG B 509 -6.45 16.68 -8.71
N ARG B 510 -5.21 16.48 -8.26
CA ARG B 510 -4.68 15.13 -8.09
C ARG B 510 -5.60 14.26 -7.23
N ALA B 511 -5.98 14.78 -6.06
CA ALA B 511 -6.80 13.98 -5.15
C ALA B 511 -8.19 13.72 -5.73
N ARG B 512 -8.77 14.71 -6.41
CA ARG B 512 -10.07 14.51 -7.04
C ARG B 512 -9.99 13.44 -8.12
N ALA B 513 -8.90 13.42 -8.88
CA ALA B 513 -8.74 12.41 -9.91
C ALA B 513 -8.62 11.02 -9.29
N GLN B 514 -7.87 10.89 -8.21
CA GLN B 514 -7.77 9.59 -7.53
C GLN B 514 -9.13 9.17 -6.98
N ILE B 515 -9.92 10.12 -6.50
CA ILE B 515 -11.27 9.80 -6.00
C ILE B 515 -12.14 9.28 -7.15
N GLU B 516 -12.06 9.94 -8.30
CA GLU B 516 -12.80 9.45 -9.47
C GLU B 516 -12.37 8.04 -9.85
N ALA B 517 -11.07 7.77 -9.77
CA ALA B 517 -10.57 6.43 -10.07
C ALA B 517 -11.19 5.40 -9.14
N LEU B 518 -11.20 5.71 -7.84
CA LEU B 518 -11.79 4.79 -6.87
C LEU B 518 -13.26 4.55 -7.17
N GLU B 519 -14.00 5.62 -7.46
CA GLU B 519 -15.44 5.48 -7.72
C GLU B 519 -15.69 4.63 -8.96
N ALA B 520 -14.90 4.84 -10.02
CA ALA B 520 -15.08 4.07 -11.24
C ALA B 520 -14.75 2.60 -11.01
N GLU B 521 -13.69 2.32 -10.24
CA GLU B 521 -13.39 0.93 -9.91
C GLU B 521 -14.54 0.28 -9.13
N LEU B 522 -15.15 1.04 -8.22
CA LEU B 522 -16.32 0.52 -7.50
C LEU B 522 -17.44 0.16 -8.46
N GLN B 523 -17.74 1.05 -9.41
CA GLN B 523 -18.78 0.76 -10.39
C GLN B 523 -18.47 -0.51 -11.18
N ALA B 524 -17.21 -0.64 -11.62
CA ALA B 524 -16.83 -1.82 -12.39
C ALA B 524 -16.99 -3.09 -11.57
N GLU B 525 -16.66 -3.03 -10.27
CA GLU B 525 -16.85 -4.20 -9.41
C GLU B 525 -18.32 -4.57 -9.30
N GLU B 526 -19.19 -3.56 -9.14
CA GLU B 526 -20.63 -3.80 -9.16
C GLU B 526 -21.03 -4.57 -10.41
N ILE B 527 -20.58 -4.08 -11.57
CA ILE B 527 -20.95 -4.70 -12.84
C ILE B 527 -20.44 -6.14 -12.88
N ALA B 528 -19.24 -6.39 -12.36
CA ALA B 528 -18.70 -7.74 -12.35
C ALA B 528 -19.54 -8.67 -11.49
N LEU B 529 -20.04 -8.16 -10.36
CA LEU B 529 -20.89 -9.00 -9.51
C LEU B 529 -22.20 -9.35 -10.22
N LYS B 530 -22.82 -8.37 -10.87
CA LYS B 530 -24.01 -8.67 -11.66
C LYS B 530 -23.69 -9.73 -12.72
N ALA B 531 -22.53 -9.61 -13.38
CA ALA B 531 -22.15 -10.57 -14.40
C ALA B 531 -21.98 -11.97 -13.81
N LEU B 532 -21.42 -12.05 -12.60
CA LEU B 532 -21.26 -13.35 -11.95
C LEU B 532 -22.61 -13.97 -11.63
N VAL B 533 -23.57 -13.16 -11.18
CA VAL B 533 -24.93 -13.66 -10.96
C VAL B 533 -25.50 -14.21 -12.25
N GLU B 534 -25.32 -13.48 -13.36
CA GLU B 534 -25.82 -13.96 -14.65
C GLU B 534 -25.16 -15.27 -15.04
N SER B 535 -23.84 -15.38 -14.86
CA SER B 535 -23.14 -16.61 -15.20
C SER B 535 -23.63 -17.78 -14.37
N GLU B 536 -23.87 -17.56 -13.07
CA GLU B 536 -24.47 -18.59 -12.24
C GLU B 536 -25.83 -19.01 -12.80
N SER B 537 -26.63 -18.03 -13.23
CA SER B 537 -27.88 -18.37 -13.91
C SER B 537 -27.63 -19.26 -15.11
N ALA B 538 -26.55 -19.02 -15.84
CA ALA B 538 -26.18 -19.85 -16.98
C ALA B 538 -25.78 -21.24 -16.52
N GLY C 4 76.47 99.52 4.96
CA GLY C 4 76.36 99.01 6.32
C GLY C 4 77.36 99.66 7.26
N ILE C 5 77.85 98.89 8.23
CA ILE C 5 78.84 99.36 9.20
C ILE C 5 79.90 98.28 9.39
N GLY C 6 81.06 98.72 9.85
CA GLY C 6 82.18 97.79 10.01
C GLY C 6 82.03 96.92 11.25
N LYS C 7 82.43 95.66 11.12
CA LYS C 7 82.38 94.69 12.20
C LYS C 7 83.74 94.07 12.41
N SER C 8 84.12 93.92 13.67
CA SER C 8 85.38 93.24 14.03
C SER C 8 85.05 91.89 14.63
N PRO C 9 85.32 90.77 13.94
CA PRO C 9 84.91 89.47 14.47
C PRO C 9 85.54 89.19 15.83
N THR C 10 84.73 88.68 16.75
CA THR C 10 85.21 88.27 18.07
C THR C 10 85.82 86.88 18.06
N GLY C 11 85.82 86.20 16.91
CA GLY C 11 86.26 84.82 16.86
C GLY C 11 85.34 83.83 17.54
N ILE C 12 84.23 84.29 18.09
CA ILE C 12 83.29 83.43 18.82
C ILE C 12 82.20 83.04 17.82
N GLN C 13 82.37 81.89 17.18
CA GLN C 13 81.36 81.40 16.25
C GLN C 13 80.00 81.35 16.96
N GLY C 14 78.93 81.45 16.18
CA GLY C 14 77.61 81.60 16.74
C GLY C 14 77.35 83.05 17.14
N PHE C 15 78.18 83.58 18.03
CA PHE C 15 78.08 84.99 18.38
C PHE C 15 78.34 85.88 17.17
N ASP C 16 79.34 85.52 16.36
CA ASP C 16 79.62 86.30 15.15
C ASP C 16 78.45 86.25 14.18
N GLU C 17 77.84 85.08 14.03
CA GLU C 17 76.69 84.95 13.15
C GLU C 17 75.51 85.76 13.66
N LEU C 18 75.34 85.81 14.99
CA LEU C 18 74.22 86.57 15.56
C LEU C 18 74.45 88.06 15.44
N THR C 19 75.69 88.51 15.65
CA THR C 19 76.04 89.91 15.45
C THR C 19 76.27 90.25 13.98
N LEU C 20 76.07 89.29 13.07
CA LEU C 20 76.22 89.49 11.64
C LEU C 20 77.66 89.81 11.26
N GLY C 21 78.62 89.27 12.02
CA GLY C 21 80.03 89.49 11.74
C GLY C 21 80.86 89.66 12.99
N GLY C 22 80.47 90.61 13.85
CA GLY C 22 81.20 90.85 15.07
C GLY C 22 80.73 92.13 15.73
N LEU C 23 81.53 92.56 16.72
CA LEU C 23 81.23 93.77 17.45
C LEU C 23 81.45 95.00 16.58
N PRO C 24 80.92 96.15 16.97
CA PRO C 24 81.13 97.37 16.18
C PRO C 24 82.59 97.81 16.26
N THR C 25 83.16 98.11 15.09
CA THR C 25 84.57 98.49 15.02
C THR C 25 84.75 99.93 15.50
N GLY C 26 85.76 100.13 16.35
CA GLY C 26 86.07 101.46 16.85
C GLY C 26 84.92 102.12 17.57
N ARG C 27 84.32 101.42 18.54
CA ARG C 27 83.18 101.94 19.26
C ARG C 27 83.17 101.34 20.66
N PRO C 28 82.49 102.00 21.61
CA PRO C 28 82.35 101.42 22.96
C PRO C 28 81.29 100.32 22.99
N SER C 29 81.66 99.18 23.58
CA SER C 29 80.78 98.03 23.72
C SER C 29 80.86 97.54 25.17
N LEU C 30 79.71 97.29 25.77
CA LEU C 30 79.62 96.93 27.18
C LEU C 30 79.29 95.44 27.33
N VAL C 31 79.91 94.82 28.33
CA VAL C 31 79.69 93.42 28.67
C VAL C 31 79.09 93.37 30.07
N CYS C 32 77.77 93.57 30.16
CA CYS C 32 77.10 93.64 31.45
C CYS C 32 76.78 92.24 31.97
N GLY C 33 76.57 92.15 33.27
CA GLY C 33 76.23 90.91 33.92
C GLY C 33 76.79 90.86 35.33
N SER C 34 76.20 89.99 36.15
CA SER C 34 76.66 89.80 37.51
C SER C 34 77.91 88.94 37.54
N ALA C 35 78.40 88.66 38.74
CA ALA C 35 79.62 87.87 38.89
C ALA C 35 79.44 86.47 38.30
N GLY C 36 80.50 85.96 37.69
CA GLY C 36 80.49 84.63 37.13
C GLY C 36 79.87 84.52 35.75
N CYS C 37 79.34 85.61 35.20
CA CYS C 37 78.65 85.53 33.91
C CYS C 37 79.62 85.26 32.76
N GLY C 38 80.84 85.75 32.85
CA GLY C 38 81.84 85.57 31.83
C GLY C 38 82.26 86.84 31.09
N LYS C 39 82.13 88.01 31.71
CA LYS C 39 82.41 89.25 31.01
C LYS C 39 83.90 89.42 30.73
N THR C 40 84.72 89.29 31.77
CA THR C 40 86.15 89.47 31.58
C THR C 40 86.72 88.44 30.61
N LEU C 41 86.22 87.20 30.67
CA LEU C 41 86.69 86.19 29.74
C LEU C 41 86.22 86.46 28.33
N PHE C 42 85.00 86.99 28.18
CA PHE C 42 84.52 87.37 26.85
C PHE C 42 85.43 88.43 26.23
N ALA C 43 85.82 89.43 27.02
CA ALA C 43 86.71 90.47 26.48
C ALA C 43 88.11 89.92 26.25
N SER C 44 88.60 89.05 27.14
CA SER C 44 89.89 88.43 26.94
C SER C 44 89.92 87.64 25.64
N THR C 45 88.84 86.92 25.34
CA THR C 45 88.77 86.17 24.09
C THR C 45 88.67 87.11 22.91
N PHE C 46 87.92 88.21 23.03
CA PHE C 46 87.94 89.25 22.02
C PHE C 46 89.38 89.58 21.63
N LEU C 47 90.18 89.98 22.64
CA LEU C 47 91.55 90.38 22.37
C LEU C 47 92.37 89.23 21.78
N ILE C 48 92.30 88.05 22.39
CA ILE C 48 93.20 86.97 22.00
C ILE C 48 92.85 86.46 20.61
N ASN C 49 91.55 86.39 20.28
CA ASN C 49 91.16 86.00 18.93
C ASN C 49 91.58 87.04 17.91
N GLY C 50 91.38 88.33 18.23
CA GLY C 50 91.86 89.37 17.33
C GLY C 50 93.36 89.26 17.08
N VAL C 51 94.11 88.85 18.09
CA VAL C 51 95.56 88.74 17.95
C VAL C 51 95.93 87.52 17.12
N ARG C 52 95.34 86.37 17.42
CA ARG C 52 95.77 85.12 16.81
C ARG C 52 95.11 84.91 15.44
N ASP C 53 93.78 84.86 15.40
CA ASP C 53 93.10 84.51 14.16
C ASP C 53 93.35 85.55 13.07
N HIS C 54 93.23 86.83 13.42
CA HIS C 54 93.25 87.91 12.43
C HIS C 54 94.47 88.80 12.54
N GLY C 55 95.42 88.50 13.41
CA GLY C 55 96.62 89.32 13.52
C GLY C 55 96.34 90.76 13.85
N GLU C 56 95.33 91.02 14.69
CA GLU C 56 94.97 92.37 15.10
C GLU C 56 95.38 92.58 16.55
N PRO C 57 96.42 93.37 16.84
CA PRO C 57 96.93 93.40 18.22
C PRO C 57 96.01 94.12 19.20
N GLY C 58 96.27 93.88 20.47
CA GLY C 58 95.33 94.27 21.51
C GLY C 58 96.00 94.70 22.80
N VAL C 59 95.30 95.54 23.55
CA VAL C 59 95.73 95.99 24.87
C VAL C 59 94.58 95.78 25.85
N PHE C 60 94.94 95.42 27.08
CA PHE C 60 94.00 95.13 28.16
C PHE C 60 94.37 95.99 29.35
N VAL C 61 93.38 96.59 29.99
CA VAL C 61 93.57 97.39 31.19
C VAL C 61 92.79 96.73 32.31
N THR C 62 93.49 96.27 33.33
CA THR C 62 92.90 95.70 34.54
C THR C 62 93.09 96.74 35.65
N PHE C 63 92.07 97.58 35.84
CA PHE C 63 92.20 98.72 36.73
C PHE C 63 92.47 98.29 38.17
N GLU C 64 92.03 97.09 38.54
CA GLU C 64 92.18 96.61 39.91
C GLU C 64 92.92 95.29 40.00
N GLU C 65 92.48 94.27 39.26
CA GLU C 65 93.13 92.96 39.35
C GLU C 65 94.52 93.01 38.73
N ARG C 66 95.42 92.19 39.27
CA ARG C 66 96.80 92.18 38.83
C ARG C 66 96.93 91.42 37.50
N PRO C 67 97.99 91.68 36.74
CA PRO C 67 98.08 91.09 35.39
C PRO C 67 98.37 89.59 35.39
N GLU C 68 99.20 89.14 36.33
CA GLU C 68 99.50 87.71 36.42
C GLU C 68 98.23 86.90 36.62
N ASP C 69 97.24 87.47 37.32
CA ASP C 69 95.98 86.77 37.51
C ASP C 69 95.27 86.54 36.18
N ILE C 70 95.36 87.49 35.25
CA ILE C 70 94.78 87.29 33.93
C ILE C 70 95.48 86.14 33.23
N VAL C 71 96.83 86.16 33.26
CA VAL C 71 97.57 85.07 32.63
C VAL C 71 97.12 83.73 33.20
N ASN C 72 97.03 83.64 34.53
CA ASN C 72 96.67 82.38 35.16
C ASN C 72 95.24 81.97 34.83
N ASN C 73 94.31 82.93 34.82
CA ASN C 73 92.92 82.62 34.54
C ASN C 73 92.77 82.05 33.13
N VAL C 74 93.50 82.59 32.16
CA VAL C 74 93.42 82.08 30.79
C VAL C 74 94.38 80.91 30.56
N ALA C 75 95.20 80.56 31.55
CA ALA C 75 96.12 79.43 31.39
C ALA C 75 95.35 78.12 31.16
N SER C 76 94.44 77.77 32.07
CA SER C 76 93.73 76.51 31.96
C SER C 76 92.89 76.42 30.70
N LEU C 77 92.47 77.56 30.14
CA LEU C 77 91.71 77.56 28.91
C LEU C 77 92.55 77.24 27.68
N GLY C 78 93.86 77.09 27.84
CA GLY C 78 94.75 76.83 26.72
C GLY C 78 95.36 78.07 26.10
N PHE C 79 94.81 79.25 26.37
CA PHE C 79 95.35 80.48 25.83
C PHE C 79 96.73 80.74 26.43
N GLU C 80 97.64 81.28 25.62
CA GLU C 80 99.03 81.51 26.04
C GLU C 80 99.33 83.01 25.98
N LEU C 81 98.73 83.72 26.93
CA LEU C 81 98.93 85.17 27.04
C LEU C 81 100.40 85.51 27.24
N ASP C 82 101.14 84.65 27.96
CA ASP C 82 102.56 84.87 28.14
C ASP C 82 103.27 84.92 26.78
N LYS C 83 103.03 83.91 25.94
CA LYS C 83 103.65 83.86 24.63
C LYS C 83 103.28 85.11 23.81
N LEU C 84 102.00 85.48 23.83
CA LEU C 84 101.59 86.64 23.04
C LEU C 84 102.30 87.90 23.50
N ILE C 85 102.27 88.19 24.80
CA ILE C 85 102.90 89.41 25.29
C ILE C 85 104.41 89.36 25.09
N GLU C 86 105.00 88.17 25.11
CA GLU C 86 106.42 88.05 24.81
C GLU C 86 106.69 88.45 23.36
N GLU C 87 105.78 88.08 22.45
CA GLU C 87 105.93 88.44 21.05
C GLU C 87 105.44 89.84 20.74
N GLU C 88 104.93 90.58 21.73
CA GLU C 88 104.58 92.00 21.58
C GLU C 88 103.29 92.17 20.77
N LYS C 89 102.31 91.30 21.02
CA LYS C 89 101.02 91.35 20.35
C LYS C 89 99.88 91.77 21.27
N ILE C 90 100.06 91.58 22.58
CA ILE C 90 99.04 91.84 23.57
C ILE C 90 99.68 92.59 24.73
N ALA C 91 98.91 93.50 25.33
CA ALA C 91 99.40 94.32 26.44
C ALA C 91 98.48 94.17 27.63
N ILE C 92 99.04 94.42 28.82
CA ILE C 92 98.29 94.40 30.07
C ILE C 92 98.77 95.55 30.95
N GLU C 93 97.83 96.34 31.47
CA GLU C 93 98.14 97.49 32.30
C GLU C 93 97.38 97.40 33.61
N HIS C 94 97.95 98.04 34.65
CA HIS C 94 97.38 98.04 35.99
C HIS C 94 97.21 99.47 36.46
N ILE C 95 96.11 99.75 37.15
CA ILE C 95 95.82 101.09 37.62
C ILE C 95 95.17 101.03 39.00
N ASP C 109 93.02 113.03 39.74
CA ASP C 109 93.60 113.31 38.44
C ASP C 109 93.15 112.28 37.41
N LEU C 110 92.86 112.74 36.19
CA LEU C 110 92.42 111.87 35.11
C LEU C 110 93.43 111.78 33.98
N GLU C 111 94.49 112.58 34.00
CA GLU C 111 95.47 112.57 32.90
C GLU C 111 96.36 111.33 32.95
N GLY C 112 96.65 110.82 34.14
CA GLY C 112 97.51 109.65 34.25
C GLY C 112 96.96 108.45 33.52
N LEU C 113 95.63 108.30 33.49
CA LEU C 113 95.03 107.19 32.77
C LEU C 113 95.38 107.25 31.29
N PHE C 114 95.19 108.41 30.66
CA PHE C 114 95.54 108.56 29.25
C PHE C 114 97.03 108.41 29.03
N LEU C 115 97.84 108.92 29.96
CA LEU C 115 99.29 108.79 29.85
C LEU C 115 99.69 107.32 29.80
N ARG C 116 99.14 106.50 30.70
CA ARG C 116 99.43 105.08 30.69
C ARG C 116 98.82 104.39 29.47
N LEU C 117 97.69 104.89 28.97
CA LEU C 117 97.00 104.23 27.87
C LEU C 117 97.77 104.37 26.57
N GLU C 118 98.26 105.57 26.27
CA GLU C 118 98.87 105.82 24.96
C GLU C 118 100.14 105.00 24.79
N LEU C 119 100.98 104.95 25.82
CA LEU C 119 102.21 104.16 25.75
C LEU C 119 101.90 102.71 25.36
N ALA C 120 100.95 102.09 26.08
CA ALA C 120 100.62 100.70 25.80
C ALA C 120 100.02 100.54 24.40
N ILE C 121 99.13 101.45 24.02
CA ILE C 121 98.52 101.39 22.69
C ILE C 121 99.61 101.33 21.62
N ASP C 122 100.48 102.34 21.62
CA ASP C 122 101.48 102.44 20.57
C ASP C 122 102.65 101.47 20.73
N THR C 123 102.84 100.89 21.91
CA THR C 123 103.96 99.98 22.11
C THR C 123 103.77 98.70 21.31
N VAL C 124 102.60 98.08 21.42
CA VAL C 124 102.28 96.89 20.64
C VAL C 124 101.54 97.21 19.36
N GLY C 125 101.21 98.48 19.11
CA GLY C 125 100.62 98.85 17.85
C GLY C 125 99.31 98.12 17.63
N ALA C 126 98.38 98.29 18.57
CA ALA C 126 97.15 97.53 18.61
C ALA C 126 95.98 98.40 18.17
N LYS C 127 94.91 97.71 17.77
CA LYS C 127 93.64 98.36 17.45
C LYS C 127 92.49 97.87 18.34
N ARG C 128 92.69 96.82 19.13
CA ARG C 128 91.66 96.35 20.04
C ARG C 128 92.00 96.76 21.47
N VAL C 129 91.01 97.29 22.19
CA VAL C 129 91.18 97.80 23.54
C VAL C 129 90.13 97.14 24.44
N VAL C 130 90.57 96.66 25.60
CA VAL C 130 89.66 96.11 26.60
C VAL C 130 89.90 96.83 27.92
N LEU C 131 88.82 97.21 28.59
CA LEU C 131 88.87 97.84 29.90
C LEU C 131 88.09 96.97 30.88
N ASP C 132 88.64 96.77 32.07
CA ASP C 132 88.02 95.90 33.07
C ASP C 132 88.04 96.57 34.43
N THR C 133 87.02 96.26 35.23
CA THR C 133 86.88 96.78 36.59
C THR C 133 86.91 98.31 36.62
N ILE C 134 86.34 98.93 35.57
CA ILE C 134 86.29 100.39 35.52
C ILE C 134 85.30 100.95 36.54
N GLU C 135 84.32 100.15 36.95
CA GLU C 135 83.38 100.60 37.97
C GLU C 135 84.10 100.89 39.28
N SER C 136 85.10 100.07 39.62
CA SER C 136 85.88 100.34 40.82
C SER C 136 86.67 101.64 40.70
N LEU C 137 87.26 101.89 39.53
CA LEU C 137 87.94 103.15 39.30
C LEU C 137 87.00 104.33 39.51
N PHE C 138 85.78 104.23 38.97
CA PHE C 138 84.81 105.30 39.18
C PHE C 138 84.47 105.45 40.65
N SER C 139 84.13 104.35 41.32
CA SER C 139 83.76 104.36 42.73
C SER C 139 82.64 105.36 43.00
N ASN C 143 75.15 111.07 42.58
CA ASN C 143 76.05 112.05 41.99
C ASN C 143 76.38 111.67 40.55
N PRO C 144 75.42 111.87 39.63
CA PRO C 144 75.60 111.40 38.25
C PRO C 144 76.64 112.17 37.45
N ALA C 145 76.94 113.42 37.81
CA ALA C 145 77.69 114.29 36.93
C ALA C 145 79.10 113.77 36.67
N ILE C 146 79.90 113.63 37.73
CA ILE C 146 81.28 113.17 37.60
C ILE C 146 81.34 111.91 36.73
N LEU C 147 80.54 110.91 37.10
CA LEU C 147 80.58 109.61 36.45
C LEU C 147 80.22 109.72 34.97
N ARG C 148 79.04 110.25 34.68
CA ARG C 148 78.58 110.38 33.30
C ARG C 148 79.59 111.13 32.43
N ALA C 149 80.04 112.28 32.93
CA ALA C 149 80.94 113.12 32.14
C ALA C 149 82.24 112.39 31.81
N GLU C 150 82.88 111.80 32.83
CA GLU C 150 84.15 111.14 32.58
C GLU C 150 83.99 109.93 31.67
N ILE C 151 82.88 109.20 31.81
CA ILE C 151 82.60 108.09 30.90
C ILE C 151 82.62 108.59 29.47
N ARG C 152 81.78 109.59 29.17
CA ARG C 152 81.69 110.06 27.79
C ARG C 152 83.02 110.59 27.30
N ARG C 153 83.78 111.28 28.16
CA ARG C 153 85.08 111.80 27.76
C ARG C 153 86.01 110.68 27.29
N LEU C 154 86.15 109.64 28.12
CA LEU C 154 87.07 108.57 27.77
C LEU C 154 86.64 107.86 26.49
N PHE C 155 85.33 107.61 26.35
CA PHE C 155 84.86 106.95 25.14
C PHE C 155 85.14 107.82 23.91
N ASP C 156 84.97 109.13 24.04
CA ASP C 156 85.26 110.03 22.92
C ASP C 156 86.73 109.95 22.53
N TRP C 157 87.63 109.94 23.51
CA TRP C 157 89.06 109.88 23.16
C TRP C 157 89.40 108.56 22.49
N LEU C 158 88.85 107.45 22.99
CA LEU C 158 89.12 106.17 22.35
C LEU C 158 88.60 106.15 20.91
N LYS C 159 87.39 106.67 20.69
CA LYS C 159 86.89 106.81 19.33
C LYS C 159 87.87 107.60 18.47
N GLU C 160 88.33 108.74 18.96
CA GLU C 160 89.28 109.56 18.21
C GLU C 160 90.48 108.72 17.78
N ARG C 161 91.09 108.01 18.74
CA ARG C 161 92.23 107.16 18.40
C ARG C 161 91.84 106.00 17.49
N GLY C 162 90.55 105.74 17.32
CA GLY C 162 90.12 104.69 16.41
C GLY C 162 90.19 103.31 16.98
N LEU C 163 90.09 103.19 18.30
CA LEU C 163 90.29 101.92 18.99
C LEU C 163 88.95 101.22 19.19
N THR C 164 88.88 99.93 18.82
CA THR C 164 87.66 99.16 19.06
C THR C 164 87.65 98.74 20.53
N THR C 165 86.68 99.25 21.28
CA THR C 165 86.70 99.20 22.73
C THR C 165 85.66 98.23 23.27
N VAL C 166 86.06 97.45 24.27
CA VAL C 166 85.15 96.56 25.00
C VAL C 166 85.36 96.81 26.48
N ILE C 167 84.29 97.26 27.16
CA ILE C 167 84.35 97.66 28.57
C ILE C 167 83.54 96.67 29.39
N THR C 168 84.12 96.23 30.50
CA THR C 168 83.42 95.36 31.44
C THR C 168 82.44 96.19 32.28
N ALA C 169 81.29 95.59 32.57
CA ALA C 169 80.26 96.23 33.37
C ALA C 169 79.61 95.19 34.26
N GLU C 170 79.44 95.51 35.54
CA GLU C 170 78.84 94.62 36.51
C GLU C 170 77.56 95.25 37.06
N ARG C 171 76.58 94.41 37.34
CA ARG C 171 75.21 94.87 37.61
C ARG C 171 74.56 94.03 38.71
N GLY C 172 75.23 93.97 39.86
CA GLY C 172 74.66 93.21 40.97
C GLY C 172 73.35 93.78 41.46
N ASP C 173 73.30 95.11 41.63
CA ASP C 173 72.12 95.74 42.20
C ASP C 173 71.06 96.00 41.13
N GLY C 174 71.46 96.48 39.95
CA GLY C 174 70.54 96.89 38.93
C GLY C 174 70.45 95.90 37.77
N ALA C 175 69.62 96.28 36.79
CA ALA C 175 69.36 95.42 35.65
C ALA C 175 70.46 95.47 34.60
N LEU C 176 71.27 96.53 34.58
CA LEU C 176 72.33 96.66 33.59
C LEU C 176 73.65 97.17 34.15
N THR C 177 73.66 98.04 35.14
CA THR C 177 74.91 98.48 35.77
C THR C 177 74.65 98.72 37.25
N ARG C 178 75.75 98.74 38.01
CA ARG C 178 75.65 98.98 39.45
C ARG C 178 75.08 100.37 39.74
N GLN C 179 75.56 101.38 39.01
CA GLN C 179 75.09 102.75 39.23
C GLN C 179 73.75 103.00 38.56
N GLY C 180 73.48 102.36 37.41
CA GLY C 180 72.22 102.48 36.72
C GLY C 180 72.22 103.46 35.57
N LEU C 181 73.26 104.28 35.43
CA LEU C 181 73.32 105.29 34.38
C LEU C 181 74.56 105.15 33.49
N GLU C 182 75.43 104.18 33.76
CA GLU C 182 76.63 104.02 32.93
C GLU C 182 76.30 103.41 31.58
N GLU C 183 75.29 102.53 31.51
CA GLU C 183 75.06 101.76 30.30
C GLU C 183 74.66 102.65 29.14
N TYR C 184 73.79 103.63 29.39
CA TYR C 184 73.17 104.37 28.29
C TYR C 184 74.18 105.11 27.42
N VAL C 185 75.39 105.36 27.93
CA VAL C 185 76.37 106.13 27.15
C VAL C 185 77.01 105.31 26.04
N SER C 186 76.98 103.98 26.14
CA SER C 186 77.68 103.14 25.18
C SER C 186 76.90 103.01 23.87
N ASP C 187 77.61 102.56 22.84
CA ASP C 187 77.00 102.33 21.53
C ASP C 187 76.61 100.87 21.31
N CYS C 188 77.32 99.93 21.91
CA CYS C 188 76.94 98.52 21.85
C CYS C 188 76.76 97.98 23.27
N VAL C 189 75.73 97.16 23.46
CA VAL C 189 75.40 96.60 24.76
C VAL C 189 75.20 95.10 24.60
N ILE C 190 75.82 94.30 25.49
CA ILE C 190 75.63 92.86 25.50
C ILE C 190 75.54 92.41 26.95
N LEU C 191 74.47 91.69 27.28
CA LEU C 191 74.22 91.25 28.64
C LEU C 191 74.43 89.74 28.75
N LEU C 192 75.14 89.33 29.80
CA LEU C 192 75.38 87.93 30.11
C LEU C 192 74.67 87.60 31.42
N ASP C 193 74.12 86.39 31.50
CA ASP C 193 73.32 85.97 32.64
C ASP C 193 73.62 84.51 32.95
N HIS C 194 73.44 84.14 34.21
CA HIS C 194 73.61 82.76 34.67
C HIS C 194 72.40 82.42 35.55
N ARG C 195 71.41 81.74 34.97
CA ARG C 195 70.21 81.39 35.70
C ARG C 195 70.30 79.96 36.20
N VAL C 196 69.51 79.65 37.23
CA VAL C 196 69.55 78.33 37.84
C VAL C 196 68.15 77.89 38.24
N GLU C 197 67.24 77.84 37.27
CA GLU C 197 65.93 77.28 37.53
C GLU C 197 66.05 75.80 37.89
N ASN C 198 65.09 75.32 38.67
CA ASN C 198 65.20 73.98 39.25
C ASN C 198 66.52 73.88 40.03
N GLN C 199 67.44 73.05 39.55
CA GLN C 199 68.80 73.02 40.09
C GLN C 199 69.87 73.18 39.03
N ILE C 200 69.59 72.85 37.76
CA ILE C 200 70.57 73.02 36.71
C ILE C 200 70.72 74.50 36.40
N SER C 201 71.94 74.90 36.02
CA SER C 201 72.27 76.28 35.71
C SER C 201 72.66 76.41 34.25
N THR C 202 72.21 77.48 33.62
CA THR C 202 72.51 77.77 32.22
C THR C 202 72.99 79.20 32.06
N ARG C 203 73.96 79.37 31.16
CA ARG C 203 74.56 80.66 30.85
C ARG C 203 74.00 81.18 29.53
N ARG C 204 73.53 82.42 29.55
CA ARG C 204 72.81 82.99 28.42
C ARG C 204 73.37 84.37 28.08
N LEU C 205 73.31 84.72 26.80
CA LEU C 205 73.80 85.99 26.30
C LEU C 205 72.71 86.63 25.44
N ARG C 206 72.63 87.95 25.50
CA ARG C 206 71.65 88.68 24.72
C ARG C 206 72.21 90.04 24.34
N ILE C 207 71.68 90.61 23.26
CA ILE C 207 72.08 91.92 22.77
C ILE C 207 70.93 92.87 23.04
N VAL C 208 71.08 93.71 24.06
CA VAL C 208 70.06 94.71 24.36
C VAL C 208 70.02 95.75 23.24
N LYS C 209 71.17 96.30 22.88
CA LYS C 209 71.26 97.34 21.87
C LYS C 209 72.52 97.14 21.04
N TYR C 210 72.41 97.39 19.73
CA TYR C 210 73.53 97.31 18.79
C TYR C 210 73.16 98.23 17.62
N ARG C 211 73.36 99.54 17.84
CA ARG C 211 72.92 100.53 16.86
C ARG C 211 73.67 100.36 15.54
N GLY C 212 72.94 100.54 14.44
CA GLY C 212 73.52 100.53 13.12
C GLY C 212 73.51 99.19 12.42
N THR C 213 72.95 98.15 13.03
CA THR C 213 72.95 96.83 12.42
C THR C 213 71.76 96.03 12.96
N ALA C 214 71.56 94.86 12.36
CA ALA C 214 70.59 93.88 12.84
C ALA C 214 71.34 92.75 13.52
N HIS C 215 70.74 92.20 14.57
CA HIS C 215 71.38 91.17 15.38
C HIS C 215 70.33 90.17 15.84
N GLY C 216 70.72 89.31 16.77
CA GLY C 216 69.80 88.35 17.36
C GLY C 216 69.22 88.83 18.67
N THR C 217 68.00 89.34 18.63
CA THR C 217 67.38 89.86 19.84
C THR C 217 67.13 88.75 20.86
N ASN C 218 66.89 87.53 20.39
CA ASN C 218 66.61 86.43 21.30
C ASN C 218 67.80 86.15 22.20
N GLU C 219 67.53 85.54 23.35
CA GLU C 219 68.58 85.03 24.21
C GLU C 219 69.25 83.83 23.54
N TYR C 220 70.49 83.54 23.96
CA TYR C 220 71.22 82.44 23.37
C TYR C 220 72.10 81.76 24.39
N PRO C 221 72.08 80.43 24.48
CA PRO C 221 72.90 79.74 25.49
C PRO C 221 74.34 79.60 25.04
N PHE C 222 75.25 79.81 25.97
CA PHE C 222 76.67 79.60 25.71
C PHE C 222 77.30 78.79 26.82
N LEU C 223 78.38 78.11 26.49
CA LEU C 223 79.13 77.31 27.44
C LEU C 223 80.57 77.81 27.54
N ILE C 224 81.06 77.89 28.78
CA ILE C 224 82.44 78.27 29.08
C ILE C 224 83.23 77.02 29.41
N ASP C 225 83.42 76.15 28.42
CA ASP C 225 84.22 74.95 28.63
C ASP C 225 85.71 75.28 28.50
N THR C 226 86.55 74.26 28.66
CA THR C 226 87.99 74.46 28.56
C THR C 226 88.38 75.08 27.22
N ASP C 227 87.55 74.88 26.19
CA ASP C 227 87.85 75.47 24.89
C ASP C 227 87.57 76.97 24.90
N GLY C 228 86.49 77.39 25.56
CA GLY C 228 86.10 78.79 25.66
C GLY C 228 84.63 78.94 25.35
N PHE C 229 84.26 80.17 24.98
CA PHE C 229 82.87 80.45 24.63
C PHE C 229 82.41 79.52 23.51
N SER C 230 81.19 78.99 23.66
CA SER C 230 80.61 78.19 22.59
C SER C 230 79.10 78.39 22.53
N VAL C 231 78.59 78.59 21.31
CA VAL C 231 77.17 78.82 21.06
C VAL C 231 76.76 78.04 19.82
N LEU C 232 75.55 77.47 19.84
CA LEU C 232 74.96 76.86 18.65
C LEU C 232 74.00 77.84 18.01
N PRO C 233 74.21 78.25 16.74
CA PRO C 233 73.37 79.29 16.16
C PRO C 233 71.92 78.85 15.95
N LEU C 239 67.11 76.94 6.40
CA LEU C 239 66.27 76.05 7.19
C LEU C 239 65.95 74.76 6.45
N LEU C 240 66.48 74.64 5.22
CA LEU C 240 66.14 73.54 4.33
C LEU C 240 67.41 72.84 3.86
N HIS C 241 67.23 71.77 3.10
CA HIS C 241 68.33 71.05 2.47
C HIS C 241 67.84 70.46 1.15
N GLN C 242 68.80 70.21 0.26
CA GLN C 242 68.51 69.43 -0.92
C GLN C 242 68.26 67.97 -0.54
N VAL C 243 67.54 67.26 -1.40
CA VAL C 243 67.08 65.91 -1.12
C VAL C 243 67.79 64.94 -2.06
N HIS C 244 68.30 63.85 -1.50
CA HIS C 244 68.88 62.78 -2.30
C HIS C 244 67.77 61.93 -2.92
N GLU C 245 68.06 61.34 -4.06
CA GLU C 245 67.09 60.55 -4.81
C GLU C 245 67.59 59.12 -5.03
N GLU C 246 68.23 58.55 -4.01
CA GLU C 246 68.63 57.16 -4.01
C GLU C 246 68.15 56.50 -2.74
N ARG C 247 68.01 55.19 -2.79
CA ARG C 247 67.41 54.42 -1.70
C ARG C 247 68.48 53.74 -0.85
N ILE C 248 68.09 53.37 0.36
CA ILE C 248 68.96 52.72 1.32
C ILE C 248 68.30 51.45 1.82
N ALA C 249 69.12 50.53 2.31
CA ALA C 249 68.65 49.24 2.81
C ALA C 249 68.51 49.28 4.32
N SER C 250 67.39 48.77 4.82
CA SER C 250 67.15 48.71 6.26
C SER C 250 67.81 47.51 6.92
N GLY C 251 68.41 46.60 6.13
CA GLY C 251 68.86 45.32 6.64
C GLY C 251 67.77 44.28 6.76
N VAL C 252 66.51 44.70 6.82
CA VAL C 252 65.37 43.78 6.84
C VAL C 252 64.86 43.67 5.41
N PRO C 253 65.06 42.53 4.73
CA PRO C 253 64.70 42.47 3.29
C PRO C 253 63.24 42.76 3.02
N ASP C 254 62.33 42.14 3.76
CA ASP C 254 60.91 42.33 3.48
C ASP C 254 60.49 43.77 3.72
N LEU C 255 61.05 44.41 4.75
CA LEU C 255 60.72 45.81 4.98
C LEU C 255 61.24 46.70 3.87
N ASP C 256 62.49 46.49 3.44
CA ASP C 256 63.03 47.32 2.37
C ASP C 256 62.34 47.05 1.04
N ALA C 257 61.69 45.90 0.89
CA ALA C 257 60.90 45.61 -0.30
C ALA C 257 59.45 46.06 -0.17
N MET C 258 58.99 46.37 1.04
CA MET C 258 57.61 46.83 1.21
C MET C 258 57.31 48.13 0.47
N MET C 259 58.34 48.88 0.08
CA MET C 259 58.14 50.12 -0.66
C MET C 259 58.63 49.94 -2.10
N ALA C 260 58.33 50.94 -2.93
CA ALA C 260 58.52 50.84 -4.37
C ALA C 260 59.99 50.71 -4.76
N GLY C 261 60.76 51.78 -4.56
CA GLY C 261 62.12 51.82 -5.08
C GLY C 261 63.04 50.76 -4.53
N GLY C 262 62.68 50.16 -3.40
CA GLY C 262 63.52 49.17 -2.75
C GLY C 262 64.10 49.61 -1.42
N GLY C 263 63.68 50.74 -0.88
CA GLY C 263 64.18 51.19 0.40
C GLY C 263 63.80 52.64 0.63
N PHE C 264 63.95 53.06 1.88
CA PHE C 264 63.69 54.44 2.24
C PHE C 264 64.60 55.37 1.45
N PHE C 265 64.13 56.60 1.23
CA PHE C 265 64.97 57.60 0.60
C PHE C 265 66.18 57.88 1.48
N ARG C 266 67.36 57.94 0.86
CA ARG C 266 68.61 58.12 1.58
C ARG C 266 68.52 59.25 2.60
N GLY C 267 68.44 60.48 2.12
CA GLY C 267 68.33 61.63 2.99
C GLY C 267 66.93 61.78 3.57
N SER C 268 66.56 60.90 4.49
CA SER C 268 65.21 60.88 5.04
C SER C 268 65.25 60.69 6.54
N SER C 269 64.12 61.01 7.17
CA SER C 269 63.92 60.82 8.61
C SER C 269 62.85 59.74 8.80
N ILE C 270 63.24 58.64 9.43
CA ILE C 270 62.40 57.48 9.63
C ILE C 270 62.07 57.39 11.11
N LEU C 271 60.80 57.11 11.42
CA LEU C 271 60.29 57.07 12.79
C LEU C 271 59.82 55.65 13.07
N VAL C 272 60.63 54.89 13.81
CA VAL C 272 60.27 53.56 14.26
C VAL C 272 59.55 53.74 15.60
N SER C 273 58.23 53.72 15.57
CA SER C 273 57.41 53.90 16.76
C SER C 273 56.84 52.57 17.20
N GLY C 274 56.64 52.43 18.51
CA GLY C 274 56.02 51.22 19.01
C GLY C 274 55.92 51.24 20.52
N VAL C 275 55.48 50.11 21.05
CA VAL C 275 55.36 49.91 22.50
C VAL C 275 56.63 49.21 22.98
N ALA C 276 56.69 48.91 24.27
CA ALA C 276 57.84 48.21 24.82
C ALA C 276 57.90 46.79 24.30
N GLY C 277 59.11 46.31 24.03
CA GLY C 277 59.31 44.95 23.57
C GLY C 277 58.96 44.69 22.13
N ALA C 278 58.49 45.71 21.40
CA ALA C 278 58.10 45.50 20.01
C ALA C 278 59.30 45.20 19.12
N GLY C 279 60.48 45.71 19.47
CA GLY C 279 61.68 45.50 18.68
C GLY C 279 62.12 46.74 17.93
N LYS C 280 61.82 47.91 18.51
CA LYS C 280 62.17 49.18 17.89
C LYS C 280 63.69 49.32 17.76
N SER C 281 64.37 49.26 18.90
CA SER C 281 65.83 49.31 18.90
C SER C 281 66.41 48.23 18.00
N SER C 282 65.78 47.07 17.93
CA SER C 282 66.28 45.99 17.08
C SER C 282 66.22 46.38 15.61
N LEU C 283 65.09 46.93 15.17
CA LEU C 283 64.98 47.37 13.77
C LEU C 283 65.98 48.47 13.47
N ALA C 284 66.14 49.43 14.38
CA ALA C 284 67.07 50.53 14.13
C ALA C 284 68.51 50.04 14.10
N ALA C 285 68.85 49.08 14.97
CA ALA C 285 70.18 48.50 14.95
C ALA C 285 70.41 47.70 13.68
N HIS C 286 69.38 47.03 13.17
CA HIS C 286 69.49 46.38 11.87
C HIS C 286 69.77 47.40 10.78
N PHE C 287 69.08 48.54 10.82
CA PHE C 287 69.33 49.61 9.85
C PHE C 287 70.79 50.04 9.89
N ALA C 288 71.32 50.33 11.09
CA ALA C 288 72.69 50.78 11.21
C ALA C 288 73.68 49.69 10.77
N ALA C 289 73.36 48.43 11.10
CA ALA C 289 74.25 47.34 10.73
C ALA C 289 74.31 47.14 9.22
N ALA C 290 73.16 47.30 8.55
CA ALA C 290 73.17 47.28 7.09
C ALA C 290 73.98 48.45 6.54
N ALA C 291 73.82 49.62 7.15
CA ALA C 291 74.59 50.79 6.71
C ALA C 291 76.08 50.52 6.77
N CYS C 292 76.55 49.89 7.86
CA CYS C 292 77.98 49.63 7.97
C CYS C 292 78.42 48.44 7.13
N ALA C 293 77.52 47.48 6.88
CA ALA C 293 77.84 46.39 5.95
C ALA C 293 78.09 46.95 4.56
N ARG C 294 77.34 47.98 4.17
CA ARG C 294 77.63 48.69 2.94
C ARG C 294 79.07 49.19 2.89
N GLY C 295 79.70 49.38 4.05
CA GLY C 295 81.02 49.97 4.13
C GLY C 295 81.05 51.40 4.57
N GLU C 296 79.97 51.92 5.13
CA GLU C 296 79.84 53.32 5.51
C GLU C 296 79.97 53.45 7.04
N ARG C 297 79.45 54.54 7.59
CA ARG C 297 79.57 54.83 9.02
C ARG C 297 78.20 55.03 9.65
N ALA C 298 78.09 54.56 10.89
CA ALA C 298 76.85 54.56 11.64
C ALA C 298 77.11 55.02 13.07
N MET C 299 76.19 55.83 13.58
CA MET C 299 76.27 56.37 14.93
C MET C 299 75.01 56.01 15.68
N TYR C 300 75.15 55.27 16.78
CA TYR C 300 74.02 54.82 17.58
C TYR C 300 73.99 55.63 18.88
N PHE C 301 73.00 56.51 18.99
CA PHE C 301 72.77 57.31 20.19
C PHE C 301 71.77 56.56 21.06
N SER C 302 72.28 55.61 21.83
CA SER C 302 71.50 54.96 22.86
C SER C 302 71.40 55.89 24.06
N PHE C 303 70.20 56.00 24.63
CA PHE C 303 69.97 56.81 25.81
C PHE C 303 69.49 55.99 26.99
N GLU C 304 69.28 54.68 26.81
CA GLU C 304 68.78 53.82 27.87
C GLU C 304 69.41 52.44 27.82
N GLU C 305 70.62 52.34 27.25
CA GLU C 305 71.30 51.06 27.12
C GLU C 305 72.77 51.31 26.86
N ALA C 306 73.63 50.45 27.41
CA ALA C 306 75.06 50.55 27.22
C ALA C 306 75.48 49.84 25.93
N ALA C 307 76.74 50.08 25.54
CA ALA C 307 77.24 49.50 24.29
C ALA C 307 77.34 47.99 24.38
N ASP C 308 77.97 47.48 25.45
CA ASP C 308 78.11 46.04 25.60
C ASP C 308 76.75 45.36 25.69
N GLN C 309 75.80 45.98 26.39
CA GLN C 309 74.49 45.38 26.54
C GLN C 309 73.74 45.38 25.21
N ALA C 310 73.85 46.45 24.43
CA ALA C 310 73.26 46.47 23.11
C ALA C 310 73.85 45.36 22.24
N VAL C 311 75.17 45.19 22.30
CA VAL C 311 75.82 44.13 21.54
C VAL C 311 75.24 42.77 21.94
N ARG C 312 75.19 42.49 23.24
CA ARG C 312 74.68 41.20 23.69
C ARG C 312 73.22 41.01 23.29
N ASN C 313 72.43 42.08 23.33
CA ASN C 313 71.00 41.93 23.09
C ASN C 313 70.70 41.71 21.62
N MET C 314 71.46 42.34 20.73
CA MET C 314 71.28 42.10 19.30
C MET C 314 72.00 40.84 18.83
N ARG C 315 72.97 40.36 19.61
CA ARG C 315 73.59 39.07 19.31
C ARG C 315 72.57 37.96 19.25
N SER C 316 71.53 38.03 20.09
CA SER C 316 70.48 37.03 20.05
C SER C 316 69.69 37.09 18.75
N LEU C 317 69.49 38.30 18.22
CA LEU C 317 68.79 38.46 16.94
C LEU C 317 69.69 38.15 15.75
N GLY C 318 70.99 38.04 15.96
CA GLY C 318 71.91 37.56 14.93
C GLY C 318 72.91 38.57 14.44
N LEU C 319 72.73 39.85 14.78
CA LEU C 319 73.68 40.86 14.37
C LEU C 319 75.02 40.66 15.07
N ASP C 320 76.06 41.24 14.50
CA ASP C 320 77.41 41.22 15.07
C ASP C 320 77.92 42.66 15.13
N LEU C 321 77.38 43.43 16.07
CA LEU C 321 77.82 44.81 16.25
C LEU C 321 79.29 44.88 16.64
N GLY C 322 79.85 43.76 17.12
CA GLY C 322 81.23 43.79 17.60
C GLY C 322 82.23 44.11 16.51
N ARG C 323 82.13 43.39 15.37
CA ARG C 323 83.07 43.62 14.28
C ARG C 323 83.09 45.10 13.90
N TRP C 324 81.91 45.69 13.71
CA TRP C 324 81.85 47.04 13.18
C TRP C 324 82.28 48.07 14.21
N ARG C 325 81.86 47.89 15.47
CA ARG C 325 82.30 48.83 16.51
C ARG C 325 83.81 48.77 16.70
N ASP C 326 84.37 47.55 16.71
CA ASP C 326 85.82 47.41 16.87
C ASP C 326 86.58 47.94 15.66
N ALA C 327 86.01 47.79 14.46
CA ALA C 327 86.64 48.32 13.27
C ALA C 327 86.61 49.85 13.25
N GLY C 328 85.56 50.44 13.82
CA GLY C 328 85.43 51.88 13.89
C GLY C 328 84.34 52.45 13.02
N LEU C 329 83.72 51.64 12.17
CA LEU C 329 82.62 52.11 11.33
C LEU C 329 81.35 52.37 12.12
N LEU C 330 81.31 51.96 13.39
CA LEU C 330 80.14 52.16 14.24
C LEU C 330 80.59 52.84 15.53
N ARG C 331 79.88 53.89 15.93
CA ARG C 331 80.18 54.63 17.15
C ARG C 331 78.95 54.61 18.05
N PHE C 332 79.10 54.00 19.22
CA PHE C 332 78.03 53.88 20.21
C PHE C 332 78.24 54.94 21.28
N MET C 333 77.24 55.81 21.48
CA MET C 333 77.42 56.95 22.37
C MET C 333 76.99 56.64 23.80
N ALA C 334 75.73 56.25 24.00
CA ALA C 334 75.23 55.94 25.33
C ALA C 334 75.24 57.17 26.23
N THR C 335 74.23 58.03 26.10
CA THR C 335 74.12 59.25 26.89
C THR C 335 72.82 59.20 27.69
N ARG C 336 72.93 59.25 29.00
CA ARG C 336 71.75 59.24 29.86
C ARG C 336 70.92 60.51 29.63
N PRO C 337 69.61 60.45 29.89
CA PRO C 337 68.78 61.64 29.66
C PRO C 337 69.05 62.77 30.66
N THR C 338 69.20 62.44 31.94
CA THR C 338 69.33 63.46 32.97
C THR C 338 70.78 63.84 33.27
N PHE C 339 71.75 63.08 32.77
CA PHE C 339 73.16 63.41 33.03
C PHE C 339 73.47 64.81 32.54
N TYR C 340 72.90 65.22 31.42
CA TYR C 340 73.03 66.57 30.88
C TYR C 340 71.70 67.29 30.95
N SER C 341 71.74 68.59 30.65
CA SER C 341 70.52 69.32 30.36
C SER C 341 70.15 69.11 28.88
N LEU C 342 68.96 69.60 28.51
CA LEU C 342 68.43 69.34 27.18
C LEU C 342 69.28 70.03 26.11
N GLU C 343 69.60 71.31 26.33
CA GLU C 343 70.45 72.02 25.37
C GLU C 343 71.84 71.41 25.29
N MET C 344 72.37 70.97 26.43
CA MET C 344 73.64 70.25 26.42
C MET C 344 73.53 68.96 25.61
N HIS C 345 72.37 68.30 25.67
CA HIS C 345 72.14 67.11 24.88
C HIS C 345 72.22 67.44 23.38
N LEU C 346 71.50 68.48 22.96
CA LEU C 346 71.57 68.92 21.58
C LEU C 346 73.03 69.19 21.18
N ALA C 347 73.76 69.89 22.04
CA ALA C 347 75.14 70.22 21.74
C ALA C 347 75.98 68.97 21.52
N VAL C 348 75.88 68.01 22.45
CA VAL C 348 76.70 66.80 22.37
C VAL C 348 76.37 66.04 21.09
N ILE C 349 75.09 65.84 20.81
CA ILE C 349 74.70 65.06 19.64
C ILE C 349 75.19 65.75 18.37
N LEU C 350 74.91 67.05 18.25
CA LEU C 350 75.32 67.80 17.07
C LEU C 350 76.84 67.71 16.86
N ARG C 351 77.61 67.88 17.94
CA ARG C 351 79.07 67.87 17.82
C ARG C 351 79.59 66.50 17.41
N GLU C 352 79.08 65.45 18.06
CA GLU C 352 79.56 64.10 17.74
C GLU C 352 79.26 63.75 16.29
N VAL C 353 78.07 64.10 15.81
CA VAL C 353 77.74 63.85 14.40
C VAL C 353 78.65 64.70 13.51
N MET C 354 78.88 65.96 13.88
CA MET C 354 79.75 66.82 13.09
C MET C 354 81.12 66.20 12.90
N ARG C 355 81.68 65.63 13.97
CA ARG C 355 83.05 65.12 13.91
C ARG C 355 83.14 63.71 13.36
N PHE C 356 82.07 62.91 13.42
CA PHE C 356 82.13 61.56 12.88
C PHE C 356 81.67 61.48 11.43
N GLU C 357 80.84 62.42 10.97
CA GLU C 357 80.35 62.44 9.59
C GLU C 357 79.85 61.06 9.17
N PRO C 358 78.88 60.50 9.88
CA PRO C 358 78.40 59.14 9.56
C PRO C 358 77.43 59.14 8.39
N SER C 359 77.01 57.94 8.00
CA SER C 359 75.97 57.78 6.98
C SER C 359 74.60 57.64 7.62
N VAL C 360 74.49 56.85 8.69
CA VAL C 360 73.21 56.63 9.37
C VAL C 360 73.36 56.97 10.85
N VAL C 361 72.35 57.64 11.39
CA VAL C 361 72.30 58.03 12.79
C VAL C 361 71.02 57.47 13.39
N VAL C 362 71.17 56.61 14.39
CA VAL C 362 70.04 56.05 15.15
C VAL C 362 69.94 56.80 16.47
N LEU C 363 68.72 57.09 16.90
CA LEU C 363 68.47 57.71 18.20
C LEU C 363 67.44 56.86 18.93
N ASP C 364 67.88 56.21 20.00
CA ASP C 364 67.06 55.23 20.72
C ASP C 364 67.13 55.46 22.22
N PRO C 365 66.04 55.87 22.88
CA PRO C 365 64.75 56.34 22.36
C PRO C 365 64.64 57.87 22.43
N ILE C 366 63.96 58.48 21.46
CA ILE C 366 63.71 59.92 21.52
C ILE C 366 62.62 60.27 22.52
N SER C 367 61.99 59.27 23.14
CA SER C 367 61.00 59.53 24.17
C SER C 367 61.62 59.90 25.51
N ALA C 368 62.91 59.59 25.70
CA ALA C 368 63.55 59.88 26.99
C ALA C 368 63.55 61.37 27.29
N PHE C 369 63.76 62.21 26.27
CA PHE C 369 63.85 63.64 26.47
C PHE C 369 62.51 64.30 26.77
N THR C 370 61.41 63.55 26.64
CA THR C 370 60.09 64.14 26.93
C THR C 370 59.99 64.58 28.39
N GLU C 371 60.52 63.77 29.31
CA GLU C 371 60.41 64.10 30.73
C GLU C 371 61.24 65.31 31.08
N SER C 372 62.43 65.44 30.49
CA SER C 372 63.36 66.51 30.84
C SER C 372 63.26 67.64 29.81
N GLY C 373 62.18 68.39 29.92
CA GLY C 373 61.98 69.54 29.05
C GLY C 373 60.55 70.03 29.06
N ASP C 374 60.37 71.27 28.58
CA ASP C 374 59.04 71.88 28.56
C ASP C 374 58.34 71.56 27.24
N ARG C 375 57.18 72.17 27.03
CA ARG C 375 56.36 71.85 25.86
C ARG C 375 57.12 72.14 24.57
N LEU C 376 57.65 73.35 24.42
CA LEU C 376 58.25 73.78 23.17
C LEU C 376 59.74 73.48 23.08
N GLU C 377 60.43 73.38 24.21
CA GLU C 377 61.88 73.18 24.17
C GLU C 377 62.24 71.78 23.65
N VAL C 378 61.48 70.76 24.05
CA VAL C 378 61.75 69.41 23.56
C VAL C 378 61.52 69.33 22.07
N GLN C 379 60.41 69.91 21.59
CA GLN C 379 60.14 69.92 20.16
C GLN C 379 61.23 70.68 19.42
N SER C 380 61.71 71.79 19.98
CA SER C 380 62.77 72.56 19.33
C SER C 380 64.06 71.75 19.26
N MET C 381 64.39 71.04 20.32
CA MET C 381 65.60 70.20 20.32
C MET C 381 65.50 69.11 19.25
N LEU C 382 64.36 68.40 19.22
CA LEU C 382 64.18 67.35 18.24
C LEU C 382 64.24 67.91 16.81
N LEU C 383 63.62 69.07 16.58
CA LEU C 383 63.65 69.68 15.27
C LEU C 383 65.07 70.10 14.89
N ARG C 384 65.83 70.61 15.86
CA ARG C 384 67.22 70.96 15.61
C ARG C 384 68.00 69.74 15.13
N ILE C 385 67.86 68.62 15.83
CA ILE C 385 68.59 67.42 15.43
C ILE C 385 68.13 66.94 14.06
N VAL C 386 66.81 66.95 13.83
CA VAL C 386 66.28 66.49 12.54
C VAL C 386 66.86 67.33 11.40
N ASP C 387 66.83 68.66 11.56
CA ASP C 387 67.32 69.54 10.51
C ASP C 387 68.83 69.42 10.33
N PHE C 388 69.57 69.19 11.41
CA PHE C 388 71.01 69.00 11.29
C PHE C 388 71.33 67.76 10.46
N LEU C 389 70.69 66.63 10.81
CA LEU C 389 70.94 65.41 10.05
C LEU C 389 70.46 65.56 8.61
N LYS C 390 69.36 66.29 8.40
CA LYS C 390 68.87 66.50 7.04
C LYS C 390 69.89 67.31 6.23
N ASN C 391 70.35 68.43 6.77
CA ASN C 391 71.29 69.27 6.05
C ASN C 391 72.58 68.51 5.74
N ARG C 392 73.12 67.79 6.72
CA ARG C 392 74.30 66.99 6.43
C ARG C 392 73.98 65.75 5.59
N GLY C 393 72.70 65.47 5.34
CA GLY C 393 72.32 64.39 4.46
C GLY C 393 72.29 63.01 5.10
N ILE C 394 72.50 62.94 6.41
CA ILE C 394 72.53 61.65 7.09
C ILE C 394 71.12 61.05 7.13
N THR C 395 71.05 59.72 7.10
CA THR C 395 69.78 59.04 7.33
C THR C 395 69.48 59.08 8.82
N GLY C 396 68.22 59.40 9.17
CA GLY C 396 67.90 59.60 10.58
C GLY C 396 66.85 58.65 11.12
N ILE C 397 67.29 57.59 11.80
CA ILE C 397 66.37 56.63 12.42
C ILE C 397 66.07 57.10 13.84
N PHE C 398 64.78 57.19 14.17
CA PHE C 398 64.32 57.74 15.44
C PHE C 398 63.33 56.76 16.05
N THR C 399 63.66 56.19 17.21
CA THR C 399 62.75 55.23 17.84
C THR C 399 61.96 55.92 18.95
N HIS C 400 60.66 55.61 19.00
CA HIS C 400 59.76 56.24 19.97
C HIS C 400 58.86 55.22 20.65
N LEU C 401 58.56 55.49 21.90
CA LEU C 401 57.73 54.63 22.75
C LEU C 401 56.29 55.15 22.79
N ASP C 411 52.02 59.08 16.85
CA ASP C 411 52.72 59.60 18.01
C ASP C 411 52.82 61.12 17.95
N ALA C 412 51.66 61.78 17.95
CA ALA C 412 51.60 63.24 17.97
C ALA C 412 52.16 63.82 16.68
N GLY C 413 52.35 65.15 16.65
CA GLY C 413 52.86 65.81 15.46
C GLY C 413 54.27 65.42 15.08
N LEU C 414 55.00 64.79 16.01
CA LEU C 414 56.31 64.22 15.69
C LEU C 414 56.27 63.43 14.39
N SER C 415 55.28 62.55 14.27
CA SER C 415 55.15 61.73 13.07
C SER C 415 54.97 62.60 11.83
N SER C 416 54.11 63.61 11.91
CA SER C 416 53.93 64.52 10.78
C SER C 416 55.26 65.16 10.39
N LEU C 417 56.03 65.62 11.37
CA LEU C 417 57.31 66.25 11.07
C LEU C 417 58.31 65.27 10.48
N MET C 418 58.12 63.97 10.71
CA MET C 418 58.99 62.97 10.10
C MET C 418 58.48 62.58 8.70
N ASP C 419 59.31 61.83 7.98
CA ASP C 419 59.00 61.39 6.62
C ASP C 419 58.48 59.96 6.58
N GLY C 420 59.22 59.00 7.13
CA GLY C 420 58.81 57.61 7.16
C GLY C 420 58.30 57.23 8.53
N TRP C 421 57.37 56.28 8.56
CA TRP C 421 56.74 55.83 9.81
C TRP C 421 56.60 54.32 9.79
N VAL C 422 57.23 53.66 10.76
CA VAL C 422 57.18 52.20 10.89
C VAL C 422 56.62 51.89 12.27
N LEU C 423 55.42 51.31 12.30
CA LEU C 423 54.79 50.91 13.55
C LEU C 423 55.12 49.46 13.86
N MET C 424 55.64 49.22 15.05
CA MET C 424 55.94 47.88 15.55
C MET C 424 55.02 47.60 16.72
N LEU C 425 54.21 46.54 16.62
CA LEU C 425 53.15 46.29 17.57
C LEU C 425 53.25 44.88 18.13
N ASN C 426 53.20 44.78 19.45
CA ASN C 426 53.01 43.53 20.17
C ASN C 426 51.62 43.62 20.80
N ARG C 427 50.70 42.76 20.37
CA ARG C 427 49.30 42.89 20.75
C ARG C 427 48.79 41.59 21.36
N GLU C 428 48.05 41.72 22.46
CA GLU C 428 47.38 40.57 23.04
C GLU C 428 46.19 40.16 22.18
N VAL C 429 46.03 38.85 21.97
CA VAL C 429 44.91 38.33 21.19
C VAL C 429 44.48 37.01 21.84
N ASN C 430 43.32 37.03 22.49
CA ASN C 430 42.73 35.83 23.08
C ASN C 430 43.75 35.01 23.85
N GLY C 431 44.64 35.68 24.59
CA GLY C 431 45.56 34.99 25.46
C GLY C 431 46.92 34.71 24.88
N GLU C 432 47.45 35.60 24.04
CA GLU C 432 48.80 35.45 23.52
C GLU C 432 49.19 36.75 22.83
N PHE C 433 50.44 37.17 23.05
CA PHE C 433 50.96 38.36 22.39
C PHE C 433 51.53 37.97 21.03
N ASN C 434 50.92 38.50 19.98
CA ASN C 434 51.40 38.30 18.61
C ASN C 434 51.99 39.62 18.12
N ARG C 435 53.08 39.52 17.36
CA ARG C 435 53.80 40.67 16.86
C ARG C 435 53.46 40.91 15.40
N GLU C 436 53.47 42.18 15.00
CA GLU C 436 53.16 42.54 13.63
C GLU C 436 53.53 44.00 13.42
N LEU C 437 53.82 44.37 12.17
CA LEU C 437 54.28 45.72 11.89
C LEU C 437 53.60 46.26 10.65
N TYR C 438 53.80 47.56 10.46
CA TYR C 438 53.22 48.32 9.35
C TYR C 438 54.27 49.24 8.76
N LEU C 439 53.94 49.81 7.60
CA LEU C 439 54.65 50.94 7.02
C LEU C 439 53.60 52.02 6.75
N LEU C 440 53.09 52.60 7.84
CA LEU C 440 51.89 53.42 7.76
C LEU C 440 52.10 54.64 6.86
N LYS C 441 53.29 55.23 6.88
CA LYS C 441 53.55 56.41 6.08
C LYS C 441 54.93 56.33 5.42
N ALA C 442 54.98 56.74 4.16
CA ALA C 442 56.24 56.89 3.44
C ALA C 442 56.00 57.91 2.34
N ARG C 443 56.72 59.03 2.40
CA ARG C 443 56.45 60.15 1.51
C ARG C 443 57.14 59.94 0.17
N GLY C 444 56.40 60.22 -0.91
CA GLY C 444 56.90 60.01 -2.25
C GLY C 444 56.99 58.57 -2.70
N MET C 445 56.67 57.62 -1.82
CA MET C 445 56.74 56.21 -2.13
C MET C 445 55.36 55.57 -2.02
N ALA C 446 55.20 54.45 -2.71
CA ALA C 446 54.01 53.60 -2.60
C ALA C 446 54.35 52.45 -1.67
N HIS C 447 53.82 52.48 -0.44
CA HIS C 447 54.08 51.45 0.55
C HIS C 447 52.87 50.56 0.71
N SER C 448 53.12 49.34 1.19
CA SER C 448 52.06 48.36 1.41
C SER C 448 51.17 48.84 2.54
N ASN C 449 49.94 49.26 2.22
CA ASN C 449 48.97 49.65 3.24
C ASN C 449 48.68 48.50 4.19
N GLN C 450 48.95 47.26 3.79
CA GLN C 450 48.59 46.10 4.58
C GLN C 450 49.56 45.90 5.75
N VAL C 451 49.13 45.07 6.69
CA VAL C 451 50.00 44.64 7.79
C VAL C 451 50.95 43.56 7.28
N ARG C 452 52.05 43.36 8.01
CA ARG C 452 52.88 42.19 7.75
C ARG C 452 53.44 41.67 9.07
N GLU C 453 53.44 40.35 9.22
CA GLU C 453 53.83 39.73 10.48
C GLU C 453 55.33 39.87 10.70
N PHE C 454 55.69 40.15 11.96
CA PHE C 454 57.05 40.48 12.35
C PHE C 454 57.59 39.36 13.22
N LEU C 455 58.72 38.77 12.81
CA LEU C 455 59.31 37.66 13.54
C LEU C 455 60.80 37.91 13.76
N MET C 456 61.25 37.65 14.99
CA MET C 456 62.65 37.76 15.37
C MET C 456 63.18 36.37 15.70
N SER C 457 64.42 36.10 15.30
CA SER C 457 65.01 34.80 15.55
C SER C 457 66.52 34.92 15.40
N ASP C 458 67.22 33.83 15.76
CA ASP C 458 68.66 33.77 15.55
C ASP C 458 69.02 34.06 14.11
N ARG C 459 68.16 33.65 13.17
CA ARG C 459 68.42 33.93 11.76
C ARG C 459 68.40 35.44 11.50
N GLY C 460 67.49 36.15 12.13
CA GLY C 460 67.38 37.59 11.96
C GLY C 460 65.94 38.04 12.13
N ILE C 461 65.64 39.18 11.53
CA ILE C 461 64.29 39.73 11.51
C ILE C 461 63.69 39.44 10.15
N SER C 462 62.56 38.75 10.14
CA SER C 462 61.87 38.43 8.89
C SER C 462 60.39 38.77 9.04
N LEU C 463 59.81 39.33 7.99
CA LEU C 463 58.41 39.74 8.00
C LEU C 463 57.65 38.80 7.06
N LEU C 464 56.94 37.85 7.65
CA LEU C 464 56.11 36.97 6.83
C LEU C 464 54.87 37.73 6.37
N PRO C 465 54.31 37.36 5.22
CA PRO C 465 53.16 38.09 4.69
C PRO C 465 51.88 37.66 5.38
N PRO C 466 50.84 38.48 5.33
CA PRO C 466 49.54 38.05 5.85
C PRO C 466 48.89 37.05 4.90
N HIS C 467 48.05 36.20 5.47
CA HIS C 467 47.27 35.27 4.65
C HIS C 467 46.08 36.03 4.05
N LEU C 468 46.05 36.13 2.73
CA LEU C 468 45.06 36.94 2.03
C LEU C 468 43.84 36.08 1.73
N GLY C 469 42.74 36.37 2.40
CA GLY C 469 41.52 35.62 2.19
C GLY C 469 40.43 36.11 3.12
N GLU C 470 39.34 35.35 3.14
CA GLU C 470 38.20 35.71 3.99
C GLU C 470 38.57 35.54 5.46
N GLY C 471 38.12 36.49 6.27
CA GLY C 471 38.37 36.50 7.70
C GLY C 471 39.30 37.60 8.15
N GLY C 472 40.12 38.13 7.27
CA GLY C 472 41.05 39.21 7.65
C GLY C 472 42.49 38.77 7.44
N ALA C 473 43.43 39.55 8.03
CA ALA C 473 44.85 39.21 7.92
C ALA C 473 45.30 38.24 9.00
N LEU C 474 44.70 38.32 10.18
CA LEU C 474 45.00 37.39 11.27
C LEU C 474 46.47 37.49 11.66
N THR C 475 47.36 36.95 10.81
CA THR C 475 48.79 37.06 11.02
C THR C 475 49.20 36.62 12.42
N GLY C 476 49.22 35.33 12.66
CA GLY C 476 49.67 34.76 13.91
C GLY C 476 49.00 33.43 14.17
N THR C 477 48.80 33.13 15.46
CA THR C 477 48.08 31.93 15.84
C THR C 477 46.71 31.89 15.18
N ALA C 478 46.09 33.05 14.95
CA ALA C 478 44.84 33.09 14.20
C ALA C 478 45.04 32.61 12.76
N ARG C 479 46.14 33.04 12.13
CA ARG C 479 46.44 32.55 10.79
C ARG C 479 46.61 31.04 10.78
N LYS C 480 47.33 30.51 11.77
CA LYS C 480 47.51 29.06 11.85
C LYS C 480 46.18 28.35 12.05
N ALA C 481 45.32 28.90 12.92
CA ALA C 481 44.01 28.32 13.16
C ALA C 481 43.20 28.28 11.87
N GLU C 482 43.19 29.38 11.11
CA GLU C 482 42.41 29.42 9.89
C GLU C 482 42.99 28.49 8.83
N GLU C 483 44.31 28.35 8.77
CA GLU C 483 44.92 27.40 7.84
C GLU C 483 44.47 25.98 8.14
N ALA C 484 44.63 25.56 9.40
CA ALA C 484 44.22 24.22 9.79
C ALA C 484 42.72 24.03 9.59
N ARG C 485 41.93 25.08 9.81
CA ARG C 485 40.48 24.98 9.63
C ARG C 485 40.13 24.78 8.17
N LEU C 486 40.79 25.52 7.27
CA LEU C 486 40.57 25.33 5.84
C LEU C 486 40.93 23.90 5.43
N ARG C 487 42.05 23.38 5.94
CA ARG C 487 42.43 22.02 5.59
C ARG C 487 41.41 21.01 6.12
N ARG C 488 40.91 21.21 7.34
CA ARG C 488 39.88 20.34 7.88
C ARG C 488 38.62 20.38 7.01
N ALA C 489 38.20 21.58 6.60
CA ALA C 489 36.99 21.69 5.78
C ALA C 489 37.19 21.02 4.43
N GLU C 490 38.37 21.14 3.84
CA GLU C 490 38.64 20.46 2.57
C GLU C 490 38.59 18.95 2.73
N ILE C 491 39.19 18.42 3.81
CA ILE C 491 39.11 16.98 4.06
C ILE C 491 37.66 16.56 4.23
N GLU C 492 36.87 17.37 4.94
CA GLU C 492 35.46 17.02 5.15
C GLU C 492 34.70 16.99 3.83
N ARG C 493 34.97 17.95 2.94
CA ARG C 493 34.33 17.96 1.63
C ARG C 493 34.72 16.72 0.84
N GLN C 494 35.99 16.34 0.87
CA GLN C 494 36.43 15.15 0.14
C GLN C 494 35.73 13.90 0.66
N THR C 495 35.62 13.78 1.98
CA THR C 495 34.95 12.62 2.56
C THR C 495 33.47 12.61 2.19
N GLU C 496 32.83 13.78 2.20
CA GLU C 496 31.42 13.85 1.81
C GLU C 496 31.23 13.45 0.36
N LEU C 497 32.17 13.83 -0.51
CA LEU C 497 32.06 13.44 -1.91
C LEU C 497 32.21 11.94 -2.08
N GLY C 498 33.18 11.34 -1.38
CA GLY C 498 33.29 9.89 -1.41
C GLY C 498 32.03 9.20 -0.93
N ARG C 499 31.44 9.72 0.16
CA ARG C 499 30.18 9.18 0.66
C ARG C 499 29.08 9.26 -0.39
N LEU C 500 28.97 10.42 -1.05
CA LEU C 500 27.96 10.58 -2.09
C LEU C 500 28.16 9.56 -3.20
N GLN C 501 29.41 9.36 -3.62
CA GLN C 501 29.67 8.39 -4.68
C GLN C 501 29.24 6.99 -4.27
N GLN C 502 29.58 6.59 -3.04
CA GLN C 502 29.21 5.25 -2.59
C GLN C 502 27.69 5.09 -2.49
N GLN C 503 27.00 6.10 -1.94
CA GLN C 503 25.55 6.01 -1.84
C GLN C 503 24.90 5.95 -3.21
N ILE C 504 25.43 6.72 -4.17
CA ILE C 504 24.88 6.68 -5.53
C ILE C 504 25.10 5.30 -6.14
N GLU C 505 26.26 4.71 -5.89
CA GLU C 505 26.52 3.36 -6.40
C GLU C 505 25.53 2.35 -5.82
N GLN C 506 25.23 2.47 -4.51
CA GLN C 506 24.30 1.52 -3.91
C GLN C 506 22.87 1.73 -4.40
N ARG C 507 22.46 2.98 -4.62
CA ARG C 507 21.15 3.23 -5.21
C ARG C 507 21.09 2.70 -6.64
N ARG C 508 22.21 2.78 -7.37
CA ARG C 508 22.26 2.17 -8.71
C ARG C 508 22.10 0.66 -8.64
N ARG C 509 22.73 0.03 -7.65
CA ARG C 509 22.51 -1.40 -7.42
C ARG C 509 21.04 -1.69 -7.18
N ARG C 510 20.39 -0.87 -6.33
CA ARG C 510 18.97 -1.06 -6.06
C ARG C 510 18.15 -0.99 -7.35
N ALA C 511 18.44 0.01 -8.18
CA ALA C 511 17.67 0.18 -9.42
C ALA C 511 17.89 -0.98 -10.38
N ARG C 512 19.14 -1.43 -10.53
CA ARG C 512 19.41 -2.56 -11.40
C ARG C 512 18.69 -3.81 -10.91
N ALA C 513 18.67 -4.02 -9.59
CA ALA C 513 17.95 -5.18 -9.06
C ALA C 513 16.46 -5.08 -9.31
N GLN C 514 15.88 -3.88 -9.17
CA GLN C 514 14.47 -3.72 -9.45
C GLN C 514 14.15 -3.96 -10.92
N ILE C 515 15.07 -3.56 -11.81
CA ILE C 515 14.87 -3.85 -13.24
C ILE C 515 14.91 -5.35 -13.48
N GLU C 516 15.85 -6.06 -12.84
CA GLU C 516 15.86 -7.51 -12.93
C GLU C 516 14.52 -8.09 -12.49
N ALA C 517 13.98 -7.59 -11.38
CA ALA C 517 12.72 -8.12 -10.86
C ALA C 517 11.58 -7.90 -11.84
N LEU C 518 11.49 -6.69 -12.41
CA LEU C 518 10.46 -6.42 -13.40
C LEU C 518 10.57 -7.37 -14.59
N GLU C 519 11.80 -7.55 -15.10
CA GLU C 519 11.99 -8.43 -16.25
C GLU C 519 11.58 -9.86 -15.92
N ALA C 520 11.95 -10.35 -14.74
CA ALA C 520 11.62 -11.72 -14.36
C ALA C 520 10.11 -11.90 -14.22
N GLU C 521 9.43 -10.92 -13.61
CA GLU C 521 7.97 -11.01 -13.51
C GLU C 521 7.34 -11.03 -14.88
N LEU C 522 7.85 -10.22 -15.81
CA LEU C 522 7.32 -10.23 -17.17
C LEU C 522 7.48 -11.60 -17.82
N GLN C 523 8.68 -12.17 -17.71
CA GLN C 523 8.91 -13.52 -18.26
C GLN C 523 7.93 -14.52 -17.67
N ALA C 524 7.78 -14.51 -16.34
CA ALA C 524 6.90 -15.48 -15.69
C ALA C 524 5.47 -15.32 -16.17
N GLU C 525 5.00 -14.08 -16.32
CA GLU C 525 3.63 -13.87 -16.78
C GLU C 525 3.44 -14.38 -18.20
N GLU C 526 4.41 -14.13 -19.09
CA GLU C 526 4.29 -14.62 -20.45
C GLU C 526 4.24 -16.15 -20.48
N ILE C 527 5.14 -16.80 -19.73
CA ILE C 527 5.15 -18.26 -19.67
C ILE C 527 3.82 -18.78 -19.15
N ALA C 528 3.27 -18.11 -18.13
CA ALA C 528 2.01 -18.56 -17.55
C ALA C 528 0.87 -18.43 -18.55
N LEU C 529 0.85 -17.34 -19.32
CA LEU C 529 -0.20 -17.18 -20.32
C LEU C 529 -0.13 -18.28 -21.38
N LYS C 530 1.08 -18.55 -21.89
CA LYS C 530 1.24 -19.63 -22.86
C LYS C 530 0.75 -20.95 -22.29
N ALA C 531 1.22 -21.29 -21.08
CA ALA C 531 0.85 -22.57 -20.49
C ALA C 531 -0.64 -22.65 -20.19
N LEU C 532 -1.27 -21.52 -19.88
CA LEU C 532 -2.72 -21.53 -19.63
C LEU C 532 -3.48 -21.81 -20.91
N VAL C 533 -3.08 -21.18 -22.02
CA VAL C 533 -3.69 -21.52 -23.30
C VAL C 533 -3.52 -23.00 -23.60
N GLU C 534 -2.31 -23.53 -23.33
CA GLU C 534 -2.05 -24.95 -23.59
C GLU C 534 -2.95 -25.84 -22.74
N SER C 535 -3.12 -25.50 -21.46
CA SER C 535 -3.96 -26.31 -20.58
C SER C 535 -5.42 -26.24 -21.02
N GLU C 536 -5.88 -25.07 -21.45
CA GLU C 536 -7.25 -24.96 -21.96
C GLU C 536 -7.44 -25.87 -23.17
N SER C 537 -6.49 -25.85 -24.11
CA SER C 537 -6.61 -26.70 -25.28
C SER C 537 -6.59 -28.17 -24.89
N ALA C 538 -5.70 -28.55 -23.97
CA ALA C 538 -5.63 -29.95 -23.53
C ALA C 538 -6.94 -30.39 -22.90
N HIS C 539 -7.51 -29.56 -22.02
CA HIS C 539 -8.81 -29.88 -21.44
C HIS C 539 -9.87 -30.04 -22.52
N GLU C 540 -9.85 -29.15 -23.52
CA GLU C 540 -10.77 -29.31 -24.64
C GLU C 540 -10.59 -30.67 -25.30
N ARG C 541 -9.36 -31.13 -25.42
CA ARG C 541 -9.07 -32.44 -25.98
C ARG C 541 -9.65 -33.55 -25.10
N MET D 3 82.34 66.21 73.40
CA MET D 3 81.16 65.41 73.05
C MET D 3 79.96 66.30 72.78
N GLY D 4 78.76 65.72 72.85
CA GLY D 4 77.54 66.47 72.66
C GLY D 4 77.47 67.67 73.59
N ILE D 5 77.13 68.84 73.05
CA ILE D 5 77.17 70.05 73.85
C ILE D 5 76.07 70.01 74.92
N GLY D 6 76.28 70.77 75.98
CA GLY D 6 75.29 70.86 77.05
C GLY D 6 74.04 71.58 76.58
N LYS D 7 72.89 71.11 77.06
CA LYS D 7 71.60 71.65 76.64
C LYS D 7 70.70 71.79 77.86
N SER D 8 69.99 72.93 77.92
CA SER D 8 69.05 73.18 79.01
C SER D 8 67.65 72.90 78.51
N PRO D 9 66.95 71.90 79.05
CA PRO D 9 65.60 71.59 78.53
C PRO D 9 64.65 72.76 78.71
N THR D 10 63.65 72.82 77.82
CA THR D 10 62.66 73.88 77.83
C THR D 10 61.31 73.44 78.41
N GLY D 11 61.01 72.14 78.38
CA GLY D 11 59.72 71.64 78.77
C GLY D 11 58.70 71.58 77.66
N ILE D 12 58.98 72.19 76.51
CA ILE D 12 58.11 72.07 75.35
C ILE D 12 58.38 70.73 74.70
N GLN D 13 57.61 69.72 75.11
CA GLN D 13 57.76 68.37 74.57
C GLN D 13 57.51 68.39 73.06
N GLY D 14 58.43 67.80 72.32
CA GLY D 14 58.40 67.89 70.88
C GLY D 14 59.49 68.83 70.39
N PHE D 15 59.44 70.08 70.85
CA PHE D 15 60.57 70.98 70.61
C PHE D 15 61.84 70.40 71.20
N ASP D 16 61.74 69.74 72.35
CA ASP D 16 62.90 69.05 72.91
C ASP D 16 63.38 67.95 71.98
N GLU D 17 62.46 67.24 71.33
CA GLU D 17 62.84 66.20 70.37
C GLU D 17 63.50 66.82 69.14
N LEU D 18 63.09 68.02 68.76
CA LEU D 18 63.72 68.68 67.62
C LEU D 18 65.13 69.14 67.95
N THR D 19 65.32 69.71 69.15
CA THR D 19 66.61 70.26 69.54
C THR D 19 67.52 69.25 70.24
N LEU D 20 67.08 68.00 70.38
CA LEU D 20 67.91 66.94 70.96
C LEU D 20 68.36 67.30 72.39
N GLY D 21 67.46 67.92 73.15
CA GLY D 21 67.76 68.25 74.53
C GLY D 21 67.23 69.61 74.95
N GLY D 22 67.08 70.52 74.00
CA GLY D 22 66.59 71.85 74.30
C GLY D 22 67.54 72.95 73.87
N LEU D 23 67.44 74.11 74.51
CA LEU D 23 68.25 75.25 74.17
C LEU D 23 69.67 75.07 74.70
N PRO D 24 70.62 75.88 74.24
CA PRO D 24 72.01 75.73 74.72
C PRO D 24 72.18 76.33 76.10
N THR D 25 72.70 75.53 77.03
CA THR D 25 72.88 75.99 78.40
C THR D 25 73.94 77.08 78.47
N GLY D 26 73.65 78.13 79.23
CA GLY D 26 74.59 79.21 79.44
C GLY D 26 74.81 80.12 78.26
N ARG D 27 74.08 79.93 77.16
CA ARG D 27 74.23 80.76 75.97
C ARG D 27 72.92 81.50 75.69
N PRO D 28 73.00 82.72 75.15
CA PRO D 28 71.77 83.41 74.73
C PRO D 28 71.07 82.64 73.62
N SER D 29 69.73 82.68 73.67
CA SER D 29 68.88 82.08 72.65
C SER D 29 67.86 83.12 72.20
N LEU D 30 67.54 83.12 70.91
CA LEU D 30 66.73 84.16 70.30
C LEU D 30 65.44 83.56 69.75
N VAL D 31 64.33 84.21 70.03
CA VAL D 31 63.02 83.82 69.51
C VAL D 31 62.49 85.00 68.70
N CYS D 32 62.53 84.87 67.38
CA CYS D 32 62.11 85.89 66.44
C CYS D 32 60.73 85.57 65.90
N GLY D 33 60.09 86.58 65.35
CA GLY D 33 58.77 86.45 64.77
C GLY D 33 58.00 87.75 64.88
N SER D 34 57.01 87.89 64.00
CA SER D 34 56.18 89.08 64.00
C SER D 34 55.30 89.11 65.26
N ALA D 35 54.44 90.12 65.33
CA ALA D 35 53.57 90.28 66.49
C ALA D 35 52.61 89.11 66.60
N GLY D 36 52.39 88.65 67.83
CA GLY D 36 51.38 87.64 68.09
C GLY D 36 51.70 86.28 67.50
N CYS D 37 52.97 85.88 67.45
CA CYS D 37 53.35 84.56 66.99
C CYS D 37 53.65 83.59 68.12
N GLY D 38 53.72 84.08 69.36
CA GLY D 38 53.96 83.24 70.52
C GLY D 38 55.34 83.37 71.16
N LYS D 39 56.06 84.47 70.91
CA LYS D 39 57.41 84.62 71.44
C LYS D 39 57.41 84.72 72.96
N THR D 40 56.61 85.64 73.50
CA THR D 40 56.54 85.82 74.94
C THR D 40 56.10 84.54 75.64
N LEU D 41 55.15 83.83 75.03
CA LEU D 41 54.68 82.57 75.63
C LEU D 41 55.77 81.51 75.58
N PHE D 42 56.56 81.47 74.50
CA PHE D 42 57.70 80.56 74.47
C PHE D 42 58.62 80.82 75.65
N ALA D 43 58.98 82.09 75.88
CA ALA D 43 59.88 82.40 76.98
C ALA D 43 59.25 82.05 78.33
N SER D 44 57.97 82.41 78.51
CA SER D 44 57.28 82.12 79.76
C SER D 44 57.26 80.63 80.04
N THR D 45 56.93 79.82 79.03
CA THR D 45 56.90 78.38 79.21
C THR D 45 58.29 77.84 79.53
N PHE D 46 59.31 78.35 78.83
CA PHE D 46 60.68 77.99 79.17
C PHE D 46 60.91 78.10 80.67
N LEU D 47 60.76 79.32 81.20
CA LEU D 47 61.05 79.54 82.61
C LEU D 47 60.15 78.70 83.51
N ILE D 48 58.84 78.68 83.21
CA ILE D 48 57.88 78.05 84.11
C ILE D 48 58.14 76.54 84.18
N ASN D 49 58.28 75.90 83.03
CA ASN D 49 58.50 74.46 83.02
C ASN D 49 59.86 74.10 83.62
N GLY D 50 60.89 74.91 83.34
CA GLY D 50 62.18 74.66 83.97
C GLY D 50 62.11 74.72 85.48
N VAL D 51 61.37 75.69 86.01
CA VAL D 51 61.23 75.82 87.45
C VAL D 51 60.41 74.66 88.02
N ARG D 52 59.32 74.30 87.34
CA ARG D 52 58.35 73.37 87.90
C ARG D 52 58.86 71.93 87.84
N ASP D 53 59.54 71.55 86.76
CA ASP D 53 59.92 70.16 86.53
C ASP D 53 61.39 69.88 86.81
N HIS D 54 62.29 70.71 86.26
CA HIS D 54 63.72 70.44 86.31
C HIS D 54 64.43 71.21 87.42
N GLY D 55 63.71 71.93 88.27
CA GLY D 55 64.31 72.59 89.40
C GLY D 55 65.38 73.61 89.04
N GLU D 56 65.11 74.44 88.05
CA GLU D 56 66.01 75.53 87.66
C GLU D 56 65.28 76.86 87.82
N PRO D 57 65.60 77.67 88.83
CA PRO D 57 64.89 78.95 89.01
C PRO D 57 65.25 79.96 87.92
N GLY D 58 64.36 80.94 87.78
CA GLY D 58 64.45 81.86 86.66
C GLY D 58 63.91 83.25 86.96
N VAL D 59 64.30 84.17 86.09
CA VAL D 59 63.92 85.57 86.19
C VAL D 59 63.44 86.07 84.84
N PHE D 60 62.45 86.95 84.89
CA PHE D 60 61.82 87.54 83.71
C PHE D 60 62.13 89.03 83.72
N VAL D 61 62.51 89.57 82.56
CA VAL D 61 62.88 90.97 82.42
C VAL D 61 62.01 91.55 81.31
N THR D 62 60.99 92.31 81.70
CA THR D 62 60.07 92.92 80.75
C THR D 62 60.45 94.38 80.54
N PHE D 63 60.38 94.82 79.27
CA PHE D 63 60.78 96.17 78.91
C PHE D 63 59.66 97.02 78.36
N GLU D 64 58.47 96.46 78.14
CA GLU D 64 57.35 97.22 77.59
C GLU D 64 56.00 96.91 78.22
N GLU D 65 55.86 95.83 78.97
CA GLU D 65 54.58 95.44 79.55
C GLU D 65 54.71 95.30 81.06
N ARG D 66 53.56 95.35 81.74
CA ARG D 66 53.55 95.25 83.19
C ARG D 66 53.71 93.79 83.63
N PRO D 67 54.42 93.56 84.74
CA PRO D 67 54.44 92.19 85.31
C PRO D 67 53.04 91.63 85.51
N GLU D 68 52.12 92.46 85.98
CA GLU D 68 50.74 92.05 86.12
C GLU D 68 50.16 91.60 84.79
N ASP D 69 50.46 92.33 83.71
CA ASP D 69 49.96 91.95 82.41
C ASP D 69 50.54 90.60 81.97
N ILE D 70 51.81 90.35 82.25
CA ILE D 70 52.40 89.07 81.89
C ILE D 70 51.70 87.93 82.64
N VAL D 71 51.52 88.09 83.95
CA VAL D 71 50.87 87.06 84.74
C VAL D 71 49.45 86.82 84.24
N ASN D 72 48.72 87.90 83.96
CA ASN D 72 47.36 87.75 83.44
C ASN D 72 47.36 87.04 82.09
N ASN D 73 48.35 87.33 81.25
CA ASN D 73 48.42 86.68 79.94
C ASN D 73 48.58 85.18 80.09
N VAL D 74 49.50 84.75 80.97
CA VAL D 74 49.72 83.31 81.14
C VAL D 74 48.70 82.66 82.08
N ALA D 75 47.81 83.44 82.69
CA ALA D 75 46.79 82.87 83.57
C ALA D 75 46.00 81.77 82.88
N SER D 76 45.36 82.10 81.75
CA SER D 76 44.45 81.16 81.10
C SER D 76 45.13 79.86 80.71
N LEU D 77 46.46 79.84 80.60
CA LEU D 77 47.20 78.63 80.25
C LEU D 77 47.47 77.73 81.46
N GLY D 78 46.78 77.94 82.58
CA GLY D 78 46.97 77.09 83.74
C GLY D 78 48.33 77.20 84.40
N PHE D 79 49.07 78.27 84.12
CA PHE D 79 50.37 78.50 84.73
C PHE D 79 50.20 79.45 85.91
N GLU D 80 50.60 79.01 87.10
CA GLU D 80 50.44 79.80 88.32
C GLU D 80 51.67 80.68 88.54
N LEU D 81 51.86 81.61 87.61
CA LEU D 81 53.00 82.52 87.68
C LEU D 81 52.91 83.41 88.91
N ASP D 82 51.70 83.85 89.26
CA ASP D 82 51.52 84.60 90.49
C ASP D 82 52.03 83.81 91.69
N LYS D 83 51.61 82.55 91.80
CA LYS D 83 52.10 81.71 92.89
C LYS D 83 53.61 81.60 92.87
N LEU D 84 54.20 81.41 91.69
CA LEU D 84 55.66 81.24 91.64
C LEU D 84 56.38 82.50 92.10
N ILE D 85 55.91 83.68 91.65
CA ILE D 85 56.59 84.91 92.02
C ILE D 85 56.41 85.19 93.51
N GLU D 86 55.28 84.79 94.09
CA GLU D 86 55.09 85.00 95.53
C GLU D 86 55.73 83.90 96.37
N GLU D 87 56.10 82.77 95.79
CA GLU D 87 56.83 81.71 96.48
C GLU D 87 58.33 81.77 96.23
N GLU D 88 58.80 82.72 95.41
CA GLU D 88 60.21 83.02 95.24
C GLU D 88 60.96 81.92 94.52
N LYS D 89 60.27 81.12 93.71
CA LYS D 89 60.91 80.21 92.78
C LYS D 89 61.19 80.87 91.43
N ILE D 90 60.59 82.03 91.18
CA ILE D 90 60.79 82.78 89.94
C ILE D 90 60.65 84.25 90.27
N ALA D 91 61.13 85.11 89.38
CA ALA D 91 61.03 86.55 89.61
C ALA D 91 60.63 87.27 88.33
N ILE D 92 60.07 88.46 88.51
CA ILE D 92 59.75 89.37 87.41
C ILE D 92 60.36 90.73 87.72
N GLU D 93 60.78 91.44 86.67
CA GLU D 93 61.38 92.76 86.82
C GLU D 93 61.06 93.59 85.59
N HIS D 94 60.50 94.78 85.81
CA HIS D 94 60.13 95.70 84.76
C HIS D 94 61.13 96.85 84.71
N ILE D 95 61.63 97.18 83.53
CA ILE D 95 62.63 98.23 83.40
C ILE D 95 62.27 99.13 82.23
N ALA D 96 62.12 100.42 82.50
CA ALA D 96 61.78 101.42 81.50
C ALA D 96 62.60 102.67 81.77
N VAL D 97 62.88 103.44 80.71
CA VAL D 97 63.81 104.55 80.81
C VAL D 97 63.29 105.61 81.78
N ASP D 98 62.40 106.54 81.29
CA ASP D 98 62.03 107.66 82.15
C ASP D 98 60.66 107.43 82.77
N PRO D 99 60.50 107.66 84.08
CA PRO D 99 59.18 107.49 84.70
C PRO D 99 58.19 108.59 84.34
N SER D 100 58.54 109.84 84.63
CA SER D 100 57.66 110.96 84.34
C SER D 100 58.40 112.26 84.62
N GLU D 101 58.09 113.29 83.83
CA GLU D 101 58.58 114.65 84.06
C GLU D 101 60.12 114.65 84.14
N VAL D 102 60.74 113.78 83.34
CA VAL D 102 62.20 113.71 83.25
C VAL D 102 62.55 113.25 81.84
N ALA D 103 63.75 113.62 81.39
CA ALA D 103 64.21 113.23 80.07
C ALA D 103 64.42 111.72 79.99
N GLU D 104 63.99 111.12 78.88
CA GLU D 104 64.36 109.74 78.62
C GLU D 104 65.88 109.61 78.51
N ILE D 105 66.51 110.62 77.92
CA ILE D 105 67.97 110.71 77.87
C ILE D 105 68.48 111.56 79.03
N LEU D 110 73.44 102.26 83.29
CA LEU D 110 73.55 100.94 82.69
C LEU D 110 73.90 99.93 83.79
N GLU D 111 74.95 100.24 84.55
CA GLU D 111 75.28 99.43 85.71
C GLU D 111 74.12 99.36 86.69
N GLY D 112 73.22 100.34 86.67
CA GLY D 112 72.03 100.24 87.51
C GLY D 112 71.13 99.09 87.10
N LEU D 113 70.90 98.94 85.79
CA LEU D 113 70.14 97.78 85.32
C LEU D 113 70.88 96.48 85.62
N PHE D 114 72.20 96.48 85.44
CA PHE D 114 72.98 95.30 85.82
C PHE D 114 72.73 94.94 87.28
N LEU D 115 72.72 95.94 88.16
CA LEU D 115 72.51 95.69 89.59
C LEU D 115 71.10 95.18 89.85
N ARG D 116 70.09 95.79 89.22
CA ARG D 116 68.72 95.32 89.36
C ARG D 116 68.64 93.83 89.05
N LEU D 117 69.12 93.44 87.86
CA LEU D 117 69.04 92.05 87.46
C LEU D 117 69.86 91.16 88.38
N GLU D 118 71.04 91.63 88.80
CA GLU D 118 71.89 90.83 89.66
C GLU D 118 71.21 90.53 90.99
N LEU D 119 70.61 91.54 91.61
CA LEU D 119 69.97 91.34 92.91
C LEU D 119 68.75 90.45 92.78
N ALA D 120 67.94 90.62 91.73
CA ALA D 120 66.80 89.72 91.54
C ALA D 120 67.26 88.28 91.33
N ILE D 121 68.26 88.10 90.46
CA ILE D 121 68.77 86.77 90.17
C ILE D 121 69.31 86.12 91.43
N ASP D 122 70.03 86.88 92.26
CA ASP D 122 70.54 86.31 93.50
C ASP D 122 69.43 86.01 94.49
N THR D 123 68.36 86.82 94.47
CA THR D 123 67.22 86.54 95.33
C THR D 123 66.64 85.17 95.03
N VAL D 124 66.44 84.86 93.74
CA VAL D 124 65.84 83.58 93.38
C VAL D 124 66.88 82.51 93.05
N GLY D 125 68.15 82.80 93.26
CA GLY D 125 69.20 81.86 92.84
C GLY D 125 69.01 81.35 91.43
N ALA D 126 68.52 82.20 90.54
CA ALA D 126 68.10 81.76 89.22
C ALA D 126 69.27 81.23 88.40
N LYS D 127 68.95 80.31 87.49
CA LYS D 127 69.87 79.90 86.44
C LYS D 127 69.26 80.12 85.06
N ARG D 128 68.05 80.67 84.97
CA ARG D 128 67.39 80.94 83.71
C ARG D 128 66.94 82.40 83.65
N VAL D 129 66.99 82.98 82.45
CA VAL D 129 66.65 84.38 82.26
C VAL D 129 65.83 84.55 80.98
N VAL D 130 64.92 85.51 81.01
CA VAL D 130 64.11 85.87 79.84
C VAL D 130 64.14 87.37 79.67
N LEU D 131 64.24 87.83 78.41
CA LEU D 131 64.31 89.25 78.08
C LEU D 131 63.27 89.57 77.01
N ASP D 132 62.23 90.31 77.39
CA ASP D 132 61.10 90.58 76.50
C ASP D 132 61.04 92.05 76.13
N THR D 133 61.09 92.31 74.81
CA THR D 133 60.97 93.65 74.22
C THR D 133 62.22 94.50 74.51
N ILE D 134 63.38 93.90 74.29
CA ILE D 134 64.66 94.58 74.48
C ILE D 134 64.79 95.80 73.57
N GLU D 135 64.02 95.84 72.48
CA GLU D 135 64.10 96.93 71.52
C GLU D 135 63.89 98.28 72.20
N SER D 136 62.97 98.33 73.17
CA SER D 136 62.68 99.57 73.86
C SER D 136 63.96 100.26 74.32
N LEU D 137 64.70 99.61 75.21
CA LEU D 137 65.95 100.20 75.70
C LEU D 137 66.97 100.33 74.58
N PHE D 138 67.09 99.31 73.73
CA PHE D 138 68.12 99.35 72.70
C PHE D 138 68.03 100.61 71.85
N SER D 139 66.82 101.14 71.65
CA SER D 139 66.65 102.34 70.83
C SER D 139 66.26 103.58 71.64
N ALA D 140 66.09 103.46 72.97
CA ALA D 140 65.70 104.62 73.76
C ALA D 140 66.83 105.62 73.86
N PHE D 141 67.96 105.23 74.47
CA PHE D 141 69.03 106.17 74.78
C PHE D 141 70.37 105.77 74.17
N SER D 142 70.80 104.53 74.36
CA SER D 142 72.08 104.04 73.84
C SER D 142 71.79 103.31 72.53
N ASN D 143 71.94 104.02 71.41
CA ASN D 143 71.54 103.47 70.12
C ASN D 143 72.61 103.63 69.05
N PRO D 144 73.09 104.86 68.76
CA PRO D 144 73.91 105.05 67.54
C PRO D 144 75.12 104.14 67.44
N ALA D 145 76.03 104.19 68.41
CA ALA D 145 77.27 103.42 68.33
C ALA D 145 77.52 102.63 69.61
N ILE D 146 77.40 103.29 70.76
CA ILE D 146 77.58 102.64 72.06
C ILE D 146 76.64 101.46 72.25
N LEU D 147 75.61 101.34 71.40
CA LEU D 147 74.61 100.29 71.55
C LEU D 147 75.24 98.91 71.45
N ARG D 148 76.01 98.66 70.39
CA ARG D 148 76.58 97.32 70.20
C ARG D 148 77.49 96.95 71.37
N ALA D 149 78.27 97.91 71.86
CA ALA D 149 79.12 97.65 73.01
C ALA D 149 78.30 97.25 74.23
N GLU D 150 77.20 97.96 74.48
CA GLU D 150 76.39 97.63 75.65
C GLU D 150 75.68 96.29 75.50
N ILE D 151 75.21 95.99 74.29
CA ILE D 151 74.63 94.67 74.01
C ILE D 151 75.65 93.58 74.34
N ARG D 152 76.84 93.72 73.78
CA ARG D 152 77.91 92.75 74.02
C ARG D 152 78.18 92.61 75.51
N ARG D 153 78.24 93.73 76.23
CA ARG D 153 78.53 93.67 77.65
C ARG D 153 77.45 92.92 78.41
N LEU D 154 76.18 93.21 78.12
CA LEU D 154 75.09 92.53 78.81
C LEU D 154 75.14 91.03 78.57
N PHE D 155 75.30 90.62 77.31
CA PHE D 155 75.31 89.20 77.01
C PHE D 155 76.54 88.52 77.62
N ASP D 156 77.69 89.21 77.63
CA ASP D 156 78.88 88.63 78.24
C ASP D 156 78.73 88.50 79.75
N TRP D 157 78.04 89.44 80.40
CA TRP D 157 77.82 89.31 81.84
C TRP D 157 76.86 88.17 82.15
N LEU D 158 75.82 88.01 81.33
CA LEU D 158 74.95 86.84 81.48
C LEU D 158 75.75 85.55 81.35
N LYS D 159 76.62 85.47 80.35
CA LYS D 159 77.44 84.28 80.18
C LYS D 159 78.38 84.08 81.36
N GLU D 160 78.95 85.17 81.88
CA GLU D 160 79.80 85.07 83.07
C GLU D 160 79.03 84.43 84.21
N ARG D 161 77.83 84.95 84.51
CA ARG D 161 77.01 84.34 85.54
C ARG D 161 76.63 82.91 85.20
N GLY D 162 76.66 82.55 83.92
CA GLY D 162 76.37 81.18 83.53
C GLY D 162 74.90 80.88 83.39
N LEU D 163 74.09 81.90 83.11
CA LEU D 163 72.64 81.76 83.04
C LEU D 163 72.22 81.43 81.62
N THR D 164 71.20 80.58 81.49
CA THR D 164 70.62 80.28 80.18
C THR D 164 69.55 81.31 79.87
N THR D 165 69.76 82.08 78.81
CA THR D 165 68.92 83.23 78.49
C THR D 165 68.09 82.97 77.24
N VAL D 166 66.87 83.49 77.24
CA VAL D 166 65.99 83.49 76.07
C VAL D 166 65.59 84.94 75.81
N ILE D 167 65.87 85.42 74.60
CA ILE D 167 65.61 86.80 74.21
C ILE D 167 64.50 86.81 73.18
N THR D 168 63.61 87.79 73.28
CA THR D 168 62.49 87.94 72.36
C THR D 168 62.70 89.19 71.52
N ALA D 169 62.84 88.99 70.21
CA ALA D 169 62.96 90.08 69.25
C ALA D 169 61.81 90.01 68.26
N GLU D 170 61.55 91.13 67.59
CA GLU D 170 60.44 91.24 66.66
C GLU D 170 60.94 91.29 65.22
N ARG D 171 60.27 90.54 64.35
CA ARG D 171 60.57 90.54 62.93
C ARG D 171 59.48 91.30 62.18
N GLY D 172 59.35 92.60 62.45
CA GLY D 172 58.27 93.38 61.89
C GLY D 172 58.17 93.26 60.38
N ASP D 173 59.32 93.23 59.70
CA ASP D 173 59.33 93.13 58.24
C ASP D 173 60.65 92.65 57.70
N GLY D 174 61.54 92.17 58.58
CA GLY D 174 62.85 91.72 58.19
C GLY D 174 62.93 90.20 57.99
N ALA D 175 64.12 89.75 57.61
CA ALA D 175 64.34 88.33 57.44
C ALA D 175 64.14 87.57 58.74
N LEU D 176 64.82 88.00 59.80
CA LEU D 176 64.69 87.38 61.11
C LEU D 176 64.45 88.39 62.22
N THR D 177 65.08 89.56 62.16
CA THR D 177 64.96 90.56 63.21
C THR D 177 64.60 91.91 62.61
N ARG D 178 63.82 92.69 63.36
CA ARG D 178 63.54 94.07 62.97
C ARG D 178 64.77 94.96 63.13
N GLN D 179 65.69 94.59 64.02
CA GLN D 179 66.89 95.40 64.22
C GLN D 179 67.79 95.41 63.00
N GLY D 180 67.79 94.34 62.21
CA GLY D 180 68.67 94.21 61.07
C GLY D 180 70.06 93.70 61.40
N LEU D 181 70.42 93.63 62.68
CA LEU D 181 71.72 93.13 63.10
C LEU D 181 71.65 92.19 64.30
N GLU D 182 70.53 92.15 65.03
CA GLU D 182 70.46 91.36 66.25
C GLU D 182 70.55 89.86 65.98
N GLU D 183 70.03 89.41 64.83
CA GLU D 183 70.05 87.98 64.53
C GLU D 183 71.47 87.42 64.47
N TYR D 184 72.47 88.28 64.30
CA TYR D 184 73.86 87.86 64.18
C TYR D 184 74.67 88.14 65.44
N VAL D 185 74.00 88.27 66.59
CA VAL D 185 74.69 88.52 67.85
C VAL D 185 74.20 87.54 68.91
N SER D 186 73.74 86.37 68.47
CA SER D 186 73.28 85.34 69.39
C SER D 186 73.53 83.97 68.77
N ASP D 187 73.74 82.97 69.64
CA ASP D 187 74.09 81.64 69.18
C ASP D 187 72.91 80.98 68.46
N CYS D 188 71.82 80.74 69.18
CA CYS D 188 70.67 80.02 68.65
C CYS D 188 69.57 80.99 68.23
N VAL D 189 68.94 80.71 67.09
CA VAL D 189 67.86 81.52 66.55
C VAL D 189 66.69 80.60 66.22
N ILE D 190 65.48 81.03 66.60
CA ILE D 190 64.25 80.27 66.36
C ILE D 190 63.21 81.23 65.80
N LEU D 191 62.70 80.93 64.61
CA LEU D 191 61.75 81.79 63.92
C LEU D 191 60.34 81.23 64.06
N LEU D 192 59.40 82.08 64.47
CA LEU D 192 58.00 81.73 64.63
C LEU D 192 57.16 82.53 63.65
N ASP D 193 56.24 81.86 62.96
CA ASP D 193 55.43 82.50 61.93
C ASP D 193 53.99 82.05 62.05
N HIS D 194 53.07 82.91 61.59
CA HIS D 194 51.62 82.68 61.62
C HIS D 194 51.10 82.98 60.22
N ARG D 195 51.26 82.01 59.32
CA ARG D 195 50.94 82.24 57.92
C ARG D 195 49.47 82.00 57.63
N VAL D 196 48.98 82.61 56.56
CA VAL D 196 47.60 82.45 56.11
C VAL D 196 47.63 81.82 54.73
N GLU D 197 47.06 80.62 54.61
CA GLU D 197 46.86 79.95 53.34
C GLU D 197 45.37 79.76 53.12
N ASN D 198 44.94 79.88 51.85
CA ASN D 198 43.51 79.97 51.56
C ASN D 198 42.94 81.14 52.36
N GLN D 199 42.33 80.83 53.52
CA GLN D 199 42.07 81.87 54.50
C GLN D 199 42.16 81.31 55.92
N ILE D 200 42.82 80.17 56.11
CA ILE D 200 43.04 79.56 57.42
C ILE D 200 44.51 79.70 57.77
N SER D 201 44.79 79.98 59.04
CA SER D 201 46.16 80.23 59.47
C SER D 201 46.82 78.96 59.98
N THR D 202 48.15 79.01 60.02
CA THR D 202 48.96 77.94 60.58
C THR D 202 50.17 78.54 61.28
N ARG D 203 50.46 78.02 62.47
CA ARG D 203 51.58 78.45 63.29
C ARG D 203 52.75 77.49 63.09
N ARG D 204 53.90 78.04 62.70
CA ARG D 204 55.06 77.24 62.37
C ARG D 204 56.29 77.79 63.07
N LEU D 205 57.17 76.90 63.51
CA LEU D 205 58.45 77.28 64.09
C LEU D 205 59.57 76.56 63.36
N ARG D 206 60.69 77.26 63.19
CA ARG D 206 61.88 76.71 62.54
C ARG D 206 63.11 77.07 63.35
N ILE D 207 64.03 76.13 63.46
CA ILE D 207 65.31 76.36 64.13
C ILE D 207 66.25 76.88 63.04
N VAL D 208 66.24 78.20 62.85
CA VAL D 208 67.02 78.80 61.77
C VAL D 208 68.51 78.54 62.00
N LYS D 209 68.97 78.68 63.24
CA LYS D 209 70.37 78.45 63.55
C LYS D 209 70.49 77.90 64.97
N TYR D 210 71.44 76.99 65.16
CA TYR D 210 71.70 76.41 66.48
C TYR D 210 73.13 75.85 66.42
N ARG D 211 74.10 76.68 66.77
CA ARG D 211 75.50 76.29 66.68
C ARG D 211 75.81 75.18 67.69
N GLY D 212 76.47 74.14 67.21
CA GLY D 212 77.05 73.14 68.09
C GLY D 212 76.24 71.86 68.27
N THR D 213 75.12 71.71 67.58
CA THR D 213 74.33 70.49 67.72
C THR D 213 73.50 70.28 66.45
N ALA D 214 72.99 69.06 66.31
CA ALA D 214 72.06 68.74 65.24
C ALA D 214 70.65 69.14 65.63
N HIS D 215 69.94 69.76 64.70
CA HIS D 215 68.56 70.18 64.94
C HIS D 215 67.74 69.96 63.68
N GLY D 216 66.43 70.00 63.85
CA GLY D 216 65.51 69.85 62.73
C GLY D 216 65.40 71.11 61.90
N THR D 217 65.94 71.09 60.68
CA THR D 217 65.96 72.27 59.83
C THR D 217 64.64 72.54 59.16
N ASN D 218 63.72 71.57 59.12
CA ASN D 218 62.46 71.75 58.45
C ASN D 218 61.45 72.46 59.37
N GLU D 219 60.51 73.15 58.74
CA GLU D 219 59.47 73.85 59.49
C GLU D 219 58.59 72.85 60.23
N TYR D 220 58.25 73.15 61.48
CA TYR D 220 57.41 72.30 62.28
C TYR D 220 56.15 73.05 62.69
N PRO D 221 54.96 72.51 62.44
CA PRO D 221 53.74 73.19 62.87
C PRO D 221 53.46 72.93 64.35
N PHE D 222 52.86 73.93 64.99
CA PHE D 222 52.56 73.85 66.42
C PHE D 222 51.25 74.56 66.70
N LEU D 223 50.80 74.43 67.95
CA LEU D 223 49.57 75.06 68.40
C LEU D 223 49.79 75.68 69.77
N ILE D 224 48.97 76.68 70.07
CA ILE D 224 48.92 77.32 71.39
C ILE D 224 47.54 77.02 71.98
N ASP D 225 47.51 76.27 73.07
CA ASP D 225 46.24 75.84 73.64
C ASP D 225 46.38 75.77 75.16
N THR D 226 45.39 75.15 75.81
CA THR D 226 45.37 75.07 77.26
C THR D 226 46.61 74.34 77.78
N ASP D 227 46.99 73.25 77.12
CA ASP D 227 48.20 72.54 77.51
C ASP D 227 49.43 73.44 77.45
N GLY D 228 49.42 74.42 76.54
CA GLY D 228 50.52 75.34 76.39
C GLY D 228 50.99 75.44 74.95
N PHE D 229 52.31 75.50 74.77
CA PHE D 229 52.91 75.36 73.44
C PHE D 229 53.00 73.88 73.12
N SER D 230 52.28 73.43 72.09
CA SER D 230 52.25 72.03 71.70
C SER D 230 52.80 71.93 70.29
N VAL D 231 54.07 71.52 70.17
CA VAL D 231 54.66 71.22 68.88
C VAL D 231 54.16 69.83 68.47
N LEU D 232 53.24 69.79 67.52
CA LEU D 232 52.67 68.52 67.09
C LEU D 232 53.78 67.53 66.77
N PRO D 233 53.72 66.30 67.28
CA PRO D 233 54.89 65.42 67.21
C PRO D 233 55.15 64.90 65.81
N VAL D 234 56.43 64.88 65.45
CA VAL D 234 56.90 64.15 64.27
C VAL D 234 57.86 63.08 64.79
N SER D 235 58.96 63.52 65.41
CA SER D 235 59.88 62.61 66.08
C SER D 235 60.41 61.54 65.13
N ALA D 236 60.52 61.86 63.85
CA ALA D 236 60.88 60.93 62.80
C ALA D 236 59.82 59.87 62.60
N LEU D 237 58.62 60.04 63.19
CA LEU D 237 57.57 59.03 63.12
C LEU D 237 58.17 57.67 63.49
N GLY D 238 57.55 56.58 63.06
CA GLY D 238 58.09 55.26 63.35
C GLY D 238 57.82 54.24 62.28
N LEU D 239 58.84 53.45 61.94
CA LEU D 239 58.70 52.34 61.00
C LEU D 239 58.61 51.00 61.71
N LEU D 240 58.39 51.02 63.03
CA LEU D 240 58.40 49.80 63.84
C LEU D 240 56.95 49.36 64.12
N HIS D 241 56.30 48.89 63.07
CA HIS D 241 54.92 48.44 63.20
C HIS D 241 54.83 47.22 64.11
N GLN D 242 53.74 47.13 64.86
CA GLN D 242 53.49 46.00 65.75
C GLN D 242 52.77 44.93 64.95
N VAL D 243 53.44 43.79 64.76
CA VAL D 243 52.89 42.68 63.97
C VAL D 243 52.20 41.72 64.93
N HIS D 244 50.93 41.44 64.67
CA HIS D 244 50.12 40.55 65.49
C HIS D 244 49.58 39.41 64.65
N GLU D 245 49.65 38.20 65.19
CA GLU D 245 49.17 37.01 64.52
C GLU D 245 47.75 36.61 64.94
N GLU D 246 47.14 37.36 65.86
CA GLU D 246 45.77 37.12 66.29
C GLU D 246 44.82 37.96 65.45
N ARG D 247 43.80 37.33 64.89
CA ARG D 247 42.87 38.00 64.00
C ARG D 247 41.82 38.76 64.80
N ILE D 248 41.00 39.53 64.09
CA ILE D 248 39.95 40.33 64.70
C ILE D 248 38.63 40.03 63.99
N ALA D 249 37.55 39.95 64.76
CA ALA D 249 36.23 39.75 64.18
C ALA D 249 35.75 41.03 63.53
N SER D 250 35.06 40.89 62.40
CA SER D 250 34.61 42.03 61.62
C SER D 250 33.22 42.52 62.02
N GLY D 251 32.53 41.80 62.90
CA GLY D 251 31.11 42.00 63.09
C GLY D 251 30.25 41.41 62.00
N VAL D 252 30.85 40.93 60.92
CA VAL D 252 30.14 40.24 59.85
C VAL D 252 30.77 38.86 59.66
N PRO D 253 30.15 37.82 60.23
CA PRO D 253 30.76 36.49 60.16
C PRO D 253 30.99 36.01 58.74
N ASP D 254 30.27 36.55 57.76
CA ASP D 254 30.44 36.08 56.39
C ASP D 254 31.75 36.60 55.79
N LEU D 255 32.10 37.85 56.04
CA LEU D 255 33.45 38.32 55.69
C LEU D 255 34.51 37.50 56.42
N ASP D 256 34.31 37.32 57.72
CA ASP D 256 35.29 36.52 58.47
C ASP D 256 35.42 35.13 57.89
N ALA D 257 34.34 34.60 57.29
CA ALA D 257 34.41 33.30 56.63
C ALA D 257 35.16 33.40 55.31
N MET D 258 34.93 34.46 54.53
CA MET D 258 35.67 34.65 53.29
C MET D 258 37.16 34.55 53.56
N MET D 259 37.61 35.06 54.71
CA MET D 259 39.04 34.94 54.98
C MET D 259 39.39 33.53 55.49
N ALA D 260 40.69 33.22 55.45
CA ALA D 260 41.15 31.87 55.75
C ALA D 260 40.70 31.43 57.14
N GLY D 261 40.99 32.24 58.16
CA GLY D 261 40.61 31.91 59.52
C GLY D 261 40.46 33.13 60.39
N GLY D 262 39.30 33.29 61.02
CA GLY D 262 39.04 34.43 61.87
C GLY D 262 38.84 35.70 61.07
N GLY D 263 39.86 36.12 60.32
CA GLY D 263 39.72 37.29 59.48
C GLY D 263 40.97 38.16 59.44
N PHE D 264 40.77 39.47 59.25
CA PHE D 264 41.89 40.40 59.21
C PHE D 264 42.77 40.24 60.44
N PHE D 265 44.07 40.37 60.23
CA PHE D 265 45.00 40.45 61.36
C PHE D 265 44.68 41.69 62.17
N ARG D 266 44.72 41.57 63.50
CA ARG D 266 44.34 42.66 64.37
C ARG D 266 45.11 43.94 64.03
N GLY D 267 46.43 43.89 64.16
CA GLY D 267 47.25 45.02 63.81
C GLY D 267 47.39 45.18 62.30
N SER D 268 46.37 45.75 61.67
CA SER D 268 46.37 45.84 60.20
C SER D 268 45.54 47.03 59.75
N SER D 269 45.80 47.42 58.50
CA SER D 269 45.05 48.46 57.81
C SER D 269 44.04 47.81 56.87
N ILE D 270 42.84 48.39 56.79
CA ILE D 270 41.77 47.87 55.97
C ILE D 270 41.12 49.04 55.24
N LEU D 271 40.97 48.92 53.93
CA LEU D 271 40.29 49.89 53.11
C LEU D 271 38.92 49.34 52.74
N VAL D 272 37.92 50.20 52.81
CA VAL D 272 36.55 49.89 52.42
C VAL D 272 36.22 50.87 51.30
N SER D 273 36.42 50.44 50.06
CA SER D 273 36.18 51.30 48.92
C SER D 273 34.85 50.96 48.26
N GLY D 274 34.30 51.91 47.55
CA GLY D 274 33.02 51.72 46.90
C GLY D 274 32.44 53.04 46.45
N VAL D 275 31.29 52.92 45.79
CA VAL D 275 30.54 54.09 45.33
C VAL D 275 29.86 54.71 46.54
N ALA D 276 28.97 55.67 46.30
CA ALA D 276 28.29 56.37 47.40
C ALA D 276 27.51 55.42 48.28
N GLY D 277 26.45 54.81 47.75
CA GLY D 277 25.54 54.02 48.57
C GLY D 277 25.87 52.53 48.60
N ALA D 278 27.15 52.19 48.73
CA ALA D 278 27.54 50.78 48.75
C ALA D 278 27.47 50.14 50.13
N GLY D 279 27.54 50.94 51.20
CA GLY D 279 27.53 50.43 52.55
C GLY D 279 28.86 50.52 53.30
N LYS D 280 29.76 51.40 52.85
CA LYS D 280 31.10 51.48 53.43
C LYS D 280 31.04 51.77 54.92
N SER D 281 30.39 52.88 55.29
CA SER D 281 30.29 53.26 56.69
C SER D 281 29.53 52.22 57.49
N SER D 282 28.60 51.49 56.85
CA SER D 282 27.89 50.44 57.56
C SER D 282 28.83 49.31 57.98
N LEU D 283 29.66 48.84 57.05
CA LEU D 283 30.61 47.80 57.41
C LEU D 283 31.60 48.30 58.46
N ALA D 284 32.04 49.55 58.36
CA ALA D 284 32.95 50.09 59.36
C ALA D 284 32.28 50.16 60.73
N ALA D 285 31.02 50.59 60.78
CA ALA D 285 30.30 50.65 62.03
C ALA D 285 30.12 49.26 62.63
N HIS D 286 29.94 48.25 61.78
CA HIS D 286 29.88 46.88 62.29
C HIS D 286 31.20 46.47 62.92
N PHE D 287 32.33 46.80 62.27
CA PHE D 287 33.63 46.55 62.87
C PHE D 287 33.72 47.18 64.26
N ALA D 288 33.37 48.46 64.36
CA ALA D 288 33.47 49.16 65.65
C ALA D 288 32.53 48.55 66.68
N ALA D 289 31.33 48.15 66.26
CA ALA D 289 30.37 47.56 67.18
C ALA D 289 30.91 46.27 67.76
N ALA D 290 31.47 45.41 66.92
CA ALA D 290 32.08 44.18 67.43
C ALA D 290 33.23 44.51 68.38
N ALA D 291 34.06 45.48 68.01
CA ALA D 291 35.19 45.86 68.85
C ALA D 291 34.73 46.23 70.26
N CYS D 292 33.71 47.10 70.35
CA CYS D 292 33.27 47.55 71.67
C CYS D 292 32.46 46.49 72.40
N ALA D 293 31.73 45.63 71.67
CA ALA D 293 31.02 44.54 72.33
C ALA D 293 31.99 43.55 72.96
N ARG D 294 33.18 43.40 72.37
CA ARG D 294 34.20 42.56 72.97
C ARG D 294 34.88 43.21 74.18
N GLY D 295 34.42 44.40 74.59
CA GLY D 295 35.04 45.12 75.69
C GLY D 295 36.18 46.03 75.28
N GLU D 296 36.71 45.88 74.08
CA GLU D 296 37.79 46.72 73.59
C GLU D 296 37.25 48.04 73.07
N ARG D 297 37.78 49.15 73.56
CA ARG D 297 37.31 50.46 73.14
C ARG D 297 37.55 50.66 71.64
N ALA D 298 36.87 51.65 71.08
CA ALA D 298 36.99 51.94 69.66
C ALA D 298 36.53 53.36 69.35
N MET D 299 37.08 53.89 68.26
CA MET D 299 36.86 55.28 67.88
C MET D 299 36.36 55.33 66.45
N TYR D 300 35.55 56.36 66.16
CA TYR D 300 34.86 56.49 64.88
C TYR D 300 34.87 57.96 64.49
N PHE D 301 35.46 58.25 63.33
CA PHE D 301 35.55 59.60 62.81
C PHE D 301 34.63 59.71 61.60
N SER D 302 33.73 60.69 61.62
CA SER D 302 32.83 60.96 60.51
C SER D 302 33.10 62.37 59.99
N PHE D 303 33.37 62.46 58.68
CA PHE D 303 33.55 63.75 58.02
C PHE D 303 32.40 64.05 57.07
N GLU D 304 31.27 63.36 57.24
CA GLU D 304 30.08 63.60 56.41
C GLU D 304 28.80 63.34 57.18
N GLU D 305 28.90 62.84 58.41
CA GLU D 305 27.75 62.42 59.19
C GLU D 305 27.91 62.83 60.64
N ALA D 306 26.84 63.37 61.22
CA ALA D 306 26.83 63.61 62.65
C ALA D 306 26.75 62.29 63.41
N ALA D 307 27.07 62.35 64.70
CA ALA D 307 27.11 61.13 65.50
C ALA D 307 25.71 60.57 65.73
N ASP D 308 24.80 61.39 66.24
CA ASP D 308 23.45 60.92 66.53
C ASP D 308 22.73 60.50 65.25
N GLN D 309 22.95 61.22 64.16
CA GLN D 309 22.36 60.83 62.89
C GLN D 309 22.97 59.53 62.38
N ALA D 310 24.28 59.34 62.57
CA ALA D 310 24.90 58.07 62.23
C ALA D 310 24.24 56.94 63.00
N VAL D 311 23.92 57.17 64.28
CA VAL D 311 23.28 56.12 65.07
C VAL D 311 21.87 55.86 64.55
N ARG D 312 21.10 56.90 64.24
CA ARG D 312 19.78 56.67 63.65
C ARG D 312 19.92 55.82 62.38
N ASN D 313 20.90 56.15 61.54
CA ASN D 313 21.02 55.49 60.25
C ASN D 313 21.40 54.03 60.41
N MET D 314 22.36 53.74 61.28
CA MET D 314 22.76 52.36 61.52
C MET D 314 21.78 51.61 62.41
N ARG D 315 20.81 52.31 63.01
CA ARG D 315 19.80 51.63 63.82
C ARG D 315 18.88 50.78 62.94
N SER D 316 18.54 51.27 61.75
CA SER D 316 17.71 50.50 60.84
C SER D 316 18.38 49.20 60.41
N LEU D 317 19.71 49.13 60.49
CA LEU D 317 20.45 47.92 60.20
C LEU D 317 20.65 47.04 61.42
N GLY D 318 19.97 47.33 62.52
CA GLY D 318 20.07 46.50 63.71
C GLY D 318 21.29 46.75 64.56
N LEU D 319 21.82 47.97 64.56
CA LEU D 319 22.99 48.32 65.35
C LEU D 319 22.61 49.41 66.35
N ASP D 320 22.89 49.17 67.62
CA ASP D 320 22.65 50.11 68.70
C ASP D 320 24.00 50.67 69.15
N LEU D 321 24.41 51.76 68.50
CA LEU D 321 25.67 52.41 68.87
C LEU D 321 25.57 53.17 70.18
N GLY D 322 24.35 53.50 70.60
CA GLY D 322 24.17 54.26 71.83
C GLY D 322 24.58 53.49 73.07
N ARG D 323 24.27 52.18 73.10
CA ARG D 323 24.72 51.34 74.20
C ARG D 323 26.21 51.57 74.46
N TRP D 324 27.02 51.38 73.43
CA TRP D 324 28.47 51.42 73.59
C TRP D 324 28.97 52.84 73.82
N ARG D 325 28.36 53.82 73.14
CA ARG D 325 28.79 55.20 73.35
C ARG D 325 28.54 55.64 74.79
N ASP D 326 27.37 55.30 75.34
CA ASP D 326 27.07 55.65 76.73
C ASP D 326 27.98 54.89 77.68
N ALA D 327 28.20 53.59 77.43
CA ALA D 327 29.14 52.85 78.27
C ALA D 327 30.56 53.40 78.17
N GLY D 328 30.86 54.17 77.12
CA GLY D 328 32.16 54.76 76.96
C GLY D 328 33.15 53.92 76.19
N LEU D 329 32.71 52.82 75.59
CA LEU D 329 33.56 51.96 74.78
C LEU D 329 33.63 52.40 73.32
N LEU D 330 32.84 53.40 72.92
CA LEU D 330 32.92 53.96 71.59
C LEU D 330 33.00 55.47 71.70
N ARG D 331 33.66 56.09 70.72
CA ARG D 331 33.73 57.55 70.70
C ARG D 331 33.69 58.07 69.27
N PHE D 332 32.69 58.92 68.98
CA PHE D 332 32.61 59.62 67.71
C PHE D 332 33.41 60.92 67.77
N MET D 333 33.83 61.39 66.59
CA MET D 333 34.43 62.71 66.47
C MET D 333 33.54 63.67 65.69
N ALA D 334 33.19 63.33 64.45
CA ALA D 334 32.23 64.12 63.66
C ALA D 334 32.73 65.54 63.42
N THR D 335 33.94 65.63 62.87
CA THR D 335 34.53 66.91 62.49
C THR D 335 34.61 67.02 60.97
N ARG D 336 34.25 68.18 60.45
CA ARG D 336 34.30 68.39 59.00
C ARG D 336 35.72 68.75 58.57
N PRO D 337 36.06 68.52 57.30
CA PRO D 337 37.43 68.83 56.86
C PRO D 337 37.76 70.31 56.88
N THR D 338 36.82 71.16 56.47
CA THR D 338 37.12 72.58 56.32
C THR D 338 37.30 73.30 57.65
N PHE D 339 37.08 72.62 58.79
CA PHE D 339 37.31 73.24 60.09
C PHE D 339 38.73 73.78 60.18
N TYR D 340 39.71 72.87 60.10
CA TYR D 340 41.11 73.20 60.31
C TYR D 340 41.90 72.94 59.03
N SER D 341 43.23 72.98 59.15
CA SER D 341 44.12 72.56 58.09
C SER D 341 44.47 71.08 58.28
N LEU D 342 45.21 70.52 57.33
CA LEU D 342 45.49 69.09 57.37
C LEU D 342 46.32 68.72 58.61
N GLU D 343 47.34 69.51 58.92
CA GLU D 343 48.15 69.23 60.10
C GLU D 343 47.30 69.29 61.37
N MET D 344 46.34 70.21 61.42
CA MET D 344 45.51 70.35 62.62
C MET D 344 44.53 69.19 62.75
N HIS D 345 43.96 68.74 61.64
CA HIS D 345 43.12 67.54 61.68
C HIS D 345 43.92 66.34 62.14
N LEU D 346 45.13 66.16 61.58
CA LEU D 346 46.00 65.08 62.02
C LEU D 346 46.29 65.17 63.51
N ALA D 347 46.55 66.37 64.00
CA ALA D 347 46.85 66.56 65.41
C ALA D 347 45.66 66.17 66.29
N VAL D 348 44.48 66.68 65.95
CA VAL D 348 43.28 66.34 66.73
C VAL D 348 43.08 64.82 66.75
N ILE D 349 43.19 64.19 65.58
CA ILE D 349 42.98 62.75 65.48
C ILE D 349 43.97 62.01 66.37
N LEU D 350 45.27 62.27 66.18
CA LEU D 350 46.28 61.56 66.95
C LEU D 350 46.12 61.80 68.44
N ARG D 351 45.79 63.03 68.83
CA ARG D 351 45.64 63.35 70.24
C ARG D 351 44.48 62.60 70.87
N GLU D 352 43.30 62.65 70.24
CA GLU D 352 42.15 61.95 70.78
C GLU D 352 42.39 60.45 70.82
N VAL D 353 43.07 59.91 69.81
CA VAL D 353 43.35 58.47 69.80
C VAL D 353 44.32 58.11 70.90
N MET D 354 45.34 58.95 71.15
CA MET D 354 46.26 58.68 72.24
C MET D 354 45.55 58.71 73.57
N ARG D 355 44.64 59.66 73.76
CA ARG D 355 43.94 59.78 75.04
C ARG D 355 42.98 58.61 75.24
N PHE D 356 42.35 58.11 74.18
CA PHE D 356 41.38 57.04 74.34
C PHE D 356 42.03 55.66 74.36
N GLU D 357 43.20 55.51 73.75
CA GLU D 357 43.88 54.23 73.65
C GLU D 357 42.93 53.13 73.15
N PRO D 358 42.32 53.31 71.98
CA PRO D 358 41.34 52.34 71.50
C PRO D 358 42.01 51.11 70.90
N SER D 359 41.17 50.23 70.35
CA SER D 359 41.63 49.04 69.63
C SER D 359 41.28 49.06 68.16
N VAL D 360 40.16 49.67 67.79
CA VAL D 360 39.73 49.80 66.40
C VAL D 360 39.45 51.28 66.14
N VAL D 361 39.85 51.74 64.95
CA VAL D 361 39.66 53.13 64.57
C VAL D 361 39.04 53.16 63.18
N VAL D 362 37.88 53.80 63.06
CA VAL D 362 37.18 53.97 61.80
C VAL D 362 37.35 55.40 61.32
N LEU D 363 37.65 55.56 60.03
CA LEU D 363 37.76 56.87 59.40
C LEU D 363 36.85 56.88 58.18
N ASP D 364 35.75 57.62 58.27
CA ASP D 364 34.69 57.60 57.27
C ASP D 364 34.36 59.02 56.84
N PRO D 365 34.81 59.47 55.65
CA PRO D 365 35.78 58.88 54.72
C PRO D 365 37.10 59.62 54.69
N ILE D 366 38.19 58.92 54.32
CA ILE D 366 39.46 59.57 54.09
C ILE D 366 39.46 60.39 52.81
N SER D 367 38.47 60.21 51.95
CA SER D 367 38.40 60.97 50.71
C SER D 367 38.09 62.44 50.96
N ALA D 368 37.29 62.74 51.98
CA ALA D 368 36.87 64.12 52.23
C ALA D 368 38.06 65.06 52.42
N PHE D 369 39.23 64.53 52.81
CA PHE D 369 40.42 65.36 52.99
C PHE D 369 41.04 65.65 51.62
N THR D 370 40.36 66.52 50.88
CA THR D 370 40.84 66.96 49.57
C THR D 370 40.37 68.37 49.26
N GLY D 373 42.80 66.77 46.32
CA GLY D 373 43.53 67.56 47.29
C GLY D 373 45.02 67.57 47.03
N ASP D 374 45.75 68.37 47.80
CA ASP D 374 47.21 68.40 47.73
C ASP D 374 47.74 66.98 47.77
N ARG D 375 48.34 66.51 46.67
CA ARG D 375 48.71 65.10 46.57
C ARG D 375 49.72 64.73 47.65
N LEU D 376 50.84 65.44 47.71
CA LEU D 376 51.87 65.09 48.69
C LEU D 376 51.35 65.21 50.11
N GLU D 377 50.59 66.28 50.39
CA GLU D 377 50.08 66.48 51.75
C GLU D 377 49.15 65.36 52.16
N VAL D 378 48.21 64.99 51.28
CA VAL D 378 47.25 63.93 51.61
C VAL D 378 47.98 62.60 51.77
N GLN D 379 48.87 62.28 50.83
CA GLN D 379 49.65 61.05 50.91
C GLN D 379 50.39 60.98 52.25
N SER D 380 51.08 62.06 52.62
CA SER D 380 51.88 62.05 53.84
C SER D 380 50.99 61.96 55.08
N MET D 381 49.85 62.66 55.08
CA MET D 381 48.98 62.63 56.25
C MET D 381 48.42 61.23 56.47
N LEU D 382 47.90 60.61 55.41
CA LEU D 382 47.40 59.25 55.53
C LEU D 382 48.50 58.28 55.92
N LEU D 383 49.71 58.47 55.38
CA LEU D 383 50.84 57.64 55.74
C LEU D 383 51.14 57.75 57.24
N ARG D 384 51.15 58.99 57.75
CA ARG D 384 51.42 59.19 59.18
C ARG D 384 50.35 58.52 60.04
N ILE D 385 49.08 58.68 59.67
CA ILE D 385 48.01 58.07 60.45
C ILE D 385 48.18 56.56 60.50
N VAL D 386 48.36 55.93 59.33
CA VAL D 386 48.52 54.49 59.27
C VAL D 386 49.73 54.05 60.09
N ASP D 387 50.85 54.78 59.94
CA ASP D 387 52.07 54.43 60.65
C ASP D 387 51.83 54.44 62.17
N PHE D 388 51.25 55.52 62.68
CA PHE D 388 51.04 55.62 64.12
C PHE D 388 50.12 54.50 64.61
N LEU D 389 48.99 54.29 63.93
CA LEU D 389 48.07 53.25 64.37
C LEU D 389 48.74 51.88 64.38
N LYS D 390 49.57 51.60 63.37
CA LYS D 390 50.19 50.28 63.29
C LYS D 390 51.31 50.12 64.32
N ASN D 391 52.05 51.19 64.61
CA ASN D 391 53.04 51.11 65.68
C ASN D 391 52.37 50.95 67.04
N ARG D 392 51.14 51.41 67.19
CA ARG D 392 50.39 51.17 68.42
C ARG D 392 49.55 49.89 68.35
N GLY D 393 49.60 49.16 67.23
CA GLY D 393 48.95 47.87 67.16
C GLY D 393 47.45 47.93 67.11
N ILE D 394 46.91 48.90 66.39
CA ILE D 394 45.47 49.18 66.35
C ILE D 394 44.94 48.78 64.99
N THR D 395 43.72 48.25 64.96
CA THR D 395 43.07 47.92 63.71
C THR D 395 42.50 49.20 63.09
N GLY D 396 42.71 49.36 61.78
CA GLY D 396 42.22 50.55 61.10
C GLY D 396 41.26 50.24 59.97
N ILE D 397 40.11 50.91 59.97
CA ILE D 397 39.14 50.85 58.88
C ILE D 397 39.09 52.22 58.22
N PHE D 398 39.26 52.26 56.91
CA PHE D 398 39.36 53.51 56.16
C PHE D 398 38.39 53.44 54.99
N THR D 399 37.33 54.25 55.00
CA THR D 399 36.38 54.24 53.90
C THR D 399 36.80 55.24 52.83
N HIS D 400 36.60 54.87 51.57
CA HIS D 400 37.07 55.67 50.45
C HIS D 400 35.94 55.92 49.44
N LEU D 401 36.09 57.00 48.68
CA LEU D 401 35.13 57.41 47.66
C LEU D 401 33.71 57.41 48.21
N LEU D 414 47.04 54.44 46.68
CA LEU D 414 46.19 54.70 47.83
C LEU D 414 45.76 53.39 48.49
N SER D 415 45.55 52.37 47.66
CA SER D 415 45.14 51.05 48.12
C SER D 415 46.29 50.08 48.25
N SER D 416 47.52 50.50 47.94
CA SER D 416 48.69 49.65 48.12
C SER D 416 49.26 49.73 49.53
N LEU D 417 49.04 50.85 50.22
CA LEU D 417 49.49 50.97 51.61
C LEU D 417 48.69 50.04 52.52
N MET D 418 47.40 49.87 52.23
CA MET D 418 46.53 49.09 53.10
C MET D 418 46.75 47.60 52.91
N ASP D 419 46.74 46.86 54.02
CA ASP D 419 46.97 45.43 54.01
C ASP D 419 45.70 44.63 53.73
N GLY D 420 44.53 45.26 53.76
CA GLY D 420 43.30 44.61 53.41
C GLY D 420 42.45 45.53 52.57
N TRP D 421 41.73 45.00 51.58
CA TRP D 421 40.90 45.81 50.71
C TRP D 421 39.55 45.12 50.54
N VAL D 422 38.48 45.87 50.73
CA VAL D 422 37.12 45.36 50.57
C VAL D 422 36.43 46.30 49.59
N LEU D 423 36.07 45.76 48.43
CA LEU D 423 35.38 46.51 47.39
C LEU D 423 33.89 46.25 47.52
N MET D 424 33.13 47.33 47.68
CA MET D 424 31.68 47.32 47.80
C MET D 424 31.11 48.01 46.57
N LEU D 425 30.18 47.33 45.90
CA LEU D 425 29.64 47.80 44.63
C LEU D 425 28.12 47.86 44.70
N ASN D 426 27.56 48.87 44.02
CA ASN D 426 26.11 49.04 43.86
C ASN D 426 25.87 49.19 42.36
N ARG D 427 25.93 48.08 41.63
CA ARG D 427 25.95 48.11 40.17
C ARG D 427 24.54 48.08 39.60
N GLU D 428 24.35 48.81 38.51
CA GLU D 428 23.09 48.76 37.77
C GLU D 428 23.01 47.46 36.97
N VAL D 429 21.94 46.71 37.17
CA VAL D 429 21.73 45.46 36.47
C VAL D 429 20.64 45.65 35.42
N ASN D 430 19.42 45.21 35.72
CA ASN D 430 18.28 45.38 34.83
C ASN D 430 17.31 46.38 35.44
N GLY D 431 17.69 47.65 35.38
CA GLY D 431 16.91 48.69 36.03
C GLY D 431 16.92 48.60 37.54
N GLU D 432 17.72 47.70 38.11
CA GLU D 432 17.87 47.56 39.55
C GLU D 432 19.33 47.76 39.93
N PHE D 433 19.56 47.98 41.22
CA PHE D 433 20.91 48.17 41.75
C PHE D 433 21.21 47.01 42.70
N ASN D 434 22.19 46.20 42.32
CA ASN D 434 22.57 45.02 43.08
C ASN D 434 23.89 45.28 43.79
N ARG D 435 23.97 44.84 45.05
CA ARG D 435 25.09 45.12 45.93
C ARG D 435 25.99 43.91 46.06
N GLU D 436 27.30 44.14 45.87
CA GLU D 436 28.27 43.06 45.88
C GLU D 436 29.51 43.44 46.68
N LEU D 437 30.00 42.48 47.47
CA LEU D 437 31.25 42.62 48.20
C LEU D 437 32.25 41.65 47.63
N TYR D 438 33.50 42.10 47.49
CA TYR D 438 34.51 41.32 46.78
C TYR D 438 35.64 40.78 47.66
N LEU D 439 36.11 41.53 48.64
CA LEU D 439 37.34 41.17 49.35
C LEU D 439 38.47 41.03 48.35
N LEU D 440 39.11 42.15 48.02
CA LEU D 440 40.08 42.22 46.93
C LEU D 440 41.50 41.90 47.37
N LYS D 441 41.84 42.11 48.63
CA LYS D 441 43.24 42.07 49.05
C LYS D 441 43.33 41.74 50.52
N ALA D 442 44.27 40.86 50.87
CA ALA D 442 44.57 40.51 52.25
C ALA D 442 45.97 39.94 52.29
N ARG D 443 46.88 40.62 52.99
CA ARG D 443 48.31 40.41 52.76
C ARG D 443 48.73 38.98 53.08
N GLY D 444 48.20 38.39 54.15
CA GLY D 444 48.67 37.09 54.60
C GLY D 444 47.63 35.99 54.55
N MET D 445 46.41 36.33 54.17
CA MET D 445 45.29 35.39 54.19
C MET D 445 45.06 34.79 52.81
N ALA D 446 44.33 33.66 52.81
CA ALA D 446 43.88 33.05 51.57
C ALA D 446 42.45 33.49 51.29
N HIS D 447 42.32 34.75 50.89
CA HIS D 447 41.00 35.36 50.76
C HIS D 447 40.27 34.83 49.54
N SER D 448 38.95 34.77 49.65
CA SER D 448 38.12 34.25 48.57
C SER D 448 38.23 35.13 47.34
N ASN D 449 38.08 34.51 46.17
CA ASN D 449 38.17 35.18 44.89
C ASN D 449 36.82 35.56 44.30
N GLN D 450 35.73 35.16 44.95
CA GLN D 450 34.40 35.22 44.35
C GLN D 450 33.59 36.39 44.88
N VAL D 451 32.54 36.72 44.12
CA VAL D 451 31.58 37.74 44.54
C VAL D 451 30.80 37.23 45.75
N ARG D 452 30.22 38.18 46.50
CA ARG D 452 29.22 37.84 47.49
C ARG D 452 28.12 38.89 47.46
N GLU D 453 26.86 38.45 47.54
CA GLU D 453 25.75 39.38 47.50
C GLU D 453 25.59 40.04 48.86
N PHE D 454 25.72 41.38 48.88
CA PHE D 454 25.72 42.15 50.12
C PHE D 454 24.29 42.55 50.43
N LEU D 455 23.73 41.97 51.48
CA LEU D 455 22.34 42.18 51.87
C LEU D 455 22.28 42.93 53.20
N MET D 456 21.56 44.05 53.21
CA MET D 456 21.32 44.84 54.40
C MET D 456 19.88 44.61 54.85
N SER D 457 19.70 44.39 56.15
CA SER D 457 18.38 44.08 56.67
C SER D 457 18.31 44.49 58.14
N ASP D 458 17.08 44.49 58.68
CA ASP D 458 16.91 44.75 60.09
C ASP D 458 17.73 43.80 60.95
N ARG D 459 17.94 42.57 60.45
CA ARG D 459 18.77 41.62 61.19
C ARG D 459 20.23 42.03 61.20
N GLY D 460 20.71 42.63 60.13
CA GLY D 460 22.08 43.10 60.06
C GLY D 460 22.59 43.05 58.62
N ILE D 461 23.91 42.96 58.50
CA ILE D 461 24.58 42.82 57.22
C ILE D 461 24.86 41.33 57.00
N SER D 462 24.75 40.89 55.75
CA SER D 462 25.01 39.49 55.42
C SER D 462 25.55 39.40 54.02
N LEU D 463 26.21 38.28 53.73
CA LEU D 463 26.76 37.97 52.41
C LEU D 463 26.21 36.63 51.97
N LEU D 464 25.50 36.63 50.84
CA LEU D 464 25.06 35.34 50.31
C LEU D 464 26.05 34.84 49.26
N PRO D 465 26.32 33.54 49.27
CA PRO D 465 27.35 32.98 48.37
C PRO D 465 26.92 33.07 46.92
N PRO D 466 27.85 32.93 45.99
CA PRO D 466 27.52 33.10 44.57
C PRO D 466 26.79 31.90 44.00
N HIS D 467 26.00 32.16 42.96
CA HIS D 467 25.43 31.08 42.17
C HIS D 467 26.52 30.44 41.34
N LEU D 468 26.67 29.12 41.47
CA LEU D 468 27.78 28.39 40.86
C LEU D 468 27.28 27.57 39.69
N GLY D 469 28.00 27.65 38.58
CA GLY D 469 27.63 27.00 37.34
C GLY D 469 27.97 27.90 36.17
N GLU D 470 27.27 27.70 35.06
CA GLU D 470 27.44 28.58 33.91
C GLU D 470 27.03 30.00 34.30
N GLY D 471 27.87 30.95 33.95
CA GLY D 471 27.70 32.32 34.43
C GLY D 471 28.40 32.54 35.75
N GLY D 472 28.10 31.69 36.73
CA GLY D 472 28.79 31.70 38.00
C GLY D 472 28.82 33.07 38.67
N ALA D 473 27.67 33.70 38.80
CA ALA D 473 27.59 35.03 39.41
C ALA D 473 26.24 35.17 40.09
N LEU D 474 26.27 35.68 41.32
CA LEU D 474 25.06 35.95 42.08
C LEU D 474 24.73 37.44 41.96
N THR D 475 23.57 37.73 41.35
CA THR D 475 23.07 39.09 41.21
C THR D 475 21.55 38.99 41.32
N GLY D 476 21.01 39.32 42.49
CA GLY D 476 19.60 39.16 42.78
C GLY D 476 18.71 38.93 41.56
N THR D 477 18.68 39.93 40.67
CA THR D 477 17.85 39.82 39.47
C THR D 477 18.28 38.63 38.61
N ALA D 478 19.58 38.54 38.31
CA ALA D 478 20.02 37.51 37.37
C ALA D 478 20.00 36.13 38.01
N ARG D 479 20.27 36.02 39.31
CA ARG D 479 20.12 34.72 39.96
C ARG D 479 18.66 34.29 39.98
N LYS D 480 17.74 35.22 40.23
CA LYS D 480 16.32 34.87 40.15
C LYS D 480 15.97 34.38 38.75
N ALA D 481 16.41 35.11 37.73
CA ALA D 481 16.11 34.72 36.35
C ALA D 481 16.71 33.35 36.02
N GLU D 482 17.96 33.11 36.43
CA GLU D 482 18.63 31.86 36.10
C GLU D 482 18.00 30.69 36.86
N GLU D 483 17.67 30.89 38.13
CA GLU D 483 17.01 29.84 38.89
C GLU D 483 15.66 29.49 38.27
N ALA D 484 14.85 30.50 37.97
CA ALA D 484 13.57 30.26 37.34
C ALA D 484 13.73 29.59 35.99
N ARG D 485 14.75 29.97 35.23
CA ARG D 485 14.97 29.39 33.91
C ARG D 485 15.38 27.92 34.02
N LEU D 486 16.31 27.60 34.92
CA LEU D 486 16.70 26.22 35.11
C LEU D 486 15.52 25.37 35.58
N ARG D 487 14.73 25.90 36.51
CA ARG D 487 13.52 25.20 36.95
C ARG D 487 12.59 24.92 35.78
N ARG D 488 12.22 25.97 35.05
CA ARG D 488 11.30 25.80 33.92
C ARG D 488 11.87 24.86 32.86
N ALA D 489 13.20 24.89 32.66
CA ALA D 489 13.82 24.02 31.67
C ALA D 489 13.76 22.56 32.11
N GLU D 490 13.96 22.29 33.39
CA GLU D 490 13.79 20.93 33.87
C GLU D 490 12.34 20.48 33.76
N ILE D 491 11.40 21.41 33.98
CA ILE D 491 9.98 21.07 33.80
C ILE D 491 9.73 20.69 32.34
N GLU D 492 10.24 21.48 31.40
CA GLU D 492 10.05 21.18 29.98
C GLU D 492 10.70 19.84 29.61
N ARG D 493 11.89 19.57 30.16
CA ARG D 493 12.55 18.30 29.90
C ARG D 493 11.69 17.14 30.40
N GLN D 494 11.14 17.27 31.61
CA GLN D 494 10.30 16.22 32.15
C GLN D 494 9.06 16.00 31.29
N THR D 495 8.43 17.09 30.83
CA THR D 495 7.26 16.94 29.98
C THR D 495 7.62 16.23 28.67
N GLU D 496 8.72 16.65 28.04
CA GLU D 496 9.15 16.01 26.81
C GLU D 496 9.37 14.52 27.02
N LEU D 497 10.11 14.15 28.08
CA LEU D 497 10.40 12.75 28.33
C LEU D 497 9.12 11.96 28.59
N GLY D 498 8.22 12.50 29.40
CA GLY D 498 6.99 11.77 29.72
C GLY D 498 6.14 11.52 28.49
N ARG D 499 5.94 12.56 27.68
CA ARG D 499 5.08 12.38 26.51
C ARG D 499 5.78 11.54 25.43
N LEU D 500 7.11 11.60 25.35
CA LEU D 500 7.83 10.70 24.45
C LEU D 500 7.66 9.25 24.89
N GLN D 501 7.67 9.00 26.21
CA GLN D 501 7.43 7.64 26.69
C GLN D 501 6.00 7.19 26.40
N GLN D 502 5.04 8.11 26.54
CA GLN D 502 3.67 7.80 26.14
C GLN D 502 3.61 7.38 24.66
N GLN D 503 4.27 8.16 23.80
CA GLN D 503 4.28 7.84 22.38
C GLN D 503 4.96 6.49 22.12
N ILE D 504 6.04 6.21 22.85
CA ILE D 504 6.71 4.92 22.69
C ILE D 504 5.77 3.78 23.07
N GLU D 505 5.02 3.96 24.16
CA GLU D 505 4.07 2.94 24.58
C GLU D 505 3.00 2.71 23.52
N GLN D 506 2.50 3.79 22.92
CA GLN D 506 1.45 3.62 21.91
C GLN D 506 2.01 3.00 20.62
N ARG D 507 3.24 3.33 20.24
CA ARG D 507 3.86 2.67 19.10
C ARG D 507 4.06 1.18 19.39
N ARG D 508 4.44 0.84 20.63
CA ARG D 508 4.53 -0.56 21.01
C ARG D 508 3.18 -1.25 20.90
N ARG D 509 2.11 -0.54 21.29
CA ARG D 509 0.77 -1.12 21.18
C ARG D 509 0.43 -1.39 19.72
N ARG D 510 0.71 -0.43 18.85
CA ARG D 510 0.52 -0.63 17.41
C ARG D 510 1.29 -1.87 16.93
N ALA D 511 2.54 -2.02 17.37
CA ALA D 511 3.35 -3.14 16.90
C ALA D 511 2.82 -4.47 17.40
N ARG D 512 2.45 -4.55 18.68
CA ARG D 512 1.84 -5.78 19.19
C ARG D 512 0.57 -6.11 18.41
N ALA D 513 -0.24 -5.10 18.11
CA ALA D 513 -1.47 -5.35 17.35
C ALA D 513 -1.16 -5.89 15.96
N GLN D 514 -0.14 -5.33 15.30
CA GLN D 514 0.19 -5.80 13.96
C GLN D 514 0.71 -7.23 13.99
N ILE D 515 1.52 -7.57 14.99
CA ILE D 515 1.99 -8.94 15.12
C ILE D 515 0.80 -9.88 15.35
N GLU D 516 -0.16 -9.45 16.18
CA GLU D 516 -1.36 -10.25 16.39
C GLU D 516 -2.12 -10.44 15.08
N ALA D 517 -2.19 -9.39 14.26
CA ALA D 517 -2.87 -9.50 12.97
C ALA D 517 -2.20 -10.55 12.09
N LEU D 518 -0.87 -10.51 12.03
CA LEU D 518 -0.15 -11.50 11.24
C LEU D 518 -0.43 -12.92 11.74
N GLU D 519 -0.38 -13.11 13.07
CA GLU D 519 -0.63 -14.43 13.63
C GLU D 519 -2.04 -14.91 13.31
N ALA D 520 -3.02 -14.00 13.39
CA ALA D 520 -4.40 -14.38 13.08
C ALA D 520 -4.55 -14.77 11.62
N GLU D 521 -3.95 -14.00 10.72
CA GLU D 521 -3.98 -14.36 9.31
C GLU D 521 -3.35 -15.74 9.08
N LEU D 522 -2.26 -16.03 9.79
CA LEU D 522 -1.63 -17.35 9.69
C LEU D 522 -2.60 -18.45 10.11
N GLN D 523 -3.18 -18.31 11.31
CA GLN D 523 -4.09 -19.34 11.79
C GLN D 523 -5.23 -19.56 10.81
N ALA D 524 -5.79 -18.46 10.28
CA ALA D 524 -6.85 -18.58 9.30
C ALA D 524 -6.40 -19.36 8.08
N GLU D 525 -5.24 -18.99 7.52
CA GLU D 525 -4.76 -19.64 6.30
C GLU D 525 -4.53 -21.12 6.54
N GLU D 526 -3.89 -21.47 7.67
CA GLU D 526 -3.62 -22.87 7.95
C GLU D 526 -4.91 -23.67 8.09
N ILE D 527 -5.85 -23.18 8.89
CA ILE D 527 -7.09 -23.93 9.11
C ILE D 527 -7.90 -24.03 7.83
N ALA D 528 -7.85 -23.00 6.97
CA ALA D 528 -8.63 -23.05 5.74
C ALA D 528 -8.00 -23.98 4.72
N LEU D 529 -6.68 -24.01 4.64
CA LEU D 529 -6.01 -24.92 3.72
C LEU D 529 -6.20 -26.37 4.15
N LYS D 530 -6.04 -26.64 5.44
CA LYS D 530 -6.23 -27.99 5.95
C LYS D 530 -7.70 -28.38 5.93
N GLY E 4 97.21 74.42 34.15
CA GLY E 4 96.04 74.77 34.93
C GLY E 4 96.33 75.81 36.00
N ILE E 5 95.47 75.87 37.02
CA ILE E 5 95.62 76.79 38.13
C ILE E 5 95.85 76.00 39.40
N GLY E 6 96.48 76.67 40.38
CA GLY E 6 96.73 76.04 41.66
C GLY E 6 95.49 76.06 42.53
N LYS E 7 95.19 74.92 43.16
CA LYS E 7 94.00 74.77 43.97
C LYS E 7 94.32 73.94 45.21
N SER E 8 93.65 74.27 46.31
CA SER E 8 93.89 73.63 47.59
C SER E 8 92.63 72.89 48.04
N PRO E 9 92.73 71.63 48.45
CA PRO E 9 91.54 70.88 48.84
C PRO E 9 90.96 71.36 50.16
N THR E 10 89.65 71.16 50.31
CA THR E 10 88.94 71.51 51.54
C THR E 10 88.75 70.32 52.46
N GLY E 11 89.04 69.11 52.00
CA GLY E 11 88.68 67.90 52.71
C GLY E 11 87.24 67.48 52.54
N ILE E 12 86.38 68.37 52.06
CA ILE E 12 84.98 68.02 51.77
C ILE E 12 84.96 67.33 50.42
N GLN E 13 84.95 65.99 50.46
CA GLN E 13 84.75 65.21 49.25
C GLN E 13 83.40 65.57 48.65
N GLY E 14 83.39 65.77 47.34
CA GLY E 14 82.22 66.31 46.69
C GLY E 14 82.47 67.75 46.32
N PHE E 15 82.79 68.59 47.31
CA PHE E 15 83.22 69.95 47.00
C PHE E 15 84.52 69.93 46.22
N ASP E 16 85.47 69.08 46.62
CA ASP E 16 86.72 68.98 45.86
C ASP E 16 86.47 68.50 44.43
N GLU E 17 85.53 67.56 44.26
CA GLU E 17 85.21 67.09 42.91
C GLU E 17 84.53 68.19 42.09
N LEU E 18 83.65 68.97 42.72
CA LEU E 18 82.95 70.02 42.01
C LEU E 18 83.90 71.14 41.59
N THR E 19 84.89 71.45 42.43
CA THR E 19 85.82 72.53 42.17
C THR E 19 87.12 72.03 41.53
N LEU E 20 87.21 70.75 41.20
CA LEU E 20 88.35 70.18 40.48
C LEU E 20 89.64 70.25 41.30
N GLY E 21 89.53 70.17 42.63
CA GLY E 21 90.70 70.18 43.48
C GLY E 21 90.49 70.93 44.78
N GLY E 22 89.49 71.82 44.81
CA GLY E 22 89.20 72.59 46.00
C GLY E 22 89.21 74.07 45.76
N LEU E 23 89.46 74.85 46.81
CA LEU E 23 89.50 76.30 46.69
C LEU E 23 90.78 76.74 45.98
N PRO E 24 90.77 77.95 45.41
CA PRO E 24 92.00 78.46 44.77
C PRO E 24 93.10 78.67 45.80
N THR E 25 94.19 77.92 45.66
CA THR E 25 95.25 77.97 46.64
C THR E 25 95.97 79.32 46.59
N GLY E 26 96.16 79.92 47.75
CA GLY E 26 96.84 81.20 47.84
C GLY E 26 95.98 82.41 47.56
N ARG E 27 94.73 82.22 47.16
CA ARG E 27 93.81 83.31 46.85
C ARG E 27 92.68 83.37 47.86
N PRO E 28 92.07 84.54 48.04
CA PRO E 28 90.88 84.62 48.90
C PRO E 28 89.66 84.01 48.22
N SER E 29 88.76 83.49 49.04
CA SER E 29 87.53 82.88 48.55
C SER E 29 86.38 83.27 49.46
N LEU E 30 85.33 83.83 48.86
CA LEU E 30 84.16 84.30 49.58
C LEU E 30 83.16 83.17 49.78
N VAL E 31 82.55 83.15 50.97
CA VAL E 31 81.53 82.16 51.30
C VAL E 31 80.26 82.89 51.73
N CYS E 32 79.47 83.31 50.76
CA CYS E 32 78.24 84.03 51.03
C CYS E 32 77.15 83.08 51.53
N GLY E 33 76.29 83.61 52.39
CA GLY E 33 75.19 82.83 52.93
C GLY E 33 74.38 83.60 53.96
N SER E 34 73.09 83.29 54.04
CA SER E 34 72.22 83.92 55.02
C SER E 34 72.52 83.35 56.41
N ALA E 35 71.65 83.64 57.37
CA ALA E 35 71.86 83.15 58.73
C ALA E 35 71.59 81.65 58.80
N GLY E 36 72.58 80.91 59.31
CA GLY E 36 72.40 79.48 59.53
C GLY E 36 72.49 78.62 58.29
N CYS E 37 73.27 79.04 57.29
CA CYS E 37 73.42 78.28 56.07
C CYS E 37 74.68 77.42 56.03
N GLY E 38 75.63 77.65 56.94
CA GLY E 38 76.82 76.82 57.03
C GLY E 38 78.14 77.49 56.71
N LYS E 39 78.21 78.82 56.73
CA LYS E 39 79.44 79.52 56.36
C LYS E 39 80.57 79.20 57.33
N THR E 40 80.32 79.42 58.62
CA THR E 40 81.35 79.20 59.63
C THR E 40 81.81 77.75 59.63
N LEU E 41 80.89 76.81 59.45
CA LEU E 41 81.27 75.41 59.44
C LEU E 41 82.08 75.06 58.19
N PHE E 42 81.73 75.65 57.04
CA PHE E 42 82.56 75.47 55.85
C PHE E 42 84.00 75.89 56.14
N ALA E 43 84.17 77.10 56.67
CA ALA E 43 85.54 77.58 56.91
C ALA E 43 86.25 76.74 57.96
N SER E 44 85.52 76.34 59.02
CA SER E 44 86.12 75.53 60.07
C SER E 44 86.58 74.18 59.54
N THR E 45 85.75 73.54 58.71
CA THR E 45 86.16 72.30 58.07
C THR E 45 87.37 72.53 57.19
N PHE E 46 87.37 73.62 56.41
CA PHE E 46 88.54 73.94 55.60
C PHE E 46 89.81 73.87 56.44
N LEU E 47 89.86 74.65 57.51
CA LEU E 47 91.08 74.72 58.31
C LEU E 47 91.40 73.38 58.96
N ILE E 48 90.41 72.77 59.61
CA ILE E 48 90.68 71.55 60.39
C ILE E 48 91.15 70.43 59.47
N ASN E 49 90.50 70.25 58.33
CA ASN E 49 90.89 69.20 57.41
C ASN E 49 92.21 69.52 56.72
N GLY E 50 92.48 70.80 56.45
CA GLY E 50 93.79 71.14 55.91
C GLY E 50 94.90 70.81 56.87
N VAL E 51 94.65 70.95 58.17
CA VAL E 51 95.66 70.62 59.17
C VAL E 51 95.81 69.11 59.27
N ARG E 52 94.70 68.40 59.52
CA ARG E 52 94.79 66.99 59.87
C ARG E 52 95.08 66.09 58.67
N ASP E 53 94.63 66.46 57.48
CA ASP E 53 94.80 65.65 56.28
C ASP E 53 95.94 66.12 55.40
N HIS E 54 95.93 67.40 55.02
CA HIS E 54 96.90 67.94 54.07
C HIS E 54 98.09 68.60 54.73
N GLY E 55 98.19 68.53 56.06
CA GLY E 55 99.36 69.05 56.75
C GLY E 55 99.57 70.54 56.60
N GLU E 56 98.54 71.30 56.22
CA GLU E 56 98.65 72.73 56.07
C GLU E 56 98.11 73.42 57.32
N PRO E 57 98.94 74.09 58.12
CA PRO E 57 98.42 74.79 59.29
C PRO E 57 97.64 76.04 58.90
N GLY E 58 96.89 76.54 59.89
CA GLY E 58 95.96 77.62 59.63
C GLY E 58 95.65 78.47 60.85
N VAL E 59 95.04 79.62 60.56
CA VAL E 59 94.68 80.60 61.57
C VAL E 59 93.24 81.05 61.33
N PHE E 60 92.52 81.29 62.42
CA PHE E 60 91.10 81.63 62.41
C PHE E 60 90.95 83.00 63.05
N VAL E 61 90.78 84.03 62.23
CA VAL E 61 90.54 85.38 62.70
C VAL E 61 89.02 85.53 62.86
N THR E 62 88.57 85.48 64.11
CA THR E 62 87.16 85.62 64.42
C THR E 62 86.89 87.05 64.89
N PHE E 63 85.89 87.70 64.29
CA PHE E 63 85.62 89.10 64.55
C PHE E 63 84.47 89.30 65.54
N GLU E 64 83.79 88.24 65.96
CA GLU E 64 82.75 88.35 66.97
C GLU E 64 82.71 87.11 67.86
N GLU E 65 82.40 85.96 67.28
CA GLU E 65 82.33 84.74 68.07
C GLU E 65 83.66 84.47 68.75
N ARG E 66 83.60 83.95 69.97
CA ARG E 66 84.80 83.83 70.79
C ARG E 66 85.42 82.45 70.65
N PRO E 67 86.71 82.33 71.02
CA PRO E 67 87.42 81.05 70.83
C PRO E 67 86.73 79.87 71.49
N GLU E 68 86.35 80.02 72.77
CA GLU E 68 85.66 78.93 73.47
C GLU E 68 84.39 78.53 72.72
N ASP E 69 83.66 79.51 72.19
CA ASP E 69 82.42 79.19 71.48
C ASP E 69 82.71 78.38 70.23
N ILE E 70 83.73 78.77 69.45
CA ILE E 70 84.06 78.00 68.24
C ILE E 70 84.45 76.58 68.62
N VAL E 71 85.31 76.43 69.63
CA VAL E 71 85.78 75.11 70.04
C VAL E 71 84.60 74.25 70.45
N ASN E 72 83.71 74.79 71.28
CA ASN E 72 82.55 74.02 71.73
C ASN E 72 81.66 73.66 70.55
N ASN E 73 81.44 74.60 69.62
CA ASN E 73 80.55 74.34 68.50
C ASN E 73 81.04 73.17 67.66
N VAL E 74 82.31 73.19 67.25
CA VAL E 74 82.81 72.18 66.33
C VAL E 74 83.58 71.08 67.07
N ALA E 75 83.43 70.97 68.39
CA ALA E 75 84.00 69.84 69.11
C ALA E 75 83.14 68.59 68.98
N SER E 76 81.82 68.76 68.92
CA SER E 76 80.91 67.64 68.75
C SER E 76 80.95 67.04 67.35
N LEU E 77 81.73 67.61 66.43
CA LEU E 77 81.88 67.10 65.08
C LEU E 77 83.18 66.32 64.89
N GLY E 78 83.86 65.96 65.98
CA GLY E 78 85.10 65.20 65.91
C GLY E 78 86.36 66.02 65.79
N PHE E 79 86.25 67.32 65.51
CA PHE E 79 87.41 68.19 65.37
C PHE E 79 87.95 68.50 66.77
N GLU E 80 88.94 67.74 67.20
CA GLU E 80 89.55 67.96 68.51
C GLU E 80 90.39 69.23 68.49
N LEU E 81 89.69 70.36 68.45
CA LEU E 81 90.36 71.65 68.38
C LEU E 81 91.18 71.92 69.62
N ASP E 82 90.82 71.32 70.75
CA ASP E 82 91.66 71.40 71.95
C ASP E 82 93.06 70.90 71.63
N LYS E 83 93.16 69.66 71.13
CA LYS E 83 94.45 69.10 70.76
C LYS E 83 95.15 69.99 69.74
N LEU E 84 94.44 70.40 68.69
CA LEU E 84 95.10 71.18 67.64
C LEU E 84 95.70 72.46 68.20
N ILE E 85 94.92 73.23 68.96
CA ILE E 85 95.41 74.48 69.51
C ILE E 85 96.58 74.23 70.46
N GLU E 86 96.47 73.22 71.33
CA GLU E 86 97.59 72.91 72.22
C GLU E 86 98.82 72.46 71.46
N GLU E 87 98.65 71.96 70.24
CA GLU E 87 99.77 71.50 69.42
C GLU E 87 100.35 72.60 68.54
N GLU E 88 99.68 73.75 68.44
CA GLU E 88 100.15 74.88 67.64
C GLU E 88 100.09 74.60 66.15
N LYS E 89 99.24 73.66 65.73
CA LYS E 89 98.99 73.40 64.32
C LYS E 89 97.87 74.27 63.77
N ILE E 90 97.09 74.90 64.65
CA ILE E 90 96.07 75.86 64.25
C ILE E 90 95.94 76.88 65.36
N ALA E 91 95.63 78.12 64.98
CA ALA E 91 95.52 79.21 65.95
C ALA E 91 94.23 79.98 65.74
N ILE E 92 93.81 80.70 66.79
CA ILE E 92 92.65 81.59 66.73
C ILE E 92 93.08 82.98 67.20
N GLU E 93 92.51 84.01 66.59
CA GLU E 93 92.82 85.38 66.94
C GLU E 93 91.52 86.19 66.98
N HIS E 94 91.35 86.95 68.06
CA HIS E 94 90.16 87.75 68.30
C HIS E 94 90.43 89.21 67.98
N ILE E 95 89.43 89.86 67.38
CA ILE E 95 89.49 91.28 67.03
C ILE E 95 88.15 91.90 67.37
N ALA E 96 88.17 93.04 68.06
CA ALA E 96 86.96 93.63 68.60
C ALA E 96 86.99 95.15 68.41
N VAL E 97 85.80 95.75 68.51
CA VAL E 97 85.64 97.19 68.35
C VAL E 97 86.07 97.89 69.64
N ASP E 98 86.56 99.12 69.48
CA ASP E 98 86.93 99.95 70.62
C ASP E 98 87.86 99.21 71.57
N LEU E 110 94.81 100.83 62.95
CA LEU E 110 94.24 99.76 62.13
C LEU E 110 95.31 98.77 61.68
N GLU E 111 96.58 99.16 61.83
CA GLU E 111 97.69 98.30 61.42
C GLU E 111 98.08 97.27 62.48
N GLY E 112 97.77 97.55 63.75
CA GLY E 112 97.99 96.56 64.78
C GLY E 112 97.25 95.28 64.51
N LEU E 113 96.11 95.36 63.83
CA LEU E 113 95.38 94.15 63.43
C LEU E 113 96.24 93.30 62.49
N PHE E 114 96.80 93.93 61.46
CA PHE E 114 97.70 93.23 60.56
C PHE E 114 98.86 92.61 61.33
N LEU E 115 99.43 93.36 62.27
CA LEU E 115 100.60 92.87 62.99
C LEU E 115 100.26 91.66 63.85
N ARG E 116 99.13 91.70 64.56
CA ARG E 116 98.72 90.55 65.37
C ARG E 116 98.41 89.34 64.49
N LEU E 117 97.74 89.58 63.36
CA LEU E 117 97.48 88.48 62.42
C LEU E 117 98.79 87.84 61.96
N GLU E 118 99.79 88.66 61.62
CA GLU E 118 101.07 88.13 61.20
C GLU E 118 101.74 87.36 62.33
N LEU E 119 101.62 87.86 63.56
CA LEU E 119 102.18 87.14 64.69
C LEU E 119 101.61 85.73 64.78
N ALA E 120 100.29 85.60 64.72
CA ALA E 120 99.68 84.27 64.79
C ALA E 120 100.10 83.41 63.60
N ILE E 121 100.07 84.01 62.39
CA ILE E 121 100.43 83.28 61.18
C ILE E 121 101.82 82.66 61.32
N ASP E 122 102.78 83.46 61.77
CA ASP E 122 104.14 82.95 61.91
C ASP E 122 104.28 82.03 63.12
N THR E 123 103.47 82.25 64.15
CA THR E 123 103.50 81.36 65.31
C THR E 123 103.23 79.92 64.90
N VAL E 124 102.14 79.70 64.17
CA VAL E 124 101.77 78.35 63.78
C VAL E 124 102.19 78.02 62.35
N GLY E 125 102.98 78.88 61.72
CA GLY E 125 103.36 78.68 60.33
C GLY E 125 102.17 78.39 59.45
N ALA E 126 101.29 79.37 59.31
CA ALA E 126 100.02 79.15 58.65
C ALA E 126 100.15 79.25 57.14
N LYS E 127 99.42 78.39 56.44
CA LYS E 127 99.18 78.55 55.02
C LYS E 127 97.70 78.74 54.72
N ARG E 128 96.82 78.53 55.71
CA ARG E 128 95.39 78.73 55.53
C ARG E 128 94.87 79.75 56.54
N VAL E 129 93.91 80.56 56.10
CA VAL E 129 93.35 81.63 56.92
C VAL E 129 91.83 81.61 56.78
N VAL E 130 91.15 81.98 57.85
CA VAL E 130 89.69 82.09 57.85
C VAL E 130 89.31 83.42 58.49
N LEU E 131 88.63 84.27 57.72
CA LEU E 131 88.18 85.58 58.22
C LEU E 131 86.67 85.51 58.42
N ASP E 132 86.24 85.46 59.68
CA ASP E 132 84.82 85.33 60.01
C ASP E 132 84.26 86.65 60.51
N THR E 133 83.04 86.96 60.10
CA THR E 133 82.35 88.20 60.50
C THR E 133 83.21 89.43 60.22
N ILE E 134 83.83 89.44 59.03
CA ILE E 134 84.60 90.59 58.58
C ILE E 134 83.72 91.83 58.44
N GLU E 135 82.40 91.62 58.36
CA GLU E 135 81.47 92.74 58.33
C GLU E 135 81.68 93.67 59.52
N SER E 136 82.06 93.11 60.68
CA SER E 136 82.22 93.95 61.86
C SER E 136 83.34 94.97 61.66
N LEU E 137 84.48 94.52 61.12
CA LEU E 137 85.56 95.46 60.84
C LEU E 137 85.20 96.42 59.72
N PHE E 138 84.39 95.98 58.76
CA PHE E 138 83.93 96.91 57.73
C PHE E 138 82.74 97.76 58.18
N SER E 139 82.30 97.62 59.43
CA SER E 139 81.13 98.32 59.95
C SER E 139 81.45 99.65 60.62
N ALA E 140 82.68 100.14 60.53
CA ALA E 140 83.02 101.39 61.20
C ALA E 140 82.58 102.61 60.40
N PHE E 141 82.58 102.51 59.07
CA PHE E 141 82.20 103.62 58.21
C PHE E 141 81.42 103.09 57.01
N SER E 142 80.92 104.02 56.20
CA SER E 142 80.30 103.70 54.93
C SER E 142 80.94 104.45 53.77
N ASN E 143 82.08 105.09 53.99
CA ASN E 143 82.73 105.87 52.96
C ASN E 143 83.25 104.96 51.85
N PRO E 144 82.89 105.20 50.59
CA PRO E 144 83.46 104.39 49.51
C PRO E 144 84.98 104.50 49.39
N ALA E 145 85.59 105.55 49.95
CA ALA E 145 87.02 105.76 49.77
C ALA E 145 87.84 104.78 50.61
N ILE E 146 87.43 104.56 51.87
CA ILE E 146 88.26 103.78 52.78
C ILE E 146 88.03 102.28 52.61
N LEU E 147 86.83 101.88 52.21
CA LEU E 147 86.50 100.45 52.19
C LEU E 147 87.36 99.70 51.18
N ARG E 148 87.42 100.19 49.94
CA ARG E 148 88.20 99.50 48.92
C ARG E 148 89.68 99.53 49.27
N ALA E 149 90.16 100.62 49.85
CA ALA E 149 91.55 100.70 50.28
C ALA E 149 91.85 99.60 51.29
N GLU E 150 91.03 99.50 52.35
CA GLU E 150 91.24 98.48 53.37
C GLU E 150 91.19 97.08 52.75
N ILE E 151 90.18 96.83 51.91
CA ILE E 151 89.99 95.52 51.31
C ILE E 151 91.23 95.13 50.51
N ARG E 152 91.62 95.98 49.57
CA ARG E 152 92.78 95.69 48.73
C ARG E 152 94.03 95.51 49.57
N ARG E 153 94.24 96.39 50.55
CA ARG E 153 95.42 96.29 51.40
C ARG E 153 95.51 94.91 52.05
N LEU E 154 94.44 94.51 52.75
CA LEU E 154 94.48 93.25 53.48
C LEU E 154 94.66 92.07 52.52
N PHE E 155 93.87 92.02 51.44
CA PHE E 155 93.89 90.83 50.60
C PHE E 155 95.16 90.75 49.77
N ASP E 156 95.76 91.89 49.42
CA ASP E 156 97.05 91.85 48.74
C ASP E 156 98.16 91.46 49.70
N TRP E 157 98.08 91.91 50.96
CA TRP E 157 98.99 91.39 51.97
C TRP E 157 98.93 89.87 52.02
N LEU E 158 97.71 89.33 52.07
CA LEU E 158 97.54 87.88 52.11
C LEU E 158 98.12 87.22 50.85
N LYS E 159 97.80 87.75 49.68
CA LYS E 159 98.29 87.16 48.44
C LYS E 159 99.82 87.14 48.42
N GLU E 160 100.45 88.27 48.78
CA GLU E 160 101.90 88.29 48.87
C GLU E 160 102.41 87.22 49.82
N ARG E 161 101.77 87.07 50.98
CA ARG E 161 102.22 86.08 51.94
C ARG E 161 101.90 84.66 51.52
N GLY E 162 101.11 84.47 50.46
CA GLY E 162 100.76 83.15 50.01
C GLY E 162 99.94 82.38 51.03
N LEU E 163 98.74 82.88 51.30
CA LEU E 163 97.83 82.29 52.28
C LEU E 163 96.47 82.09 51.64
N THR E 164 95.95 80.87 51.69
CA THR E 164 94.62 80.59 51.15
C THR E 164 93.58 81.04 52.19
N THR E 165 92.87 82.12 51.88
CA THR E 165 91.94 82.75 52.81
C THR E 165 90.50 82.41 52.42
N VAL E 166 89.73 82.01 53.41
CA VAL E 166 88.28 81.83 53.27
C VAL E 166 87.63 82.98 54.03
N ILE E 167 87.04 83.91 53.29
CA ILE E 167 86.35 85.06 53.87
C ILE E 167 84.87 84.74 53.90
N THR E 168 84.26 84.82 55.09
CA THR E 168 82.85 84.52 55.25
C THR E 168 82.07 85.82 55.44
N ALA E 169 81.03 86.00 54.64
CA ALA E 169 80.18 87.18 54.70
C ALA E 169 78.71 86.74 54.68
N GLU E 170 77.84 87.71 54.92
CA GLU E 170 76.39 87.47 55.02
C GLU E 170 75.66 88.26 53.95
N ARG E 171 74.37 87.95 53.80
CA ARG E 171 73.49 88.63 52.87
C ARG E 171 72.32 89.25 53.65
N GLY E 172 71.30 89.67 52.91
CA GLY E 172 70.09 90.20 53.49
C GLY E 172 69.93 91.68 53.23
N ASP E 173 68.92 92.27 53.88
CA ASP E 173 68.62 93.70 53.81
C ASP E 173 68.13 94.11 52.43
N GLY E 174 67.37 93.24 51.76
CA GLY E 174 66.78 93.58 50.49
C GLY E 174 67.69 93.45 49.29
N ALA E 175 68.91 92.93 49.47
CA ALA E 175 69.84 92.71 48.37
C ALA E 175 70.39 91.30 48.44
N LEU E 176 70.69 90.73 47.28
CA LEU E 176 71.21 89.37 47.22
C LEU E 176 72.55 89.23 47.92
N THR E 177 73.20 90.33 48.28
CA THR E 177 74.36 90.32 49.16
C THR E 177 74.36 91.60 49.98
N ARG E 178 75.05 91.57 51.12
CA ARG E 178 75.09 92.72 52.01
C ARG E 178 75.55 93.97 51.26
N GLN E 179 76.69 93.88 50.57
CA GLN E 179 77.24 94.99 49.81
C GLN E 179 77.24 94.75 48.30
N GLY E 180 77.58 93.54 47.86
CA GLY E 180 77.70 93.24 46.45
C GLY E 180 79.02 93.58 45.82
N LEU E 181 79.78 94.50 46.41
CA LEU E 181 81.09 94.88 45.91
C LEU E 181 82.21 93.99 46.44
N GLU E 182 81.93 93.14 47.43
CA GLU E 182 82.91 92.17 47.90
C GLU E 182 83.00 90.97 46.97
N GLU E 183 81.88 90.60 46.34
CA GLU E 183 81.90 89.59 45.29
C GLU E 183 82.95 89.94 44.24
N TYR E 184 82.89 91.17 43.71
CA TYR E 184 83.80 91.56 42.65
C TYR E 184 85.25 91.53 43.12
N VAL E 185 85.47 91.71 44.44
CA VAL E 185 86.82 91.62 44.97
C VAL E 185 87.30 90.17 44.98
N SER E 186 86.40 89.24 45.30
CA SER E 186 86.80 87.85 45.47
C SER E 186 87.19 87.23 44.13
N ASP E 187 87.86 86.07 44.21
CA ASP E 187 88.20 85.26 43.05
C ASP E 187 87.41 83.96 42.97
N CYS E 188 86.83 83.49 44.08
CA CYS E 188 86.04 82.28 44.11
C CYS E 188 84.87 82.50 45.07
N VAL E 189 83.66 82.58 44.54
CA VAL E 189 82.47 82.92 45.31
C VAL E 189 81.61 81.67 45.46
N ILE E 190 81.32 81.31 46.71
CA ILE E 190 80.55 80.10 47.03
C ILE E 190 79.35 80.54 47.86
N LEU E 191 78.15 80.30 47.33
CA LEU E 191 76.91 80.73 47.95
C LEU E 191 76.19 79.53 48.56
N LEU E 192 75.77 79.68 49.82
CA LEU E 192 75.01 78.65 50.51
C LEU E 192 73.61 79.19 50.83
N ASP E 193 72.63 78.29 50.79
CA ASP E 193 71.24 78.67 50.96
C ASP E 193 70.48 77.60 51.73
N HIS E 194 69.56 78.05 52.58
CA HIS E 194 68.70 77.21 53.41
C HIS E 194 67.27 77.51 52.98
N ARG E 195 66.74 76.75 52.02
CA ARG E 195 65.47 77.10 51.39
C ARG E 195 64.39 76.08 51.72
N VAL E 196 63.18 76.59 51.99
CA VAL E 196 62.06 75.77 52.44
C VAL E 196 61.12 75.53 51.27
N GLU E 197 60.82 74.26 51.01
CA GLU E 197 59.78 73.86 50.07
C GLU E 197 58.69 73.13 50.85
N ASN E 198 57.44 73.50 50.60
CA ASN E 198 56.31 72.95 51.36
C ASN E 198 56.52 73.21 52.85
N GLN E 199 56.94 72.19 53.60
CA GLN E 199 57.28 72.36 55.01
C GLN E 199 58.61 71.71 55.36
N ILE E 200 59.42 71.39 54.36
CA ILE E 200 60.73 70.78 54.56
C ILE E 200 61.77 71.64 53.84
N SER E 201 62.90 71.87 54.51
CA SER E 201 63.96 72.73 54.00
C SER E 201 65.15 71.90 53.53
N THR E 202 65.91 72.46 52.59
CA THR E 202 67.08 71.81 52.04
C THR E 202 68.24 72.81 51.96
N ARG E 203 69.45 72.24 51.92
CA ARG E 203 70.71 72.96 51.98
C ARG E 203 71.38 72.92 50.61
N ARG E 204 71.51 74.08 49.97
CA ARG E 204 71.96 74.18 48.59
C ARG E 204 73.28 74.96 48.54
N LEU E 205 74.25 74.42 47.82
CA LEU E 205 75.54 75.06 47.60
C LEU E 205 75.71 75.35 46.12
N ARG E 206 76.23 76.53 45.81
CA ARG E 206 76.48 76.91 44.42
C ARG E 206 77.81 77.64 44.36
N ILE E 207 78.48 77.54 43.21
CA ILE E 207 79.71 78.26 42.94
C ILE E 207 79.36 79.36 41.96
N VAL E 208 79.15 80.58 42.46
CA VAL E 208 78.73 81.68 41.60
C VAL E 208 79.86 82.09 40.67
N LYS E 209 81.11 81.94 41.10
CA LYS E 209 82.25 82.34 40.29
C LYS E 209 83.49 81.58 40.75
N TYR E 210 84.31 81.19 39.78
CA TYR E 210 85.61 80.58 40.06
C TYR E 210 86.50 80.91 38.87
N ARG E 211 87.34 81.94 39.03
CA ARG E 211 88.19 82.42 37.95
C ARG E 211 89.49 81.61 37.94
N GLY E 212 89.66 80.78 36.92
CA GLY E 212 90.88 80.03 36.76
C GLY E 212 90.68 78.56 36.46
N THR E 213 89.50 78.03 36.76
CA THR E 213 89.24 76.61 36.59
C THR E 213 87.77 76.39 36.26
N ALA E 214 87.48 75.22 35.71
CA ALA E 214 86.11 74.80 35.49
C ALA E 214 85.49 74.31 36.78
N HIS E 215 84.16 74.39 36.86
CA HIS E 215 83.46 74.01 38.08
C HIS E 215 82.01 73.69 37.72
N GLY E 216 81.33 73.03 38.66
CA GLY E 216 79.93 72.71 38.50
C GLY E 216 79.05 73.92 38.73
N THR E 217 78.46 74.45 37.65
CA THR E 217 77.68 75.68 37.75
C THR E 217 76.35 75.48 38.46
N ASN E 218 75.87 74.24 38.57
CA ASN E 218 74.55 73.99 39.13
C ASN E 218 74.56 74.18 40.64
N GLU E 219 73.36 74.19 41.22
CA GLU E 219 73.24 73.99 42.65
C GLU E 219 73.57 72.54 42.99
N TYR E 220 73.85 72.31 44.27
CA TYR E 220 74.21 70.98 44.70
C TYR E 220 73.72 70.78 46.13
N PRO E 221 73.04 69.69 46.44
CA PRO E 221 72.54 69.49 47.81
C PRO E 221 73.64 68.98 48.73
N PHE E 222 73.65 69.52 49.94
CA PHE E 222 74.65 69.11 50.92
C PHE E 222 74.00 68.95 52.29
N LEU E 223 74.67 68.19 53.14
CA LEU E 223 74.17 67.81 54.46
C LEU E 223 75.17 68.21 55.52
N ILE E 224 74.67 68.76 56.61
CA ILE E 224 75.46 69.08 57.80
C ILE E 224 74.91 68.22 58.93
N ASP E 225 75.64 67.17 59.28
CA ASP E 225 75.17 66.21 60.27
C ASP E 225 76.35 65.82 61.15
N THR E 226 76.24 64.66 61.81
CA THR E 226 77.23 64.26 62.81
C THR E 226 78.60 64.00 62.20
N ASP E 227 78.69 63.78 60.89
CA ASP E 227 79.96 63.59 60.22
C ASP E 227 80.44 64.86 59.51
N GLY E 228 79.78 65.99 59.75
CA GLY E 228 80.25 67.27 59.24
C GLY E 228 79.69 67.64 57.88
N PHE E 229 80.08 68.83 57.45
CA PHE E 229 79.70 69.34 56.14
C PHE E 229 80.10 68.36 55.05
N SER E 230 79.12 67.87 54.28
CA SER E 230 79.41 66.91 53.21
C SER E 230 78.41 67.08 52.09
N VAL E 231 78.90 67.10 50.86
CA VAL E 231 78.06 67.32 49.69
C VAL E 231 77.57 65.97 49.18
N LEU E 232 76.27 65.87 48.88
CA LEU E 232 75.74 64.62 48.37
C LEU E 232 76.26 64.35 46.95
N PRO E 233 76.49 63.09 46.60
CA PRO E 233 77.16 62.79 45.33
C PRO E 233 76.39 63.29 44.12
N VAL E 234 77.09 63.36 43.00
CA VAL E 234 76.54 63.84 41.73
C VAL E 234 76.73 62.76 40.69
N SER E 235 75.89 62.81 39.65
CA SER E 235 76.00 61.87 38.56
C SER E 235 77.39 61.92 37.94
N ALA E 236 78.05 60.77 37.87
CA ALA E 236 79.39 60.68 37.31
C ALA E 236 79.49 59.51 36.34
N LEU E 237 79.45 58.28 36.87
CA LEU E 237 79.47 57.07 36.04
C LEU E 237 78.06 56.87 35.49
N GLY E 238 77.76 57.60 34.42
CA GLY E 238 76.45 57.56 33.80
C GLY E 238 75.98 56.15 33.49
N LEU E 239 76.72 55.45 32.63
CA LEU E 239 76.35 54.09 32.26
C LEU E 239 77.47 53.37 31.52
N LEU E 240 78.28 52.62 32.26
CA LEU E 240 79.25 51.70 31.69
C LEU E 240 79.15 50.39 32.47
N HIS E 241 77.94 49.83 32.50
CA HIS E 241 77.63 48.76 33.42
C HIS E 241 78.11 47.41 32.90
N GLN E 242 78.32 46.49 33.83
CA GLN E 242 78.75 45.14 33.48
C GLN E 242 77.62 44.39 32.81
N VAL E 243 77.97 43.64 31.77
CA VAL E 243 76.99 42.90 30.97
C VAL E 243 77.40 41.43 31.05
N HIS E 244 76.87 40.72 32.04
CA HIS E 244 77.17 39.31 32.21
C HIS E 244 76.49 38.50 31.10
N GLU E 245 76.90 37.24 30.98
CA GLU E 245 76.33 36.32 30.02
C GLU E 245 75.61 35.15 30.65
N GLU E 246 75.75 34.94 31.96
CA GLU E 246 74.97 33.93 32.66
C GLU E 246 73.61 34.50 33.03
N ARG E 247 72.77 33.68 33.66
CA ARG E 247 71.39 34.03 33.95
C ARG E 247 71.08 33.72 35.41
N ILE E 248 70.40 34.66 36.07
CA ILE E 248 70.00 34.49 37.46
C ILE E 248 68.80 33.57 37.54
N ALA E 249 68.52 33.06 38.74
CA ALA E 249 67.35 32.23 39.00
C ALA E 249 66.29 33.07 39.71
N SER E 250 65.04 32.89 39.30
CA SER E 250 63.95 33.70 39.83
C SER E 250 63.31 33.11 41.08
N GLY E 251 63.56 31.84 41.38
CA GLY E 251 62.87 31.13 42.42
C GLY E 251 61.56 30.51 41.95
N VAL E 252 60.95 31.08 40.92
CA VAL E 252 59.79 30.48 40.26
C VAL E 252 60.31 29.67 39.07
N PRO E 253 60.48 28.36 39.21
CA PRO E 253 61.09 27.58 38.12
C PRO E 253 60.31 27.67 36.82
N ASP E 254 58.99 27.77 36.89
CA ASP E 254 58.19 27.93 35.67
C ASP E 254 58.45 29.29 35.03
N LEU E 255 58.60 30.34 35.84
CA LEU E 255 58.95 31.63 35.28
C LEU E 255 60.30 31.59 34.58
N ASP E 256 61.27 30.87 35.17
CA ASP E 256 62.54 30.71 34.49
C ASP E 256 62.37 29.93 33.18
N ALA E 257 61.54 28.88 33.20
CA ALA E 257 61.33 28.08 32.00
C ALA E 257 60.65 28.88 30.90
N MET E 258 59.87 29.89 31.26
CA MET E 258 59.17 30.68 30.25
C MET E 258 60.10 31.29 29.21
N MET E 259 61.38 31.47 29.54
CA MET E 259 62.33 32.10 28.65
C MET E 259 63.47 31.14 28.34
N ALA E 260 64.18 31.42 27.25
CA ALA E 260 65.26 30.55 26.78
C ALA E 260 66.37 30.44 27.82
N GLY E 261 67.38 29.62 27.55
CA GLY E 261 68.48 29.42 28.46
C GLY E 261 68.03 29.11 29.87
N GLY E 262 68.18 30.09 30.77
CA GLY E 262 67.74 29.92 32.14
C GLY E 262 66.73 30.98 32.54
N GLY E 263 67.16 32.24 32.55
CA GLY E 263 66.28 33.33 32.91
C GLY E 263 66.89 34.69 32.61
N PHE E 264 66.46 35.71 33.35
CA PHE E 264 67.02 37.04 33.18
C PHE E 264 68.54 37.00 33.40
N PHE E 265 69.25 37.85 32.66
CA PHE E 265 70.69 37.91 32.79
C PHE E 265 71.08 38.43 34.17
N ARG E 266 72.22 37.94 34.67
CA ARG E 266 72.75 38.45 35.93
C ARG E 266 73.05 39.94 35.80
N GLY E 267 72.92 40.66 36.91
CA GLY E 267 73.14 42.09 36.92
C GLY E 267 72.24 42.80 35.93
N SER E 268 70.95 42.50 35.98
CA SER E 268 69.96 43.07 35.08
C SER E 268 68.90 43.82 35.90
N SER E 269 67.85 44.25 35.23
CA SER E 269 66.73 44.93 35.85
C SER E 269 65.44 44.22 35.46
N ILE E 270 64.50 44.17 36.39
CA ILE E 270 63.20 43.54 36.17
C ILE E 270 62.13 44.47 36.71
N LEU E 271 61.04 44.61 35.97
CA LEU E 271 59.93 45.49 36.33
C LEU E 271 58.70 44.62 36.61
N VAL E 272 58.47 44.32 37.89
CA VAL E 272 57.31 43.54 38.31
C VAL E 272 56.16 44.53 38.50
N SER E 273 55.36 44.70 37.47
CA SER E 273 54.25 45.63 37.49
C SER E 273 52.94 44.90 37.75
N GLY E 274 51.97 45.61 38.29
CA GLY E 274 50.67 45.03 38.49
C GLY E 274 49.76 46.00 39.24
N VAL E 275 48.64 45.45 39.71
CA VAL E 275 47.66 46.22 40.46
C VAL E 275 47.59 45.66 41.87
N ALA E 276 47.12 46.50 42.80
CA ALA E 276 47.06 46.11 44.20
C ALA E 276 46.43 44.74 44.36
N GLY E 277 47.14 43.86 45.07
CA GLY E 277 46.69 42.49 45.26
C GLY E 277 47.11 41.52 44.18
N ALA E 278 48.12 41.87 43.38
CA ALA E 278 48.56 41.03 42.27
C ALA E 278 49.74 40.13 42.63
N GLY E 279 50.26 40.21 43.85
CA GLY E 279 51.35 39.35 44.27
C GLY E 279 52.73 39.84 43.90
N LYS E 280 52.87 41.13 43.61
CA LYS E 280 54.15 41.68 43.16
C LYS E 280 55.23 41.47 44.21
N SER E 281 54.94 41.91 45.44
CA SER E 281 55.91 41.76 46.53
C SER E 281 56.23 40.28 46.77
N SER E 282 55.28 39.39 46.55
CA SER E 282 55.55 37.96 46.74
C SER E 282 56.52 37.45 45.69
N LEU E 283 56.34 37.85 44.43
CA LEU E 283 57.30 37.45 43.40
C LEU E 283 58.69 37.97 43.73
N ALA E 284 58.79 39.24 44.13
CA ALA E 284 60.10 39.80 44.46
C ALA E 284 60.70 39.08 45.67
N ALA E 285 59.87 38.70 46.64
CA ALA E 285 60.35 37.96 47.79
C ALA E 285 60.90 36.61 47.39
N HIS E 286 60.25 35.95 46.44
CA HIS E 286 60.77 34.66 45.96
C HIS E 286 62.09 34.84 45.23
N PHE E 287 62.22 35.93 44.46
CA PHE E 287 63.52 36.26 43.87
C PHE E 287 64.61 36.35 44.95
N ALA E 288 64.36 37.18 45.96
CA ALA E 288 65.36 37.39 47.01
C ALA E 288 65.66 36.08 47.74
N ALA E 289 64.62 35.28 48.02
CA ALA E 289 64.83 34.03 48.73
C ALA E 289 65.62 33.04 47.91
N ALA E 290 65.41 33.02 46.60
CA ALA E 290 66.25 32.20 45.73
C ALA E 290 67.71 32.64 45.85
N ALA E 291 67.94 33.95 45.82
CA ALA E 291 69.31 34.45 45.96
C ALA E 291 69.93 33.99 47.29
N CYS E 292 69.16 34.07 48.38
CA CYS E 292 69.71 33.69 49.68
C CYS E 292 69.93 32.18 49.77
N ALA E 293 69.03 31.39 49.20
CA ALA E 293 69.20 29.94 49.22
C ALA E 293 70.39 29.51 48.39
N ARG E 294 70.71 30.26 47.34
CA ARG E 294 71.87 29.93 46.52
C ARG E 294 73.19 30.22 47.23
N GLY E 295 73.15 30.87 48.39
CA GLY E 295 74.37 31.27 49.07
C GLY E 295 74.84 32.67 48.74
N GLU E 296 73.94 33.54 48.28
CA GLU E 296 74.29 34.88 47.85
C GLU E 296 73.60 35.90 48.75
N ARG E 297 74.26 37.05 48.93
CA ARG E 297 73.70 38.12 49.75
C ARG E 297 72.57 38.81 48.99
N ALA E 298 71.52 39.20 49.71
CA ALA E 298 70.36 39.84 49.09
C ALA E 298 69.81 40.92 49.99
N MET E 299 69.18 41.92 49.38
CA MET E 299 68.65 43.06 50.13
C MET E 299 67.27 43.44 49.59
N TYR E 300 66.35 43.71 50.51
CA TYR E 300 64.96 44.01 50.18
C TYR E 300 64.61 45.37 50.77
N PHE E 301 64.29 46.34 49.90
CA PHE E 301 63.88 47.66 50.30
C PHE E 301 62.36 47.76 50.19
N SER E 302 61.72 48.07 51.30
CA SER E 302 60.26 48.19 51.38
C SER E 302 59.89 49.63 51.68
N PHE E 303 58.97 50.18 50.87
CA PHE E 303 58.44 51.52 51.08
C PHE E 303 56.95 51.47 51.40
N GLU E 304 56.44 50.30 51.80
CA GLU E 304 55.02 50.11 52.07
C GLU E 304 54.78 49.38 53.38
N GLU E 305 55.67 48.46 53.74
CA GLU E 305 55.42 47.57 54.87
C GLU E 305 56.75 47.18 55.51
N ALA E 306 56.65 46.52 56.66
CA ALA E 306 57.80 46.22 57.51
C ALA E 306 58.28 44.79 57.31
N ALA E 307 59.43 44.48 57.94
CA ALA E 307 60.12 43.22 57.69
C ALA E 307 59.46 42.06 58.44
N ASP E 308 59.14 42.25 59.72
CA ASP E 308 58.43 41.20 60.45
C ASP E 308 57.09 40.91 59.79
N GLN E 309 56.41 41.95 59.32
CA GLN E 309 55.17 41.76 58.59
C GLN E 309 55.41 40.97 57.30
N ALA E 310 56.48 41.30 56.58
CA ALA E 310 56.81 40.54 55.38
C ALA E 310 57.03 39.06 55.70
N VAL E 311 57.74 38.78 56.79
CA VAL E 311 57.96 37.39 57.19
C VAL E 311 56.63 36.70 57.45
N ARG E 312 55.80 37.31 58.30
CA ARG E 312 54.50 36.71 58.62
C ARG E 312 53.68 36.45 57.35
N ASN E 313 53.72 37.38 56.40
CA ASN E 313 52.85 37.29 55.24
C ASN E 313 53.37 36.27 54.22
N MET E 314 54.69 36.20 54.04
CA MET E 314 55.24 35.26 53.07
C MET E 314 55.27 33.83 53.61
N ARG E 315 55.35 33.65 54.93
CA ARG E 315 55.19 32.32 55.48
C ARG E 315 53.83 31.73 55.12
N SER E 316 52.85 32.57 54.81
CA SER E 316 51.57 32.06 54.32
C SER E 316 51.72 31.43 52.94
N LEU E 317 52.53 32.05 52.07
CA LEU E 317 52.84 31.46 50.77
C LEU E 317 53.96 30.44 50.86
N GLY E 318 54.42 30.12 52.08
CA GLY E 318 55.35 29.02 52.26
C GLY E 318 56.80 29.41 52.25
N LEU E 319 57.11 30.70 52.32
CA LEU E 319 58.48 31.20 52.26
C LEU E 319 58.84 31.76 53.63
N ASP E 320 59.87 31.19 54.24
CA ASP E 320 60.36 31.66 55.54
C ASP E 320 61.54 32.61 55.33
N LEU E 321 61.20 33.80 54.86
CA LEU E 321 62.21 34.85 54.71
C LEU E 321 62.93 35.10 56.03
N GLY E 322 62.27 34.82 57.15
CA GLY E 322 62.91 34.95 58.44
C GLY E 322 64.10 34.03 58.59
N ARG E 323 64.06 32.86 57.96
CA ARG E 323 65.21 31.96 57.99
C ARG E 323 66.44 32.66 57.44
N TRP E 324 66.33 33.23 56.24
CA TRP E 324 67.47 33.90 55.62
C TRP E 324 67.86 35.17 56.37
N ARG E 325 66.87 35.89 56.92
CA ARG E 325 67.20 37.09 57.68
C ARG E 325 68.00 36.73 58.94
N ASP E 326 67.57 35.71 59.67
CA ASP E 326 68.30 35.27 60.85
C ASP E 326 69.66 34.70 60.47
N ALA E 327 69.77 34.08 59.30
CA ALA E 327 71.05 33.55 58.83
C ALA E 327 71.97 34.65 58.30
N GLY E 328 71.45 35.84 58.05
CA GLY E 328 72.27 36.97 57.65
C GLY E 328 72.45 37.13 56.15
N LEU E 329 71.89 36.24 55.34
CA LEU E 329 71.98 36.35 53.90
C LEU E 329 70.95 37.30 53.31
N LEU E 330 69.98 37.75 54.10
CA LEU E 330 68.92 38.64 53.65
C LEU E 330 68.87 39.85 54.56
N ARG E 331 68.92 41.04 53.97
CA ARG E 331 68.79 42.28 54.70
C ARG E 331 67.45 42.94 54.36
N PHE E 332 66.80 43.51 55.37
CA PHE E 332 65.53 44.20 55.20
C PHE E 332 65.73 45.67 55.56
N MET E 333 65.41 46.56 54.62
CA MET E 333 65.49 48.00 54.84
C MET E 333 64.12 48.61 54.58
N ALA E 334 63.55 49.22 55.61
CA ALA E 334 62.25 49.88 55.52
C ALA E 334 62.42 51.38 55.71
N THR E 335 61.73 52.15 54.87
CA THR E 335 61.79 53.60 54.94
C THR E 335 60.68 54.20 54.10
N ARG E 336 59.86 55.05 54.70
CA ARG E 336 58.71 55.60 54.00
C ARG E 336 59.15 56.68 53.00
N PRO E 337 58.42 56.85 51.91
CA PRO E 337 58.88 57.81 50.88
C PRO E 337 58.99 59.23 51.41
N THR E 338 57.99 59.70 52.13
CA THR E 338 57.98 61.04 52.68
C THR E 338 58.88 61.19 53.90
N PHE E 339 59.62 60.13 54.27
CA PHE E 339 60.51 60.21 55.42
C PHE E 339 61.66 61.17 55.14
N TYR E 340 62.41 60.92 54.08
CA TYR E 340 63.51 61.77 53.65
C TYR E 340 63.15 62.51 52.37
N SER E 341 64.06 63.37 51.92
CA SER E 341 64.00 63.89 50.57
C SER E 341 64.51 62.84 49.59
N LEU E 342 64.30 63.09 48.30
CA LEU E 342 64.61 62.08 47.30
C LEU E 342 66.12 61.86 47.19
N GLU E 343 66.90 62.94 47.18
CA GLU E 343 68.35 62.80 47.06
C GLU E 343 68.93 62.05 48.26
N MET E 344 68.48 62.40 49.47
CA MET E 344 68.96 61.70 50.67
C MET E 344 68.51 60.26 50.66
N HIS E 345 67.30 59.99 50.19
CA HIS E 345 66.81 58.62 50.06
C HIS E 345 67.73 57.81 49.16
N LEU E 346 68.10 58.38 48.01
CA LEU E 346 69.01 57.71 47.10
C LEU E 346 70.36 57.45 47.77
N ALA E 347 70.88 58.46 48.47
CA ALA E 347 72.16 58.30 49.14
C ALA E 347 72.10 57.15 50.15
N VAL E 348 71.00 57.05 50.90
CA VAL E 348 70.88 56.00 51.91
C VAL E 348 70.80 54.63 51.25
N ILE E 349 70.00 54.52 50.18
CA ILE E 349 69.92 53.25 49.46
C ILE E 349 71.31 52.82 48.99
N LEU E 350 72.04 53.75 48.38
CA LEU E 350 73.37 53.42 47.87
C LEU E 350 74.32 53.03 49.00
N ARG E 351 74.23 53.72 50.13
CA ARG E 351 75.06 53.40 51.28
C ARG E 351 74.84 51.98 51.74
N GLU E 352 73.56 51.59 51.91
CA GLU E 352 73.26 50.23 52.36
C GLU E 352 73.73 49.20 51.34
N VAL E 353 73.49 49.47 50.05
CA VAL E 353 73.97 48.56 49.01
C VAL E 353 75.48 48.37 49.12
N MET E 354 76.21 49.46 49.26
CA MET E 354 77.67 49.37 49.32
C MET E 354 78.11 48.58 50.54
N ARG E 355 77.52 48.85 51.70
CA ARG E 355 78.01 48.20 52.91
C ARG E 355 77.68 46.71 52.92
N PHE E 356 76.59 46.29 52.26
CA PHE E 356 76.24 44.87 52.29
C PHE E 356 76.78 44.08 51.10
N GLU E 357 77.14 44.74 49.99
CA GLU E 357 77.60 44.07 48.79
C GLU E 357 76.62 42.95 48.38
N PRO E 358 75.37 43.30 48.10
CA PRO E 358 74.38 42.28 47.74
C PRO E 358 74.53 41.82 46.29
N SER E 359 73.93 40.67 46.02
CA SER E 359 73.81 40.17 44.65
C SER E 359 72.49 40.59 44.01
N VAL E 360 71.44 40.74 44.80
CA VAL E 360 70.13 41.17 44.29
C VAL E 360 69.56 42.20 45.26
N VAL E 361 68.89 43.21 44.68
CA VAL E 361 68.26 44.28 45.42
C VAL E 361 66.82 44.41 44.93
N VAL E 362 65.89 44.49 45.87
CA VAL E 362 64.47 44.58 45.56
C VAL E 362 63.96 45.94 46.03
N LEU E 363 63.03 46.52 45.27
CA LEU E 363 62.43 47.81 45.59
C LEU E 363 60.92 47.68 45.45
N ASP E 364 60.22 47.66 46.59
CA ASP E 364 58.78 47.41 46.63
C ASP E 364 58.07 48.53 47.37
N PRO E 365 57.40 49.47 46.66
CA PRO E 365 57.42 49.75 45.23
C PRO E 365 57.99 51.13 44.91
N ILE E 366 58.60 51.27 43.73
CA ILE E 366 59.10 52.56 43.28
C ILE E 366 57.97 53.55 43.05
N SER E 367 56.73 53.07 42.86
CA SER E 367 55.60 53.95 42.60
C SER E 367 55.34 54.95 43.71
N ALA E 368 55.87 54.69 44.91
CA ALA E 368 55.58 55.56 46.04
C ALA E 368 56.17 56.95 45.83
N PHE E 369 57.39 57.03 45.29
CA PHE E 369 57.98 58.33 45.01
C PHE E 369 57.17 59.07 43.95
N THR E 370 56.75 58.36 42.91
CA THR E 370 55.90 58.96 41.88
C THR E 370 54.66 59.58 42.49
N GLU E 371 54.03 58.86 43.44
CA GLU E 371 52.88 59.46 44.12
C GLU E 371 53.31 60.66 44.97
N SER E 372 54.49 60.59 45.58
CA SER E 372 54.97 61.70 46.40
C SER E 372 55.02 62.98 45.58
N GLY E 373 55.64 62.93 44.41
CA GLY E 373 55.75 64.07 43.54
C GLY E 373 57.15 64.18 42.98
N ASP E 374 57.53 65.40 42.59
CA ASP E 374 58.84 65.62 41.99
C ASP E 374 58.99 64.72 40.76
N ARG E 375 58.36 65.09 39.66
CA ARG E 375 58.35 64.31 38.43
C ARG E 375 59.75 63.95 37.95
N LEU E 376 60.48 64.95 37.46
CA LEU E 376 61.78 64.71 36.87
C LEU E 376 62.77 64.17 37.91
N GLU E 377 62.66 64.61 39.15
CA GLU E 377 63.59 64.14 40.18
C GLU E 377 63.36 62.67 40.48
N VAL E 378 62.10 62.21 40.49
CA VAL E 378 61.82 60.79 40.68
C VAL E 378 62.40 59.98 39.53
N GLN E 379 62.15 60.43 38.30
CA GLN E 379 62.71 59.71 37.16
C GLN E 379 64.23 59.63 37.25
N SER E 380 64.88 60.75 37.60
CA SER E 380 66.33 60.77 37.68
C SER E 380 66.85 59.87 38.80
N MET E 381 66.16 59.88 39.95
CA MET E 381 66.57 59.01 41.06
C MET E 381 66.50 57.55 40.64
N LEU E 382 65.43 57.15 39.97
CA LEU E 382 65.33 55.76 39.53
C LEU E 382 66.41 55.43 38.50
N LEU E 383 66.69 56.37 37.59
CA LEU E 383 67.77 56.17 36.63
C LEU E 383 69.09 55.91 37.34
N ARG E 384 69.39 56.73 38.36
CA ARG E 384 70.68 56.58 39.06
C ARG E 384 70.72 55.26 39.84
N ILE E 385 69.61 54.88 40.47
CA ILE E 385 69.56 53.59 41.17
C ILE E 385 69.88 52.46 40.21
N VAL E 386 69.18 52.43 39.07
CA VAL E 386 69.41 51.36 38.10
C VAL E 386 70.84 51.39 37.60
N ASP E 387 71.36 52.58 37.30
CA ASP E 387 72.73 52.70 36.81
C ASP E 387 73.72 52.11 37.81
N PHE E 388 73.58 52.48 39.08
CA PHE E 388 74.52 51.99 40.08
C PHE E 388 74.43 50.47 40.23
N LEU E 389 73.21 49.94 40.33
CA LEU E 389 73.06 48.50 40.52
C LEU E 389 73.65 47.74 39.33
N LYS E 390 73.33 48.17 38.11
CA LYS E 390 73.85 47.47 36.94
C LYS E 390 75.36 47.62 36.83
N ASN E 391 75.90 48.79 37.21
CA ASN E 391 77.34 48.97 37.20
C ASN E 391 78.02 48.02 38.17
N ARG E 392 77.40 47.80 39.33
CA ARG E 392 77.92 46.87 40.31
C ARG E 392 77.53 45.43 40.01
N GLY E 393 76.81 45.19 38.93
CA GLY E 393 76.47 43.82 38.55
C GLY E 393 75.45 43.19 39.47
N ILE E 394 74.61 44.01 40.10
CA ILE E 394 73.61 43.55 41.05
C ILE E 394 72.28 43.50 40.33
N THR E 395 71.57 42.38 40.47
CA THR E 395 70.24 42.29 39.88
C THR E 395 69.28 43.19 40.64
N GLY E 396 68.34 43.80 39.93
CA GLY E 396 67.42 44.73 40.55
C GLY E 396 65.97 44.50 40.16
N ILE E 397 65.15 44.09 41.13
CA ILE E 397 63.72 43.88 40.91
C ILE E 397 62.99 45.10 41.45
N PHE E 398 62.12 45.69 40.61
CA PHE E 398 61.43 46.94 40.93
C PHE E 398 59.94 46.71 40.71
N THR E 399 59.14 46.91 41.76
CA THR E 399 57.71 46.66 41.67
C THR E 399 56.93 47.95 41.44
N HIS E 400 55.82 47.85 40.70
CA HIS E 400 55.06 49.01 40.28
C HIS E 400 53.56 48.76 40.37
N LEU E 401 52.82 49.82 40.69
CA LEU E 401 51.36 49.81 40.77
C LEU E 401 50.79 50.57 39.58
N ALA E 402 49.79 49.98 38.93
CA ALA E 402 49.12 50.58 37.79
C ALA E 402 47.87 51.30 38.27
N HIS E 403 47.81 52.60 38.01
CA HIS E 403 46.70 53.43 38.48
C HIS E 403 46.40 54.55 37.49
N THR E 409 49.76 57.85 34.29
CA THR E 409 49.97 57.58 32.87
C THR E 409 51.43 57.26 32.56
N THR E 410 52.34 57.70 33.43
CA THR E 410 53.77 57.51 33.20
C THR E 410 54.24 56.16 33.76
N ASP E 411 53.62 55.10 33.24
CA ASP E 411 54.09 53.74 33.45
C ASP E 411 54.73 53.14 32.20
N ALA E 412 54.58 53.80 31.05
CA ALA E 412 55.19 53.31 29.82
C ALA E 412 56.68 53.66 29.77
N GLY E 413 57.03 54.89 30.14
CA GLY E 413 58.44 55.28 30.12
C GLY E 413 59.30 54.40 31.01
N LEU E 414 58.73 53.90 32.11
CA LEU E 414 59.49 53.04 33.00
C LEU E 414 59.98 51.78 32.30
N SER E 415 59.12 51.18 31.47
CA SER E 415 59.42 49.86 30.90
C SER E 415 60.72 49.88 30.11
N SER E 416 60.88 50.88 29.23
CA SER E 416 62.04 50.89 28.34
C SER E 416 63.35 50.94 29.12
N LEU E 417 63.36 51.67 30.25
CA LEU E 417 64.59 51.77 31.04
C LEU E 417 65.04 50.41 31.54
N MET E 418 64.10 49.55 31.93
CA MET E 418 64.44 48.27 32.50
C MET E 418 64.72 47.24 31.42
N ASP E 419 65.39 46.16 31.82
CA ASP E 419 65.71 45.09 30.87
C ASP E 419 64.51 44.16 30.68
N GLY E 420 64.00 43.59 31.77
CA GLY E 420 62.89 42.66 31.73
C GLY E 420 61.65 43.28 32.34
N TRP E 421 60.48 42.82 31.88
CA TRP E 421 59.19 43.32 32.35
C TRP E 421 58.29 42.13 32.63
N VAL E 422 57.69 42.10 33.81
CA VAL E 422 56.82 41.02 34.24
C VAL E 422 55.54 41.66 34.77
N LEU E 423 54.45 41.49 34.04
CA LEU E 423 53.15 42.00 34.43
C LEU E 423 52.41 40.96 35.26
N MET E 424 51.59 41.43 36.19
CA MET E 424 50.74 40.54 36.98
C MET E 424 49.36 41.15 37.06
N LEU E 425 48.34 40.34 36.77
CA LEU E 425 46.98 40.84 36.62
C LEU E 425 46.03 40.04 37.51
N ASN E 426 45.20 40.75 38.26
CA ASN E 426 44.07 40.19 38.99
C ASN E 426 42.81 40.71 38.33
N ARG E 427 42.12 39.85 37.59
CA ARG E 427 41.08 40.26 36.66
C ARG E 427 39.74 39.65 37.04
N GLU E 428 38.68 40.44 36.86
CA GLU E 428 37.32 40.03 37.19
C GLU E 428 36.74 39.27 36.01
N VAL E 429 36.60 37.95 36.16
CA VAL E 429 36.02 37.09 35.13
C VAL E 429 34.78 36.44 35.72
N ASN E 430 33.60 36.88 35.28
CA ASN E 430 32.33 36.29 35.71
C ASN E 430 32.14 36.37 37.22
N GLY E 431 32.80 37.33 37.87
CA GLY E 431 32.67 37.53 39.29
C GLY E 431 33.82 36.99 40.12
N GLU E 432 34.62 36.09 39.57
CA GLU E 432 35.78 35.56 40.26
C GLU E 432 37.03 36.27 39.76
N PHE E 433 37.98 36.51 40.68
CA PHE E 433 39.21 37.21 40.36
C PHE E 433 40.30 36.19 40.06
N ASN E 434 40.72 36.13 38.81
CA ASN E 434 41.74 35.21 38.34
C ASN E 434 43.07 35.94 38.17
N ARG E 435 44.16 35.23 38.41
CA ARG E 435 45.50 35.81 38.41
C ARG E 435 46.32 35.28 37.25
N GLU E 436 46.83 36.20 36.43
CA GLU E 436 47.63 35.85 35.26
C GLU E 436 48.97 36.55 35.35
N LEU E 437 50.05 35.78 35.20
CA LEU E 437 51.41 36.31 35.15
C LEU E 437 51.83 36.41 33.70
N TYR E 438 52.15 37.62 33.27
CA TYR E 438 52.38 37.96 31.87
C TYR E 438 53.83 38.40 31.71
N LEU E 439 54.71 37.47 31.35
CA LEU E 439 56.10 37.84 31.08
C LEU E 439 56.16 38.59 29.74
N LEU E 440 56.70 39.80 29.74
CA LEU E 440 56.45 40.76 28.67
C LEU E 440 57.70 41.25 27.96
N LYS E 441 58.88 41.16 28.57
CA LYS E 441 60.11 41.62 27.93
C LYS E 441 61.30 40.88 28.50
N ALA E 442 62.35 40.74 27.67
CA ALA E 442 63.51 39.97 28.08
C ALA E 442 64.82 40.40 27.43
N ARG E 443 64.86 41.53 26.72
CA ARG E 443 66.10 42.05 26.17
C ARG E 443 66.75 41.10 25.17
N GLY E 444 67.42 40.06 25.68
CA GLY E 444 68.20 39.19 24.83
C GLY E 444 67.68 37.76 24.75
N MET E 445 66.86 37.35 25.72
CA MET E 445 66.35 36.00 25.75
C MET E 445 65.23 35.83 24.73
N ALA E 446 64.61 34.65 24.74
CA ALA E 446 63.44 34.36 23.92
C ALA E 446 62.32 33.96 24.89
N HIS E 447 61.45 34.92 25.22
CA HIS E 447 60.41 34.72 26.22
C HIS E 447 59.13 34.24 25.57
N SER E 448 58.42 33.35 26.26
CA SER E 448 57.15 32.83 25.77
C SER E 448 56.12 33.96 25.74
N ASN E 449 55.51 34.19 24.58
CA ASN E 449 54.50 35.23 24.43
C ASN E 449 53.14 34.80 24.96
N GLN E 450 52.99 33.55 25.39
CA GLN E 450 51.70 33.05 25.85
C GLN E 450 51.40 33.55 27.26
N VAL E 451 50.11 33.54 27.59
CA VAL E 451 49.69 33.83 28.96
C VAL E 451 50.00 32.65 29.85
N ARG E 452 50.20 32.92 31.14
CA ARG E 452 50.40 31.86 32.12
C ARG E 452 49.60 32.20 33.38
N GLU E 453 49.11 31.15 34.03
CA GLU E 453 48.27 31.26 35.20
C GLU E 453 49.13 31.36 36.45
N PHE E 454 48.94 32.40 37.24
CA PHE E 454 49.67 32.59 38.49
C PHE E 454 48.86 31.96 39.62
N LEU E 455 49.37 30.89 40.20
CA LEU E 455 48.70 30.17 41.27
C LEU E 455 49.50 30.32 42.55
N MET E 456 48.88 30.92 43.57
CA MET E 456 49.50 31.13 44.87
C MET E 456 48.87 30.14 45.85
N SER E 457 49.71 29.28 46.44
CA SER E 457 49.24 28.31 47.42
C SER E 457 50.21 28.31 48.60
N ASP E 458 49.79 27.70 49.70
CA ASP E 458 50.67 27.56 50.85
C ASP E 458 51.95 26.83 50.47
N ARG E 459 51.90 25.96 49.46
CA ARG E 459 53.10 25.28 49.01
C ARG E 459 54.09 26.25 48.38
N GLY E 460 53.59 27.25 47.67
CA GLY E 460 54.46 28.25 47.07
C GLY E 460 53.76 28.97 45.93
N ILE E 461 54.59 29.60 45.09
CA ILE E 461 54.13 30.28 43.89
C ILE E 461 54.39 29.37 42.70
N SER E 462 53.37 29.16 41.86
CA SER E 462 53.48 28.28 40.72
C SER E 462 52.87 28.97 39.50
N LEU E 463 53.32 28.53 38.33
CA LEU E 463 52.79 29.02 37.05
C LEU E 463 52.32 27.84 36.23
N LEU E 464 51.14 28.00 35.61
CA LEU E 464 50.53 26.91 34.87
C LEU E 464 50.23 27.36 33.44
N PRO E 465 50.40 26.48 32.45
CA PRO E 465 50.08 26.87 31.08
C PRO E 465 48.58 26.84 30.84
N PRO E 466 48.09 27.58 29.86
CA PRO E 466 46.66 27.58 29.55
C PRO E 466 46.30 26.34 28.75
N HIS E 467 45.01 26.22 28.45
CA HIS E 467 44.53 25.19 27.52
C HIS E 467 44.61 25.78 26.11
N LEU E 468 45.52 25.24 25.30
CA LEU E 468 45.71 25.73 23.94
C LEU E 468 44.63 25.18 23.02
N GLY E 469 43.92 26.07 22.36
CA GLY E 469 42.87 25.66 21.46
C GLY E 469 41.96 26.83 21.11
N GLU E 470 40.82 26.48 20.53
CA GLU E 470 39.86 27.49 20.11
C GLU E 470 39.31 28.23 21.33
N GLY E 471 39.09 29.53 21.17
CA GLY E 471 38.60 30.38 22.24
C GLY E 471 39.68 31.15 22.97
N GLY E 472 40.94 30.72 22.87
CA GLY E 472 42.04 31.43 23.49
C GLY E 472 42.77 30.62 24.54
N ALA E 473 42.97 31.22 25.71
CA ALA E 473 43.67 30.58 26.82
C ALA E 473 42.85 30.46 28.09
N LEU E 474 41.92 31.40 28.32
CA LEU E 474 40.93 31.27 29.40
C LEU E 474 41.58 31.38 30.77
N THR E 475 42.47 30.44 31.10
CA THR E 475 43.35 30.58 32.26
C THR E 475 42.56 30.76 33.56
N GLY E 476 41.75 29.77 33.88
CA GLY E 476 41.07 29.75 35.17
C GLY E 476 39.65 29.23 35.16
N THR E 477 38.72 30.03 35.69
CA THR E 477 37.32 29.63 35.70
C THR E 477 36.84 29.27 34.30
N ALA E 478 37.30 30.02 33.30
CA ALA E 478 36.97 29.69 31.92
C ALA E 478 37.63 28.37 31.49
N ARG E 479 38.83 28.08 32.01
CA ARG E 479 39.41 26.76 31.78
C ARG E 479 38.48 25.67 32.28
N LYS E 480 37.98 25.82 33.51
CA LYS E 480 37.06 24.83 34.05
C LYS E 480 35.81 24.70 33.17
N ALA E 481 35.23 25.84 32.80
CA ALA E 481 34.00 25.82 32.02
C ALA E 481 34.20 25.11 30.69
N GLU E 482 35.28 25.44 29.97
CA GLU E 482 35.48 24.85 28.65
C GLU E 482 35.95 23.40 28.75
N GLU E 483 36.69 23.04 29.79
CA GLU E 483 37.02 21.64 30.01
C GLU E 483 35.74 20.83 30.22
N ALA E 484 34.80 21.37 30.99
CA ALA E 484 33.52 20.69 31.19
C ALA E 484 32.74 20.60 29.88
N ARG E 485 32.73 21.68 29.10
CA ARG E 485 32.04 21.64 27.81
C ARG E 485 32.62 20.55 26.92
N LEU E 486 33.96 20.47 26.86
CA LEU E 486 34.60 19.46 26.02
C LEU E 486 34.28 18.06 26.52
N ARG E 487 34.31 17.86 27.84
CA ARG E 487 33.96 16.56 28.40
C ARG E 487 32.55 16.16 28.00
N ARG E 488 31.58 17.06 28.19
CA ARG E 488 30.19 16.74 27.87
C ARG E 488 30.00 16.54 26.37
N ALA E 489 30.72 17.29 25.54
CA ALA E 489 30.59 17.13 24.10
C ALA E 489 31.13 15.78 23.64
N GLU E 490 32.27 15.36 24.19
CA GLU E 490 32.79 14.04 23.87
C GLU E 490 31.84 12.95 24.36
N ILE E 491 31.24 13.14 25.54
CA ILE E 491 30.25 12.18 26.02
C ILE E 491 29.08 12.09 25.04
N GLU E 492 28.62 13.24 24.56
CA GLU E 492 27.48 13.25 23.62
C GLU E 492 27.84 12.56 22.32
N ARG E 493 29.05 12.82 21.80
CA ARG E 493 29.51 12.11 20.61
C ARG E 493 29.51 10.61 20.85
N GLN E 494 30.02 10.18 22.00
CA GLN E 494 30.01 8.76 22.34
C GLN E 494 28.59 8.21 22.31
N THR E 495 27.65 8.90 22.97
CA THR E 495 26.28 8.41 23.05
C THR E 495 25.66 8.28 21.67
N GLU E 496 25.81 9.31 20.82
CA GLU E 496 25.16 9.27 19.52
C GLU E 496 25.83 8.26 18.59
N LEU E 497 27.14 8.07 18.71
CA LEU E 497 27.81 7.04 17.91
C LEU E 497 27.32 5.65 18.31
N GLY E 498 27.21 5.40 19.62
CA GLY E 498 26.66 4.12 20.06
C GLY E 498 25.23 3.91 19.60
N ARG E 499 24.43 4.98 19.65
CA ARG E 499 23.06 4.89 19.15
C ARG E 499 23.04 4.52 17.67
N LEU E 500 23.88 5.18 16.88
CA LEU E 500 23.94 4.88 15.46
C LEU E 500 24.32 3.43 15.22
N GLN E 501 25.30 2.93 15.98
CA GLN E 501 25.73 1.54 15.83
C GLN E 501 24.57 0.58 16.15
N GLN E 502 23.89 0.81 17.27
CA GLN E 502 22.80 -0.09 17.67
C GLN E 502 21.66 -0.03 16.67
N GLN E 503 21.31 1.16 16.19
CA GLN E 503 20.24 1.30 15.21
C GLN E 503 20.61 0.63 13.89
N ILE E 504 21.89 0.72 13.51
CA ILE E 504 22.35 0.04 12.30
C ILE E 504 22.20 -1.47 12.46
N GLU E 505 22.55 -2.01 13.63
CA GLU E 505 22.37 -3.43 13.86
C GLU E 505 20.90 -3.82 13.78
N GLN E 506 20.01 -3.01 14.36
CA GLN E 506 18.59 -3.34 14.35
C GLN E 506 18.03 -3.32 12.93
N ARG E 507 18.42 -2.32 12.13
CA ARG E 507 17.93 -2.29 10.75
C ARG E 507 18.54 -3.40 9.91
N ARG E 508 19.79 -3.80 10.21
CA ARG E 508 20.36 -4.99 9.60
C ARG E 508 19.48 -6.21 9.86
N ARG E 509 19.05 -6.37 11.11
CA ARG E 509 18.16 -7.48 11.44
C ARG E 509 16.86 -7.40 10.66
N ARG E 510 16.28 -6.19 10.57
CA ARG E 510 15.05 -6.00 9.81
C ARG E 510 15.23 -6.48 8.38
N ALA E 511 16.32 -6.06 7.73
CA ALA E 511 16.56 -6.44 6.34
C ALA E 511 16.72 -7.95 6.21
N ARG E 512 17.50 -8.55 7.11
CA ARG E 512 17.70 -10.00 7.06
C ARG E 512 16.37 -10.74 7.21
N ALA E 513 15.50 -10.25 8.09
CA ALA E 513 14.22 -10.92 8.31
C ALA E 513 13.32 -10.80 7.08
N GLN E 514 13.29 -9.62 6.46
CA GLN E 514 12.49 -9.48 5.24
C GLN E 514 13.02 -10.39 4.13
N ILE E 515 14.34 -10.55 4.06
CA ILE E 515 14.93 -11.47 3.09
C ILE E 515 14.47 -12.90 3.36
N GLU E 516 14.50 -13.30 4.63
CA GLU E 516 14.03 -14.63 4.99
C GLU E 516 12.57 -14.82 4.60
N ALA E 517 11.75 -13.78 4.78
CA ALA E 517 10.34 -13.87 4.41
C ALA E 517 10.17 -14.10 2.92
N LEU E 518 10.87 -13.30 2.11
CA LEU E 518 10.79 -13.49 0.66
C LEU E 518 11.24 -14.90 0.27
N GLU E 519 12.32 -15.39 0.88
CA GLU E 519 12.80 -16.73 0.57
C GLU E 519 11.75 -17.79 0.91
N ALA E 520 11.10 -17.64 2.07
CA ALA E 520 10.09 -18.60 2.47
C ALA E 520 8.93 -18.62 1.48
N GLU E 521 8.45 -17.43 1.08
CA GLU E 521 7.35 -17.38 0.12
C GLU E 521 7.76 -18.01 -1.22
N LEU E 522 8.99 -17.74 -1.67
CA LEU E 522 9.43 -18.32 -2.93
C LEU E 522 9.47 -19.84 -2.85
N GLN E 523 10.03 -20.39 -1.77
CA GLN E 523 10.06 -21.83 -1.61
C GLN E 523 8.66 -22.41 -1.54
N ALA E 524 7.73 -21.70 -0.90
CA ALA E 524 6.35 -22.19 -0.81
C ALA E 524 5.72 -22.25 -2.19
N GLU E 525 5.91 -21.22 -3.01
CA GLU E 525 5.39 -21.27 -4.38
C GLU E 525 6.02 -22.41 -5.17
N GLU E 526 7.33 -22.60 -5.01
CA GLU E 526 8.01 -23.71 -5.68
C GLU E 526 7.36 -25.03 -5.32
N ILE E 527 7.14 -25.27 -4.02
CA ILE E 527 6.54 -26.53 -3.60
C ILE E 527 5.13 -26.66 -4.12
N ALA E 528 4.34 -25.58 -4.07
CA ALA E 528 2.98 -25.62 -4.58
C ALA E 528 2.96 -26.04 -6.05
N LEU E 529 3.91 -25.53 -6.84
CA LEU E 529 3.96 -25.92 -8.25
C LEU E 529 4.41 -27.38 -8.39
N LYS E 530 5.50 -27.75 -7.72
CA LYS E 530 6.06 -29.08 -7.84
C LYS E 530 5.23 -30.11 -7.07
N GLY F 4 39.65 82.68 83.85
CA GLY F 4 39.00 83.55 82.89
C GLY F 4 39.69 84.90 82.77
N ILE F 5 39.28 85.68 81.77
CA ILE F 5 39.83 87.02 81.57
C ILE F 5 38.69 87.99 81.27
N GLY F 6 39.03 89.21 80.86
CA GLY F 6 38.02 90.21 80.57
C GLY F 6 37.37 90.01 79.22
N LYS F 7 36.29 90.75 79.00
CA LYS F 7 35.53 90.67 77.76
C LYS F 7 34.67 91.92 77.63
N SER F 8 34.35 92.27 76.38
CA SER F 8 33.52 93.43 76.11
C SER F 8 32.80 93.22 74.77
N PRO F 9 31.48 92.97 74.79
CA PRO F 9 30.78 92.73 73.53
C PRO F 9 30.73 93.99 72.66
N THR F 10 31.02 93.83 71.38
CA THR F 10 31.00 94.91 70.42
C THR F 10 29.61 95.13 69.81
N GLY F 11 28.67 94.23 70.05
CA GLY F 11 27.43 94.23 69.33
C GLY F 11 27.50 93.60 67.96
N ILE F 12 28.69 93.21 67.50
CA ILE F 12 28.86 92.55 66.21
C ILE F 12 28.83 91.05 66.48
N GLN F 13 27.65 90.47 66.24
CA GLN F 13 27.48 89.03 66.33
C GLN F 13 28.43 88.36 65.35
N GLY F 14 29.09 87.31 65.81
CA GLY F 14 30.10 86.67 64.99
C GLY F 14 31.48 87.13 65.41
N PHE F 15 31.69 88.44 65.50
CA PHE F 15 32.95 88.92 66.08
C PHE F 15 33.04 88.53 67.54
N ASP F 16 31.91 88.60 68.26
CA ASP F 16 31.94 88.11 69.65
C ASP F 16 32.23 86.62 69.72
N GLU F 17 31.75 85.84 68.74
CA GLU F 17 32.06 84.41 68.74
C GLU F 17 33.52 84.17 68.37
N LEU F 18 34.08 84.98 67.48
CA LEU F 18 35.48 84.87 67.11
C LEU F 18 36.38 85.15 68.30
N THR F 19 36.06 86.20 69.07
CA THR F 19 36.89 86.61 70.20
C THR F 19 36.52 85.92 71.50
N LEU F 20 35.44 85.14 71.52
CA LEU F 20 35.01 84.43 72.72
C LEU F 20 34.81 85.39 73.88
N GLY F 21 33.88 86.32 73.68
CA GLY F 21 33.55 87.30 74.71
C GLY F 21 33.50 88.72 74.19
N GLY F 22 34.49 89.08 73.36
CA GLY F 22 34.60 90.41 72.79
C GLY F 22 35.97 90.99 73.05
N LEU F 23 36.13 92.26 72.70
CA LEU F 23 37.40 92.96 72.88
C LEU F 23 37.82 92.88 74.35
N PRO F 24 39.12 93.04 74.63
CA PRO F 24 39.57 93.03 76.03
C PRO F 24 39.07 94.27 76.76
N THR F 25 38.46 94.06 77.93
CA THR F 25 37.90 95.16 78.70
C THR F 25 38.99 95.80 79.54
N GLY F 26 39.07 97.13 79.47
CA GLY F 26 40.07 97.87 80.22
C GLY F 26 41.43 97.96 79.57
N ARG F 27 41.56 97.52 78.32
CA ARG F 27 42.82 97.58 77.59
C ARG F 27 42.61 98.25 76.25
N PRO F 28 43.64 98.90 75.70
CA PRO F 28 43.52 99.44 74.35
C PRO F 28 43.56 98.34 73.30
N SER F 29 42.89 98.59 72.17
CA SER F 29 42.86 97.67 71.05
C SER F 29 43.10 98.45 69.76
N LEU F 30 43.50 97.72 68.72
CA LEU F 30 43.91 98.31 67.45
C LEU F 30 43.11 97.69 66.32
N VAL F 31 42.76 98.52 65.33
CA VAL F 31 42.08 98.06 64.13
C VAL F 31 42.84 98.52 62.90
N CYS F 32 44.04 97.97 62.71
CA CYS F 32 44.85 98.35 61.55
C CYS F 32 44.10 98.01 60.26
N GLY F 33 44.37 98.80 59.22
CA GLY F 33 43.73 98.60 57.94
C GLY F 33 44.02 99.69 56.94
N SER F 34 43.85 99.38 55.65
CA SER F 34 44.06 100.36 54.60
C SER F 34 42.90 101.35 54.59
N ALA F 35 42.96 102.30 53.65
CA ALA F 35 41.90 103.29 53.52
C ALA F 35 40.60 102.63 53.09
N GLY F 36 39.54 102.90 53.84
CA GLY F 36 38.23 102.36 53.50
C GLY F 36 37.99 100.93 53.90
N CYS F 37 38.71 100.43 54.90
CA CYS F 37 38.53 99.06 55.37
C CYS F 37 37.53 98.97 56.53
N GLY F 38 36.90 100.06 56.91
CA GLY F 38 35.91 100.04 57.96
C GLY F 38 36.45 100.18 59.36
N LYS F 39 37.61 100.82 59.53
CA LYS F 39 38.19 100.99 60.86
C LYS F 39 37.31 101.90 61.72
N THR F 40 37.08 103.12 61.25
CA THR F 40 36.24 104.06 61.98
C THR F 40 34.86 103.48 62.23
N LEU F 41 34.34 102.71 61.27
CA LEU F 41 33.00 102.15 61.43
C LEU F 41 32.98 101.05 62.48
N PHE F 42 34.02 100.20 62.50
CA PHE F 42 34.11 99.21 63.56
C PHE F 42 34.12 99.89 64.93
N ALA F 43 34.93 100.96 65.07
CA ALA F 43 34.98 101.66 66.34
C ALA F 43 33.63 102.26 66.69
N SER F 44 32.96 102.88 65.71
CA SER F 44 31.67 103.52 65.96
C SER F 44 30.63 102.50 66.39
N THR F 45 30.55 101.37 65.67
CA THR F 45 29.58 100.34 66.02
C THR F 45 29.87 99.78 67.40
N PHE F 46 31.15 99.50 67.70
CA PHE F 46 31.51 99.04 69.04
C PHE F 46 30.97 100.01 70.09
N LEU F 47 31.29 101.30 69.95
CA LEU F 47 30.91 102.28 70.96
C LEU F 47 29.40 102.36 71.11
N ILE F 48 28.68 102.46 69.99
CA ILE F 48 27.24 102.72 70.06
C ILE F 48 26.49 101.48 70.52
N ASN F 49 26.87 100.30 70.03
CA ASN F 49 26.28 99.07 70.55
C ASN F 49 26.58 98.91 72.03
N GLY F 50 27.73 99.40 72.50
CA GLY F 50 28.01 99.37 73.92
C GLY F 50 27.08 100.26 74.71
N VAL F 51 26.88 101.50 74.25
CA VAL F 51 26.05 102.43 75.01
C VAL F 51 24.59 102.00 74.99
N ARG F 52 24.14 101.40 73.88
CA ARG F 52 22.73 101.02 73.79
C ARG F 52 22.46 99.66 74.43
N ASP F 53 23.18 98.64 74.02
CA ASP F 53 22.86 97.27 74.42
C ASP F 53 23.11 97.05 75.91
N HIS F 54 24.30 97.43 76.40
CA HIS F 54 24.73 97.08 77.73
C HIS F 54 24.82 98.29 78.66
N GLY F 55 24.20 99.40 78.28
CA GLY F 55 24.20 100.58 79.13
C GLY F 55 25.57 101.04 79.54
N GLU F 56 26.57 100.81 78.68
CA GLU F 56 27.95 101.21 78.92
C GLU F 56 28.27 102.41 78.04
N PRO F 57 28.01 103.64 78.50
CA PRO F 57 28.22 104.81 77.63
C PRO F 57 29.67 105.04 77.26
N GLY F 58 29.94 106.08 76.47
CA GLY F 58 31.32 106.30 76.05
C GLY F 58 31.52 107.57 75.26
N VAL F 59 32.77 107.77 74.89
CA VAL F 59 33.21 108.99 74.23
C VAL F 59 34.09 108.64 73.03
N PHE F 60 34.08 109.54 72.05
CA PHE F 60 34.70 109.32 70.74
C PHE F 60 35.57 110.51 70.40
N VAL F 61 36.89 110.31 70.38
CA VAL F 61 37.85 111.35 70.06
C VAL F 61 38.20 111.22 68.58
N THR F 62 37.98 112.30 67.83
CA THR F 62 38.21 112.33 66.39
C THR F 62 39.30 113.36 66.10
N PHE F 63 40.54 112.90 66.04
CA PHE F 63 41.66 113.82 65.86
C PHE F 63 41.71 114.47 64.49
N GLU F 64 40.84 114.06 63.55
CA GLU F 64 40.81 114.67 62.23
C GLU F 64 39.37 114.88 61.75
N GLU F 65 38.65 113.80 61.49
CA GLU F 65 37.31 113.91 60.93
C GLU F 65 36.47 114.87 61.76
N ARG F 66 35.55 115.55 61.08
CA ARG F 66 34.74 116.56 61.76
C ARG F 66 33.59 115.88 62.53
N PRO F 67 33.22 116.40 63.69
CA PRO F 67 32.08 115.81 64.42
C PRO F 67 30.81 115.78 63.61
N GLU F 68 30.51 116.86 62.88
CA GLU F 68 29.34 116.85 62.00
C GLU F 68 29.46 115.77 60.95
N ASP F 69 30.65 115.58 60.38
CA ASP F 69 30.84 114.53 59.40
C ASP F 69 30.57 113.16 60.00
N ILE F 70 31.02 112.92 61.24
CA ILE F 70 30.78 111.64 61.89
C ILE F 70 29.29 111.42 62.11
N VAL F 71 28.60 112.45 62.61
CA VAL F 71 27.16 112.34 62.82
C VAL F 71 26.47 111.98 61.51
N ASN F 72 26.82 112.68 60.43
CA ASN F 72 26.21 112.40 59.13
C ASN F 72 26.48 110.97 58.71
N ASN F 73 27.73 110.53 58.79
CA ASN F 73 28.09 109.20 58.29
C ASN F 73 27.41 108.11 59.10
N VAL F 74 27.25 108.32 60.40
CA VAL F 74 26.74 107.24 61.25
C VAL F 74 25.22 107.20 61.23
N ALA F 75 24.56 108.36 61.15
CA ALA F 75 23.10 108.40 61.25
C ALA F 75 22.42 107.62 60.13
N SER F 76 23.09 107.42 59.00
CA SER F 76 22.46 106.72 57.88
C SER F 76 22.19 105.25 58.18
N LEU F 77 22.84 104.69 59.20
CA LEU F 77 22.60 103.31 59.61
C LEU F 77 21.51 103.19 60.67
N GLY F 78 20.74 104.24 60.89
CA GLY F 78 19.72 104.24 61.93
C GLY F 78 20.27 104.37 63.33
N PHE F 79 21.56 104.65 63.49
CA PHE F 79 22.15 104.74 64.82
C PHE F 79 21.67 105.97 65.59
N GLU F 80 21.22 107.02 64.90
CA GLU F 80 20.68 108.22 65.54
C GLU F 80 21.71 108.83 66.49
N LEU F 81 22.91 109.08 65.94
CA LEU F 81 24.00 109.57 66.76
C LEU F 81 23.71 110.94 67.34
N ASP F 82 23.00 111.79 66.59
CA ASP F 82 22.64 113.10 67.14
C ASP F 82 21.66 112.95 68.30
N LYS F 83 20.69 112.04 68.16
CA LYS F 83 19.76 111.77 69.25
C LYS F 83 20.52 111.36 70.50
N LEU F 84 21.46 110.41 70.37
CA LEU F 84 22.21 109.98 71.54
C LEU F 84 23.12 111.09 72.07
N ILE F 85 23.72 111.88 71.18
CA ILE F 85 24.57 112.99 71.61
C ILE F 85 23.79 113.94 72.49
N GLU F 86 22.63 114.38 72.02
CA GLU F 86 21.80 115.28 72.82
C GLU F 86 21.29 114.60 74.08
N GLU F 87 21.05 113.29 74.03
CA GLU F 87 20.55 112.56 75.18
C GLU F 87 21.65 112.15 76.16
N GLU F 88 22.90 112.51 75.88
CA GLU F 88 24.06 112.29 76.74
C GLU F 88 24.52 110.84 76.79
N LYS F 89 23.89 109.94 76.04
CA LYS F 89 24.32 108.55 76.02
C LYS F 89 25.68 108.36 75.37
N ILE F 90 26.22 109.38 74.70
CA ILE F 90 27.48 109.28 73.97
C ILE F 90 28.07 110.68 73.88
N ALA F 91 29.38 110.75 73.65
CA ALA F 91 30.04 112.05 73.48
C ALA F 91 31.00 112.02 72.29
N ILE F 92 31.12 113.16 71.63
CA ILE F 92 32.08 113.37 70.55
C ILE F 92 33.07 114.45 70.99
N GLU F 93 34.31 114.36 70.49
CA GLU F 93 35.35 115.27 70.90
C GLU F 93 36.32 115.52 69.75
N HIS F 94 36.90 116.72 69.75
CA HIS F 94 37.83 117.18 68.71
C HIS F 94 37.07 117.37 67.39
N ASP F 109 50.88 119.74 75.26
CA ASP F 109 50.85 118.69 74.25
C ASP F 109 50.28 117.39 74.83
N LEU F 110 50.35 117.26 76.15
CA LEU F 110 49.82 116.11 76.87
C LEU F 110 48.69 116.49 77.81
N GLU F 111 48.91 117.52 78.63
CA GLU F 111 47.94 117.89 79.66
C GLU F 111 46.62 118.34 79.05
N GLY F 112 46.67 119.04 77.92
CA GLY F 112 45.43 119.53 77.32
C GLY F 112 44.54 118.41 76.84
N LEU F 113 45.12 117.46 76.08
CA LEU F 113 44.36 116.30 75.66
C LEU F 113 43.83 115.53 76.87
N PHE F 114 44.69 115.29 77.86
CA PHE F 114 44.25 114.58 79.05
C PHE F 114 43.05 115.29 79.70
N LEU F 115 43.11 116.61 79.80
CA LEU F 115 42.06 117.35 80.50
C LEU F 115 40.75 117.30 79.73
N ARG F 116 40.77 117.60 78.43
CA ARG F 116 39.53 117.55 77.66
C ARG F 116 38.94 116.15 77.68
N LEU F 117 39.79 115.13 77.50
CA LEU F 117 39.31 113.76 77.49
C LEU F 117 38.68 113.37 78.82
N GLU F 118 39.32 113.77 79.93
CA GLU F 118 38.76 113.45 81.25
C GLU F 118 37.44 114.18 81.48
N LEU F 119 37.36 115.44 81.04
CA LEU F 119 36.11 116.18 81.19
C LEU F 119 34.97 115.46 80.48
N ALA F 120 35.20 115.06 79.22
CA ALA F 120 34.15 114.36 78.47
C ALA F 120 33.82 113.00 79.10
N ILE F 121 34.86 112.27 79.55
CA ILE F 121 34.65 110.98 80.18
C ILE F 121 33.76 111.12 81.40
N ASP F 122 34.07 112.09 82.27
CA ASP F 122 33.25 112.30 83.45
C ASP F 122 31.85 112.77 83.08
N THR F 123 31.73 113.53 81.99
CA THR F 123 30.41 113.95 81.54
C THR F 123 29.52 112.75 81.26
N VAL F 124 29.95 111.86 80.37
CA VAL F 124 29.10 110.76 79.94
C VAL F 124 29.38 109.47 80.73
N GLY F 125 30.07 109.56 81.86
CA GLY F 125 30.42 108.37 82.62
C GLY F 125 30.96 107.28 81.73
N ALA F 126 31.87 107.66 80.83
CA ALA F 126 32.30 106.77 79.76
C ALA F 126 32.84 105.46 80.32
N LYS F 127 32.29 104.35 79.82
CA LYS F 127 32.89 103.04 79.99
C LYS F 127 33.46 102.50 78.69
N ARG F 128 33.33 103.25 77.60
CA ARG F 128 33.96 102.89 76.33
C ARG F 128 34.52 104.14 75.66
N VAL F 129 35.67 103.98 75.01
CA VAL F 129 36.37 105.10 74.38
C VAL F 129 36.82 104.69 72.98
N VAL F 130 36.76 105.64 72.05
CA VAL F 130 37.28 105.46 70.70
C VAL F 130 38.27 106.57 70.42
N LEU F 131 39.40 106.21 69.79
CA LEU F 131 40.42 107.17 69.38
C LEU F 131 40.67 106.94 67.89
N ASP F 132 40.15 107.83 67.04
CA ASP F 132 40.24 107.65 65.60
C ASP F 132 41.18 108.68 64.99
N THR F 133 42.05 108.22 64.10
CA THR F 133 43.02 109.06 63.42
C THR F 133 43.98 109.71 64.41
N ILE F 134 44.32 108.99 65.49
CA ILE F 134 45.33 109.46 66.42
C ILE F 134 46.70 109.53 65.79
N GLU F 135 46.85 109.03 64.56
CA GLU F 135 48.12 109.14 63.85
C GLU F 135 48.56 110.60 63.74
N SER F 136 47.63 111.48 63.36
CA SER F 136 48.00 112.87 63.12
C SER F 136 48.59 113.52 64.37
N LEU F 137 47.98 113.28 65.53
CA LEU F 137 48.47 113.88 66.76
C LEU F 137 49.90 113.44 67.10
N PHE F 138 50.41 112.40 66.45
CA PHE F 138 51.81 112.01 66.60
C PHE F 138 52.68 112.89 65.70
N SER F 139 52.68 114.19 66.01
CA SER F 139 53.42 115.20 65.24
C SER F 139 53.94 116.24 66.23
N ALA F 140 55.06 115.91 66.87
CA ALA F 140 55.69 116.83 67.82
C ALA F 140 56.59 117.79 67.05
N PHE F 141 57.90 117.56 67.09
CA PHE F 141 58.83 118.33 66.29
C PHE F 141 60.10 117.52 66.03
N SER F 142 59.95 116.42 65.29
CA SER F 142 61.05 115.56 64.90
C SER F 142 61.76 114.97 66.11
N ASN F 143 61.01 114.76 67.20
CA ASN F 143 61.55 114.11 68.40
C ASN F 143 60.86 112.76 68.57
N PRO F 144 61.56 111.64 68.40
CA PRO F 144 60.85 110.35 68.40
C PRO F 144 60.33 109.93 69.76
N ALA F 145 61.13 110.09 70.82
CA ALA F 145 60.77 109.50 72.11
C ALA F 145 59.62 110.23 72.79
N ILE F 146 59.48 111.53 72.53
CA ILE F 146 58.44 112.32 73.20
C ILE F 146 57.06 111.76 72.87
N LEU F 147 56.82 111.45 71.60
CA LEU F 147 55.51 110.96 71.20
C LEU F 147 55.24 109.56 71.74
N ARG F 148 56.27 108.71 71.77
CA ARG F 148 56.11 107.37 72.35
C ARG F 148 55.73 107.47 73.83
N ALA F 149 56.43 108.32 74.57
CA ALA F 149 56.12 108.48 76.00
C ALA F 149 54.73 109.03 76.19
N GLU F 150 54.32 109.99 75.36
CA GLU F 150 52.96 110.53 75.47
C GLU F 150 51.91 109.44 75.19
N ILE F 151 52.14 108.64 74.15
CA ILE F 151 51.24 107.53 73.84
C ILE F 151 51.10 106.61 75.06
N ARG F 152 52.24 106.20 75.62
CA ARG F 152 52.22 105.28 76.75
C ARG F 152 51.47 105.87 77.94
N ARG F 153 51.73 107.14 78.24
CA ARG F 153 51.06 107.78 79.37
C ARG F 153 49.55 107.85 79.13
N LEU F 154 49.13 108.20 77.93
CA LEU F 154 47.69 108.27 77.64
C LEU F 154 47.05 106.90 77.82
N PHE F 155 47.66 105.85 77.26
CA PHE F 155 47.06 104.53 77.36
C PHE F 155 47.00 104.07 78.81
N ASP F 156 48.07 104.32 79.59
CA ASP F 156 48.06 103.92 80.98
C ASP F 156 47.04 104.70 81.80
N TRP F 157 46.83 105.97 81.47
CA TRP F 157 45.85 106.78 82.19
C TRP F 157 44.43 106.31 81.88
N LEU F 158 44.18 105.93 80.62
CA LEU F 158 42.90 105.30 80.29
C LEU F 158 42.71 104.01 81.07
N LYS F 159 43.71 103.14 81.06
CA LYS F 159 43.64 101.92 81.86
C LYS F 159 43.31 102.23 83.32
N GLU F 160 43.98 103.24 83.89
CA GLU F 160 43.76 103.58 85.29
C GLU F 160 42.31 104.00 85.52
N ARG F 161 41.79 104.89 84.68
CA ARG F 161 40.37 105.22 84.76
C ARG F 161 39.52 103.96 84.67
N GLY F 162 39.99 102.94 83.96
CA GLY F 162 39.27 101.70 83.84
C GLY F 162 38.43 101.61 82.59
N LEU F 163 38.84 102.23 81.50
CA LEU F 163 38.06 102.31 80.29
C LEU F 163 38.58 101.33 79.24
N THR F 164 37.67 100.86 78.39
CA THR F 164 38.02 100.01 77.26
C THR F 164 38.04 100.89 76.01
N THR F 165 39.18 100.90 75.31
CA THR F 165 39.40 101.83 74.22
C THR F 165 39.71 101.09 72.93
N VAL F 166 39.34 101.72 71.81
CA VAL F 166 39.64 101.20 70.47
C VAL F 166 40.42 102.27 69.72
N ILE F 167 41.62 101.90 69.27
CA ILE F 167 42.50 102.81 68.54
C ILE F 167 42.43 102.49 67.05
N THR F 168 42.32 103.52 66.23
CA THR F 168 42.33 103.35 64.78
C THR F 168 43.70 103.73 64.24
N ALA F 169 44.41 102.76 63.67
CA ALA F 169 45.73 102.97 63.11
C ALA F 169 45.70 102.67 61.61
N GLU F 170 46.40 103.49 60.84
CA GLU F 170 46.49 103.31 59.40
C GLU F 170 47.68 102.42 59.05
N ARG F 171 47.79 102.08 57.76
CA ARG F 171 48.90 101.28 57.28
C ARG F 171 49.17 101.63 55.82
N GLY F 172 50.22 101.03 55.27
CA GLY F 172 50.61 101.26 53.90
C GLY F 172 52.08 100.99 53.67
N ASP F 173 52.93 101.94 54.06
CA ASP F 173 54.38 101.73 53.94
C ASP F 173 54.80 100.47 54.70
N GLY F 174 54.26 100.27 55.90
CA GLY F 174 54.53 99.08 56.67
C GLY F 174 53.41 98.06 56.56
N ALA F 175 53.67 96.87 57.10
CA ALA F 175 52.70 95.79 57.00
C ALA F 175 51.46 96.08 57.85
N LEU F 176 51.66 96.60 59.06
CA LEU F 176 50.57 96.84 60.00
C LEU F 176 50.33 98.31 60.30
N THR F 177 51.38 99.11 60.48
CA THR F 177 51.22 100.52 60.75
C THR F 177 52.36 101.30 60.10
N ARG F 178 52.05 102.52 59.68
CA ARG F 178 53.07 103.38 59.08
C ARG F 178 54.13 103.77 60.10
N GLN F 179 53.70 104.28 61.26
CA GLN F 179 54.65 104.63 62.30
C GLN F 179 55.43 103.41 62.76
N GLY F 180 54.80 102.24 62.76
CA GLY F 180 55.46 101.02 63.18
C GLY F 180 55.61 100.84 64.67
N LEU F 181 55.07 101.75 65.48
CA LEU F 181 55.17 101.67 66.93
C LEU F 181 53.87 101.27 67.61
N GLU F 182 52.72 101.49 66.97
CA GLU F 182 51.45 101.26 67.64
C GLU F 182 51.19 99.79 67.89
N GLU F 183 51.57 98.92 66.94
CA GLU F 183 51.21 97.51 67.04
C GLU F 183 51.81 96.86 68.28
N TYR F 184 52.92 97.38 68.79
CA TYR F 184 53.56 96.85 69.98
C TYR F 184 53.26 97.67 71.23
N VAL F 185 52.27 98.55 71.17
CA VAL F 185 51.75 99.25 72.34
C VAL F 185 50.27 98.92 72.46
N SER F 186 49.93 97.65 72.22
CA SER F 186 48.55 97.20 72.25
C SER F 186 48.54 95.71 72.57
N ASP F 187 47.43 95.26 73.18
CA ASP F 187 47.26 93.87 73.55
C ASP F 187 46.31 93.12 72.63
N CYS F 188 45.44 93.83 71.92
CA CYS F 188 44.50 93.23 70.96
C CYS F 188 44.70 93.93 69.62
N VAL F 189 45.08 93.17 68.61
CA VAL F 189 45.42 93.71 67.29
C VAL F 189 44.54 93.05 66.24
N ILE F 190 43.78 93.87 65.51
CA ILE F 190 42.89 93.42 64.46
C ILE F 190 43.38 94.02 63.15
N LEU F 191 43.20 93.27 62.06
CA LEU F 191 43.64 93.67 60.74
C LEU F 191 42.46 93.55 59.79
N LEU F 192 42.10 94.65 59.14
CA LEU F 192 40.99 94.69 58.20
C LEU F 192 41.54 94.89 56.80
N ASP F 193 41.18 93.98 55.89
CA ASP F 193 41.64 94.04 54.51
C ASP F 193 40.45 94.10 53.58
N HIS F 194 40.61 94.82 52.48
CA HIS F 194 39.62 94.89 51.40
C HIS F 194 40.30 94.49 50.09
N ARG F 195 40.62 93.21 49.98
CA ARG F 195 41.38 92.71 48.84
C ARG F 195 40.45 92.30 47.71
N VAL F 196 41.04 92.27 46.50
CA VAL F 196 40.33 92.04 45.26
C VAL F 196 40.90 90.79 44.60
N GLU F 197 40.02 89.86 44.25
CA GLU F 197 40.36 88.70 43.42
C GLU F 197 39.49 88.75 42.17
N ASN F 198 40.11 88.50 41.02
CA ASN F 198 39.45 88.74 39.74
C ASN F 198 39.02 90.20 39.68
N GLN F 199 37.73 90.47 39.87
CA GLN F 199 37.22 91.82 40.03
C GLN F 199 36.32 91.97 41.24
N ILE F 200 36.12 90.91 42.02
CA ILE F 200 35.26 90.93 43.20
C ILE F 200 36.13 91.13 44.43
N SER F 201 35.76 92.09 45.28
CA SER F 201 36.52 92.43 46.48
C SER F 201 35.75 91.93 47.70
N THR F 202 36.46 91.30 48.63
CA THR F 202 35.83 90.75 49.82
C THR F 202 36.60 91.19 51.05
N ARG F 203 35.89 91.79 52.02
CA ARG F 203 36.52 92.30 53.22
C ARG F 203 36.79 91.18 54.22
N ARG F 204 38.00 91.17 54.76
CA ARG F 204 38.45 90.12 55.68
C ARG F 204 38.92 90.76 56.99
N LEU F 205 38.52 90.14 58.10
CA LEU F 205 38.93 90.55 59.43
C LEU F 205 39.79 89.46 60.02
N ARG F 206 40.98 89.84 60.50
CA ARG F 206 41.91 88.90 61.11
C ARG F 206 42.31 89.44 62.48
N ILE F 207 42.68 88.53 63.38
CA ILE F 207 43.13 88.88 64.72
C ILE F 207 44.55 88.36 64.86
N VAL F 208 45.51 89.27 64.97
CA VAL F 208 46.91 88.86 65.02
C VAL F 208 47.31 88.50 66.44
N LYS F 209 47.06 89.40 67.39
CA LYS F 209 47.42 89.18 68.78
C LYS F 209 46.25 89.55 69.67
N TYR F 210 45.89 88.65 70.59
CA TYR F 210 44.90 88.91 71.63
C TYR F 210 45.46 88.29 72.90
N ARG F 211 46.12 89.11 73.71
CA ARG F 211 46.83 88.59 74.87
C ARG F 211 45.86 88.04 75.91
N GLY F 212 46.13 86.81 76.36
CA GLY F 212 45.42 86.21 77.45
C GLY F 212 44.33 85.23 77.07
N THR F 213 43.82 85.30 75.84
CA THR F 213 42.67 84.50 75.42
C THR F 213 43.06 83.60 74.26
N ALA F 214 42.09 82.78 73.85
CA ALA F 214 42.15 82.00 72.62
C ALA F 214 41.01 82.46 71.72
N HIS F 215 41.32 82.71 70.46
CA HIS F 215 40.34 83.28 69.54
C HIS F 215 40.51 82.61 68.18
N GLY F 216 39.96 83.24 67.14
CA GLY F 216 39.99 82.67 65.80
C GLY F 216 41.25 83.02 65.04
N THR F 217 42.13 82.03 64.87
CA THR F 217 43.39 82.23 64.15
C THR F 217 43.19 81.93 62.67
N ASN F 218 42.43 82.82 62.02
CA ASN F 218 42.20 82.74 60.58
C ASN F 218 41.39 83.93 60.10
N GLU F 219 41.58 84.31 58.85
CA GLU F 219 40.78 85.38 58.27
C GLU F 219 39.30 84.99 58.29
N TYR F 220 38.45 85.94 58.65
CA TYR F 220 37.02 85.74 58.65
C TYR F 220 36.37 86.74 57.71
N PRO F 221 35.55 86.29 56.76
CA PRO F 221 34.94 87.23 55.81
C PRO F 221 33.84 88.05 56.49
N PHE F 222 34.01 89.37 56.50
CA PHE F 222 33.04 90.28 57.05
C PHE F 222 32.57 91.24 55.96
N LEU F 223 31.51 91.99 56.26
CA LEU F 223 30.99 92.93 55.27
C LEU F 223 30.25 94.06 55.98
N ILE F 224 30.00 95.12 55.22
CA ILE F 224 29.29 96.30 55.70
C ILE F 224 28.12 96.54 54.76
N ASP F 225 26.91 96.50 55.30
CA ASP F 225 25.69 96.72 54.54
C ASP F 225 24.86 97.79 55.23
N THR F 226 23.72 98.14 54.61
CA THR F 226 22.85 99.15 55.19
C THR F 226 22.42 98.78 56.60
N ASP F 227 22.32 97.47 56.90
CA ASP F 227 22.01 97.06 58.26
C ASP F 227 23.17 97.34 59.21
N GLY F 228 24.39 97.03 58.79
CA GLY F 228 25.56 97.40 59.56
C GLY F 228 26.66 96.36 59.44
N PHE F 229 27.73 96.61 60.19
CA PHE F 229 28.88 95.72 60.23
C PHE F 229 28.44 94.31 60.61
N SER F 230 28.86 93.32 59.82
CA SER F 230 28.44 91.94 60.04
C SER F 230 29.58 90.98 59.73
N VAL F 231 29.56 89.83 60.41
CA VAL F 231 30.60 88.82 60.30
C VAL F 231 29.94 87.44 60.20
N LEU F 232 30.68 86.51 59.62
CA LEU F 232 30.20 85.12 59.54
C LEU F 232 30.25 84.47 60.92
N PRO F 233 29.20 83.71 61.30
CA PRO F 233 29.23 83.04 62.60
C PRO F 233 29.84 81.64 62.52
N LEU F 239 30.29 70.05 62.29
CA LEU F 239 29.35 70.44 63.34
C LEU F 239 28.34 69.31 63.59
N LEU F 240 27.53 69.48 64.63
CA LEU F 240 26.49 68.52 64.99
C LEU F 240 25.13 69.10 64.62
N HIS F 241 24.33 68.32 63.90
CA HIS F 241 23.03 68.76 63.43
C HIS F 241 21.92 67.94 64.08
N GLN F 242 20.73 68.55 64.13
CA GLN F 242 19.57 67.90 64.74
C GLN F 242 19.12 66.72 63.89
N VAL F 243 18.48 65.76 64.55
CA VAL F 243 18.04 64.52 63.92
C VAL F 243 16.58 64.31 64.24
N HIS F 244 15.77 64.04 63.22
CA HIS F 244 14.37 63.69 63.37
C HIS F 244 14.11 62.36 62.67
N GLU F 245 13.00 61.72 63.05
CA GLU F 245 12.52 60.53 62.37
C GLU F 245 11.17 60.74 61.69
N GLU F 246 10.52 61.88 61.91
CA GLU F 246 9.27 62.16 61.23
C GLU F 246 9.48 62.17 59.72
N ARG F 247 8.48 61.71 58.98
CA ARG F 247 8.55 61.66 57.53
C ARG F 247 8.06 62.97 56.94
N ILE F 248 8.79 63.46 55.94
CA ILE F 248 8.40 64.66 55.19
C ILE F 248 7.89 64.22 53.83
N ALA F 249 6.76 64.77 53.42
CA ALA F 249 6.12 64.40 52.17
C ALA F 249 6.72 65.19 51.01
N SER F 250 7.12 64.48 49.96
CA SER F 250 7.71 65.13 48.80
C SER F 250 6.68 65.79 47.90
N GLY F 251 5.40 65.44 48.07
CA GLY F 251 4.38 65.81 47.10
C GLY F 251 4.30 64.87 45.92
N VAL F 252 5.25 63.94 45.78
CA VAL F 252 5.22 62.90 44.75
C VAL F 252 4.97 61.58 45.46
N PRO F 253 3.70 61.18 45.61
CA PRO F 253 3.42 59.92 46.33
C PRO F 253 4.17 58.73 45.79
N ASP F 254 4.48 58.72 44.48
CA ASP F 254 5.17 57.58 43.90
C ASP F 254 6.61 57.51 44.39
N LEU F 255 7.28 58.66 44.54
CA LEU F 255 8.62 58.66 45.12
C LEU F 255 8.56 58.32 46.61
N ASP F 256 7.58 58.86 47.33
CA ASP F 256 7.48 58.56 48.76
C ASP F 256 7.24 57.08 49.01
N ALA F 257 6.47 56.42 48.13
CA ALA F 257 6.17 55.01 48.31
C ALA F 257 7.41 54.14 48.30
N MET F 258 8.53 54.64 47.77
CA MET F 258 9.77 53.88 47.72
C MET F 258 10.57 53.97 49.01
N MET F 259 10.04 54.64 50.04
CA MET F 259 10.76 54.85 51.30
C MET F 259 10.09 54.05 52.41
N ALA F 260 10.90 53.29 53.15
CA ALA F 260 10.37 52.47 54.23
C ALA F 260 9.73 53.34 55.31
N GLY F 261 10.49 54.29 55.85
CA GLY F 261 9.98 55.17 56.88
C GLY F 261 9.10 56.27 56.33
N GLY F 262 8.10 55.89 55.55
CA GLY F 262 7.20 56.86 54.94
C GLY F 262 7.87 57.68 53.86
N GLY F 263 8.88 58.45 54.25
CA GLY F 263 9.59 59.28 53.29
C GLY F 263 10.88 59.79 53.88
N PHE F 264 11.49 60.74 53.16
CA PHE F 264 12.71 61.37 53.64
C PHE F 264 12.50 61.92 55.04
N PHE F 265 13.47 61.66 55.91
CA PHE F 265 13.40 62.21 57.26
C PHE F 265 13.48 63.73 57.21
N ARG F 266 12.98 64.37 58.27
CA ARG F 266 12.70 65.80 58.22
C ARG F 266 13.98 66.64 58.21
N GLY F 267 15.07 66.14 58.79
CA GLY F 267 16.28 66.93 58.91
C GLY F 267 17.38 66.54 57.95
N SER F 268 17.00 65.93 56.82
CA SER F 268 17.97 65.38 55.89
C SER F 268 18.33 66.39 54.81
N SER F 269 19.31 66.01 53.99
CA SER F 269 19.71 66.76 52.80
C SER F 269 19.52 65.89 51.58
N ILE F 270 19.02 66.48 50.50
CA ILE F 270 18.64 65.74 49.30
C ILE F 270 19.44 66.28 48.13
N LEU F 271 19.86 65.38 47.24
CA LEU F 271 20.66 65.71 46.07
C LEU F 271 19.91 65.22 44.84
N VAL F 272 19.37 66.16 44.07
CA VAL F 272 18.66 65.84 42.84
C VAL F 272 19.65 66.00 41.69
N SER F 273 20.56 65.05 41.56
CA SER F 273 21.47 65.03 40.42
C SER F 273 20.74 64.52 39.20
N GLY F 274 21.03 65.13 38.06
CA GLY F 274 20.39 64.67 36.83
C GLY F 274 20.97 65.37 35.63
N VAL F 275 20.56 64.90 34.46
CA VAL F 275 21.02 65.54 33.22
C VAL F 275 20.16 66.75 32.92
N ALA F 276 20.71 67.67 32.13
CA ALA F 276 19.99 68.89 31.78
C ALA F 276 18.66 68.56 31.12
N GLY F 277 17.61 69.27 31.52
CA GLY F 277 16.27 68.98 31.06
C GLY F 277 15.60 67.82 31.75
N ALA F 278 16.18 67.29 32.82
CA ALA F 278 15.64 66.10 33.46
C ALA F 278 14.38 66.39 34.27
N GLY F 279 14.26 67.59 34.83
CA GLY F 279 13.15 67.96 35.68
C GLY F 279 13.49 68.18 37.15
N LYS F 280 14.77 68.41 37.47
CA LYS F 280 15.18 68.52 38.85
C LYS F 280 14.46 69.67 39.55
N SER F 281 14.41 70.84 38.90
CA SER F 281 13.69 71.96 39.46
C SER F 281 12.22 71.65 39.65
N SER F 282 11.65 70.84 38.75
CA SER F 282 10.25 70.46 38.90
C SER F 282 10.04 69.67 40.19
N LEU F 283 10.87 68.65 40.43
CA LEU F 283 10.70 67.86 41.65
C LEU F 283 10.95 68.72 42.89
N ALA F 284 11.91 69.64 42.82
CA ALA F 284 12.19 70.48 43.98
C ALA F 284 11.03 71.42 44.28
N ALA F 285 10.47 72.05 43.24
CA ALA F 285 9.28 72.87 43.44
C ALA F 285 8.12 72.05 43.98
N HIS F 286 8.02 70.79 43.57
CA HIS F 286 6.98 69.93 44.15
C HIS F 286 7.21 69.76 45.65
N PHE F 287 8.45 69.47 46.04
CA PHE F 287 8.79 69.41 47.46
C PHE F 287 8.30 70.66 48.19
N ALA F 288 8.69 71.83 47.68
CA ALA F 288 8.38 73.08 48.36
C ALA F 288 6.87 73.32 48.45
N ALA F 289 6.15 73.10 47.34
CA ALA F 289 4.72 73.33 47.34
C ALA F 289 4.00 72.37 48.28
N ALA F 290 4.47 71.13 48.36
CA ALA F 290 3.90 70.20 49.33
C ALA F 290 4.12 70.70 50.74
N ALA F 291 5.33 71.20 51.02
CA ALA F 291 5.59 71.78 52.33
C ALA F 291 4.62 72.91 52.63
N CYS F 292 4.35 73.77 51.64
CA CYS F 292 3.40 74.86 51.84
C CYS F 292 2.01 74.31 52.17
N ALA F 293 1.51 73.38 51.37
CA ALA F 293 0.18 72.82 51.62
C ALA F 293 0.10 72.14 52.97
N ARG F 294 1.21 71.60 53.46
CA ARG F 294 1.25 70.92 54.75
C ARG F 294 1.18 71.87 55.94
N GLY F 295 0.92 73.16 55.75
CA GLY F 295 0.88 74.11 56.84
C GLY F 295 2.23 74.73 57.17
N GLU F 296 3.29 74.38 56.46
CA GLU F 296 4.61 74.91 56.68
C GLU F 296 4.87 76.06 55.71
N ARG F 297 6.09 76.60 55.74
CA ARG F 297 6.52 77.64 54.83
C ARG F 297 7.92 77.32 54.33
N ALA F 298 8.14 77.54 53.04
CA ALA F 298 9.37 77.12 52.39
C ALA F 298 9.96 78.26 51.56
N MET F 299 11.21 78.06 51.13
CA MET F 299 11.94 79.04 50.36
C MET F 299 12.59 78.38 49.16
N TYR F 300 12.55 79.09 48.02
CA TYR F 300 13.11 78.61 46.76
C TYR F 300 14.20 79.58 46.30
N PHE F 301 15.43 79.08 46.22
CA PHE F 301 16.57 79.83 45.74
C PHE F 301 16.85 79.42 44.29
N SER F 302 16.80 80.39 43.38
CA SER F 302 17.02 80.14 41.96
C SER F 302 18.29 80.85 41.52
N PHE F 303 19.17 80.12 40.84
CA PHE F 303 20.39 80.68 40.27
C PHE F 303 20.41 80.55 38.74
N GLU F 304 19.24 80.40 38.11
CA GLU F 304 19.20 80.24 36.66
C GLU F 304 17.92 80.79 36.05
N GLU F 305 16.87 80.95 36.85
CA GLU F 305 15.60 81.45 36.33
C GLU F 305 14.89 82.26 37.41
N ALA F 306 13.98 83.12 36.96
CA ALA F 306 13.30 84.06 37.84
C ALA F 306 12.04 83.44 38.44
N ALA F 307 11.41 84.20 39.35
CA ALA F 307 10.30 83.66 40.12
C ALA F 307 9.04 83.52 39.28
N ASP F 308 8.66 84.59 38.57
CA ASP F 308 7.48 84.49 37.71
C ASP F 308 7.70 83.48 36.59
N GLN F 309 8.93 83.38 36.09
CA GLN F 309 9.24 82.33 35.12
C GLN F 309 9.04 80.95 35.73
N ALA F 310 9.46 80.77 36.98
CA ALA F 310 9.23 79.49 37.65
C ALA F 310 7.74 79.19 37.78
N VAL F 311 6.95 80.19 38.16
CA VAL F 311 5.51 79.99 38.28
C VAL F 311 4.92 79.56 36.94
N ARG F 312 5.23 80.31 35.88
CA ARG F 312 4.70 79.98 34.56
C ARG F 312 5.14 78.59 34.12
N ASN F 313 6.39 78.21 34.43
CA ASN F 313 6.91 76.94 33.95
C ASN F 313 6.27 75.76 34.67
N MET F 314 6.09 75.87 35.99
CA MET F 314 5.52 74.76 36.75
C MET F 314 3.99 74.71 36.69
N ARG F 315 3.35 75.82 36.35
CA ARG F 315 1.91 75.80 36.12
C ARG F 315 1.55 74.76 35.06
N SER F 316 2.35 74.68 34.01
CA SER F 316 2.12 73.67 32.98
C SER F 316 2.39 72.26 33.49
N LEU F 317 3.07 72.13 34.62
CA LEU F 317 3.26 70.83 35.26
C LEU F 317 2.22 70.56 36.34
N GLY F 318 1.36 71.51 36.61
CA GLY F 318 0.19 71.28 37.45
C GLY F 318 0.26 71.87 38.84
N LEU F 319 1.12 72.85 39.06
CA LEU F 319 1.25 73.51 40.35
C LEU F 319 0.68 74.91 40.28
N ASP F 320 0.49 75.50 41.45
CA ASP F 320 0.14 76.91 41.59
C ASP F 320 1.01 77.52 42.67
N LEU F 321 2.32 77.51 42.43
CA LEU F 321 3.26 78.12 43.37
C LEU F 321 2.87 79.57 43.68
N GLY F 322 2.16 80.21 42.76
CA GLY F 322 1.67 81.56 43.02
C GLY F 322 0.68 81.62 44.16
N ARG F 323 -0.06 80.53 44.40
CA ARG F 323 -0.98 80.49 45.54
C ARG F 323 -0.22 80.59 46.85
N TRP F 324 0.81 79.76 47.01
CA TRP F 324 1.64 79.82 48.22
C TRP F 324 2.40 81.14 48.29
N ARG F 325 2.80 81.69 47.14
CA ARG F 325 3.47 82.99 47.16
C ARG F 325 2.51 84.09 47.64
N ASP F 326 1.26 84.05 47.18
CA ASP F 326 0.27 85.03 47.62
C ASP F 326 0.01 84.91 49.11
N ALA F 327 -0.16 83.68 49.60
CA ALA F 327 -0.33 83.48 51.04
C ALA F 327 0.90 83.96 51.81
N GLY F 328 2.08 83.86 51.20
CA GLY F 328 3.33 84.21 51.85
C GLY F 328 4.16 83.05 52.31
N LEU F 329 3.66 81.81 52.16
CA LEU F 329 4.41 80.65 52.61
C LEU F 329 5.66 80.42 51.77
N LEU F 330 5.63 80.79 50.49
CA LEU F 330 6.74 80.56 49.57
C LEU F 330 7.54 81.85 49.45
N ARG F 331 8.81 81.80 49.85
CA ARG F 331 9.72 82.93 49.69
C ARG F 331 10.67 82.65 48.53
N PHE F 332 10.67 83.54 47.54
CA PHE F 332 11.44 83.35 46.31
C PHE F 332 12.68 84.23 46.33
N MET F 333 13.81 83.65 45.92
CA MET F 333 15.09 84.36 45.90
C MET F 333 15.71 84.23 44.52
N ALA F 334 15.66 85.31 43.74
CA ALA F 334 16.18 85.35 42.37
C ALA F 334 17.60 85.90 42.42
N THR F 335 18.53 85.06 42.86
CA THR F 335 19.95 85.39 42.89
C THR F 335 20.65 84.83 41.66
N ARG F 336 21.86 85.33 41.42
CA ARG F 336 22.68 84.88 40.31
C ARG F 336 24.10 84.63 40.80
N PRO F 337 24.80 83.66 40.20
CA PRO F 337 26.10 83.27 40.75
C PRO F 337 27.20 84.29 40.52
N THR F 338 27.14 85.05 39.43
CA THR F 338 28.19 86.01 39.09
C THR F 338 28.02 87.35 39.80
N PHE F 339 26.93 87.54 40.54
CA PHE F 339 26.66 88.84 41.14
C PHE F 339 27.54 89.10 42.36
N TYR F 340 27.75 88.10 43.19
CA TYR F 340 28.55 88.21 44.40
C TYR F 340 29.72 87.23 44.35
N SER F 341 30.52 87.25 45.41
CA SER F 341 31.47 86.19 45.68
C SER F 341 30.74 85.04 46.38
N LEU F 342 31.49 84.02 46.79
CA LEU F 342 30.87 82.86 47.42
C LEU F 342 30.42 83.17 48.84
N GLU F 343 31.27 83.86 49.61
CA GLU F 343 30.91 84.18 50.99
C GLU F 343 29.68 85.09 51.03
N MET F 344 29.60 86.06 50.12
CA MET F 344 28.44 86.94 50.10
C MET F 344 27.17 86.16 49.75
N HIS F 345 27.29 85.16 48.87
CA HIS F 345 26.13 84.33 48.55
C HIS F 345 25.68 83.51 49.76
N LEU F 346 26.63 82.87 50.43
CA LEU F 346 26.31 82.14 51.66
C LEU F 346 25.61 83.06 52.67
N ALA F 347 26.12 84.27 52.82
CA ALA F 347 25.51 85.21 53.78
C ALA F 347 24.12 85.63 53.33
N VAL F 348 23.93 85.90 52.04
CA VAL F 348 22.62 86.30 51.54
C VAL F 348 21.61 85.18 51.76
N ILE F 349 22.05 83.94 51.64
CA ILE F 349 21.15 82.81 51.86
C ILE F 349 20.79 82.69 53.33
N LEU F 350 21.82 82.65 54.20
CA LEU F 350 21.58 82.50 55.63
C LEU F 350 20.74 83.64 56.18
N ARG F 351 20.87 84.84 55.61
CA ARG F 351 20.08 85.98 56.06
C ARG F 351 18.59 85.68 55.93
N GLU F 352 18.14 85.39 54.71
CA GLU F 352 16.72 85.14 54.50
C GLU F 352 16.27 83.88 55.22
N VAL F 353 17.14 82.89 55.38
CA VAL F 353 16.76 81.72 56.16
C VAL F 353 16.43 82.13 57.59
N MET F 354 17.30 82.94 58.20
CA MET F 354 17.04 83.42 59.56
C MET F 354 15.76 84.24 59.62
N ARG F 355 15.53 85.10 58.61
CA ARG F 355 14.38 85.99 58.66
C ARG F 355 13.07 85.23 58.49
N PHE F 356 13.06 84.19 57.66
CA PHE F 356 11.83 83.49 57.32
C PHE F 356 11.56 82.26 58.17
N GLU F 357 12.59 81.68 58.80
CA GLU F 357 12.45 80.43 59.53
C GLU F 357 11.73 79.38 58.69
N PRO F 358 12.27 79.05 57.52
CA PRO F 358 11.60 78.12 56.62
C PRO F 358 11.77 76.67 57.05
N SER F 359 10.83 75.84 56.60
CA SER F 359 10.87 74.40 56.84
C SER F 359 11.70 73.68 55.80
N VAL F 360 11.54 74.06 54.54
CA VAL F 360 12.24 73.46 53.42
C VAL F 360 12.88 74.55 52.59
N VAL F 361 14.12 74.31 52.16
CA VAL F 361 14.88 75.24 51.34
C VAL F 361 15.32 74.50 50.08
N VAL F 362 14.94 75.04 48.92
CA VAL F 362 15.34 74.50 47.63
C VAL F 362 16.46 75.36 47.10
N LEU F 363 17.52 74.72 46.58
CA LEU F 363 18.62 75.41 45.94
C LEU F 363 18.77 74.84 44.53
N ASP F 364 18.44 75.66 43.54
CA ASP F 364 18.34 75.20 42.15
C ASP F 364 19.09 76.14 41.23
N PRO F 365 20.26 75.76 40.70
CA PRO F 365 21.08 74.57 40.98
C PRO F 365 22.38 74.92 41.71
N ILE F 366 22.79 74.07 42.65
CA ILE F 366 24.07 74.28 43.33
C ILE F 366 25.25 74.13 42.39
N SER F 367 25.03 73.61 41.17
CA SER F 367 26.07 73.58 40.16
C SER F 367 26.39 74.96 39.61
N ALA F 368 25.63 75.99 39.99
CA ALA F 368 25.89 77.33 39.49
C ALA F 368 27.15 77.93 40.14
N PHE F 369 27.34 77.67 41.44
CA PHE F 369 28.52 78.16 42.13
C PHE F 369 29.70 77.21 41.94
N THR F 370 30.02 76.89 40.69
CA THR F 370 31.12 75.99 40.36
C THR F 370 32.28 76.73 39.70
N GLU F 371 32.05 77.34 38.54
CA GLU F 371 33.11 78.10 37.89
C GLU F 371 33.60 79.25 38.76
N SER F 372 32.75 79.76 39.64
CA SER F 372 33.11 80.83 40.56
C SER F 372 33.71 80.22 41.83
N GLY F 373 34.93 80.63 42.17
CA GLY F 373 35.59 80.16 43.36
C GLY F 373 36.43 78.92 43.11
N ASP F 374 37.31 78.65 44.07
CA ASP F 374 38.18 77.48 43.99
C ASP F 374 37.45 76.25 44.51
N ARG F 375 38.09 75.08 44.32
CA ARG F 375 37.53 73.84 44.84
C ARG F 375 37.24 73.94 46.33
N LEU F 376 38.25 74.34 47.10
CA LEU F 376 38.08 74.42 48.55
C LEU F 376 37.05 75.45 48.93
N GLU F 377 37.04 76.60 48.24
CA GLU F 377 36.07 77.65 48.56
C GLU F 377 34.63 77.16 48.35
N VAL F 378 34.37 76.56 47.18
CA VAL F 378 33.02 76.07 46.89
C VAL F 378 32.65 74.96 47.85
N GLN F 379 33.58 74.04 48.12
CA GLN F 379 33.29 72.94 49.03
C GLN F 379 32.94 73.47 50.42
N SER F 380 33.70 74.44 50.91
CA SER F 380 33.42 74.99 52.23
C SER F 380 32.10 75.74 52.25
N MET F 381 31.79 76.47 51.18
CA MET F 381 30.50 77.18 51.13
C MET F 381 29.34 76.19 51.21
N LEU F 382 29.38 75.14 50.40
CA LEU F 382 28.29 74.18 50.40
C LEU F 382 28.22 73.41 51.71
N LEU F 383 29.38 73.06 52.28
CA LEU F 383 29.40 72.40 53.58
C LEU F 383 28.80 73.27 54.65
N ARG F 384 29.12 74.57 54.64
CA ARG F 384 28.56 75.49 55.62
C ARG F 384 27.05 75.62 55.44
N ILE F 385 26.58 75.69 54.19
CA ILE F 385 25.15 75.75 53.95
C ILE F 385 24.46 74.52 54.52
N VAL F 386 24.99 73.34 54.22
CA VAL F 386 24.39 72.09 54.69
C VAL F 386 24.38 72.06 56.22
N ASP F 387 25.51 72.39 56.84
CA ASP F 387 25.60 72.34 58.29
C ASP F 387 24.64 73.32 58.93
N PHE F 388 24.52 74.53 58.37
CA PHE F 388 23.60 75.51 58.92
C PHE F 388 22.16 75.01 58.85
N LEU F 389 21.73 74.56 57.67
CA LEU F 389 20.37 74.08 57.52
C LEU F 389 20.09 72.91 58.46
N LYS F 390 21.03 71.98 58.58
CA LYS F 390 20.78 70.78 59.37
C LYS F 390 20.89 71.04 60.87
N ASN F 391 21.77 71.95 61.30
CA ASN F 391 21.79 72.35 62.69
C ASN F 391 20.52 73.10 63.06
N ARG F 392 19.92 73.82 62.10
CA ARG F 392 18.64 74.46 62.34
C ARG F 392 17.46 73.51 62.13
N GLY F 393 17.71 72.29 61.65
CA GLY F 393 16.66 71.30 61.54
C GLY F 393 15.79 71.47 60.30
N ILE F 394 16.34 72.04 59.25
CA ILE F 394 15.60 72.36 58.04
C ILE F 394 15.87 71.28 57.01
N THR F 395 14.91 71.04 56.12
CA THR F 395 15.11 70.13 55.01
C THR F 395 15.58 70.91 53.80
N GLY F 396 16.49 70.33 53.04
CA GLY F 396 17.06 71.01 51.89
C GLY F 396 17.12 70.11 50.68
N ILE F 397 16.74 70.66 49.53
CA ILE F 397 16.80 69.96 48.26
C ILE F 397 17.76 70.72 47.33
N PHE F 398 18.85 70.06 46.97
CA PHE F 398 19.93 70.66 46.20
C PHE F 398 19.92 70.02 44.82
N THR F 399 19.53 70.78 43.79
CA THR F 399 19.53 70.23 42.45
C THR F 399 20.93 70.36 41.85
N HIS F 400 21.35 69.35 41.11
CA HIS F 400 22.71 69.29 40.57
C HIS F 400 22.70 68.69 39.17
N LEU F 401 23.63 69.16 38.35
CA LEU F 401 23.73 68.70 36.96
C LEU F 401 24.67 67.50 36.86
N ALA F 412 28.60 63.97 41.60
CA ALA F 412 30.01 64.14 41.95
C ALA F 412 30.29 63.56 43.34
N GLY F 413 31.36 64.03 43.98
CA GLY F 413 31.73 63.51 45.29
C GLY F 413 30.87 64.00 46.43
N LEU F 414 30.10 65.08 46.22
CA LEU F 414 29.21 65.61 47.24
C LEU F 414 28.07 64.66 47.58
N SER F 415 27.85 63.62 46.75
CA SER F 415 26.83 62.62 47.06
C SER F 415 27.08 62.00 48.42
N SER F 416 28.35 61.77 48.77
CA SER F 416 28.67 61.19 50.07
C SER F 416 28.32 62.14 51.20
N LEU F 417 28.47 63.44 50.99
CA LEU F 417 28.19 64.42 52.03
C LEU F 417 26.71 64.72 52.16
N MET F 418 25.90 64.35 51.17
CA MET F 418 24.45 64.44 51.34
C MET F 418 23.87 63.12 51.86
N ASP F 419 22.59 63.16 52.25
CA ASP F 419 21.93 62.03 52.88
C ASP F 419 20.85 61.38 52.02
N GLY F 420 20.52 61.96 50.87
CA GLY F 420 19.57 61.34 49.95
C GLY F 420 19.97 61.63 48.51
N TRP F 421 19.87 60.64 47.63
CA TRP F 421 20.32 60.80 46.24
C TRP F 421 19.21 60.36 45.30
N VAL F 422 18.73 61.30 44.49
CA VAL F 422 17.61 61.09 43.58
C VAL F 422 18.13 61.36 42.17
N LEU F 423 18.57 60.30 41.48
CA LEU F 423 19.14 60.44 40.15
C LEU F 423 18.04 60.54 39.10
N MET F 424 18.15 61.55 38.23
CA MET F 424 17.16 61.85 37.21
C MET F 424 17.82 61.87 35.83
N LEU F 425 17.38 60.97 34.96
CA LEU F 425 17.99 60.75 33.66
C LEU F 425 16.97 61.01 32.56
N ASN F 426 17.45 61.63 31.47
CA ASN F 426 16.67 61.81 30.25
C ASN F 426 17.49 61.23 29.10
N ARG F 427 17.58 59.90 29.06
CA ARG F 427 18.44 59.20 28.11
C ARG F 427 17.68 58.91 26.82
N GLU F 428 18.43 58.44 25.82
CA GLU F 428 17.91 58.23 24.48
C GLU F 428 17.76 56.73 24.22
N VAL F 429 16.59 56.32 23.74
CA VAL F 429 16.30 54.92 23.45
C VAL F 429 15.65 54.88 22.06
N ASN F 430 16.39 54.37 21.08
CA ASN F 430 15.88 54.20 19.72
C ASN F 430 15.28 55.49 19.18
N GLY F 431 16.05 56.57 19.29
CA GLY F 431 15.64 57.87 18.78
C GLY F 431 14.53 58.55 19.54
N GLU F 432 14.22 58.09 20.75
CA GLU F 432 13.19 58.69 21.59
C GLU F 432 13.73 58.84 22.99
N PHE F 433 13.70 60.07 23.51
CA PHE F 433 14.20 60.35 24.86
C PHE F 433 13.18 59.91 25.88
N ASN F 434 13.56 58.96 26.73
CA ASN F 434 12.69 58.40 27.76
C ASN F 434 13.21 58.79 29.13
N ARG F 435 12.38 59.49 29.90
CA ARG F 435 12.77 59.89 31.24
C ARG F 435 12.77 58.69 32.18
N GLU F 436 13.68 58.71 33.15
CA GLU F 436 13.78 57.65 34.14
C GLU F 436 14.31 58.24 35.44
N LEU F 437 13.92 57.61 36.55
CA LEU F 437 14.35 58.06 37.87
C LEU F 437 14.78 56.87 38.71
N TYR F 438 15.80 57.08 39.52
CA TYR F 438 16.23 56.09 40.50
C TYR F 438 16.25 56.73 41.89
N LEU F 439 16.58 55.91 42.89
CA LEU F 439 16.84 56.38 44.24
C LEU F 439 18.11 55.66 44.70
N LEU F 440 19.25 56.36 44.62
CA LEU F 440 20.54 55.71 44.78
C LEU F 440 20.97 55.56 46.24
N LYS F 441 20.64 56.52 47.08
CA LYS F 441 20.98 56.41 48.49
C LYS F 441 19.98 57.22 49.32
N ALA F 442 19.56 56.62 50.43
CA ALA F 442 18.72 57.32 51.41
C ALA F 442 19.07 56.72 52.77
N ARG F 443 19.84 57.46 53.56
CA ARG F 443 20.39 56.93 54.80
C ARG F 443 19.27 56.51 55.75
N GLY F 444 19.54 55.43 56.50
CA GLY F 444 18.63 54.97 57.53
C GLY F 444 17.30 54.44 57.04
N MET F 445 17.10 54.33 55.73
CA MET F 445 15.85 53.86 55.17
C MET F 445 16.10 52.77 54.15
N ALA F 446 15.39 51.66 54.27
CA ALA F 446 15.33 50.68 53.19
C ALA F 446 14.44 51.23 52.08
N HIS F 447 14.93 51.22 50.85
CA HIS F 447 14.21 51.83 49.74
C HIS F 447 14.35 50.96 48.50
N SER F 448 13.56 51.31 47.49
CA SER F 448 13.48 50.53 46.26
C SER F 448 14.69 50.82 45.37
N ASN F 449 15.47 49.79 45.07
CA ASN F 449 16.59 49.90 44.16
C ASN F 449 16.16 49.96 42.70
N GLN F 450 14.89 49.70 42.40
CA GLN F 450 14.44 49.58 41.03
C GLN F 450 14.19 50.96 40.40
N VAL F 451 14.23 50.99 39.07
CA VAL F 451 13.96 52.20 38.33
C VAL F 451 12.46 52.53 38.38
N ARG F 452 12.13 53.77 38.05
CA ARG F 452 10.75 54.16 37.83
C ARG F 452 10.69 55.09 36.62
N GLU F 453 9.51 55.16 36.00
CA GLU F 453 9.38 55.78 34.70
C GLU F 453 9.65 57.29 34.75
N PHE F 454 9.18 57.96 35.79
CA PHE F 454 9.25 59.42 35.87
C PHE F 454 8.49 60.06 34.70
N LEU F 455 7.26 59.60 34.50
CA LEU F 455 6.37 60.27 33.56
C LEU F 455 5.93 61.62 34.12
N MET F 456 5.80 62.60 33.25
CA MET F 456 5.37 63.94 33.63
C MET F 456 4.17 64.33 32.78
N SER F 457 3.21 65.01 33.40
CA SER F 457 2.00 65.41 32.69
C SER F 457 1.38 66.58 33.42
N ASP F 458 0.40 67.21 32.75
CA ASP F 458 -0.24 68.38 33.31
C ASP F 458 -0.77 68.11 34.72
N ARG F 459 -1.44 66.98 34.90
CA ARG F 459 -2.01 66.66 36.21
C ARG F 459 -0.94 66.60 37.28
N GLY F 460 0.28 66.20 36.93
CA GLY F 460 1.35 66.17 37.90
C GLY F 460 2.50 65.29 37.44
N ILE F 461 3.37 64.97 38.39
CA ILE F 461 4.55 64.15 38.16
C ILE F 461 4.25 62.77 38.73
N SER F 462 4.36 61.74 37.90
CA SER F 462 4.03 60.37 38.29
C SER F 462 5.22 59.48 37.97
N LEU F 463 5.38 58.42 38.76
CA LEU F 463 6.42 57.43 38.54
C LEU F 463 5.76 56.08 38.40
N LEU F 464 5.84 55.50 37.20
CA LEU F 464 5.23 54.21 36.96
C LEU F 464 6.25 53.10 37.12
N PRO F 465 5.84 51.94 37.62
CA PRO F 465 6.79 50.86 37.88
C PRO F 465 7.28 50.25 36.58
N PRO F 466 8.38 49.49 36.62
CA PRO F 466 8.79 48.74 35.43
C PRO F 466 7.86 47.57 35.16
N HIS F 467 7.95 47.05 33.94
CA HIS F 467 7.22 45.83 33.59
C HIS F 467 8.11 44.66 34.03
N LEU F 468 7.78 44.07 35.17
CA LEU F 468 8.60 43.02 35.73
C LEU F 468 8.47 41.74 34.89
N GLY F 469 9.60 41.17 34.51
CA GLY F 469 9.63 40.02 33.65
C GLY F 469 10.91 40.03 32.83
N GLU F 470 10.98 39.08 31.90
CA GLU F 470 12.15 38.98 31.03
C GLU F 470 12.36 40.31 30.30
N GLY F 471 13.60 40.75 30.25
CA GLY F 471 13.92 42.06 29.71
C GLY F 471 14.19 43.05 30.83
N GLY F 472 13.31 43.08 31.83
CA GLY F 472 13.56 43.84 33.03
C GLY F 472 12.68 45.06 33.22
N ALA F 473 13.21 46.24 32.91
CA ALA F 473 12.55 47.50 33.26
C ALA F 473 11.97 48.20 32.04
N LEU F 474 12.81 48.60 31.07
CA LEU F 474 12.35 49.19 29.83
C LEU F 474 11.80 50.59 30.04
N THR F 475 10.71 50.71 30.80
CA THR F 475 10.14 52.00 31.18
C THR F 475 10.18 53.04 30.06
N GLY F 476 9.37 52.85 29.04
CA GLY F 476 9.23 53.82 27.98
C GLY F 476 8.97 53.15 26.64
N THR F 477 9.63 53.68 25.60
CA THR F 477 9.55 53.09 24.27
C THR F 477 9.79 51.59 24.34
N ALA F 478 10.71 51.16 25.19
CA ALA F 478 10.99 49.74 25.33
C ALA F 478 9.79 49.00 25.91
N ARG F 479 9.08 49.62 26.87
CA ARG F 479 7.87 48.99 27.40
C ARG F 479 6.83 48.85 26.31
N LYS F 480 6.60 49.91 25.54
CA LYS F 480 5.63 49.82 24.43
C LYS F 480 6.02 48.69 23.49
N ALA F 481 7.30 48.62 23.12
CA ALA F 481 7.75 47.63 22.14
C ALA F 481 7.57 46.21 22.68
N GLU F 482 7.95 45.98 23.94
CA GLU F 482 7.85 44.63 24.49
C GLU F 482 6.41 44.22 24.72
N GLU F 483 5.54 45.16 25.09
CA GLU F 483 4.11 44.86 25.16
C GLU F 483 3.59 44.43 23.79
N ALA F 484 3.97 45.18 22.74
CA ALA F 484 3.54 44.83 21.40
C ALA F 484 4.06 43.44 21.01
N ARG F 485 5.31 43.13 21.36
CA ARG F 485 5.85 41.82 20.99
C ARG F 485 5.17 40.69 21.75
N LEU F 486 4.82 40.94 23.02
CA LEU F 486 4.04 39.94 23.76
C LEU F 486 2.71 39.69 23.07
N ARG F 487 2.03 40.75 22.65
CA ARG F 487 0.77 40.58 21.92
C ARG F 487 0.98 39.78 20.64
N ARG F 488 2.06 40.09 19.91
CA ARG F 488 2.31 39.39 18.65
C ARG F 488 2.57 37.91 18.88
N ALA F 489 3.40 37.58 19.87
CA ALA F 489 3.68 36.19 20.18
C ALA F 489 2.42 35.47 20.63
N GLU F 490 1.54 36.15 21.37
CA GLU F 490 0.28 35.55 21.75
C GLU F 490 -0.56 35.23 20.53
N ILE F 491 -0.65 36.17 19.58
CA ILE F 491 -1.41 35.92 18.36
C ILE F 491 -0.86 34.70 17.64
N GLU F 492 0.47 34.63 17.51
CA GLU F 492 1.07 33.50 16.80
C GLU F 492 0.81 32.18 17.51
N ARG F 493 0.91 32.18 18.85
CA ARG F 493 0.62 30.95 19.59
C ARG F 493 -0.82 30.51 19.38
N GLN F 494 -1.77 31.45 19.41
CA GLN F 494 -3.17 31.09 19.23
C GLN F 494 -3.41 30.51 17.84
N THR F 495 -2.86 31.15 16.81
CA THR F 495 -3.04 30.63 15.46
C THR F 495 -2.41 29.25 15.30
N GLU F 496 -1.22 29.05 15.87
CA GLU F 496 -0.58 27.75 15.79
C GLU F 496 -1.40 26.67 16.50
N LEU F 497 -1.96 27.00 17.67
CA LEU F 497 -2.79 26.04 18.37
C LEU F 497 -4.02 25.66 17.55
N GLY F 498 -4.68 26.67 16.95
CA GLY F 498 -5.83 26.37 16.12
C GLY F 498 -5.47 25.45 14.96
N ARG F 499 -4.38 25.76 14.27
CA ARG F 499 -3.98 24.94 13.12
C ARG F 499 -3.62 23.53 13.56
N LEU F 500 -2.96 23.39 14.72
CA LEU F 500 -2.62 22.06 15.23
C LEU F 500 -3.88 21.25 15.50
N GLN F 501 -4.87 21.87 16.16
CA GLN F 501 -6.11 21.17 16.45
C GLN F 501 -6.80 20.74 15.15
N GLN F 502 -6.84 21.62 14.16
CA GLN F 502 -7.48 21.27 12.89
C GLN F 502 -6.77 20.11 12.22
N GLN F 503 -5.43 20.13 12.21
CA GLN F 503 -4.68 19.03 11.62
C GLN F 503 -4.97 17.71 12.33
N ILE F 504 -5.01 17.75 13.67
CA ILE F 504 -5.29 16.54 14.43
C ILE F 504 -6.69 16.02 14.09
N GLU F 505 -7.66 16.92 13.95
CA GLU F 505 -9.02 16.49 13.64
C GLU F 505 -9.10 15.83 12.27
N GLN F 506 -8.41 16.41 11.28
CA GLN F 506 -8.45 15.81 9.94
C GLN F 506 -7.71 14.47 9.92
N ARG F 507 -6.63 14.33 10.69
CA ARG F 507 -5.99 13.02 10.78
C ARG F 507 -6.91 12.01 11.45
N ARG F 508 -7.71 12.45 12.43
CA ARG F 508 -8.71 11.57 13.02
C ARG F 508 -9.75 11.16 11.99
N ARG F 509 -10.13 12.08 11.10
CA ARG F 509 -11.00 11.73 9.98
C ARG F 509 -10.39 10.60 9.15
N ARG F 510 -9.11 10.76 8.78
CA ARG F 510 -8.41 9.71 8.04
C ARG F 510 -8.50 8.37 8.78
N ALA F 511 -8.26 8.39 10.09
CA ALA F 511 -8.29 7.16 10.87
C ALA F 511 -9.67 6.51 10.83
N ARG F 512 -10.72 7.30 11.08
CA ARG F 512 -12.08 6.78 11.04
C ARG F 512 -12.36 6.12 9.71
N ALA F 513 -12.00 6.80 8.61
CA ALA F 513 -12.30 6.28 7.28
C ALA F 513 -11.57 4.97 7.03
N GLN F 514 -10.29 4.90 7.39
CA GLN F 514 -9.54 3.67 7.17
C GLN F 514 -10.13 2.51 7.97
N ILE F 515 -10.53 2.77 9.21
CA ILE F 515 -11.09 1.70 10.03
C ILE F 515 -12.44 1.25 9.47
N GLU F 516 -13.25 2.19 8.98
CA GLU F 516 -14.50 1.82 8.34
C GLU F 516 -14.24 0.94 7.12
N ALA F 517 -13.22 1.28 6.34
CA ALA F 517 -12.90 0.47 5.17
C ALA F 517 -12.51 -0.94 5.56
N LEU F 518 -11.67 -1.08 6.60
CA LEU F 518 -11.29 -2.41 7.06
C LEU F 518 -12.51 -3.20 7.54
N GLU F 519 -13.40 -2.55 8.28
CA GLU F 519 -14.60 -3.24 8.77
C GLU F 519 -15.48 -3.69 7.61
N ALA F 520 -15.63 -2.85 6.59
CA ALA F 520 -16.45 -3.21 5.44
C ALA F 520 -15.84 -4.38 4.68
N GLU F 521 -14.52 -4.37 4.50
CA GLU F 521 -13.86 -5.51 3.88
C GLU F 521 -14.11 -6.79 4.68
N LEU F 522 -14.04 -6.70 6.00
CA LEU F 522 -14.32 -7.86 6.84
C LEU F 522 -15.74 -8.37 6.61
N GLN F 523 -16.71 -7.45 6.57
CA GLN F 523 -18.10 -7.85 6.35
C GLN F 523 -18.27 -8.57 5.02
N ALA F 524 -17.71 -7.99 3.96
CA ALA F 524 -17.81 -8.60 2.64
C ALA F 524 -17.20 -10.00 2.64
N GLU F 525 -16.01 -10.14 3.23
CA GLU F 525 -15.37 -11.46 3.29
C GLU F 525 -16.21 -12.44 4.08
N GLU F 526 -16.87 -11.97 5.14
CA GLU F 526 -17.71 -12.86 5.95
C GLU F 526 -18.88 -13.40 5.13
N ILE F 527 -19.55 -12.53 4.40
CA ILE F 527 -20.67 -13.00 3.59
C ILE F 527 -20.18 -13.92 2.46
N ALA F 528 -19.00 -13.65 1.91
CA ALA F 528 -18.44 -14.56 0.92
C ALA F 528 -18.21 -15.95 1.51
N LEU F 529 -17.57 -16.00 2.68
CA LEU F 529 -17.34 -17.28 3.34
C LEU F 529 -18.65 -18.01 3.60
N LYS F 530 -19.68 -17.27 4.04
CA LYS F 530 -21.00 -17.87 4.16
C LYS F 530 -21.47 -18.43 2.83
N ALA F 531 -21.17 -17.74 1.73
CA ALA F 531 -21.59 -18.21 0.42
C ALA F 531 -21.01 -19.58 0.12
N LEU F 532 -19.69 -19.72 0.26
CA LEU F 532 -19.04 -20.99 -0.07
C LEU F 532 -18.69 -21.80 1.19
N GLY G 4 -89.20 -63.26 -60.64
CA GLY G 4 -88.39 -64.06 -59.74
C GLY G 4 -88.94 -65.45 -59.53
N ILE G 5 -88.94 -65.90 -58.28
CA ILE G 5 -89.45 -67.22 -57.91
C ILE G 5 -90.33 -67.07 -56.68
N GLY G 6 -91.43 -67.82 -56.64
CA GLY G 6 -92.32 -67.76 -55.49
C GLY G 6 -91.68 -68.33 -54.24
N LYS G 7 -92.03 -67.75 -53.10
CA LYS G 7 -91.47 -68.12 -51.82
C LYS G 7 -92.57 -68.28 -50.79
N SER G 8 -92.31 -69.15 -49.80
CA SER G 8 -93.21 -69.36 -48.67
C SER G 8 -92.43 -69.12 -47.39
N PRO G 9 -92.83 -68.15 -46.55
CA PRO G 9 -92.04 -67.87 -45.35
C PRO G 9 -92.03 -69.05 -44.39
N THR G 10 -90.84 -69.37 -43.88
CA THR G 10 -90.72 -70.35 -42.81
C THR G 10 -91.01 -69.74 -41.44
N GLY G 11 -91.15 -68.42 -41.35
CA GLY G 11 -91.36 -67.77 -40.07
C GLY G 11 -90.13 -67.66 -39.21
N ILE G 12 -88.95 -67.97 -39.74
CA ILE G 12 -87.71 -67.92 -38.97
C ILE G 12 -86.95 -66.66 -39.42
N GLN G 13 -86.97 -65.64 -38.55
CA GLN G 13 -86.25 -64.41 -38.77
C GLN G 13 -84.75 -64.69 -38.81
N GLY G 14 -84.22 -64.83 -40.02
CA GLY G 14 -82.84 -65.24 -40.20
C GLY G 14 -82.76 -66.18 -41.38
N PHE G 15 -83.47 -67.30 -41.31
CA PHE G 15 -83.57 -68.19 -42.46
C PHE G 15 -84.25 -67.47 -43.63
N ASP G 16 -85.30 -66.69 -43.35
CA ASP G 16 -85.94 -65.97 -44.44
C ASP G 16 -85.02 -64.89 -45.01
N GLU G 17 -84.24 -64.23 -44.16
CA GLU G 17 -83.30 -63.22 -44.67
C GLU G 17 -82.18 -63.87 -45.46
N LEU G 18 -81.82 -65.11 -45.13
CA LEU G 18 -80.78 -65.81 -45.89
C LEU G 18 -81.30 -66.23 -47.26
N THR G 19 -82.50 -66.80 -47.30
CA THR G 19 -83.06 -67.31 -48.55
C THR G 19 -83.88 -66.28 -49.31
N LEU G 20 -83.89 -65.03 -48.86
CA LEU G 20 -84.61 -63.94 -49.53
C LEU G 20 -86.06 -64.33 -49.81
N GLY G 21 -86.74 -64.79 -48.76
CA GLY G 21 -88.15 -65.13 -48.87
C GLY G 21 -88.54 -66.38 -48.12
N GLY G 22 -87.62 -67.34 -48.04
CA GLY G 22 -87.90 -68.60 -47.36
C GLY G 22 -87.84 -69.79 -48.28
N LEU G 23 -88.50 -70.88 -47.90
CA LEU G 23 -88.51 -72.09 -48.71
C LEU G 23 -89.30 -71.85 -49.99
N PRO G 24 -89.05 -72.66 -51.03
CA PRO G 24 -89.73 -72.43 -52.31
C PRO G 24 -91.19 -72.85 -52.25
N THR G 25 -92.08 -71.95 -52.62
CA THR G 25 -93.50 -72.23 -52.59
C THR G 25 -93.88 -73.22 -53.68
N GLY G 26 -94.62 -74.26 -53.31
CA GLY G 26 -95.08 -75.25 -54.27
C GLY G 26 -94.02 -76.19 -54.79
N ARG G 27 -92.85 -76.25 -54.17
CA ARG G 27 -91.75 -77.10 -54.59
C ARG G 27 -91.31 -77.99 -53.44
N PRO G 28 -90.71 -79.14 -53.74
CA PRO G 28 -90.15 -79.97 -52.66
C PRO G 28 -88.88 -79.36 -52.10
N SER G 29 -88.73 -79.49 -50.77
CA SER G 29 -87.53 -79.04 -50.07
C SER G 29 -87.06 -80.17 -49.18
N LEU G 30 -85.78 -80.54 -49.30
CA LEU G 30 -85.20 -81.65 -48.56
C LEU G 30 -84.28 -81.09 -47.48
N VAL G 31 -84.73 -81.19 -46.23
CA VAL G 31 -83.92 -80.82 -45.07
C VAL G 31 -83.29 -82.10 -44.54
N CYS G 32 -81.99 -82.25 -44.76
CA CYS G 32 -81.27 -83.45 -44.36
C CYS G 32 -80.35 -83.15 -43.19
N GLY G 33 -79.94 -84.21 -42.51
CA GLY G 33 -79.05 -84.11 -41.35
C GLY G 33 -79.05 -85.40 -40.56
N SER G 34 -78.04 -85.54 -39.70
CA SER G 34 -77.96 -86.71 -38.85
C SER G 34 -78.84 -86.54 -37.61
N ALA G 35 -78.96 -87.62 -36.84
CA ALA G 35 -79.83 -87.61 -35.67
C ALA G 35 -79.44 -86.48 -34.73
N GLY G 36 -80.44 -85.70 -34.30
CA GLY G 36 -80.25 -84.66 -33.31
C GLY G 36 -80.08 -83.27 -33.87
N CYS G 37 -79.91 -83.12 -35.19
CA CYS G 37 -79.67 -81.80 -35.76
C CYS G 37 -80.93 -80.95 -35.71
N GLY G 38 -82.09 -81.51 -36.05
CA GLY G 38 -83.35 -80.81 -35.89
C GLY G 38 -84.22 -80.75 -37.13
N LYS G 39 -84.25 -81.85 -37.90
CA LYS G 39 -85.04 -81.88 -39.12
C LYS G 39 -86.54 -81.81 -38.82
N THR G 40 -87.01 -82.71 -37.96
CA THR G 40 -88.42 -82.74 -37.62
C THR G 40 -88.87 -81.42 -37.00
N LEU G 41 -88.01 -80.83 -36.15
CA LEU G 41 -88.37 -79.56 -35.54
C LEU G 41 -88.40 -78.44 -36.58
N PHE G 42 -87.46 -78.44 -37.52
CA PHE G 42 -87.51 -77.46 -38.60
C PHE G 42 -88.84 -77.54 -39.35
N ALA G 43 -89.26 -78.76 -39.69
CA ALA G 43 -90.51 -78.91 -40.44
C ALA G 43 -91.72 -78.50 -39.60
N SER G 44 -91.74 -78.91 -38.34
CA SER G 44 -92.85 -78.54 -37.46
C SER G 44 -92.95 -77.02 -37.34
N THR G 45 -91.83 -76.35 -37.12
CA THR G 45 -91.84 -74.90 -37.02
C THR G 45 -92.30 -74.27 -38.32
N PHE G 46 -91.84 -74.80 -39.46
CA PHE G 46 -92.28 -74.27 -40.75
C PHE G 46 -93.80 -74.31 -40.86
N LEU G 47 -94.41 -75.47 -40.59
CA LEU G 47 -95.85 -75.58 -40.74
C LEU G 47 -96.59 -74.70 -39.74
N ILE G 48 -96.21 -74.76 -38.46
CA ILE G 48 -96.94 -74.02 -37.45
C ILE G 48 -96.79 -72.52 -37.66
N ASN G 49 -95.64 -72.07 -38.19
CA ASN G 49 -95.46 -70.66 -38.51
C ASN G 49 -96.34 -70.26 -39.68
N GLY G 50 -96.35 -71.07 -40.74
CA GLY G 50 -97.28 -70.80 -41.83
C GLY G 50 -98.71 -70.70 -41.36
N VAL G 51 -99.07 -71.49 -40.33
CA VAL G 51 -100.44 -71.48 -39.84
C VAL G 51 -100.71 -70.21 -39.04
N ARG G 52 -99.92 -69.96 -38.00
CA ARG G 52 -100.22 -68.92 -37.03
C ARG G 52 -99.64 -67.56 -37.39
N ASP G 53 -98.99 -67.42 -38.54
CA ASP G 53 -98.45 -66.13 -38.97
C ASP G 53 -99.02 -65.70 -40.32
N HIS G 54 -98.81 -66.48 -41.37
CA HIS G 54 -99.25 -66.14 -42.71
C HIS G 54 -100.54 -66.86 -43.11
N GLY G 55 -101.19 -67.53 -42.17
CA GLY G 55 -102.47 -68.17 -42.46
C GLY G 55 -102.40 -69.23 -43.53
N GLU G 56 -101.34 -70.04 -43.53
CA GLU G 56 -101.20 -71.12 -44.49
C GLU G 56 -101.33 -72.46 -43.78
N PRO G 57 -102.43 -73.18 -43.92
CA PRO G 57 -102.61 -74.41 -43.15
C PRO G 57 -101.75 -75.56 -43.65
N GLY G 58 -101.57 -76.55 -42.76
CA GLY G 58 -100.54 -77.54 -42.95
C GLY G 58 -100.97 -78.94 -42.59
N VAL G 59 -100.36 -79.91 -43.26
CA VAL G 59 -100.51 -81.32 -42.94
C VAL G 59 -99.13 -81.92 -42.71
N PHE G 60 -99.08 -82.88 -41.79
CA PHE G 60 -97.85 -83.55 -41.39
C PHE G 60 -98.04 -85.04 -41.62
N VAL G 61 -96.99 -85.72 -42.08
CA VAL G 61 -97.02 -87.16 -42.31
C VAL G 61 -95.84 -87.76 -41.57
N THR G 62 -96.13 -88.64 -40.62
CA THR G 62 -95.10 -89.31 -39.82
C THR G 62 -95.10 -90.80 -40.15
N PHE G 63 -93.92 -91.33 -40.44
CA PHE G 63 -93.75 -92.75 -40.78
C PHE G 63 -93.17 -93.55 -39.63
N GLU G 64 -92.87 -92.92 -38.49
CA GLU G 64 -92.27 -93.62 -37.36
C GLU G 64 -92.96 -93.25 -36.05
N GLU G 65 -92.67 -92.05 -35.54
CA GLU G 65 -93.21 -91.64 -34.24
C GLU G 65 -94.70 -91.32 -34.37
N ARG G 66 -95.38 -91.27 -33.20
CA ARG G 66 -96.83 -91.13 -33.21
C ARG G 66 -97.24 -89.68 -32.97
N PRO G 67 -98.43 -89.31 -33.47
CA PRO G 67 -98.81 -87.89 -33.46
C PRO G 67 -98.87 -87.28 -32.06
N GLU G 68 -99.39 -88.02 -31.08
CA GLU G 68 -99.40 -87.53 -29.71
C GLU G 68 -97.97 -87.23 -29.24
N ASP G 69 -97.02 -88.10 -29.62
CA ASP G 69 -95.63 -87.85 -29.29
C ASP G 69 -95.13 -86.56 -29.94
N ILE G 70 -95.51 -86.32 -31.19
CA ILE G 70 -95.10 -85.07 -31.85
C ILE G 70 -95.63 -83.86 -31.08
N VAL G 71 -96.91 -83.91 -30.70
CA VAL G 71 -97.50 -82.79 -29.98
C VAL G 71 -96.78 -82.57 -28.65
N ASN G 72 -96.51 -83.66 -27.92
CA ASN G 72 -95.78 -83.52 -26.67
C ASN G 72 -94.38 -82.94 -26.89
N ASN G 73 -93.74 -83.31 -28.00
CA ASN G 73 -92.40 -82.82 -28.28
C ASN G 73 -92.41 -81.31 -28.52
N VAL G 74 -93.39 -80.82 -29.28
CA VAL G 74 -93.46 -79.38 -29.54
C VAL G 74 -94.18 -78.61 -28.45
N ALA G 75 -94.70 -79.29 -27.42
CA ALA G 75 -95.41 -78.60 -26.34
C ALA G 75 -94.51 -77.57 -25.67
N SER G 76 -93.34 -77.99 -25.18
CA SER G 76 -92.53 -77.12 -24.32
C SER G 76 -92.06 -75.86 -25.03
N LEU G 77 -92.11 -75.82 -26.36
CA LEU G 77 -91.66 -74.66 -27.12
C LEU G 77 -92.78 -73.66 -27.38
N GLY G 78 -93.87 -73.72 -26.62
CA GLY G 78 -94.95 -72.77 -26.79
C GLY G 78 -95.82 -72.99 -28.00
N PHE G 79 -95.62 -74.08 -28.74
CA PHE G 79 -96.43 -74.39 -29.91
C PHE G 79 -97.67 -75.15 -29.45
N GLU G 80 -98.77 -74.41 -29.25
CA GLU G 80 -99.98 -75.01 -28.69
C GLU G 80 -100.68 -75.88 -29.73
N LEU G 81 -100.07 -77.01 -30.03
CA LEU G 81 -100.62 -77.91 -31.04
C LEU G 81 -101.95 -78.51 -30.59
N ASP G 82 -102.23 -78.53 -29.29
CA ASP G 82 -103.56 -78.94 -28.84
C ASP G 82 -104.62 -78.05 -29.47
N LYS G 83 -104.54 -76.74 -29.21
CA LYS G 83 -105.48 -75.80 -29.79
C LYS G 83 -105.44 -75.86 -31.31
N LEU G 84 -104.25 -76.05 -31.89
CA LEU G 84 -104.17 -76.05 -33.35
C LEU G 84 -104.91 -77.25 -33.95
N ILE G 85 -104.69 -78.45 -33.41
CA ILE G 85 -105.40 -79.62 -33.90
C ILE G 85 -106.90 -79.46 -33.68
N GLU G 86 -107.29 -78.87 -32.55
CA GLU G 86 -108.72 -78.68 -32.30
C GLU G 86 -109.33 -77.71 -33.30
N GLU G 87 -108.59 -76.66 -33.68
CA GLU G 87 -109.08 -75.68 -34.63
C GLU G 87 -108.93 -76.13 -36.08
N GLU G 88 -108.24 -77.25 -36.33
CA GLU G 88 -108.19 -77.91 -37.63
C GLU G 88 -107.29 -77.19 -38.63
N LYS G 89 -106.29 -76.44 -38.18
CA LYS G 89 -105.38 -75.74 -39.07
C LYS G 89 -104.13 -76.57 -39.38
N ILE G 90 -103.82 -77.55 -38.53
CA ILE G 90 -102.76 -78.51 -38.76
C ILE G 90 -103.35 -79.91 -38.62
N ALA G 91 -103.04 -80.79 -39.56
CA ALA G 91 -103.54 -82.16 -39.55
C ALA G 91 -102.38 -83.13 -39.59
N ILE G 92 -102.24 -83.96 -38.56
CA ILE G 92 -101.14 -84.92 -38.45
C ILE G 92 -101.66 -86.30 -38.79
N GLU G 93 -100.99 -86.98 -39.73
CA GLU G 93 -101.37 -88.30 -40.20
C GLU G 93 -100.19 -89.26 -40.05
N HIS G 94 -100.51 -90.55 -39.98
CA HIS G 94 -99.55 -91.60 -39.72
C HIS G 94 -99.47 -92.54 -40.91
N ILE G 95 -98.52 -93.46 -40.83
CA ILE G 95 -98.36 -94.55 -41.80
C ILE G 95 -97.91 -95.77 -41.02
N ALA G 96 -98.31 -96.95 -41.49
CA ALA G 96 -98.02 -98.21 -40.81
C ALA G 96 -97.08 -99.05 -41.66
N VAL G 97 -95.96 -99.46 -41.07
CA VAL G 97 -95.02 -100.35 -41.76
C VAL G 97 -95.57 -101.77 -41.64
N ASP G 98 -96.69 -102.04 -42.31
CA ASP G 98 -97.37 -103.31 -42.21
C ASP G 98 -97.25 -104.08 -43.52
N PRO G 99 -96.71 -105.30 -43.52
CA PRO G 99 -96.74 -106.13 -44.71
C PRO G 99 -97.62 -107.34 -44.51
N SER G 100 -98.08 -107.97 -45.60
CA SER G 100 -98.70 -109.28 -45.54
C SER G 100 -97.70 -110.38 -45.83
N GLU G 101 -96.40 -110.08 -45.70
CA GLU G 101 -95.29 -110.96 -46.03
C GLU G 101 -95.02 -110.97 -47.53
N VAL G 102 -95.56 -109.97 -48.26
CA VAL G 102 -95.36 -109.91 -49.71
C VAL G 102 -93.91 -109.59 -50.05
N ALA G 103 -93.29 -108.67 -49.32
CA ALA G 103 -91.98 -108.17 -49.68
C ALA G 103 -91.26 -107.67 -48.43
N GLU G 104 -90.02 -107.21 -48.62
CA GLU G 104 -89.27 -106.61 -47.51
C GLU G 104 -90.07 -105.48 -46.88
N ILE G 105 -90.64 -104.61 -47.71
CA ILE G 105 -91.50 -103.52 -47.30
C ILE G 105 -92.63 -103.44 -48.32
N GLY G 106 -93.73 -102.81 -47.92
CA GLY G 106 -94.88 -102.66 -48.81
C GLY G 106 -94.48 -102.43 -50.25
N ASP G 107 -94.87 -103.35 -51.14
CA ASP G 107 -94.37 -103.31 -52.51
C ASP G 107 -94.89 -102.08 -53.25
N TYR G 108 -96.18 -101.75 -53.09
CA TYR G 108 -96.75 -100.63 -53.81
C TYR G 108 -98.05 -100.20 -53.13
N ASP G 109 -98.00 -99.08 -52.41
CA ASP G 109 -99.17 -98.44 -51.83
C ASP G 109 -99.16 -96.95 -52.14
N LEU G 110 -98.60 -96.58 -53.29
CA LEU G 110 -98.49 -95.18 -53.66
C LEU G 110 -99.86 -94.52 -53.79
N GLU G 111 -100.82 -95.23 -54.39
CA GLU G 111 -102.16 -94.68 -54.53
C GLU G 111 -102.84 -94.54 -53.18
N GLY G 112 -102.59 -95.46 -52.24
CA GLY G 112 -103.14 -95.29 -50.90
C GLY G 112 -102.57 -94.09 -50.18
N LEU G 113 -101.25 -93.89 -50.31
CA LEU G 113 -100.64 -92.67 -49.76
C LEU G 113 -101.28 -91.44 -50.37
N PHE G 114 -101.40 -91.41 -51.70
CA PHE G 114 -102.03 -90.27 -52.37
C PHE G 114 -103.46 -90.06 -51.90
N LEU G 115 -104.18 -91.14 -51.60
CA LEU G 115 -105.59 -91.01 -51.21
C LEU G 115 -105.72 -90.47 -49.79
N ARG G 116 -104.93 -90.99 -48.86
CA ARG G 116 -104.90 -90.40 -47.52
C ARG G 116 -104.51 -88.93 -47.61
N LEU G 117 -103.55 -88.60 -48.46
CA LEU G 117 -103.13 -87.21 -48.62
C LEU G 117 -104.27 -86.37 -49.20
N GLU G 118 -105.03 -86.93 -50.14
CA GLU G 118 -106.17 -86.22 -50.70
C GLU G 118 -107.20 -85.91 -49.62
N LEU G 119 -107.50 -86.90 -48.78
CA LEU G 119 -108.45 -86.67 -47.68
C LEU G 119 -107.95 -85.57 -46.77
N ALA G 120 -106.68 -85.63 -46.37
CA ALA G 120 -106.14 -84.62 -45.47
C ALA G 120 -106.17 -83.23 -46.11
N ILE G 121 -105.81 -83.14 -47.38
CA ILE G 121 -105.78 -81.85 -48.07
C ILE G 121 -107.18 -81.28 -48.18
N ASP G 122 -108.16 -82.12 -48.50
CA ASP G 122 -109.54 -81.65 -48.56
C ASP G 122 -110.02 -81.19 -47.18
N THR G 123 -109.60 -81.89 -46.13
CA THR G 123 -110.05 -81.53 -44.79
C THR G 123 -109.50 -80.18 -44.36
N VAL G 124 -108.18 -80.00 -44.44
CA VAL G 124 -107.55 -78.79 -43.87
C VAL G 124 -107.24 -77.74 -44.94
N GLY G 125 -107.75 -77.91 -46.17
CA GLY G 125 -107.40 -77.00 -47.25
C GLY G 125 -105.92 -76.67 -47.25
N ALA G 126 -105.10 -77.69 -47.07
CA ALA G 126 -103.68 -77.47 -46.80
C ALA G 126 -102.97 -76.85 -47.99
N LYS G 127 -102.17 -75.83 -47.71
CA LYS G 127 -101.19 -75.33 -48.65
C LYS G 127 -99.78 -75.82 -48.34
N ARG G 128 -99.56 -76.43 -47.16
CA ARG G 128 -98.24 -76.91 -46.79
C ARG G 128 -98.31 -78.36 -46.31
N VAL G 129 -97.20 -79.07 -46.47
CA VAL G 129 -97.12 -80.49 -46.12
C VAL G 129 -95.71 -80.83 -45.67
N VAL G 130 -95.62 -81.77 -44.73
CA VAL G 130 -94.36 -82.23 -44.16
C VAL G 130 -94.32 -83.76 -44.24
N LEU G 131 -93.15 -84.31 -44.50
CA LEU G 131 -92.94 -85.76 -44.58
C LEU G 131 -91.73 -86.13 -43.73
N ASP G 132 -91.92 -87.10 -42.84
CA ASP G 132 -90.89 -87.53 -41.91
C ASP G 132 -90.52 -88.98 -42.17
N THR G 133 -89.25 -89.31 -41.87
CA THR G 133 -88.69 -90.64 -42.06
C THR G 133 -89.28 -91.36 -43.27
N ILE G 134 -89.22 -90.72 -44.44
CA ILE G 134 -89.61 -91.37 -45.67
C ILE G 134 -88.70 -92.55 -46.00
N GLU G 135 -87.60 -92.69 -45.25
CA GLU G 135 -86.76 -93.86 -45.38
C GLU G 135 -87.53 -95.15 -45.11
N SER G 136 -88.55 -95.11 -44.26
CA SER G 136 -89.36 -96.31 -44.03
C SER G 136 -90.14 -96.67 -45.28
N LEU G 137 -90.77 -95.67 -45.91
CA LEU G 137 -91.48 -95.93 -47.16
C LEU G 137 -90.52 -96.49 -48.22
N PHE G 138 -89.30 -95.97 -48.27
CA PHE G 138 -88.32 -96.41 -49.26
C PHE G 138 -87.33 -97.42 -48.71
N SER G 139 -87.72 -98.16 -47.66
CA SER G 139 -86.88 -99.22 -47.13
C SER G 139 -87.05 -100.53 -47.87
N ALA G 140 -88.04 -100.63 -48.76
CA ALA G 140 -88.18 -101.79 -49.63
C ALA G 140 -86.93 -101.98 -50.46
N PHE G 141 -86.90 -103.02 -51.30
CA PHE G 141 -85.77 -103.25 -52.19
C PHE G 141 -85.48 -101.99 -53.01
N SER G 142 -84.32 -101.37 -52.77
CA SER G 142 -83.94 -100.16 -53.46
C SER G 142 -82.99 -100.40 -54.62
N ASN G 143 -82.58 -101.65 -54.85
CA ASN G 143 -81.84 -101.94 -56.08
C ASN G 143 -82.62 -101.52 -57.31
N PRO G 144 -83.93 -101.72 -57.40
CA PRO G 144 -84.69 -101.12 -58.51
C PRO G 144 -84.83 -99.62 -58.33
N ALA G 145 -85.01 -98.93 -59.45
CA ALA G 145 -85.40 -97.53 -59.43
C ALA G 145 -86.91 -97.36 -59.31
N ILE G 146 -87.63 -98.43 -58.97
CA ILE G 146 -89.07 -98.35 -58.76
C ILE G 146 -89.37 -97.34 -57.66
N LEU G 147 -88.58 -97.36 -56.59
CA LEU G 147 -88.78 -96.41 -55.51
C LEU G 147 -88.46 -94.99 -55.96
N ARG G 148 -87.46 -94.82 -56.83
CA ARG G 148 -87.19 -93.50 -57.38
C ARG G 148 -88.37 -92.99 -58.21
N ALA G 149 -88.98 -93.88 -59.00
CA ALA G 149 -90.14 -93.49 -59.81
C ALA G 149 -91.31 -93.11 -58.92
N GLU G 150 -91.56 -93.88 -57.86
CA GLU G 150 -92.62 -93.52 -56.93
C GLU G 150 -92.32 -92.21 -56.21
N ILE G 151 -91.04 -91.96 -55.91
CA ILE G 151 -90.63 -90.69 -55.33
C ILE G 151 -91.00 -89.54 -56.27
N ARG G 152 -90.60 -89.67 -57.53
CA ARG G 152 -90.90 -88.62 -58.51
C ARG G 152 -92.40 -88.41 -58.63
N ARG G 153 -93.17 -89.51 -58.65
CA ARG G 153 -94.62 -89.38 -58.75
C ARG G 153 -95.21 -88.65 -57.55
N LEU G 154 -94.74 -88.98 -56.35
CA LEU G 154 -95.25 -88.32 -55.15
C LEU G 154 -94.92 -86.83 -55.16
N PHE G 155 -93.68 -86.50 -55.50
CA PHE G 155 -93.28 -85.09 -55.52
C PHE G 155 -94.07 -84.32 -56.58
N ASP G 156 -94.29 -84.94 -57.75
CA ASP G 156 -95.08 -84.28 -58.78
C ASP G 156 -96.54 -84.14 -58.37
N TRP G 157 -97.06 -85.11 -57.60
CA TRP G 157 -98.44 -85.00 -57.12
C TRP G 157 -98.58 -83.83 -56.16
N LEU G 158 -97.63 -83.70 -55.23
CA LEU G 158 -97.65 -82.55 -54.33
C LEU G 158 -97.53 -81.24 -55.11
N LYS G 159 -96.62 -81.20 -56.10
CA LYS G 159 -96.50 -80.03 -56.94
C LYS G 159 -97.83 -79.68 -57.60
N GLU G 160 -98.46 -80.67 -58.23
CA GLU G 160 -99.74 -80.45 -58.91
C GLU G 160 -100.76 -79.87 -57.95
N ARG G 161 -100.93 -80.49 -56.78
CA ARG G 161 -101.83 -79.92 -55.79
C ARG G 161 -101.41 -78.51 -55.38
N GLY G 162 -100.15 -78.16 -55.59
CA GLY G 162 -99.68 -76.81 -55.29
C GLY G 162 -99.30 -76.68 -53.85
N LEU G 163 -98.63 -77.69 -53.31
CA LEU G 163 -98.34 -77.82 -51.90
C LEU G 163 -96.85 -77.58 -51.67
N THR G 164 -96.54 -76.64 -50.78
CA THR G 164 -95.16 -76.52 -50.32
C THR G 164 -94.82 -77.74 -49.48
N THR G 165 -93.63 -78.30 -49.67
CA THR G 165 -93.27 -79.57 -49.06
C THR G 165 -91.95 -79.46 -48.32
N VAL G 166 -91.90 -80.04 -47.13
CA VAL G 166 -90.66 -80.19 -46.37
C VAL G 166 -90.45 -81.68 -46.11
N ILE G 167 -89.25 -82.17 -46.43
CA ILE G 167 -88.92 -83.59 -46.33
C ILE G 167 -87.76 -83.75 -45.36
N THR G 168 -87.84 -84.76 -44.50
CA THR G 168 -86.73 -85.11 -43.62
C THR G 168 -85.93 -86.26 -44.21
N ALA G 169 -84.61 -86.20 -44.05
CA ALA G 169 -83.71 -87.23 -44.57
C ALA G 169 -82.60 -87.48 -43.56
N GLU G 170 -82.06 -88.70 -43.58
CA GLU G 170 -81.10 -89.16 -42.60
C GLU G 170 -79.73 -89.35 -43.26
N ARG G 171 -78.69 -88.86 -42.59
CA ARG G 171 -77.32 -89.10 -43.02
C ARG G 171 -76.71 -90.29 -42.27
N GLY G 172 -77.29 -91.47 -42.51
CA GLY G 172 -76.73 -92.67 -41.91
C GLY G 172 -75.27 -92.88 -42.28
N ASP G 173 -74.94 -92.65 -43.55
CA ASP G 173 -73.58 -92.71 -44.04
C ASP G 173 -73.10 -91.30 -44.40
N GLY G 174 -71.80 -91.18 -44.65
CA GLY G 174 -71.20 -89.90 -44.95
C GLY G 174 -71.63 -89.34 -46.30
N ALA G 175 -72.89 -88.96 -46.43
CA ALA G 175 -73.41 -88.37 -47.65
C ALA G 175 -74.66 -87.58 -47.31
N LEU G 176 -75.21 -86.90 -48.33
CA LEU G 176 -76.37 -86.05 -48.09
C LEU G 176 -77.59 -86.86 -47.65
N THR G 177 -77.64 -88.15 -48.01
CA THR G 177 -78.74 -89.00 -47.58
C THR G 177 -78.27 -90.45 -47.65
N ARG G 178 -78.91 -91.29 -46.82
CA ARG G 178 -78.52 -92.70 -46.75
C ARG G 178 -78.77 -93.40 -48.08
N GLN G 179 -80.01 -93.32 -48.58
CA GLN G 179 -80.31 -93.89 -49.89
C GLN G 179 -79.39 -93.31 -50.97
N GLY G 180 -79.07 -92.03 -50.86
CA GLY G 180 -78.34 -91.34 -51.90
C GLY G 180 -79.16 -90.97 -53.12
N LEU G 181 -80.49 -91.03 -53.01
CA LEU G 181 -81.36 -90.80 -54.16
C LEU G 181 -82.35 -89.66 -53.97
N GLU G 182 -82.67 -89.27 -52.73
CA GLU G 182 -83.66 -88.21 -52.52
C GLU G 182 -83.09 -86.82 -52.80
N GLU G 183 -81.79 -86.62 -52.53
CA GLU G 183 -81.19 -85.31 -52.70
C GLU G 183 -81.20 -84.87 -54.16
N TYR G 184 -81.20 -85.83 -55.09
CA TYR G 184 -81.21 -85.52 -56.51
C TYR G 184 -82.61 -85.43 -57.09
N VAL G 185 -83.63 -85.85 -56.34
CA VAL G 185 -85.02 -85.66 -56.75
C VAL G 185 -85.66 -84.46 -56.07
N SER G 186 -85.00 -83.88 -55.06
CA SER G 186 -85.51 -82.66 -54.44
C SER G 186 -84.94 -81.42 -55.11
N ASP G 187 -85.71 -80.33 -55.05
CA ASP G 187 -85.28 -79.06 -55.65
C ASP G 187 -84.26 -78.34 -54.78
N CYS G 188 -84.66 -77.98 -53.55
CA CYS G 188 -83.80 -77.27 -52.63
C CYS G 188 -83.32 -78.22 -51.54
N VAL G 189 -82.08 -78.03 -51.08
CA VAL G 189 -81.45 -78.91 -50.11
C VAL G 189 -80.86 -78.06 -48.99
N ILE G 190 -81.29 -78.35 -47.76
CA ILE G 190 -80.82 -77.65 -46.57
C ILE G 190 -80.19 -78.69 -45.65
N LEU G 191 -78.90 -78.54 -45.38
CA LEU G 191 -78.14 -79.45 -44.55
C LEU G 191 -78.02 -78.88 -43.14
N LEU G 192 -78.40 -79.69 -42.14
CA LEU G 192 -78.24 -79.32 -40.74
C LEU G 192 -77.18 -80.22 -40.11
N ASP G 193 -76.29 -79.60 -39.33
CA ASP G 193 -75.22 -80.36 -38.69
C ASP G 193 -75.01 -79.85 -37.28
N HIS G 194 -74.54 -80.75 -36.41
CA HIS G 194 -74.25 -80.43 -35.02
C HIS G 194 -72.92 -81.10 -34.67
N ARG G 195 -71.85 -80.33 -34.69
CA ARG G 195 -70.51 -80.85 -34.45
C ARG G 195 -69.91 -80.19 -33.22
N VAL G 196 -68.96 -80.92 -32.63
CA VAL G 196 -68.26 -80.52 -31.41
C VAL G 196 -66.82 -80.20 -31.79
N GLU G 197 -66.39 -78.97 -31.46
CA GLU G 197 -64.98 -78.59 -31.53
C GLU G 197 -64.48 -78.41 -30.10
N ASN G 198 -63.28 -78.92 -29.83
CA ASN G 198 -62.79 -79.04 -28.46
C ASN G 198 -63.76 -79.90 -27.66
N GLN G 199 -64.70 -79.25 -26.95
CA GLN G 199 -65.76 -79.97 -26.26
C GLN G 199 -67.10 -79.23 -26.33
N ILE G 200 -67.18 -78.15 -27.11
CA ILE G 200 -68.40 -77.38 -27.25
C ILE G 200 -68.99 -77.65 -28.63
N SER G 201 -70.32 -77.73 -28.69
CA SER G 201 -71.03 -78.10 -29.91
C SER G 201 -71.82 -76.91 -30.43
N THR G 202 -71.86 -76.76 -31.75
CA THR G 202 -72.63 -75.67 -32.36
C THR G 202 -73.35 -76.18 -33.60
N ARG G 203 -74.61 -75.75 -33.75
CA ARG G 203 -75.45 -76.21 -34.85
C ARG G 203 -75.38 -75.24 -36.02
N ARG G 204 -75.22 -75.79 -37.22
CA ARG G 204 -75.05 -74.99 -38.43
C ARG G 204 -75.98 -75.49 -39.53
N LEU G 205 -76.59 -74.54 -40.23
CA LEU G 205 -77.53 -74.79 -41.31
C LEU G 205 -76.92 -74.23 -42.59
N ARG G 206 -76.97 -75.02 -43.66
CA ARG G 206 -76.35 -74.65 -44.92
C ARG G 206 -77.32 -74.87 -46.07
N ILE G 207 -77.35 -73.91 -47.00
CA ILE G 207 -78.17 -74.01 -48.20
C ILE G 207 -77.29 -74.67 -49.27
N VAL G 208 -77.35 -75.99 -49.35
CA VAL G 208 -76.47 -76.69 -50.29
C VAL G 208 -76.88 -76.37 -51.72
N LYS G 209 -78.18 -76.39 -52.01
CA LYS G 209 -78.68 -76.07 -53.34
C LYS G 209 -80.07 -75.46 -53.20
N TYR G 210 -80.30 -74.39 -53.96
CA TYR G 210 -81.61 -73.74 -53.99
C TYR G 210 -81.69 -72.99 -55.32
N ARG G 211 -82.30 -73.63 -56.32
CA ARG G 211 -82.40 -73.03 -57.63
C ARG G 211 -83.42 -71.90 -57.64
N GLY G 212 -83.20 -70.92 -58.51
CA GLY G 212 -84.14 -69.85 -58.73
C GLY G 212 -83.93 -68.61 -57.90
N THR G 213 -83.06 -68.65 -56.90
CA THR G 213 -82.85 -67.52 -56.01
C THR G 213 -81.39 -67.43 -55.59
N ALA G 214 -81.01 -66.26 -55.10
CA ALA G 214 -79.69 -66.02 -54.54
C ALA G 214 -79.79 -66.08 -53.02
N HIS G 215 -79.08 -67.02 -52.42
CA HIS G 215 -79.14 -67.25 -50.97
C HIS G 215 -77.75 -67.09 -50.36
N GLY G 216 -77.68 -67.26 -49.04
CA GLY G 216 -76.42 -67.18 -48.33
C GLY G 216 -75.63 -68.47 -48.44
N THR G 217 -74.61 -68.46 -49.30
CA THR G 217 -73.82 -69.67 -49.59
C THR G 217 -72.74 -69.82 -48.54
N ASN G 218 -73.14 -70.30 -47.37
CA ASN G 218 -72.19 -70.66 -46.32
C ASN G 218 -72.96 -71.19 -45.11
N GLU G 219 -72.22 -71.84 -44.21
CA GLU G 219 -72.79 -72.36 -42.99
C GLU G 219 -73.19 -71.21 -42.08
N TYR G 220 -74.46 -71.19 -41.68
CA TYR G 220 -75.00 -70.17 -40.80
C TYR G 220 -75.42 -70.81 -39.49
N PRO G 221 -74.93 -70.34 -38.35
CA PRO G 221 -75.26 -71.01 -37.08
C PRO G 221 -76.69 -70.72 -36.63
N PHE G 222 -77.34 -71.75 -36.09
CA PHE G 222 -78.69 -71.62 -35.56
C PHE G 222 -78.76 -72.24 -34.18
N LEU G 223 -79.78 -71.83 -33.43
CA LEU G 223 -79.97 -72.26 -32.05
C LEU G 223 -81.41 -72.72 -31.85
N ILE G 224 -81.56 -73.81 -31.10
CA ILE G 224 -82.86 -74.34 -30.72
C ILE G 224 -83.06 -74.01 -29.24
N ASP G 225 -83.86 -73.00 -28.95
CA ASP G 225 -84.14 -72.59 -27.59
C ASP G 225 -85.66 -72.61 -27.35
N THR G 226 -86.07 -72.14 -26.17
CA THR G 226 -87.50 -72.07 -25.87
C THR G 226 -88.23 -71.18 -26.87
N ASP G 227 -87.59 -70.10 -27.30
CA ASP G 227 -88.18 -69.26 -28.34
C ASP G 227 -88.46 -70.07 -29.60
N GLY G 228 -87.57 -71.00 -29.93
CA GLY G 228 -87.78 -71.89 -31.06
C GLY G 228 -86.51 -72.15 -31.84
N PHE G 229 -86.68 -72.39 -33.14
CA PHE G 229 -85.57 -72.56 -34.08
C PHE G 229 -85.23 -71.18 -34.63
N SER G 230 -84.06 -70.64 -34.25
CA SER G 230 -83.71 -69.27 -34.57
C SER G 230 -82.31 -69.22 -35.18
N VAL G 231 -82.22 -68.64 -36.37
CA VAL G 231 -80.94 -68.27 -36.96
C VAL G 231 -80.65 -66.83 -36.55
N LEU G 232 -79.44 -66.59 -36.05
CA LEU G 232 -79.03 -65.25 -35.63
C LEU G 232 -79.39 -64.27 -36.75
N PRO G 233 -80.37 -63.39 -36.53
CA PRO G 233 -80.92 -62.60 -37.65
C PRO G 233 -79.84 -61.87 -38.43
N VAL G 234 -79.93 -61.97 -39.76
CA VAL G 234 -79.03 -61.27 -40.66
C VAL G 234 -79.82 -60.17 -41.35
N SER G 235 -80.39 -59.25 -40.56
CA SER G 235 -81.24 -58.20 -41.06
C SER G 235 -80.39 -56.97 -41.40
N ALA G 236 -81.01 -55.79 -41.40
CA ALA G 236 -80.31 -54.54 -41.71
C ALA G 236 -79.47 -54.09 -40.52
N LEU G 237 -78.48 -54.93 -40.18
CA LEU G 237 -77.56 -54.67 -39.07
C LEU G 237 -76.14 -54.95 -39.54
N GLY G 238 -75.63 -54.07 -40.39
CA GLY G 238 -74.27 -54.20 -40.91
C GLY G 238 -73.53 -52.88 -40.88
N LEU G 239 -72.93 -52.50 -42.02
CA LEU G 239 -72.24 -51.22 -42.10
C LEU G 239 -73.19 -50.03 -41.98
N LEU G 240 -74.50 -50.25 -42.11
CA LEU G 240 -75.48 -49.19 -41.91
C LEU G 240 -75.54 -48.84 -40.43
N HIS G 241 -75.06 -47.65 -40.09
CA HIS G 241 -74.95 -47.22 -38.70
C HIS G 241 -75.79 -45.96 -38.47
N GLN G 242 -76.07 -45.70 -37.19
CA GLN G 242 -76.71 -44.46 -36.78
C GLN G 242 -75.64 -43.45 -36.41
N VAL G 243 -75.59 -42.34 -37.14
CA VAL G 243 -74.57 -41.31 -36.95
C VAL G 243 -75.23 -40.15 -36.20
N HIS G 244 -74.90 -40.03 -34.92
CA HIS G 244 -75.43 -38.97 -34.08
C HIS G 244 -74.38 -37.87 -33.90
N GLU G 245 -74.86 -36.64 -33.77
CA GLU G 245 -74.01 -35.50 -33.46
C GLU G 245 -74.18 -34.99 -32.04
N GLU G 246 -75.19 -35.46 -31.32
CA GLU G 246 -75.33 -35.11 -29.90
C GLU G 246 -74.25 -35.84 -29.09
N ARG G 247 -74.07 -35.40 -27.85
CA ARG G 247 -73.01 -35.88 -26.99
C ARG G 247 -73.58 -36.59 -25.77
N ILE G 248 -72.80 -37.53 -25.24
CA ILE G 248 -73.18 -38.32 -24.07
C ILE G 248 -72.24 -37.97 -22.93
N ALA G 249 -72.79 -37.88 -21.72
CA ALA G 249 -71.97 -37.60 -20.55
C ALA G 249 -71.14 -38.82 -20.17
N SER G 250 -69.86 -38.58 -19.88
CA SER G 250 -68.95 -39.65 -19.49
C SER G 250 -68.96 -39.93 -18.00
N GLY G 251 -69.67 -39.13 -17.21
CA GLY G 251 -69.68 -39.30 -15.77
C GLY G 251 -68.50 -38.61 -15.10
N VAL G 252 -67.40 -38.48 -15.82
CA VAL G 252 -66.22 -37.76 -15.33
C VAL G 252 -66.13 -36.44 -16.09
N PRO G 253 -66.50 -35.32 -15.49
CA PRO G 253 -66.50 -34.04 -16.24
C PRO G 253 -65.19 -33.75 -16.93
N ASP G 254 -64.06 -34.16 -16.34
CA ASP G 254 -62.77 -33.88 -16.93
C ASP G 254 -62.66 -34.51 -18.32
N LEU G 255 -62.95 -35.80 -18.43
CA LEU G 255 -62.94 -36.42 -19.75
C LEU G 255 -64.08 -35.87 -20.62
N ASP G 256 -65.23 -35.60 -20.00
CA ASP G 256 -66.35 -35.07 -20.77
C ASP G 256 -65.96 -33.82 -21.53
N ALA G 257 -65.11 -32.98 -20.94
CA ALA G 257 -64.68 -31.74 -21.57
C ALA G 257 -63.29 -31.82 -22.19
N MET G 258 -62.56 -32.92 -21.98
CA MET G 258 -61.25 -33.05 -22.59
C MET G 258 -61.31 -32.98 -24.11
N MET G 259 -62.39 -33.51 -24.69
CA MET G 259 -62.61 -33.45 -26.12
C MET G 259 -63.58 -32.32 -26.47
N ALA G 260 -63.56 -31.92 -27.74
CA ALA G 260 -64.39 -30.82 -28.18
C ALA G 260 -65.85 -31.23 -28.27
N GLY G 261 -66.74 -30.25 -28.13
CA GLY G 261 -68.16 -30.47 -28.24
C GLY G 261 -68.85 -30.88 -26.96
N GLY G 262 -68.12 -31.38 -25.97
CA GLY G 262 -68.68 -31.76 -24.71
C GLY G 262 -68.72 -33.25 -24.41
N GLY G 263 -67.98 -34.07 -25.16
CA GLY G 263 -67.93 -35.49 -24.89
C GLY G 263 -68.01 -36.35 -26.13
N PHE G 264 -67.96 -37.68 -25.95
CA PHE G 264 -68.07 -38.59 -27.08
C PHE G 264 -69.46 -38.50 -27.70
N PHE G 265 -69.52 -38.80 -29.00
CA PHE G 265 -70.80 -38.84 -29.69
C PHE G 265 -71.67 -39.97 -29.16
N ARG G 266 -72.98 -39.79 -29.23
CA ARG G 266 -73.92 -40.73 -28.66
C ARG G 266 -73.74 -42.12 -29.26
N GLY G 267 -74.03 -42.27 -30.54
CA GLY G 267 -73.88 -43.55 -31.21
C GLY G 267 -72.46 -43.79 -31.67
N SER G 268 -71.64 -44.43 -30.83
CA SER G 268 -70.23 -44.62 -31.13
C SER G 268 -69.68 -45.78 -30.31
N SER G 269 -68.42 -46.10 -30.57
CA SER G 269 -67.69 -47.17 -29.89
C SER G 269 -66.48 -46.56 -29.20
N ILE G 270 -66.39 -46.79 -27.89
CA ILE G 270 -65.34 -46.22 -27.04
C ILE G 270 -64.56 -47.37 -26.44
N LEU G 271 -63.24 -47.37 -26.64
CA LEU G 271 -62.35 -48.44 -26.21
C LEU G 271 -61.57 -47.96 -24.98
N VAL G 272 -61.96 -48.45 -23.80
CA VAL G 272 -61.21 -48.20 -22.57
C VAL G 272 -60.16 -49.30 -22.51
N SER G 273 -58.98 -49.01 -23.05
CA SER G 273 -57.91 -49.99 -23.09
C SER G 273 -56.86 -49.64 -22.05
N GLY G 274 -56.39 -50.65 -21.33
CA GLY G 274 -55.41 -50.41 -20.29
C GLY G 274 -54.76 -51.69 -19.84
N VAL G 275 -54.00 -51.57 -18.74
CA VAL G 275 -53.34 -52.70 -18.13
C VAL G 275 -54.22 -53.22 -17.00
N ALA G 276 -53.82 -54.31 -16.37
CA ALA G 276 -54.56 -54.83 -15.23
C ALA G 276 -54.47 -53.85 -14.06
N GLY G 277 -55.61 -53.62 -13.40
CA GLY G 277 -55.66 -52.64 -12.34
C GLY G 277 -55.60 -51.20 -12.80
N ALA G 278 -55.85 -50.95 -14.08
CA ALA G 278 -55.71 -49.59 -14.61
C ALA G 278 -56.94 -48.72 -14.33
N GLY G 279 -58.12 -49.32 -14.20
CA GLY G 279 -59.34 -48.56 -13.94
C GLY G 279 -60.37 -48.63 -15.04
N LYS G 280 -60.20 -49.60 -15.94
CA LYS G 280 -61.07 -49.72 -17.10
C LYS G 280 -62.53 -49.85 -16.67
N SER G 281 -62.81 -50.85 -15.83
CA SER G 281 -64.17 -51.09 -15.37
C SER G 281 -64.73 -49.87 -14.66
N SER G 282 -63.89 -49.12 -13.94
CA SER G 282 -64.40 -47.96 -13.21
C SER G 282 -64.86 -46.86 -14.16
N LEU G 283 -64.08 -46.56 -15.20
CA LEU G 283 -64.55 -45.57 -16.16
C LEU G 283 -65.82 -46.04 -16.85
N ALA G 284 -65.89 -47.33 -17.21
CA ALA G 284 -67.09 -47.83 -17.85
C ALA G 284 -68.30 -47.71 -16.93
N ALA G 285 -68.12 -48.02 -15.64
CA ALA G 285 -69.22 -47.91 -14.68
C ALA G 285 -69.66 -46.46 -14.52
N HIS G 286 -68.71 -45.52 -14.57
CA HIS G 286 -69.10 -44.10 -14.52
C HIS G 286 -69.93 -43.72 -15.74
N PHE G 287 -69.53 -44.21 -16.92
CA PHE G 287 -70.35 -44.00 -18.11
C PHE G 287 -71.79 -44.48 -17.87
N ALA G 288 -71.93 -45.73 -17.42
CA ALA G 288 -73.25 -46.29 -17.22
C ALA G 288 -74.04 -45.52 -16.17
N ALA G 289 -73.38 -45.08 -15.10
CA ALA G 289 -74.07 -44.36 -14.05
C ALA G 289 -74.55 -43.00 -14.53
N ALA G 290 -73.74 -42.32 -15.36
CA ALA G 290 -74.18 -41.07 -15.95
C ALA G 290 -75.40 -41.30 -16.85
N ALA G 291 -75.39 -42.40 -17.61
CA ALA G 291 -76.56 -42.74 -18.41
C ALA G 291 -77.80 -42.88 -17.53
N CYS G 292 -77.70 -43.69 -16.47
CA CYS G 292 -78.85 -43.89 -15.59
C CYS G 292 -79.32 -42.57 -14.98
N ALA G 293 -78.37 -41.73 -14.54
CA ALA G 293 -78.75 -40.43 -13.99
C ALA G 293 -79.50 -39.59 -15.01
N ARG G 294 -79.03 -39.59 -16.26
CA ARG G 294 -79.80 -38.97 -17.33
C ARG G 294 -81.17 -39.60 -17.48
N GLY G 295 -81.33 -40.84 -17.02
CA GLY G 295 -82.60 -41.55 -17.11
C GLY G 295 -82.58 -42.65 -18.14
N GLU G 296 -81.53 -42.74 -18.94
CA GLU G 296 -81.41 -43.79 -19.93
C GLU G 296 -81.18 -45.13 -19.23
N ARG G 297 -81.35 -46.21 -20.00
CA ARG G 297 -81.11 -47.56 -19.51
C ARG G 297 -79.71 -47.99 -19.90
N ALA G 298 -79.02 -48.64 -18.96
CA ALA G 298 -77.63 -49.05 -19.13
C ALA G 298 -77.53 -50.55 -18.93
N MET G 299 -76.87 -51.23 -19.87
CA MET G 299 -76.65 -52.66 -19.81
C MET G 299 -75.16 -52.93 -19.62
N TYR G 300 -74.82 -53.47 -18.45
CA TYR G 300 -73.44 -53.80 -18.09
C TYR G 300 -73.24 -55.28 -18.30
N PHE G 301 -72.47 -55.63 -19.34
CA PHE G 301 -72.13 -57.02 -19.64
C PHE G 301 -70.73 -57.25 -19.07
N SER G 302 -70.70 -57.70 -17.82
CA SER G 302 -69.46 -58.16 -17.21
C SER G 302 -69.20 -59.60 -17.62
N PHE G 303 -67.93 -59.91 -17.84
CA PHE G 303 -67.53 -61.27 -18.22
C PHE G 303 -66.43 -61.79 -17.29
N GLU G 304 -66.24 -61.16 -16.14
CA GLU G 304 -65.28 -61.64 -15.16
C GLU G 304 -65.67 -61.29 -13.72
N GLU G 305 -66.78 -60.60 -13.49
CA GLU G 305 -67.10 -60.10 -12.17
C GLU G 305 -68.61 -60.13 -11.98
N ALA G 306 -69.04 -60.36 -10.74
CA ALA G 306 -70.46 -60.44 -10.42
C ALA G 306 -71.03 -59.03 -10.23
N ALA G 307 -72.36 -58.95 -10.22
CA ALA G 307 -73.03 -57.66 -10.12
C ALA G 307 -72.93 -57.09 -8.71
N ASP G 308 -73.21 -57.92 -7.70
CA ASP G 308 -73.05 -57.47 -6.32
C ASP G 308 -71.61 -57.08 -6.05
N GLN G 309 -70.66 -57.88 -6.53
CA GLN G 309 -69.25 -57.54 -6.37
C GLN G 309 -68.93 -56.22 -7.06
N ALA G 310 -69.53 -55.98 -8.23
CA ALA G 310 -69.32 -54.72 -8.92
C ALA G 310 -69.80 -53.55 -8.08
N VAL G 311 -71.02 -53.65 -7.56
CA VAL G 311 -71.56 -52.55 -6.75
C VAL G 311 -70.68 -52.31 -5.52
N ARG G 312 -70.25 -53.39 -4.86
CA ARG G 312 -69.40 -53.21 -3.68
C ARG G 312 -68.08 -52.54 -4.04
N ASN G 313 -67.40 -53.05 -5.08
CA ASN G 313 -66.10 -52.50 -5.44
C ASN G 313 -66.21 -51.06 -5.91
N MET G 314 -67.30 -50.70 -6.58
CA MET G 314 -67.50 -49.33 -7.00
C MET G 314 -67.96 -48.43 -5.86
N ARG G 315 -68.49 -49.01 -4.78
CA ARG G 315 -68.83 -48.21 -3.60
C ARG G 315 -67.66 -47.36 -3.15
N SER G 316 -66.43 -47.84 -3.34
CA SER G 316 -65.25 -47.08 -2.94
C SER G 316 -64.99 -45.86 -3.82
N LEU G 317 -65.69 -45.74 -4.95
CA LEU G 317 -65.55 -44.59 -5.83
C LEU G 317 -66.76 -43.65 -5.77
N GLY G 318 -67.69 -43.90 -4.84
CA GLY G 318 -68.83 -43.01 -4.66
C GLY G 318 -69.84 -43.08 -5.78
N LEU G 319 -70.25 -44.29 -6.14
CA LEU G 319 -71.25 -44.49 -7.19
C LEU G 319 -72.32 -45.45 -6.67
N ASP G 320 -73.59 -45.07 -6.83
CA ASP G 320 -74.72 -45.84 -6.34
C ASP G 320 -75.27 -46.68 -7.49
N LEU G 321 -74.64 -47.83 -7.72
CA LEU G 321 -75.07 -48.73 -8.78
C LEU G 321 -76.32 -49.51 -8.37
N GLY G 322 -76.39 -49.95 -7.11
CA GLY G 322 -77.56 -50.67 -6.65
C GLY G 322 -78.82 -49.84 -6.73
N ARG G 323 -78.71 -48.53 -6.55
CA ARG G 323 -79.86 -47.64 -6.73
C ARG G 323 -80.45 -47.80 -8.13
N TRP G 324 -79.60 -47.68 -9.15
CA TRP G 324 -80.09 -47.82 -10.52
C TRP G 324 -80.57 -49.24 -10.80
N ARG G 325 -79.92 -50.24 -10.18
CA ARG G 325 -80.38 -51.62 -10.38
C ARG G 325 -81.80 -51.79 -9.87
N ASP G 326 -82.09 -51.28 -8.68
CA ASP G 326 -83.44 -51.36 -8.14
C ASP G 326 -84.42 -50.50 -8.94
N ALA G 327 -83.97 -49.35 -9.44
CA ALA G 327 -84.84 -48.50 -10.23
C ALA G 327 -85.19 -49.12 -11.57
N GLY G 328 -84.30 -49.96 -12.11
CA GLY G 328 -84.50 -50.62 -13.37
C GLY G 328 -83.55 -50.17 -14.46
N LEU G 329 -82.98 -48.98 -14.34
CA LEU G 329 -82.13 -48.43 -15.39
C LEU G 329 -80.77 -49.10 -15.49
N LEU G 330 -80.51 -50.19 -14.77
CA LEU G 330 -79.21 -50.86 -14.81
C LEU G 330 -79.44 -52.36 -14.86
N ARG G 331 -78.88 -53.02 -15.87
CA ARG G 331 -79.07 -54.46 -16.05
C ARG G 331 -77.72 -55.13 -16.24
N PHE G 332 -77.37 -56.03 -15.33
CA PHE G 332 -76.10 -56.74 -15.37
C PHE G 332 -76.28 -58.14 -15.96
N MET G 333 -75.36 -58.52 -16.84
CA MET G 333 -75.40 -59.87 -17.43
C MET G 333 -74.52 -60.82 -16.62
N ALA G 334 -73.20 -60.59 -16.64
CA ALA G 334 -72.27 -61.37 -15.84
C ALA G 334 -72.22 -62.83 -16.26
N THR G 335 -71.86 -63.09 -17.51
CA THR G 335 -71.69 -64.45 -18.02
C THR G 335 -70.22 -64.67 -18.38
N ARG G 336 -69.72 -65.85 -18.04
CA ARG G 336 -68.32 -66.17 -18.26
C ARG G 336 -68.09 -66.61 -19.71
N PRO G 337 -66.83 -66.58 -20.16
CA PRO G 337 -66.58 -66.85 -21.59
C PRO G 337 -66.92 -68.26 -22.02
N THR G 338 -66.53 -69.27 -21.24
CA THR G 338 -66.66 -70.66 -21.67
C THR G 338 -68.06 -71.24 -21.43
N PHE G 339 -68.98 -70.48 -20.83
CA PHE G 339 -70.33 -71.00 -20.61
C PHE G 339 -70.97 -71.43 -21.92
N TYR G 340 -70.88 -70.58 -22.94
CA TYR G 340 -71.44 -70.86 -24.26
C TYR G 340 -70.33 -70.74 -25.31
N SER G 341 -70.73 -70.87 -26.57
CA SER G 341 -69.85 -70.57 -27.69
C SER G 341 -69.89 -69.08 -28.00
N LEU G 342 -69.01 -68.65 -28.91
CA LEU G 342 -69.01 -67.24 -29.31
C LEU G 342 -70.32 -66.86 -29.95
N GLU G 343 -70.85 -67.71 -30.83
CA GLU G 343 -72.13 -67.43 -31.47
C GLU G 343 -73.25 -67.35 -30.43
N MET G 344 -73.28 -68.27 -29.49
CA MET G 344 -74.31 -68.26 -28.46
C MET G 344 -74.21 -67.01 -27.60
N HIS G 345 -73.00 -66.58 -27.27
CA HIS G 345 -72.82 -65.37 -26.47
C HIS G 345 -73.31 -64.15 -27.23
N LEU G 346 -72.95 -64.04 -28.52
CA LEU G 346 -73.49 -62.96 -29.34
C LEU G 346 -75.01 -62.99 -29.34
N ALA G 347 -75.60 -64.18 -29.44
CA ALA G 347 -77.05 -64.29 -29.45
C ALA G 347 -77.64 -63.77 -28.14
N VAL G 348 -77.07 -64.18 -27.01
CA VAL G 348 -77.57 -63.74 -25.71
C VAL G 348 -77.48 -62.22 -25.61
N ILE G 349 -76.33 -61.65 -26.01
CA ILE G 349 -76.16 -60.21 -25.92
C ILE G 349 -77.19 -59.49 -26.77
N LEU G 350 -77.36 -59.92 -28.02
CA LEU G 350 -78.31 -59.27 -28.91
C LEU G 350 -79.73 -59.36 -28.35
N ARG G 351 -80.11 -60.53 -27.84
CA ARG G 351 -81.44 -60.69 -27.28
C ARG G 351 -81.68 -59.73 -26.13
N GLU G 352 -80.78 -59.73 -25.15
CA GLU G 352 -80.97 -58.87 -23.98
C GLU G 352 -80.98 -57.39 -24.38
N VAL G 353 -80.11 -57.01 -25.30
CA VAL G 353 -80.03 -55.61 -25.72
C VAL G 353 -81.31 -55.20 -26.42
N MET G 354 -81.82 -56.04 -27.33
CA MET G 354 -83.09 -55.72 -27.98
C MET G 354 -84.21 -55.62 -26.96
N ARG G 355 -84.21 -56.51 -25.97
CA ARG G 355 -85.30 -56.51 -24.99
C ARG G 355 -85.31 -55.23 -24.18
N PHE G 356 -84.14 -54.77 -23.73
CA PHE G 356 -84.11 -53.63 -22.81
C PHE G 356 -83.81 -52.30 -23.49
N GLU G 357 -83.56 -52.29 -24.81
CA GLU G 357 -83.22 -51.10 -25.59
C GLU G 357 -82.48 -50.06 -24.74
N PRO G 358 -81.25 -50.32 -24.36
CA PRO G 358 -80.49 -49.35 -23.57
C PRO G 358 -79.89 -48.27 -24.44
N SER G 359 -79.39 -47.22 -23.79
CA SER G 359 -78.62 -46.19 -24.46
C SER G 359 -77.11 -46.40 -24.33
N VAL G 360 -76.67 -47.16 -23.32
CA VAL G 360 -75.25 -47.43 -23.11
C VAL G 360 -75.09 -48.92 -22.82
N VAL G 361 -74.08 -49.52 -23.45
CA VAL G 361 -73.77 -50.94 -23.30
C VAL G 361 -72.29 -51.05 -22.97
N VAL G 362 -71.98 -51.56 -21.78
CA VAL G 362 -70.61 -51.75 -21.33
C VAL G 362 -70.24 -53.21 -21.53
N LEU G 363 -69.00 -53.46 -21.96
CA LEU G 363 -68.46 -54.80 -22.16
C LEU G 363 -67.15 -54.87 -21.37
N ASP G 364 -67.21 -55.46 -20.18
CA ASP G 364 -66.06 -55.46 -19.27
C ASP G 364 -65.68 -56.89 -18.88
N PRO G 365 -64.62 -57.46 -19.47
CA PRO G 365 -63.81 -57.02 -20.62
C PRO G 365 -64.06 -57.88 -21.87
N ILE G 366 -63.74 -57.34 -23.05
CA ILE G 366 -63.84 -58.12 -24.27
C ILE G 366 -62.63 -59.01 -24.49
N SER G 367 -61.56 -58.83 -23.70
CA SER G 367 -60.39 -59.69 -23.81
C SER G 367 -60.72 -61.15 -23.48
N ALA G 368 -61.81 -61.38 -22.74
CA ALA G 368 -62.16 -62.74 -22.37
C ALA G 368 -62.41 -63.61 -23.59
N PHE G 369 -63.14 -63.08 -24.58
CA PHE G 369 -63.38 -63.82 -25.81
C PHE G 369 -62.08 -64.07 -26.56
N THR G 370 -61.27 -63.03 -26.71
CA THR G 370 -60.08 -63.11 -27.55
C THR G 370 -59.07 -64.10 -27.01
N GLU G 371 -58.83 -64.08 -25.70
CA GLU G 371 -57.75 -64.88 -25.14
C GLU G 371 -57.87 -66.36 -25.52
N SER G 372 -59.06 -66.84 -25.83
CA SER G 372 -59.28 -68.25 -26.12
C SER G 372 -59.74 -68.52 -27.54
N GLY G 373 -60.68 -67.73 -28.07
CA GLY G 373 -61.28 -68.09 -29.35
C GLY G 373 -60.34 -67.89 -30.51
N ASP G 374 -60.67 -68.55 -31.62
CA ASP G 374 -59.96 -68.31 -32.87
C ASP G 374 -60.03 -66.84 -33.23
N ARG G 375 -58.92 -66.31 -33.75
CA ARG G 375 -58.85 -64.87 -34.00
C ARG G 375 -59.96 -64.41 -34.94
N LEU G 376 -60.11 -65.09 -36.07
CA LEU G 376 -61.13 -64.70 -37.04
C LEU G 376 -62.52 -64.75 -36.43
N GLU G 377 -62.83 -65.83 -35.71
CA GLU G 377 -64.17 -65.99 -35.15
C GLU G 377 -64.47 -64.90 -34.12
N VAL G 378 -63.53 -64.66 -33.21
CA VAL G 378 -63.76 -63.67 -32.16
C VAL G 378 -63.87 -62.27 -32.75
N GLN G 379 -63.01 -61.94 -33.72
CA GLN G 379 -63.09 -60.62 -34.35
C GLN G 379 -64.40 -60.48 -35.13
N SER G 380 -64.89 -61.55 -35.74
CA SER G 380 -66.18 -61.50 -36.42
C SER G 380 -67.29 -61.18 -35.43
N MET G 381 -67.31 -61.88 -34.29
CA MET G 381 -68.32 -61.60 -33.27
C MET G 381 -68.22 -60.15 -32.80
N LEU G 382 -67.00 -59.66 -32.60
CA LEU G 382 -66.82 -58.28 -32.13
C LEU G 382 -67.36 -57.29 -33.15
N LEU G 383 -67.00 -57.46 -34.42
CA LEU G 383 -67.51 -56.58 -35.46
C LEU G 383 -69.04 -56.61 -35.50
N ARG G 384 -69.63 -57.80 -35.35
CA ARG G 384 -71.08 -57.90 -35.37
C ARG G 384 -71.72 -57.15 -34.21
N ILE G 385 -71.15 -57.30 -33.00
CA ILE G 385 -71.68 -56.59 -31.85
C ILE G 385 -71.63 -55.09 -32.07
N VAL G 386 -70.48 -54.59 -32.52
CA VAL G 386 -70.33 -53.16 -32.76
C VAL G 386 -71.35 -52.69 -33.79
N ASP G 387 -71.51 -53.45 -34.88
CA ASP G 387 -72.44 -53.05 -35.93
C ASP G 387 -73.87 -52.96 -35.39
N PHE G 388 -74.29 -53.96 -34.61
CA PHE G 388 -75.65 -53.93 -34.09
C PHE G 388 -75.87 -52.74 -33.16
N LEU G 389 -74.93 -52.52 -32.24
CA LEU G 389 -75.08 -51.40 -31.32
C LEU G 389 -75.19 -50.08 -32.08
N LYS G 390 -74.29 -49.87 -33.05
CA LYS G 390 -74.33 -48.61 -33.81
C LYS G 390 -75.63 -48.50 -34.61
N ASN G 391 -76.12 -49.62 -35.16
CA ASN G 391 -77.36 -49.56 -35.92
C ASN G 391 -78.53 -49.16 -35.04
N ARG G 392 -78.57 -49.65 -33.81
CA ARG G 392 -79.64 -49.26 -32.90
C ARG G 392 -79.35 -47.93 -32.20
N GLY G 393 -78.21 -47.31 -32.46
CA GLY G 393 -77.95 -46.00 -31.90
C GLY G 393 -77.61 -46.03 -30.42
N ILE G 394 -76.77 -46.99 -30.03
CA ILE G 394 -76.47 -47.24 -28.63
C ILE G 394 -74.97 -47.04 -28.42
N THR G 395 -74.61 -46.27 -27.40
CA THR G 395 -73.21 -46.09 -27.04
C THR G 395 -72.62 -47.43 -26.62
N GLY G 396 -71.37 -47.69 -27.02
CA GLY G 396 -70.75 -48.95 -26.68
C GLY G 396 -69.37 -48.82 -26.08
N ILE G 397 -69.25 -49.07 -24.78
CA ILE G 397 -67.95 -49.08 -24.10
C ILE G 397 -67.41 -50.50 -24.14
N PHE G 398 -66.15 -50.63 -24.56
CA PHE G 398 -65.46 -51.91 -24.64
C PHE G 398 -64.16 -51.77 -23.86
N THR G 399 -64.01 -52.53 -22.77
CA THR G 399 -62.80 -52.47 -21.97
C THR G 399 -61.87 -53.60 -22.39
N HIS G 400 -60.61 -53.25 -22.67
CA HIS G 400 -59.64 -54.20 -23.18
C HIS G 400 -58.36 -54.16 -22.37
N LEU G 401 -57.73 -55.34 -22.26
CA LEU G 401 -56.49 -55.51 -21.51
C LEU G 401 -55.29 -55.35 -22.43
N LEU G 414 -56.57 -53.90 -34.27
CA LEU G 414 -57.45 -54.35 -33.20
C LEU G 414 -58.19 -53.19 -32.57
N SER G 415 -57.56 -52.01 -32.59
CA SER G 415 -58.11 -50.81 -31.99
C SER G 415 -58.69 -49.83 -33.00
N SER G 416 -58.65 -50.16 -34.28
CA SER G 416 -59.16 -49.27 -35.32
C SER G 416 -60.65 -49.44 -35.58
N LEU G 417 -61.28 -50.47 -35.03
CA LEU G 417 -62.72 -50.66 -35.18
C LEU G 417 -63.54 -49.75 -34.27
N MET G 418 -62.89 -48.91 -33.47
CA MET G 418 -63.56 -48.08 -32.47
C MET G 418 -63.40 -46.61 -32.83
N ASP G 419 -64.44 -45.83 -32.56
CA ASP G 419 -64.45 -44.41 -32.90
C ASP G 419 -63.77 -43.55 -31.83
N GLY G 420 -63.52 -44.09 -30.65
CA GLY G 420 -62.75 -43.37 -29.63
C GLY G 420 -61.93 -44.35 -28.83
N TRP G 421 -60.73 -43.93 -28.40
CA TRP G 421 -59.82 -44.84 -27.70
C TRP G 421 -59.19 -44.09 -26.54
N VAL G 422 -59.47 -44.56 -25.32
CA VAL G 422 -58.92 -43.99 -24.09
C VAL G 422 -57.93 -44.99 -23.51
N LEU G 423 -56.68 -44.56 -23.39
CA LEU G 423 -55.63 -45.42 -22.82
C LEU G 423 -55.46 -45.07 -21.34
N MET G 424 -55.58 -46.08 -20.50
CA MET G 424 -55.42 -45.99 -19.06
C MET G 424 -54.14 -46.70 -18.67
N LEU G 425 -53.35 -46.08 -17.78
CA LEU G 425 -52.03 -46.61 -17.46
C LEU G 425 -51.73 -46.46 -15.98
N ASN G 426 -51.10 -47.51 -15.42
CA ASN G 426 -50.62 -47.52 -14.04
C ASN G 426 -49.13 -47.87 -14.11
N ARG G 427 -48.31 -46.84 -14.32
CA ARG G 427 -46.90 -47.05 -14.60
C ARG G 427 -46.07 -46.97 -13.32
N GLU G 428 -44.84 -47.46 -13.41
CA GLU G 428 -43.90 -47.43 -12.29
C GLU G 428 -42.94 -46.26 -12.45
N VAL G 429 -42.80 -45.45 -11.41
CA VAL G 429 -41.93 -44.29 -11.43
C VAL G 429 -41.18 -44.22 -10.11
N ASN G 430 -39.88 -44.50 -10.16
CA ASN G 430 -38.99 -44.35 -8.99
C ASN G 430 -39.54 -45.10 -7.78
N GLY G 431 -39.94 -46.34 -8.00
CA GLY G 431 -40.43 -47.16 -6.91
C GLY G 431 -41.82 -46.83 -6.43
N GLU G 432 -42.59 -46.10 -7.23
CA GLU G 432 -43.95 -45.70 -6.86
C GLU G 432 -44.81 -45.74 -8.11
N PHE G 433 -45.96 -46.38 -8.04
CA PHE G 433 -46.85 -46.52 -9.18
C PHE G 433 -47.81 -45.34 -9.27
N ASN G 434 -47.97 -44.83 -10.49
CA ASN G 434 -48.72 -43.61 -10.76
C ASN G 434 -49.75 -43.85 -11.84
N ARG G 435 -50.81 -43.06 -11.81
CA ARG G 435 -52.04 -43.31 -12.57
C ARG G 435 -52.23 -42.21 -13.61
N GLU G 436 -52.04 -42.56 -14.89
CA GLU G 436 -52.11 -41.60 -15.98
C GLU G 436 -53.17 -42.05 -17.00
N LEU G 437 -54.06 -41.13 -17.36
CA LEU G 437 -55.07 -41.38 -18.38
C LEU G 437 -54.84 -40.41 -19.53
N TYR G 438 -55.06 -40.90 -20.75
CA TYR G 438 -55.01 -40.00 -21.90
C TYR G 438 -55.88 -40.55 -23.02
N LEU G 439 -56.09 -39.71 -24.03
CA LEU G 439 -57.03 -39.93 -25.11
C LEU G 439 -56.27 -39.85 -26.43
N LEU G 440 -56.11 -40.99 -27.11
CA LEU G 440 -55.34 -41.05 -28.34
C LEU G 440 -56.20 -41.32 -29.58
N LYS G 441 -57.52 -41.19 -29.47
CA LYS G 441 -58.34 -41.32 -30.66
C LYS G 441 -59.72 -40.75 -30.41
N ALA G 442 -60.29 -40.15 -31.46
CA ALA G 442 -61.62 -39.57 -31.44
C ALA G 442 -61.88 -39.00 -32.83
N ARG G 443 -62.62 -39.75 -33.66
CA ARG G 443 -62.59 -39.52 -35.11
C ARG G 443 -63.05 -38.12 -35.47
N GLY G 444 -64.25 -37.74 -35.05
CA GLY G 444 -64.85 -36.51 -35.51
C GLY G 444 -64.72 -35.32 -34.59
N MET G 445 -63.67 -35.30 -33.77
CA MET G 445 -63.48 -34.23 -32.79
C MET G 445 -61.99 -33.93 -32.66
N ALA G 446 -61.68 -32.94 -31.82
CA ALA G 446 -60.31 -32.58 -31.49
C ALA G 446 -60.05 -32.97 -30.04
N HIS G 447 -59.25 -34.03 -29.85
CA HIS G 447 -58.96 -34.52 -28.52
C HIS G 447 -57.54 -34.10 -28.12
N SER G 448 -57.40 -33.72 -26.85
CA SER G 448 -56.12 -33.23 -26.35
C SER G 448 -55.05 -34.31 -26.44
N ASN G 449 -53.88 -33.94 -26.96
CA ASN G 449 -52.76 -34.86 -27.08
C ASN G 449 -51.96 -35.00 -25.80
N GLN G 450 -52.39 -34.38 -24.71
CA GLN G 450 -51.66 -34.41 -23.46
C GLN G 450 -52.10 -35.57 -22.58
N VAL G 451 -51.19 -36.04 -21.75
CA VAL G 451 -51.41 -37.21 -20.90
C VAL G 451 -51.70 -36.67 -19.49
N ARG G 452 -52.97 -36.66 -19.10
CA ARG G 452 -53.31 -36.08 -17.80
C ARG G 452 -53.27 -37.15 -16.72
N GLU G 453 -53.17 -36.70 -15.47
CA GLU G 453 -52.98 -37.61 -14.34
C GLU G 453 -54.33 -37.86 -13.68
N PHE G 454 -54.77 -39.11 -13.66
CA PHE G 454 -56.09 -39.44 -13.12
C PHE G 454 -55.92 -40.13 -11.77
N LEU G 455 -56.52 -39.53 -10.75
CA LEU G 455 -56.49 -40.04 -9.38
C LEU G 455 -57.88 -40.54 -9.02
N MET G 456 -57.94 -41.76 -8.52
CA MET G 456 -59.19 -42.35 -8.06
C MET G 456 -59.35 -42.09 -6.57
N SER G 457 -60.59 -41.81 -6.14
CA SER G 457 -60.84 -41.47 -4.75
C SER G 457 -62.32 -41.65 -4.45
N ASP G 458 -62.65 -41.64 -3.17
CA ASP G 458 -64.05 -41.82 -2.75
C ASP G 458 -64.94 -40.77 -3.38
N ARG G 459 -64.52 -39.51 -3.33
CA ARG G 459 -65.30 -38.44 -3.95
C ARG G 459 -65.60 -38.74 -5.42
N GLY G 460 -64.70 -39.44 -6.09
CA GLY G 460 -64.91 -39.79 -7.47
C GLY G 460 -63.59 -40.03 -8.17
N ILE G 461 -63.66 -40.07 -9.50
CA ILE G 461 -62.49 -40.20 -10.35
C ILE G 461 -62.15 -38.81 -10.88
N SER G 462 -60.97 -38.31 -10.57
CA SER G 462 -60.56 -36.95 -10.91
C SER G 462 -59.40 -37.00 -11.89
N LEU G 463 -59.32 -35.97 -12.73
CA LEU G 463 -58.21 -35.82 -13.66
C LEU G 463 -57.58 -34.45 -13.45
N LEU G 464 -56.30 -34.43 -13.18
CA LEU G 464 -55.52 -33.25 -12.94
C LEU G 464 -54.61 -32.97 -14.13
N PRO G 465 -54.51 -31.71 -14.55
CA PRO G 465 -53.70 -31.39 -15.73
C PRO G 465 -52.22 -31.48 -15.40
N PRO G 466 -51.37 -31.59 -16.41
CA PRO G 466 -49.93 -31.64 -16.16
C PRO G 466 -49.34 -30.24 -15.98
N HIS G 467 -48.18 -30.21 -15.33
CA HIS G 467 -47.44 -28.96 -15.18
C HIS G 467 -46.61 -28.77 -16.44
N LEU G 468 -46.96 -27.76 -17.24
CA LEU G 468 -46.30 -27.53 -18.52
C LEU G 468 -44.99 -26.77 -18.31
N GLY G 469 -44.05 -26.98 -19.22
CA GLY G 469 -42.76 -26.34 -19.18
C GLY G 469 -41.63 -27.35 -19.03
N GLU G 470 -40.67 -27.02 -18.18
CA GLU G 470 -39.50 -27.88 -18.00
C GLU G 470 -39.91 -29.25 -17.46
N GLY G 471 -39.23 -30.29 -17.95
CA GLY G 471 -39.54 -31.65 -17.60
C GLY G 471 -40.72 -32.25 -18.34
N GLY G 472 -41.55 -31.42 -18.98
CA GLY G 472 -42.69 -31.93 -19.73
C GLY G 472 -43.97 -31.97 -18.91
N ALA G 473 -44.21 -33.11 -18.24
CA ALA G 473 -45.44 -33.29 -17.51
C ALA G 473 -45.21 -34.01 -16.18
N LEU G 474 -44.29 -34.97 -16.17
CA LEU G 474 -43.98 -35.74 -14.97
C LEU G 474 -45.22 -36.47 -14.46
N THR G 475 -46.16 -35.72 -13.87
CA THR G 475 -47.46 -36.26 -13.50
C THR G 475 -47.35 -37.34 -12.43
N GLY G 476 -46.62 -37.04 -11.36
CA GLY G 476 -46.56 -37.95 -10.24
C GLY G 476 -45.87 -37.35 -9.03
N THR G 477 -45.47 -38.24 -8.12
CA THR G 477 -44.63 -37.80 -7.01
C THR G 477 -43.39 -37.10 -7.53
N ALA G 478 -42.97 -37.42 -8.75
CA ALA G 478 -41.93 -36.63 -9.40
C ALA G 478 -42.43 -35.24 -9.77
N ARG G 479 -43.74 -35.09 -10.03
CA ARG G 479 -44.29 -33.75 -10.17
C ARG G 479 -44.16 -32.97 -8.87
N LYS G 480 -44.50 -33.61 -7.74
CA LYS G 480 -44.29 -32.95 -6.45
C LYS G 480 -42.81 -32.63 -6.24
N ALA G 481 -41.93 -33.54 -6.68
CA ALA G 481 -40.49 -33.32 -6.51
C ALA G 481 -40.00 -32.16 -7.35
N GLU G 482 -40.51 -32.02 -8.57
CA GLU G 482 -40.13 -30.89 -9.42
C GLU G 482 -40.66 -29.59 -8.85
N GLU G 483 -41.89 -29.60 -8.34
CA GLU G 483 -42.41 -28.43 -7.62
C GLU G 483 -41.46 -28.04 -6.50
N ALA G 484 -41.05 -29.01 -5.69
CA ALA G 484 -40.17 -28.71 -4.56
C ALA G 484 -38.82 -28.20 -5.03
N ARG G 485 -38.26 -28.80 -6.09
CA ARG G 485 -36.95 -28.37 -6.58
C ARG G 485 -37.00 -26.95 -7.12
N LEU G 486 -38.04 -26.63 -7.90
CA LEU G 486 -38.16 -25.28 -8.44
C LEU G 486 -38.37 -24.26 -7.33
N ARG G 487 -39.17 -24.60 -6.32
CA ARG G 487 -39.35 -23.71 -5.19
C ARG G 487 -38.02 -23.48 -4.46
N ARG G 488 -37.27 -24.57 -4.22
CA ARG G 488 -35.97 -24.44 -3.57
C ARG G 488 -35.04 -23.55 -4.37
N ALA G 489 -35.01 -23.73 -5.70
CA ALA G 489 -34.12 -22.95 -6.54
C ALA G 489 -34.53 -21.47 -6.56
N GLU G 490 -35.83 -21.19 -6.51
CA GLU G 490 -36.26 -19.80 -6.42
C GLU G 490 -35.84 -19.17 -5.10
N ILE G 491 -36.02 -19.90 -3.99
CA ILE G 491 -35.55 -19.41 -2.70
C ILE G 491 -34.05 -19.15 -2.73
N GLU G 492 -33.29 -20.06 -3.36
CA GLU G 492 -31.84 -19.89 -3.46
C GLU G 492 -31.50 -18.66 -4.28
N ARG G 493 -32.18 -18.46 -5.42
CA ARG G 493 -31.94 -17.28 -6.23
C ARG G 493 -32.17 -16.01 -5.41
N GLN G 494 -33.25 -15.97 -4.62
CA GLN G 494 -33.53 -14.79 -3.84
C GLN G 494 -32.44 -14.56 -2.78
N THR G 495 -32.06 -15.61 -2.06
CA THR G 495 -31.04 -15.45 -1.03
C THR G 495 -29.71 -14.99 -1.64
N GLU G 496 -29.36 -15.50 -2.83
CA GLU G 496 -28.08 -15.14 -3.42
C GLU G 496 -28.10 -13.73 -4.02
N LEU G 497 -29.21 -13.33 -4.63
CA LEU G 497 -29.32 -11.94 -5.05
C LEU G 497 -29.26 -11.01 -3.85
N GLY G 498 -29.81 -11.43 -2.71
CA GLY G 498 -29.71 -10.62 -1.51
C GLY G 498 -28.27 -10.52 -1.00
N ARG G 499 -27.54 -11.64 -1.01
CA ARG G 499 -26.14 -11.59 -0.58
C ARG G 499 -25.33 -10.68 -1.48
N LEU G 500 -25.60 -10.71 -2.80
CA LEU G 500 -24.88 -9.82 -3.70
C LEU G 500 -25.24 -8.36 -3.44
N GLN G 501 -26.52 -8.06 -3.19
CA GLN G 501 -26.89 -6.69 -2.84
C GLN G 501 -26.17 -6.22 -1.59
N GLN G 502 -26.11 -7.08 -0.56
CA GLN G 502 -25.44 -6.70 0.68
C GLN G 502 -23.95 -6.45 0.43
N GLN G 503 -23.29 -7.33 -0.33
CA GLN G 503 -21.88 -7.13 -0.62
C GLN G 503 -21.65 -5.83 -1.38
N ILE G 504 -22.55 -5.52 -2.33
CA ILE G 504 -22.40 -4.29 -3.10
C ILE G 504 -22.53 -3.08 -2.20
N GLU G 505 -23.51 -3.10 -1.28
CA GLU G 505 -23.66 -1.98 -0.36
C GLU G 505 -22.44 -1.83 0.53
N GLN G 506 -21.89 -2.94 1.01
CA GLN G 506 -20.71 -2.86 1.88
C GLN G 506 -19.49 -2.33 1.12
N ARG G 507 -19.33 -2.76 -0.13
CA ARG G 507 -18.21 -2.23 -0.93
C ARG G 507 -18.41 -0.75 -1.24
N ARG G 508 -19.65 -0.32 -1.46
CA ARG G 508 -19.93 1.10 -1.62
C ARG G 508 -19.53 1.88 -0.38
N ARG G 509 -19.87 1.36 0.80
CA ARG G 509 -19.46 2.02 2.05
C ARG G 509 -17.95 2.07 2.17
N ARG G 510 -17.27 0.99 1.79
CA ARG G 510 -15.81 0.98 1.81
C ARG G 510 -15.25 2.08 0.91
N ALA G 511 -15.80 2.23 -0.29
CA ALA G 511 -15.33 3.26 -1.21
C ALA G 511 -15.58 4.64 -0.65
N ARG G 512 -16.76 4.88 -0.08
CA ARG G 512 -17.04 6.17 0.53
C ARG G 512 -16.02 6.50 1.61
N ALA G 513 -15.73 5.51 2.47
CA ALA G 513 -14.77 5.75 3.55
C ALA G 513 -13.39 6.07 3.01
N GLN G 514 -12.92 5.28 2.03
CA GLN G 514 -11.61 5.54 1.45
C GLN G 514 -11.54 6.93 0.84
N ILE G 515 -12.62 7.36 0.16
CA ILE G 515 -12.64 8.68 -0.45
C ILE G 515 -12.56 9.76 0.62
N GLU G 516 -13.29 9.59 1.71
CA GLU G 516 -13.23 10.57 2.80
C GLU G 516 -11.82 10.62 3.39
N ALA G 517 -11.15 9.46 3.49
CA ALA G 517 -9.78 9.45 3.99
C ALA G 517 -8.86 10.26 3.08
N LEU G 518 -8.99 10.04 1.76
CA LEU G 518 -8.19 10.82 0.81
C LEU G 518 -8.44 12.31 0.98
N GLU G 519 -9.71 12.71 1.09
CA GLU G 519 -10.03 14.13 1.25
C GLU G 519 -9.45 14.70 2.53
N ALA G 520 -9.48 13.91 3.61
CA ALA G 520 -8.94 14.38 4.89
C ALA G 520 -7.43 14.57 4.80
N GLU G 521 -6.73 13.62 4.16
CA GLU G 521 -5.30 13.79 3.95
C GLU G 521 -5.02 15.06 3.15
N LEU G 522 -5.82 15.32 2.11
CA LEU G 522 -5.66 16.53 1.33
C LEU G 522 -5.79 17.78 2.21
N GLN G 523 -6.86 17.84 3.01
CA GLN G 523 -7.08 19.03 3.82
C GLN G 523 -5.97 19.21 4.86
N ALA G 524 -5.46 18.10 5.41
CA ALA G 524 -4.36 18.20 6.36
C ALA G 524 -3.11 18.76 5.69
N GLU G 525 -2.81 18.29 4.49
CA GLU G 525 -1.67 18.83 3.74
C GLU G 525 -1.86 20.32 3.49
N GLU G 526 -3.08 20.73 3.15
CA GLU G 526 -3.35 22.16 2.94
C GLU G 526 -3.06 22.96 4.21
N ILE G 527 -3.57 22.48 5.35
CA ILE G 527 -3.34 23.17 6.62
C ILE G 527 -1.85 23.30 6.87
N ALA G 528 -1.11 22.20 6.69
CA ALA G 528 0.32 22.22 6.99
C ALA G 528 1.06 23.21 6.09
N LEU G 529 0.73 23.23 4.80
CA LEU G 529 1.40 24.16 3.90
C LEU G 529 1.08 25.61 4.25
N LYS G 530 -0.20 25.91 4.46
CA LYS G 530 -0.58 27.26 4.85
C LYS G 530 0.11 27.70 6.12
N ALA G 531 0.29 26.77 7.07
CA ALA G 531 1.05 27.09 8.27
C ALA G 531 2.51 27.36 7.92
N LEU G 532 3.07 26.57 6.99
CA LEU G 532 4.44 26.80 6.56
C LEU G 532 4.61 28.23 6.05
N VAL G 533 3.66 28.73 5.28
CA VAL G 533 3.74 30.12 4.81
C VAL G 533 3.55 31.05 6.01
N GLY H 4 -54.00 -76.41 -83.54
CA GLY H 4 -54.71 -76.72 -82.31
C GLY H 4 -56.16 -77.05 -82.53
N ILE H 5 -56.82 -77.56 -81.48
CA ILE H 5 -58.22 -77.95 -81.62
C ILE H 5 -59.10 -76.73 -81.82
N GLY H 6 -60.30 -76.97 -82.36
CA GLY H 6 -61.27 -75.91 -82.48
C GLY H 6 -61.82 -75.50 -81.14
N LYS H 7 -62.17 -74.22 -81.02
CA LYS H 7 -62.64 -73.63 -79.77
C LYS H 7 -64.02 -73.04 -79.96
N SER H 8 -64.93 -73.38 -79.04
CA SER H 8 -66.30 -72.85 -79.05
C SER H 8 -66.52 -72.07 -77.76
N PRO H 9 -66.58 -70.74 -77.80
CA PRO H 9 -66.67 -69.97 -76.56
C PRO H 9 -67.89 -70.35 -75.73
N THR H 10 -67.82 -70.00 -74.44
CA THR H 10 -68.90 -70.23 -73.50
C THR H 10 -69.67 -68.97 -73.14
N GLY H 11 -69.15 -67.80 -73.47
CA GLY H 11 -69.74 -66.55 -73.06
C GLY H 11 -69.30 -66.06 -71.70
N ILE H 12 -68.46 -66.82 -70.99
CA ILE H 12 -67.95 -66.46 -69.68
C ILE H 12 -66.57 -65.86 -69.87
N GLN H 13 -66.45 -64.56 -69.59
CA GLN H 13 -65.16 -63.88 -69.65
C GLN H 13 -64.33 -64.32 -68.45
N GLY H 14 -63.27 -65.08 -68.71
CA GLY H 14 -62.48 -65.68 -67.65
C GLY H 14 -62.29 -67.15 -67.93
N PHE H 15 -63.38 -67.91 -67.97
CA PHE H 15 -63.30 -69.29 -68.44
C PHE H 15 -62.85 -69.32 -69.90
N ASP H 16 -63.37 -68.41 -70.73
CA ASP H 16 -62.90 -68.32 -72.10
C ASP H 16 -61.42 -67.94 -72.15
N GLU H 17 -60.99 -67.04 -71.27
CA GLU H 17 -59.59 -66.63 -71.24
C GLU H 17 -58.69 -67.80 -70.86
N LEU H 18 -59.14 -68.63 -69.91
CA LEU H 18 -58.32 -69.76 -69.47
C LEU H 18 -58.32 -70.90 -70.47
N THR H 19 -59.41 -71.12 -71.19
CA THR H 19 -59.48 -72.18 -72.18
C THR H 19 -58.98 -71.75 -73.56
N LEU H 20 -58.71 -70.46 -73.75
CA LEU H 20 -58.15 -69.96 -75.02
C LEU H 20 -59.15 -70.12 -76.16
N GLY H 21 -60.42 -69.82 -75.90
CA GLY H 21 -61.43 -69.86 -76.93
C GLY H 21 -62.73 -70.51 -76.50
N GLY H 22 -62.65 -71.39 -75.50
CA GLY H 22 -63.84 -72.05 -74.99
C GLY H 22 -63.72 -73.55 -74.92
N LEU H 23 -64.86 -74.24 -74.97
CA LEU H 23 -64.89 -75.69 -74.92
C LEU H 23 -64.50 -76.28 -76.28
N PRO H 24 -64.08 -77.55 -76.30
CA PRO H 24 -63.68 -78.16 -77.58
C PRO H 24 -64.85 -78.25 -78.54
N THR H 25 -64.69 -77.63 -79.71
CA THR H 25 -65.76 -77.58 -80.68
C THR H 25 -66.08 -78.98 -81.22
N GLY H 26 -67.37 -79.24 -81.44
CA GLY H 26 -67.80 -80.51 -81.99
C GLY H 26 -67.26 -81.71 -81.24
N ARG H 27 -67.07 -81.57 -79.93
CA ARG H 27 -66.53 -82.63 -79.10
C ARG H 27 -67.22 -82.58 -77.74
N PRO H 28 -67.70 -83.71 -77.23
CA PRO H 28 -68.33 -83.69 -75.90
C PRO H 28 -67.35 -83.26 -74.82
N SER H 29 -67.86 -82.47 -73.88
CA SER H 29 -67.12 -82.04 -72.70
C SER H 29 -67.98 -82.25 -71.47
N LEU H 30 -67.33 -82.51 -70.34
CA LEU H 30 -68.02 -82.94 -69.12
C LEU H 30 -67.88 -81.87 -68.03
N VAL H 31 -68.97 -81.66 -67.31
CA VAL H 31 -69.01 -80.73 -66.19
C VAL H 31 -69.37 -81.56 -64.95
N CYS H 32 -68.36 -81.85 -64.13
CA CYS H 32 -68.52 -82.66 -62.93
C CYS H 32 -68.70 -81.76 -61.71
N GLY H 33 -69.22 -82.34 -60.65
CA GLY H 33 -69.43 -81.63 -59.39
C GLY H 33 -70.69 -82.13 -58.71
N SER H 34 -70.74 -81.93 -57.39
CA SER H 34 -71.87 -82.38 -56.61
C SER H 34 -73.02 -81.37 -56.69
N ALA H 35 -74.08 -81.63 -55.94
CA ALA H 35 -75.24 -80.73 -55.95
C ALA H 35 -74.85 -79.37 -55.39
N GLY H 36 -75.36 -78.32 -56.03
CA GLY H 36 -75.09 -76.97 -55.62
C GLY H 36 -73.85 -76.35 -56.19
N CYS H 37 -73.19 -77.01 -57.15
CA CYS H 37 -71.96 -76.49 -57.73
C CYS H 37 -72.19 -75.68 -58.99
N GLY H 38 -73.42 -75.61 -59.50
CA GLY H 38 -73.74 -74.76 -60.63
C GLY H 38 -73.56 -75.37 -62.00
N LYS H 39 -73.67 -76.69 -62.11
CA LYS H 39 -73.41 -77.36 -63.38
C LYS H 39 -74.47 -77.02 -64.41
N THR H 40 -75.74 -77.20 -64.06
CA THR H 40 -76.83 -76.86 -64.97
C THR H 40 -76.76 -75.38 -65.36
N LEU H 41 -76.38 -74.53 -64.42
CA LEU H 41 -76.25 -73.11 -64.73
C LEU H 41 -75.14 -72.88 -65.76
N PHE H 42 -74.00 -73.56 -65.59
CA PHE H 42 -72.91 -73.42 -66.56
C PHE H 42 -73.39 -73.83 -67.95
N ALA H 43 -74.10 -74.95 -68.04
CA ALA H 43 -74.55 -75.42 -69.36
C ALA H 43 -75.58 -74.46 -69.96
N SER H 44 -76.50 -73.96 -69.13
CA SER H 44 -77.49 -73.01 -69.62
C SER H 44 -76.82 -71.74 -70.13
N THR H 45 -75.82 -71.23 -69.39
CA THR H 45 -75.08 -70.07 -69.86
C THR H 45 -74.39 -70.37 -71.18
N PHE H 46 -73.77 -71.54 -71.30
CA PHE H 46 -73.13 -71.93 -72.56
C PHE H 46 -74.11 -71.78 -73.71
N LEU H 47 -75.25 -72.47 -73.62
CA LEU H 47 -76.21 -72.44 -74.73
C LEU H 47 -76.75 -71.03 -74.97
N ILE H 48 -77.12 -70.32 -73.91
CA ILE H 48 -77.79 -69.04 -74.07
C ILE H 48 -76.84 -67.99 -74.64
N ASN H 49 -75.58 -67.99 -74.17
CA ASN H 49 -74.61 -67.05 -74.72
C ASN H 49 -74.28 -67.40 -76.16
N GLY H 50 -74.18 -68.70 -76.49
CA GLY H 50 -74.00 -69.07 -77.88
C GLY H 50 -75.12 -68.56 -78.77
N VAL H 51 -76.36 -68.66 -78.28
CA VAL H 51 -77.51 -68.20 -79.06
C VAL H 51 -77.46 -66.68 -79.21
N ARG H 52 -77.31 -65.96 -78.08
CA ARG H 52 -77.52 -64.52 -78.06
C ARG H 52 -76.35 -63.77 -78.69
N ASP H 53 -75.12 -64.21 -78.45
CA ASP H 53 -73.93 -63.50 -78.91
C ASP H 53 -73.31 -64.16 -80.14
N HIS H 54 -72.82 -65.39 -79.99
CA HIS H 54 -72.12 -66.07 -81.06
C HIS H 54 -73.06 -66.60 -82.15
N GLY H 55 -74.37 -66.54 -81.94
CA GLY H 55 -75.31 -66.95 -82.96
C GLY H 55 -75.43 -68.44 -83.15
N GLU H 56 -74.96 -69.25 -82.20
CA GLU H 56 -75.03 -70.70 -82.32
C GLU H 56 -76.27 -71.20 -81.59
N PRO H 57 -77.30 -71.69 -82.28
CA PRO H 57 -78.48 -72.20 -81.58
C PRO H 57 -78.17 -73.50 -80.83
N GLY H 58 -79.09 -73.85 -79.95
CA GLY H 58 -78.83 -74.98 -79.07
C GLY H 58 -80.06 -75.77 -78.68
N VAL H 59 -79.80 -76.99 -78.22
CA VAL H 59 -80.83 -77.86 -77.65
C VAL H 59 -80.39 -78.32 -76.27
N PHE H 60 -81.34 -78.36 -75.34
CA PHE H 60 -81.12 -78.77 -73.96
C PHE H 60 -81.94 -80.03 -73.70
N VAL H 61 -81.26 -81.15 -73.52
CA VAL H 61 -81.89 -82.43 -73.23
C VAL H 61 -81.79 -82.66 -71.72
N THR H 62 -82.95 -82.77 -71.07
CA THR H 62 -83.04 -83.01 -69.64
C THR H 62 -83.62 -84.38 -69.40
N PHE H 63 -83.04 -85.10 -68.44
CA PHE H 63 -83.45 -86.46 -68.13
C PHE H 63 -84.15 -86.57 -66.78
N GLU H 64 -84.28 -85.47 -66.04
CA GLU H 64 -85.04 -85.46 -64.80
C GLU H 64 -85.80 -84.14 -64.66
N GLU H 65 -85.08 -83.02 -64.70
CA GLU H 65 -85.72 -81.72 -64.55
C GLU H 65 -86.73 -81.47 -65.66
N ARG H 66 -87.63 -80.53 -65.42
CA ARG H 66 -88.68 -80.20 -66.37
C ARG H 66 -88.50 -78.79 -66.95
N PRO H 67 -89.12 -78.53 -68.12
CA PRO H 67 -88.81 -77.29 -68.85
C PRO H 67 -89.14 -76.03 -68.07
N GLU H 68 -90.33 -75.97 -67.47
CA GLU H 68 -90.70 -74.79 -66.70
C GLU H 68 -89.70 -74.53 -65.58
N ASP H 69 -89.23 -75.60 -64.93
CA ASP H 69 -88.23 -75.44 -63.88
C ASP H 69 -86.98 -74.75 -64.43
N ILE H 70 -86.43 -75.28 -65.52
CA ILE H 70 -85.22 -74.65 -66.07
C ILE H 70 -85.48 -73.19 -66.42
N VAL H 71 -86.59 -72.92 -67.11
CA VAL H 71 -86.87 -71.57 -67.58
C VAL H 71 -86.94 -70.62 -66.41
N ASN H 72 -87.75 -70.95 -65.40
CA ASN H 72 -87.96 -70.03 -64.29
C ASN H 72 -86.71 -69.91 -63.42
N ASN H 73 -85.86 -70.94 -63.39
CA ASN H 73 -84.64 -70.86 -62.60
C ASN H 73 -83.65 -69.91 -63.24
N VAL H 74 -83.44 -70.02 -64.55
CA VAL H 74 -82.48 -69.14 -65.20
C VAL H 74 -83.05 -67.73 -65.43
N ALA H 75 -84.37 -67.57 -65.47
CA ALA H 75 -84.95 -66.26 -65.72
C ALA H 75 -84.70 -65.29 -64.59
N SER H 76 -84.51 -65.80 -63.35
CA SER H 76 -84.17 -64.92 -62.24
C SER H 76 -82.82 -64.24 -62.42
N LEU H 77 -82.00 -64.71 -63.35
CA LEU H 77 -80.69 -64.14 -63.64
C LEU H 77 -80.70 -63.17 -64.80
N GLY H 78 -81.87 -62.93 -65.40
CA GLY H 78 -81.97 -62.03 -66.54
C GLY H 78 -81.72 -62.66 -67.88
N PHE H 79 -81.63 -63.98 -67.96
CA PHE H 79 -81.35 -64.64 -69.24
C PHE H 79 -82.55 -64.58 -70.18
N GLU H 80 -83.76 -64.60 -69.63
CA GLU H 80 -84.98 -64.47 -70.43
C GLU H 80 -85.06 -65.57 -71.49
N LEU H 81 -85.04 -66.81 -71.02
CA LEU H 81 -85.09 -67.96 -71.92
C LEU H 81 -86.43 -68.06 -72.66
N ASP H 82 -87.47 -67.42 -72.13
CA ASP H 82 -88.79 -67.47 -72.76
C ASP H 82 -88.73 -66.92 -74.17
N LYS H 83 -88.15 -65.72 -74.32
CA LYS H 83 -88.08 -65.08 -75.63
C LYS H 83 -87.30 -65.94 -76.61
N LEU H 84 -86.20 -66.54 -76.16
CA LEU H 84 -85.40 -67.39 -77.04
C LEU H 84 -86.21 -68.60 -77.51
N ILE H 85 -86.88 -69.28 -76.58
CA ILE H 85 -87.68 -70.44 -76.97
C ILE H 85 -88.74 -70.03 -77.99
N GLU H 86 -89.47 -68.94 -77.71
CA GLU H 86 -90.48 -68.49 -78.65
C GLU H 86 -89.88 -68.11 -79.99
N GLU H 87 -88.60 -67.70 -80.01
CA GLU H 87 -87.93 -67.32 -81.25
C GLU H 87 -87.26 -68.48 -81.96
N GLU H 88 -87.23 -69.67 -81.36
CA GLU H 88 -86.75 -70.88 -82.01
C GLU H 88 -85.22 -70.89 -82.15
N LYS H 89 -84.53 -70.34 -81.17
CA LYS H 89 -83.07 -70.39 -81.12
C LYS H 89 -82.57 -71.45 -80.14
N ILE H 90 -83.41 -71.84 -79.20
CA ILE H 90 -83.06 -72.80 -78.16
C ILE H 90 -84.23 -73.75 -77.97
N ALA H 91 -83.94 -75.04 -78.01
CA ALA H 91 -84.94 -76.09 -77.82
C ALA H 91 -84.75 -76.74 -76.46
N ILE H 92 -85.85 -77.27 -75.91
CA ILE H 92 -85.83 -77.95 -74.63
C ILE H 92 -86.59 -79.26 -74.79
N GLU H 93 -85.94 -80.37 -74.48
CA GLU H 93 -86.51 -81.70 -74.68
C GLU H 93 -86.31 -82.54 -73.43
N HIS H 94 -87.39 -83.17 -72.97
CA HIS H 94 -87.34 -84.03 -71.80
C HIS H 94 -87.15 -85.49 -72.21
N ILE H 95 -86.57 -86.27 -71.32
CA ILE H 95 -86.34 -87.69 -71.56
C ILE H 95 -86.98 -88.51 -70.43
N LEU H 110 -86.01 -97.54 -77.79
CA LEU H 110 -84.74 -97.08 -77.25
C LEU H 110 -84.00 -96.20 -78.27
N GLU H 111 -84.45 -96.25 -79.52
CA GLU H 111 -83.85 -95.46 -80.58
C GLU H 111 -84.68 -94.24 -81.00
N GLY H 112 -85.99 -94.26 -80.74
CA GLY H 112 -86.83 -93.14 -81.11
C GLY H 112 -86.42 -91.82 -80.47
N LEU H 113 -85.70 -91.88 -79.34
CA LEU H 113 -85.26 -90.65 -78.70
C LEU H 113 -84.20 -89.94 -79.53
N PHE H 114 -83.37 -90.70 -80.26
CA PHE H 114 -82.46 -90.07 -81.20
C PHE H 114 -83.21 -89.24 -82.23
N LEU H 115 -84.31 -89.78 -82.79
CA LEU H 115 -85.08 -89.05 -83.78
C LEU H 115 -85.82 -87.87 -83.14
N ARG H 116 -86.25 -88.02 -81.90
CA ARG H 116 -86.82 -86.89 -81.16
C ARG H 116 -85.82 -85.74 -81.07
N LEU H 117 -84.59 -86.06 -80.64
CA LEU H 117 -83.52 -85.06 -80.62
C LEU H 117 -83.30 -84.46 -81.99
N GLU H 118 -83.34 -85.30 -83.03
CA GLU H 118 -83.15 -84.80 -84.39
C GLU H 118 -84.23 -83.79 -84.76
N LEU H 119 -85.48 -84.12 -84.46
CA LEU H 119 -86.59 -83.20 -84.74
C LEU H 119 -86.36 -81.86 -84.07
N ALA H 120 -86.09 -81.87 -82.77
CA ALA H 120 -85.91 -80.59 -82.05
C ALA H 120 -84.68 -79.84 -82.58
N ILE H 121 -83.58 -80.56 -82.77
CA ILE H 121 -82.33 -79.94 -83.21
C ILE H 121 -82.54 -79.24 -84.55
N ASP H 122 -83.21 -79.90 -85.49
CA ASP H 122 -83.44 -79.28 -86.79
C ASP H 122 -84.53 -78.23 -86.75
N THR H 123 -85.45 -78.29 -85.78
CA THR H 123 -86.41 -77.22 -85.60
C THR H 123 -85.70 -75.92 -85.26
N VAL H 124 -84.68 -75.99 -84.40
CA VAL H 124 -83.96 -74.77 -84.00
C VAL H 124 -82.60 -74.64 -84.70
N GLY H 125 -82.31 -75.48 -85.69
CA GLY H 125 -81.01 -75.50 -86.32
C GLY H 125 -79.87 -75.47 -85.31
N ALA H 126 -79.89 -76.39 -84.35
CA ALA H 126 -78.95 -76.35 -83.24
C ALA H 126 -77.56 -76.81 -83.65
N LYS H 127 -76.54 -76.12 -83.14
CA LYS H 127 -75.16 -76.56 -83.22
C LYS H 127 -74.54 -76.79 -81.85
N ARG H 128 -75.22 -76.43 -80.77
CA ARG H 128 -74.76 -76.73 -79.42
C ARG H 128 -75.80 -77.60 -78.71
N VAL H 129 -75.33 -78.53 -77.90
CA VAL H 129 -76.22 -79.49 -77.23
C VAL H 129 -75.78 -79.64 -75.78
N VAL H 130 -76.76 -79.76 -74.90
CA VAL H 130 -76.54 -79.99 -73.48
C VAL H 130 -77.30 -81.24 -73.06
N LEU H 131 -76.68 -82.05 -72.21
CA LEU H 131 -77.27 -83.28 -71.69
C LEU H 131 -77.16 -83.27 -70.18
N ASP H 132 -78.29 -83.15 -69.49
CA ASP H 132 -78.30 -82.97 -68.03
C ASP H 132 -78.95 -84.16 -67.35
N THR H 133 -78.31 -84.66 -66.29
CA THR H 133 -78.87 -85.68 -65.42
C THR H 133 -79.06 -87.02 -66.15
N ILE H 134 -78.07 -87.40 -66.96
CA ILE H 134 -78.10 -88.67 -67.69
C ILE H 134 -77.95 -89.88 -66.78
N GLU H 135 -77.58 -89.65 -65.52
CA GLU H 135 -77.54 -90.74 -64.55
C GLU H 135 -78.92 -91.39 -64.42
N SER H 136 -79.99 -90.61 -64.59
CA SER H 136 -81.33 -91.18 -64.56
C SER H 136 -81.56 -92.13 -65.74
N LEU H 137 -81.07 -91.74 -66.92
CA LEU H 137 -81.13 -92.63 -68.08
C LEU H 137 -80.44 -93.96 -67.78
N PHE H 138 -79.23 -93.90 -67.25
CA PHE H 138 -78.53 -95.13 -66.90
C PHE H 138 -79.32 -95.93 -65.87
N SER H 139 -79.85 -95.28 -64.84
CA SER H 139 -80.64 -95.98 -63.84
C SER H 139 -81.82 -96.69 -64.49
N ALA H 140 -82.42 -96.06 -65.51
CA ALA H 140 -83.55 -96.68 -66.20
C ALA H 140 -83.12 -97.95 -66.91
N PHE H 141 -82.02 -97.88 -67.68
CA PHE H 141 -81.56 -99.11 -68.36
C PHE H 141 -80.05 -99.03 -68.58
N SER H 142 -79.30 -99.55 -67.59
CA SER H 142 -77.85 -99.64 -67.67
C SER H 142 -77.36 -101.08 -67.82
N ASN H 143 -78.17 -101.93 -68.45
CA ASN H 143 -77.73 -103.28 -68.84
C ASN H 143 -76.38 -103.17 -69.53
N PRO H 144 -75.28 -103.62 -68.89
CA PRO H 144 -73.93 -103.21 -69.35
C PRO H 144 -73.75 -103.10 -70.86
N ALA H 145 -74.20 -104.12 -71.58
CA ALA H 145 -74.09 -104.11 -73.04
C ALA H 145 -74.78 -102.88 -73.62
N ILE H 146 -76.09 -102.77 -73.41
CA ILE H 146 -76.85 -101.65 -73.94
C ILE H 146 -76.33 -100.33 -73.39
N LEU H 147 -75.88 -100.33 -72.14
CA LEU H 147 -75.31 -99.12 -71.53
C LEU H 147 -74.17 -98.58 -72.38
N ARG H 148 -73.10 -99.36 -72.51
CA ARG H 148 -71.94 -98.90 -73.28
C ARG H 148 -72.31 -98.62 -74.73
N ALA H 149 -73.16 -99.48 -75.31
CA ALA H 149 -73.57 -99.29 -76.70
C ALA H 149 -74.22 -97.93 -76.91
N GLU H 150 -75.24 -97.62 -76.09
CA GLU H 150 -75.95 -96.36 -76.23
C GLU H 150 -75.05 -95.17 -75.91
N ILE H 151 -74.16 -95.32 -74.93
CA ILE H 151 -73.24 -94.22 -74.61
C ILE H 151 -72.39 -93.87 -75.82
N ARG H 152 -71.70 -94.88 -76.38
CA ARG H 152 -70.84 -94.65 -77.53
C ARG H 152 -71.66 -94.14 -78.72
N ARG H 153 -72.85 -94.67 -78.92
CA ARG H 153 -73.70 -94.24 -80.02
C ARG H 153 -74.06 -92.76 -79.89
N LEU H 154 -74.42 -92.33 -78.67
CA LEU H 154 -74.78 -90.93 -78.45
C LEU H 154 -73.59 -90.02 -78.73
N PHE H 155 -72.43 -90.35 -78.18
CA PHE H 155 -71.25 -89.53 -78.42
C PHE H 155 -70.93 -89.45 -79.91
N ASP H 156 -71.04 -90.58 -80.62
CA ASP H 156 -70.70 -90.58 -82.04
C ASP H 156 -71.72 -89.79 -82.85
N TRP H 157 -73.00 -89.85 -82.49
CA TRP H 157 -74.01 -89.05 -83.19
C TRP H 157 -73.73 -87.56 -83.02
N LEU H 158 -73.43 -87.15 -81.78
CA LEU H 158 -73.13 -85.75 -81.54
C LEU H 158 -71.91 -85.30 -82.35
N LYS H 159 -70.84 -86.11 -82.33
CA LYS H 159 -69.67 -85.78 -83.13
C LYS H 159 -70.01 -85.70 -84.61
N GLU H 160 -70.83 -86.64 -85.10
CA GLU H 160 -71.19 -86.66 -86.52
C GLU H 160 -71.86 -85.35 -86.92
N ARG H 161 -72.88 -84.94 -86.16
CA ARG H 161 -73.52 -83.67 -86.48
C ARG H 161 -72.73 -82.46 -85.97
N GLY H 162 -71.53 -82.67 -85.45
CA GLY H 162 -70.69 -81.56 -85.08
C GLY H 162 -71.24 -80.72 -83.95
N LEU H 163 -72.19 -81.26 -83.21
CA LEU H 163 -72.82 -80.53 -82.13
C LEU H 163 -71.84 -80.41 -80.96
N THR H 164 -71.47 -79.19 -80.60
CA THR H 164 -70.64 -79.02 -79.41
C THR H 164 -71.45 -79.46 -78.20
N THR H 165 -71.04 -80.55 -77.56
CA THR H 165 -71.85 -81.20 -76.53
C THR H 165 -71.28 -80.92 -75.16
N VAL H 166 -72.18 -80.66 -74.21
CA VAL H 166 -71.86 -80.54 -72.79
C VAL H 166 -72.67 -81.59 -72.05
N ILE H 167 -72.07 -82.19 -71.02
CA ILE H 167 -72.72 -83.22 -70.22
C ILE H 167 -72.60 -82.82 -68.75
N THR H 168 -73.64 -83.11 -67.98
CA THR H 168 -73.67 -82.83 -66.55
C THR H 168 -73.68 -84.15 -65.78
N ALA H 169 -72.69 -84.35 -64.92
CA ALA H 169 -72.61 -85.52 -64.06
C ALA H 169 -72.42 -85.06 -62.62
N GLU H 170 -72.94 -85.88 -61.69
CA GLU H 170 -72.88 -85.58 -60.27
C GLU H 170 -71.92 -86.53 -59.58
N ARG H 171 -71.06 -85.98 -58.72
CA ARG H 171 -70.05 -86.74 -58.01
C ARG H 171 -70.34 -86.64 -56.52
N GLY H 172 -70.56 -87.79 -55.88
CA GLY H 172 -70.85 -87.82 -54.46
C GLY H 172 -69.91 -88.75 -53.70
N ASP H 173 -69.75 -89.98 -54.20
CA ASP H 173 -68.85 -90.93 -53.57
C ASP H 173 -67.42 -90.43 -53.59
N GLY H 174 -66.93 -90.07 -54.76
CA GLY H 174 -65.55 -89.61 -54.91
C GLY H 174 -65.14 -89.63 -56.37
N ALA H 175 -63.84 -89.77 -56.58
CA ALA H 175 -63.26 -89.76 -57.94
C ALA H 175 -63.66 -88.42 -58.56
N LEU H 176 -64.10 -88.40 -59.82
CA LEU H 176 -64.61 -87.19 -60.46
C LEU H 176 -66.09 -87.27 -60.82
N THR H 177 -66.61 -88.48 -61.04
CA THR H 177 -68.02 -88.66 -61.36
C THR H 177 -68.52 -89.93 -60.67
N ARG H 178 -69.85 -90.06 -60.60
CA ARG H 178 -70.45 -91.18 -59.90
C ARG H 178 -70.11 -92.52 -60.57
N GLN H 179 -70.33 -92.60 -61.88
CA GLN H 179 -70.08 -93.86 -62.59
C GLN H 179 -68.62 -94.28 -62.46
N GLY H 180 -67.71 -93.34 -62.24
CA GLY H 180 -66.29 -93.63 -62.17
C GLY H 180 -65.62 -93.89 -63.49
N LEU H 181 -66.38 -94.04 -64.58
CA LEU H 181 -65.81 -94.26 -65.90
C LEU H 181 -66.36 -93.31 -66.95
N GLU H 182 -67.28 -92.41 -66.59
CA GLU H 182 -67.78 -91.41 -67.53
C GLU H 182 -66.78 -90.30 -67.79
N GLU H 183 -65.71 -90.20 -66.99
CA GLU H 183 -64.65 -89.25 -67.27
C GLU H 183 -63.70 -89.76 -68.35
N TYR H 184 -63.60 -91.08 -68.50
CA TYR H 184 -62.76 -91.70 -69.52
C TYR H 184 -63.44 -91.78 -70.87
N VAL H 185 -64.67 -91.28 -71.00
CA VAL H 185 -65.39 -91.27 -72.27
C VAL H 185 -65.66 -89.82 -72.67
N SER H 186 -64.80 -88.91 -72.24
CA SER H 186 -64.95 -87.50 -72.54
C SER H 186 -63.58 -86.89 -72.81
N ASP H 187 -63.56 -85.87 -73.68
CA ASP H 187 -62.31 -85.23 -74.04
C ASP H 187 -61.88 -84.20 -73.00
N CYS H 188 -62.82 -83.41 -72.49
CA CYS H 188 -62.54 -82.34 -71.54
C CYS H 188 -63.35 -82.56 -70.27
N VAL H 189 -62.76 -82.22 -69.12
CA VAL H 189 -63.37 -82.43 -67.82
C VAL H 189 -63.19 -81.17 -66.98
N ILE H 190 -64.31 -80.60 -66.53
CA ILE H 190 -64.32 -79.38 -65.72
C ILE H 190 -65.04 -79.70 -64.42
N LEU H 191 -64.29 -79.66 -63.31
CA LEU H 191 -64.83 -79.98 -61.99
C LEU H 191 -65.20 -78.71 -61.25
N LEU H 192 -66.45 -78.64 -60.77
CA LEU H 192 -66.94 -77.55 -59.95
C LEU H 192 -67.14 -78.03 -58.53
N ASP H 193 -66.80 -77.18 -57.56
CA ASP H 193 -66.99 -77.52 -56.16
C ASP H 193 -67.34 -76.27 -55.38
N HIS H 194 -67.88 -76.48 -54.17
CA HIS H 194 -68.36 -75.41 -53.29
C HIS H 194 -67.79 -75.68 -51.90
N ARG H 195 -66.54 -75.29 -51.69
CA ARG H 195 -65.83 -75.68 -50.47
C ARG H 195 -66.09 -74.69 -49.35
N VAL H 196 -66.13 -75.22 -48.13
CA VAL H 196 -66.40 -74.44 -46.92
C VAL H 196 -65.13 -74.39 -46.08
N GLU H 197 -64.57 -73.19 -45.93
CA GLU H 197 -63.44 -72.96 -45.05
C GLU H 197 -63.87 -72.05 -43.90
N ASN H 198 -63.39 -72.36 -42.70
CA ASN H 198 -63.85 -71.66 -41.49
C ASN H 198 -65.36 -71.81 -41.39
N GLN H 199 -66.10 -70.77 -41.80
CA GLN H 199 -67.55 -70.86 -41.93
C GLN H 199 -68.03 -70.17 -43.20
N ILE H 200 -67.12 -69.86 -44.12
CA ILE H 200 -67.44 -69.18 -45.37
C ILE H 200 -67.17 -70.13 -46.52
N SER H 201 -68.04 -70.12 -47.52
CA SER H 201 -67.94 -71.02 -48.66
C SER H 201 -67.54 -70.26 -49.92
N THR H 202 -66.65 -70.86 -50.69
CA THR H 202 -66.21 -70.32 -51.97
C THR H 202 -66.37 -71.40 -53.03
N ARG H 203 -66.81 -70.98 -54.22
CA ARG H 203 -67.03 -71.86 -55.35
C ARG H 203 -65.81 -71.84 -56.25
N ARG H 204 -65.29 -73.03 -56.57
CA ARG H 204 -64.02 -73.19 -57.25
C ARG H 204 -64.19 -74.12 -58.44
N LEU H 205 -63.70 -73.71 -59.61
CA LEU H 205 -63.71 -74.56 -60.78
C LEU H 205 -62.28 -74.91 -61.17
N ARG H 206 -62.12 -76.12 -61.70
CA ARG H 206 -60.83 -76.62 -62.16
C ARG H 206 -61.04 -77.32 -63.50
N ILE H 207 -60.00 -77.29 -64.33
CA ILE H 207 -59.99 -77.99 -65.59
C ILE H 207 -59.02 -79.17 -65.43
N VAL H 208 -59.58 -80.36 -65.22
CA VAL H 208 -58.74 -81.51 -64.90
C VAL H 208 -57.95 -81.95 -66.13
N LYS H 209 -58.62 -82.09 -67.27
CA LYS H 209 -57.97 -82.52 -68.49
C LYS H 209 -58.65 -81.84 -69.67
N TYR H 210 -57.82 -81.37 -70.62
CA TYR H 210 -58.29 -80.64 -71.81
C TYR H 210 -57.35 -81.03 -72.96
N ARG H 211 -57.60 -82.21 -73.51
CA ARG H 211 -56.73 -82.74 -74.55
C ARG H 211 -56.73 -81.81 -75.77
N GLY H 212 -55.53 -81.46 -76.24
CA GLY H 212 -55.34 -80.69 -77.44
C GLY H 212 -54.89 -79.26 -77.22
N THR H 213 -55.12 -78.71 -76.03
CA THR H 213 -54.80 -77.32 -75.75
C THR H 213 -54.25 -77.18 -74.35
N ALA H 214 -53.67 -76.01 -74.08
CA ALA H 214 -53.29 -75.65 -72.72
C ALA H 214 -54.50 -75.08 -71.98
N HIS H 215 -54.52 -75.27 -70.67
CA HIS H 215 -55.64 -74.83 -69.85
C HIS H 215 -55.11 -74.36 -68.51
N GLY H 216 -56.01 -73.76 -67.73
CA GLY H 216 -55.67 -73.33 -66.39
C GLY H 216 -55.60 -74.48 -65.40
N THR H 217 -54.39 -74.98 -65.16
CA THR H 217 -54.22 -76.13 -64.27
C THR H 217 -54.65 -75.82 -62.85
N ASN H 218 -54.69 -74.54 -62.46
CA ASN H 218 -55.04 -74.18 -61.10
C ASN H 218 -56.56 -74.21 -60.90
N GLU H 219 -56.96 -74.06 -59.64
CA GLU H 219 -58.36 -73.87 -59.29
C GLU H 219 -58.66 -72.38 -59.25
N TYR H 220 -59.71 -71.96 -59.94
CA TYR H 220 -60.08 -70.56 -59.99
C TYR H 220 -61.43 -70.35 -59.34
N PRO H 221 -61.52 -69.47 -58.35
CA PRO H 221 -62.83 -69.15 -57.76
C PRO H 221 -63.72 -68.41 -58.73
N PHE H 222 -64.98 -68.86 -58.82
CA PHE H 222 -65.98 -68.23 -59.66
C PHE H 222 -67.19 -67.88 -58.81
N LEU H 223 -68.06 -67.03 -59.37
CA LEU H 223 -69.25 -66.58 -58.66
C LEU H 223 -70.48 -66.80 -59.51
N ILE H 224 -71.60 -67.03 -58.82
CA ILE H 224 -72.91 -67.19 -59.44
C ILE H 224 -73.81 -66.13 -58.81
N ASP H 225 -74.20 -65.13 -59.61
CA ASP H 225 -75.01 -64.03 -59.11
C ASP H 225 -75.97 -63.58 -60.20
N THR H 226 -76.72 -62.52 -59.92
CA THR H 226 -77.73 -62.05 -60.84
C THR H 226 -77.15 -61.71 -62.21
N ASP H 227 -75.89 -61.25 -62.25
CA ASP H 227 -75.28 -60.91 -63.53
C ASP H 227 -75.04 -62.16 -64.38
N GLY H 228 -74.79 -63.30 -63.75
CA GLY H 228 -74.54 -64.54 -64.45
C GLY H 228 -73.29 -65.22 -63.95
N PHE H 229 -73.10 -66.46 -64.42
CA PHE H 229 -71.92 -67.23 -64.09
C PHE H 229 -70.67 -66.46 -64.50
N SER H 230 -69.86 -66.04 -63.53
CA SER H 230 -68.71 -65.18 -63.81
C SER H 230 -67.45 -65.80 -63.23
N VAL H 231 -66.48 -66.05 -64.08
CA VAL H 231 -65.11 -66.36 -63.67
C VAL H 231 -64.32 -65.07 -63.76
N LEU H 232 -63.70 -64.68 -62.66
CA LEU H 232 -62.95 -63.43 -62.63
C LEU H 232 -62.00 -63.39 -63.83
N PRO H 233 -61.97 -62.28 -64.58
CA PRO H 233 -60.98 -62.19 -65.68
C PRO H 233 -59.57 -62.07 -65.12
N VAL H 234 -59.13 -63.14 -64.45
CA VAL H 234 -57.88 -63.09 -63.70
C VAL H 234 -56.70 -62.79 -64.63
N SER H 235 -56.70 -63.41 -65.80
CA SER H 235 -55.59 -63.25 -66.75
C SER H 235 -55.83 -62.14 -67.76
N ALA H 236 -56.92 -61.38 -67.63
CA ALA H 236 -57.16 -60.27 -68.55
C ALA H 236 -55.94 -59.37 -68.64
N LEU H 237 -55.49 -58.86 -67.49
CA LEU H 237 -54.35 -57.94 -67.47
C LEU H 237 -53.68 -58.01 -66.11
N GLY H 238 -52.36 -58.13 -66.10
CA GLY H 238 -51.59 -58.21 -64.87
C GLY H 238 -50.45 -57.21 -64.81
N LEU H 239 -49.22 -57.70 -64.96
CA LEU H 239 -48.04 -56.83 -64.95
C LEU H 239 -47.89 -56.12 -66.30
N LEU H 240 -48.91 -55.33 -66.62
CA LEU H 240 -48.96 -54.52 -67.83
C LEU H 240 -49.26 -53.07 -67.45
N HIS H 241 -48.61 -52.58 -66.40
CA HIS H 241 -48.96 -51.29 -65.83
C HIS H 241 -48.86 -50.18 -66.87
N GLN H 242 -49.77 -49.22 -66.79
CA GLN H 242 -49.68 -48.02 -67.58
C GLN H 242 -48.60 -47.10 -67.02
N VAL H 243 -47.80 -46.53 -67.89
CA VAL H 243 -46.73 -45.61 -67.52
C VAL H 243 -47.24 -44.19 -67.80
N HIS H 244 -47.50 -43.45 -66.72
CA HIS H 244 -47.99 -42.07 -66.82
C HIS H 244 -46.95 -41.16 -66.16
N GLU H 245 -46.33 -40.29 -66.95
CA GLU H 245 -45.39 -39.32 -66.44
C GLU H 245 -46.06 -38.04 -65.99
N GLU H 246 -47.38 -37.93 -66.16
CA GLU H 246 -48.14 -36.85 -65.54
C GLU H 246 -48.38 -37.18 -64.07
N ARG H 247 -48.61 -36.13 -63.28
CA ARG H 247 -48.65 -36.25 -61.83
C ARG H 247 -50.03 -35.87 -61.30
N ILE H 248 -50.31 -36.33 -60.09
CA ILE H 248 -51.60 -36.16 -59.44
C ILE H 248 -51.43 -35.30 -58.20
N ALA H 249 -52.49 -34.60 -57.83
CA ALA H 249 -52.50 -33.75 -56.64
C ALA H 249 -53.22 -34.46 -55.51
N SER H 250 -52.63 -34.39 -54.32
CA SER H 250 -53.19 -35.03 -53.14
C SER H 250 -54.20 -34.15 -52.40
N GLY H 251 -54.28 -32.87 -52.74
CA GLY H 251 -55.04 -31.91 -51.96
C GLY H 251 -54.26 -31.32 -50.81
N VAL H 252 -53.10 -31.87 -50.47
CA VAL H 252 -52.22 -31.30 -49.45
C VAL H 252 -51.04 -30.64 -50.17
N PRO H 253 -51.08 -29.32 -50.37
CA PRO H 253 -50.04 -28.67 -51.20
C PRO H 253 -48.64 -28.93 -50.70
N ASP H 254 -48.43 -28.98 -49.39
CA ASP H 254 -47.09 -29.20 -48.87
C ASP H 254 -46.62 -30.63 -49.11
N LEU H 255 -47.54 -31.60 -49.02
CA LEU H 255 -47.17 -32.97 -49.36
C LEU H 255 -46.78 -33.06 -50.83
N ASP H 256 -47.52 -32.38 -51.71
CA ASP H 256 -47.14 -32.38 -53.12
C ASP H 256 -45.80 -31.67 -53.32
N ALA H 257 -45.55 -30.60 -52.56
CA ALA H 257 -44.31 -29.86 -52.69
C ALA H 257 -43.12 -30.62 -52.13
N MET H 258 -43.36 -31.61 -51.28
CA MET H 258 -42.27 -32.48 -50.83
C MET H 258 -41.68 -33.31 -51.96
N MET H 259 -42.29 -33.30 -53.15
CA MET H 259 -41.87 -34.14 -54.27
C MET H 259 -41.50 -33.28 -55.46
N ALA H 260 -40.58 -33.80 -56.28
CA ALA H 260 -40.18 -33.14 -57.51
C ALA H 260 -41.20 -33.41 -58.59
N GLY H 261 -41.81 -32.34 -59.13
CA GLY H 261 -42.76 -32.44 -60.21
C GLY H 261 -44.19 -32.11 -59.82
N GLY H 262 -44.50 -32.05 -58.54
CA GLY H 262 -45.82 -31.64 -58.08
C GLY H 262 -46.68 -32.71 -57.47
N GLY H 263 -46.14 -33.89 -57.19
CA GLY H 263 -46.88 -34.94 -56.54
C GLY H 263 -46.55 -36.29 -57.12
N PHE H 264 -47.28 -37.31 -56.67
CA PHE H 264 -47.08 -38.67 -57.14
C PHE H 264 -47.52 -38.80 -58.59
N PHE H 265 -46.91 -39.74 -59.31
CA PHE H 265 -47.34 -40.04 -60.67
C PHE H 265 -48.79 -40.53 -60.66
N ARG H 266 -49.51 -40.23 -61.73
CA ARG H 266 -50.93 -40.59 -61.78
C ARG H 266 -51.11 -42.10 -61.62
N GLY H 267 -50.45 -42.88 -62.48
CA GLY H 267 -50.48 -44.32 -62.34
C GLY H 267 -49.57 -44.77 -61.21
N SER H 268 -50.12 -44.92 -60.01
CA SER H 268 -49.28 -45.15 -58.84
C SER H 268 -50.07 -45.91 -57.78
N SER H 269 -49.32 -46.57 -56.89
CA SER H 269 -49.84 -47.24 -55.71
C SER H 269 -49.21 -46.56 -54.50
N ILE H 270 -50.04 -45.88 -53.71
CA ILE H 270 -49.59 -45.11 -52.56
C ILE H 270 -49.99 -45.88 -51.30
N LEU H 271 -49.18 -45.73 -50.26
CA LEU H 271 -49.36 -46.44 -49.00
C LEU H 271 -49.34 -45.41 -47.88
N VAL H 272 -50.52 -45.07 -47.35
CA VAL H 272 -50.63 -44.20 -46.17
C VAL H 272 -50.66 -45.15 -44.97
N SER H 273 -49.49 -45.39 -44.39
CA SER H 273 -49.38 -46.27 -43.24
C SER H 273 -49.31 -45.44 -41.97
N GLY H 274 -49.74 -46.03 -40.86
CA GLY H 274 -49.63 -45.34 -39.59
C GLY H 274 -50.14 -46.19 -38.44
N VAL H 275 -50.07 -45.60 -37.25
CA VAL H 275 -50.70 -46.16 -36.06
C VAL H 275 -52.08 -45.54 -35.96
N ALA H 276 -52.92 -46.08 -35.07
CA ALA H 276 -54.27 -45.53 -34.91
C ALA H 276 -54.21 -44.08 -34.47
N GLY H 277 -55.09 -43.26 -35.04
CA GLY H 277 -55.13 -41.85 -34.71
C GLY H 277 -54.15 -40.99 -35.45
N ALA H 278 -53.58 -41.48 -36.55
CA ALA H 278 -52.57 -40.75 -37.30
C ALA H 278 -53.13 -40.03 -38.52
N GLY H 279 -54.45 -40.08 -38.73
CA GLY H 279 -55.05 -39.36 -39.85
C GLY H 279 -54.82 -39.97 -41.22
N LYS H 280 -54.49 -41.26 -41.27
CA LYS H 280 -54.29 -41.92 -42.55
C LYS H 280 -55.56 -41.87 -43.41
N SER H 281 -56.70 -42.21 -42.81
CA SER H 281 -57.97 -42.12 -43.52
C SER H 281 -58.23 -40.68 -43.96
N SER H 282 -57.81 -39.71 -43.16
CA SER H 282 -58.04 -38.31 -43.52
C SER H 282 -57.24 -37.93 -44.77
N LEU H 283 -55.96 -38.34 -44.82
CA LEU H 283 -55.16 -38.02 -46.00
C LEU H 283 -55.71 -38.71 -47.24
N ALA H 284 -56.16 -39.97 -47.09
CA ALA H 284 -56.76 -40.65 -48.24
C ALA H 284 -58.04 -39.94 -48.70
N ALA H 285 -58.85 -39.49 -47.74
CA ALA H 285 -60.06 -38.74 -48.09
C ALA H 285 -59.71 -37.45 -48.81
N HIS H 286 -58.61 -36.81 -48.42
CA HIS H 286 -58.16 -35.61 -49.13
C HIS H 286 -57.78 -35.93 -50.57
N PHE H 287 -57.04 -37.02 -50.77
CA PHE H 287 -56.76 -37.48 -52.13
C PHE H 287 -58.04 -37.60 -52.94
N ALA H 288 -59.03 -38.31 -52.39
CA ALA H 288 -60.26 -38.58 -53.14
C ALA H 288 -61.02 -37.28 -53.42
N ALA H 289 -61.09 -36.39 -52.43
CA ALA H 289 -61.79 -35.13 -52.64
C ALA H 289 -61.11 -34.28 -53.70
N ALA H 290 -59.77 -34.33 -53.75
CA ALA H 290 -59.06 -33.62 -54.82
C ALA H 290 -59.41 -34.21 -56.18
N ALA H 291 -59.46 -35.54 -56.27
CA ALA H 291 -59.88 -36.17 -57.52
C ALA H 291 -61.25 -35.65 -57.94
N CYS H 292 -62.21 -35.64 -57.00
CA CYS H 292 -63.56 -35.19 -57.33
C CYS H 292 -63.60 -33.70 -57.65
N ALA H 293 -62.67 -32.93 -57.08
CA ALA H 293 -62.64 -31.49 -57.34
C ALA H 293 -62.09 -31.17 -58.72
N ARG H 294 -61.19 -32.00 -59.23
CA ARG H 294 -60.63 -31.79 -60.56
C ARG H 294 -61.61 -32.18 -61.67
N GLY H 295 -62.86 -32.49 -61.35
CA GLY H 295 -63.80 -32.97 -62.34
C GLY H 295 -63.75 -34.45 -62.61
N GLU H 296 -62.98 -35.19 -61.82
CA GLU H 296 -62.82 -36.63 -62.01
C GLU H 296 -63.79 -37.38 -61.12
N ARG H 297 -63.58 -38.69 -60.98
CA ARG H 297 -64.53 -39.58 -60.35
C ARG H 297 -63.77 -40.64 -59.56
N ALA H 298 -64.16 -40.87 -58.30
CA ALA H 298 -63.34 -41.61 -57.36
C ALA H 298 -64.17 -42.52 -56.46
N MET H 299 -63.50 -43.55 -55.95
CA MET H 299 -64.09 -44.53 -55.05
C MET H 299 -63.38 -44.53 -53.71
N TYR H 300 -64.16 -44.70 -52.65
CA TYR H 300 -63.65 -45.02 -51.32
C TYR H 300 -64.17 -46.41 -50.96
N PHE H 301 -63.29 -47.25 -50.43
CA PHE H 301 -63.62 -48.61 -50.02
C PHE H 301 -63.27 -48.69 -48.53
N SER H 302 -64.25 -48.39 -47.69
CA SER H 302 -64.06 -48.44 -46.25
C SER H 302 -64.36 -49.84 -45.74
N PHE H 303 -63.40 -50.42 -45.02
CA PHE H 303 -63.54 -51.74 -44.46
C PHE H 303 -63.66 -51.73 -42.95
N GLU H 304 -63.91 -50.56 -42.35
CA GLU H 304 -64.13 -50.51 -40.90
C GLU H 304 -64.92 -49.27 -40.47
N GLU H 305 -65.62 -48.59 -41.37
CA GLU H 305 -66.31 -47.36 -41.02
C GLU H 305 -67.46 -47.13 -42.00
N ALA H 306 -68.47 -46.40 -41.53
CA ALA H 306 -69.65 -46.12 -42.32
C ALA H 306 -69.45 -44.85 -43.16
N ALA H 307 -70.25 -44.74 -44.23
CA ALA H 307 -70.11 -43.61 -45.15
C ALA H 307 -70.59 -42.32 -44.51
N ASP H 308 -71.77 -42.35 -43.88
CA ASP H 308 -72.28 -41.17 -43.21
C ASP H 308 -71.38 -40.76 -42.05
N GLN H 309 -70.89 -41.74 -41.29
CA GLN H 309 -69.91 -41.47 -40.24
C GLN H 309 -68.67 -40.80 -40.82
N ALA H 310 -68.22 -41.27 -41.98
CA ALA H 310 -67.04 -40.69 -42.61
C ALA H 310 -67.28 -39.23 -43.01
N VAL H 311 -68.43 -38.96 -43.62
CA VAL H 311 -68.77 -37.59 -44.00
C VAL H 311 -68.77 -36.70 -42.77
N ARG H 312 -69.47 -37.11 -41.71
CA ARG H 312 -69.52 -36.31 -40.50
C ARG H 312 -68.13 -36.06 -39.94
N ASN H 313 -67.31 -37.11 -39.88
CA ASN H 313 -66.01 -36.99 -39.22
C ASN H 313 -65.06 -36.11 -40.02
N MET H 314 -65.06 -36.23 -41.35
CA MET H 314 -64.18 -35.41 -42.17
C MET H 314 -64.67 -33.97 -42.26
N ARG H 315 -65.96 -33.72 -42.06
CA ARG H 315 -66.42 -32.34 -41.99
C ARG H 315 -65.77 -31.59 -40.84
N SER H 316 -65.19 -32.31 -39.87
CA SER H 316 -64.42 -31.64 -38.82
C SER H 316 -63.12 -31.07 -39.39
N LEU H 317 -62.46 -31.82 -40.27
CA LEU H 317 -61.25 -31.33 -40.92
C LEU H 317 -61.54 -30.42 -42.10
N GLY H 318 -62.81 -30.26 -42.49
CA GLY H 318 -63.23 -29.22 -43.40
C GLY H 318 -63.68 -29.71 -44.75
N LEU H 319 -63.38 -30.95 -45.11
CA LEU H 319 -63.87 -31.52 -46.35
C LEU H 319 -65.39 -31.65 -46.29
N ASP H 320 -66.02 -31.50 -47.45
CA ASP H 320 -67.47 -31.72 -47.59
C ASP H 320 -67.68 -32.81 -48.64
N LEU H 321 -67.27 -34.03 -48.29
CA LEU H 321 -67.39 -35.16 -49.20
C LEU H 321 -68.84 -35.40 -49.63
N GLY H 322 -69.80 -34.84 -48.90
CA GLY H 322 -71.19 -35.06 -49.25
C GLY H 322 -71.56 -34.46 -50.59
N ARG H 323 -71.00 -33.28 -50.92
CA ARG H 323 -71.28 -32.68 -52.21
C ARG H 323 -70.85 -33.60 -53.35
N TRP H 324 -69.64 -34.15 -53.26
CA TRP H 324 -69.15 -35.02 -54.32
C TRP H 324 -69.93 -36.32 -54.36
N ARG H 325 -70.26 -36.88 -53.20
CA ARG H 325 -71.11 -38.07 -53.16
C ARG H 325 -72.42 -37.83 -53.88
N ASP H 326 -73.07 -36.69 -53.62
CA ASP H 326 -74.33 -36.37 -54.27
C ASP H 326 -74.13 -36.15 -55.76
N ALA H 327 -73.02 -35.52 -56.15
CA ALA H 327 -72.73 -35.30 -57.56
C ALA H 327 -72.44 -36.60 -58.30
N GLY H 328 -72.12 -37.66 -57.57
CA GLY H 328 -71.79 -38.93 -58.20
C GLY H 328 -70.33 -39.11 -58.51
N LEU H 329 -69.50 -38.11 -58.23
CA LEU H 329 -68.07 -38.23 -58.39
C LEU H 329 -67.41 -38.97 -57.23
N LEU H 330 -68.18 -39.39 -56.23
CA LEU H 330 -67.66 -40.15 -55.09
C LEU H 330 -68.60 -41.32 -54.82
N ARG H 331 -68.05 -42.53 -54.82
CA ARG H 331 -68.81 -43.70 -54.40
C ARG H 331 -68.16 -44.30 -53.16
N PHE H 332 -68.93 -44.36 -52.07
CA PHE H 332 -68.45 -44.89 -50.79
C PHE H 332 -68.99 -46.30 -50.61
N MET H 333 -68.12 -47.29 -50.78
CA MET H 333 -68.48 -48.69 -50.61
C MET H 333 -68.00 -49.14 -49.23
N ALA H 334 -68.94 -49.52 -48.37
CA ALA H 334 -68.66 -49.95 -47.01
C ALA H 334 -68.98 -51.44 -46.90
N THR H 335 -67.94 -52.26 -46.75
CA THR H 335 -68.08 -53.69 -46.58
C THR H 335 -67.08 -54.16 -45.53
N ARG H 336 -67.46 -55.22 -44.80
CA ARG H 336 -66.60 -55.66 -43.71
C ARG H 336 -65.70 -56.80 -44.14
N PRO H 337 -64.54 -56.96 -43.51
CA PRO H 337 -63.60 -58.01 -43.96
C PRO H 337 -64.12 -59.41 -43.77
N THR H 338 -64.96 -59.66 -42.76
CA THR H 338 -65.39 -61.00 -42.43
C THR H 338 -66.73 -61.39 -43.03
N PHE H 339 -67.44 -60.45 -43.67
CA PHE H 339 -68.73 -60.74 -44.27
C PHE H 339 -68.61 -61.35 -45.66
N TYR H 340 -67.40 -61.66 -46.10
CA TYR H 340 -67.16 -62.30 -47.38
C TYR H 340 -65.91 -63.16 -47.27
N SER H 341 -65.61 -63.87 -48.35
CA SER H 341 -64.29 -64.45 -48.54
C SER H 341 -63.43 -63.46 -49.31
N LEU H 342 -62.13 -63.44 -49.00
CA LEU H 342 -61.23 -62.48 -49.63
C LEU H 342 -61.36 -62.51 -51.14
N GLU H 343 -61.61 -63.69 -51.73
CA GLU H 343 -61.84 -63.77 -53.16
C GLU H 343 -63.11 -63.03 -53.55
N MET H 344 -64.18 -63.20 -52.77
CA MET H 344 -65.42 -62.46 -53.02
C MET H 344 -65.18 -60.96 -52.90
N HIS H 345 -64.37 -60.55 -51.92
CA HIS H 345 -64.02 -59.14 -51.79
C HIS H 345 -63.35 -58.63 -53.05
N LEU H 346 -62.34 -59.36 -53.54
CA LEU H 346 -61.68 -58.98 -54.78
C LEU H 346 -62.68 -58.84 -55.91
N ALA H 347 -63.58 -59.83 -56.06
CA ALA H 347 -64.52 -59.80 -57.16
C ALA H 347 -65.44 -58.58 -57.08
N VAL H 348 -66.01 -58.32 -55.90
CA VAL H 348 -66.94 -57.21 -55.74
C VAL H 348 -66.23 -55.89 -56.01
N ILE H 349 -65.02 -55.74 -55.46
CA ILE H 349 -64.28 -54.50 -55.65
C ILE H 349 -64.00 -54.26 -57.13
N LEU H 350 -63.51 -55.30 -57.81
CA LEU H 350 -63.21 -55.16 -59.23
C LEU H 350 -64.46 -54.80 -60.03
N ARG H 351 -65.59 -55.45 -59.72
CA ARG H 351 -66.82 -55.18 -60.46
C ARG H 351 -67.29 -53.75 -60.27
N GLU H 352 -67.33 -53.30 -59.01
CA GLU H 352 -67.74 -51.92 -58.74
C GLU H 352 -66.81 -50.93 -59.44
N VAL H 353 -65.49 -51.17 -59.37
CA VAL H 353 -64.54 -50.28 -60.01
C VAL H 353 -64.77 -50.27 -61.52
N MET H 354 -65.09 -51.42 -62.10
CA MET H 354 -65.33 -51.46 -63.54
C MET H 354 -66.54 -50.62 -63.92
N ARG H 355 -67.68 -50.86 -63.25
CA ARG H 355 -68.88 -50.12 -63.62
C ARG H 355 -68.72 -48.62 -63.37
N PHE H 356 -67.91 -48.25 -62.38
CA PHE H 356 -67.76 -46.86 -61.96
C PHE H 356 -66.69 -46.12 -62.74
N GLU H 357 -65.73 -46.84 -63.31
CA GLU H 357 -64.66 -46.27 -64.12
C GLU H 357 -64.02 -45.05 -63.42
N PRO H 358 -63.39 -45.26 -62.26
CA PRO H 358 -62.83 -44.15 -61.49
C PRO H 358 -61.48 -43.69 -62.02
N SER H 359 -60.96 -42.63 -61.38
CA SER H 359 -59.59 -42.19 -61.54
C SER H 359 -58.76 -42.41 -60.28
N VAL H 360 -59.38 -42.33 -59.10
CA VAL H 360 -58.72 -42.55 -57.82
C VAL H 360 -59.53 -43.57 -57.03
N VAL H 361 -58.84 -44.50 -56.40
CA VAL H 361 -59.46 -45.54 -55.59
C VAL H 361 -58.76 -45.60 -54.24
N VAL H 362 -59.52 -45.55 -53.17
CA VAL H 362 -59.00 -45.64 -51.81
C VAL H 362 -59.43 -46.98 -51.22
N LEU H 363 -58.50 -47.66 -50.56
CA LEU H 363 -58.78 -48.89 -49.82
C LEU H 363 -58.33 -48.66 -48.38
N ASP H 364 -59.30 -48.56 -47.46
CA ASP H 364 -58.98 -48.15 -46.09
C ASP H 364 -59.75 -48.97 -45.07
N PRO H 365 -59.08 -49.78 -44.23
CA PRO H 365 -57.68 -50.22 -44.28
C PRO H 365 -57.49 -51.52 -45.04
N ILE H 366 -56.42 -51.64 -45.82
CA ILE H 366 -56.07 -52.93 -46.41
C ILE H 366 -55.55 -53.90 -45.35
N SER H 367 -55.29 -53.41 -44.14
CA SER H 367 -54.92 -54.29 -43.03
C SER H 367 -56.08 -55.18 -42.59
N ALA H 368 -57.32 -54.81 -42.93
CA ALA H 368 -58.46 -55.59 -42.50
C ALA H 368 -58.44 -56.99 -43.09
N PHE H 369 -58.00 -57.12 -44.34
CA PHE H 369 -57.94 -58.42 -45.02
C PHE H 369 -56.63 -59.14 -44.68
N THR H 370 -56.47 -59.44 -43.38
CA THR H 370 -55.31 -60.19 -42.90
C THR H 370 -55.75 -61.48 -42.23
N GLU H 371 -56.37 -61.41 -41.05
CA GLU H 371 -56.83 -62.63 -40.39
C GLU H 371 -57.88 -63.36 -41.20
N SER H 372 -58.55 -62.67 -42.13
CA SER H 372 -59.64 -63.30 -42.87
C SER H 372 -59.18 -64.53 -43.64
N GLY H 373 -57.94 -64.54 -44.13
CA GLY H 373 -57.45 -65.62 -44.95
C GLY H 373 -55.98 -65.89 -44.72
N ASP H 374 -55.50 -66.95 -45.36
CA ASP H 374 -54.08 -67.28 -45.32
C ASP H 374 -53.26 -66.11 -45.84
N ARG H 375 -52.06 -65.93 -45.30
CA ARG H 375 -51.27 -64.75 -45.65
C ARG H 375 -50.79 -64.79 -47.09
N LEU H 376 -50.49 -65.98 -47.61
CA LEU H 376 -50.18 -66.09 -49.04
C LEU H 376 -51.34 -65.62 -49.89
N GLU H 377 -52.57 -66.02 -49.52
CA GLU H 377 -53.75 -65.56 -50.24
C GLU H 377 -53.98 -64.07 -50.05
N VAL H 378 -53.59 -63.53 -48.89
CA VAL H 378 -53.71 -62.09 -48.66
C VAL H 378 -52.80 -61.34 -49.62
N GLN H 379 -51.55 -61.79 -49.74
CA GLN H 379 -50.63 -61.18 -50.69
C GLN H 379 -51.16 -61.32 -52.11
N SER H 380 -51.73 -62.47 -52.44
CA SER H 380 -52.31 -62.66 -53.77
C SER H 380 -53.41 -61.65 -54.04
N MET H 381 -54.35 -61.51 -53.09
CA MET H 381 -55.43 -60.56 -53.24
C MET H 381 -54.91 -59.14 -53.43
N LEU H 382 -54.00 -58.72 -52.55
CA LEU H 382 -53.48 -57.36 -52.62
C LEU H 382 -52.74 -57.11 -53.92
N LEU H 383 -51.94 -58.07 -54.37
CA LEU H 383 -51.19 -57.91 -55.61
C LEU H 383 -52.14 -57.85 -56.80
N ARG H 384 -53.18 -58.67 -56.81
CA ARG H 384 -54.16 -58.62 -57.89
C ARG H 384 -54.84 -57.26 -57.94
N ILE H 385 -55.23 -56.73 -56.78
CA ILE H 385 -55.87 -55.42 -56.74
C ILE H 385 -54.93 -54.35 -57.27
N VAL H 386 -53.70 -54.35 -56.77
CA VAL H 386 -52.71 -53.35 -57.19
C VAL H 386 -52.49 -53.43 -58.69
N ASP H 387 -52.35 -54.64 -59.22
CA ASP H 387 -52.08 -54.80 -60.64
C ASP H 387 -53.26 -54.33 -61.48
N PHE H 388 -54.49 -54.68 -61.08
CA PHE H 388 -55.65 -54.20 -61.82
C PHE H 388 -55.69 -52.68 -61.86
N LEU H 389 -55.53 -52.04 -60.70
CA LEU H 389 -55.59 -50.58 -60.64
C LEU H 389 -54.51 -49.95 -61.52
N LYS H 390 -53.25 -50.35 -61.31
CA LYS H 390 -52.16 -49.79 -62.11
C LYS H 390 -52.42 -50.00 -63.60
N ASN H 391 -52.72 -51.24 -63.99
CA ASN H 391 -52.91 -51.56 -65.39
C ASN H 391 -54.03 -50.76 -66.02
N ARG H 392 -55.08 -50.46 -65.26
CA ARG H 392 -56.13 -49.59 -65.77
C ARG H 392 -55.80 -48.12 -65.60
N GLY H 393 -54.64 -47.80 -65.03
CA GLY H 393 -54.20 -46.41 -65.00
C GLY H 393 -54.87 -45.60 -63.92
N ILE H 394 -55.21 -46.23 -62.79
CA ILE H 394 -55.96 -45.60 -61.72
C ILE H 394 -55.01 -45.34 -60.56
N THR H 395 -55.05 -44.13 -60.01
CA THR H 395 -54.29 -43.84 -58.81
C THR H 395 -54.89 -44.59 -57.64
N GLY H 396 -54.05 -45.33 -56.91
CA GLY H 396 -54.54 -46.10 -55.79
C GLY H 396 -53.93 -45.61 -54.48
N ILE H 397 -54.77 -45.46 -53.47
CA ILE H 397 -54.33 -45.13 -52.11
C ILE H 397 -54.71 -46.32 -51.24
N PHE H 398 -53.75 -46.79 -50.45
CA PHE H 398 -53.90 -47.99 -49.63
C PHE H 398 -53.50 -47.61 -48.21
N THR H 399 -54.45 -47.59 -47.30
CA THR H 399 -54.14 -47.25 -45.92
C THR H 399 -53.78 -48.51 -45.14
N HIS H 400 -52.82 -48.37 -44.22
CA HIS H 400 -52.32 -49.50 -43.46
C HIS H 400 -52.10 -49.10 -42.01
N LEU H 401 -52.25 -50.08 -41.12
CA LEU H 401 -52.18 -49.86 -39.69
C LEU H 401 -51.05 -50.68 -39.08
N ALA H 402 -50.49 -50.17 -37.99
CA ALA H 402 -49.42 -50.85 -37.28
C ALA H 402 -49.61 -50.71 -35.77
N THR H 409 -43.41 -50.90 -34.84
CA THR H 409 -42.51 -50.68 -35.97
C THR H 409 -41.58 -51.89 -36.16
N THR H 410 -41.91 -52.73 -37.13
CA THR H 410 -41.08 -53.89 -37.46
C THR H 410 -40.98 -54.06 -38.96
N ASP H 411 -41.60 -55.09 -39.51
CA ASP H 411 -41.55 -55.37 -40.95
C ASP H 411 -42.94 -55.72 -41.44
N ALA H 412 -43.37 -55.08 -42.52
CA ALA H 412 -44.67 -55.32 -43.13
C ALA H 412 -44.61 -56.10 -44.43
N GLY H 413 -43.64 -55.79 -45.30
CA GLY H 413 -43.48 -56.49 -46.55
C GLY H 413 -44.36 -55.98 -47.68
N LEU H 414 -45.41 -55.22 -47.38
CA LEU H 414 -46.32 -54.73 -48.40
C LEU H 414 -45.84 -53.45 -49.06
N SER H 415 -44.74 -52.87 -48.58
CA SER H 415 -44.27 -51.60 -49.13
C SER H 415 -43.71 -51.74 -50.53
N SER H 416 -43.09 -52.88 -50.83
CA SER H 416 -42.46 -53.05 -52.13
C SER H 416 -43.48 -53.00 -53.26
N LEU H 417 -44.66 -53.59 -53.06
CA LEU H 417 -45.69 -53.57 -54.09
C LEU H 417 -46.15 -52.15 -54.39
N MET H 418 -46.15 -51.28 -53.38
CA MET H 418 -46.55 -49.90 -53.57
C MET H 418 -45.38 -49.07 -54.08
N ASP H 419 -45.70 -48.01 -54.83
CA ASP H 419 -44.68 -47.14 -55.41
C ASP H 419 -44.46 -45.86 -54.60
N GLY H 420 -45.38 -45.51 -53.73
CA GLY H 420 -45.19 -44.37 -52.83
C GLY H 420 -45.54 -44.75 -51.42
N TRP H 421 -44.74 -44.25 -50.47
CA TRP H 421 -44.93 -44.55 -49.06
C TRP H 421 -45.00 -43.25 -48.26
N VAL H 422 -46.13 -43.03 -47.59
CA VAL H 422 -46.29 -41.93 -46.65
C VAL H 422 -46.55 -42.53 -45.28
N LEU H 423 -45.66 -42.22 -44.34
CA LEU H 423 -45.73 -42.74 -42.97
C LEU H 423 -46.26 -41.64 -42.06
N MET H 424 -47.40 -41.88 -41.44
CA MET H 424 -47.99 -40.98 -40.46
C MET H 424 -47.70 -41.52 -39.08
N LEU H 425 -47.42 -40.61 -38.14
CA LEU H 425 -46.97 -41.02 -36.82
C LEU H 425 -47.58 -40.12 -35.75
N ASN H 426 -48.07 -40.73 -34.68
CA ASN H 426 -48.54 -40.03 -33.49
C ASN H 426 -47.60 -40.46 -32.35
N ARG H 427 -46.62 -39.60 -32.06
CA ARG H 427 -45.48 -39.95 -31.22
C ARG H 427 -45.62 -39.29 -29.85
N GLU H 428 -45.45 -40.07 -28.79
CA GLU H 428 -45.51 -39.53 -27.43
C GLU H 428 -44.16 -38.94 -27.06
N VAL H 429 -44.12 -37.62 -26.86
CA VAL H 429 -42.90 -36.91 -26.50
C VAL H 429 -43.18 -36.13 -25.22
N ASN H 430 -42.60 -36.60 -24.11
CA ASN H 430 -42.70 -35.90 -22.83
C ASN H 430 -44.16 -35.71 -22.41
N GLY H 431 -44.96 -36.75 -22.57
CA GLY H 431 -46.35 -36.68 -22.17
C GLY H 431 -47.25 -35.95 -23.14
N GLU H 432 -46.86 -35.85 -24.42
CA GLU H 432 -47.67 -35.20 -25.43
C GLU H 432 -47.55 -35.97 -26.74
N PHE H 433 -48.67 -36.14 -27.41
CA PHE H 433 -48.72 -36.91 -28.67
C PHE H 433 -48.65 -35.94 -29.84
N ASN H 434 -47.43 -35.72 -30.32
CA ASN H 434 -47.17 -34.86 -31.46
C ASN H 434 -47.31 -35.66 -32.75
N ARG H 435 -47.78 -34.99 -33.80
CA ARG H 435 -48.12 -35.62 -35.06
C ARG H 435 -47.07 -35.29 -36.11
N GLU H 436 -46.52 -36.34 -36.74
CA GLU H 436 -45.42 -36.20 -37.68
C GLU H 436 -45.73 -36.97 -38.96
N LEU H 437 -45.24 -36.46 -40.09
CA LEU H 437 -45.44 -37.07 -41.40
C LEU H 437 -44.10 -37.20 -42.10
N TYR H 438 -43.82 -38.41 -42.59
CA TYR H 438 -42.65 -38.71 -43.39
C TYR H 438 -43.10 -39.13 -44.78
N LEU H 439 -42.34 -38.73 -45.80
CA LEU H 439 -42.50 -39.23 -47.16
C LEU H 439 -41.35 -40.21 -47.38
N LEU H 440 -41.56 -41.47 -46.98
CA LEU H 440 -40.46 -42.42 -46.91
C LEU H 440 -39.94 -42.79 -48.30
N LYS H 441 -40.83 -42.95 -49.27
CA LYS H 441 -40.42 -43.40 -50.60
C LYS H 441 -41.37 -42.85 -51.65
N ALA H 442 -40.79 -42.51 -52.81
CA ALA H 442 -41.56 -42.06 -53.98
C ALA H 442 -40.71 -42.42 -55.21
N ARG H 443 -40.88 -43.64 -55.69
CA ARG H 443 -40.01 -44.16 -56.74
C ARG H 443 -40.08 -43.29 -57.99
N GLY H 444 -38.93 -43.10 -58.63
CA GLY H 444 -38.86 -42.33 -59.84
C GLY H 444 -38.95 -40.83 -59.65
N MET H 445 -38.67 -40.33 -58.46
CA MET H 445 -38.76 -38.91 -58.18
C MET H 445 -37.74 -38.54 -57.11
N ALA H 446 -37.57 -37.23 -56.91
CA ALA H 446 -36.81 -36.69 -55.79
C ALA H 446 -37.79 -36.16 -54.76
N HIS H 447 -37.58 -36.52 -53.50
CA HIS H 447 -38.50 -36.16 -52.44
C HIS H 447 -37.70 -35.78 -51.19
N SER H 448 -38.38 -35.11 -50.27
CA SER H 448 -37.74 -34.64 -49.05
C SER H 448 -37.53 -35.79 -48.08
N ASN H 449 -36.29 -35.96 -47.62
CA ASN H 449 -35.99 -36.87 -46.52
C ASN H 449 -36.14 -36.18 -45.17
N GLN H 450 -37.17 -35.37 -45.03
CA GLN H 450 -37.39 -34.54 -43.85
C GLN H 450 -38.72 -34.90 -43.23
N VAL H 451 -38.84 -34.66 -41.92
CA VAL H 451 -40.04 -34.97 -41.17
C VAL H 451 -40.86 -33.70 -41.07
N ARG H 452 -41.91 -33.60 -41.89
CA ARG H 452 -42.79 -32.45 -41.75
C ARG H 452 -43.78 -32.73 -40.62
N GLU H 453 -44.38 -31.66 -40.08
CA GLU H 453 -45.31 -31.83 -38.96
C GLU H 453 -46.72 -31.61 -39.47
N PHE H 454 -47.54 -32.65 -39.47
CA PHE H 454 -48.89 -32.57 -40.02
C PHE H 454 -49.85 -32.24 -38.88
N LEU H 455 -50.39 -31.03 -38.91
CA LEU H 455 -51.33 -30.53 -37.92
C LEU H 455 -52.74 -30.70 -38.47
N MET H 456 -53.59 -31.38 -37.71
CA MET H 456 -54.99 -31.56 -38.05
C MET H 456 -55.78 -30.38 -37.51
N SER H 457 -56.53 -29.70 -38.37
CA SER H 457 -57.23 -28.49 -37.96
C SER H 457 -58.48 -28.32 -38.81
N ASP H 458 -59.35 -27.42 -38.38
CA ASP H 458 -60.60 -27.17 -39.09
C ASP H 458 -60.35 -26.88 -40.56
N ARG H 459 -59.36 -26.03 -40.85
CA ARG H 459 -59.06 -25.69 -42.24
C ARG H 459 -58.64 -26.91 -43.03
N GLY H 460 -57.93 -27.85 -42.42
CA GLY H 460 -57.51 -29.05 -43.11
C GLY H 460 -56.31 -29.67 -42.43
N ILE H 461 -55.56 -30.45 -43.20
CA ILE H 461 -54.29 -31.02 -42.77
C ILE H 461 -53.19 -30.11 -43.29
N SER H 462 -52.36 -29.59 -42.39
CA SER H 462 -51.34 -28.62 -42.74
C SER H 462 -49.96 -29.15 -42.34
N LEU H 463 -49.07 -29.29 -43.32
CA LEU H 463 -47.73 -29.76 -43.07
C LEU H 463 -46.80 -28.56 -42.88
N LEU H 464 -46.19 -28.46 -41.70
CA LEU H 464 -45.30 -27.37 -41.36
C LEU H 464 -43.85 -27.83 -41.47
N PRO H 465 -42.98 -26.92 -41.93
CA PRO H 465 -41.59 -27.29 -42.18
C PRO H 465 -40.83 -27.53 -40.89
N PRO H 466 -39.67 -28.16 -40.96
CA PRO H 466 -38.91 -28.48 -39.74
C PRO H 466 -38.06 -27.31 -39.28
N HIS H 467 -37.56 -27.42 -38.05
CA HIS H 467 -36.62 -26.46 -37.49
C HIS H 467 -35.20 -26.98 -37.73
N LEU H 468 -34.47 -26.31 -38.61
CA LEU H 468 -33.14 -26.76 -39.00
C LEU H 468 -32.10 -26.14 -38.08
N GLY H 469 -31.31 -26.97 -37.42
CA GLY H 469 -30.29 -26.49 -36.51
C GLY H 469 -29.84 -27.61 -35.59
N GLU H 470 -29.20 -27.21 -34.49
CA GLU H 470 -28.73 -28.17 -33.50
C GLU H 470 -29.91 -28.91 -32.89
N GLY H 471 -29.77 -30.24 -32.81
CA GLY H 471 -30.78 -31.09 -32.21
C GLY H 471 -31.75 -31.72 -33.19
N GLY H 472 -31.83 -31.21 -34.41
CA GLY H 472 -32.72 -31.78 -35.41
C GLY H 472 -33.94 -30.93 -35.68
N ALA H 473 -35.03 -31.57 -36.10
CA ALA H 473 -36.25 -30.87 -36.47
C ALA H 473 -37.22 -30.73 -35.30
N LEU H 474 -37.24 -31.70 -34.38
CA LEU H 474 -38.07 -31.62 -33.17
C LEU H 474 -39.55 -31.68 -33.53
N THR H 475 -40.05 -30.64 -34.20
CA THR H 475 -41.41 -30.63 -34.75
C THR H 475 -42.45 -30.81 -33.64
N GLY H 476 -42.57 -29.79 -32.81
CA GLY H 476 -43.61 -29.77 -31.80
C GLY H 476 -43.21 -28.92 -30.60
N THR H 477 -43.76 -29.29 -29.45
CA THR H 477 -43.37 -28.62 -28.21
C THR H 477 -41.86 -28.67 -28.01
N ALA H 478 -41.19 -29.69 -28.57
CA ALA H 478 -39.74 -29.70 -28.58
C ALA H 478 -39.19 -28.56 -29.42
N ARG H 479 -39.81 -28.29 -30.57
CA ARG H 479 -39.42 -27.12 -31.36
C ARG H 479 -39.58 -25.84 -30.55
N LYS H 480 -40.71 -25.71 -29.85
CA LYS H 480 -40.93 -24.52 -29.03
C LYS H 480 -39.87 -24.41 -27.93
N ALA H 481 -39.51 -25.55 -27.32
CA ALA H 481 -38.51 -25.55 -26.28
C ALA H 481 -37.16 -25.09 -26.81
N GLU H 482 -36.75 -25.62 -27.97
CA GLU H 482 -35.48 -25.22 -28.55
C GLU H 482 -35.49 -23.75 -28.96
N GLU H 483 -36.60 -23.29 -29.51
CA GLU H 483 -36.72 -21.88 -29.90
C GLU H 483 -36.59 -20.98 -28.67
N ALA H 484 -37.28 -21.33 -27.59
CA ALA H 484 -37.19 -20.53 -26.36
C ALA H 484 -35.78 -20.59 -25.78
N ARG H 485 -35.13 -21.75 -25.86
CA ARG H 485 -33.76 -21.85 -25.38
C ARG H 485 -32.83 -20.94 -26.16
N LEU H 486 -32.93 -20.96 -27.49
CA LEU H 486 -32.11 -20.08 -28.31
C LEU H 486 -32.40 -18.61 -28.00
N ARG H 487 -33.67 -18.28 -27.79
CA ARG H 487 -34.04 -16.90 -27.48
C ARG H 487 -33.41 -16.44 -26.16
N ARG H 488 -33.63 -17.21 -25.09
CA ARG H 488 -33.05 -16.87 -23.79
C ARG H 488 -31.54 -16.81 -23.86
N ALA H 489 -30.92 -17.71 -24.64
CA ALA H 489 -29.46 -17.73 -24.72
C ALA H 489 -28.93 -16.51 -25.47
N GLU H 490 -29.63 -16.09 -26.52
CA GLU H 490 -29.22 -14.88 -27.22
C GLU H 490 -29.35 -13.65 -26.32
N ILE H 491 -30.43 -13.57 -25.55
CA ILE H 491 -30.57 -12.47 -24.61
C ILE H 491 -29.44 -12.50 -23.58
N GLU H 492 -29.11 -13.70 -23.09
CA GLU H 492 -28.02 -13.83 -22.13
C GLU H 492 -26.69 -13.36 -22.74
N ARG H 493 -26.42 -13.76 -23.98
CA ARG H 493 -25.18 -13.35 -24.63
C ARG H 493 -25.12 -11.83 -24.78
N GLN H 494 -26.22 -11.21 -25.20
CA GLN H 494 -26.21 -9.77 -25.38
C GLN H 494 -26.05 -9.03 -24.05
N THR H 495 -26.67 -9.55 -22.98
CA THR H 495 -26.48 -8.94 -21.67
C THR H 495 -25.04 -9.06 -21.21
N GLU H 496 -24.40 -10.21 -21.47
CA GLU H 496 -22.99 -10.36 -21.12
C GLU H 496 -22.12 -9.39 -21.91
N LEU H 497 -22.41 -9.24 -23.21
CA LEU H 497 -21.66 -8.30 -24.04
C LEU H 497 -21.77 -6.88 -23.47
N GLY H 498 -22.99 -6.46 -23.13
CA GLY H 498 -23.16 -5.13 -22.55
C GLY H 498 -22.43 -4.98 -21.23
N ARG H 499 -22.52 -6.00 -20.37
CA ARG H 499 -21.80 -5.97 -19.10
C ARG H 499 -20.31 -5.75 -19.32
N LEU H 500 -19.72 -6.51 -20.24
CA LEU H 500 -18.28 -6.40 -20.45
C LEU H 500 -17.91 -5.06 -21.07
N GLN H 501 -18.74 -4.54 -21.98
CA GLN H 501 -18.49 -3.22 -22.55
C GLN H 501 -18.50 -2.16 -21.45
N GLN H 502 -19.47 -2.23 -20.54
CA GLN H 502 -19.54 -1.24 -19.47
C GLN H 502 -18.35 -1.36 -18.53
N GLN H 503 -17.95 -2.59 -18.20
CA GLN H 503 -16.76 -2.79 -17.38
C GLN H 503 -15.54 -2.16 -18.05
N ILE H 504 -15.38 -2.37 -19.35
CA ILE H 504 -14.24 -1.81 -20.06
C ILE H 504 -14.29 -0.28 -20.02
N GLU H 505 -15.46 0.29 -20.25
CA GLU H 505 -15.58 1.75 -20.25
C GLU H 505 -15.24 2.33 -18.88
N GLN H 506 -15.69 1.68 -17.80
CA GLN H 506 -15.42 2.22 -16.47
C GLN H 506 -13.96 2.04 -16.08
N ARG H 507 -13.35 0.90 -16.45
CA ARG H 507 -11.92 0.75 -16.21
C ARG H 507 -11.12 1.77 -17.01
N ARG H 508 -11.60 2.12 -18.20
CA ARG H 508 -10.93 3.14 -19.01
C ARG H 508 -11.04 4.51 -18.35
N ARG H 509 -12.21 4.84 -17.81
CA ARG H 509 -12.33 6.06 -17.02
C ARG H 509 -11.35 6.04 -15.85
N ARG H 510 -11.24 4.91 -15.16
CA ARG H 510 -10.34 4.81 -14.02
C ARG H 510 -8.90 5.09 -14.43
N ALA H 511 -8.44 4.47 -15.52
CA ALA H 511 -7.06 4.66 -15.95
C ALA H 511 -6.82 6.08 -16.43
N ARG H 512 -7.77 6.67 -17.16
CA ARG H 512 -7.60 8.05 -17.61
C ARG H 512 -7.52 8.99 -16.41
N ALA H 513 -8.33 8.74 -15.38
CA ALA H 513 -8.28 9.59 -14.19
C ALA H 513 -6.97 9.40 -13.44
N GLN H 514 -6.45 8.17 -13.40
CA GLN H 514 -5.15 7.95 -12.77
C GLN H 514 -4.05 8.68 -13.51
N ILE H 515 -4.11 8.68 -14.85
CA ILE H 515 -3.14 9.42 -15.64
C ILE H 515 -3.25 10.91 -15.32
N GLU H 516 -4.48 11.43 -15.21
CA GLU H 516 -4.64 12.83 -14.88
C GLU H 516 -4.07 13.13 -13.50
N ALA H 517 -4.23 12.22 -12.55
CA ALA H 517 -3.67 12.42 -11.21
C ALA H 517 -2.16 12.52 -11.27
N LEU H 518 -1.53 11.59 -11.98
CA LEU H 518 -0.07 11.64 -12.13
C LEU H 518 0.37 12.93 -12.79
N GLU H 519 -0.33 13.35 -13.84
CA GLU H 519 0.04 14.56 -14.56
C GLU H 519 -0.13 15.79 -13.68
N ALA H 520 -1.16 15.81 -12.82
CA ALA H 520 -1.37 16.95 -11.93
C ALA H 520 -0.30 17.00 -10.85
N GLU H 521 0.11 15.84 -10.33
CA GLU H 521 1.21 15.83 -9.38
C GLU H 521 2.49 16.35 -10.03
N LEU H 522 2.76 15.91 -11.26
CA LEU H 522 3.90 16.43 -12.01
C LEU H 522 3.82 17.96 -12.13
N GLN H 523 2.65 18.47 -12.54
CA GLN H 523 2.49 19.91 -12.68
C GLN H 523 2.72 20.62 -11.36
N ALA H 524 2.23 20.06 -10.26
CA ALA H 524 2.41 20.69 -8.95
C ALA H 524 3.89 20.80 -8.60
N GLU H 525 4.62 19.69 -8.70
CA GLU H 525 6.04 19.71 -8.39
C GLU H 525 6.78 20.71 -9.27
N GLU H 526 6.51 20.67 -10.58
CA GLU H 526 7.21 21.55 -11.50
C GLU H 526 6.92 23.01 -11.18
N ILE H 527 5.64 23.34 -10.92
CA ILE H 527 5.27 24.73 -10.67
C ILE H 527 5.95 25.21 -9.39
N ALA H 528 5.89 24.41 -8.33
CA ALA H 528 6.53 24.79 -7.08
C ALA H 528 8.01 25.10 -7.30
N LEU H 529 8.74 24.12 -7.85
CA LEU H 529 10.19 24.30 -7.97
C LEU H 529 10.56 25.41 -8.96
N LYS H 530 9.74 25.62 -9.99
CA LYS H 530 10.02 26.67 -10.96
C LYS H 530 9.79 28.05 -10.34
N ALA H 531 8.67 28.23 -9.65
CA ALA H 531 8.42 29.51 -8.98
C ALA H 531 9.45 29.77 -7.90
N LEU H 532 9.98 28.73 -7.29
CA LEU H 532 11.05 28.88 -6.30
C LEU H 532 12.18 29.74 -6.86
N GLY I 4 -94.64 -78.70 -20.36
CA GLY I 4 -93.50 -79.36 -20.96
C GLY I 4 -93.65 -80.87 -21.04
N ILE I 5 -92.57 -81.58 -20.70
CA ILE I 5 -92.57 -83.04 -20.69
C ILE I 5 -92.10 -83.52 -19.33
N GLY I 6 -92.38 -84.79 -19.04
CA GLY I 6 -91.99 -85.41 -17.80
C GLY I 6 -90.77 -86.31 -17.98
N LYS I 7 -90.01 -86.48 -16.90
CA LYS I 7 -88.79 -87.27 -16.94
C LYS I 7 -88.62 -88.00 -15.61
N SER I 8 -87.65 -88.91 -15.58
CA SER I 8 -87.32 -89.68 -14.40
C SER I 8 -85.82 -89.56 -14.11
N PRO I 9 -85.44 -89.40 -12.85
CA PRO I 9 -84.02 -89.21 -12.54
C PRO I 9 -83.24 -90.50 -12.66
N THR I 10 -81.91 -90.33 -12.71
CA THR I 10 -80.99 -91.46 -12.79
C THR I 10 -80.19 -91.67 -11.50
N GLY I 11 -80.26 -90.73 -10.57
CA GLY I 11 -79.41 -90.76 -9.40
C GLY I 11 -78.01 -90.25 -9.63
N ILE I 12 -77.70 -89.75 -10.82
CA ILE I 12 -76.39 -89.20 -11.13
C ILE I 12 -76.52 -87.68 -11.07
N GLN I 13 -76.11 -87.11 -9.93
CA GLN I 13 -76.10 -85.66 -9.75
C GLN I 13 -75.15 -85.03 -10.74
N GLY I 14 -75.66 -84.13 -11.57
CA GLY I 14 -74.90 -83.59 -12.67
C GLY I 14 -75.49 -84.05 -13.99
N PHE I 15 -75.65 -85.38 -14.14
CA PHE I 15 -76.35 -85.89 -15.30
C PHE I 15 -77.81 -85.43 -15.29
N ASP I 16 -78.46 -85.48 -14.13
CA ASP I 16 -79.82 -84.97 -14.06
C ASP I 16 -79.88 -83.48 -14.33
N GLU I 17 -78.85 -82.73 -13.90
CA GLU I 17 -78.82 -81.29 -14.21
C GLU I 17 -78.69 -81.05 -15.70
N LEU I 18 -77.85 -81.82 -16.38
CA LEU I 18 -77.64 -81.62 -17.81
C LEU I 18 -78.85 -82.08 -18.62
N THR I 19 -79.54 -83.12 -18.17
CA THR I 19 -80.71 -83.64 -18.86
C THR I 19 -82.03 -83.11 -18.29
N LEU I 20 -81.96 -82.08 -17.44
CA LEU I 20 -83.15 -81.40 -16.94
C LEU I 20 -84.15 -82.38 -16.32
N GLY I 21 -83.65 -83.18 -15.37
CA GLY I 21 -84.47 -84.10 -14.60
C GLY I 21 -84.07 -85.55 -14.77
N GLY I 22 -83.60 -85.94 -15.95
CA GLY I 22 -83.14 -87.28 -16.21
C GLY I 22 -83.70 -87.80 -17.53
N LEU I 23 -83.72 -89.13 -17.64
CA LEU I 23 -84.12 -89.78 -18.88
C LEU I 23 -85.60 -89.52 -19.16
N PRO I 24 -86.04 -89.72 -20.41
CA PRO I 24 -87.46 -89.54 -20.73
C PRO I 24 -88.31 -90.62 -20.08
N THR I 25 -89.31 -90.21 -19.32
CA THR I 25 -90.16 -91.13 -18.60
C THR I 25 -91.23 -91.69 -19.55
N GLY I 26 -91.43 -93.01 -19.50
CA GLY I 26 -92.39 -93.64 -20.37
C GLY I 26 -91.99 -93.70 -21.82
N ARG I 27 -90.70 -93.62 -22.13
CA ARG I 27 -90.21 -93.68 -23.49
C ARG I 27 -88.86 -94.38 -23.48
N PRO I 28 -88.43 -94.91 -24.62
CA PRO I 28 -87.13 -95.59 -24.68
C PRO I 28 -85.97 -94.60 -24.81
N SER I 29 -84.85 -94.99 -24.22
CA SER I 29 -83.60 -94.25 -24.29
C SER I 29 -82.48 -95.20 -24.67
N LEU I 30 -81.53 -94.70 -25.47
CA LEU I 30 -80.45 -95.52 -26.01
C LEU I 30 -79.12 -94.97 -25.54
N VAL I 31 -78.29 -95.85 -24.97
CA VAL I 31 -76.95 -95.49 -24.51
C VAL I 31 -75.98 -96.09 -25.53
N CYS I 32 -75.69 -95.33 -26.58
CA CYS I 32 -74.76 -95.76 -27.60
C CYS I 32 -73.33 -95.58 -27.13
N GLY I 33 -72.46 -96.46 -27.62
CA GLY I 33 -71.06 -96.41 -27.24
C GLY I 33 -70.34 -97.65 -27.72
N SER I 34 -69.14 -97.84 -27.19
CA SER I 34 -68.32 -99.00 -27.52
C SER I 34 -67.87 -99.72 -26.25
N ALA I 35 -66.91 -100.63 -26.38
CA ALA I 35 -66.38 -101.33 -25.22
C ALA I 35 -65.60 -100.37 -24.33
N GLY I 36 -65.75 -100.53 -23.02
CA GLY I 36 -65.04 -99.70 -22.07
C GLY I 36 -65.69 -98.38 -21.76
N CYS I 37 -66.89 -98.11 -22.27
CA CYS I 37 -67.59 -96.86 -22.03
C CYS I 37 -68.56 -96.94 -20.86
N GLY I 38 -68.69 -98.10 -20.22
CA GLY I 38 -69.59 -98.23 -19.10
C GLY I 38 -71.06 -98.13 -19.45
N LYS I 39 -71.46 -98.72 -20.58
CA LYS I 39 -72.86 -98.73 -20.96
C LYS I 39 -73.68 -99.53 -19.95
N THR I 40 -73.25 -100.76 -19.68
CA THR I 40 -73.91 -101.58 -18.66
C THR I 40 -73.90 -100.88 -17.31
N LEU I 41 -72.83 -100.14 -17.01
CA LEU I 41 -72.76 -99.45 -15.72
C LEU I 41 -73.78 -98.32 -15.65
N PHE I 42 -73.95 -97.57 -16.75
CA PHE I 42 -74.97 -96.54 -16.77
C PHE I 42 -76.35 -97.13 -16.55
N ALA I 43 -76.65 -98.24 -17.22
CA ALA I 43 -77.96 -98.86 -17.05
C ALA I 43 -78.16 -99.37 -15.62
N SER I 44 -77.14 -100.01 -15.05
CA SER I 44 -77.22 -100.50 -13.69
C SER I 44 -77.42 -99.35 -12.71
N THR I 45 -76.72 -98.24 -12.91
CA THR I 45 -76.92 -97.07 -12.07
C THR I 45 -78.37 -96.61 -12.16
N PHE I 46 -78.87 -96.41 -13.38
CA PHE I 46 -80.27 -96.07 -13.58
C PHE I 46 -81.17 -96.91 -12.68
N LEU I 47 -81.14 -98.23 -12.88
CA LEU I 47 -82.04 -99.09 -12.13
C LEU I 47 -81.78 -98.98 -10.61
N ILE I 48 -80.60 -99.39 -10.17
CA ILE I 48 -80.27 -99.43 -8.74
C ILE I 48 -80.73 -98.15 -8.05
N ASN I 49 -80.40 -96.99 -8.62
CA ASN I 49 -80.77 -95.74 -7.97
C ASN I 49 -82.27 -95.52 -8.00
N GLY I 50 -82.94 -95.89 -9.09
CA GLY I 50 -84.39 -95.75 -9.12
C GLY I 50 -85.08 -96.58 -8.05
N VAL I 51 -84.58 -97.81 -7.83
CA VAL I 51 -85.18 -98.69 -6.83
C VAL I 51 -84.84 -98.21 -5.43
N ARG I 52 -83.62 -97.72 -5.23
CA ARG I 52 -83.14 -97.40 -3.89
C ARG I 52 -83.67 -96.08 -3.39
N ASP I 53 -83.57 -95.02 -4.20
CA ASP I 53 -83.88 -93.67 -3.77
C ASP I 53 -85.24 -93.18 -4.24
N HIS I 54 -85.63 -93.47 -5.47
CA HIS I 54 -86.83 -92.91 -6.07
C HIS I 54 -88.02 -93.85 -6.04
N GLY I 55 -87.88 -95.02 -5.41
CA GLY I 55 -89.00 -95.94 -5.25
C GLY I 55 -89.64 -96.36 -6.55
N GLU I 56 -88.82 -96.83 -7.50
CA GLU I 56 -89.32 -97.31 -8.78
C GLU I 56 -88.59 -98.62 -9.11
N PRO I 57 -89.21 -99.77 -8.85
CA PRO I 57 -88.51 -101.04 -9.08
C PRO I 57 -88.16 -101.25 -10.55
N GLY I 58 -87.23 -102.17 -10.78
CA GLY I 58 -86.63 -102.31 -12.10
C GLY I 58 -86.40 -103.76 -12.47
N VAL I 59 -86.25 -103.96 -13.77
CA VAL I 59 -85.97 -105.27 -14.36
C VAL I 59 -84.75 -105.12 -15.26
N PHE I 60 -83.91 -106.14 -15.29
CA PHE I 60 -82.69 -106.17 -16.09
C PHE I 60 -82.73 -107.38 -17.00
N VAL I 61 -82.40 -107.18 -18.27
CA VAL I 61 -82.31 -108.24 -19.26
C VAL I 61 -80.88 -108.26 -19.77
N THR I 62 -80.19 -109.38 -19.59
CA THR I 62 -78.81 -109.53 -20.04
C THR I 62 -78.76 -110.63 -21.09
N PHE I 63 -78.22 -110.30 -22.27
CA PHE I 63 -78.12 -111.26 -23.36
C PHE I 63 -76.70 -111.79 -23.55
N GLU I 64 -75.79 -111.49 -22.62
CA GLU I 64 -74.39 -111.90 -22.77
C GLU I 64 -73.88 -112.61 -21.53
N GLU I 65 -73.83 -111.91 -20.40
CA GLU I 65 -73.23 -112.42 -19.18
C GLU I 65 -74.29 -113.01 -18.26
N ARG I 66 -73.83 -113.89 -17.36
CA ARG I 66 -74.71 -114.51 -16.37
C ARG I 66 -75.03 -113.50 -15.26
N PRO I 67 -76.20 -113.64 -14.62
CA PRO I 67 -76.59 -112.64 -13.62
C PRO I 67 -75.58 -112.47 -12.49
N GLU I 68 -74.92 -113.56 -12.08
CA GLU I 68 -73.93 -113.45 -11.02
C GLU I 68 -72.77 -112.56 -11.43
N ASP I 69 -72.46 -112.50 -12.72
CA ASP I 69 -71.40 -111.61 -13.18
C ASP I 69 -71.75 -110.16 -12.90
N ILE I 70 -72.99 -109.76 -13.22
CA ILE I 70 -73.44 -108.40 -12.92
C ILE I 70 -73.44 -108.16 -11.41
N VAL I 71 -73.89 -109.16 -10.64
CA VAL I 71 -73.93 -109.02 -9.20
C VAL I 71 -72.53 -108.72 -8.66
N ASN I 72 -71.55 -109.54 -9.04
CA ASN I 72 -70.18 -109.32 -8.58
C ASN I 72 -69.62 -108.01 -9.11
N ASN I 73 -69.99 -107.64 -10.34
CA ASN I 73 -69.55 -106.36 -10.90
C ASN I 73 -69.93 -105.21 -9.98
N VAL I 74 -71.20 -105.17 -9.56
CA VAL I 74 -71.65 -104.05 -8.74
C VAL I 74 -71.37 -104.25 -7.26
N ALA I 75 -70.90 -105.43 -6.84
CA ALA I 75 -70.53 -105.62 -5.45
C ALA I 75 -69.57 -104.54 -4.96
N SER I 76 -68.57 -104.18 -5.78
CA SER I 76 -67.57 -103.22 -5.34
C SER I 76 -68.14 -101.82 -5.18
N LEU I 77 -69.17 -101.47 -5.95
CA LEU I 77 -69.76 -100.15 -5.86
C LEU I 77 -70.64 -99.97 -4.63
N GLY I 78 -70.72 -100.98 -3.74
CA GLY I 78 -71.63 -100.87 -2.63
C GLY I 78 -73.09 -100.87 -3.02
N PHE I 79 -73.41 -101.14 -4.28
CA PHE I 79 -74.80 -101.19 -4.71
C PHE I 79 -75.52 -102.37 -4.08
N GLU I 80 -74.82 -103.48 -3.86
CA GLU I 80 -75.38 -104.66 -3.20
C GLU I 80 -76.66 -105.10 -3.89
N LEU I 81 -76.46 -105.71 -5.06
CA LEU I 81 -77.58 -106.04 -5.94
C LEU I 81 -78.33 -107.28 -5.47
N ASP I 82 -77.62 -108.33 -5.06
CA ASP I 82 -78.28 -109.57 -4.64
C ASP I 82 -79.37 -109.30 -3.61
N LYS I 83 -79.12 -108.36 -2.70
CA LYS I 83 -80.13 -107.96 -1.72
C LYS I 83 -81.44 -107.61 -2.41
N LEU I 84 -81.39 -106.69 -3.37
CA LEU I 84 -82.59 -106.31 -4.11
C LEU I 84 -83.16 -107.48 -4.90
N ILE I 85 -82.28 -108.25 -5.55
CA ILE I 85 -82.70 -109.40 -6.35
C ILE I 85 -83.67 -110.25 -5.53
N GLU I 86 -83.22 -110.71 -4.36
CA GLU I 86 -84.05 -111.62 -3.57
C GLU I 86 -85.14 -110.89 -2.79
N GLU I 87 -85.00 -109.58 -2.54
CA GLU I 87 -86.09 -108.82 -1.95
C GLU I 87 -87.19 -108.52 -2.97
N GLU I 88 -86.99 -108.87 -4.23
CA GLU I 88 -87.97 -108.63 -5.29
C GLU I 88 -88.17 -107.14 -5.56
N LYS I 89 -87.23 -106.31 -5.09
CA LYS I 89 -87.19 -104.91 -5.46
C LYS I 89 -86.58 -104.69 -6.83
N ILE I 90 -85.94 -105.72 -7.39
CA ILE I 90 -85.38 -105.67 -8.73
C ILE I 90 -85.35 -107.09 -9.28
N ALA I 91 -85.32 -107.21 -10.60
CA ALA I 91 -85.36 -108.51 -11.26
C ALA I 91 -84.26 -108.62 -12.30
N ILE I 92 -83.87 -109.86 -12.60
CA ILE I 92 -82.87 -110.15 -13.63
C ILE I 92 -83.34 -111.32 -14.48
N GLU I 93 -82.99 -111.28 -15.76
CA GLU I 93 -83.24 -112.40 -16.67
C GLU I 93 -82.08 -112.55 -17.64
N HIS I 94 -81.55 -113.77 -17.73
CA HIS I 94 -80.42 -114.11 -18.58
C HIS I 94 -80.93 -114.86 -19.81
N ILE I 95 -80.58 -114.35 -20.99
CA ILE I 95 -80.97 -115.02 -22.23
C ILE I 95 -79.74 -115.17 -23.13
N TYR I 108 -85.52 -119.09 -32.64
CA TYR I 108 -85.69 -117.64 -32.70
C TYR I 108 -87.14 -117.26 -32.44
N ASP I 109 -87.42 -116.75 -31.25
CA ASP I 109 -88.76 -116.37 -30.84
C ASP I 109 -88.79 -114.90 -30.43
N LEU I 110 -90.00 -114.35 -30.38
CA LEU I 110 -90.18 -112.93 -30.10
C LEU I 110 -91.14 -112.72 -28.93
N GLU I 111 -92.34 -113.31 -28.99
CA GLU I 111 -93.34 -113.10 -27.96
C GLU I 111 -93.00 -113.80 -26.65
N GLY I 112 -92.13 -114.83 -26.69
CA GLY I 112 -91.77 -115.51 -25.46
C GLY I 112 -91.08 -114.60 -24.48
N LEU I 113 -90.10 -113.84 -24.96
CA LEU I 113 -89.43 -112.87 -24.10
C LEU I 113 -90.41 -111.80 -23.64
N PHE I 114 -91.29 -111.35 -24.55
CA PHE I 114 -92.40 -110.48 -24.17
C PHE I 114 -93.07 -110.96 -22.88
N LEU I 115 -93.57 -112.18 -22.93
CA LEU I 115 -94.41 -112.68 -21.84
C LEU I 115 -93.60 -113.00 -20.59
N ARG I 116 -92.35 -113.43 -20.75
CA ARG I 116 -91.48 -113.62 -19.59
C ARG I 116 -91.26 -112.28 -18.87
N LEU I 117 -90.97 -111.23 -19.63
CA LEU I 117 -90.79 -109.91 -19.03
C LEU I 117 -92.08 -109.40 -18.44
N GLU I 118 -93.23 -109.77 -19.00
CA GLU I 118 -94.51 -109.43 -18.38
C GLU I 118 -94.66 -110.10 -17.02
N LEU I 119 -94.30 -111.38 -16.94
CA LEU I 119 -94.26 -112.06 -15.65
C LEU I 119 -93.38 -111.30 -14.67
N ALA I 120 -92.22 -110.83 -15.14
CA ALA I 120 -91.34 -110.06 -14.27
C ALA I 120 -92.01 -108.78 -13.79
N ILE I 121 -92.69 -108.08 -14.70
CA ILE I 121 -93.41 -106.86 -14.32
C ILE I 121 -94.41 -107.17 -13.20
N ASP I 122 -95.19 -108.23 -13.38
CA ASP I 122 -96.17 -108.58 -12.35
C ASP I 122 -95.48 -108.92 -11.03
N THR I 123 -94.34 -109.61 -11.10
CA THR I 123 -93.68 -110.05 -9.89
C THR I 123 -93.15 -108.87 -9.08
N VAL I 124 -92.50 -107.91 -9.74
CA VAL I 124 -91.78 -106.86 -9.02
C VAL I 124 -92.52 -105.52 -8.99
N GLY I 125 -93.62 -105.39 -9.72
CA GLY I 125 -94.25 -104.08 -9.83
C GLY I 125 -93.32 -103.02 -10.35
N ALA I 126 -92.49 -103.38 -11.33
CA ALA I 126 -91.40 -102.53 -11.76
C ALA I 126 -91.89 -101.38 -12.64
N LYS I 127 -91.16 -100.27 -12.55
CA LYS I 127 -91.38 -99.11 -13.41
C LYS I 127 -90.13 -98.75 -14.21
N ARG I 128 -89.12 -99.61 -14.22
CA ARG I 128 -87.92 -99.38 -15.01
C ARG I 128 -87.45 -100.68 -15.65
N VAL I 129 -86.86 -100.58 -16.84
CA VAL I 129 -86.36 -101.75 -17.55
C VAL I 129 -85.03 -101.42 -18.24
N VAL I 130 -84.12 -102.39 -18.23
CA VAL I 130 -82.80 -102.25 -18.84
C VAL I 130 -82.55 -103.44 -19.74
N LEU I 131 -81.92 -103.18 -20.89
CA LEU I 131 -81.61 -104.23 -21.86
C LEU I 131 -80.15 -104.10 -22.27
N ASP I 132 -79.38 -105.19 -22.11
CA ASP I 132 -77.95 -105.17 -22.37
C ASP I 132 -77.58 -106.29 -23.33
N THR I 133 -76.75 -105.94 -24.32
CA THR I 133 -76.32 -106.85 -25.39
C THR I 133 -77.50 -107.25 -26.27
N ILE I 134 -78.35 -106.27 -26.61
CA ILE I 134 -79.49 -106.52 -27.47
C ILE I 134 -79.09 -106.88 -28.88
N GLU I 135 -77.82 -106.66 -29.25
CA GLU I 135 -77.37 -106.96 -30.60
C GLU I 135 -77.20 -108.47 -30.81
N SER I 136 -76.68 -109.17 -29.81
CA SER I 136 -76.48 -110.62 -29.95
C SER I 136 -77.80 -111.34 -30.18
N LEU I 137 -78.89 -110.83 -29.61
CA LEU I 137 -80.18 -111.48 -29.79
C LEU I 137 -80.63 -111.45 -31.25
N PHE I 138 -80.31 -110.38 -31.95
CA PHE I 138 -80.71 -110.23 -33.35
C PHE I 138 -79.58 -110.62 -34.29
N ARG I 148 -85.51 -105.89 -37.69
CA ARG I 148 -85.83 -104.54 -37.25
C ARG I 148 -87.30 -104.45 -36.83
N ALA I 149 -88.16 -105.18 -37.54
CA ALA I 149 -89.57 -105.20 -37.17
C ALA I 149 -89.76 -105.77 -35.78
N GLU I 150 -89.00 -106.81 -35.43
CA GLU I 150 -89.13 -107.43 -34.11
C GLU I 150 -88.73 -106.46 -33.00
N ILE I 151 -87.61 -105.75 -33.18
CA ILE I 151 -87.15 -104.84 -32.14
C ILE I 151 -88.08 -103.62 -32.05
N ARG I 152 -88.60 -103.16 -33.20
CA ARG I 152 -89.59 -102.10 -33.16
C ARG I 152 -90.82 -102.55 -32.39
N ARG I 153 -91.26 -103.78 -32.61
CA ARG I 153 -92.40 -104.32 -31.86
C ARG I 153 -92.11 -104.32 -30.37
N LEU I 154 -90.92 -104.78 -29.98
CA LEU I 154 -90.58 -104.85 -28.56
C LEU I 154 -90.58 -103.46 -27.92
N PHE I 155 -89.91 -102.51 -28.56
CA PHE I 155 -89.86 -101.15 -28.03
C PHE I 155 -91.26 -100.56 -27.92
N ASP I 156 -92.08 -100.72 -28.96
CA ASP I 156 -93.43 -100.18 -28.95
C ASP I 156 -94.25 -100.82 -27.84
N TRP I 157 -94.09 -102.12 -27.63
CA TRP I 157 -94.85 -102.82 -26.60
C TRP I 157 -94.47 -102.35 -25.20
N LEU I 158 -93.18 -102.17 -24.95
CA LEU I 158 -92.76 -101.66 -23.65
C LEU I 158 -93.26 -100.22 -23.45
N LYS I 159 -93.13 -99.39 -24.48
CA LYS I 159 -93.67 -98.03 -24.42
C LYS I 159 -95.17 -98.05 -24.14
N GLU I 160 -95.88 -99.05 -24.65
CA GLU I 160 -97.31 -99.17 -24.39
C GLU I 160 -97.57 -99.50 -22.93
N ARG I 161 -96.86 -100.50 -22.40
CA ARG I 161 -96.96 -100.77 -20.97
C ARG I 161 -96.72 -99.50 -20.17
N GLY I 162 -95.81 -98.65 -20.63
CA GLY I 162 -95.53 -97.40 -19.97
C GLY I 162 -94.26 -97.38 -19.15
N LEU I 163 -93.33 -98.28 -19.43
CA LEU I 163 -92.10 -98.39 -18.66
C LEU I 163 -91.07 -97.38 -19.16
N THR I 164 -90.06 -97.13 -18.33
CA THR I 164 -88.92 -96.31 -18.69
C THR I 164 -87.76 -97.23 -19.02
N THR I 165 -87.22 -97.11 -20.24
CA THR I 165 -86.29 -98.08 -20.79
C THR I 165 -84.91 -97.49 -20.95
N VAL I 166 -83.91 -98.34 -20.73
CA VAL I 166 -82.52 -98.05 -21.07
C VAL I 166 -82.00 -99.20 -21.93
N ILE I 167 -81.43 -98.88 -23.07
CA ILE I 167 -81.00 -99.86 -24.06
C ILE I 167 -79.50 -99.73 -24.26
N THR I 168 -78.83 -100.86 -24.47
CA THR I 168 -77.39 -100.88 -24.73
C THR I 168 -77.13 -101.11 -26.21
N ALA I 169 -76.27 -100.29 -26.80
CA ALA I 169 -75.88 -100.42 -28.19
C ALA I 169 -74.36 -100.41 -28.28
N GLU I 170 -73.84 -101.17 -29.25
CA GLU I 170 -72.40 -101.40 -29.39
C GLU I 170 -71.96 -101.02 -30.79
N ARG I 171 -70.97 -100.14 -30.89
CA ARG I 171 -70.42 -99.71 -32.17
C ARG I 171 -69.01 -100.26 -32.36
N GLY I 172 -68.58 -100.30 -33.61
CA GLY I 172 -67.26 -100.84 -33.94
C GLY I 172 -66.60 -100.19 -35.14
N ASP I 173 -67.34 -99.38 -35.90
CA ASP I 173 -66.79 -98.74 -37.09
C ASP I 173 -67.49 -97.39 -37.30
N GLY I 174 -67.16 -96.44 -36.44
CA GLY I 174 -67.63 -95.08 -36.60
C GLY I 174 -69.09 -94.86 -36.26
N ALA I 175 -69.98 -95.68 -36.83
CA ALA I 175 -71.40 -95.52 -36.59
C ALA I 175 -71.70 -95.44 -35.10
N LEU I 176 -72.73 -94.66 -34.76
CA LEU I 176 -73.14 -94.55 -33.37
C LEU I 176 -73.45 -95.93 -32.79
N THR I 177 -74.09 -96.78 -33.58
CA THR I 177 -74.30 -98.18 -33.23
C THR I 177 -74.05 -99.04 -34.46
N ARG I 178 -73.84 -100.33 -34.24
CA ARG I 178 -73.55 -101.22 -35.35
C ARG I 178 -74.78 -101.51 -36.18
N GLN I 179 -75.98 -101.42 -35.58
CA GLN I 179 -77.20 -101.63 -36.35
C GLN I 179 -77.37 -100.55 -37.42
N GLY I 180 -77.11 -99.30 -37.06
CA GLY I 180 -77.26 -98.19 -37.98
C GLY I 180 -78.66 -97.62 -38.06
N LEU I 181 -79.68 -98.39 -37.69
CA LEU I 181 -81.06 -97.93 -37.70
C LEU I 181 -81.72 -97.92 -36.33
N GLU I 182 -81.14 -98.60 -35.34
CA GLU I 182 -81.72 -98.60 -34.00
C GLU I 182 -81.71 -97.20 -33.37
N GLU I 183 -80.72 -96.38 -33.72
CA GLU I 183 -80.62 -95.05 -33.13
C GLU I 183 -81.87 -94.24 -33.42
N TYR I 184 -82.31 -94.22 -34.68
CA TYR I 184 -83.44 -93.37 -35.06
C TYR I 184 -84.76 -93.85 -34.47
N VAL I 185 -84.85 -95.11 -34.07
CA VAL I 185 -86.06 -95.58 -33.42
C VAL I 185 -86.21 -94.96 -32.04
N SER I 186 -85.10 -94.67 -31.37
CA SER I 186 -85.14 -94.16 -30.02
C SER I 186 -85.59 -92.70 -30.01
N ASP I 187 -85.88 -92.19 -28.81
CA ASP I 187 -86.27 -90.80 -28.61
C ASP I 187 -85.21 -89.97 -27.90
N CYS I 188 -84.30 -90.60 -27.14
CA CYS I 188 -83.23 -89.89 -26.46
C CYS I 188 -81.97 -90.75 -26.56
N VAL I 189 -80.92 -90.18 -27.14
CA VAL I 189 -79.71 -90.94 -27.48
C VAL I 189 -78.52 -90.29 -26.78
N ILE I 190 -77.75 -91.10 -26.05
CA ILE I 190 -76.59 -90.64 -25.29
C ILE I 190 -75.38 -91.42 -25.77
N LEU I 191 -74.38 -90.71 -26.28
CA LEU I 191 -73.16 -91.34 -26.80
C LEU I 191 -72.05 -91.23 -25.76
N LEU I 192 -71.46 -92.37 -25.41
CA LEU I 192 -70.34 -92.43 -24.49
C LEU I 192 -69.07 -92.76 -25.24
N ASP I 193 -67.98 -92.05 -24.92
CA ASP I 193 -66.72 -92.22 -25.63
C ASP I 193 -65.56 -92.20 -24.66
N HIS I 194 -64.59 -93.08 -24.91
CA HIS I 194 -63.36 -93.18 -24.12
C HIS I 194 -62.21 -92.77 -25.04
N ARG I 195 -61.80 -91.50 -24.97
CA ARG I 195 -60.79 -90.98 -25.86
C ARG I 195 -59.43 -90.96 -25.17
N VAL I 196 -58.38 -90.97 -25.99
CA VAL I 196 -57.00 -90.97 -25.50
C VAL I 196 -56.23 -89.88 -26.23
N GLU I 197 -55.59 -88.99 -25.48
CA GLU I 197 -54.77 -87.93 -26.04
C GLU I 197 -53.47 -87.85 -25.24
N ASN I 198 -52.35 -87.89 -25.94
CA ASN I 198 -51.02 -87.77 -25.32
C ASN I 198 -50.84 -88.83 -24.23
N GLN I 199 -51.29 -90.05 -24.52
CA GLN I 199 -51.14 -91.19 -23.62
C GLN I 199 -51.93 -91.02 -22.33
N ILE I 200 -52.99 -90.21 -22.34
CA ILE I 200 -53.84 -90.01 -21.18
C ILE I 200 -55.29 -90.09 -21.65
N SER I 201 -56.06 -90.99 -21.06
CA SER I 201 -57.43 -91.21 -21.46
C SER I 201 -58.39 -90.36 -20.62
N THR I 202 -59.49 -89.96 -21.26
CA THR I 202 -60.58 -89.28 -20.58
C THR I 202 -61.90 -89.74 -21.19
N ARG I 203 -62.94 -89.72 -20.36
CA ARG I 203 -64.26 -90.23 -20.72
C ARG I 203 -65.22 -89.06 -20.91
N ARG I 204 -65.98 -89.08 -22.00
CA ARG I 204 -66.89 -87.99 -22.32
C ARG I 204 -68.23 -88.54 -22.80
N LEU I 205 -69.32 -87.91 -22.35
CA LEU I 205 -70.65 -88.26 -22.80
C LEU I 205 -71.29 -87.07 -23.50
N ARG I 206 -72.11 -87.37 -24.50
CA ARG I 206 -72.82 -86.36 -25.28
C ARG I 206 -74.28 -86.76 -25.40
N ILE I 207 -75.15 -85.76 -25.43
CA ILE I 207 -76.59 -85.96 -25.65
C ILE I 207 -76.82 -85.72 -27.13
N VAL I 208 -76.74 -86.80 -27.93
CA VAL I 208 -76.84 -86.63 -29.37
C VAL I 208 -78.23 -86.12 -29.75
N LYS I 209 -79.26 -86.66 -29.12
CA LYS I 209 -80.63 -86.25 -29.40
C LYS I 209 -81.47 -86.42 -28.14
N TYR I 210 -82.48 -85.56 -28.00
CA TYR I 210 -83.43 -85.67 -26.90
C TYR I 210 -84.68 -84.88 -27.32
N ARG I 211 -85.68 -85.60 -27.81
CA ARG I 211 -86.90 -84.95 -28.28
C ARG I 211 -87.69 -84.37 -27.11
N GLY I 212 -88.31 -83.21 -27.36
CA GLY I 212 -89.24 -82.65 -26.40
C GLY I 212 -88.63 -81.99 -25.19
N THR I 213 -87.35 -81.66 -25.23
CA THR I 213 -86.70 -81.05 -24.07
C THR I 213 -85.38 -80.44 -24.48
N ALA I 214 -85.03 -79.33 -23.83
CA ALA I 214 -83.70 -78.77 -23.93
C ALA I 214 -82.73 -79.57 -23.07
N HIS I 215 -81.44 -79.40 -23.33
CA HIS I 215 -80.41 -80.14 -22.61
C HIS I 215 -79.06 -79.56 -22.98
N GLY I 216 -78.01 -80.16 -22.40
CA GLY I 216 -76.65 -79.75 -22.68
C GLY I 216 -76.15 -80.28 -24.00
N THR I 217 -76.17 -79.43 -25.03
CA THR I 217 -75.77 -79.86 -26.36
C THR I 217 -74.30 -80.24 -26.45
N ASN I 218 -73.50 -79.82 -25.48
CA ASN I 218 -72.06 -80.01 -25.54
C ASN I 218 -71.64 -81.35 -24.95
N GLU I 219 -70.35 -81.66 -25.10
CA GLU I 219 -69.76 -82.83 -24.47
C GLU I 219 -69.44 -82.52 -23.02
N TYR I 220 -69.74 -83.47 -22.14
CA TYR I 220 -69.45 -83.31 -20.72
C TYR I 220 -68.65 -84.53 -20.27
N PRO I 221 -67.46 -84.35 -19.71
CA PRO I 221 -66.69 -85.51 -19.24
C PRO I 221 -67.34 -86.17 -18.03
N PHE I 222 -67.07 -87.45 -17.88
CA PHE I 222 -67.55 -88.22 -16.74
C PHE I 222 -66.43 -89.14 -16.26
N LEU I 223 -66.62 -89.66 -15.05
CA LEU I 223 -65.62 -90.50 -14.40
C LEU I 223 -66.32 -91.65 -13.68
N ILE I 224 -65.76 -92.85 -13.81
CA ILE I 224 -66.29 -94.03 -13.13
C ILE I 224 -65.35 -94.31 -11.96
N ASP I 225 -65.65 -93.70 -10.82
CA ASP I 225 -64.90 -93.92 -9.59
C ASP I 225 -65.47 -95.12 -8.84
N THR I 226 -64.76 -95.55 -7.79
CA THR I 226 -65.31 -96.55 -6.90
C THR I 226 -66.66 -96.12 -6.34
N ASP I 227 -66.91 -94.81 -6.28
CA ASP I 227 -68.22 -94.32 -5.85
C ASP I 227 -69.28 -94.56 -6.93
N GLY I 228 -68.91 -94.36 -8.19
CA GLY I 228 -69.80 -94.64 -9.30
C GLY I 228 -69.57 -93.67 -10.44
N PHE I 229 -70.60 -93.51 -11.26
CA PHE I 229 -70.57 -92.53 -12.33
C PHE I 229 -70.59 -91.12 -11.74
N SER I 230 -69.85 -90.21 -12.38
CA SER I 230 -69.67 -88.87 -11.85
C SER I 230 -69.55 -87.87 -12.98
N VAL I 231 -70.23 -86.74 -12.83
CA VAL I 231 -70.16 -85.62 -13.75
C VAL I 231 -70.01 -84.34 -12.92
N LEU I 232 -69.36 -83.34 -13.50
CA LEU I 232 -69.08 -82.11 -12.78
C LEU I 232 -70.27 -81.16 -12.89
N PRO I 233 -70.92 -80.79 -11.79
CA PRO I 233 -72.09 -79.91 -11.87
C PRO I 233 -71.68 -78.48 -12.18
N VAL I 234 -72.67 -77.68 -12.57
CA VAL I 234 -72.46 -76.28 -12.88
C VAL I 234 -73.71 -75.47 -12.52
N LEU I 239 -71.37 -67.99 -12.88
CA LEU I 239 -71.91 -68.06 -11.53
C LEU I 239 -71.86 -66.69 -10.86
N LEU I 240 -72.81 -66.45 -9.94
CA LEU I 240 -72.89 -65.20 -9.20
C LEU I 240 -72.94 -65.51 -7.71
N HIS I 241 -72.19 -64.73 -6.93
CA HIS I 241 -72.00 -65.00 -5.51
C HIS I 241 -72.50 -63.84 -4.66
N GLN I 242 -73.03 -64.18 -3.49
CA GLN I 242 -73.33 -63.18 -2.48
C GLN I 242 -72.03 -62.55 -1.99
N VAL I 243 -71.99 -61.22 -1.93
CA VAL I 243 -70.77 -60.51 -1.57
C VAL I 243 -70.96 -59.85 -0.22
N HIS I 244 -69.83 -59.46 0.39
CA HIS I 244 -69.81 -58.92 1.73
C HIS I 244 -68.66 -57.93 1.85
N GLU I 245 -68.77 -57.04 2.83
CA GLU I 245 -67.78 -55.99 3.05
C GLU I 245 -66.76 -56.34 4.12
N GLU I 246 -66.76 -57.58 4.61
CA GLU I 246 -65.81 -57.97 5.63
C GLU I 246 -64.45 -58.27 5.01
N ARG I 247 -63.46 -58.47 5.87
CA ARG I 247 -62.08 -58.63 5.46
C ARG I 247 -61.53 -59.92 6.04
N ILE I 248 -60.48 -60.44 5.40
CA ILE I 248 -59.78 -61.64 5.86
C ILE I 248 -58.32 -61.26 6.07
N ALA I 249 -57.73 -61.82 7.13
CA ALA I 249 -56.35 -61.53 7.46
C ALA I 249 -55.41 -62.23 6.49
N SER I 250 -54.14 -61.82 6.50
CA SER I 250 -53.15 -62.32 5.57
C SER I 250 -51.99 -63.05 6.23
N GLY I 251 -51.84 -62.95 7.56
CA GLY I 251 -50.63 -63.41 8.20
C GLY I 251 -49.48 -62.45 8.09
N VAL I 252 -49.67 -61.29 7.46
CA VAL I 252 -48.65 -60.27 7.33
C VAL I 252 -49.29 -58.92 7.66
N PRO I 253 -49.13 -58.42 8.89
CA PRO I 253 -49.79 -57.16 9.26
C PRO I 253 -49.42 -56.00 8.35
N ASP I 254 -48.20 -55.96 7.82
CA ASP I 254 -47.83 -54.88 6.92
C ASP I 254 -48.53 -55.00 5.57
N LEU I 255 -48.61 -56.23 5.03
CA LEU I 255 -49.41 -56.47 3.85
C LEU I 255 -50.83 -55.94 4.06
N ASP I 256 -51.46 -56.35 5.16
CA ASP I 256 -52.81 -55.84 5.44
C ASP I 256 -52.81 -54.33 5.61
N ALA I 257 -51.74 -53.76 6.16
CA ALA I 257 -51.68 -52.33 6.39
C ALA I 257 -51.73 -51.56 5.07
N MET I 258 -51.11 -52.10 4.03
CA MET I 258 -51.17 -51.44 2.73
C MET I 258 -52.59 -51.27 2.22
N MET I 259 -53.58 -51.88 2.86
CA MET I 259 -54.97 -51.84 2.43
C MET I 259 -55.78 -50.84 3.26
N ALA I 260 -56.86 -50.35 2.66
CA ALA I 260 -57.85 -49.52 3.36
C ALA I 260 -58.92 -50.45 3.90
N GLY I 261 -58.70 -50.95 5.11
CA GLY I 261 -59.59 -51.91 5.72
C GLY I 261 -58.83 -53.01 6.43
N GLY I 262 -57.59 -53.24 6.01
CA GLY I 262 -56.73 -54.18 6.70
C GLY I 262 -56.74 -55.59 6.16
N GLY I 263 -57.02 -55.77 4.88
CA GLY I 263 -56.97 -57.08 4.27
C GLY I 263 -57.90 -57.19 3.09
N PHE I 264 -57.61 -58.16 2.23
CA PHE I 264 -58.47 -58.43 1.08
C PHE I 264 -59.89 -58.76 1.55
N PHE I 265 -60.86 -58.52 0.67
CA PHE I 265 -62.22 -58.95 0.95
C PHE I 265 -62.26 -60.46 1.09
N ARG I 266 -63.07 -60.95 2.03
CA ARG I 266 -63.07 -62.37 2.37
C ARG I 266 -63.25 -63.24 1.13
N GLY I 267 -64.36 -63.07 0.43
CA GLY I 267 -64.62 -63.84 -0.77
C GLY I 267 -63.93 -63.25 -1.98
N SER I 268 -62.62 -63.45 -2.08
CA SER I 268 -61.82 -62.83 -3.13
C SER I 268 -60.80 -63.82 -3.65
N SER I 269 -60.26 -63.50 -4.82
CA SER I 269 -59.17 -64.25 -5.44
C SER I 269 -57.92 -63.38 -5.44
N ILE I 270 -56.81 -63.95 -5.00
CA ILE I 270 -55.54 -63.26 -4.88
C ILE I 270 -54.53 -63.95 -5.80
N LEU I 271 -53.72 -63.15 -6.48
CA LEU I 271 -52.73 -63.64 -7.44
C LEU I 271 -51.34 -63.26 -6.94
N VAL I 272 -50.61 -64.26 -6.45
CA VAL I 272 -49.23 -64.07 -5.99
C VAL I 272 -48.34 -64.35 -7.19
N SER I 273 -48.09 -63.34 -8.00
CA SER I 273 -47.24 -63.51 -9.17
C SER I 273 -45.80 -63.19 -8.79
N GLY I 274 -44.86 -63.96 -9.32
CA GLY I 274 -43.47 -63.68 -9.03
C GLY I 274 -42.53 -64.60 -9.79
N VAL I 275 -41.25 -64.27 -9.72
CA VAL I 275 -40.19 -65.08 -10.30
C VAL I 275 -39.87 -66.20 -9.32
N ALA I 276 -38.93 -67.07 -9.68
CA ALA I 276 -38.53 -68.16 -8.80
C ALA I 276 -37.60 -67.65 -7.71
N GLY I 277 -37.73 -68.25 -6.53
CA GLY I 277 -36.96 -67.82 -5.38
C GLY I 277 -37.53 -66.63 -4.64
N ALA I 278 -38.77 -66.24 -4.94
CA ALA I 278 -39.37 -65.04 -4.36
C ALA I 278 -40.35 -65.34 -3.22
N GLY I 279 -40.50 -66.60 -2.83
CA GLY I 279 -41.31 -66.93 -1.67
C GLY I 279 -42.80 -66.81 -1.86
N LYS I 280 -43.29 -67.00 -3.09
CA LYS I 280 -44.73 -67.01 -3.34
C LYS I 280 -45.42 -68.01 -2.43
N SER I 281 -44.90 -69.23 -2.39
CA SER I 281 -45.44 -70.26 -1.51
C SER I 281 -45.43 -69.80 -0.06
N SER I 282 -44.43 -69.02 0.34
CA SER I 282 -44.36 -68.56 1.72
C SER I 282 -45.49 -67.58 2.02
N LEU I 283 -45.73 -66.62 1.13
CA LEU I 283 -46.86 -65.72 1.32
C LEU I 283 -48.16 -66.49 1.41
N ALA I 284 -48.37 -67.45 0.51
CA ALA I 284 -49.60 -68.23 0.53
C ALA I 284 -49.73 -69.03 1.83
N ALA I 285 -48.62 -69.57 2.32
CA ALA I 285 -48.65 -70.36 3.56
C ALA I 285 -49.00 -69.50 4.76
N HIS I 286 -48.45 -68.29 4.83
CA HIS I 286 -48.84 -67.36 5.88
C HIS I 286 -50.34 -67.06 5.81
N PHE I 287 -50.84 -66.81 4.59
CA PHE I 287 -52.27 -66.56 4.43
C PHE I 287 -53.09 -67.72 5.00
N ALA I 288 -52.70 -68.95 4.68
CA ALA I 288 -53.44 -70.11 5.16
C ALA I 288 -53.37 -70.21 6.68
N ALA I 289 -52.17 -70.05 7.24
CA ALA I 289 -51.99 -70.17 8.68
C ALA I 289 -52.82 -69.14 9.43
N ALA I 290 -53.09 -67.99 8.82
CA ALA I 290 -53.95 -67.00 9.46
C ALA I 290 -55.29 -67.63 9.87
N ALA I 291 -56.02 -68.15 8.88
CA ALA I 291 -57.30 -68.79 9.16
C ALA I 291 -57.13 -70.00 10.07
N CYS I 292 -56.12 -70.82 9.80
CA CYS I 292 -55.89 -72.00 10.63
C CYS I 292 -55.74 -71.62 12.10
N ALA I 293 -55.17 -70.45 12.37
CA ALA I 293 -55.06 -69.97 13.76
C ALA I 293 -56.39 -69.45 14.26
N ARG I 294 -57.12 -68.72 13.43
CA ARG I 294 -58.43 -68.23 13.87
C ARG I 294 -59.45 -69.34 14.03
N GLY I 295 -59.09 -70.58 13.73
CA GLY I 295 -59.96 -71.72 13.94
C GLY I 295 -60.68 -72.19 12.69
N GLU I 296 -60.77 -71.33 11.68
CA GLU I 296 -61.21 -71.75 10.37
C GLU I 296 -60.30 -72.85 9.84
N ARG I 297 -60.66 -73.41 8.69
CA ARG I 297 -59.89 -74.49 8.09
C ARG I 297 -59.58 -74.13 6.64
N ALA I 298 -58.40 -74.57 6.19
CA ALA I 298 -57.88 -74.20 4.88
C ALA I 298 -57.25 -75.40 4.21
N MET I 299 -57.05 -75.25 2.89
CA MET I 299 -56.59 -76.35 2.05
C MET I 299 -55.51 -75.82 1.11
N TYR I 300 -54.32 -76.41 1.21
CA TYR I 300 -53.17 -76.05 0.39
C TYR I 300 -53.00 -77.13 -0.68
N PHE I 301 -53.29 -76.76 -1.93
CA PHE I 301 -53.02 -77.61 -3.08
C PHE I 301 -51.62 -77.30 -3.57
N SER I 302 -50.75 -78.30 -3.56
CA SER I 302 -49.37 -78.16 -4.02
C SER I 302 -49.16 -79.13 -5.18
N PHE I 303 -48.98 -78.58 -6.38
CA PHE I 303 -48.73 -79.37 -7.57
C PHE I 303 -47.24 -79.53 -7.86
N GLU I 304 -46.38 -79.07 -6.95
CA GLU I 304 -44.94 -79.09 -7.19
C GLU I 304 -44.11 -79.50 -5.98
N GLU I 305 -44.68 -79.64 -4.79
CA GLU I 305 -43.90 -79.87 -3.59
C GLU I 305 -44.64 -80.79 -2.64
N ALA I 306 -43.86 -81.53 -1.84
CA ALA I 306 -44.41 -82.43 -0.85
C ALA I 306 -44.74 -81.70 0.44
N ALA I 307 -45.68 -82.26 1.20
CA ALA I 307 -46.16 -81.60 2.40
C ALA I 307 -45.06 -81.51 3.47
N ASP I 308 -44.32 -82.59 3.69
CA ASP I 308 -43.26 -82.57 4.69
C ASP I 308 -42.19 -81.54 4.33
N GLN I 309 -41.77 -81.52 3.07
CA GLN I 309 -40.80 -80.53 2.62
C GLN I 309 -41.33 -79.12 2.84
N ALA I 310 -42.60 -78.88 2.51
CA ALA I 310 -43.18 -77.56 2.70
C ALA I 310 -43.16 -77.15 4.17
N VAL I 311 -43.52 -78.08 5.05
CA VAL I 311 -43.52 -77.78 6.49
C VAL I 311 -42.12 -77.41 6.94
N ARG I 312 -41.12 -78.19 6.51
CA ARG I 312 -39.73 -77.90 6.86
C ARG I 312 -39.34 -76.49 6.41
N ASN I 313 -39.62 -76.16 5.16
CA ASN I 313 -39.21 -74.87 4.62
C ASN I 313 -39.87 -73.72 5.36
N MET I 314 -41.19 -73.79 5.53
CA MET I 314 -41.87 -72.69 6.20
C MET I 314 -41.52 -72.63 7.69
N ARG I 315 -41.11 -73.75 8.29
CA ARG I 315 -40.54 -73.69 9.63
C ARG I 315 -39.24 -72.90 9.61
N SER I 316 -38.41 -73.10 8.58
CA SER I 316 -37.24 -72.25 8.42
C SER I 316 -37.64 -70.79 8.40
N LEU I 317 -38.80 -70.48 7.82
CA LEU I 317 -39.31 -69.10 7.85
C LEU I 317 -40.24 -68.82 9.03
N GLY I 318 -40.25 -69.67 10.05
CA GLY I 318 -40.95 -69.33 11.28
C GLY I 318 -42.45 -69.54 11.20
N LEU I 319 -42.85 -70.69 10.67
CA LEU I 319 -44.27 -71.05 10.55
C LEU I 319 -44.42 -72.52 10.87
N ASP I 320 -45.35 -72.84 11.76
CA ASP I 320 -45.62 -74.23 12.15
C ASP I 320 -46.88 -74.70 11.44
N LEU I 321 -46.69 -75.36 10.30
CA LEU I 321 -47.80 -75.95 9.55
C LEU I 321 -48.21 -77.30 10.10
N GLY I 322 -47.31 -77.97 10.82
CA GLY I 322 -47.64 -79.27 11.37
C GLY I 322 -48.74 -79.21 12.41
N ARG I 323 -48.79 -78.14 13.20
CA ARG I 323 -49.85 -78.01 14.18
C ARG I 323 -51.21 -78.00 13.50
N TRP I 324 -51.36 -77.21 12.44
CA TRP I 324 -52.65 -77.10 11.77
C TRP I 324 -52.99 -78.39 11.04
N ARG I 325 -51.99 -79.03 10.43
CA ARG I 325 -52.22 -80.35 9.85
C ARG I 325 -52.77 -81.32 10.90
N ASP I 326 -52.14 -81.37 12.08
CA ASP I 326 -52.53 -82.31 13.11
C ASP I 326 -53.92 -81.99 13.64
N ALA I 327 -54.18 -80.71 13.94
CA ALA I 327 -55.51 -80.32 14.40
C ALA I 327 -56.56 -80.53 13.33
N GLY I 328 -56.15 -80.72 12.08
CA GLY I 328 -57.10 -80.96 11.01
C GLY I 328 -57.65 -79.71 10.37
N LEU I 329 -57.19 -78.54 10.78
CA LEU I 329 -57.60 -77.28 10.17
C LEU I 329 -56.79 -76.96 8.92
N LEU I 330 -55.86 -77.83 8.51
CA LEU I 330 -55.09 -77.63 7.29
C LEU I 330 -55.03 -78.95 6.53
N ARG I 331 -55.35 -78.89 5.23
CA ARG I 331 -55.31 -80.06 4.37
C ARG I 331 -54.26 -79.85 3.29
N PHE I 332 -53.21 -80.67 3.29
CA PHE I 332 -52.16 -80.60 2.28
C PHE I 332 -52.42 -81.64 1.21
N MET I 333 -52.80 -81.19 0.01
CA MET I 333 -53.04 -82.07 -1.12
C MET I 333 -51.88 -81.90 -2.10
N ALA I 334 -50.99 -82.89 -2.15
CA ALA I 334 -49.77 -82.83 -2.95
C ALA I 334 -49.95 -83.70 -4.18
N THR I 335 -50.50 -83.10 -5.24
CA THR I 335 -50.67 -83.77 -6.52
C THR I 335 -49.46 -83.50 -7.41
N ARG I 336 -49.54 -83.92 -8.67
CA ARG I 336 -48.54 -83.61 -9.68
C ARG I 336 -49.30 -83.46 -10.99
N PRO I 337 -48.95 -82.47 -11.83
CA PRO I 337 -49.79 -82.19 -13.00
C PRO I 337 -49.84 -83.33 -14.01
N THR I 338 -48.77 -84.10 -14.15
CA THR I 338 -48.69 -85.04 -15.27
C THR I 338 -49.61 -86.23 -15.09
N PHE I 339 -49.79 -86.69 -13.84
CA PHE I 339 -50.50 -87.94 -13.61
C PHE I 339 -51.86 -87.97 -14.30
N TYR I 340 -52.60 -86.86 -14.24
CA TYR I 340 -54.00 -86.83 -14.63
C TYR I 340 -54.24 -85.81 -15.72
N SER I 341 -55.47 -85.80 -16.23
CA SER I 341 -55.92 -84.80 -17.19
C SER I 341 -56.38 -83.55 -16.45
N LEU I 342 -56.61 -82.48 -17.21
CA LEU I 342 -57.04 -81.22 -16.60
C LEU I 342 -58.45 -81.35 -16.03
N GLU I 343 -59.32 -82.10 -16.69
CA GLU I 343 -60.70 -82.22 -16.23
C GLU I 343 -60.79 -83.03 -14.95
N MET I 344 -60.11 -84.19 -14.92
CA MET I 344 -60.07 -84.97 -13.68
C MET I 344 -59.51 -84.15 -12.53
N HIS I 345 -58.57 -83.25 -12.82
CA HIS I 345 -57.98 -82.47 -11.74
C HIS I 345 -58.93 -81.39 -11.25
N LEU I 346 -59.61 -80.70 -12.18
CA LEU I 346 -60.68 -79.80 -11.77
C LEU I 346 -61.67 -80.53 -10.86
N ALA I 347 -62.05 -81.75 -11.26
CA ALA I 347 -63.05 -82.49 -10.49
C ALA I 347 -62.49 -82.91 -9.13
N VAL I 348 -61.22 -83.29 -9.06
CA VAL I 348 -60.63 -83.70 -7.79
C VAL I 348 -60.57 -82.53 -6.83
N ILE I 349 -60.11 -81.37 -7.31
CA ILE I 349 -60.04 -80.18 -6.47
C ILE I 349 -61.43 -79.82 -5.98
N LEU I 350 -62.42 -79.83 -6.89
CA LEU I 350 -63.79 -79.49 -6.50
C LEU I 350 -64.34 -80.48 -5.50
N ARG I 351 -64.03 -81.77 -5.67
CA ARG I 351 -64.43 -82.78 -4.70
C ARG I 351 -63.89 -82.44 -3.32
N GLU I 352 -62.58 -82.24 -3.22
CA GLU I 352 -61.97 -81.99 -1.92
C GLU I 352 -62.56 -80.73 -1.29
N VAL I 353 -62.81 -79.69 -2.10
CA VAL I 353 -63.30 -78.44 -1.54
C VAL I 353 -64.75 -78.59 -1.07
N MET I 354 -65.60 -79.25 -1.86
CA MET I 354 -66.99 -79.42 -1.45
C MET I 354 -67.13 -80.42 -0.30
N ARG I 355 -66.15 -81.32 -0.14
CA ARG I 355 -66.17 -82.28 0.95
C ARG I 355 -65.57 -81.72 2.23
N PHE I 356 -64.72 -80.69 2.14
CA PHE I 356 -64.07 -80.12 3.31
C PHE I 356 -64.67 -78.79 3.76
N GLU I 357 -65.40 -78.09 2.88
CA GLU I 357 -66.00 -76.79 3.15
C GLU I 357 -65.00 -75.86 3.84
N PRO I 358 -63.84 -75.61 3.24
CA PRO I 358 -62.84 -74.74 3.85
C PRO I 358 -63.19 -73.27 3.64
N SER I 359 -62.33 -72.40 4.18
CA SER I 359 -62.47 -70.96 4.03
C SER I 359 -61.35 -70.33 3.21
N VAL I 360 -60.17 -70.94 3.19
CA VAL I 360 -59.04 -70.44 2.41
C VAL I 360 -58.44 -71.60 1.63
N VAL I 361 -58.25 -71.40 0.34
CA VAL I 361 -57.70 -72.43 -0.54
C VAL I 361 -56.53 -71.83 -1.31
N VAL I 362 -55.36 -72.46 -1.21
CA VAL I 362 -54.15 -72.02 -1.90
C VAL I 362 -53.86 -72.98 -3.04
N LEU I 363 -53.34 -72.43 -4.14
CA LEU I 363 -52.92 -73.23 -5.29
C LEU I 363 -51.49 -72.83 -5.64
N ASP I 364 -50.54 -73.75 -5.37
CA ASP I 364 -49.12 -73.49 -5.57
C ASP I 364 -48.53 -74.54 -6.52
N PRO I 365 -48.34 -74.20 -7.81
CA PRO I 365 -48.78 -73.02 -8.55
C PRO I 365 -49.76 -73.35 -9.67
N ILE I 366 -50.65 -72.40 -10.00
CA ILE I 366 -51.46 -72.53 -11.20
C ILE I 366 -50.60 -72.51 -12.46
N SER I 367 -49.32 -72.14 -12.33
CA SER I 367 -48.42 -72.15 -13.47
C SER I 367 -48.26 -73.54 -14.05
N ALA I 368 -48.27 -74.57 -13.20
CA ALA I 368 -47.98 -75.92 -13.64
C ALA I 368 -48.96 -76.42 -14.69
N PHE I 369 -50.13 -75.79 -14.81
CA PHE I 369 -51.14 -76.24 -15.75
C PHE I 369 -50.96 -75.65 -17.15
N THR I 370 -50.06 -74.68 -17.32
CA THR I 370 -49.75 -74.19 -18.66
C THR I 370 -49.06 -75.25 -19.50
N GLU I 371 -48.42 -76.23 -18.87
CA GLU I 371 -47.77 -77.31 -19.61
C GLU I 371 -48.78 -78.10 -20.42
N SER I 372 -48.64 -78.05 -21.74
CA SER I 372 -49.52 -78.75 -22.67
C SER I 372 -50.98 -78.60 -22.27
N GLY I 373 -51.39 -77.35 -22.13
CA GLY I 373 -52.76 -77.03 -21.85
C GLY I 373 -53.28 -75.98 -22.82
N ASP I 374 -54.14 -76.40 -23.74
CA ASP I 374 -54.74 -75.45 -24.67
C ASP I 374 -55.29 -74.26 -23.89
N ARG I 375 -54.94 -73.05 -24.37
CA ARG I 375 -55.31 -71.82 -23.68
C ARG I 375 -56.75 -71.88 -23.22
N LEU I 376 -57.64 -72.34 -24.11
CA LEU I 376 -59.05 -72.49 -23.73
C LEU I 376 -59.21 -73.46 -22.57
N GLU I 377 -58.48 -74.59 -22.61
CA GLU I 377 -58.64 -75.60 -21.56
C GLU I 377 -58.20 -75.06 -20.20
N VAL I 378 -57.03 -74.41 -20.16
CA VAL I 378 -56.53 -73.90 -18.88
C VAL I 378 -57.43 -72.78 -18.38
N GLN I 379 -57.89 -71.90 -19.28
CA GLN I 379 -58.79 -70.84 -18.85
C GLN I 379 -60.09 -71.42 -18.30
N SER I 380 -60.63 -72.45 -18.96
CA SER I 380 -61.83 -73.10 -18.47
C SER I 380 -61.61 -73.66 -17.07
N MET I 381 -60.53 -74.40 -16.87
CA MET I 381 -60.25 -74.98 -15.55
C MET I 381 -60.19 -73.89 -14.49
N LEU I 382 -59.42 -72.82 -14.74
CA LEU I 382 -59.18 -71.83 -13.71
C LEU I 382 -60.44 -71.01 -13.42
N LEU I 383 -61.18 -70.63 -14.48
CA LEU I 383 -62.44 -69.93 -14.26
C LEU I 383 -63.41 -70.80 -13.46
N ARG I 384 -63.48 -72.09 -13.78
CA ARG I 384 -64.35 -72.99 -13.02
C ARG I 384 -63.95 -73.01 -11.54
N ILE I 385 -62.65 -73.18 -11.28
CA ILE I 385 -62.18 -73.24 -9.90
C ILE I 385 -62.55 -71.96 -9.15
N VAL I 386 -62.26 -70.81 -9.76
CA VAL I 386 -62.51 -69.52 -9.09
C VAL I 386 -63.99 -69.34 -8.84
N ASP I 387 -64.83 -69.63 -9.83
CA ASP I 387 -66.26 -69.41 -9.67
C ASP I 387 -66.84 -70.33 -8.60
N PHE I 388 -66.38 -71.58 -8.55
CA PHE I 388 -66.85 -72.48 -7.50
C PHE I 388 -66.47 -71.95 -6.12
N LEU I 389 -65.19 -71.64 -5.94
CA LEU I 389 -64.72 -71.12 -4.66
C LEU I 389 -65.52 -69.90 -4.24
N LYS I 390 -65.76 -68.98 -5.17
CA LYS I 390 -66.46 -67.75 -4.83
C LYS I 390 -67.93 -68.03 -4.50
N ASN I 391 -68.65 -68.68 -5.43
CA ASN I 391 -70.07 -68.92 -5.22
C ASN I 391 -70.33 -69.62 -3.89
N ARG I 392 -69.40 -70.43 -3.41
CA ARG I 392 -69.57 -71.05 -2.10
C ARG I 392 -68.81 -70.33 -1.00
N GLY I 393 -68.18 -69.20 -1.30
CA GLY I 393 -67.65 -68.33 -0.26
C GLY I 393 -66.34 -68.81 0.31
N ILE I 394 -65.29 -68.78 -0.50
CA ILE I 394 -63.97 -69.27 -0.10
C ILE I 394 -62.92 -68.35 -0.71
N THR I 395 -61.98 -67.90 0.11
CA THR I 395 -60.85 -67.13 -0.39
C THR I 395 -59.95 -68.03 -1.22
N GLY I 396 -59.49 -67.51 -2.36
CA GLY I 396 -58.67 -68.30 -3.27
C GLY I 396 -57.35 -67.66 -3.62
N ILE I 397 -56.26 -68.17 -3.07
CA ILE I 397 -54.91 -67.67 -3.35
C ILE I 397 -54.30 -68.54 -4.44
N PHE I 398 -53.64 -67.91 -5.42
CA PHE I 398 -53.09 -68.61 -6.57
C PHE I 398 -51.70 -68.07 -6.85
N THR I 399 -50.68 -68.91 -6.75
CA THR I 399 -49.32 -68.48 -7.03
C THR I 399 -48.96 -68.74 -8.50
N HIS I 400 -48.21 -67.82 -9.09
CA HIS I 400 -47.81 -67.93 -10.49
C HIS I 400 -46.33 -67.62 -10.67
N LEU I 401 -45.70 -68.39 -11.54
CA LEU I 401 -44.27 -68.30 -11.83
C LEU I 401 -43.95 -67.03 -12.60
N ALA I 412 -50.25 -62.58 -16.73
CA ALA I 412 -50.35 -63.12 -18.08
C ALA I 412 -51.82 -63.28 -18.48
N GLY I 413 -52.62 -62.26 -18.18
CA GLY I 413 -54.03 -62.29 -18.50
C GLY I 413 -54.90 -62.65 -17.30
N LEU I 414 -54.43 -63.61 -16.50
CA LEU I 414 -55.15 -63.99 -15.29
C LEU I 414 -55.23 -62.83 -14.29
N SER I 415 -54.38 -61.83 -14.45
CA SER I 415 -54.41 -60.67 -13.56
C SER I 415 -55.75 -59.96 -13.64
N SER I 416 -56.32 -59.86 -14.85
CA SER I 416 -57.62 -59.21 -15.00
C SER I 416 -58.74 -60.07 -14.43
N LEU I 417 -58.57 -61.39 -14.43
CA LEU I 417 -59.61 -62.28 -13.94
C LEU I 417 -59.56 -62.44 -12.42
N MET I 418 -58.45 -62.10 -11.78
CA MET I 418 -58.36 -62.19 -10.33
C MET I 418 -58.72 -60.86 -9.67
N ASP I 419 -59.11 -60.95 -8.39
CA ASP I 419 -59.61 -59.78 -7.67
C ASP I 419 -58.50 -58.95 -7.04
N GLY I 420 -57.36 -59.56 -6.75
CA GLY I 420 -56.25 -58.85 -6.15
C GLY I 420 -54.93 -59.39 -6.69
N TRP I 421 -53.93 -58.52 -6.74
CA TRP I 421 -52.66 -58.85 -7.39
C TRP I 421 -51.51 -58.41 -6.51
N VAL I 422 -50.73 -59.38 -6.04
CA VAL I 422 -49.49 -59.11 -5.30
C VAL I 422 -48.34 -59.55 -6.20
N LEU I 423 -47.49 -58.60 -6.58
CA LEU I 423 -46.30 -58.90 -7.37
C LEU I 423 -45.10 -59.01 -6.44
N MET I 424 -44.28 -60.03 -6.68
CA MET I 424 -43.10 -60.34 -5.90
C MET I 424 -41.92 -60.39 -6.84
N LEU I 425 -40.80 -59.76 -6.43
CA LEU I 425 -39.65 -59.61 -7.31
C LEU I 425 -38.38 -59.91 -6.55
N ASN I 426 -37.41 -60.50 -7.27
CA ASN I 426 -36.07 -60.81 -6.77
C ASN I 426 -35.08 -60.24 -7.79
N ARG I 427 -34.86 -58.93 -7.72
CA ARG I 427 -34.06 -58.23 -8.73
C ARG I 427 -32.58 -58.27 -8.38
N GLU I 428 -31.75 -58.07 -9.42
CA GLU I 428 -30.30 -58.05 -9.28
C GLU I 428 -29.82 -56.61 -9.43
N VAL I 429 -29.13 -56.11 -8.41
CA VAL I 429 -28.55 -54.77 -8.44
C VAL I 429 -27.20 -54.83 -7.73
N ASN I 430 -26.15 -54.35 -8.40
CA ASN I 430 -24.79 -54.38 -7.86
C ASN I 430 -24.41 -55.81 -7.44
N GLY I 431 -24.90 -56.79 -8.20
CA GLY I 431 -24.62 -58.17 -7.89
C GLY I 431 -25.31 -58.72 -6.67
N GLU I 432 -26.21 -57.96 -6.07
CA GLU I 432 -26.96 -58.38 -4.89
C GLU I 432 -28.42 -58.59 -5.28
N PHE I 433 -28.97 -59.75 -4.91
CA PHE I 433 -30.37 -60.05 -5.16
C PHE I 433 -31.21 -59.51 -4.02
N ASN I 434 -32.09 -58.56 -4.34
CA ASN I 434 -32.96 -57.91 -3.37
C ASN I 434 -34.41 -58.17 -3.73
N ARG I 435 -35.24 -58.37 -2.70
CA ARG I 435 -36.61 -58.79 -2.89
C ARG I 435 -37.58 -57.69 -2.48
N GLU I 436 -38.59 -57.48 -3.31
CA GLU I 436 -39.59 -56.46 -3.05
C GLU I 436 -40.94 -56.93 -3.58
N LEU I 437 -41.99 -56.64 -2.83
CA LEU I 437 -43.34 -56.98 -3.27
C LEU I 437 -44.25 -55.77 -3.10
N TYR I 438 -45.39 -55.84 -3.77
CA TYR I 438 -46.33 -54.73 -3.66
C TYR I 438 -47.67 -55.09 -4.27
N LEU I 439 -48.69 -54.32 -3.87
CA LEU I 439 -50.07 -54.49 -4.29
C LEU I 439 -50.24 -53.86 -5.67
N LEU I 440 -50.10 -54.69 -6.70
CA LEU I 440 -50.34 -54.22 -8.06
C LEU I 440 -51.79 -53.78 -8.24
N LYS I 441 -52.71 -54.40 -7.51
CA LYS I 441 -54.13 -54.18 -7.72
C LYS I 441 -54.91 -54.85 -6.60
N ALA I 442 -56.01 -54.22 -6.18
CA ALA I 442 -56.83 -54.75 -5.10
C ALA I 442 -58.17 -54.04 -5.19
N ARG I 443 -59.13 -54.68 -5.86
CA ARG I 443 -60.38 -54.04 -6.19
C ARG I 443 -61.19 -53.69 -4.94
N GLY I 444 -61.97 -52.62 -5.05
CA GLY I 444 -62.91 -52.26 -4.00
C GLY I 444 -62.28 -51.77 -2.72
N MET I 445 -61.00 -51.40 -2.74
CA MET I 445 -60.32 -51.03 -1.51
C MET I 445 -59.05 -50.25 -1.87
N ALA I 446 -59.04 -48.96 -1.56
CA ALA I 446 -57.88 -48.13 -1.83
C ALA I 446 -56.64 -48.73 -1.17
N HIS I 447 -55.60 -48.99 -1.95
CA HIS I 447 -54.40 -49.64 -1.47
C HIS I 447 -53.18 -48.80 -1.82
N SER I 448 -52.03 -49.24 -1.32
CA SER I 448 -50.79 -48.52 -1.53
C SER I 448 -50.41 -48.50 -3.00
N ASN I 449 -49.57 -47.53 -3.36
CA ASN I 449 -49.02 -47.42 -4.71
C ASN I 449 -47.50 -47.54 -4.71
N GLN I 450 -46.90 -47.90 -3.58
CA GLN I 450 -45.45 -47.94 -3.43
C GLN I 450 -44.97 -49.38 -3.35
N VAL I 451 -43.70 -49.57 -3.69
CA VAL I 451 -43.02 -50.85 -3.55
C VAL I 451 -42.57 -51.00 -2.10
N ARG I 452 -42.61 -52.22 -1.56
CA ARG I 452 -42.15 -52.45 -0.19
C ARG I 452 -41.10 -53.55 -0.18
N GLU I 453 -40.06 -53.36 0.64
CA GLU I 453 -38.96 -54.30 0.68
C GLU I 453 -39.37 -55.52 1.49
N PHE I 454 -39.22 -56.70 0.87
CA PHE I 454 -39.70 -57.96 1.43
C PHE I 454 -38.50 -58.74 1.98
N LEU I 455 -38.39 -58.77 3.30
CA LEU I 455 -37.29 -59.44 3.99
C LEU I 455 -37.80 -60.76 4.57
N MET I 456 -37.06 -61.83 4.28
CA MET I 456 -37.38 -63.17 4.77
C MET I 456 -36.45 -63.47 5.95
N SER I 457 -37.03 -63.83 7.10
CA SER I 457 -36.22 -64.10 8.28
C SER I 457 -36.87 -65.22 9.08
N ASP I 458 -36.09 -65.77 10.01
CA ASP I 458 -36.63 -66.79 10.91
C ASP I 458 -37.85 -66.26 11.66
N ARG I 459 -37.87 -64.97 11.96
CA ARG I 459 -39.04 -64.38 12.62
C ARG I 459 -40.27 -64.44 11.73
N GLY I 460 -40.08 -64.31 10.43
CA GLY I 460 -41.16 -64.51 9.48
C GLY I 460 -41.00 -63.61 8.26
N ILE I 461 -42.12 -63.07 7.82
CA ILE I 461 -42.19 -62.16 6.69
C ILE I 461 -42.16 -60.73 7.23
N SER I 462 -41.21 -59.94 6.75
CA SER I 462 -41.07 -58.56 7.17
C SER I 462 -41.19 -57.66 5.94
N LEU I 463 -41.97 -56.59 6.07
CA LEU I 463 -42.14 -55.62 4.99
C LEU I 463 -41.71 -54.26 5.50
N LEU I 464 -40.71 -53.67 4.84
CA LEU I 464 -40.27 -52.35 5.24
C LEU I 464 -40.64 -51.31 4.19
N PRO I 465 -41.07 -50.13 4.62
CA PRO I 465 -41.49 -49.10 3.66
C PRO I 465 -40.30 -48.61 2.84
N PRO I 466 -40.56 -47.83 1.80
CA PRO I 466 -39.46 -47.35 0.96
C PRO I 466 -38.81 -46.10 1.54
N HIS I 467 -37.50 -46.00 1.36
CA HIS I 467 -36.76 -44.82 1.80
C HIS I 467 -37.29 -43.60 1.05
N LEU I 468 -38.39 -43.03 1.54
CA LEU I 468 -38.98 -41.87 0.89
C LEU I 468 -38.04 -40.68 0.98
N GLY I 469 -37.90 -39.97 -0.12
CA GLY I 469 -37.01 -38.83 -0.23
C GLY I 469 -36.34 -38.83 -1.59
N GLU I 470 -35.37 -37.93 -1.74
CA GLU I 470 -34.62 -37.85 -2.99
C GLU I 470 -34.00 -39.20 -3.30
N GLY I 471 -34.20 -39.67 -4.54
CA GLY I 471 -33.77 -40.98 -4.96
C GLY I 471 -34.88 -42.00 -5.07
N GLY I 472 -36.02 -41.76 -4.41
CA GLY I 472 -37.16 -42.64 -4.53
C GLY I 472 -37.32 -43.60 -3.37
N ALA I 473 -36.83 -44.84 -3.55
CA ALA I 473 -37.04 -45.89 -2.55
C ALA I 473 -35.77 -46.68 -2.31
N LEU I 474 -35.03 -47.01 -3.37
CA LEU I 474 -33.79 -47.76 -3.26
C LEU I 474 -34.04 -49.15 -2.70
N THR I 475 -34.39 -49.23 -1.42
CA THR I 475 -34.73 -50.50 -0.78
C THR I 475 -33.72 -51.60 -1.08
N GLY I 476 -32.66 -51.67 -0.27
CA GLY I 476 -31.66 -52.72 -0.42
C GLY I 476 -30.24 -52.22 -0.21
N THR I 477 -29.30 -52.80 -0.97
CA THR I 477 -27.93 -52.29 -0.93
C THR I 477 -27.91 -50.80 -1.28
N ALA I 478 -28.81 -50.36 -2.17
CA ALA I 478 -28.93 -48.94 -2.45
C ALA I 478 -29.40 -48.18 -1.22
N ARG I 479 -30.32 -48.76 -0.45
CA ARG I 479 -30.72 -48.13 0.82
C ARG I 479 -29.51 -47.92 1.71
N LYS I 480 -28.76 -49.00 1.96
CA LYS I 480 -27.55 -48.87 2.77
C LYS I 480 -26.64 -47.78 2.22
N ALA I 481 -26.35 -47.83 0.92
CA ALA I 481 -25.41 -46.92 0.32
C ALA I 481 -25.83 -45.47 0.50
N GLU I 482 -27.07 -45.14 0.14
CA GLU I 482 -27.49 -43.74 0.17
C GLU I 482 -27.71 -43.25 1.60
N GLU I 483 -28.19 -44.11 2.49
CA GLU I 483 -28.35 -43.69 3.88
C GLU I 483 -26.99 -43.38 4.50
N ALA I 484 -26.01 -44.28 4.31
CA ALA I 484 -24.67 -44.02 4.83
C ALA I 484 -24.04 -42.82 4.15
N ARG I 485 -24.32 -42.62 2.86
CA ARG I 485 -23.79 -41.46 2.16
C ARG I 485 -24.35 -40.17 2.75
N LEU I 486 -25.64 -40.15 3.06
CA LEU I 486 -26.24 -38.95 3.63
C LEU I 486 -25.72 -38.71 5.05
N ARG I 487 -25.48 -39.77 5.81
CA ARG I 487 -24.91 -39.59 7.15
C ARG I 487 -23.49 -39.04 7.05
N ARG I 488 -22.66 -39.62 6.18
CA ARG I 488 -21.31 -39.11 5.98
C ARG I 488 -21.32 -37.68 5.45
N ALA I 489 -22.32 -37.33 4.63
CA ALA I 489 -22.41 -35.97 4.11
C ALA I 489 -22.86 -34.99 5.18
N GLU I 490 -23.70 -35.43 6.11
CA GLU I 490 -24.01 -34.59 7.26
C GLU I 490 -22.76 -34.35 8.10
N ILE I 491 -21.96 -35.40 8.30
CA ILE I 491 -20.67 -35.21 9.00
C ILE I 491 -19.82 -34.20 8.25
N GLU I 492 -19.77 -34.32 6.91
CA GLU I 492 -18.97 -33.39 6.11
C GLU I 492 -19.48 -31.96 6.25
N ARG I 493 -20.79 -31.76 6.19
CA ARG I 493 -21.37 -30.44 6.38
C ARG I 493 -20.99 -29.87 7.74
N GLN I 494 -21.05 -30.70 8.78
CA GLN I 494 -20.70 -30.23 10.12
C GLN I 494 -19.24 -29.77 10.16
N THR I 495 -18.34 -30.61 9.67
CA THR I 495 -16.92 -30.23 9.66
C THR I 495 -16.70 -28.93 8.88
N GLU I 496 -17.33 -28.83 7.70
CA GLU I 496 -17.13 -27.66 6.86
C GLU I 496 -17.63 -26.39 7.54
N LEU I 497 -18.82 -26.46 8.15
CA LEU I 497 -19.37 -25.27 8.79
C LEU I 497 -18.55 -24.87 10.01
N GLY I 498 -18.05 -25.85 10.77
CA GLY I 498 -17.18 -25.51 11.89
C GLY I 498 -15.89 -24.83 11.43
N ARG I 499 -15.26 -25.39 10.40
CA ARG I 499 -14.04 -24.78 9.88
C ARG I 499 -14.31 -23.38 9.34
N LEU I 500 -15.48 -23.18 8.72
CA LEU I 500 -15.83 -21.85 8.25
C LEU I 500 -15.97 -20.87 9.40
N GLN I 501 -16.63 -21.29 10.48
CA GLN I 501 -16.72 -20.42 11.65
C GLN I 501 -15.35 -20.05 12.18
N GLN I 502 -14.44 -21.03 12.26
CA GLN I 502 -13.10 -20.75 12.76
C GLN I 502 -12.39 -19.73 11.86
N GLN I 503 -12.46 -19.93 10.54
CA GLN I 503 -11.82 -19.01 9.61
C GLN I 503 -12.37 -17.60 9.78
N ILE I 504 -13.70 -17.47 9.88
CA ILE I 504 -14.32 -16.15 10.02
C ILE I 504 -13.85 -15.49 11.31
N GLU I 505 -13.80 -16.26 12.41
CA GLU I 505 -13.39 -15.68 13.68
C GLU I 505 -11.95 -15.20 13.63
N GLN I 506 -11.06 -15.97 13.00
CA GLN I 506 -9.66 -15.56 12.93
C GLN I 506 -9.48 -14.33 12.04
N ARG I 507 -10.24 -14.27 10.94
CA ARG I 507 -10.22 -13.06 10.13
C ARG I 507 -10.70 -11.85 10.93
N ARG I 508 -11.71 -12.06 11.78
CA ARG I 508 -12.18 -10.98 12.65
C ARG I 508 -11.10 -10.55 13.63
N ARG I 509 -10.34 -11.51 14.15
CA ARG I 509 -9.21 -11.18 15.01
C ARG I 509 -8.22 -10.29 14.27
N ARG I 510 -7.87 -10.68 13.04
CA ARG I 510 -6.95 -9.86 12.25
C ARG I 510 -7.49 -8.44 12.05
N ALA I 511 -8.78 -8.34 11.73
CA ALA I 511 -9.38 -7.02 11.53
C ALA I 511 -9.28 -6.17 12.79
N ARG I 512 -9.66 -6.75 13.94
CA ARG I 512 -9.56 -6.02 15.20
C ARG I 512 -8.14 -5.55 15.46
N ALA I 513 -7.16 -6.42 15.23
CA ALA I 513 -5.77 -6.07 15.53
C ALA I 513 -5.28 -4.94 14.62
N GLN I 514 -5.60 -5.00 13.33
CA GLN I 514 -5.17 -3.92 12.45
C GLN I 514 -5.88 -2.61 12.78
N ILE I 515 -7.14 -2.68 13.22
CA ILE I 515 -7.83 -1.46 13.65
C ILE I 515 -7.16 -0.87 14.87
N GLU I 516 -6.77 -1.73 15.82
CA GLU I 516 -6.03 -1.26 16.99
C GLU I 516 -4.74 -0.59 16.57
N ALA I 517 -4.04 -1.18 15.59
CA ALA I 517 -2.80 -0.57 15.11
C ALA I 517 -3.07 0.82 14.53
N LEU I 518 -4.14 0.95 13.74
CA LEU I 518 -4.47 2.26 13.18
C LEU I 518 -4.73 3.28 14.28
N GLU I 519 -5.51 2.90 15.30
CA GLU I 519 -5.80 3.85 16.37
C GLU I 519 -4.53 4.21 17.14
N ALA I 520 -3.65 3.24 17.36
CA ALA I 520 -2.40 3.51 18.06
C ALA I 520 -1.56 4.51 17.27
N GLU I 521 -1.43 4.31 15.96
CA GLU I 521 -0.71 5.27 15.15
C GLU I 521 -1.35 6.64 15.22
N LEU I 522 -2.68 6.71 15.18
CA LEU I 522 -3.37 7.99 15.26
C LEU I 522 -3.00 8.72 16.55
N GLN I 523 -3.14 8.05 17.70
CA GLN I 523 -2.90 8.72 18.96
C GLN I 523 -1.41 9.05 19.17
N ALA I 524 -0.52 8.21 18.65
CA ALA I 524 0.91 8.51 18.76
C ALA I 524 1.28 9.74 17.94
N GLU I 525 0.77 9.83 16.71
CA GLU I 525 1.00 11.02 15.91
C GLU I 525 0.36 12.24 16.57
N GLU I 526 -0.78 12.06 17.23
CA GLU I 526 -1.35 13.13 18.03
C GLU I 526 -0.35 13.62 19.08
N ILE I 527 0.22 12.68 19.84
CA ILE I 527 1.17 13.03 20.89
C ILE I 527 2.33 13.83 20.30
N ALA I 528 2.91 13.32 19.21
CA ALA I 528 4.08 13.98 18.62
C ALA I 528 3.73 15.38 18.14
N LEU I 529 2.68 15.50 17.33
CA LEU I 529 2.31 16.81 16.79
C LEU I 529 1.97 17.80 17.90
N LYS I 530 1.32 17.32 18.96
CA LYS I 530 0.99 18.20 20.08
C LYS I 530 2.25 18.65 20.81
N ALA I 531 3.22 17.75 20.97
CA ALA I 531 4.48 18.14 21.59
C ALA I 531 5.17 19.22 20.77
N LEU I 532 5.24 19.03 19.46
CA LEU I 532 5.88 20.01 18.59
C LEU I 532 4.99 21.23 18.39
N GLY J 4 -30.01 -120.72 -27.47
CA GLY J 4 -30.85 -119.77 -28.18
C GLY J 4 -31.39 -120.33 -29.48
N ILE J 5 -31.38 -119.50 -30.53
CA ILE J 5 -31.87 -119.87 -31.84
C ILE J 5 -30.76 -119.64 -32.85
N GLY J 6 -30.61 -120.57 -33.80
CA GLY J 6 -29.58 -120.41 -34.82
C GLY J 6 -29.77 -119.12 -35.59
N LYS J 7 -28.64 -118.51 -35.96
CA LYS J 7 -28.62 -117.22 -36.64
C LYS J 7 -28.01 -117.39 -38.03
N SER J 8 -28.70 -116.85 -39.04
CA SER J 8 -28.22 -116.85 -40.42
C SER J 8 -28.06 -115.41 -40.88
N PRO J 9 -26.86 -114.85 -40.85
CA PRO J 9 -26.70 -113.43 -41.20
C PRO J 9 -27.11 -113.16 -42.64
N THR J 10 -27.75 -112.01 -42.85
CA THR J 10 -28.02 -111.54 -44.21
C THR J 10 -26.75 -111.06 -44.90
N GLY J 11 -25.70 -110.76 -44.14
CA GLY J 11 -24.47 -110.22 -44.67
C GLY J 11 -24.36 -108.72 -44.56
N ILE J 12 -25.48 -108.01 -44.44
CA ILE J 12 -25.46 -106.55 -44.37
C ILE J 12 -24.86 -106.14 -43.03
N GLN J 13 -23.67 -105.55 -43.08
CA GLN J 13 -23.03 -104.99 -41.89
C GLN J 13 -23.89 -103.87 -41.34
N GLY J 14 -25.04 -104.23 -40.76
CA GLY J 14 -25.99 -103.25 -40.29
C GLY J 14 -27.31 -103.93 -39.94
N PHE J 15 -27.95 -104.54 -40.92
CA PHE J 15 -29.09 -105.39 -40.62
C PHE J 15 -28.68 -106.54 -39.71
N ASP J 16 -27.49 -107.11 -39.94
CA ASP J 16 -26.99 -108.13 -39.04
C ASP J 16 -26.75 -107.55 -37.66
N GLU J 17 -26.20 -106.34 -37.58
CA GLU J 17 -25.98 -105.70 -36.29
C GLU J 17 -27.29 -105.52 -35.53
N LEU J 18 -28.35 -105.12 -36.23
CA LEU J 18 -29.63 -104.87 -35.56
C LEU J 18 -30.30 -106.17 -35.16
N THR J 19 -30.30 -107.18 -36.03
CA THR J 19 -30.93 -108.45 -35.73
C THR J 19 -30.09 -109.34 -34.82
N LEU J 20 -28.86 -108.92 -34.50
CA LEU J 20 -28.00 -109.68 -33.58
C LEU J 20 -27.74 -111.09 -34.10
N GLY J 21 -27.61 -111.22 -35.41
CA GLY J 21 -27.33 -112.51 -36.00
C GLY J 21 -27.93 -112.71 -37.38
N GLY J 22 -29.10 -112.10 -37.60
CA GLY J 22 -29.79 -112.18 -38.88
C GLY J 22 -31.14 -112.87 -38.76
N LEU J 23 -31.57 -113.45 -39.87
CA LEU J 23 -32.86 -114.11 -39.92
C LEU J 23 -32.82 -115.44 -39.16
N PRO J 24 -33.96 -115.91 -38.66
CA PRO J 24 -33.97 -117.17 -37.92
C PRO J 24 -33.52 -118.34 -38.80
N THR J 25 -32.62 -119.16 -38.26
CA THR J 25 -32.06 -120.27 -39.01
C THR J 25 -33.02 -121.45 -39.03
N GLY J 26 -33.10 -122.12 -40.18
CA GLY J 26 -33.97 -123.27 -40.30
C GLY J 26 -35.44 -122.95 -40.17
N ARG J 27 -35.85 -121.76 -40.58
CA ARG J 27 -37.23 -121.32 -40.45
C ARG J 27 -37.49 -120.31 -41.57
N PRO J 28 -38.74 -119.91 -41.75
CA PRO J 28 -39.05 -118.88 -42.74
C PRO J 28 -38.91 -117.47 -42.19
N SER J 29 -38.83 -116.52 -43.12
CA SER J 29 -38.76 -115.10 -42.84
C SER J 29 -39.45 -114.40 -43.99
N LEU J 30 -40.23 -113.37 -43.69
CA LEU J 30 -41.07 -112.72 -44.69
C LEU J 30 -40.64 -111.27 -44.84
N VAL J 31 -40.60 -110.80 -46.09
CA VAL J 31 -40.35 -109.40 -46.41
C VAL J 31 -41.59 -108.89 -47.13
N CYS J 32 -42.33 -107.99 -46.48
CA CYS J 32 -43.56 -107.45 -47.02
C CYS J 32 -43.33 -106.00 -47.45
N GLY J 33 -43.87 -105.65 -48.61
CA GLY J 33 -43.71 -104.30 -49.12
C GLY J 33 -44.50 -104.13 -50.41
N SER J 34 -44.72 -102.86 -50.74
CA SER J 34 -45.47 -102.53 -51.95
C SER J 34 -44.56 -102.62 -53.18
N ALA J 35 -45.00 -102.05 -54.30
CA ALA J 35 -44.21 -102.09 -55.51
C ALA J 35 -42.94 -101.27 -55.35
N GLY J 36 -41.80 -101.88 -55.68
CA GLY J 36 -40.53 -101.17 -55.67
C GLY J 36 -40.07 -100.73 -54.30
N CYS J 37 -40.10 -101.63 -53.32
CA CYS J 37 -39.61 -101.35 -51.98
C CYS J 37 -38.32 -102.10 -51.65
N GLY J 38 -37.77 -102.86 -52.59
CA GLY J 38 -36.54 -103.59 -52.36
C GLY J 38 -36.73 -105.02 -51.91
N LYS J 39 -37.93 -105.59 -52.07
CA LYS J 39 -38.21 -106.93 -51.57
C LYS J 39 -37.33 -107.97 -52.28
N THR J 40 -37.51 -108.08 -53.60
CA THR J 40 -36.77 -109.07 -54.37
C THR J 40 -35.27 -108.87 -54.22
N LEU J 41 -34.83 -107.62 -54.20
CA LEU J 41 -33.40 -107.34 -54.05
C LEU J 41 -32.90 -107.83 -52.70
N PHE J 42 -33.66 -107.59 -51.63
CA PHE J 42 -33.23 -108.05 -50.32
C PHE J 42 -33.10 -109.57 -50.29
N ALA J 43 -34.10 -110.27 -50.82
CA ALA J 43 -34.06 -111.73 -50.80
C ALA J 43 -32.88 -112.25 -51.63
N SER J 44 -32.72 -111.71 -52.85
CA SER J 44 -31.61 -112.12 -53.69
C SER J 44 -30.27 -111.84 -53.01
N THR J 45 -30.16 -110.71 -52.33
CA THR J 45 -28.92 -110.36 -51.65
C THR J 45 -28.62 -111.34 -50.53
N PHE J 46 -29.62 -111.66 -49.71
CA PHE J 46 -29.42 -112.64 -48.65
C PHE J 46 -28.93 -113.96 -49.24
N LEU J 47 -29.57 -114.43 -50.30
CA LEU J 47 -29.21 -115.73 -50.87
C LEU J 47 -27.81 -115.71 -51.46
N ILE J 48 -27.49 -114.68 -52.25
CA ILE J 48 -26.18 -114.63 -52.89
C ILE J 48 -25.07 -114.41 -51.86
N ASN J 49 -25.36 -113.67 -50.78
CA ASN J 49 -24.39 -113.52 -49.71
C ASN J 49 -24.15 -114.84 -49.01
N GLY J 50 -25.21 -115.63 -48.80
CA GLY J 50 -25.01 -116.97 -48.29
C GLY J 50 -24.13 -117.81 -49.19
N VAL J 51 -24.31 -117.67 -50.50
CA VAL J 51 -23.50 -118.45 -51.44
C VAL J 51 -22.03 -118.02 -51.36
N ARG J 52 -21.77 -116.71 -51.33
CA ARG J 52 -20.41 -116.21 -51.46
C ARG J 52 -19.72 -116.00 -50.11
N ASP J 53 -20.23 -115.06 -49.31
CA ASP J 53 -19.60 -114.74 -48.03
C ASP J 53 -19.42 -115.97 -47.17
N HIS J 54 -20.52 -116.69 -46.89
CA HIS J 54 -20.48 -117.83 -45.99
C HIS J 54 -20.27 -119.16 -46.71
N GLY J 55 -20.55 -119.23 -48.02
CA GLY J 55 -20.40 -120.46 -48.75
C GLY J 55 -21.60 -121.38 -48.72
N GLU J 56 -22.78 -120.86 -48.38
CA GLU J 56 -23.97 -121.68 -48.27
C GLU J 56 -24.66 -121.77 -49.63
N PRO J 57 -24.76 -122.96 -50.23
CA PRO J 57 -25.46 -123.07 -51.52
C PRO J 57 -26.93 -122.72 -51.36
N GLY J 58 -27.57 -122.35 -52.47
CA GLY J 58 -28.90 -121.80 -52.31
C GLY J 58 -29.84 -121.92 -53.48
N VAL J 59 -31.12 -121.65 -53.20
CA VAL J 59 -32.19 -121.79 -54.19
C VAL J 59 -33.04 -120.52 -54.23
N PHE J 60 -33.47 -120.16 -55.44
CA PHE J 60 -34.37 -119.04 -55.68
C PHE J 60 -35.56 -119.55 -56.49
N VAL J 61 -36.77 -119.20 -56.06
CA VAL J 61 -37.99 -119.58 -56.74
C VAL J 61 -38.71 -118.29 -57.10
N THR J 62 -39.01 -118.11 -58.37
CA THR J 62 -39.74 -116.93 -58.84
C THR J 62 -41.01 -117.41 -59.53
N PHE J 63 -42.16 -117.05 -58.97
CA PHE J 63 -43.41 -117.53 -59.55
C PHE J 63 -43.97 -116.61 -60.63
N GLU J 64 -43.22 -115.60 -61.04
CA GLU J 64 -43.66 -114.72 -62.12
C GLU J 64 -42.49 -114.32 -63.00
N GLU J 65 -41.55 -113.55 -62.45
CA GLU J 65 -40.40 -113.10 -63.23
C GLU J 65 -39.58 -114.30 -63.70
N ARG J 66 -38.89 -114.11 -64.82
CA ARG J 66 -38.09 -115.17 -65.42
C ARG J 66 -36.65 -115.10 -64.91
N PRO J 67 -35.92 -116.23 -64.98
CA PRO J 67 -34.51 -116.18 -64.59
C PRO J 67 -33.69 -115.21 -65.41
N GLU J 68 -33.99 -115.10 -66.72
CA GLU J 68 -33.29 -114.12 -67.55
C GLU J 68 -33.58 -112.70 -67.07
N ASP J 69 -34.84 -112.42 -66.73
CA ASP J 69 -35.18 -111.11 -66.19
C ASP J 69 -34.40 -110.82 -64.91
N ILE J 70 -34.34 -111.81 -64.02
CA ILE J 70 -33.62 -111.62 -62.76
C ILE J 70 -32.13 -111.37 -63.04
N VAL J 71 -31.55 -112.12 -63.97
CA VAL J 71 -30.14 -111.93 -64.30
C VAL J 71 -29.89 -110.52 -64.81
N ASN J 72 -30.70 -110.09 -65.80
CA ASN J 72 -30.53 -108.75 -66.36
C ASN J 72 -30.74 -107.67 -65.30
N ASN J 73 -31.63 -107.92 -64.34
CA ASN J 73 -31.91 -106.90 -63.33
C ASN J 73 -30.79 -106.79 -62.32
N VAL J 74 -30.24 -107.93 -61.88
CA VAL J 74 -29.19 -107.90 -60.87
C VAL J 74 -27.82 -107.58 -61.46
N ALA J 75 -27.64 -107.72 -62.78
CA ALA J 75 -26.32 -107.52 -63.37
C ALA J 75 -25.76 -106.14 -63.05
N SER J 76 -26.63 -105.12 -62.98
CA SER J 76 -26.15 -103.75 -62.85
C SER J 76 -25.33 -103.56 -61.57
N LEU J 77 -25.71 -104.23 -60.50
CA LEU J 77 -25.04 -104.05 -59.20
C LEU J 77 -23.99 -105.11 -58.95
N GLY J 78 -23.13 -105.34 -59.95
CA GLY J 78 -21.98 -106.21 -59.80
C GLY J 78 -22.28 -107.56 -59.18
N PHE J 79 -23.10 -108.36 -59.86
CA PHE J 79 -23.41 -109.72 -59.42
C PHE J 79 -22.94 -110.69 -60.50
N GLU J 80 -22.09 -111.64 -60.12
CA GLU J 80 -21.64 -112.69 -61.03
C GLU J 80 -22.65 -113.85 -61.04
N LEU J 81 -23.88 -113.50 -61.43
CA LEU J 81 -24.96 -114.49 -61.39
C LEU J 81 -24.76 -115.57 -62.44
N ASP J 82 -24.31 -115.20 -63.64
CA ASP J 82 -24.00 -116.21 -64.65
C ASP J 82 -22.93 -117.17 -64.15
N LYS J 83 -21.89 -116.65 -63.50
CA LYS J 83 -20.82 -117.50 -63.00
C LYS J 83 -21.32 -118.41 -61.89
N LEU J 84 -22.18 -117.88 -61.01
CA LEU J 84 -22.71 -118.72 -59.93
C LEU J 84 -23.60 -119.83 -60.49
N ILE J 85 -24.45 -119.51 -61.48
CA ILE J 85 -25.29 -120.53 -62.08
C ILE J 85 -24.43 -121.58 -62.77
N GLU J 86 -23.38 -121.16 -63.47
CA GLU J 86 -22.49 -122.12 -64.11
C GLU J 86 -21.78 -122.99 -63.08
N GLU J 87 -21.44 -122.41 -61.93
CA GLU J 87 -20.84 -123.18 -60.85
C GLU J 87 -21.83 -124.10 -60.16
N GLU J 88 -23.13 -123.86 -60.34
CA GLU J 88 -24.21 -124.67 -59.78
C GLU J 88 -24.30 -124.56 -58.26
N LYS J 89 -23.60 -123.60 -57.66
CA LYS J 89 -23.74 -123.33 -56.22
C LYS J 89 -25.11 -122.77 -55.88
N ILE J 90 -25.78 -122.20 -56.86
CA ILE J 90 -27.11 -121.60 -56.70
C ILE J 90 -27.98 -122.09 -57.84
N ALA J 91 -29.27 -122.21 -57.57
CA ALA J 91 -30.21 -122.63 -58.60
C ALA J 91 -31.45 -121.74 -58.57
N ILE J 92 -32.13 -121.66 -59.70
CA ILE J 92 -33.35 -120.87 -59.83
C ILE J 92 -34.43 -121.75 -60.45
N GLU J 93 -35.68 -121.43 -60.14
CA GLU J 93 -36.82 -122.11 -60.75
C GLU J 93 -37.93 -121.10 -61.05
N HIS J 94 -38.67 -121.39 -62.12
CA HIS J 94 -39.79 -120.58 -62.56
C HIS J 94 -40.99 -121.48 -62.79
N ILE J 95 -42.17 -120.89 -62.71
CA ILE J 95 -43.42 -121.61 -62.96
C ILE J 95 -44.59 -120.64 -62.96
N LEU J 110 -52.08 -129.73 -56.85
CA LEU J 110 -51.22 -128.72 -56.23
C LEU J 110 -50.05 -129.40 -55.51
N GLU J 111 -50.38 -130.46 -54.76
CA GLU J 111 -49.36 -131.16 -53.99
C GLU J 111 -48.29 -131.74 -54.90
N GLY J 112 -48.67 -132.21 -56.08
CA GLY J 112 -47.67 -132.74 -57.00
C GLY J 112 -46.65 -131.70 -57.39
N LEU J 113 -47.10 -130.47 -57.66
CA LEU J 113 -46.18 -129.40 -58.03
C LEU J 113 -45.31 -128.97 -56.85
N PHE J 114 -45.92 -128.84 -55.66
CA PHE J 114 -45.13 -128.54 -54.48
C PHE J 114 -44.06 -129.60 -54.27
N LEU J 115 -44.42 -130.87 -54.42
CA LEU J 115 -43.46 -131.97 -54.23
C LEU J 115 -42.41 -131.97 -55.32
N ARG J 116 -42.75 -131.56 -56.54
CA ARG J 116 -41.75 -131.42 -57.58
C ARG J 116 -40.72 -130.36 -57.19
N LEU J 117 -41.19 -129.23 -56.65
CA LEU J 117 -40.25 -128.22 -56.16
C LEU J 117 -39.40 -128.78 -55.01
N GLU J 118 -40.02 -129.58 -54.14
CA GLU J 118 -39.28 -130.18 -53.03
C GLU J 118 -38.16 -131.07 -53.55
N LEU J 119 -38.45 -131.93 -54.52
CA LEU J 119 -37.43 -132.80 -55.10
C LEU J 119 -36.38 -131.99 -55.85
N ALA J 120 -36.78 -130.89 -56.49
CA ALA J 120 -35.81 -130.03 -57.13
C ALA J 120 -34.84 -129.43 -56.11
N ILE J 121 -35.35 -129.04 -54.95
CA ILE J 121 -34.48 -128.55 -53.89
C ILE J 121 -33.56 -129.65 -53.40
N ASP J 122 -34.11 -130.86 -53.21
CA ASP J 122 -33.28 -131.99 -52.82
C ASP J 122 -32.16 -132.23 -53.83
N THR J 123 -32.43 -132.00 -55.12
CA THR J 123 -31.41 -132.17 -56.14
C THR J 123 -30.38 -131.06 -56.08
N VAL J 124 -30.84 -129.82 -55.87
CA VAL J 124 -29.92 -128.68 -55.88
C VAL J 124 -28.97 -128.74 -54.69
N GLY J 125 -29.51 -128.99 -53.50
CA GLY J 125 -28.70 -128.98 -52.30
C GLY J 125 -28.42 -127.56 -51.85
N ALA J 126 -29.07 -127.12 -50.77
CA ALA J 126 -29.00 -125.73 -50.35
C ALA J 126 -29.13 -125.62 -48.85
N LYS J 127 -28.74 -124.45 -48.34
CA LYS J 127 -28.96 -124.09 -46.94
C LYS J 127 -29.85 -122.88 -46.80
N ARG J 128 -30.31 -122.28 -47.89
CA ARG J 128 -31.23 -121.16 -47.83
C ARG J 128 -32.03 -121.06 -49.12
N VAL J 129 -33.24 -120.53 -49.00
CA VAL J 129 -34.20 -120.53 -50.08
C VAL J 129 -34.89 -119.16 -50.16
N VAL J 130 -35.32 -118.81 -51.36
CA VAL J 130 -36.09 -117.60 -51.58
C VAL J 130 -37.37 -117.97 -52.33
N LEU J 131 -38.48 -117.36 -51.93
CA LEU J 131 -39.79 -117.56 -52.55
C LEU J 131 -40.32 -116.17 -52.95
N ASP J 132 -40.10 -115.79 -54.20
CA ASP J 132 -40.49 -114.48 -54.70
C ASP J 132 -41.79 -114.59 -55.50
N THR J 133 -42.77 -113.78 -55.10
CA THR J 133 -44.07 -113.68 -55.76
C THR J 133 -44.90 -114.94 -55.51
N ILE J 134 -44.98 -115.33 -54.23
CA ILE J 134 -45.83 -116.45 -53.85
C ILE J 134 -47.30 -116.16 -54.14
N GLU J 135 -47.64 -114.89 -54.37
CA GLU J 135 -49.02 -114.52 -54.65
C GLU J 135 -49.60 -115.36 -55.79
N SER J 136 -48.82 -115.55 -56.85
CA SER J 136 -49.32 -116.31 -58.00
C SER J 136 -49.67 -117.75 -57.61
N LEU J 137 -49.02 -118.28 -56.58
CA LEU J 137 -49.27 -119.66 -56.16
C LEU J 137 -50.60 -119.82 -55.42
N PHE J 138 -51.30 -118.73 -55.15
CA PHE J 138 -52.65 -118.80 -54.58
C PHE J 138 -53.72 -118.89 -55.66
N SER J 139 -53.32 -119.12 -56.92
CA SER J 139 -54.25 -119.12 -58.05
C SER J 139 -54.92 -120.48 -58.15
N ALA J 140 -55.90 -120.70 -57.26
CA ALA J 140 -56.69 -121.91 -57.26
C ALA J 140 -58.12 -121.54 -56.87
N PHE J 141 -59.07 -121.82 -57.76
CA PHE J 141 -60.46 -121.46 -57.48
C PHE J 141 -60.98 -122.20 -56.25
N SER J 142 -60.88 -123.53 -56.26
CA SER J 142 -61.35 -124.35 -55.15
C SER J 142 -60.20 -124.61 -54.18
N ASN J 143 -59.83 -123.55 -53.44
CA ASN J 143 -58.80 -123.64 -52.41
C ASN J 143 -59.25 -122.94 -51.13
N PRO J 144 -60.45 -123.29 -50.61
CA PRO J 144 -60.87 -122.69 -49.34
C PRO J 144 -59.97 -123.07 -48.18
N ALA J 145 -59.53 -124.32 -48.14
CA ALA J 145 -58.63 -124.80 -47.10
C ALA J 145 -57.34 -125.41 -47.65
N ILE J 146 -57.35 -125.95 -48.87
CA ILE J 146 -56.14 -126.53 -49.43
C ILE J 146 -55.09 -125.44 -49.63
N LEU J 147 -55.51 -124.19 -49.82
CA LEU J 147 -54.56 -123.08 -49.86
C LEU J 147 -53.70 -123.08 -48.61
N ARG J 148 -54.34 -122.92 -47.45
CA ARG J 148 -53.62 -122.94 -46.18
C ARG J 148 -52.87 -124.25 -45.99
N ALA J 149 -53.50 -125.37 -46.37
CA ALA J 149 -52.88 -126.67 -46.15
C ALA J 149 -51.56 -126.80 -46.90
N GLU J 150 -51.57 -126.47 -48.19
CA GLU J 150 -50.37 -126.56 -49.01
C GLU J 150 -49.33 -125.53 -48.59
N ILE J 151 -49.78 -124.34 -48.15
CA ILE J 151 -48.81 -123.34 -47.70
C ILE J 151 -48.10 -123.81 -46.44
N ARG J 152 -48.87 -124.33 -45.48
CA ARG J 152 -48.27 -124.86 -44.26
C ARG J 152 -47.42 -126.08 -44.58
N ARG J 153 -47.79 -126.87 -45.58
CA ARG J 153 -46.97 -128.02 -45.97
C ARG J 153 -45.64 -127.56 -46.56
N LEU J 154 -45.66 -126.49 -47.35
CA LEU J 154 -44.43 -125.94 -47.90
C LEU J 154 -43.52 -125.44 -46.78
N PHE J 155 -44.08 -124.65 -45.86
CA PHE J 155 -43.28 -124.14 -44.75
C PHE J 155 -42.78 -125.29 -43.87
N ASP J 156 -43.60 -126.32 -43.67
CA ASP J 156 -43.20 -127.46 -42.87
C ASP J 156 -42.11 -128.26 -43.56
N TRP J 157 -42.12 -128.33 -44.89
CA TRP J 157 -41.05 -129.02 -45.60
C TRP J 157 -39.75 -128.23 -45.50
N LEU J 158 -39.82 -126.91 -45.63
CA LEU J 158 -38.62 -126.11 -45.44
C LEU J 158 -38.07 -126.26 -44.02
N LYS J 159 -38.96 -126.29 -43.02
CA LYS J 159 -38.52 -126.46 -41.64
C LYS J 159 -38.00 -127.87 -41.39
N GLU J 160 -38.57 -128.87 -42.06
CA GLU J 160 -38.07 -130.24 -41.97
C GLU J 160 -36.65 -130.33 -42.53
N ARG J 161 -36.42 -129.70 -43.68
CA ARG J 161 -35.09 -129.64 -44.26
C ARG J 161 -34.18 -128.65 -43.55
N GLY J 162 -34.71 -127.92 -42.56
CA GLY J 162 -33.89 -127.00 -41.80
C GLY J 162 -33.36 -125.88 -42.66
N LEU J 163 -34.24 -125.28 -43.45
CA LEU J 163 -33.87 -124.26 -44.42
C LEU J 163 -34.27 -122.89 -43.91
N THR J 164 -33.43 -121.90 -44.19
CA THR J 164 -33.75 -120.50 -43.89
C THR J 164 -34.35 -119.90 -45.16
N THR J 165 -35.62 -119.54 -45.09
CA THR J 165 -36.35 -119.07 -46.26
C THR J 165 -36.63 -117.58 -46.16
N VAL J 166 -36.63 -116.92 -47.31
CA VAL J 166 -37.02 -115.51 -47.42
C VAL J 166 -38.13 -115.45 -48.46
N ILE J 167 -39.34 -115.13 -48.02
CA ILE J 167 -40.52 -115.10 -48.90
C ILE J 167 -40.99 -113.65 -49.01
N THR J 168 -41.20 -113.21 -50.25
CA THR J 168 -41.63 -111.85 -50.52
C THR J 168 -43.14 -111.78 -50.59
N ALA J 169 -43.72 -110.72 -50.02
CA ALA J 169 -45.16 -110.54 -49.95
C ALA J 169 -45.53 -109.13 -50.39
N GLU J 170 -46.36 -109.05 -51.44
CA GLU J 170 -46.88 -107.77 -51.89
C GLU J 170 -47.77 -107.17 -50.83
N ARG J 171 -47.62 -105.86 -50.63
CA ARG J 171 -48.44 -105.10 -49.69
C ARG J 171 -49.59 -104.45 -50.43
N GLY J 172 -50.70 -104.27 -49.71
CA GLY J 172 -51.90 -103.69 -50.27
C GLY J 172 -52.28 -102.39 -49.56
N ASP J 173 -53.43 -101.86 -49.97
CA ASP J 173 -53.95 -100.64 -49.36
C ASP J 173 -54.35 -100.84 -47.90
N GLY J 174 -54.37 -102.08 -47.42
CA GLY J 174 -54.79 -102.35 -46.06
C GLY J 174 -53.64 -102.65 -45.11
N ALA J 175 -53.46 -103.93 -44.79
CA ALA J 175 -52.47 -104.34 -43.81
C ALA J 175 -51.11 -104.53 -44.48
N LEU J 176 -50.19 -105.24 -43.83
CA LEU J 176 -48.86 -105.44 -44.39
C LEU J 176 -48.93 -106.25 -45.69
N THR J 177 -49.74 -107.30 -45.70
CA THR J 177 -49.93 -108.14 -46.88
C THR J 177 -51.38 -108.01 -47.32
N ARG J 178 -51.59 -107.82 -48.62
CA ARG J 178 -52.95 -107.65 -49.14
C ARG J 178 -53.85 -108.79 -48.69
N GLN J 179 -53.34 -110.02 -48.70
CA GLN J 179 -54.12 -111.14 -48.20
C GLN J 179 -54.37 -111.01 -46.70
N GLY J 180 -53.34 -110.63 -45.95
CA GLY J 180 -53.44 -110.48 -44.52
C GLY J 180 -53.12 -111.73 -43.72
N LEU J 181 -52.75 -112.82 -44.37
CA LEU J 181 -52.49 -114.09 -43.71
C LEU J 181 -51.01 -114.43 -43.64
N GLU J 182 -50.24 -114.15 -44.69
CA GLU J 182 -48.83 -114.56 -44.71
C GLU J 182 -48.03 -113.90 -43.60
N GLU J 183 -48.41 -112.69 -43.19
CA GLU J 183 -47.61 -111.94 -42.23
C GLU J 183 -47.56 -112.64 -40.88
N TYR J 184 -48.67 -113.26 -40.46
CA TYR J 184 -48.74 -113.89 -39.15
C TYR J 184 -48.10 -115.27 -39.12
N VAL J 185 -47.66 -115.80 -40.25
CA VAL J 185 -47.20 -117.19 -40.33
C VAL J 185 -45.74 -117.33 -39.92
N SER J 186 -44.89 -116.41 -40.37
CA SER J 186 -43.45 -116.58 -40.20
C SER J 186 -43.01 -116.18 -38.80
N ASP J 187 -41.77 -116.56 -38.47
CA ASP J 187 -41.18 -116.17 -37.20
C ASP J 187 -40.63 -114.76 -37.23
N CYS J 188 -40.22 -114.28 -38.40
CA CYS J 188 -39.68 -112.94 -38.57
C CYS J 188 -40.37 -112.25 -39.73
N VAL J 189 -40.87 -111.04 -39.49
CA VAL J 189 -41.56 -110.23 -40.48
C VAL J 189 -40.83 -108.90 -40.60
N ILE J 190 -40.48 -108.53 -41.84
CA ILE J 190 -39.78 -107.28 -42.12
C ILE J 190 -40.64 -106.47 -43.06
N LEU J 191 -40.74 -105.17 -42.79
CA LEU J 191 -41.59 -104.25 -43.54
C LEU J 191 -40.71 -103.24 -44.27
N LEU J 192 -40.93 -103.11 -45.57
CA LEU J 192 -40.21 -102.15 -46.40
C LEU J 192 -41.15 -101.02 -46.78
N ASP J 193 -40.65 -99.78 -46.69
CA ASP J 193 -41.44 -98.58 -46.94
C ASP J 193 -40.60 -97.60 -47.74
N HIS J 194 -41.25 -96.88 -48.65
CA HIS J 194 -40.59 -95.87 -49.48
C HIS J 194 -41.48 -94.63 -49.47
N ARG J 195 -41.42 -93.88 -48.37
CA ARG J 195 -42.37 -92.78 -48.19
C ARG J 195 -41.80 -91.50 -48.78
N VAL J 196 -42.67 -90.51 -48.94
CA VAL J 196 -42.29 -89.22 -49.53
C VAL J 196 -42.64 -88.13 -48.53
N GLU J 197 -41.62 -87.37 -48.11
CA GLU J 197 -41.81 -86.19 -47.28
C GLU J 197 -41.39 -84.97 -48.09
N ASN J 198 -42.21 -83.91 -48.06
CA ASN J 198 -42.03 -82.77 -48.94
C ASN J 198 -42.09 -83.25 -50.38
N GLN J 199 -40.94 -83.38 -51.05
CA GLN J 199 -40.87 -84.04 -52.34
C GLN J 199 -39.60 -84.89 -52.45
N ILE J 200 -39.15 -85.45 -51.34
CA ILE J 200 -38.00 -86.34 -51.30
C ILE J 200 -38.45 -87.66 -50.69
N SER J 201 -37.98 -88.76 -51.26
CA SER J 201 -38.37 -90.09 -50.82
C SER J 201 -37.33 -90.65 -49.87
N THR J 202 -37.80 -91.21 -48.76
CA THR J 202 -36.98 -91.90 -47.79
C THR J 202 -37.32 -93.38 -47.80
N ARG J 203 -36.28 -94.21 -47.89
CA ARG J 203 -36.39 -95.66 -47.92
C ARG J 203 -36.12 -96.19 -46.51
N ARG J 204 -37.15 -96.72 -45.87
CA ARG J 204 -37.07 -97.15 -44.48
C ARG J 204 -37.52 -98.60 -44.38
N LEU J 205 -37.03 -99.29 -43.35
CA LEU J 205 -37.44 -100.66 -43.08
C LEU J 205 -37.55 -100.84 -41.58
N ARG J 206 -38.50 -101.68 -41.17
CA ARG J 206 -38.67 -101.97 -39.75
C ARG J 206 -38.93 -103.46 -39.57
N ILE J 207 -38.50 -103.98 -38.42
CA ILE J 207 -38.72 -105.38 -38.06
C ILE J 207 -40.02 -105.44 -37.26
N VAL J 208 -41.09 -105.92 -37.90
CA VAL J 208 -42.38 -105.97 -37.23
C VAL J 208 -42.34 -106.98 -36.08
N LYS J 209 -41.73 -108.13 -36.31
CA LYS J 209 -41.73 -109.20 -35.32
C LYS J 209 -40.49 -110.06 -35.46
N TYR J 210 -40.02 -110.58 -34.33
CA TYR J 210 -38.94 -111.56 -34.31
C TYR J 210 -39.09 -112.38 -33.03
N ARG J 211 -39.17 -113.69 -33.16
CA ARG J 211 -39.43 -114.59 -32.04
C ARG J 211 -38.11 -115.14 -31.52
N GLY J 212 -37.89 -114.99 -30.21
CA GLY J 212 -36.73 -115.57 -29.56
C GLY J 212 -35.49 -114.72 -29.55
N THR J 213 -35.61 -113.41 -29.70
CA THR J 213 -34.46 -112.53 -29.65
C THR J 213 -34.93 -111.08 -29.59
N ALA J 214 -34.13 -110.25 -28.94
CA ALA J 214 -34.37 -108.81 -28.94
C ALA J 214 -33.85 -108.22 -30.24
N HIS J 215 -34.70 -107.47 -30.93
CA HIS J 215 -34.38 -106.90 -32.22
C HIS J 215 -34.55 -105.38 -32.20
N GLY J 216 -34.04 -104.74 -33.23
CA GLY J 216 -34.23 -103.31 -33.40
C GLY J 216 -35.70 -102.96 -33.57
N THR J 217 -36.22 -102.14 -32.66
CA THR J 217 -37.65 -101.84 -32.64
C THR J 217 -38.02 -100.63 -33.49
N ASN J 218 -37.12 -99.66 -33.63
CA ASN J 218 -37.45 -98.43 -34.34
C ASN J 218 -37.06 -98.53 -35.81
N GLU J 219 -37.73 -97.72 -36.63
CA GLU J 219 -37.49 -97.74 -38.07
C GLU J 219 -36.04 -97.40 -38.38
N TYR J 220 -35.48 -98.08 -39.38
CA TYR J 220 -34.09 -97.88 -39.78
C TYR J 220 -34.06 -97.56 -41.27
N PRO J 221 -33.44 -96.46 -41.69
CA PRO J 221 -33.30 -96.21 -43.12
C PRO J 221 -32.40 -97.24 -43.78
N PHE J 222 -32.76 -97.65 -44.99
CA PHE J 222 -31.97 -98.59 -45.78
C PHE J 222 -31.78 -98.00 -47.17
N LEU J 223 -30.53 -97.97 -47.63
CA LEU J 223 -30.18 -97.30 -48.88
C LEU J 223 -29.75 -98.33 -49.92
N ILE J 224 -30.31 -98.22 -51.12
CA ILE J 224 -29.94 -99.07 -52.25
C ILE J 224 -29.05 -98.26 -53.16
N ASP J 225 -27.80 -98.70 -53.33
CA ASP J 225 -26.83 -97.96 -54.12
C ASP J 225 -25.76 -98.94 -54.62
N THR J 226 -24.76 -98.38 -55.29
CA THR J 226 -23.71 -99.21 -55.89
C THR J 226 -23.06 -100.12 -54.86
N ASP J 227 -22.69 -99.55 -53.70
CA ASP J 227 -22.05 -100.36 -52.67
C ASP J 227 -22.95 -101.50 -52.21
N GLY J 228 -24.27 -101.32 -52.26
CA GLY J 228 -25.22 -102.34 -51.88
C GLY J 228 -26.17 -101.85 -50.80
N PHE J 229 -27.01 -102.77 -50.35
CA PHE J 229 -27.95 -102.48 -49.27
C PHE J 229 -27.21 -101.97 -48.05
N SER J 230 -27.37 -100.69 -47.74
CA SER J 230 -26.66 -100.04 -46.65
C SER J 230 -27.64 -99.79 -45.50
N VAL J 231 -27.36 -100.42 -44.35
CA VAL J 231 -28.05 -100.15 -43.10
C VAL J 231 -27.00 -99.62 -42.14
N LEU J 232 -27.16 -98.37 -41.70
CA LEU J 232 -26.13 -97.68 -40.96
C LEU J 232 -26.23 -98.00 -39.48
N PRO J 233 -25.22 -98.66 -38.87
CA PRO J 233 -25.30 -98.95 -37.42
C PRO J 233 -24.28 -98.19 -36.61
N VAL J 234 -24.30 -98.36 -35.30
CA VAL J 234 -23.20 -97.95 -34.44
C VAL J 234 -22.09 -98.99 -34.56
N SER J 235 -20.88 -98.53 -34.87
CA SER J 235 -19.77 -99.44 -35.16
C SER J 235 -19.21 -100.01 -33.86
N ALA J 236 -18.07 -100.70 -33.97
CA ALA J 236 -17.40 -101.22 -32.78
C ALA J 236 -17.09 -100.10 -31.80
N LEU J 237 -16.91 -98.87 -32.30
CA LEU J 237 -16.70 -97.69 -31.46
C LEU J 237 -17.73 -96.65 -31.86
N GLY J 238 -18.62 -96.31 -30.93
CA GLY J 238 -19.64 -95.31 -31.18
C GLY J 238 -19.48 -94.12 -30.25
N LEU J 239 -20.11 -94.20 -29.08
CA LEU J 239 -19.87 -93.22 -28.02
C LEU J 239 -18.56 -93.50 -27.27
N LEU J 240 -17.78 -94.46 -27.75
CA LEU J 240 -16.48 -94.79 -27.14
C LEU J 240 -15.38 -94.02 -27.88
N HIS J 241 -15.42 -92.70 -27.71
CA HIS J 241 -14.49 -91.83 -28.41
C HIS J 241 -13.06 -92.17 -28.04
N GLN J 242 -12.17 -92.10 -29.03
CA GLN J 242 -10.75 -92.34 -28.81
C GLN J 242 -10.11 -91.07 -28.25
N VAL J 243 -9.52 -91.17 -27.07
CA VAL J 243 -8.97 -90.02 -26.36
C VAL J 243 -7.53 -89.81 -26.82
N HIS J 244 -7.31 -88.76 -27.61
CA HIS J 244 -5.97 -88.39 -28.07
C HIS J 244 -5.53 -87.16 -27.28
N GLU J 245 -4.74 -87.39 -26.22
CA GLU J 245 -4.19 -86.28 -25.46
C GLU J 245 -3.18 -85.49 -26.30
N GLU J 246 -2.59 -86.10 -27.32
CA GLU J 246 -1.74 -85.38 -28.25
C GLU J 246 -2.51 -84.20 -28.84
N ARG J 247 -1.81 -83.09 -29.05
CA ARG J 247 -2.41 -81.87 -29.57
C ARG J 247 -2.22 -81.79 -31.08
N ILE J 248 -3.05 -80.97 -31.71
CA ILE J 248 -3.01 -80.73 -33.15
C ILE J 248 -2.75 -79.26 -33.38
N ALA J 249 -1.92 -78.95 -34.38
CA ALA J 249 -1.57 -77.57 -34.66
C ALA J 249 -2.81 -76.76 -34.99
N SER J 250 -2.71 -75.44 -34.76
CA SER J 250 -3.83 -74.55 -35.00
C SER J 250 -3.89 -74.06 -36.45
N GLY J 251 -2.74 -74.02 -37.12
CA GLY J 251 -2.62 -73.30 -38.38
C GLY J 251 -2.34 -71.82 -38.18
N VAL J 252 -2.80 -71.27 -37.05
CA VAL J 252 -2.47 -69.91 -36.64
C VAL J 252 -1.76 -70.04 -35.30
N PRO J 253 -0.44 -69.82 -35.25
CA PRO J 253 0.29 -70.05 -34.00
C PRO J 253 -0.22 -69.25 -32.82
N ASP J 254 -0.72 -68.04 -33.05
CA ASP J 254 -1.25 -67.23 -31.96
C ASP J 254 -2.45 -67.92 -31.31
N LEU J 255 -3.36 -68.46 -32.13
CA LEU J 255 -4.48 -69.21 -31.56
C LEU J 255 -3.98 -70.46 -30.86
N ASP J 256 -2.97 -71.13 -31.42
CA ASP J 256 -2.41 -72.30 -30.74
C ASP J 256 -1.94 -71.93 -29.33
N ALA J 257 -1.27 -70.78 -29.19
CA ALA J 257 -0.77 -70.37 -27.89
C ALA J 257 -1.87 -69.85 -26.97
N MET J 258 -2.94 -69.31 -27.54
CA MET J 258 -4.04 -68.77 -26.73
C MET J 258 -4.53 -69.76 -25.68
N MET J 259 -4.40 -71.06 -25.95
CA MET J 259 -4.80 -72.12 -25.03
C MET J 259 -3.52 -72.87 -24.65
N ALA J 260 -2.95 -72.52 -23.50
CA ALA J 260 -1.68 -73.11 -23.10
C ALA J 260 -1.77 -74.63 -23.04
N GLY J 261 -0.77 -75.29 -23.62
CA GLY J 261 -0.74 -76.74 -23.64
C GLY J 261 -0.25 -77.29 -24.96
N GLY J 262 -0.31 -76.47 -26.01
CA GLY J 262 0.12 -76.87 -27.35
C GLY J 262 -0.96 -76.77 -28.41
N GLY J 263 -2.16 -76.34 -28.08
CA GLY J 263 -3.24 -76.19 -29.05
C GLY J 263 -4.40 -77.11 -28.72
N PHE J 264 -5.36 -77.15 -29.63
CA PHE J 264 -6.52 -78.02 -29.47
C PHE J 264 -6.09 -79.48 -29.44
N PHE J 265 -6.89 -80.30 -28.79
CA PHE J 265 -6.65 -81.74 -28.82
C PHE J 265 -6.90 -82.28 -30.23
N ARG J 266 -6.29 -83.44 -30.51
CA ARG J 266 -6.44 -84.02 -31.84
C ARG J 266 -7.86 -84.54 -32.06
N GLY J 267 -8.28 -85.52 -31.26
CA GLY J 267 -9.62 -86.05 -31.37
C GLY J 267 -10.65 -85.18 -30.69
N SER J 268 -11.16 -84.18 -31.40
CA SER J 268 -12.08 -83.22 -30.81
C SER J 268 -12.91 -82.59 -31.92
N SER J 269 -13.88 -81.77 -31.50
CA SER J 269 -14.73 -80.99 -32.40
C SER J 269 -14.60 -79.52 -32.03
N ILE J 270 -14.45 -78.66 -33.03
CA ILE J 270 -14.19 -77.24 -32.85
C ILE J 270 -15.25 -76.45 -33.60
N LEU J 271 -16.02 -75.65 -32.88
CA LEU J 271 -17.12 -74.87 -33.45
C LEU J 271 -16.61 -73.48 -33.78
N VAL J 272 -16.27 -73.25 -35.05
CA VAL J 272 -15.99 -71.90 -35.54
C VAL J 272 -17.33 -71.25 -35.83
N SER J 273 -17.86 -70.53 -34.85
CA SER J 273 -19.09 -69.79 -35.02
C SER J 273 -18.77 -68.37 -35.47
N GLY J 274 -19.67 -67.79 -36.25
CA GLY J 274 -19.47 -66.42 -36.67
C GLY J 274 -20.63 -65.94 -37.50
N VAL J 275 -20.57 -64.66 -37.85
CA VAL J 275 -21.53 -64.05 -38.75
C VAL J 275 -20.90 -63.98 -40.14
N ALA J 276 -21.71 -63.66 -41.13
CA ALA J 276 -21.23 -63.62 -42.51
C ALA J 276 -20.12 -62.58 -42.65
N GLY J 277 -18.97 -63.01 -43.18
CA GLY J 277 -17.84 -62.14 -43.34
C GLY J 277 -16.89 -62.11 -42.17
N ALA J 278 -16.81 -63.18 -41.38
CA ALA J 278 -15.98 -63.21 -40.19
C ALA J 278 -14.74 -64.08 -40.33
N GLY J 279 -14.61 -64.85 -41.40
CA GLY J 279 -13.42 -65.64 -41.64
C GLY J 279 -13.49 -67.08 -41.17
N LYS J 280 -14.70 -67.62 -40.96
CA LYS J 280 -14.84 -69.00 -40.50
C LYS J 280 -14.12 -69.96 -41.43
N SER J 281 -14.51 -69.94 -42.71
CA SER J 281 -13.89 -70.83 -43.68
C SER J 281 -12.38 -70.57 -43.81
N SER J 282 -11.95 -69.33 -43.60
CA SER J 282 -10.53 -69.03 -43.68
C SER J 282 -9.76 -69.77 -42.59
N LEU J 283 -10.23 -69.66 -41.34
CA LEU J 283 -9.55 -70.37 -40.26
C LEU J 283 -9.60 -71.88 -40.46
N ALA J 284 -10.74 -72.40 -40.93
CA ALA J 284 -10.84 -73.83 -41.17
C ALA J 284 -9.85 -74.28 -42.25
N ALA J 285 -9.73 -73.51 -43.33
CA ALA J 285 -8.81 -73.85 -44.39
C ALA J 285 -7.36 -73.77 -43.92
N HIS J 286 -7.05 -72.82 -43.04
CA HIS J 286 -5.69 -72.76 -42.50
C HIS J 286 -5.40 -73.97 -41.62
N PHE J 287 -6.39 -74.41 -40.84
CA PHE J 287 -6.25 -75.68 -40.12
C PHE J 287 -5.94 -76.82 -41.07
N ALA J 288 -6.69 -76.89 -42.17
CA ALA J 288 -6.48 -77.96 -43.14
C ALA J 288 -5.08 -77.90 -43.74
N ALA J 289 -4.60 -76.69 -44.03
CA ALA J 289 -3.25 -76.54 -44.57
C ALA J 289 -2.20 -76.98 -43.57
N ALA J 290 -2.38 -76.62 -42.29
CA ALA J 290 -1.50 -77.11 -41.25
C ALA J 290 -1.43 -78.63 -41.28
N ALA J 291 -2.60 -79.28 -41.28
CA ALA J 291 -2.63 -80.74 -41.28
C ALA J 291 -1.92 -81.30 -42.51
N CYS J 292 -2.19 -80.73 -43.69
CA CYS J 292 -1.60 -81.24 -44.92
C CYS J 292 -0.07 -81.14 -44.86
N ALA J 293 0.45 -79.95 -44.53
CA ALA J 293 1.89 -79.79 -44.43
C ALA J 293 2.48 -80.63 -43.31
N ARG J 294 1.66 -81.09 -42.36
CA ARG J 294 2.13 -81.96 -41.29
C ARG J 294 2.25 -83.42 -41.71
N GLY J 295 2.04 -83.73 -42.98
CA GLY J 295 2.19 -85.10 -43.45
C GLY J 295 0.97 -85.97 -43.25
N GLU J 296 -0.21 -85.38 -43.11
CA GLU J 296 -1.45 -86.11 -42.88
C GLU J 296 -2.42 -85.83 -44.04
N ARG J 297 -3.60 -86.44 -43.94
CA ARG J 297 -4.64 -86.30 -44.95
C ARG J 297 -5.84 -85.58 -44.34
N ALA J 298 -6.43 -84.67 -45.11
CA ALA J 298 -7.53 -83.85 -44.62
C ALA J 298 -8.60 -83.70 -45.70
N MET J 299 -9.81 -83.43 -45.23
CA MET J 299 -10.96 -83.31 -46.11
C MET J 299 -11.67 -81.99 -45.84
N TYR J 300 -12.19 -81.37 -46.91
CA TYR J 300 -12.94 -80.13 -46.86
C TYR J 300 -14.29 -80.37 -47.51
N PHE J 301 -15.35 -80.41 -46.71
CA PHE J 301 -16.70 -80.65 -47.19
C PHE J 301 -17.41 -79.31 -47.23
N SER J 302 -17.48 -78.71 -48.42
CA SER J 302 -18.10 -77.40 -48.62
C SER J 302 -19.50 -77.58 -49.19
N PHE J 303 -20.48 -76.94 -48.55
CA PHE J 303 -21.86 -77.02 -48.96
C PHE J 303 -22.38 -75.70 -49.52
N GLU J 304 -21.49 -74.72 -49.68
CA GLU J 304 -21.87 -73.43 -50.27
C GLU J 304 -20.82 -72.90 -51.23
N GLU J 305 -19.74 -73.62 -51.48
CA GLU J 305 -18.61 -73.09 -52.24
C GLU J 305 -17.97 -74.20 -53.05
N ALA J 306 -17.70 -73.93 -54.32
CA ALA J 306 -16.98 -74.87 -55.15
C ALA J 306 -15.51 -74.94 -54.70
N ALA J 307 -14.83 -76.00 -55.14
CA ALA J 307 -13.44 -76.19 -54.74
C ALA J 307 -12.52 -75.16 -55.39
N ASP J 308 -12.74 -74.86 -56.67
CA ASP J 308 -11.95 -73.82 -57.34
C ASP J 308 -12.21 -72.47 -56.71
N GLN J 309 -13.48 -72.16 -56.43
CA GLN J 309 -13.80 -70.92 -55.72
C GLN J 309 -13.07 -70.86 -54.39
N ALA J 310 -13.05 -71.96 -53.63
CA ALA J 310 -12.36 -71.99 -52.36
C ALA J 310 -10.88 -71.69 -52.54
N VAL J 311 -10.25 -72.37 -53.51
CA VAL J 311 -8.82 -72.17 -53.73
C VAL J 311 -8.52 -70.71 -54.03
N ARG J 312 -9.28 -70.11 -54.95
CA ARG J 312 -9.03 -68.72 -55.30
C ARG J 312 -9.26 -67.79 -54.10
N ASN J 313 -10.35 -68.02 -53.37
CA ASN J 313 -10.72 -67.12 -52.28
C ASN J 313 -9.68 -67.14 -51.16
N MET J 314 -9.15 -68.32 -50.83
CA MET J 314 -8.14 -68.40 -49.79
C MET J 314 -6.74 -68.08 -50.33
N ARG J 315 -6.53 -68.20 -51.64
CA ARG J 315 -5.29 -67.70 -52.23
C ARG J 315 -5.21 -66.19 -52.14
N SER J 316 -6.36 -65.51 -52.21
CA SER J 316 -6.38 -64.08 -51.94
C SER J 316 -5.97 -63.75 -50.51
N LEU J 317 -5.93 -64.75 -49.62
CA LEU J 317 -5.50 -64.56 -48.24
C LEU J 317 -4.11 -65.12 -47.96
N GLY J 318 -3.58 -65.96 -48.83
CA GLY J 318 -2.23 -66.44 -48.69
C GLY J 318 -2.14 -67.89 -48.27
N LEU J 319 -2.88 -68.74 -48.96
CA LEU J 319 -2.90 -70.17 -48.66
C LEU J 319 -3.07 -70.93 -49.97
N ASP J 320 -2.10 -71.78 -50.29
CA ASP J 320 -2.13 -72.55 -51.54
C ASP J 320 -2.82 -73.88 -51.31
N LEU J 321 -4.11 -73.80 -51.02
CA LEU J 321 -4.93 -75.00 -50.85
C LEU J 321 -4.84 -75.89 -52.09
N GLY J 322 -4.79 -75.27 -53.27
CA GLY J 322 -4.71 -76.03 -54.51
C GLY J 322 -3.51 -76.93 -54.56
N ARG J 323 -2.38 -76.51 -53.98
CA ARG J 323 -1.18 -77.33 -54.00
C ARG J 323 -1.36 -78.61 -53.21
N TRP J 324 -1.87 -78.50 -51.98
CA TRP J 324 -2.10 -79.69 -51.17
C TRP J 324 -3.14 -80.59 -51.84
N ARG J 325 -4.18 -80.01 -52.44
CA ARG J 325 -5.15 -80.81 -53.16
C ARG J 325 -4.51 -81.54 -54.33
N ASP J 326 -3.63 -80.86 -55.07
CA ASP J 326 -2.91 -81.51 -56.16
C ASP J 326 -2.12 -82.70 -55.64
N ALA J 327 -1.42 -82.52 -54.54
CA ALA J 327 -0.59 -83.59 -54.00
C ALA J 327 -1.40 -84.68 -53.31
N GLY J 328 -2.70 -84.46 -53.12
CA GLY J 328 -3.56 -85.49 -52.57
C GLY J 328 -3.70 -85.47 -51.06
N LEU J 329 -3.21 -84.43 -50.41
CA LEU J 329 -3.31 -84.29 -48.96
C LEU J 329 -4.61 -83.62 -48.53
N LEU J 330 -5.36 -83.04 -49.47
CA LEU J 330 -6.62 -82.37 -49.16
C LEU J 330 -7.64 -82.76 -50.22
N ARG J 331 -8.83 -83.15 -49.77
CA ARG J 331 -9.90 -83.56 -50.69
C ARG J 331 -11.12 -82.66 -50.49
N PHE J 332 -11.50 -81.93 -51.54
CA PHE J 332 -12.68 -81.08 -51.50
C PHE J 332 -13.90 -81.83 -52.02
N MET J 333 -15.03 -81.66 -51.32
CA MET J 333 -16.31 -82.22 -51.72
C MET J 333 -17.33 -81.08 -51.74
N ALA J 334 -17.88 -80.79 -52.93
CA ALA J 334 -18.75 -79.64 -53.13
C ALA J 334 -20.23 -80.01 -53.08
N THR J 335 -20.59 -81.05 -52.33
CA THR J 335 -21.98 -81.46 -52.22
C THR J 335 -22.84 -80.30 -51.72
N ARG J 336 -23.80 -79.88 -52.53
CA ARG J 336 -24.71 -78.81 -52.12
C ARG J 336 -25.60 -79.31 -50.98
N PRO J 337 -26.35 -78.42 -50.33
CA PRO J 337 -27.13 -78.82 -49.16
C PRO J 337 -28.30 -79.73 -49.48
N THR J 338 -29.11 -79.36 -50.48
CA THR J 338 -30.35 -80.05 -50.78
C THR J 338 -30.23 -81.01 -51.95
N PHE J 339 -29.02 -81.48 -52.25
CA PHE J 339 -28.84 -82.39 -53.38
C PHE J 339 -29.39 -83.78 -53.05
N TYR J 340 -29.12 -84.28 -51.85
CA TYR J 340 -29.59 -85.58 -51.39
C TYR J 340 -30.51 -85.41 -50.20
N SER J 341 -31.06 -86.53 -49.74
CA SER J 341 -31.72 -86.54 -48.44
C SER J 341 -30.66 -86.51 -47.33
N LEU J 342 -31.12 -86.27 -46.10
CA LEU J 342 -30.19 -86.16 -44.98
C LEU J 342 -29.35 -87.43 -44.84
N GLU J 343 -29.99 -88.59 -44.90
CA GLU J 343 -29.27 -89.85 -44.69
C GLU J 343 -28.33 -90.15 -45.84
N MET J 344 -28.73 -89.85 -47.07
CA MET J 344 -27.84 -90.06 -48.20
C MET J 344 -26.63 -89.14 -48.13
N HIS J 345 -26.83 -87.89 -47.72
CA HIS J 345 -25.70 -86.98 -47.51
C HIS J 345 -24.76 -87.55 -46.46
N LEU J 346 -25.31 -88.01 -45.33
CA LEU J 346 -24.48 -88.58 -44.27
C LEU J 346 -23.68 -89.77 -44.80
N ALA J 347 -24.34 -90.67 -45.53
CA ALA J 347 -23.66 -91.85 -46.03
C ALA J 347 -22.57 -91.48 -47.04
N VAL J 348 -22.83 -90.48 -47.88
CA VAL J 348 -21.84 -90.05 -48.86
C VAL J 348 -20.60 -89.50 -48.15
N ILE J 349 -20.82 -88.62 -47.17
CA ILE J 349 -19.69 -88.05 -46.45
C ILE J 349 -18.91 -89.13 -45.72
N LEU J 350 -19.62 -90.07 -45.09
CA LEU J 350 -18.95 -91.14 -44.37
C LEU J 350 -18.15 -92.03 -45.32
N ARG J 351 -18.70 -92.32 -46.50
CA ARG J 351 -18.00 -93.12 -47.49
C ARG J 351 -16.72 -92.43 -47.93
N GLU J 352 -16.81 -91.13 -48.25
CA GLU J 352 -15.61 -90.41 -48.67
C GLU J 352 -14.57 -90.38 -47.55
N VAL J 353 -15.01 -90.20 -46.31
CA VAL J 353 -14.09 -90.21 -45.18
C VAL J 353 -13.38 -91.56 -45.09
N MET J 354 -14.15 -92.65 -45.09
CA MET J 354 -13.56 -93.98 -44.96
C MET J 354 -12.61 -94.29 -46.10
N ARG J 355 -12.91 -93.79 -47.31
CA ARG J 355 -12.06 -94.08 -48.46
C ARG J 355 -10.80 -93.22 -48.49
N PHE J 356 -10.86 -92.00 -47.95
CA PHE J 356 -9.73 -91.09 -48.00
C PHE J 356 -8.82 -91.19 -46.80
N GLU J 357 -9.28 -91.76 -45.69
CA GLU J 357 -8.45 -91.94 -44.51
C GLU J 357 -7.89 -90.60 -44.03
N PRO J 358 -8.73 -89.63 -43.68
CA PRO J 358 -8.23 -88.35 -43.17
C PRO J 358 -8.05 -88.35 -41.66
N SER J 359 -7.27 -87.36 -41.20
CA SER J 359 -7.14 -87.08 -39.78
C SER J 359 -7.77 -85.75 -39.39
N VAL J 360 -8.06 -84.88 -40.35
CA VAL J 360 -8.73 -83.60 -40.10
C VAL J 360 -9.88 -83.47 -41.09
N VAL J 361 -11.06 -83.13 -40.58
CA VAL J 361 -12.26 -82.94 -41.38
C VAL J 361 -12.73 -81.51 -41.16
N VAL J 362 -13.07 -80.84 -42.25
CA VAL J 362 -13.67 -79.50 -42.21
C VAL J 362 -15.09 -79.64 -42.74
N LEU J 363 -16.06 -79.27 -41.92
CA LEU J 363 -17.47 -79.26 -42.29
C LEU J 363 -17.89 -77.79 -42.41
N ASP J 364 -17.90 -77.30 -43.66
CA ASP J 364 -18.34 -75.96 -43.99
C ASP J 364 -19.83 -75.89 -43.68
N PRO J 365 -20.53 -74.75 -43.94
CA PRO J 365 -21.82 -74.50 -43.27
C PRO J 365 -22.62 -75.72 -42.83
N ILE J 366 -22.47 -76.11 -41.56
CA ILE J 366 -23.48 -76.94 -40.92
C ILE J 366 -24.80 -76.18 -40.86
N SER J 367 -24.71 -74.85 -40.80
CA SER J 367 -25.90 -74.02 -40.86
C SER J 367 -26.70 -74.28 -42.12
N ALA J 368 -26.05 -74.75 -43.19
CA ALA J 368 -26.79 -75.03 -44.42
C ALA J 368 -27.85 -76.09 -44.18
N PHE J 369 -27.48 -77.18 -43.49
CA PHE J 369 -28.48 -78.15 -43.07
C PHE J 369 -29.45 -77.55 -42.07
N THR J 370 -28.94 -76.81 -41.07
CA THR J 370 -29.83 -76.32 -40.03
C THR J 370 -30.91 -75.38 -40.58
N GLU J 371 -30.64 -74.72 -41.72
CA GLU J 371 -31.56 -73.70 -42.22
C GLU J 371 -32.97 -74.26 -42.44
N SER J 372 -33.07 -75.51 -42.91
CA SER J 372 -34.38 -76.12 -43.08
C SER J 372 -34.21 -77.64 -42.99
N GLY J 373 -34.48 -78.17 -41.81
CA GLY J 373 -34.55 -79.60 -41.60
C GLY J 373 -35.21 -79.87 -40.28
N ASP J 374 -35.86 -81.01 -40.15
CA ASP J 374 -36.50 -81.37 -38.90
C ASP J 374 -35.47 -81.30 -37.79
N ARG J 375 -35.70 -80.42 -36.80
CA ARG J 375 -34.73 -80.17 -35.75
C ARG J 375 -34.12 -81.47 -35.24
N LEU J 376 -34.97 -82.46 -34.95
CA LEU J 376 -34.48 -83.76 -34.50
C LEU J 376 -33.62 -84.42 -35.56
N GLU J 377 -34.01 -84.32 -36.84
CA GLU J 377 -33.24 -84.93 -37.90
C GLU J 377 -31.83 -84.36 -37.96
N VAL J 378 -31.73 -83.02 -37.94
CA VAL J 378 -30.43 -82.38 -38.06
C VAL J 378 -29.58 -82.65 -36.82
N GLN J 379 -30.20 -82.66 -35.64
CA GLN J 379 -29.43 -82.97 -34.43
C GLN J 379 -28.92 -84.41 -34.47
N SER J 380 -29.73 -85.33 -34.99
CA SER J 380 -29.28 -86.72 -35.12
C SER J 380 -28.10 -86.82 -36.08
N MET J 381 -28.20 -86.13 -37.23
CA MET J 381 -27.11 -86.14 -38.19
C MET J 381 -25.82 -85.62 -37.55
N LEU J 382 -25.91 -84.50 -36.84
CA LEU J 382 -24.72 -83.92 -36.21
C LEU J 382 -24.16 -84.83 -35.13
N LEU J 383 -25.04 -85.44 -34.33
CA LEU J 383 -24.60 -86.38 -33.31
C LEU J 383 -23.81 -87.52 -33.94
N ARG J 384 -24.37 -88.14 -34.98
CA ARG J 384 -23.67 -89.24 -35.64
C ARG J 384 -22.33 -88.78 -36.20
N ILE J 385 -22.32 -87.63 -36.87
CA ILE J 385 -21.08 -87.14 -37.47
C ILE J 385 -20.00 -86.97 -36.41
N VAL J 386 -20.33 -86.24 -35.33
CA VAL J 386 -19.33 -85.97 -34.30
C VAL J 386 -18.86 -87.27 -33.66
N ASP J 387 -19.79 -88.15 -33.31
CA ASP J 387 -19.41 -89.39 -32.64
C ASP J 387 -18.52 -90.26 -33.52
N PHE J 388 -18.86 -90.36 -34.80
CA PHE J 388 -18.10 -91.24 -35.69
C PHE J 388 -16.75 -90.65 -36.08
N LEU J 389 -16.63 -89.32 -36.08
CA LEU J 389 -15.30 -88.73 -36.31
C LEU J 389 -14.45 -88.77 -35.05
N LYS J 390 -15.07 -88.77 -33.86
CA LYS J 390 -14.30 -88.76 -32.62
C LYS J 390 -13.90 -90.15 -32.15
N ASN J 391 -14.69 -91.18 -32.46
CA ASN J 391 -14.30 -92.54 -32.12
C ASN J 391 -13.28 -93.11 -33.10
N ARG J 392 -12.92 -92.37 -34.14
CA ARG J 392 -11.80 -92.72 -35.01
C ARG J 392 -10.57 -91.83 -34.77
N GLY J 393 -10.63 -90.95 -33.77
CA GLY J 393 -9.53 -90.07 -33.47
C GLY J 393 -9.39 -88.89 -34.41
N ILE J 394 -10.30 -88.70 -35.34
CA ILE J 394 -10.21 -87.63 -36.33
C ILE J 394 -10.67 -86.31 -35.70
N THR J 395 -10.03 -85.22 -36.11
CA THR J 395 -10.40 -83.89 -35.65
C THR J 395 -11.47 -83.32 -36.56
N GLY J 396 -12.34 -82.49 -35.99
CA GLY J 396 -13.43 -81.90 -36.73
C GLY J 396 -13.52 -80.39 -36.55
N ILE J 397 -13.76 -79.69 -37.66
CA ILE J 397 -13.88 -78.24 -37.67
C ILE J 397 -15.24 -77.90 -38.26
N PHE J 398 -16.17 -77.46 -37.41
CA PHE J 398 -17.55 -77.20 -37.79
C PHE J 398 -17.75 -75.69 -37.87
N THR J 399 -18.08 -75.18 -39.06
CA THR J 399 -18.31 -73.75 -39.22
C THR J 399 -19.80 -73.44 -39.23
N HIS J 400 -20.21 -72.42 -38.47
CA HIS J 400 -21.62 -72.06 -38.34
C HIS J 400 -21.83 -70.57 -38.50
N LEU J 401 -22.92 -70.21 -39.19
CA LEU J 401 -23.31 -68.83 -39.45
C LEU J 401 -24.46 -68.49 -38.52
N ALA J 402 -24.11 -67.93 -37.36
CA ALA J 402 -25.11 -67.56 -36.35
C ALA J 402 -25.56 -66.12 -36.51
N LEU J 414 -26.86 -75.66 -28.90
CA LEU J 414 -26.28 -76.12 -30.16
C LEU J 414 -24.77 -76.28 -30.04
N SER J 415 -24.19 -75.73 -28.98
CA SER J 415 -22.75 -75.76 -28.76
C SER J 415 -22.34 -76.79 -27.72
N SER J 416 -23.28 -77.59 -27.20
CA SER J 416 -22.93 -78.59 -26.20
C SER J 416 -22.23 -79.79 -26.82
N LEU J 417 -22.67 -80.20 -28.02
CA LEU J 417 -22.06 -81.36 -28.67
C LEU J 417 -20.59 -81.09 -29.00
N MET J 418 -20.23 -79.84 -29.25
CA MET J 418 -18.87 -79.51 -29.64
C MET J 418 -17.98 -79.34 -28.42
N ASP J 419 -16.70 -79.67 -28.60
CA ASP J 419 -15.74 -79.63 -27.50
C ASP J 419 -15.12 -78.24 -27.33
N GLY J 420 -14.74 -77.57 -28.41
CA GLY J 420 -14.19 -76.23 -28.34
C GLY J 420 -15.06 -75.26 -29.10
N TRP J 421 -15.01 -73.99 -28.69
CA TRP J 421 -15.84 -72.94 -29.28
C TRP J 421 -14.96 -71.73 -29.60
N VAL J 422 -14.83 -71.43 -30.89
CA VAL J 422 -14.09 -70.28 -31.39
C VAL J 422 -15.10 -69.32 -32.03
N LEU J 423 -15.19 -68.10 -31.50
CA LEU J 423 -16.16 -67.12 -31.95
C LEU J 423 -15.45 -66.06 -32.78
N MET J 424 -15.92 -65.85 -34.00
CA MET J 424 -15.42 -64.80 -34.89
C MET J 424 -16.47 -63.70 -34.99
N LEU J 425 -16.03 -62.44 -34.97
CA LEU J 425 -16.94 -61.32 -34.92
C LEU J 425 -16.47 -60.20 -35.83
N ASN J 426 -17.39 -59.70 -36.67
CA ASN J 426 -17.19 -58.50 -37.48
C ASN J 426 -18.14 -57.44 -36.92
N ARG J 427 -17.63 -56.59 -36.05
CA ARG J 427 -18.46 -55.69 -35.26
C ARG J 427 -18.32 -54.25 -35.74
N GLU J 428 -19.45 -53.54 -35.79
CA GLU J 428 -19.44 -52.14 -36.17
C GLU J 428 -19.08 -51.27 -34.97
N VAL J 429 -18.19 -50.31 -35.19
CA VAL J 429 -17.80 -49.37 -34.15
C VAL J 429 -17.60 -47.99 -34.77
N ASN J 430 -18.62 -47.14 -34.65
CA ASN J 430 -18.58 -45.77 -35.19
C ASN J 430 -18.34 -45.80 -36.70
N GLY J 431 -19.07 -46.67 -37.39
CA GLY J 431 -18.96 -46.76 -38.83
C GLY J 431 -17.72 -47.45 -39.33
N GLU J 432 -17.34 -48.57 -38.70
CA GLU J 432 -16.15 -49.30 -39.09
C GLU J 432 -16.27 -50.72 -38.56
N PHE J 433 -15.80 -51.69 -39.34
CA PHE J 433 -15.92 -53.10 -39.01
C PHE J 433 -14.59 -53.60 -38.46
N ASN J 434 -14.58 -53.98 -37.19
CA ASN J 434 -13.42 -54.56 -36.53
C ASN J 434 -13.59 -56.06 -36.41
N ARG J 435 -12.50 -56.80 -36.61
CA ARG J 435 -12.51 -58.26 -36.69
C ARG J 435 -11.85 -58.83 -35.43
N GLU J 436 -12.65 -59.49 -34.59
CA GLU J 436 -12.20 -60.01 -33.31
C GLU J 436 -12.45 -61.51 -33.22
N LEU J 437 -11.68 -62.16 -32.35
CA LEU J 437 -11.76 -63.60 -32.15
C LEU J 437 -11.72 -63.89 -30.66
N TYR J 438 -12.64 -64.75 -30.22
CA TYR J 438 -12.76 -65.18 -28.83
C TYR J 438 -12.59 -66.69 -28.76
N LEU J 439 -12.00 -67.15 -27.65
CA LEU J 439 -12.03 -68.56 -27.27
C LEU J 439 -13.02 -68.69 -26.12
N LEU J 440 -14.17 -69.32 -26.37
CA LEU J 440 -15.24 -69.38 -25.38
C LEU J 440 -15.35 -70.73 -24.69
N LYS J 441 -14.59 -71.73 -25.12
CA LYS J 441 -14.72 -73.06 -24.53
C LYS J 441 -13.57 -73.97 -24.96
N ALA J 442 -12.88 -74.55 -23.98
CA ALA J 442 -11.88 -75.59 -24.23
C ALA J 442 -12.05 -76.64 -23.15
N ARG J 443 -12.23 -77.89 -23.56
CA ARG J 443 -12.62 -78.95 -22.64
C ARG J 443 -11.60 -79.14 -21.53
N GLY J 444 -10.39 -79.58 -21.87
CA GLY J 444 -9.36 -79.85 -20.90
C GLY J 444 -8.29 -78.78 -20.79
N MET J 445 -8.40 -77.70 -21.55
CA MET J 445 -7.41 -76.64 -21.57
C MET J 445 -7.84 -75.50 -20.64
N ALA J 446 -7.02 -74.45 -20.60
CA ALA J 446 -7.33 -73.23 -19.88
C ALA J 446 -7.29 -72.09 -20.91
N HIS J 447 -8.40 -71.88 -21.60
CA HIS J 447 -8.44 -70.87 -22.64
C HIS J 447 -8.33 -69.48 -22.01
N SER J 448 -7.91 -68.52 -22.84
CA SER J 448 -7.78 -67.14 -22.39
C SER J 448 -9.14 -66.45 -22.46
N ASN J 449 -9.67 -66.06 -21.30
CA ASN J 449 -10.88 -65.26 -21.29
C ASN J 449 -10.70 -63.94 -22.03
N GLN J 450 -9.47 -63.56 -22.37
CA GLN J 450 -9.22 -62.38 -23.17
C GLN J 450 -9.88 -62.51 -24.54
N VAL J 451 -9.86 -61.40 -25.28
CA VAL J 451 -10.40 -61.34 -26.63
C VAL J 451 -9.32 -60.73 -27.52
N ARG J 452 -8.97 -61.41 -28.61
CA ARG J 452 -7.83 -61.02 -29.43
C ARG J 452 -8.29 -60.64 -30.82
N GLU J 453 -7.74 -59.55 -31.36
CA GLU J 453 -8.19 -59.10 -32.66
C GLU J 453 -7.48 -59.91 -33.74
N PHE J 454 -8.20 -60.27 -34.80
CA PHE J 454 -7.62 -61.09 -35.87
C PHE J 454 -7.62 -60.29 -37.15
N LEU J 455 -6.43 -60.21 -37.77
CA LEU J 455 -6.19 -59.39 -38.95
C LEU J 455 -6.13 -60.29 -40.18
N MET J 456 -6.85 -59.88 -41.22
CA MET J 456 -6.89 -60.56 -42.51
C MET J 456 -5.73 -60.03 -43.34
N SER J 457 -4.57 -60.69 -43.22
CA SER J 457 -3.35 -60.25 -43.88
C SER J 457 -3.02 -61.17 -45.05
N ASP J 458 -2.43 -60.57 -46.09
CA ASP J 458 -2.00 -61.37 -47.24
C ASP J 458 -1.05 -62.49 -46.81
N ARG J 459 -0.19 -62.20 -45.82
CA ARG J 459 0.69 -63.24 -45.30
C ARG J 459 -0.09 -64.34 -44.62
N GLY J 460 -1.22 -64.02 -44.01
CA GLY J 460 -2.05 -64.99 -43.34
C GLY J 460 -2.78 -64.37 -42.17
N ILE J 461 -3.75 -65.11 -41.65
CA ILE J 461 -4.48 -64.67 -40.47
C ILE J 461 -3.48 -64.37 -39.36
N SER J 462 -3.64 -63.23 -38.70
CA SER J 462 -2.69 -62.84 -37.66
C SER J 462 -3.44 -62.29 -36.46
N LEU J 463 -3.33 -62.96 -35.32
CA LEU J 463 -3.99 -62.51 -34.10
C LEU J 463 -3.06 -61.60 -33.31
N LEU J 464 -3.55 -60.41 -33.00
CA LEU J 464 -2.84 -59.44 -32.19
C LEU J 464 -3.55 -59.21 -30.86
N PRO J 465 -2.79 -58.96 -29.80
CA PRO J 465 -3.37 -58.93 -28.46
C PRO J 465 -4.11 -57.63 -28.21
N PRO J 466 -4.91 -57.57 -27.14
CA PRO J 466 -5.55 -56.32 -26.76
C PRO J 466 -4.62 -55.47 -25.90
N HIS J 467 -4.77 -54.16 -26.03
CA HIS J 467 -4.02 -53.24 -25.17
C HIS J 467 -4.66 -53.28 -23.78
N LEU J 468 -3.93 -53.83 -22.81
CA LEU J 468 -4.48 -54.08 -21.48
C LEU J 468 -4.37 -52.79 -20.66
N GLY J 469 -5.50 -52.11 -20.49
CA GLY J 469 -5.50 -50.88 -19.74
C GLY J 469 -6.92 -50.39 -19.51
N GLU J 470 -7.02 -49.13 -19.08
CA GLU J 470 -8.32 -48.54 -18.82
C GLU J 470 -9.22 -48.66 -20.04
N GLY J 471 -10.50 -48.93 -19.78
CA GLY J 471 -11.45 -49.22 -20.84
C GLY J 471 -11.48 -50.65 -21.29
N GLY J 472 -10.45 -51.44 -20.98
CA GLY J 472 -10.44 -52.85 -21.29
C GLY J 472 -9.58 -53.15 -22.51
N ALA J 473 -10.10 -53.97 -23.42
CA ALA J 473 -9.34 -54.44 -24.57
C ALA J 473 -9.50 -53.54 -25.78
N LEU J 474 -10.69 -52.97 -26.00
CA LEU J 474 -10.94 -52.10 -27.13
C LEU J 474 -10.71 -52.83 -28.45
N THR J 475 -9.45 -53.03 -28.82
CA THR J 475 -9.08 -53.83 -29.99
C THR J 475 -9.72 -53.27 -31.27
N GLY J 476 -9.18 -52.13 -31.71
CA GLY J 476 -9.63 -51.55 -32.96
C GLY J 476 -9.16 -50.12 -33.11
N THR J 477 -9.85 -49.40 -34.00
CA THR J 477 -9.57 -47.97 -34.15
C THR J 477 -9.66 -47.27 -32.80
N ALA J 478 -10.46 -47.79 -31.88
CA ALA J 478 -10.47 -47.26 -30.52
C ALA J 478 -9.18 -47.60 -29.78
N ARG J 479 -8.59 -48.77 -30.05
CA ARG J 479 -7.26 -49.04 -29.52
C ARG J 479 -6.27 -47.99 -29.99
N LYS J 480 -6.29 -47.69 -31.29
CA LYS J 480 -5.37 -46.67 -31.81
C LYS J 480 -5.67 -45.30 -31.23
N ALA J 481 -6.96 -44.99 -31.03
CA ALA J 481 -7.34 -43.70 -30.46
C ALA J 481 -6.87 -43.57 -29.02
N GLU J 482 -7.02 -44.63 -28.22
CA GLU J 482 -6.53 -44.61 -26.86
C GLU J 482 -5.02 -44.48 -26.81
N GLU J 483 -4.32 -45.20 -27.70
CA GLU J 483 -2.86 -45.07 -27.76
C GLU J 483 -2.46 -43.64 -28.11
N ALA J 484 -3.19 -43.02 -29.05
CA ALA J 484 -2.91 -41.65 -29.43
C ALA J 484 -3.12 -40.70 -28.26
N ARG J 485 -4.24 -40.85 -27.54
CA ARG J 485 -4.48 -40.00 -26.39
C ARG J 485 -3.39 -40.20 -25.34
N LEU J 486 -2.95 -41.44 -25.14
CA LEU J 486 -1.93 -41.70 -24.13
C LEU J 486 -0.62 -41.02 -24.49
N ARG J 487 -0.19 -41.16 -25.74
CA ARG J 487 1.07 -40.51 -26.15
C ARG J 487 0.95 -38.99 -26.10
N ARG J 488 -0.18 -38.46 -26.56
CA ARG J 488 -0.37 -37.01 -26.52
C ARG J 488 -0.39 -36.49 -25.09
N ALA J 489 -0.96 -37.27 -24.16
CA ALA J 489 -1.00 -36.86 -22.77
C ALA J 489 0.38 -36.96 -22.12
N GLU J 490 1.19 -37.94 -22.52
CA GLU J 490 2.57 -37.98 -22.06
C GLU J 490 3.32 -36.73 -22.52
N ILE J 491 3.17 -36.36 -23.79
CA ILE J 491 3.78 -35.14 -24.28
C ILE J 491 3.28 -33.94 -23.48
N GLU J 492 1.97 -33.90 -23.19
CA GLU J 492 1.41 -32.80 -22.41
C GLU J 492 2.07 -32.71 -21.04
N ARG J 493 2.17 -33.85 -20.34
CA ARG J 493 2.76 -33.84 -19.00
C ARG J 493 4.19 -33.35 -19.05
N GLN J 494 4.99 -33.88 -19.98
CA GLN J 494 6.40 -33.50 -20.04
C GLN J 494 6.55 -32.01 -20.33
N THR J 495 5.79 -31.50 -21.30
CA THR J 495 5.90 -30.09 -21.66
C THR J 495 5.43 -29.19 -20.52
N GLU J 496 4.38 -29.61 -19.80
CA GLU J 496 3.90 -28.80 -18.68
C GLU J 496 4.93 -28.79 -17.54
N LEU J 497 5.55 -29.93 -17.27
CA LEU J 497 6.64 -29.96 -16.30
C LEU J 497 7.74 -28.98 -16.69
N GLY J 498 8.13 -28.99 -17.97
CA GLY J 498 9.15 -28.06 -18.42
C GLY J 498 8.75 -26.60 -18.26
N ARG J 499 7.51 -26.28 -18.61
CA ARG J 499 7.05 -24.89 -18.52
C ARG J 499 7.01 -24.42 -17.07
N LEU J 500 6.53 -25.28 -16.16
CA LEU J 500 6.53 -24.90 -14.75
C LEU J 500 7.95 -24.78 -14.21
N GLN J 501 8.88 -25.59 -14.71
CA GLN J 501 10.28 -25.40 -14.34
C GLN J 501 10.76 -24.02 -14.75
N GLN J 502 10.45 -23.62 -15.99
CA GLN J 502 10.82 -22.29 -16.45
C GLN J 502 10.25 -21.21 -15.54
N GLN J 503 8.97 -21.32 -15.20
CA GLN J 503 8.33 -20.30 -14.36
C GLN J 503 8.98 -20.26 -12.98
N ILE J 504 9.29 -21.43 -12.41
CA ILE J 504 9.93 -21.48 -11.10
C ILE J 504 11.30 -20.82 -11.15
N GLU J 505 12.05 -21.05 -12.23
CA GLU J 505 13.36 -20.43 -12.36
C GLU J 505 13.25 -18.91 -12.46
N GLN J 506 12.25 -18.42 -13.19
CA GLN J 506 12.10 -16.97 -13.29
C GLN J 506 11.67 -16.38 -11.95
N ARG J 507 10.84 -17.09 -11.19
CA ARG J 507 10.51 -16.65 -9.85
C ARG J 507 11.76 -16.59 -8.96
N ARG J 508 12.66 -17.56 -9.13
CA ARG J 508 13.92 -17.52 -8.39
C ARG J 508 14.75 -16.30 -8.76
N ARG J 509 14.79 -15.97 -10.06
CA ARG J 509 15.44 -14.73 -10.49
C ARG J 509 14.84 -13.54 -9.75
N ARG J 510 13.51 -13.44 -9.73
CA ARG J 510 12.85 -12.34 -9.05
C ARG J 510 13.27 -12.28 -7.58
N ALA J 511 13.32 -13.44 -6.91
CA ALA J 511 13.68 -13.48 -5.51
C ALA J 511 15.09 -12.94 -5.29
N ARG J 512 16.05 -13.47 -6.05
CA ARG J 512 17.44 -13.02 -5.89
C ARG J 512 17.57 -11.52 -6.17
N ALA J 513 16.86 -11.03 -7.19
CA ALA J 513 16.94 -9.61 -7.52
C ALA J 513 16.39 -8.75 -6.38
N GLN J 514 15.22 -9.12 -5.86
CA GLN J 514 14.64 -8.35 -4.76
C GLN J 514 15.54 -8.38 -3.53
N ILE J 515 16.20 -9.52 -3.29
CA ILE J 515 17.12 -9.62 -2.16
C ILE J 515 18.28 -8.64 -2.34
N GLU J 516 18.90 -8.65 -3.53
CA GLU J 516 19.96 -7.69 -3.81
C GLU J 516 19.48 -6.27 -3.62
N ALA J 517 18.24 -5.98 -4.05
CA ALA J 517 17.72 -4.61 -3.97
C ALA J 517 17.60 -4.16 -2.52
N LEU J 518 16.94 -4.97 -1.68
CA LEU J 518 16.76 -4.59 -0.29
C LEU J 518 18.10 -4.52 0.43
N GLU J 519 19.05 -5.39 0.08
CA GLU J 519 20.40 -5.26 0.60
C GLU J 519 20.97 -3.89 0.25
N ALA J 520 21.11 -3.60 -1.03
CA ALA J 520 21.60 -2.30 -1.48
C ALA J 520 20.97 -1.16 -0.67
N GLU J 521 19.66 -1.24 -0.45
CA GLU J 521 19.00 -0.22 0.37
C GLU J 521 19.58 -0.19 1.78
N LEU J 522 19.82 -1.37 2.36
CA LEU J 522 20.40 -1.44 3.70
C LEU J 522 21.74 -0.71 3.76
N GLN J 523 22.66 -1.07 2.86
CA GLN J 523 23.98 -0.43 2.86
C GLN J 523 23.85 1.08 2.65
N ALA J 524 22.99 1.50 1.71
CA ALA J 524 22.83 2.92 1.44
C ALA J 524 22.36 3.66 2.69
N GLU J 525 21.39 3.09 3.41
CA GLU J 525 20.88 3.77 4.59
C GLU J 525 21.89 3.79 5.73
N GLU J 526 22.70 2.74 5.87
CA GLU J 526 23.81 2.79 6.81
C GLU J 526 24.71 3.99 6.51
N ILE J 527 25.14 4.10 5.25
CA ILE J 527 25.99 5.21 4.84
C ILE J 527 25.33 6.53 5.18
N ALA J 528 24.03 6.65 4.87
CA ALA J 528 23.32 7.90 5.09
C ALA J 528 23.23 8.25 6.56
N LEU J 529 23.07 7.25 7.43
CA LEU J 529 23.07 7.50 8.86
C LEU J 529 24.38 8.15 9.30
N LYS J 530 25.49 7.46 9.02
CA LYS J 530 26.79 8.03 9.40
C LYS J 530 26.96 9.43 8.81
N ALA J 531 26.57 9.59 7.55
CA ALA J 531 26.80 10.84 6.83
C ALA J 531 26.01 11.99 7.44
N LEU J 532 24.72 11.78 7.71
CA LEU J 532 23.91 12.84 8.28
C LEU J 532 24.43 13.23 9.65
N VAL J 533 24.82 12.24 10.47
CA VAL J 533 25.32 12.59 11.80
C VAL J 533 26.59 13.43 11.69
N GLU J 534 27.52 13.02 10.82
CA GLU J 534 28.77 13.76 10.68
C GLU J 534 28.53 15.17 10.13
N SER J 535 27.65 15.29 9.14
CA SER J 535 27.36 16.60 8.57
C SER J 535 26.75 17.53 9.61
N GLU J 536 25.84 17.00 10.43
CA GLU J 536 25.29 17.81 11.51
C GLU J 536 26.37 18.20 12.51
N SER J 537 27.31 17.28 12.79
CA SER J 537 28.40 17.60 13.71
C SER J 537 29.26 18.73 13.16
N ALA J 538 29.46 18.78 11.86
CA ALA J 538 30.24 19.86 11.25
C ALA J 538 29.60 21.21 11.55
N GLY K 4 -66.16 -105.56 -2.78
CA GLY K 4 -65.13 -105.77 -3.78
C GLY K 4 -64.98 -107.22 -4.18
N ILE K 5 -64.38 -107.45 -5.35
CA ILE K 5 -64.15 -108.79 -5.87
C ILE K 5 -62.64 -108.96 -6.08
N GLY K 6 -62.09 -110.03 -5.52
CA GLY K 6 -60.67 -110.27 -5.64
C GLY K 6 -60.28 -110.88 -6.97
N LYS K 7 -59.05 -110.63 -7.38
CA LYS K 7 -58.54 -111.08 -8.67
C LYS K 7 -57.12 -111.63 -8.49
N SER K 8 -56.61 -112.26 -9.54
CA SER K 8 -55.32 -112.94 -9.47
C SER K 8 -54.21 -112.03 -10.00
N PRO K 9 -53.03 -112.01 -9.37
CA PRO K 9 -51.92 -111.24 -9.94
C PRO K 9 -51.30 -111.94 -11.15
N THR K 10 -50.77 -111.11 -12.05
CA THR K 10 -50.08 -111.61 -13.23
C THR K 10 -48.58 -111.74 -13.03
N GLY K 11 -48.04 -111.21 -11.94
CA GLY K 11 -46.60 -111.14 -11.74
C GLY K 11 -45.92 -109.98 -12.41
N ILE K 12 -46.56 -109.37 -13.40
CA ILE K 12 -46.00 -108.19 -14.07
C ILE K 12 -46.14 -107.00 -13.13
N GLN K 13 -45.06 -106.71 -12.39
CA GLN K 13 -45.04 -105.59 -11.48
C GLN K 13 -45.30 -104.29 -12.23
N GLY K 14 -46.25 -103.51 -11.74
CA GLY K 14 -46.69 -102.33 -12.45
C GLY K 14 -47.99 -102.59 -13.18
N PHE K 15 -48.05 -103.67 -13.96
CA PHE K 15 -49.31 -104.10 -14.54
C PHE K 15 -50.31 -104.44 -13.45
N ASP K 16 -49.87 -105.18 -12.43
CA ASP K 16 -50.76 -105.51 -11.32
C ASP K 16 -51.29 -104.24 -10.66
N GLU K 17 -50.42 -103.25 -10.43
CA GLU K 17 -50.85 -102.01 -9.79
C GLU K 17 -51.83 -101.24 -10.69
N LEU K 18 -51.54 -101.17 -11.99
CA LEU K 18 -52.40 -100.44 -12.91
C LEU K 18 -53.78 -101.08 -13.00
N THR K 19 -53.85 -102.40 -12.92
CA THR K 19 -55.12 -103.11 -12.91
C THR K 19 -55.71 -103.28 -11.52
N LEU K 20 -55.04 -102.74 -10.50
CA LEU K 20 -55.54 -102.79 -9.12
C LEU K 20 -55.71 -104.24 -8.66
N GLY K 21 -54.66 -105.03 -8.85
CA GLY K 21 -54.68 -106.43 -8.49
C GLY K 21 -54.04 -107.31 -9.55
N GLY K 22 -54.70 -107.42 -10.70
CA GLY K 22 -54.19 -108.25 -11.77
C GLY K 22 -55.32 -108.68 -12.69
N LEU K 23 -55.02 -109.70 -13.50
CA LEU K 23 -56.02 -110.21 -14.42
C LEU K 23 -57.19 -110.81 -13.64
N PRO K 24 -58.38 -110.83 -14.22
CA PRO K 24 -59.55 -111.34 -13.49
C PRO K 24 -59.43 -112.83 -13.22
N THR K 25 -59.75 -113.22 -11.99
CA THR K 25 -59.72 -114.62 -11.58
C THR K 25 -61.13 -115.19 -11.66
N GLY K 26 -61.23 -116.41 -12.18
CA GLY K 26 -62.51 -117.03 -12.41
C GLY K 26 -63.24 -116.56 -13.64
N ARG K 27 -62.63 -115.69 -14.45
CA ARG K 27 -63.24 -115.19 -15.67
C ARG K 27 -62.30 -115.37 -16.85
N PRO K 28 -62.73 -115.02 -18.07
CA PRO K 28 -61.81 -114.96 -19.21
C PRO K 28 -61.40 -113.54 -19.55
N SER K 29 -60.13 -113.35 -19.88
CA SER K 29 -59.59 -112.05 -20.26
C SER K 29 -58.92 -112.16 -21.62
N LEU K 30 -59.04 -111.08 -22.41
CA LEU K 30 -58.63 -111.06 -23.81
C LEU K 30 -57.51 -110.06 -24.02
N VAL K 31 -56.55 -110.43 -24.87
CA VAL K 31 -55.44 -109.56 -25.25
C VAL K 31 -55.47 -109.40 -26.77
N CYS K 32 -55.53 -108.15 -27.22
CA CYS K 32 -55.66 -107.80 -28.62
C CYS K 32 -54.49 -106.94 -29.07
N GLY K 33 -54.31 -106.89 -30.38
CA GLY K 33 -53.24 -106.10 -30.98
C GLY K 33 -52.83 -106.71 -32.30
N SER K 34 -51.87 -106.05 -32.94
CA SER K 34 -51.27 -106.58 -34.15
C SER K 34 -50.04 -107.43 -33.79
N ALA K 35 -49.61 -108.25 -34.74
CA ALA K 35 -48.47 -109.13 -34.49
C ALA K 35 -47.23 -108.31 -34.17
N GLY K 36 -46.42 -108.83 -33.25
CA GLY K 36 -45.22 -108.14 -32.82
C GLY K 36 -45.39 -107.23 -31.63
N CYS K 37 -46.56 -107.23 -31.00
CA CYS K 37 -46.82 -106.37 -29.84
C CYS K 37 -46.43 -107.03 -28.53
N GLY K 38 -46.51 -108.36 -28.45
CA GLY K 38 -46.06 -109.08 -27.27
C GLY K 38 -47.14 -109.87 -26.57
N LYS K 39 -48.16 -110.32 -27.32
CA LYS K 39 -49.29 -111.01 -26.71
C LYS K 39 -48.91 -112.41 -26.23
N THR K 40 -48.22 -113.17 -27.09
CA THR K 40 -47.81 -114.51 -26.71
C THR K 40 -46.88 -114.47 -25.50
N LEU K 41 -45.95 -113.51 -25.49
CA LEU K 41 -45.05 -113.38 -24.35
C LEU K 41 -45.82 -112.95 -23.10
N PHE K 42 -46.82 -112.08 -23.26
CA PHE K 42 -47.64 -111.71 -22.12
C PHE K 42 -48.31 -112.92 -21.50
N ALA K 43 -48.85 -113.80 -22.35
CA ALA K 43 -49.51 -115.00 -21.83
C ALA K 43 -48.51 -115.96 -21.19
N SER K 44 -47.35 -116.15 -21.83
CA SER K 44 -46.32 -117.01 -21.25
C SER K 44 -45.86 -116.49 -19.90
N THR K 45 -45.69 -115.17 -19.78
CA THR K 45 -45.32 -114.58 -18.51
C THR K 45 -46.42 -114.79 -17.48
N PHE K 46 -47.67 -114.57 -17.87
CA PHE K 46 -48.80 -114.85 -17.00
C PHE K 46 -48.68 -116.24 -16.38
N LEU K 47 -48.55 -117.26 -17.23
CA LEU K 47 -48.52 -118.63 -16.72
C LEU K 47 -47.27 -118.89 -15.87
N ILE K 48 -46.10 -118.50 -16.39
CA ILE K 48 -44.85 -118.84 -15.70
C ILE K 48 -44.79 -118.16 -14.34
N ASN K 49 -45.21 -116.89 -14.27
CA ASN K 49 -45.22 -116.19 -12.98
C ASN K 49 -46.27 -116.76 -12.05
N GLY K 50 -47.43 -117.16 -12.58
CA GLY K 50 -48.41 -117.82 -11.75
C GLY K 50 -47.86 -119.07 -11.10
N VAL K 51 -47.06 -119.84 -11.84
CA VAL K 51 -46.47 -121.04 -11.27
C VAL K 51 -45.34 -120.69 -10.31
N ARG K 52 -44.54 -119.68 -10.65
CA ARG K 52 -43.32 -119.39 -9.93
C ARG K 52 -43.62 -118.71 -8.59
N ASP K 53 -44.32 -117.58 -8.62
CA ASP K 53 -44.52 -116.78 -7.42
C ASP K 53 -45.77 -117.17 -6.66
N HIS K 54 -46.88 -117.42 -7.35
CA HIS K 54 -48.17 -117.66 -6.71
C HIS K 54 -48.52 -119.14 -6.61
N GLY K 55 -47.60 -120.03 -6.98
CA GLY K 55 -47.81 -121.45 -6.84
C GLY K 55 -49.14 -121.94 -7.38
N GLU K 56 -49.49 -121.50 -8.59
CA GLU K 56 -50.74 -121.90 -9.23
C GLU K 56 -50.41 -122.45 -10.60
N PRO K 57 -50.83 -123.68 -10.94
CA PRO K 57 -50.39 -124.28 -12.21
C PRO K 57 -50.98 -123.61 -13.43
N GLY K 58 -50.56 -124.03 -14.63
CA GLY K 58 -51.02 -123.42 -15.86
C GLY K 58 -50.89 -124.32 -17.07
N VAL K 59 -51.87 -124.22 -17.98
CA VAL K 59 -51.86 -125.00 -19.20
C VAL K 59 -51.90 -124.07 -20.40
N PHE K 60 -51.31 -124.54 -21.50
CA PHE K 60 -51.13 -123.75 -22.72
C PHE K 60 -51.73 -124.50 -23.90
N VAL K 61 -52.55 -123.80 -24.68
CA VAL K 61 -53.14 -124.34 -25.89
C VAL K 61 -52.55 -123.56 -27.06
N THR K 62 -51.60 -124.20 -27.75
CA THR K 62 -50.91 -123.60 -28.88
C THR K 62 -51.56 -124.12 -30.17
N PHE K 63 -52.33 -123.26 -30.83
CA PHE K 63 -53.07 -123.66 -32.01
C PHE K 63 -52.21 -123.74 -33.26
N GLU K 64 -51.07 -123.06 -33.27
CA GLU K 64 -50.24 -122.97 -34.48
C GLU K 64 -48.80 -123.38 -34.25
N GLU K 65 -48.21 -123.01 -33.12
CA GLU K 65 -46.78 -123.18 -32.91
C GLU K 65 -46.47 -124.51 -32.22
N ARG K 66 -45.17 -124.87 -32.26
CA ARG K 66 -44.65 -126.03 -31.59
C ARG K 66 -44.25 -125.68 -30.16
N PRO K 67 -44.39 -126.62 -29.22
CA PRO K 67 -43.83 -126.39 -27.88
C PRO K 67 -42.38 -125.96 -27.92
N GLU K 68 -41.61 -126.47 -28.88
CA GLU K 68 -40.24 -126.01 -29.05
C GLU K 68 -40.22 -124.56 -29.53
N ASP K 69 -41.17 -124.14 -30.36
CA ASP K 69 -41.24 -122.74 -30.74
C ASP K 69 -41.47 -121.85 -29.52
N ILE K 70 -42.37 -122.26 -28.63
CA ILE K 70 -42.64 -121.45 -27.44
C ILE K 70 -41.42 -121.45 -26.52
N VAL K 71 -40.79 -122.60 -26.34
CA VAL K 71 -39.60 -122.68 -25.48
C VAL K 71 -38.47 -121.85 -26.06
N ASN K 72 -38.37 -121.77 -27.39
CA ASN K 72 -37.35 -120.94 -28.01
C ASN K 72 -37.68 -119.47 -27.83
N ASN K 73 -38.96 -119.11 -27.91
CA ASN K 73 -39.35 -117.73 -27.68
C ASN K 73 -38.99 -117.28 -26.27
N VAL K 74 -39.20 -118.15 -25.28
CA VAL K 74 -38.99 -117.78 -23.88
C VAL K 74 -37.65 -118.27 -23.34
N ALA K 75 -36.77 -118.80 -24.20
CA ALA K 75 -35.52 -119.36 -23.72
C ALA K 75 -34.49 -118.27 -23.41
N SER K 76 -34.32 -117.33 -24.33
CA SER K 76 -33.30 -116.29 -24.18
C SER K 76 -33.79 -115.10 -23.35
N LEU K 77 -34.93 -115.22 -22.68
CA LEU K 77 -35.40 -114.21 -21.74
C LEU K 77 -35.05 -114.55 -20.29
N GLY K 78 -34.30 -115.63 -20.07
CA GLY K 78 -33.94 -116.05 -18.74
C GLY K 78 -34.94 -117.00 -18.08
N PHE K 79 -36.06 -117.28 -18.73
CA PHE K 79 -37.08 -118.17 -18.18
C PHE K 79 -36.73 -119.61 -18.55
N GLU K 80 -36.55 -120.46 -17.53
CA GLU K 80 -36.26 -121.88 -17.75
C GLU K 80 -37.55 -122.69 -17.88
N LEU K 81 -38.27 -122.34 -18.95
CA LEU K 81 -39.52 -123.03 -19.25
C LEU K 81 -39.31 -124.52 -19.44
N ASP K 82 -38.13 -124.92 -19.93
CA ASP K 82 -37.83 -126.34 -20.04
C ASP K 82 -37.86 -127.00 -18.66
N LYS K 83 -37.22 -126.35 -17.68
CA LYS K 83 -37.22 -126.89 -16.33
C LYS K 83 -38.65 -126.99 -15.78
N LEU K 84 -39.44 -125.94 -15.95
CA LEU K 84 -40.81 -125.99 -15.42
C LEU K 84 -41.63 -127.07 -16.13
N ILE K 85 -41.55 -127.14 -17.46
CA ILE K 85 -42.27 -128.16 -18.21
C ILE K 85 -41.89 -129.55 -17.71
N GLU K 86 -40.60 -129.81 -17.59
CA GLU K 86 -40.16 -131.10 -17.07
C GLU K 86 -40.76 -131.38 -15.70
N GLU K 87 -40.80 -130.36 -14.84
CA GLU K 87 -41.44 -130.52 -13.54
C GLU K 87 -42.95 -130.73 -13.66
N GLU K 88 -43.54 -130.46 -14.83
CA GLU K 88 -44.95 -130.71 -15.13
C GLU K 88 -45.87 -129.73 -14.44
N LYS K 89 -45.35 -128.74 -13.71
CA LYS K 89 -46.18 -127.71 -13.13
C LYS K 89 -46.72 -126.74 -14.17
N ILE K 90 -46.21 -126.80 -15.40
CA ILE K 90 -46.69 -126.00 -16.52
C ILE K 90 -46.78 -126.91 -17.72
N ALA K 91 -47.92 -126.91 -18.40
CA ALA K 91 -48.17 -127.85 -19.49
C ALA K 91 -48.47 -127.12 -20.80
N ILE K 92 -48.17 -127.80 -21.91
CA ILE K 92 -48.40 -127.26 -23.25
C ILE K 92 -48.98 -128.37 -24.11
N GLU K 93 -49.88 -128.00 -25.02
CA GLU K 93 -50.44 -128.96 -25.97
C GLU K 93 -50.91 -128.24 -27.21
N HIS K 94 -50.82 -128.92 -28.34
CA HIS K 94 -51.28 -128.39 -29.63
C HIS K 94 -52.64 -128.97 -29.99
N GLU K 111 -67.03 -131.25 -31.05
CA GLU K 111 -67.07 -131.33 -29.59
C GLU K 111 -65.89 -132.11 -29.02
N GLY K 112 -65.21 -132.89 -29.87
CA GLY K 112 -63.98 -133.56 -29.45
C GLY K 112 -62.87 -132.62 -29.06
N LEU K 113 -62.97 -131.36 -29.49
CA LEU K 113 -62.03 -130.34 -29.04
C LEU K 113 -62.01 -130.28 -27.52
N PHE K 114 -63.20 -130.31 -26.91
CA PHE K 114 -63.28 -130.30 -25.45
C PHE K 114 -62.66 -131.56 -24.85
N LEU K 115 -62.70 -132.69 -25.58
CA LEU K 115 -62.08 -133.90 -25.06
C LEU K 115 -60.56 -133.79 -25.03
N ARG K 116 -59.97 -133.22 -26.09
CA ARG K 116 -58.53 -132.98 -26.06
C ARG K 116 -58.17 -131.98 -24.95
N LEU K 117 -58.98 -130.92 -24.82
CA LEU K 117 -58.78 -129.98 -23.72
C LEU K 117 -58.81 -130.70 -22.38
N GLU K 118 -59.75 -131.64 -22.21
CA GLU K 118 -59.85 -132.37 -20.95
C GLU K 118 -58.64 -133.27 -20.74
N LEU K 119 -58.12 -133.87 -21.81
CA LEU K 119 -56.90 -134.66 -21.69
C LEU K 119 -55.77 -133.84 -21.09
N ALA K 120 -55.48 -132.69 -21.70
CA ALA K 120 -54.38 -131.86 -21.18
C ALA K 120 -54.71 -131.30 -19.80
N ILE K 121 -55.98 -130.97 -19.57
CA ILE K 121 -56.40 -130.38 -18.29
C ILE K 121 -56.25 -131.39 -17.17
N ASP K 122 -56.48 -132.67 -17.46
CA ASP K 122 -56.22 -133.70 -16.47
C ASP K 122 -54.73 -133.97 -16.34
N THR K 123 -53.97 -133.74 -17.41
CA THR K 123 -52.52 -133.91 -17.31
C THR K 123 -51.93 -132.98 -16.26
N VAL K 124 -52.24 -131.69 -16.32
CA VAL K 124 -51.60 -130.72 -15.44
C VAL K 124 -52.47 -130.31 -14.26
N GLY K 125 -53.78 -130.17 -14.45
CA GLY K 125 -54.67 -129.79 -13.37
C GLY K 125 -54.45 -128.38 -12.89
N ALA K 126 -54.48 -127.43 -13.82
CA ALA K 126 -54.18 -126.04 -13.51
C ALA K 126 -55.46 -125.25 -13.24
N LYS K 127 -55.28 -124.08 -12.63
CA LYS K 127 -56.34 -123.10 -12.49
C LYS K 127 -56.25 -121.99 -13.53
N ARG K 128 -55.35 -122.11 -14.50
CA ARG K 128 -55.19 -121.09 -15.53
C ARG K 128 -54.93 -121.73 -16.88
N VAL K 129 -55.47 -121.12 -17.93
CA VAL K 129 -55.28 -121.59 -19.29
C VAL K 129 -54.95 -120.42 -20.20
N VAL K 130 -54.08 -120.67 -21.18
CA VAL K 130 -53.75 -119.72 -22.24
C VAL K 130 -54.25 -120.31 -23.56
N LEU K 131 -54.86 -119.45 -24.39
CA LEU K 131 -55.35 -119.84 -25.71
C LEU K 131 -54.67 -118.94 -26.74
N ASP K 132 -53.63 -119.46 -27.40
CA ASP K 132 -52.87 -118.67 -28.36
C ASP K 132 -53.26 -119.04 -29.78
N THR K 133 -53.46 -118.02 -30.61
CA THR K 133 -53.87 -118.21 -32.00
C THR K 133 -55.20 -118.97 -32.08
N ILE K 134 -56.10 -118.68 -31.14
CA ILE K 134 -57.44 -119.25 -31.21
C ILE K 134 -58.15 -118.83 -32.48
N GLU K 135 -57.67 -117.75 -33.12
CA GLU K 135 -58.23 -117.32 -34.40
C GLU K 135 -58.23 -118.43 -35.44
N SER K 136 -57.35 -119.43 -35.28
CA SER K 136 -57.27 -120.51 -36.26
C SER K 136 -58.62 -121.21 -36.42
N LEU K 137 -59.34 -121.43 -35.31
CA LEU K 137 -60.62 -122.12 -35.37
C LEU K 137 -61.68 -121.30 -36.08
N PHE K 138 -61.48 -120.00 -36.23
CA PHE K 138 -62.46 -119.12 -36.88
C PHE K 138 -62.34 -119.20 -38.39
N SER K 139 -62.51 -120.42 -38.92
CA SER K 139 -62.31 -120.64 -40.35
C SER K 139 -63.25 -121.67 -40.98
N ALA K 140 -64.02 -122.43 -40.21
CA ALA K 140 -64.84 -123.51 -40.75
C ALA K 140 -66.30 -123.27 -40.39
N PHE K 141 -67.15 -123.21 -41.41
CA PHE K 141 -68.59 -123.10 -41.23
C PHE K 141 -68.94 -121.94 -40.28
N SER K 142 -68.39 -120.77 -40.60
CA SER K 142 -68.57 -119.61 -39.74
C SER K 142 -70.04 -119.25 -39.62
N ASN K 143 -70.43 -118.77 -38.44
CA ASN K 143 -71.78 -118.33 -38.17
C ASN K 143 -71.67 -117.10 -37.28
N PRO K 144 -72.40 -116.02 -37.58
CA PRO K 144 -72.27 -114.81 -36.73
C PRO K 144 -72.59 -115.07 -35.27
N ALA K 145 -73.44 -116.05 -34.96
CA ALA K 145 -73.89 -116.23 -33.58
C ALA K 145 -73.73 -117.66 -33.08
N ILE K 146 -73.77 -118.66 -33.96
CA ILE K 146 -73.59 -120.04 -33.50
C ILE K 146 -72.14 -120.30 -33.12
N LEU K 147 -71.21 -119.77 -33.89
CA LEU K 147 -69.80 -119.85 -33.50
C LEU K 147 -69.57 -119.14 -32.18
N ARG K 148 -70.20 -117.97 -31.99
CA ARG K 148 -70.10 -117.28 -30.71
C ARG K 148 -70.76 -118.07 -29.60
N ALA K 149 -71.79 -118.85 -29.92
CA ALA K 149 -72.42 -119.70 -28.92
C ALA K 149 -71.47 -120.78 -28.45
N GLU K 150 -70.79 -121.44 -29.38
CA GLU K 150 -69.78 -122.43 -28.99
C GLU K 150 -68.62 -121.78 -28.25
N ILE K 151 -68.25 -120.56 -28.63
CA ILE K 151 -67.15 -119.86 -27.96
C ILE K 151 -67.54 -119.54 -26.52
N ARG K 152 -68.73 -118.97 -26.32
CA ARG K 152 -69.20 -118.68 -24.97
C ARG K 152 -69.43 -119.95 -24.19
N ARG K 153 -69.76 -121.06 -24.86
CA ARG K 153 -69.87 -122.34 -24.16
C ARG K 153 -68.51 -122.80 -23.66
N LEU K 154 -67.46 -122.62 -24.46
CA LEU K 154 -66.11 -122.94 -23.99
C LEU K 154 -65.74 -122.06 -22.80
N PHE K 155 -65.99 -120.75 -22.91
CA PHE K 155 -65.68 -119.85 -21.81
C PHE K 155 -66.46 -120.22 -20.56
N ASP K 156 -67.74 -120.60 -20.71
CA ASP K 156 -68.56 -120.96 -19.56
C ASP K 156 -68.14 -122.31 -18.99
N TRP K 157 -67.63 -123.21 -19.83
CA TRP K 157 -67.11 -124.48 -19.34
C TRP K 157 -65.88 -124.24 -18.47
N LEU K 158 -64.97 -123.40 -18.94
CA LEU K 158 -63.80 -123.06 -18.13
C LEU K 158 -64.22 -122.36 -16.84
N LYS K 159 -65.15 -121.41 -16.94
CA LYS K 159 -65.63 -120.70 -15.76
C LYS K 159 -66.26 -121.66 -14.76
N GLU K 160 -67.11 -122.58 -15.24
CA GLU K 160 -67.72 -123.57 -14.37
C GLU K 160 -66.66 -124.39 -13.67
N ARG K 161 -65.64 -124.84 -14.41
CA ARG K 161 -64.58 -125.62 -13.79
C ARG K 161 -63.67 -124.76 -12.92
N GLY K 162 -63.89 -123.45 -12.87
CA GLY K 162 -63.15 -122.62 -11.94
C GLY K 162 -61.75 -122.37 -12.47
N LEU K 163 -61.68 -121.88 -13.70
CA LEU K 163 -60.42 -121.71 -14.42
C LEU K 163 -60.33 -120.27 -14.90
N THR K 164 -59.17 -119.66 -14.69
CA THR K 164 -58.88 -118.32 -15.16
C THR K 164 -58.34 -118.41 -16.58
N THR K 165 -59.03 -117.79 -17.53
CA THR K 165 -58.72 -117.98 -18.94
C THR K 165 -58.10 -116.71 -19.51
N VAL K 166 -57.12 -116.89 -20.38
CA VAL K 166 -56.54 -115.78 -21.13
C VAL K 166 -56.52 -116.17 -22.61
N ILE K 167 -56.91 -115.23 -23.47
CA ILE K 167 -57.06 -115.48 -24.89
C ILE K 167 -56.25 -114.46 -25.68
N THR K 168 -55.73 -114.88 -26.84
CA THR K 168 -54.96 -114.02 -27.72
C THR K 168 -55.72 -113.81 -29.03
N ALA K 169 -55.84 -112.55 -29.46
CA ALA K 169 -56.51 -112.24 -30.72
C ALA K 169 -55.74 -111.15 -31.45
N GLU K 170 -56.01 -111.05 -32.76
CA GLU K 170 -55.34 -110.09 -33.63
C GLU K 170 -56.29 -108.99 -34.07
N ARG K 171 -55.71 -107.83 -34.40
CA ARG K 171 -56.47 -106.70 -34.93
C ARG K 171 -56.50 -106.73 -36.46
N GLY K 172 -55.32 -106.76 -37.08
CA GLY K 172 -55.25 -106.78 -38.53
C GLY K 172 -55.33 -105.40 -39.15
N ASP K 173 -56.33 -105.20 -40.02
CA ASP K 173 -56.48 -103.91 -40.68
C ASP K 173 -56.87 -102.82 -39.68
N GLY K 174 -57.73 -103.12 -38.73
CA GLY K 174 -58.16 -102.15 -37.76
C GLY K 174 -59.03 -102.74 -36.68
N ALA K 175 -59.89 -101.91 -36.07
CA ALA K 175 -60.76 -102.33 -35.00
C ALA K 175 -59.93 -102.82 -33.81
N LEU K 176 -60.60 -103.34 -32.78
CA LEU K 176 -59.92 -103.89 -31.61
C LEU K 176 -59.81 -105.41 -31.66
N THR K 177 -60.47 -106.07 -32.61
CA THR K 177 -60.33 -107.51 -32.78
C THR K 177 -60.54 -107.84 -34.24
N ARG K 178 -60.00 -108.99 -34.65
CA ARG K 178 -60.08 -109.40 -36.06
C ARG K 178 -61.53 -109.50 -36.51
N GLN K 179 -62.32 -110.36 -35.85
CA GLN K 179 -63.74 -110.44 -36.18
C GLN K 179 -64.44 -109.13 -35.90
N GLY K 180 -64.01 -108.40 -34.86
CA GLY K 180 -64.62 -107.16 -34.46
C GLY K 180 -65.59 -107.29 -33.30
N LEU K 181 -65.90 -108.50 -32.86
CA LEU K 181 -66.92 -108.71 -31.84
C LEU K 181 -66.48 -109.60 -30.67
N GLU K 182 -65.28 -110.18 -30.71
CA GLU K 182 -64.83 -110.96 -29.57
C GLU K 182 -64.63 -110.09 -28.34
N GLU K 183 -64.42 -108.79 -28.52
CA GLU K 183 -64.31 -107.88 -27.38
C GLU K 183 -65.59 -107.90 -26.54
N TYR K 184 -66.73 -108.17 -27.17
CA TYR K 184 -68.01 -108.23 -26.47
C TYR K 184 -68.35 -109.62 -25.96
N VAL K 185 -67.40 -110.56 -26.04
CA VAL K 185 -67.62 -111.92 -25.53
C VAL K 185 -66.54 -112.23 -24.51
N SER K 186 -66.02 -111.21 -23.83
CA SER K 186 -65.02 -111.37 -22.80
C SER K 186 -65.31 -110.39 -21.67
N ASP K 187 -64.55 -110.51 -20.58
CA ASP K 187 -64.78 -109.72 -19.38
C ASP K 187 -63.75 -108.63 -19.16
N CYS K 188 -62.51 -108.80 -19.63
CA CYS K 188 -61.46 -107.80 -19.43
C CYS K 188 -60.61 -107.76 -20.69
N VAL K 189 -60.63 -106.64 -21.40
CA VAL K 189 -59.95 -106.49 -22.68
C VAL K 189 -58.73 -105.59 -22.51
N ILE K 190 -57.58 -106.06 -22.98
CA ILE K 190 -56.34 -105.29 -22.94
C ILE K 190 -55.79 -105.20 -24.37
N LEU K 191 -55.39 -104.00 -24.75
CA LEU K 191 -54.88 -103.72 -26.09
C LEU K 191 -53.39 -103.41 -26.02
N LEU K 192 -52.61 -104.06 -26.87
CA LEU K 192 -51.17 -103.85 -26.94
C LEU K 192 -50.83 -103.19 -28.27
N ASP K 193 -49.91 -102.23 -28.24
CA ASP K 193 -49.52 -101.48 -29.42
C ASP K 193 -48.02 -101.28 -29.45
N HIS K 194 -47.48 -101.20 -30.67
CA HIS K 194 -46.06 -100.95 -30.89
C HIS K 194 -45.95 -99.85 -31.95
N ARG K 195 -46.37 -98.63 -31.57
CA ARG K 195 -46.53 -97.55 -32.52
C ARG K 195 -45.20 -96.87 -32.80
N VAL K 196 -44.99 -96.51 -34.07
CA VAL K 196 -43.84 -95.75 -34.51
C VAL K 196 -44.25 -94.29 -34.57
N GLU K 197 -43.65 -93.45 -33.74
CA GLU K 197 -43.83 -92.01 -33.78
C GLU K 197 -42.55 -91.40 -34.35
N ASN K 198 -42.71 -90.52 -35.34
CA ASN K 198 -41.57 -90.01 -36.09
C ASN K 198 -40.80 -91.18 -36.70
N GLN K 199 -39.77 -91.66 -36.01
CA GLN K 199 -39.05 -92.84 -36.44
C GLN K 199 -38.74 -93.80 -35.30
N ILE K 200 -39.13 -93.49 -34.07
CA ILE K 200 -38.85 -94.32 -32.90
C ILE K 200 -40.14 -94.99 -32.47
N SER K 201 -40.05 -96.25 -32.07
CA SER K 201 -41.21 -97.04 -31.68
C SER K 201 -41.31 -97.12 -30.17
N THR K 202 -42.50 -96.85 -29.64
CA THR K 202 -42.75 -96.93 -28.20
C THR K 202 -43.91 -97.88 -27.95
N ARG K 203 -43.62 -98.98 -27.27
CA ARG K 203 -44.64 -99.98 -26.96
C ARG K 203 -45.55 -99.50 -25.84
N ARG K 204 -46.86 -99.61 -26.05
CA ARG K 204 -47.84 -99.05 -25.13
C ARG K 204 -49.00 -100.03 -24.93
N LEU K 205 -49.41 -100.21 -23.68
CA LEU K 205 -50.49 -101.11 -23.33
C LEU K 205 -51.63 -100.33 -22.70
N ARG K 206 -52.87 -100.75 -22.98
CA ARG K 206 -54.04 -100.05 -22.47
C ARG K 206 -55.06 -101.07 -21.97
N ILE K 207 -55.75 -100.69 -20.89
CA ILE K 207 -56.82 -101.51 -20.32
C ILE K 207 -58.13 -100.93 -20.84
N VAL K 208 -58.67 -101.54 -21.90
CA VAL K 208 -59.84 -100.96 -22.55
C VAL K 208 -61.07 -101.12 -21.66
N LYS K 209 -61.27 -102.31 -21.12
CA LYS K 209 -62.42 -102.57 -20.27
C LYS K 209 -62.06 -103.62 -19.23
N TYR K 210 -62.71 -103.52 -18.07
CA TYR K 210 -62.49 -104.45 -16.96
C TYR K 210 -63.63 -104.27 -15.97
N ARG K 211 -64.67 -105.10 -16.07
CA ARG K 211 -65.89 -104.89 -15.31
C ARG K 211 -65.74 -105.38 -13.88
N GLY K 212 -66.25 -104.58 -12.94
CA GLY K 212 -66.30 -104.96 -11.54
C GLY K 212 -65.12 -104.52 -10.71
N THR K 213 -64.07 -103.97 -11.32
CA THR K 213 -62.90 -103.54 -10.57
C THR K 213 -62.27 -102.36 -11.29
N ALA K 214 -62.04 -101.28 -10.53
CA ALA K 214 -61.40 -100.10 -11.11
C ALA K 214 -59.97 -100.43 -11.54
N HIS K 215 -59.49 -99.70 -12.54
CA HIS K 215 -58.16 -99.92 -13.07
C HIS K 215 -57.63 -98.60 -13.60
N GLY K 216 -56.51 -98.66 -14.33
CA GLY K 216 -55.91 -97.48 -14.90
C GLY K 216 -56.30 -97.26 -16.35
N THR K 217 -57.14 -96.25 -16.60
CA THR K 217 -57.58 -95.92 -17.95
C THR K 217 -56.56 -94.97 -18.55
N ASN K 218 -55.51 -95.54 -19.15
CA ASN K 218 -54.44 -94.75 -19.72
C ASN K 218 -53.57 -95.66 -20.57
N GLU K 219 -52.87 -95.04 -21.53
CA GLU K 219 -51.88 -95.75 -22.33
C GLU K 219 -50.56 -95.77 -21.56
N TYR K 220 -50.21 -96.92 -21.02
CA TYR K 220 -49.02 -97.05 -20.19
C TYR K 220 -47.91 -97.68 -21.01
N PRO K 221 -46.78 -97.02 -21.23
CA PRO K 221 -45.71 -97.64 -22.00
C PRO K 221 -45.10 -98.82 -21.27
N PHE K 222 -44.78 -99.86 -22.04
CA PHE K 222 -44.15 -101.07 -21.53
C PHE K 222 -42.95 -101.41 -22.38
N LEU K 223 -42.12 -102.33 -21.88
CA LEU K 223 -40.90 -102.74 -22.58
C LEU K 223 -40.67 -104.22 -22.38
N ILE K 224 -40.07 -104.84 -23.39
CA ILE K 224 -39.67 -106.25 -23.35
C ILE K 224 -38.18 -106.33 -23.59
N ASP K 225 -37.44 -106.80 -22.58
CA ASP K 225 -36.00 -106.93 -22.68
C ASP K 225 -35.55 -108.28 -22.16
N THR K 226 -34.22 -108.49 -22.04
CA THR K 226 -33.72 -109.76 -21.56
C THR K 226 -34.31 -110.12 -20.21
N ASP K 227 -34.54 -109.12 -19.35
CA ASP K 227 -35.21 -109.37 -18.08
C ASP K 227 -36.64 -109.83 -18.31
N GLY K 228 -37.39 -109.09 -19.14
CA GLY K 228 -38.75 -109.49 -19.47
C GLY K 228 -39.72 -108.33 -19.58
N PHE K 229 -40.98 -108.67 -19.84
CA PHE K 229 -42.03 -107.67 -19.95
C PHE K 229 -42.13 -106.85 -18.67
N SER K 230 -42.16 -105.53 -18.80
CA SER K 230 -42.13 -104.65 -17.64
C SER K 230 -42.78 -103.31 -17.96
N VAL K 231 -43.12 -102.59 -16.89
CA VAL K 231 -43.81 -101.31 -16.97
C VAL K 231 -43.48 -100.52 -15.70
N LEU K 232 -43.68 -99.20 -15.77
CA LEU K 232 -43.27 -98.33 -14.67
C LEU K 232 -44.18 -98.52 -13.45
N PRO K 233 -43.63 -98.33 -12.24
CA PRO K 233 -44.47 -98.46 -11.03
C PRO K 233 -45.60 -97.44 -10.93
N VAL K 234 -45.42 -96.24 -11.48
CA VAL K 234 -46.42 -95.17 -11.41
C VAL K 234 -46.37 -94.52 -10.03
N SER K 235 -47.52 -94.45 -9.34
CA SER K 235 -47.62 -93.63 -8.14
C SER K 235 -46.68 -94.10 -7.02
N ALA K 236 -46.18 -95.34 -7.11
CA ALA K 236 -45.17 -95.78 -6.15
C ALA K 236 -44.01 -94.79 -6.11
N LEU K 237 -43.66 -94.24 -7.27
CA LEU K 237 -42.69 -93.14 -7.38
C LEU K 237 -43.45 -91.94 -7.93
N GLY K 238 -43.65 -90.92 -7.10
CA GLY K 238 -44.40 -89.75 -7.53
C GLY K 238 -44.65 -88.73 -6.46
N LEU K 239 -45.90 -88.67 -5.99
CA LEU K 239 -46.31 -87.58 -5.08
C LEU K 239 -45.52 -87.59 -3.78
N LEU K 240 -45.16 -88.77 -3.28
CA LEU K 240 -44.40 -88.86 -2.04
C LEU K 240 -42.93 -88.56 -2.29
N HIS K 241 -42.35 -87.76 -1.40
CA HIS K 241 -40.93 -87.42 -1.44
C HIS K 241 -40.33 -87.61 -0.07
N GLN K 242 -39.23 -88.34 0.02
CA GLN K 242 -38.49 -88.44 1.27
C GLN K 242 -37.97 -87.07 1.67
N VAL K 243 -38.07 -86.76 2.96
CA VAL K 243 -37.65 -85.47 3.50
C VAL K 243 -36.62 -85.72 4.58
N HIS K 244 -35.39 -85.27 4.35
CA HIS K 244 -34.31 -85.37 5.32
C HIS K 244 -33.91 -83.96 5.77
N GLU K 245 -33.35 -83.89 6.98
CA GLU K 245 -32.83 -82.65 7.52
C GLU K 245 -31.31 -82.66 7.61
N GLU K 246 -30.67 -83.71 7.10
CA GLU K 246 -29.21 -83.74 6.99
C GLU K 246 -28.76 -82.96 5.76
N ARG K 247 -27.54 -82.46 5.81
CA ARG K 247 -27.00 -81.60 4.76
C ARG K 247 -25.90 -82.34 4.00
N ILE K 248 -25.58 -81.83 2.82
CA ILE K 248 -24.69 -82.48 1.88
C ILE K 248 -23.49 -81.58 1.61
N ALA K 249 -22.31 -82.19 1.51
CA ALA K 249 -21.12 -81.48 1.08
C ALA K 249 -21.13 -81.37 -0.45
N SER K 250 -20.79 -80.19 -0.94
CA SER K 250 -20.87 -79.89 -2.36
C SER K 250 -19.59 -80.22 -3.12
N GLY K 251 -18.50 -80.51 -2.43
CA GLY K 251 -17.20 -80.51 -3.04
C GLY K 251 -16.65 -79.12 -3.32
N VAL K 252 -17.49 -78.09 -3.21
CA VAL K 252 -17.07 -76.69 -3.31
C VAL K 252 -17.40 -76.05 -1.97
N PRO K 253 -16.48 -76.13 -1.00
CA PRO K 253 -16.81 -75.67 0.36
C PRO K 253 -17.35 -74.26 0.43
N ASP K 254 -16.88 -73.35 -0.42
CA ASP K 254 -17.39 -71.99 -0.39
C ASP K 254 -18.85 -71.94 -0.83
N LEU K 255 -19.21 -72.71 -1.85
CA LEU K 255 -20.61 -72.79 -2.23
C LEU K 255 -21.44 -73.39 -1.11
N ASP K 256 -20.93 -74.43 -0.45
CA ASP K 256 -21.66 -75.00 0.69
C ASP K 256 -21.84 -73.95 1.79
N ALA K 257 -20.82 -73.11 2.00
CA ALA K 257 -20.87 -72.10 3.06
C ALA K 257 -21.79 -70.93 2.69
N MET K 258 -22.04 -70.71 1.39
CA MET K 258 -23.04 -69.71 1.01
C MET K 258 -24.42 -70.02 1.57
N MET K 259 -24.64 -71.22 2.12
CA MET K 259 -25.90 -71.61 2.70
C MET K 259 -25.78 -71.68 4.21
N ALA K 260 -26.93 -71.59 4.89
CA ALA K 260 -26.98 -71.42 6.33
C ALA K 260 -26.46 -72.64 7.09
N GLY K 261 -27.17 -73.76 7.01
CA GLY K 261 -26.95 -74.86 7.92
C GLY K 261 -25.99 -75.93 7.45
N GLY K 262 -25.11 -75.59 6.51
CA GLY K 262 -24.10 -76.50 6.04
C GLY K 262 -24.32 -77.11 4.67
N GLY K 263 -25.19 -76.54 3.84
CA GLY K 263 -25.38 -76.97 2.48
C GLY K 263 -26.79 -77.46 2.22
N PHE K 264 -27.02 -77.85 0.97
CA PHE K 264 -28.31 -78.37 0.57
C PHE K 264 -28.70 -79.57 1.42
N PHE K 265 -30.00 -79.83 1.51
CA PHE K 265 -30.49 -80.97 2.25
C PHE K 265 -30.12 -82.26 1.53
N ARG K 266 -30.36 -83.39 2.21
CA ARG K 266 -29.86 -84.67 1.73
C ARG K 266 -30.69 -85.21 0.56
N GLY K 267 -32.00 -84.98 0.59
CA GLY K 267 -32.87 -85.48 -0.47
C GLY K 267 -33.40 -84.39 -1.35
N SER K 268 -32.59 -83.36 -1.59
CA SER K 268 -33.00 -82.18 -2.34
C SER K 268 -32.52 -82.27 -3.79
N SER K 269 -33.12 -81.44 -4.63
CA SER K 269 -32.77 -81.34 -6.04
C SER K 269 -32.09 -80.00 -6.31
N ILE K 270 -31.09 -80.01 -7.19
CA ILE K 270 -30.31 -78.82 -7.51
C ILE K 270 -30.19 -78.72 -9.02
N LEU K 271 -30.30 -77.49 -9.53
CA LEU K 271 -30.24 -77.19 -10.96
C LEU K 271 -29.07 -76.26 -11.21
N VAL K 272 -28.07 -76.76 -11.94
CA VAL K 272 -26.88 -75.97 -12.27
C VAL K 272 -27.13 -75.34 -13.63
N SER K 273 -27.83 -74.20 -13.62
CA SER K 273 -28.06 -73.46 -14.84
C SER K 273 -26.80 -72.69 -15.23
N GLY K 274 -26.64 -72.45 -16.51
CA GLY K 274 -25.48 -71.70 -16.96
C GLY K 274 -25.49 -71.54 -18.46
N VAL K 275 -24.48 -70.81 -18.94
CA VAL K 275 -24.24 -70.61 -20.36
C VAL K 275 -23.10 -71.51 -20.78
N ALA K 276 -23.17 -72.03 -22.01
CA ALA K 276 -22.18 -72.99 -22.48
C ALA K 276 -20.77 -72.49 -22.22
N GLY K 277 -19.96 -73.35 -21.63
CA GLY K 277 -18.60 -73.01 -21.27
C GLY K 277 -18.42 -72.49 -19.85
N ALA K 278 -19.46 -72.58 -19.02
CA ALA K 278 -19.39 -72.02 -17.68
C ALA K 278 -18.73 -72.97 -16.67
N GLY K 279 -18.83 -74.28 -16.88
CA GLY K 279 -18.33 -75.27 -15.96
C GLY K 279 -19.40 -76.08 -15.22
N LYS K 280 -20.64 -76.11 -15.74
CA LYS K 280 -21.74 -76.74 -15.03
C LYS K 280 -21.46 -78.22 -14.79
N SER K 281 -20.77 -78.88 -15.72
CA SER K 281 -20.43 -80.28 -15.52
C SER K 281 -19.30 -80.44 -14.50
N SER K 282 -18.39 -79.46 -14.42
CA SER K 282 -17.30 -79.55 -13.46
C SER K 282 -17.84 -79.48 -12.03
N LEU K 283 -18.78 -78.56 -11.78
CA LEU K 283 -19.34 -78.48 -10.43
C LEU K 283 -19.99 -79.81 -10.02
N ALA K 284 -20.70 -80.45 -10.95
CA ALA K 284 -21.35 -81.72 -10.63
C ALA K 284 -20.33 -82.83 -10.42
N ALA K 285 -19.26 -82.84 -11.22
CA ALA K 285 -18.19 -83.80 -11.00
C ALA K 285 -17.60 -83.64 -9.59
N HIS K 286 -17.46 -82.40 -9.13
CA HIS K 286 -16.95 -82.18 -7.78
C HIS K 286 -17.94 -82.68 -6.72
N PHE K 287 -19.24 -82.44 -6.94
CA PHE K 287 -20.26 -83.03 -6.08
C PHE K 287 -20.07 -84.53 -5.95
N ALA K 288 -19.94 -85.21 -7.10
CA ALA K 288 -19.83 -86.66 -7.10
C ALA K 288 -18.56 -87.11 -6.40
N ALA K 289 -17.45 -86.42 -6.64
CA ALA K 289 -16.21 -86.79 -5.97
C ALA K 289 -16.31 -86.61 -4.46
N ALA K 290 -17.04 -85.59 -4.00
CA ALA K 290 -17.28 -85.44 -2.57
C ALA K 290 -18.04 -86.65 -2.03
N ALA K 291 -19.11 -87.04 -2.73
CA ALA K 291 -19.86 -88.22 -2.31
C ALA K 291 -18.95 -89.45 -2.24
N CYS K 292 -18.06 -89.62 -3.22
CA CYS K 292 -17.19 -90.79 -3.23
C CYS K 292 -16.16 -90.72 -2.11
N ALA K 293 -15.66 -89.53 -1.79
CA ALA K 293 -14.70 -89.40 -0.69
C ALA K 293 -15.36 -89.69 0.65
N ARG K 294 -16.65 -89.39 0.79
CA ARG K 294 -17.34 -89.74 2.03
C ARG K 294 -17.60 -91.23 2.18
N GLY K 295 -17.18 -92.05 1.22
CA GLY K 295 -17.47 -93.47 1.25
C GLY K 295 -18.75 -93.87 0.57
N GLU K 296 -19.45 -92.94 -0.07
CA GLU K 296 -20.72 -93.21 -0.72
C GLU K 296 -20.50 -93.53 -2.20
N ARG K 297 -21.59 -93.83 -2.89
CA ARG K 297 -21.56 -94.12 -4.31
C ARG K 297 -22.45 -93.14 -5.06
N ALA K 298 -22.05 -92.81 -6.28
CA ALA K 298 -22.76 -91.81 -7.07
C ALA K 298 -22.68 -92.18 -8.54
N MET K 299 -23.57 -91.59 -9.33
CA MET K 299 -23.59 -91.83 -10.76
C MET K 299 -23.58 -90.52 -11.54
N TYR K 300 -23.10 -90.61 -12.78
CA TYR K 300 -23.00 -89.48 -13.69
C TYR K 300 -23.51 -89.93 -15.05
N PHE K 301 -24.63 -89.35 -15.50
CA PHE K 301 -25.24 -89.68 -16.78
C PHE K 301 -24.93 -88.54 -17.74
N SER K 302 -23.97 -88.79 -18.63
CA SER K 302 -23.53 -87.80 -19.61
C SER K 302 -24.27 -88.03 -20.93
N PHE K 303 -24.93 -86.98 -21.41
CA PHE K 303 -25.64 -87.00 -22.68
C PHE K 303 -24.99 -86.11 -23.72
N GLU K 304 -23.81 -85.56 -23.41
CA GLU K 304 -23.05 -84.77 -24.37
C GLU K 304 -21.57 -85.10 -24.41
N GLU K 305 -21.02 -85.80 -23.41
CA GLU K 305 -19.59 -85.99 -23.27
C GLU K 305 -19.29 -87.47 -23.05
N ALA K 306 -18.15 -87.91 -23.59
CA ALA K 306 -17.72 -89.29 -23.39
C ALA K 306 -17.13 -89.46 -22.00
N ALA K 307 -16.99 -90.72 -21.58
CA ALA K 307 -16.61 -91.03 -20.20
C ALA K 307 -15.11 -90.84 -19.97
N ASP K 308 -14.29 -91.51 -20.77
CA ASP K 308 -12.84 -91.30 -20.66
C ASP K 308 -12.49 -89.86 -20.97
N GLN K 309 -13.21 -89.25 -21.92
CA GLN K 309 -13.07 -87.82 -22.16
C GLN K 309 -13.36 -87.03 -20.89
N ALA K 310 -14.40 -87.40 -20.15
CA ALA K 310 -14.73 -86.70 -18.91
C ALA K 310 -13.60 -86.83 -17.90
N VAL K 311 -13.04 -88.04 -17.77
CA VAL K 311 -11.92 -88.23 -16.85
C VAL K 311 -10.76 -87.30 -17.21
N ARG K 312 -10.33 -87.35 -18.48
CA ARG K 312 -9.21 -86.51 -18.91
C ARG K 312 -9.52 -85.04 -18.70
N ASN K 313 -10.74 -84.61 -19.04
CA ASN K 313 -11.09 -83.20 -18.96
C ASN K 313 -11.09 -82.72 -17.52
N MET K 314 -11.66 -83.50 -16.60
CA MET K 314 -11.80 -83.05 -15.23
C MET K 314 -10.53 -83.23 -14.41
N ARG K 315 -9.59 -84.06 -14.87
CA ARG K 315 -8.30 -84.09 -14.18
C ARG K 315 -7.60 -82.75 -14.28
N SER K 316 -7.88 -81.96 -15.32
CA SER K 316 -7.30 -80.63 -15.44
C SER K 316 -7.79 -79.71 -14.33
N LEU K 317 -8.97 -79.97 -13.78
CA LEU K 317 -9.51 -79.20 -12.66
C LEU K 317 -9.23 -79.87 -11.32
N GLY K 318 -8.22 -80.73 -11.26
CA GLY K 318 -7.82 -81.35 -10.01
C GLY K 318 -8.87 -82.24 -9.38
N LEU K 319 -9.28 -83.29 -10.08
CA LEU K 319 -10.24 -84.25 -9.56
C LEU K 319 -9.85 -85.65 -10.05
N ASP K 320 -9.65 -86.58 -9.12
CA ASP K 320 -9.20 -87.92 -9.45
C ASP K 320 -10.39 -88.83 -9.76
N LEU K 321 -11.12 -88.43 -10.79
CA LEU K 321 -12.25 -89.20 -11.27
C LEU K 321 -11.84 -90.63 -11.57
N GLY K 322 -10.63 -90.82 -12.11
CA GLY K 322 -10.14 -92.17 -12.36
C GLY K 322 -10.02 -92.97 -11.08
N ARG K 323 -9.49 -92.36 -10.02
CA ARG K 323 -9.40 -93.05 -8.74
C ARG K 323 -10.77 -93.50 -8.27
N TRP K 324 -11.74 -92.57 -8.24
CA TRP K 324 -13.06 -92.94 -7.74
C TRP K 324 -13.71 -94.02 -8.61
N ARG K 325 -13.65 -93.86 -9.94
CA ARG K 325 -14.29 -94.81 -10.83
C ARG K 325 -13.66 -96.19 -10.70
N ASP K 326 -12.33 -96.25 -10.58
CA ASP K 326 -11.68 -97.55 -10.39
C ASP K 326 -12.07 -98.16 -9.06
N ALA K 327 -12.15 -97.35 -8.00
CA ALA K 327 -12.68 -97.84 -6.74
C ALA K 327 -14.09 -98.37 -6.89
N GLY K 328 -14.83 -97.90 -7.90
CA GLY K 328 -16.16 -98.39 -8.17
C GLY K 328 -17.27 -97.60 -7.52
N LEU K 329 -16.94 -96.61 -6.70
CA LEU K 329 -17.93 -95.76 -6.07
C LEU K 329 -18.56 -94.77 -7.06
N LEU K 330 -18.12 -94.77 -8.32
CA LEU K 330 -18.62 -93.83 -9.32
C LEU K 330 -19.04 -94.61 -10.56
N ARG K 331 -20.27 -94.36 -11.02
CA ARG K 331 -20.84 -95.05 -12.18
C ARG K 331 -21.08 -94.02 -13.29
N PHE K 332 -20.33 -94.13 -14.38
CA PHE K 332 -20.45 -93.19 -15.49
C PHE K 332 -21.16 -93.88 -16.66
N MET K 333 -22.11 -93.17 -17.26
CA MET K 333 -22.87 -93.70 -18.38
C MET K 333 -23.00 -92.64 -19.46
N ALA K 334 -22.51 -92.94 -20.66
CA ALA K 334 -22.55 -92.02 -21.79
C ALA K 334 -23.67 -92.47 -22.73
N THR K 335 -24.81 -91.78 -22.65
CA THR K 335 -25.97 -92.10 -23.48
C THR K 335 -26.47 -90.84 -24.16
N ARG K 336 -26.59 -90.89 -25.49
CA ARG K 336 -27.07 -89.72 -26.21
C ARG K 336 -28.59 -89.72 -26.29
N PRO K 337 -29.20 -88.53 -26.40
CA PRO K 337 -30.67 -88.47 -26.30
C PRO K 337 -31.41 -89.16 -27.43
N THR K 338 -30.92 -89.03 -28.66
CA THR K 338 -31.66 -89.52 -29.82
C THR K 338 -31.58 -91.03 -30.00
N PHE K 339 -30.74 -91.72 -29.22
CA PHE K 339 -30.63 -93.17 -29.38
C PHE K 339 -31.94 -93.87 -29.03
N TYR K 340 -32.57 -93.45 -27.93
CA TYR K 340 -33.78 -94.09 -27.43
C TYR K 340 -34.91 -93.07 -27.38
N SER K 341 -36.04 -93.50 -26.80
CA SER K 341 -37.19 -92.63 -26.59
C SER K 341 -37.15 -92.06 -25.18
N LEU K 342 -38.04 -91.09 -24.93
CA LEU K 342 -38.09 -90.46 -23.62
C LEU K 342 -38.40 -91.47 -22.52
N GLU K 343 -39.48 -92.21 -22.68
CA GLU K 343 -39.85 -93.21 -21.68
C GLU K 343 -38.77 -94.28 -21.55
N MET K 344 -38.14 -94.65 -22.66
CA MET K 344 -37.05 -95.61 -22.60
C MET K 344 -35.87 -95.06 -21.81
N HIS K 345 -35.58 -93.76 -21.97
CA HIS K 345 -34.51 -93.14 -21.20
C HIS K 345 -34.84 -93.17 -19.72
N LEU K 346 -36.06 -92.75 -19.36
CA LEU K 346 -36.50 -92.83 -17.98
C LEU K 346 -36.32 -94.24 -17.44
N ALA K 347 -36.72 -95.24 -18.22
CA ALA K 347 -36.65 -96.63 -17.77
C ALA K 347 -35.21 -97.06 -17.51
N VAL K 348 -34.32 -96.78 -18.46
CA VAL K 348 -32.93 -97.21 -18.32
C VAL K 348 -32.28 -96.55 -17.12
N ILE K 349 -32.49 -95.23 -16.98
CA ILE K 349 -31.90 -94.51 -15.86
C ILE K 349 -32.43 -95.06 -14.54
N LEU K 350 -33.74 -95.27 -14.46
CA LEU K 350 -34.33 -95.80 -13.23
C LEU K 350 -33.78 -97.18 -12.90
N ARG K 351 -33.59 -98.01 -13.92
CA ARG K 351 -33.07 -99.36 -13.71
C ARG K 351 -31.66 -99.32 -13.12
N GLU K 352 -30.77 -98.56 -13.77
CA GLU K 352 -29.40 -98.49 -13.26
C GLU K 352 -29.35 -97.88 -11.86
N VAL K 353 -30.20 -96.88 -11.61
CA VAL K 353 -30.26 -96.28 -10.28
C VAL K 353 -30.68 -97.31 -9.25
N MET K 354 -31.75 -98.06 -9.53
CA MET K 354 -32.20 -99.09 -8.60
C MET K 354 -31.08 -100.11 -8.36
N ARG K 355 -30.31 -100.42 -9.39
CA ARG K 355 -29.32 -101.50 -9.26
C ARG K 355 -28.05 -101.05 -8.55
N PHE K 356 -27.76 -99.75 -8.49
CA PHE K 356 -26.57 -99.30 -7.78
C PHE K 356 -26.87 -98.48 -6.53
N GLU K 357 -28.13 -98.24 -6.20
CA GLU K 357 -28.54 -97.52 -4.99
C GLU K 357 -27.62 -96.33 -4.71
N PRO K 358 -27.50 -95.39 -5.64
CA PRO K 358 -26.57 -94.28 -5.47
C PRO K 358 -27.07 -93.25 -4.47
N SER K 359 -26.12 -92.50 -3.91
CA SER K 359 -26.46 -91.41 -3.01
C SER K 359 -26.78 -90.12 -3.78
N VAL K 360 -25.97 -89.80 -4.79
CA VAL K 360 -26.17 -88.63 -5.62
C VAL K 360 -26.05 -89.04 -7.08
N VAL K 361 -26.98 -88.55 -7.90
CA VAL K 361 -27.06 -88.90 -9.32
C VAL K 361 -27.02 -87.61 -10.12
N VAL K 362 -26.04 -87.51 -11.01
CA VAL K 362 -25.84 -86.33 -11.85
C VAL K 362 -26.41 -86.61 -13.23
N LEU K 363 -27.11 -85.62 -13.79
CA LEU K 363 -27.67 -85.69 -15.13
C LEU K 363 -27.19 -84.48 -15.91
N ASP K 364 -26.30 -84.71 -16.88
CA ASP K 364 -25.67 -83.61 -17.60
C ASP K 364 -25.56 -83.91 -19.09
N PRO K 365 -26.20 -83.13 -19.97
CA PRO K 365 -27.17 -82.05 -19.76
C PRO K 365 -28.60 -82.52 -19.85
N ILE K 366 -29.44 -82.10 -18.90
CA ILE K 366 -30.87 -82.33 -19.01
C ILE K 366 -31.45 -81.56 -20.19
N SER K 367 -30.74 -80.54 -20.69
CA SER K 367 -31.24 -79.76 -21.81
C SER K 367 -31.38 -80.60 -23.07
N ALA K 368 -30.54 -81.64 -23.21
CA ALA K 368 -30.56 -82.44 -24.43
C ALA K 368 -31.92 -83.09 -24.65
N PHE K 369 -32.47 -83.71 -23.61
CA PHE K 369 -33.74 -84.41 -23.75
C PHE K 369 -34.86 -83.48 -24.22
N THR K 370 -34.73 -82.18 -23.95
CA THR K 370 -35.78 -81.24 -24.31
C THR K 370 -35.96 -81.10 -25.81
N GLU K 371 -35.04 -81.65 -26.62
CA GLU K 371 -35.17 -81.53 -28.06
C GLU K 371 -36.40 -82.28 -28.58
N SER K 372 -36.73 -83.41 -27.96
CA SER K 372 -37.80 -84.27 -28.42
C SER K 372 -39.05 -84.09 -27.57
N GLY K 373 -40.07 -84.91 -27.86
CA GLY K 373 -41.24 -85.04 -27.03
C GLY K 373 -41.99 -83.76 -26.70
N ASP K 374 -41.79 -82.71 -27.48
CA ASP K 374 -42.54 -81.46 -27.32
C ASP K 374 -42.29 -80.96 -25.89
N ARG K 375 -43.33 -80.68 -25.10
CA ARG K 375 -43.17 -80.14 -23.76
C ARG K 375 -43.67 -81.10 -22.69
N LEU K 376 -44.85 -81.69 -22.86
CA LEU K 376 -45.45 -82.47 -21.78
C LEU K 376 -44.67 -83.75 -21.53
N GLU K 377 -44.32 -84.49 -22.58
CA GLU K 377 -43.58 -85.74 -22.39
C GLU K 377 -42.19 -85.47 -21.83
N VAL K 378 -41.55 -84.38 -22.27
CA VAL K 378 -40.24 -84.00 -21.75
C VAL K 378 -40.35 -83.70 -20.25
N GLN K 379 -41.27 -82.80 -19.90
CA GLN K 379 -41.46 -82.44 -18.50
C GLN K 379 -41.85 -83.65 -17.67
N SER K 380 -42.59 -84.59 -18.25
CA SER K 380 -42.99 -85.78 -17.52
C SER K 380 -41.80 -86.70 -17.28
N MET K 381 -40.91 -86.83 -18.27
CA MET K 381 -39.67 -87.56 -18.05
C MET K 381 -38.88 -86.95 -16.90
N LEU K 382 -38.67 -85.63 -16.95
CA LEU K 382 -37.91 -84.97 -15.89
C LEU K 382 -38.60 -85.16 -14.54
N LEU K 383 -39.92 -85.01 -14.51
CA LEU K 383 -40.66 -85.11 -13.25
C LEU K 383 -40.61 -86.52 -12.70
N ARG K 384 -40.70 -87.54 -13.56
CA ARG K 384 -40.61 -88.91 -13.10
C ARG K 384 -39.23 -89.21 -12.52
N ILE K 385 -38.18 -88.76 -13.20
CA ILE K 385 -36.84 -88.96 -12.68
C ILE K 385 -36.69 -88.30 -11.31
N VAL K 386 -37.08 -87.02 -11.22
CA VAL K 386 -36.96 -86.29 -9.96
C VAL K 386 -37.77 -86.96 -8.87
N ASP K 387 -38.99 -87.41 -9.20
CA ASP K 387 -39.86 -88.00 -8.20
C ASP K 387 -39.28 -89.31 -7.67
N PHE K 388 -38.77 -90.16 -8.57
CA PHE K 388 -38.16 -91.41 -8.09
C PHE K 388 -36.96 -91.13 -7.22
N LEU K 389 -36.10 -90.19 -7.63
CA LEU K 389 -34.92 -89.89 -6.82
C LEU K 389 -35.33 -89.41 -5.44
N LYS K 390 -36.20 -88.40 -5.38
CA LYS K 390 -36.64 -87.88 -4.09
C LYS K 390 -37.33 -88.96 -3.27
N ASN K 391 -38.09 -89.84 -3.91
CA ASN K 391 -38.78 -90.91 -3.19
C ASN K 391 -37.78 -91.86 -2.55
N ARG K 392 -36.74 -92.25 -3.29
CA ARG K 392 -35.69 -93.06 -2.72
C ARG K 392 -34.88 -92.29 -1.68
N GLY K 393 -35.01 -90.97 -1.64
CA GLY K 393 -34.29 -90.20 -0.65
C GLY K 393 -32.88 -89.83 -1.05
N ILE K 394 -32.53 -90.03 -2.31
CA ILE K 394 -31.20 -89.75 -2.84
C ILE K 394 -31.28 -88.45 -3.62
N THR K 395 -30.16 -87.72 -3.67
CA THR K 395 -30.18 -86.39 -4.25
C THR K 395 -29.75 -86.42 -5.71
N GLY K 396 -30.23 -85.45 -6.46
CA GLY K 396 -29.98 -85.39 -7.89
C GLY K 396 -29.49 -84.02 -8.32
N ILE K 397 -28.52 -84.02 -9.22
CA ILE K 397 -27.98 -82.83 -9.84
C ILE K 397 -28.43 -82.80 -11.29
N PHE K 398 -28.83 -81.63 -11.76
CA PHE K 398 -29.35 -81.47 -13.12
C PHE K 398 -28.67 -80.26 -13.76
N THR K 399 -27.98 -80.49 -14.87
CA THR K 399 -27.27 -79.43 -15.55
C THR K 399 -28.02 -79.01 -16.80
N HIS K 400 -28.31 -77.71 -16.91
CA HIS K 400 -29.10 -77.14 -17.99
C HIS K 400 -28.31 -76.05 -18.70
N LEU K 401 -28.49 -75.94 -20.01
CA LEU K 401 -27.80 -74.94 -20.83
C LEU K 401 -28.81 -73.85 -21.19
N ALA K 402 -28.57 -72.64 -20.71
CA ALA K 402 -29.51 -71.54 -20.92
C ALA K 402 -28.80 -70.21 -20.75
N HIS K 403 -29.43 -69.16 -21.28
CA HIS K 403 -28.95 -67.80 -21.11
C HIS K 403 -29.89 -67.01 -20.21
N ASP K 411 -37.17 -69.55 -17.83
CA ASP K 411 -37.38 -70.89 -18.38
C ASP K 411 -38.84 -71.31 -18.25
N ALA K 412 -39.50 -70.83 -17.20
CA ALA K 412 -40.91 -71.08 -16.96
C ALA K 412 -41.21 -72.56 -16.72
N GLY K 413 -40.22 -73.33 -16.30
CA GLY K 413 -40.41 -74.76 -16.13
C GLY K 413 -39.74 -75.37 -14.91
N LEU K 414 -38.42 -75.52 -14.97
CA LEU K 414 -37.70 -76.32 -13.98
C LEU K 414 -37.38 -75.56 -12.70
N SER K 415 -37.35 -74.23 -12.75
CA SER K 415 -37.08 -73.46 -11.55
C SER K 415 -38.11 -73.74 -10.46
N SER K 416 -39.35 -74.01 -10.85
CA SER K 416 -40.40 -74.32 -9.88
C SER K 416 -40.38 -75.78 -9.46
N LEU K 417 -39.82 -76.68 -10.28
CA LEU K 417 -39.79 -78.09 -9.96
C LEU K 417 -38.52 -78.49 -9.19
N MET K 418 -37.54 -77.60 -9.08
CA MET K 418 -36.30 -77.90 -8.37
C MET K 418 -36.23 -77.15 -7.05
N ASP K 419 -35.48 -77.72 -6.10
CA ASP K 419 -35.37 -77.16 -4.76
C ASP K 419 -34.14 -76.28 -4.57
N GLY K 420 -33.20 -76.28 -5.50
CA GLY K 420 -32.05 -75.41 -5.43
C GLY K 420 -31.63 -74.93 -6.79
N TRP K 421 -31.23 -73.67 -6.91
CA TRP K 421 -30.85 -73.08 -8.19
C TRP K 421 -29.47 -72.47 -8.07
N VAL K 422 -28.51 -73.00 -8.83
CA VAL K 422 -27.15 -72.49 -8.88
C VAL K 422 -26.92 -71.96 -10.28
N LEU K 423 -26.74 -70.65 -10.43
CA LEU K 423 -26.53 -70.01 -11.71
C LEU K 423 -25.04 -69.77 -11.92
N MET K 424 -24.54 -70.19 -13.08
CA MET K 424 -23.14 -70.02 -13.46
C MET K 424 -23.09 -69.15 -14.71
N LEU K 425 -22.17 -68.19 -14.73
CA LEU K 425 -22.10 -67.20 -15.79
C LEU K 425 -20.66 -67.02 -16.25
N ASN K 426 -20.47 -66.95 -17.56
CA ASN K 426 -19.19 -66.66 -18.19
C ASN K 426 -19.42 -65.43 -19.07
N ARG K 427 -19.47 -64.26 -18.44
CA ARG K 427 -19.96 -63.05 -19.09
C ARG K 427 -18.83 -62.23 -19.69
N GLU K 428 -19.13 -61.58 -20.81
CA GLU K 428 -18.17 -60.74 -21.52
C GLU K 428 -18.24 -59.33 -20.94
N VAL K 429 -17.18 -58.93 -20.24
CA VAL K 429 -17.09 -57.61 -19.63
C VAL K 429 -15.75 -57.00 -20.03
N ASN K 430 -15.80 -55.89 -20.76
CA ASN K 430 -14.59 -55.18 -21.19
C ASN K 430 -13.60 -56.12 -21.87
N GLY K 431 -14.10 -56.85 -22.86
CA GLY K 431 -13.26 -57.77 -23.61
C GLY K 431 -12.61 -58.84 -22.78
N GLU K 432 -13.29 -59.32 -21.74
CA GLU K 432 -12.79 -60.40 -20.92
C GLU K 432 -13.96 -61.23 -20.43
N PHE K 433 -13.86 -62.56 -20.60
CA PHE K 433 -14.92 -63.47 -20.18
C PHE K 433 -14.70 -63.82 -18.72
N ASN K 434 -15.28 -63.02 -17.83
CA ASN K 434 -15.16 -63.23 -16.40
C ASN K 434 -16.28 -64.14 -15.91
N ARG K 435 -15.94 -64.96 -14.91
CA ARG K 435 -16.83 -66.01 -14.43
C ARG K 435 -17.43 -65.63 -13.08
N GLU K 436 -18.75 -65.73 -12.99
CA GLU K 436 -19.46 -65.41 -11.75
C GLU K 436 -20.48 -66.49 -11.45
N LEU K 437 -20.96 -66.50 -10.21
CA LEU K 437 -21.89 -67.52 -9.74
C LEU K 437 -22.87 -66.90 -8.76
N TYR K 438 -24.09 -67.42 -8.77
CA TYR K 438 -25.16 -66.95 -7.91
C TYR K 438 -25.93 -68.14 -7.37
N LEU K 439 -26.49 -67.96 -6.17
CA LEU K 439 -27.40 -68.93 -5.55
C LEU K 439 -28.80 -68.33 -5.62
N LEU K 440 -29.46 -68.52 -6.77
CA LEU K 440 -30.73 -67.86 -7.01
C LEU K 440 -31.81 -68.31 -6.04
N LYS K 441 -31.77 -69.56 -5.61
CA LYS K 441 -32.78 -70.07 -4.69
C LYS K 441 -32.27 -71.33 -4.02
N ALA K 442 -32.66 -71.50 -2.75
CA ALA K 442 -32.41 -72.74 -2.01
C ALA K 442 -33.53 -72.86 -0.99
N ARG K 443 -34.53 -73.68 -1.30
CA ARG K 443 -35.72 -73.75 -0.47
C ARG K 443 -35.38 -74.17 0.96
N GLY K 444 -36.10 -73.58 1.91
CA GLY K 444 -36.01 -74.00 3.29
C GLY K 444 -34.70 -73.71 3.98
N MET K 445 -33.96 -72.71 3.53
CA MET K 445 -32.71 -72.34 4.19
C MET K 445 -32.29 -70.96 3.70
N ALA K 446 -31.62 -70.22 4.59
CA ALA K 446 -31.09 -68.92 4.23
C ALA K 446 -29.86 -69.09 3.34
N HIS K 447 -29.84 -68.36 2.23
CA HIS K 447 -28.73 -68.38 1.29
C HIS K 447 -28.20 -66.97 1.10
N SER K 448 -27.03 -66.89 0.48
CA SER K 448 -26.33 -65.62 0.28
C SER K 448 -26.85 -64.95 -0.98
N ASN K 449 -27.49 -63.78 -0.82
CA ASN K 449 -27.92 -63.01 -1.97
C ASN K 449 -26.74 -62.46 -2.78
N GLN K 450 -25.55 -62.48 -2.21
CA GLN K 450 -24.39 -61.87 -2.86
C GLN K 450 -23.98 -62.65 -4.11
N VAL K 451 -23.41 -61.93 -5.07
CA VAL K 451 -22.71 -62.57 -6.17
C VAL K 451 -21.39 -63.14 -5.65
N ARG K 452 -20.83 -64.10 -6.39
CA ARG K 452 -19.51 -64.62 -6.06
C ARG K 452 -18.71 -64.82 -7.33
N GLU K 453 -17.40 -64.66 -7.23
CA GLU K 453 -16.51 -64.85 -8.37
C GLU K 453 -16.10 -66.31 -8.47
N PHE K 454 -16.14 -66.83 -9.70
CA PHE K 454 -15.99 -68.23 -10.03
C PHE K 454 -14.65 -68.41 -10.72
N LEU K 455 -13.74 -69.17 -10.10
CA LEU K 455 -12.37 -69.31 -10.60
C LEU K 455 -12.05 -70.78 -10.75
N MET K 456 -11.64 -71.18 -11.96
CA MET K 456 -11.33 -72.58 -12.23
C MET K 456 -9.82 -72.80 -12.14
N SER K 457 -9.30 -72.74 -10.92
CA SER K 457 -7.89 -73.04 -10.71
C SER K 457 -7.61 -74.48 -11.12
N ASP K 458 -6.37 -74.74 -11.53
CA ASP K 458 -6.00 -76.12 -11.86
C ASP K 458 -6.29 -77.06 -10.71
N ARG K 459 -6.22 -76.57 -9.46
CA ARG K 459 -6.55 -77.40 -8.31
C ARG K 459 -8.05 -77.71 -8.27
N GLY K 460 -8.88 -76.73 -8.59
CA GLY K 460 -10.31 -76.96 -8.62
C GLY K 460 -11.07 -75.65 -8.72
N ILE K 461 -12.36 -75.73 -8.44
CA ILE K 461 -13.22 -74.55 -8.42
C ILE K 461 -13.03 -73.83 -7.10
N SER K 462 -12.70 -72.55 -7.19
CA SER K 462 -12.52 -71.69 -6.03
C SER K 462 -13.41 -70.46 -6.19
N LEU K 463 -14.15 -70.14 -5.14
CA LEU K 463 -15.06 -69.01 -5.15
C LEU K 463 -14.49 -67.89 -4.29
N LEU K 464 -14.75 -66.65 -4.69
CA LEU K 464 -14.24 -65.50 -3.97
C LEU K 464 -15.31 -64.46 -3.79
N PRO K 465 -15.21 -63.61 -2.77
CA PRO K 465 -16.32 -62.71 -2.42
C PRO K 465 -16.27 -61.43 -3.23
N PRO K 466 -17.30 -60.60 -3.10
CA PRO K 466 -17.29 -59.30 -3.79
C PRO K 466 -16.49 -58.24 -3.04
N HIS K 467 -16.14 -57.19 -3.77
CA HIS K 467 -15.44 -56.04 -3.21
C HIS K 467 -16.51 -55.04 -2.77
N LEU K 468 -16.83 -55.05 -1.48
CA LEU K 468 -17.91 -54.23 -0.97
C LEU K 468 -17.50 -52.75 -0.95
N GLY K 469 -18.50 -51.90 -0.74
CA GLY K 469 -18.30 -50.46 -0.78
C GLY K 469 -18.85 -49.84 -2.06
N GLU K 470 -18.37 -48.63 -2.33
CA GLU K 470 -18.76 -47.96 -3.56
C GLU K 470 -18.38 -48.80 -4.77
N GLY K 471 -19.26 -48.80 -5.77
CA GLY K 471 -19.10 -49.65 -6.94
C GLY K 471 -19.83 -50.98 -6.84
N GLY K 472 -20.14 -51.44 -5.63
CA GLY K 472 -20.90 -52.66 -5.47
C GLY K 472 -20.06 -53.88 -5.22
N ALA K 473 -19.86 -54.68 -6.25
CA ALA K 473 -19.14 -55.95 -6.15
C ALA K 473 -18.07 -56.11 -7.22
N LEU K 474 -18.35 -55.68 -8.46
CA LEU K 474 -17.37 -55.73 -9.54
C LEU K 474 -16.99 -57.17 -9.84
N THR K 475 -16.19 -57.79 -8.97
CA THR K 475 -15.82 -59.19 -9.11
C THR K 475 -15.26 -59.50 -10.49
N GLY K 476 -13.98 -59.20 -10.70
CA GLY K 476 -13.33 -59.50 -11.96
C GLY K 476 -12.16 -58.59 -12.20
N THR K 477 -11.76 -58.49 -13.47
CA THR K 477 -10.75 -57.51 -13.84
C THR K 477 -11.17 -56.11 -13.40
N ALA K 478 -12.47 -55.86 -13.32
CA ALA K 478 -12.95 -54.60 -12.75
C ALA K 478 -12.59 -54.51 -11.28
N ARG K 479 -12.70 -55.62 -10.54
CA ARG K 479 -12.26 -55.62 -9.14
C ARG K 479 -10.77 -55.29 -9.05
N LYS K 480 -9.96 -55.92 -9.91
CA LYS K 480 -8.53 -55.65 -9.92
C LYS K 480 -8.27 -54.16 -10.15
N ALA K 481 -8.92 -53.60 -11.17
CA ALA K 481 -8.69 -52.20 -11.52
C ALA K 481 -9.13 -51.27 -10.39
N GLU K 482 -10.27 -51.56 -9.76
CA GLU K 482 -10.76 -50.70 -8.69
C GLU K 482 -9.83 -50.77 -7.47
N GLU K 483 -9.32 -51.96 -7.15
CA GLU K 483 -8.40 -52.08 -6.03
C GLU K 483 -7.12 -51.30 -6.29
N ALA K 484 -6.59 -51.41 -7.52
CA ALA K 484 -5.43 -50.59 -7.88
C ALA K 484 -5.76 -49.11 -7.77
N ARG K 485 -6.95 -48.71 -8.21
CA ARG K 485 -7.36 -47.31 -8.13
C ARG K 485 -7.36 -46.82 -6.68
N LEU K 486 -7.90 -47.63 -5.76
CA LEU K 486 -7.95 -47.22 -4.37
C LEU K 486 -6.54 -47.10 -3.78
N ARG K 487 -5.66 -48.06 -4.08
CA ARG K 487 -4.29 -47.96 -3.58
C ARG K 487 -3.61 -46.69 -4.09
N ARG K 488 -3.77 -46.41 -5.39
CA ARG K 488 -3.17 -45.21 -5.96
C ARG K 488 -3.74 -43.94 -5.31
N ALA K 489 -5.05 -43.90 -5.11
CA ALA K 489 -5.67 -42.73 -4.49
C ALA K 489 -5.15 -42.53 -3.06
N GLU K 490 -4.94 -43.63 -2.34
CA GLU K 490 -4.42 -43.52 -0.98
C GLU K 490 -3.01 -42.91 -0.98
N ILE K 491 -2.13 -43.43 -1.84
CA ILE K 491 -0.76 -42.88 -1.87
C ILE K 491 -0.80 -41.42 -2.30
N GLU K 492 -1.68 -41.08 -3.24
CA GLU K 492 -1.79 -39.69 -3.68
C GLU K 492 -2.23 -38.79 -2.53
N ARG K 493 -3.23 -39.22 -1.76
CA ARG K 493 -3.67 -38.43 -0.62
C ARG K 493 -2.52 -38.22 0.36
N GLN K 494 -1.73 -39.27 0.62
CA GLN K 494 -0.60 -39.13 1.53
C GLN K 494 0.37 -38.07 1.03
N THR K 495 0.71 -38.11 -0.26
CA THR K 495 1.65 -37.13 -0.80
C THR K 495 1.08 -35.72 -0.71
N GLU K 496 -0.21 -35.54 -1.02
CA GLU K 496 -0.79 -34.20 -0.94
C GLU K 496 -0.80 -33.68 0.49
N LEU K 497 -1.11 -34.54 1.45
CA LEU K 497 -1.04 -34.15 2.86
C LEU K 497 0.36 -33.70 3.23
N GLY K 498 1.38 -34.44 2.78
CA GLY K 498 2.75 -34.03 3.06
C GLY K 498 3.08 -32.68 2.44
N ARG K 499 2.61 -32.45 1.21
CA ARG K 499 2.87 -31.17 0.56
C ARG K 499 2.24 -30.03 1.35
N LEU K 500 1.01 -30.24 1.84
CA LEU K 500 0.36 -29.23 2.65
C LEU K 500 1.15 -28.96 3.92
N GLN K 501 1.65 -30.02 4.57
CA GLN K 501 2.47 -29.82 5.78
C GLN K 501 3.68 -28.95 5.46
N GLN K 502 4.41 -29.27 4.41
CA GLN K 502 5.62 -28.52 4.07
C GLN K 502 5.30 -27.06 3.75
N GLN K 503 4.25 -26.84 2.97
CA GLN K 503 3.88 -25.48 2.59
C GLN K 503 3.43 -24.67 3.81
N ILE K 504 2.71 -25.31 4.73
CA ILE K 504 2.31 -24.62 5.95
C ILE K 504 3.54 -24.26 6.78
N GLU K 505 4.54 -25.15 6.80
CA GLU K 505 5.79 -24.84 7.49
C GLU K 505 6.43 -23.60 6.91
N GLN K 506 6.48 -23.49 5.58
CA GLN K 506 7.13 -22.31 4.99
C GLN K 506 6.29 -21.04 5.16
N ARG K 507 4.96 -21.18 5.23
CA ARG K 507 4.13 -20.03 5.61
C ARG K 507 4.47 -19.57 7.03
N ARG K 508 4.58 -20.52 7.95
CA ARG K 508 5.02 -20.20 9.30
C ARG K 508 6.36 -19.48 9.28
N ARG K 509 7.24 -19.89 8.36
CA ARG K 509 8.54 -19.23 8.24
C ARG K 509 8.39 -17.77 7.81
N ARG K 510 7.63 -17.52 6.74
CA ARG K 510 7.42 -16.15 6.30
C ARG K 510 6.88 -15.29 7.45
N ALA K 511 5.97 -15.86 8.24
CA ALA K 511 5.34 -15.09 9.30
C ALA K 511 6.31 -14.81 10.43
N ARG K 512 7.06 -15.81 10.87
CA ARG K 512 8.06 -15.59 11.91
C ARG K 512 9.04 -14.52 11.48
N ALA K 513 9.49 -14.56 10.22
CA ALA K 513 10.44 -13.56 9.76
C ALA K 513 9.82 -12.17 9.74
N GLN K 514 8.60 -12.04 9.23
CA GLN K 514 7.95 -10.73 9.20
C GLN K 514 7.74 -10.19 10.62
N ILE K 515 7.40 -11.06 11.56
CA ILE K 515 7.19 -10.62 12.94
C ILE K 515 8.50 -10.15 13.56
N GLU K 516 9.59 -10.88 13.33
CA GLU K 516 10.88 -10.43 13.82
C GLU K 516 11.24 -9.08 13.21
N ALA K 517 10.94 -8.89 11.93
CA ALA K 517 11.22 -7.60 11.28
C ALA K 517 10.45 -6.48 11.95
N LEU K 518 9.15 -6.70 12.20
CA LEU K 518 8.34 -5.68 12.85
C LEU K 518 8.89 -5.33 14.23
N GLU K 519 9.27 -6.35 15.01
CA GLU K 519 9.78 -6.11 16.35
C GLU K 519 11.10 -5.32 16.31
N ALA K 520 12.00 -5.70 15.40
CA ALA K 520 13.26 -4.99 15.28
C ALA K 520 13.04 -3.54 14.84
N GLU K 521 12.06 -3.32 13.96
CA GLU K 521 11.72 -1.96 13.57
C GLU K 521 11.23 -1.14 14.76
N LEU K 522 10.42 -1.76 15.61
CA LEU K 522 9.99 -1.09 16.84
C LEU K 522 11.20 -0.68 17.67
N GLN K 523 12.15 -1.61 17.88
CA GLN K 523 13.33 -1.30 18.67
C GLN K 523 14.11 -0.13 18.06
N ALA K 524 14.29 -0.15 16.73
CA ALA K 524 15.05 0.91 16.07
C ALA K 524 14.34 2.26 16.21
N GLU K 525 13.01 2.27 16.09
CA GLU K 525 12.28 3.52 16.26
C GLU K 525 12.44 4.05 17.68
N GLU K 526 12.44 3.16 18.67
CA GLU K 526 12.69 3.60 20.04
C GLU K 526 14.07 4.25 20.16
N ILE K 527 15.08 3.60 19.58
CA ILE K 527 16.44 4.16 19.61
C ILE K 527 16.44 5.56 19.00
N ALA K 528 15.81 5.71 17.84
CA ALA K 528 15.83 6.99 17.14
C ALA K 528 15.12 8.06 17.95
N LEU K 529 14.00 7.71 18.60
CA LEU K 529 13.31 8.67 19.45
C LEU K 529 14.22 9.13 20.59
N LYS K 530 14.84 8.17 21.28
CA LYS K 530 15.73 8.51 22.39
C LYS K 530 16.84 9.45 21.94
N ALA K 531 17.44 9.18 20.78
CA ALA K 531 18.55 10.01 20.33
C ALA K 531 18.09 11.37 19.85
N LEU K 532 16.98 11.42 19.09
CA LEU K 532 16.43 12.70 18.66
C LEU K 532 16.07 13.58 19.85
N VAL K 533 15.77 12.97 21.01
CA VAL K 533 15.59 13.76 22.22
C VAL K 533 16.79 14.68 22.46
N GLU K 534 17.99 14.17 22.20
CA GLU K 534 19.21 14.93 22.41
C GLU K 534 19.49 15.86 21.23
N GLY L 4 -31.26 -106.44 -72.63
CA GLY L 4 -32.06 -106.20 -71.44
C GLY L 4 -31.36 -105.32 -70.43
N ILE L 5 -30.08 -105.02 -70.68
CA ILE L 5 -29.29 -104.18 -69.78
C ILE L 5 -29.19 -102.74 -70.28
N GLY L 6 -29.87 -102.41 -71.39
CA GLY L 6 -29.84 -101.08 -71.95
C GLY L 6 -31.18 -100.38 -71.83
N LYS L 7 -31.15 -99.07 -72.08
CA LYS L 7 -32.32 -98.21 -71.95
C LYS L 7 -32.67 -97.60 -73.29
N SER L 8 -33.97 -97.38 -73.51
CA SER L 8 -34.46 -96.69 -74.68
C SER L 8 -34.83 -95.27 -74.31
N PRO L 9 -34.09 -94.25 -74.74
CA PRO L 9 -34.39 -92.89 -74.29
C PRO L 9 -35.79 -92.46 -74.69
N THR L 10 -36.28 -91.43 -74.00
CA THR L 10 -37.61 -90.88 -74.25
C THR L 10 -37.57 -89.57 -75.02
N GLY L 11 -36.38 -89.02 -75.28
CA GLY L 11 -36.27 -87.67 -75.78
C GLY L 11 -36.63 -86.61 -74.77
N ILE L 12 -36.95 -86.99 -73.54
CA ILE L 12 -37.31 -86.05 -72.48
C ILE L 12 -36.04 -85.80 -71.68
N GLN L 13 -35.38 -84.68 -72.00
CA GLN L 13 -34.18 -84.26 -71.29
C GLN L 13 -34.51 -84.08 -69.81
N GLY L 14 -33.70 -84.68 -68.95
CA GLY L 14 -33.98 -84.67 -67.53
C GLY L 14 -34.59 -85.97 -67.08
N PHE L 15 -35.62 -86.44 -67.78
CA PHE L 15 -36.12 -87.79 -67.52
C PHE L 15 -35.05 -88.82 -67.87
N ASP L 16 -34.33 -88.60 -68.97
CA ASP L 16 -33.21 -89.49 -69.28
C ASP L 16 -32.18 -89.47 -68.16
N GLU L 17 -31.86 -88.28 -67.64
CA GLU L 17 -30.92 -88.18 -66.52
C GLU L 17 -31.44 -88.93 -65.30
N LEU L 18 -32.76 -88.84 -65.05
CA LEU L 18 -33.34 -89.49 -63.88
C LEU L 18 -33.27 -91.00 -64.00
N THR L 19 -33.48 -91.54 -65.20
CA THR L 19 -33.45 -92.98 -65.41
C THR L 19 -32.08 -93.51 -65.84
N LEU L 20 -31.06 -92.65 -65.86
CA LEU L 20 -29.70 -93.06 -66.24
C LEU L 20 -29.70 -93.72 -67.62
N GLY L 21 -30.46 -93.14 -68.55
CA GLY L 21 -30.55 -93.67 -69.89
C GLY L 21 -31.94 -93.54 -70.49
N GLY L 22 -32.93 -94.08 -69.81
CA GLY L 22 -34.30 -94.03 -70.28
C GLY L 22 -35.09 -95.20 -69.74
N LEU L 23 -36.17 -95.52 -70.46
CA LEU L 23 -37.03 -96.62 -70.09
C LEU L 23 -36.38 -97.95 -70.44
N PRO L 24 -36.78 -99.05 -69.79
CA PRO L 24 -36.13 -100.33 -70.04
C PRO L 24 -36.38 -100.82 -71.46
N THR L 25 -35.30 -101.17 -72.16
CA THR L 25 -35.39 -101.60 -73.54
C THR L 25 -35.94 -103.03 -73.61
N GLY L 26 -36.90 -103.25 -74.50
CA GLY L 26 -37.46 -104.56 -74.69
C GLY L 26 -38.25 -105.11 -73.54
N ARG L 27 -38.58 -104.28 -72.55
CA ARG L 27 -39.31 -104.73 -71.37
C ARG L 27 -40.53 -103.84 -71.16
N PRO L 28 -41.63 -104.41 -70.64
CA PRO L 28 -42.82 -103.60 -70.38
C PRO L 28 -42.55 -102.50 -69.37
N SER L 29 -43.25 -101.38 -69.54
CA SER L 29 -43.19 -100.25 -68.63
C SER L 29 -44.60 -99.77 -68.33
N LEU L 30 -44.75 -99.11 -67.20
CA LEU L 30 -46.05 -98.63 -66.74
C LEU L 30 -45.95 -97.14 -66.42
N VAL L 31 -46.93 -96.37 -66.90
CA VAL L 31 -47.01 -94.94 -66.63
C VAL L 31 -48.37 -94.65 -66.00
N CYS L 32 -48.53 -94.96 -64.73
CA CYS L 32 -49.83 -94.88 -64.09
C CYS L 32 -50.07 -93.49 -63.51
N GLY L 33 -51.33 -93.12 -63.41
CA GLY L 33 -51.73 -91.82 -62.93
C GLY L 33 -53.21 -91.56 -63.14
N SER L 34 -53.76 -90.57 -62.45
CA SER L 34 -55.17 -90.27 -62.60
C SER L 34 -55.42 -89.57 -63.94
N ALA L 35 -56.70 -89.34 -64.23
CA ALA L 35 -57.08 -88.71 -65.50
C ALA L 35 -56.60 -87.26 -65.54
N GLY L 36 -55.89 -86.91 -66.61
CA GLY L 36 -55.44 -85.55 -66.84
C GLY L 36 -54.01 -85.28 -66.45
N CYS L 37 -53.33 -86.24 -65.81
CA CYS L 37 -51.96 -85.99 -65.35
C CYS L 37 -50.96 -85.90 -66.49
N GLY L 38 -51.25 -86.52 -67.64
CA GLY L 38 -50.35 -86.48 -68.78
C GLY L 38 -49.90 -87.85 -69.24
N LYS L 39 -50.63 -88.89 -68.81
CA LYS L 39 -50.28 -90.26 -69.17
C LYS L 39 -50.17 -90.41 -70.69
N THR L 40 -51.25 -90.08 -71.40
CA THR L 40 -51.29 -90.30 -72.85
C THR L 40 -50.22 -89.48 -73.55
N LEU L 41 -49.98 -88.25 -73.08
CA LEU L 41 -49.01 -87.40 -73.75
C LEU L 41 -47.59 -87.94 -73.59
N PHE L 42 -47.23 -88.35 -72.37
CA PHE L 42 -45.92 -88.98 -72.18
C PHE L 42 -45.79 -90.22 -73.03
N ALA L 43 -46.84 -91.04 -73.08
CA ALA L 43 -46.79 -92.28 -73.85
C ALA L 43 -46.54 -91.98 -75.33
N SER L 44 -47.24 -90.99 -75.87
CA SER L 44 -47.04 -90.64 -77.28
C SER L 44 -45.68 -90.00 -77.51
N THR L 45 -45.22 -89.20 -76.55
CA THR L 45 -43.94 -88.51 -76.70
C THR L 45 -42.79 -89.50 -76.80
N PHE L 46 -42.83 -90.57 -76.00
CA PHE L 46 -41.81 -91.61 -76.13
C PHE L 46 -41.59 -91.96 -77.60
N LEU L 47 -42.63 -92.48 -78.25
CA LEU L 47 -42.55 -92.89 -79.65
C LEU L 47 -42.10 -91.73 -80.54
N ILE L 48 -42.78 -90.58 -80.42
CA ILE L 48 -42.58 -89.51 -81.38
C ILE L 48 -41.14 -89.01 -81.32
N ASN L 49 -40.65 -88.70 -80.13
CA ASN L 49 -39.27 -88.25 -80.00
C ASN L 49 -38.29 -89.32 -80.46
N GLY L 50 -38.54 -90.57 -80.06
CA GLY L 50 -37.66 -91.65 -80.49
C GLY L 50 -37.44 -91.65 -81.99
N VAL L 51 -38.50 -91.48 -82.76
CA VAL L 51 -38.31 -91.48 -84.21
C VAL L 51 -37.83 -90.12 -84.71
N ARG L 52 -38.17 -89.04 -84.00
CA ARG L 52 -37.81 -87.71 -84.48
C ARG L 52 -36.30 -87.51 -84.46
N ASP L 53 -35.64 -87.93 -83.38
CA ASP L 53 -34.20 -87.72 -83.29
C ASP L 53 -33.43 -89.00 -83.55
N HIS L 54 -33.57 -90.00 -82.67
CA HIS L 54 -32.82 -91.24 -82.83
C HIS L 54 -33.18 -91.97 -84.11
N GLY L 55 -34.45 -91.85 -84.55
CA GLY L 55 -34.93 -92.61 -85.68
C GLY L 55 -35.52 -93.96 -85.32
N GLU L 56 -35.66 -94.26 -84.04
CA GLU L 56 -36.23 -95.54 -83.62
C GLU L 56 -37.74 -95.52 -83.79
N PRO L 57 -38.32 -96.48 -84.52
CA PRO L 57 -39.76 -96.43 -84.77
C PRO L 57 -40.59 -97.04 -83.65
N GLY L 58 -41.90 -96.87 -83.78
CA GLY L 58 -42.82 -97.40 -82.79
C GLY L 58 -44.24 -97.38 -83.29
N VAL L 59 -45.10 -98.04 -82.50
CA VAL L 59 -46.53 -98.14 -82.78
C VAL L 59 -47.31 -97.67 -81.56
N PHE L 60 -48.44 -97.01 -81.80
CA PHE L 60 -49.32 -96.52 -80.75
C PHE L 60 -50.64 -97.28 -80.82
N VAL L 61 -51.09 -97.80 -79.68
CA VAL L 61 -52.28 -98.63 -79.58
C VAL L 61 -53.25 -97.93 -78.65
N THR L 62 -54.41 -97.56 -79.19
CA THR L 62 -55.45 -96.84 -78.46
C THR L 62 -56.65 -97.76 -78.29
N PHE L 63 -56.87 -98.21 -77.06
CA PHE L 63 -57.97 -99.13 -76.79
C PHE L 63 -59.32 -98.42 -76.72
N GLU L 64 -59.34 -97.11 -76.50
CA GLU L 64 -60.59 -96.36 -76.43
C GLU L 64 -60.52 -95.10 -77.28
N GLU L 65 -59.46 -94.31 -77.14
CA GLU L 65 -59.36 -93.05 -77.86
C GLU L 65 -59.33 -93.31 -79.37
N ARG L 66 -59.42 -92.23 -80.13
CA ARG L 66 -59.55 -92.29 -81.58
C ARG L 66 -58.34 -91.68 -82.28
N PRO L 67 -58.14 -92.01 -83.57
CA PRO L 67 -56.95 -91.51 -84.28
C PRO L 67 -56.90 -90.01 -84.47
N GLU L 68 -58.01 -89.43 -84.95
CA GLU L 68 -58.05 -87.98 -85.10
C GLU L 68 -57.86 -87.29 -83.76
N ASP L 69 -58.41 -87.87 -82.69
CA ASP L 69 -58.21 -87.32 -81.36
C ASP L 69 -56.73 -87.36 -80.98
N ILE L 70 -56.05 -88.47 -81.27
CA ILE L 70 -54.63 -88.57 -80.98
C ILE L 70 -53.87 -87.47 -81.72
N VAL L 71 -54.17 -87.28 -83.00
CA VAL L 71 -53.47 -86.26 -83.78
C VAL L 71 -53.73 -84.88 -83.18
N ASN L 72 -55.00 -84.58 -82.88
CA ASN L 72 -55.33 -83.27 -82.34
C ASN L 72 -54.67 -83.02 -80.99
N ASN L 73 -54.47 -84.07 -80.20
CA ASN L 73 -53.84 -83.91 -78.89
C ASN L 73 -52.49 -83.22 -79.00
N VAL L 74 -51.68 -83.62 -79.99
CA VAL L 74 -50.36 -83.05 -80.17
C VAL L 74 -50.31 -82.00 -81.28
N ALA L 75 -51.45 -81.73 -81.94
CA ALA L 75 -51.48 -80.71 -82.98
C ALA L 75 -50.84 -79.41 -82.52
N SER L 76 -51.36 -78.82 -81.44
CA SER L 76 -50.92 -77.49 -81.02
C SER L 76 -49.55 -77.50 -80.36
N LEU L 77 -49.11 -78.64 -79.82
CA LEU L 77 -47.75 -78.72 -79.29
C LEU L 77 -46.72 -78.53 -80.40
N GLY L 78 -47.01 -79.02 -81.60
CA GLY L 78 -46.08 -79.01 -82.70
C GLY L 78 -45.63 -80.39 -83.13
N PHE L 79 -45.70 -81.38 -82.24
CA PHE L 79 -45.40 -82.76 -82.59
C PHE L 79 -46.51 -83.30 -83.49
N GLU L 80 -46.73 -82.65 -84.63
CA GLU L 80 -47.87 -82.97 -85.47
C GLU L 80 -47.80 -84.40 -86.01
N LEU L 81 -48.62 -85.29 -85.45
CA LEU L 81 -48.77 -86.62 -86.03
C LEU L 81 -49.45 -86.57 -87.39
N ASP L 82 -50.14 -85.47 -87.69
CA ASP L 82 -50.73 -85.20 -89.00
C ASP L 82 -49.80 -85.66 -90.12
N LYS L 83 -48.51 -85.41 -89.96
CA LYS L 83 -47.50 -85.77 -90.95
C LYS L 83 -46.90 -87.14 -90.67
N LEU L 84 -46.60 -87.42 -89.40
CA LEU L 84 -45.82 -88.62 -89.07
C LEU L 84 -46.61 -89.89 -89.35
N ILE L 85 -47.87 -89.95 -88.92
CA ILE L 85 -48.65 -91.17 -89.14
C ILE L 85 -48.71 -91.50 -90.63
N GLU L 86 -48.62 -90.49 -91.48
CA GLU L 86 -48.68 -90.70 -92.92
C GLU L 86 -47.31 -90.93 -93.54
N GLU L 87 -46.22 -90.60 -92.83
CA GLU L 87 -44.88 -90.64 -93.42
C GLU L 87 -44.00 -91.77 -92.89
N GLU L 88 -44.58 -92.89 -92.44
CA GLU L 88 -43.94 -94.18 -92.18
C GLU L 88 -43.35 -94.29 -90.76
N LYS L 89 -43.32 -93.21 -89.98
CA LYS L 89 -42.57 -93.22 -88.73
C LYS L 89 -43.37 -93.70 -87.52
N ILE L 90 -44.67 -93.96 -87.67
CA ILE L 90 -45.53 -94.31 -86.54
C ILE L 90 -46.79 -94.95 -87.08
N ALA L 91 -47.53 -95.63 -86.19
CA ALA L 91 -48.72 -96.35 -86.58
C ALA L 91 -49.81 -96.20 -85.52
N ILE L 92 -51.06 -96.29 -85.96
CA ILE L 92 -52.24 -96.18 -85.11
C ILE L 92 -52.92 -97.54 -85.07
N GLU L 93 -53.32 -97.99 -83.87
CA GLU L 93 -53.80 -99.35 -83.71
C GLU L 93 -55.01 -99.45 -82.79
N HIS L 94 -55.90 -100.40 -83.11
CA HIS L 94 -57.04 -100.82 -82.32
C HIS L 94 -58.26 -99.96 -82.59
N ILE L 95 -59.45 -100.53 -82.38
CA ILE L 95 -60.71 -99.88 -82.70
C ILE L 95 -60.73 -99.52 -84.19
N ASP L 109 -59.56 -113.87 -78.74
CA ASP L 109 -59.24 -112.63 -78.03
C ASP L 109 -57.79 -112.24 -78.25
N LEU L 110 -56.87 -113.09 -77.79
CA LEU L 110 -55.45 -112.89 -78.07
C LEU L 110 -55.21 -112.86 -79.58
N GLU L 111 -55.58 -113.95 -80.27
CA GLU L 111 -55.47 -114.02 -81.71
C GLU L 111 -56.28 -112.95 -82.40
N GLY L 112 -57.29 -112.39 -81.73
CA GLY L 112 -58.11 -111.36 -82.33
C GLY L 112 -57.37 -110.07 -82.62
N LEU L 113 -56.22 -109.85 -81.97
CA LEU L 113 -55.47 -108.62 -82.13
C LEU L 113 -53.98 -108.83 -82.37
N PHE L 114 -53.46 -110.04 -82.13
CA PHE L 114 -52.04 -110.27 -82.35
C PHE L 114 -51.64 -109.98 -83.79
N LEU L 115 -52.48 -110.39 -84.75
CA LEU L 115 -52.14 -110.19 -86.16
C LEU L 115 -52.06 -108.71 -86.50
N ARG L 116 -53.03 -107.92 -86.02
CA ARG L 116 -52.99 -106.48 -86.27
C ARG L 116 -51.75 -105.85 -85.66
N LEU L 117 -51.42 -106.23 -84.41
CA LEU L 117 -50.24 -105.67 -83.78
C LEU L 117 -48.98 -106.00 -84.58
N GLU L 118 -48.84 -107.26 -85.01
CA GLU L 118 -47.67 -107.65 -85.78
C GLU L 118 -47.61 -106.90 -87.10
N LEU L 119 -48.77 -106.72 -87.76
CA LEU L 119 -48.79 -105.99 -89.02
C LEU L 119 -48.27 -104.57 -88.83
N ALA L 120 -48.76 -103.88 -87.81
CA ALA L 120 -48.31 -102.49 -87.59
C ALA L 120 -46.84 -102.44 -87.21
N ILE L 121 -46.40 -103.38 -86.36
CA ILE L 121 -45.00 -103.43 -85.94
C ILE L 121 -44.11 -103.63 -87.15
N ASP L 122 -44.53 -104.48 -88.09
CA ASP L 122 -43.75 -104.67 -89.31
C ASP L 122 -43.83 -103.45 -90.22
N THR L 123 -44.97 -102.76 -90.22
CA THR L 123 -45.12 -101.58 -91.06
C THR L 123 -44.11 -100.50 -90.69
N VAL L 124 -43.96 -100.24 -89.38
CA VAL L 124 -43.09 -99.14 -88.95
C VAL L 124 -41.75 -99.62 -88.42
N GLY L 125 -41.51 -100.92 -88.36
CA GLY L 125 -40.30 -101.41 -87.71
C GLY L 125 -40.22 -101.00 -86.26
N ALA L 126 -41.34 -101.12 -85.54
CA ALA L 126 -41.42 -100.59 -84.19
C ALA L 126 -40.40 -101.25 -83.27
N LYS L 127 -39.49 -100.43 -82.74
CA LYS L 127 -38.72 -100.83 -81.57
C LYS L 127 -39.44 -100.46 -80.27
N ARG L 128 -40.33 -99.46 -80.32
CA ARG L 128 -41.07 -99.03 -79.14
C ARG L 128 -42.57 -99.03 -79.42
N VAL L 129 -43.35 -99.55 -78.47
CA VAL L 129 -44.80 -99.65 -78.64
C VAL L 129 -45.48 -99.12 -77.38
N VAL L 130 -46.69 -98.60 -77.56
CA VAL L 130 -47.46 -98.00 -76.48
C VAL L 130 -48.86 -98.57 -76.47
N LEU L 131 -49.40 -98.80 -75.27
CA LEU L 131 -50.77 -99.26 -75.05
C LEU L 131 -51.44 -98.29 -74.09
N ASP L 132 -52.60 -97.78 -74.48
CA ASP L 132 -53.30 -96.79 -73.66
C ASP L 132 -54.76 -97.19 -73.45
N THR L 133 -55.22 -97.07 -72.20
CA THR L 133 -56.61 -97.34 -71.82
C THR L 133 -56.98 -98.80 -72.03
N ILE L 134 -56.13 -99.70 -71.53
CA ILE L 134 -56.39 -101.13 -71.64
C ILE L 134 -57.58 -101.57 -70.81
N GLU L 135 -58.09 -100.70 -69.93
CA GLU L 135 -59.18 -101.08 -69.03
C GLU L 135 -60.37 -101.67 -69.78
N SER L 136 -60.77 -101.01 -70.87
CA SER L 136 -62.00 -101.41 -71.56
C SER L 136 -61.93 -102.86 -72.03
N LEU L 137 -60.76 -103.32 -72.46
CA LEU L 137 -60.61 -104.68 -72.95
C LEU L 137 -61.27 -105.69 -72.02
N PHE L 138 -61.19 -105.47 -70.72
CA PHE L 138 -61.77 -106.38 -69.73
C PHE L 138 -63.18 -105.90 -69.36
N SER L 139 -64.08 -105.98 -70.34
CA SER L 139 -65.46 -105.54 -70.14
C SER L 139 -66.45 -106.49 -70.80
N ALA L 140 -66.26 -106.76 -72.09
CA ALA L 140 -67.25 -107.54 -72.84
C ALA L 140 -67.22 -109.00 -72.43
N PHE L 141 -66.03 -109.60 -72.38
CA PHE L 141 -65.86 -111.02 -72.10
C PHE L 141 -65.29 -111.22 -70.71
N SER L 142 -65.87 -112.15 -69.95
CA SER L 142 -65.52 -112.37 -68.56
C SER L 142 -64.77 -113.70 -68.43
N ASN L 143 -63.56 -113.64 -67.89
CA ASN L 143 -62.73 -114.81 -67.63
C ASN L 143 -61.45 -114.33 -66.94
N PRO L 144 -61.50 -114.01 -65.65
CA PRO L 144 -60.37 -113.29 -65.04
C PRO L 144 -59.04 -114.03 -65.05
N ALA L 145 -59.02 -115.32 -64.73
CA ALA L 145 -57.75 -116.03 -64.65
C ALA L 145 -57.09 -116.13 -66.02
N ILE L 146 -57.81 -116.64 -67.01
CA ILE L 146 -57.26 -116.73 -68.36
C ILE L 146 -56.99 -115.35 -68.94
N LEU L 147 -57.68 -114.32 -68.45
CA LEU L 147 -57.42 -112.97 -68.94
C LEU L 147 -56.12 -112.40 -68.35
N ARG L 148 -55.83 -112.73 -67.09
CA ARG L 148 -54.50 -112.44 -66.55
C ARG L 148 -53.44 -113.20 -67.33
N ALA L 149 -53.74 -114.45 -67.70
CA ALA L 149 -52.83 -115.19 -68.57
C ALA L 149 -52.63 -114.46 -69.89
N GLU L 150 -53.71 -113.91 -70.46
CA GLU L 150 -53.61 -113.18 -71.72
C GLU L 150 -52.77 -111.90 -71.55
N ILE L 151 -52.91 -111.24 -70.40
CA ILE L 151 -52.12 -110.05 -70.12
C ILE L 151 -50.64 -110.40 -70.10
N ARG L 152 -50.28 -111.38 -69.27
CA ARG L 152 -48.89 -111.82 -69.17
C ARG L 152 -48.38 -112.30 -70.51
N ARG L 153 -49.24 -112.94 -71.30
CA ARG L 153 -48.84 -113.48 -72.59
C ARG L 153 -48.63 -112.36 -73.61
N LEU L 154 -49.44 -111.30 -73.53
CA LEU L 154 -49.23 -110.14 -74.40
C LEU L 154 -47.89 -109.48 -74.09
N PHE L 155 -47.60 -109.30 -72.80
CA PHE L 155 -46.30 -108.72 -72.43
C PHE L 155 -45.16 -109.61 -72.92
N ASP L 156 -45.27 -110.93 -72.70
CA ASP L 156 -44.22 -111.84 -73.13
C ASP L 156 -44.10 -111.88 -74.65
N TRP L 157 -45.20 -111.67 -75.37
CA TRP L 157 -45.16 -111.69 -76.83
C TRP L 157 -44.49 -110.43 -77.37
N LEU L 158 -44.78 -109.29 -76.76
CA LEU L 158 -44.05 -108.06 -77.11
C LEU L 158 -42.56 -108.24 -76.84
N LYS L 159 -42.21 -108.85 -75.70
CA LYS L 159 -40.82 -109.20 -75.45
C LYS L 159 -40.26 -110.08 -76.55
N GLU L 160 -41.01 -111.13 -76.93
CA GLU L 160 -40.56 -112.05 -77.97
C GLU L 160 -40.21 -111.30 -79.24
N ARG L 161 -41.12 -110.42 -79.69
CA ARG L 161 -40.81 -109.57 -80.84
C ARG L 161 -39.72 -108.56 -80.53
N GLY L 162 -39.32 -108.42 -79.27
CA GLY L 162 -38.24 -107.52 -78.93
C GLY L 162 -38.67 -106.09 -78.77
N LEU L 163 -39.94 -105.86 -78.48
CA LEU L 163 -40.51 -104.52 -78.42
C LEU L 163 -40.36 -103.94 -77.02
N THR L 164 -40.21 -102.62 -76.95
CA THR L 164 -40.17 -101.89 -75.69
C THR L 164 -41.57 -101.35 -75.44
N THR L 165 -42.30 -101.99 -74.53
CA THR L 165 -43.70 -101.68 -74.31
C THR L 165 -43.87 -100.67 -73.19
N VAL L 166 -44.80 -99.73 -73.40
CA VAL L 166 -45.19 -98.76 -72.39
C VAL L 166 -46.70 -98.83 -72.25
N ILE L 167 -47.19 -98.97 -71.01
CA ILE L 167 -48.61 -99.13 -70.73
C ILE L 167 -49.06 -97.99 -69.84
N THR L 168 -50.22 -97.41 -70.16
CA THR L 168 -50.84 -96.40 -69.31
C THR L 168 -52.17 -96.94 -68.79
N ALA L 169 -52.28 -97.05 -67.47
CA ALA L 169 -53.44 -97.63 -66.82
C ALA L 169 -54.21 -96.58 -66.03
N GLU L 170 -55.46 -96.92 -65.71
CA GLU L 170 -56.35 -95.99 -65.04
C GLU L 170 -55.98 -95.86 -63.56
N ARG L 171 -56.30 -94.70 -62.99
CA ARG L 171 -56.07 -94.43 -61.58
C ARG L 171 -57.04 -93.35 -61.13
N GLY L 172 -57.22 -93.26 -59.81
CA GLY L 172 -58.06 -92.21 -59.25
C GLY L 172 -58.86 -92.64 -58.06
N ASP L 173 -59.22 -93.93 -58.00
CA ASP L 173 -60.08 -94.43 -56.94
C ASP L 173 -59.28 -95.00 -55.77
N GLY L 174 -58.36 -95.92 -56.04
CA GLY L 174 -57.63 -96.59 -54.98
C GLY L 174 -56.13 -96.63 -55.18
N ALA L 175 -55.61 -97.81 -55.49
CA ALA L 175 -54.16 -98.03 -55.54
C ALA L 175 -53.53 -97.41 -56.77
N LEU L 176 -52.30 -97.84 -57.10
CA LEU L 176 -51.62 -97.28 -58.26
C LEU L 176 -52.42 -97.51 -59.53
N THR L 177 -53.03 -98.69 -59.67
CA THR L 177 -53.87 -99.02 -60.81
C THR L 177 -55.28 -99.32 -60.32
N ARG L 178 -56.28 -98.88 -61.08
CA ARG L 178 -57.67 -99.11 -60.69
C ARG L 178 -57.96 -100.60 -60.49
N GLN L 179 -57.28 -101.45 -61.24
CA GLN L 179 -57.53 -102.89 -61.12
C GLN L 179 -56.94 -103.43 -59.82
N GLY L 180 -55.75 -102.97 -59.44
CA GLY L 180 -55.09 -103.38 -58.23
C GLY L 180 -54.02 -104.43 -58.41
N LEU L 181 -54.07 -105.20 -59.50
CA LEU L 181 -53.09 -106.24 -59.80
C LEU L 181 -52.29 -105.96 -61.06
N GLU L 182 -52.78 -105.09 -61.95
CA GLU L 182 -52.05 -104.82 -63.19
C GLU L 182 -50.63 -104.35 -62.92
N GLU L 183 -50.46 -103.48 -61.92
CA GLU L 183 -49.13 -102.95 -61.63
C GLU L 183 -48.14 -104.05 -61.29
N TYR L 184 -48.62 -105.16 -60.72
CA TYR L 184 -47.75 -106.25 -60.30
C TYR L 184 -47.39 -107.19 -61.45
N VAL L 185 -47.60 -106.77 -62.70
CA VAL L 185 -47.23 -107.55 -63.87
C VAL L 185 -46.24 -106.79 -64.76
N SER L 186 -45.50 -105.85 -64.18
CA SER L 186 -44.55 -105.03 -64.91
C SER L 186 -43.24 -104.93 -64.13
N ASP L 187 -42.20 -104.49 -64.83
CA ASP L 187 -40.86 -104.39 -64.25
C ASP L 187 -40.41 -102.97 -63.96
N CYS L 188 -41.08 -101.97 -64.53
CA CYS L 188 -40.75 -100.57 -64.30
C CYS L 188 -42.04 -99.77 -64.23
N VAL L 189 -42.18 -98.95 -63.19
CA VAL L 189 -43.43 -98.25 -62.92
C VAL L 189 -43.12 -96.79 -62.61
N ILE L 190 -43.85 -95.89 -63.26
CA ILE L 190 -43.74 -94.45 -63.04
C ILE L 190 -45.12 -93.93 -62.62
N LEU L 191 -45.12 -92.96 -61.72
CA LEU L 191 -46.33 -92.38 -61.15
C LEU L 191 -46.43 -90.93 -61.57
N LEU L 192 -47.62 -90.54 -62.02
CA LEU L 192 -47.91 -89.16 -62.41
C LEU L 192 -48.97 -88.59 -61.46
N ASP L 193 -48.77 -87.32 -61.06
CA ASP L 193 -49.64 -86.68 -60.09
C ASP L 193 -49.99 -85.27 -60.55
N HIS L 194 -51.23 -84.86 -60.27
CA HIS L 194 -51.74 -83.53 -60.61
C HIS L 194 -52.42 -82.94 -59.36
N ARG L 195 -51.60 -82.51 -58.40
CA ARG L 195 -52.12 -82.04 -57.13
C ARG L 195 -52.63 -80.61 -57.24
N VAL L 196 -53.25 -80.14 -56.15
CA VAL L 196 -53.66 -78.75 -56.00
C VAL L 196 -53.38 -78.37 -54.55
N GLU L 197 -52.46 -77.44 -54.33
CA GLU L 197 -52.08 -77.00 -53.00
C GLU L 197 -52.07 -75.48 -52.97
N ASN L 198 -52.81 -74.89 -52.04
CA ASN L 198 -52.96 -73.44 -51.98
C ASN L 198 -53.46 -72.89 -53.32
N GLN L 199 -54.29 -73.67 -53.99
CA GLN L 199 -54.83 -73.34 -55.31
C GLN L 199 -53.74 -73.28 -56.38
N ILE L 200 -52.60 -73.90 -56.12
CA ILE L 200 -51.49 -73.96 -57.07
C ILE L 200 -51.26 -75.42 -57.41
N SER L 201 -51.36 -75.76 -58.68
CA SER L 201 -51.26 -77.14 -59.15
C SER L 201 -49.86 -77.40 -59.70
N THR L 202 -49.23 -78.46 -59.21
CA THR L 202 -47.89 -78.85 -59.63
C THR L 202 -47.93 -80.28 -60.15
N ARG L 203 -47.65 -80.45 -61.45
CA ARG L 203 -47.55 -81.79 -62.02
C ARG L 203 -46.27 -82.46 -61.56
N ARG L 204 -46.39 -83.64 -60.97
CA ARG L 204 -45.27 -84.34 -60.36
C ARG L 204 -45.11 -85.72 -60.98
N LEU L 205 -43.87 -86.22 -60.97
CA LEU L 205 -43.52 -87.52 -61.49
C LEU L 205 -42.64 -88.24 -60.49
N ARG L 206 -42.75 -89.56 -60.45
CA ARG L 206 -41.91 -90.35 -59.56
C ARG L 206 -41.61 -91.70 -60.18
N ILE L 207 -40.38 -92.19 -59.99
CA ILE L 207 -39.98 -93.50 -60.46
C ILE L 207 -40.27 -94.48 -59.32
N VAL L 208 -41.47 -95.05 -59.34
CA VAL L 208 -41.86 -95.94 -58.23
C VAL L 208 -41.00 -97.19 -58.24
N LYS L 209 -40.72 -97.72 -59.42
CA LYS L 209 -39.93 -98.93 -59.56
C LYS L 209 -39.16 -98.91 -60.87
N TYR L 210 -37.89 -99.27 -60.81
CA TYR L 210 -37.09 -99.54 -61.99
C TYR L 210 -36.13 -100.68 -61.66
N ARG L 211 -36.11 -101.69 -62.52
CA ARG L 211 -35.29 -102.87 -62.30
C ARG L 211 -34.09 -102.82 -63.24
N GLY L 212 -32.89 -102.77 -62.65
CA GLY L 212 -31.65 -102.77 -63.42
C GLY L 212 -30.94 -101.44 -63.51
N THR L 213 -31.43 -100.40 -62.84
CA THR L 213 -30.77 -99.11 -62.84
C THR L 213 -30.97 -98.43 -61.49
N ALA L 214 -30.25 -97.34 -61.28
CA ALA L 214 -30.40 -96.51 -60.09
C ALA L 214 -31.10 -95.21 -60.51
N HIS L 215 -32.28 -94.99 -59.95
CA HIS L 215 -33.10 -93.84 -60.29
C HIS L 215 -33.29 -92.96 -59.07
N GLY L 216 -33.64 -91.69 -59.33
CA GLY L 216 -33.83 -90.73 -58.26
C GLY L 216 -34.97 -91.09 -57.33
N THR L 217 -34.67 -91.22 -56.04
CA THR L 217 -35.68 -91.50 -55.02
C THR L 217 -36.29 -90.18 -54.53
N ASN L 218 -36.94 -89.48 -55.46
CA ASN L 218 -37.57 -88.20 -55.17
C ASN L 218 -38.76 -88.01 -56.10
N GLU L 219 -39.57 -87.01 -55.78
CA GLU L 219 -40.69 -86.60 -56.63
C GLU L 219 -40.27 -85.36 -57.40
N TYR L 220 -40.19 -85.47 -58.72
CA TYR L 220 -39.66 -84.39 -59.54
C TYR L 220 -40.79 -83.67 -60.26
N PRO L 221 -40.83 -82.34 -60.25
CA PRO L 221 -41.88 -81.63 -60.98
C PRO L 221 -41.63 -81.64 -62.48
N PHE L 222 -42.69 -81.90 -63.23
CA PHE L 222 -42.64 -81.85 -64.69
C PHE L 222 -43.74 -80.91 -65.19
N LEU L 223 -43.56 -80.41 -66.40
CA LEU L 223 -44.46 -79.44 -66.99
C LEU L 223 -44.84 -79.88 -68.39
N ILE L 224 -46.13 -79.80 -68.70
CA ILE L 224 -46.61 -80.02 -70.06
C ILE L 224 -46.76 -78.65 -70.73
N ASP L 225 -45.63 -78.05 -71.08
CA ASP L 225 -45.64 -76.70 -71.65
C ASP L 225 -45.98 -76.74 -73.13
N THR L 226 -46.05 -75.56 -73.74
CA THR L 226 -46.43 -75.47 -75.15
C THR L 226 -45.51 -76.30 -76.02
N ASP L 227 -44.20 -76.30 -75.72
CA ASP L 227 -43.27 -77.10 -76.50
C ASP L 227 -43.47 -78.59 -76.24
N GLY L 228 -43.68 -78.98 -75.00
CA GLY L 228 -43.97 -80.36 -74.67
C GLY L 228 -43.55 -80.69 -73.25
N PHE L 229 -43.47 -81.98 -72.99
CA PHE L 229 -43.09 -82.48 -71.67
C PHE L 229 -41.68 -82.03 -71.31
N SER L 230 -41.54 -81.43 -70.12
CA SER L 230 -40.26 -80.89 -69.69
C SER L 230 -40.07 -81.15 -68.19
N VAL L 231 -38.85 -81.54 -67.83
CA VAL L 231 -38.45 -81.71 -66.44
C VAL L 231 -37.07 -81.08 -66.28
N LEU L 232 -36.92 -80.27 -65.23
CA LEU L 232 -35.68 -79.54 -65.02
C LEU L 232 -34.61 -80.47 -64.46
N PRO L 233 -33.51 -80.71 -65.17
CA PRO L 233 -32.52 -81.69 -64.69
C PRO L 233 -31.70 -81.13 -63.54
N VAL L 234 -30.88 -82.02 -62.96
CA VAL L 234 -29.95 -81.60 -61.92
C VAL L 234 -28.71 -80.96 -62.54
N SER L 235 -28.38 -81.33 -63.77
CA SER L 235 -27.23 -80.75 -64.45
C SER L 235 -27.56 -80.45 -65.91
N LEU L 239 -23.05 -77.31 -56.43
CA LEU L 239 -22.29 -77.95 -57.51
C LEU L 239 -21.07 -77.10 -57.87
N LEU L 240 -20.15 -77.70 -58.61
CA LEU L 240 -19.02 -76.95 -59.14
C LEU L 240 -19.49 -76.00 -60.24
N HIS L 241 -18.96 -74.78 -60.21
CA HIS L 241 -19.40 -73.73 -61.13
C HIS L 241 -18.18 -73.01 -61.69
N GLN L 242 -18.41 -72.30 -62.80
CA GLN L 242 -17.35 -71.53 -63.44
C GLN L 242 -16.83 -70.47 -62.47
N VAL L 243 -15.53 -70.48 -62.22
CA VAL L 243 -14.88 -69.56 -61.29
C VAL L 243 -13.99 -68.64 -62.11
N HIS L 244 -14.40 -67.39 -62.24
CA HIS L 244 -13.67 -66.39 -63.02
C HIS L 244 -12.88 -65.48 -62.11
N GLU L 245 -11.64 -65.19 -62.50
CA GLU L 245 -10.83 -64.20 -61.80
C GLU L 245 -10.96 -62.81 -62.43
N GLU L 246 -11.65 -62.69 -63.56
CA GLU L 246 -12.02 -61.39 -64.07
C GLU L 246 -13.04 -60.73 -63.12
N ARG L 247 -13.40 -59.50 -63.42
CA ARG L 247 -14.27 -58.73 -62.54
C ARG L 247 -15.26 -57.91 -63.36
N ILE L 248 -16.39 -57.60 -62.74
CA ILE L 248 -17.49 -56.91 -63.38
C ILE L 248 -17.62 -55.51 -62.76
N ALA L 249 -18.03 -54.56 -63.58
CA ALA L 249 -18.31 -53.21 -63.11
C ALA L 249 -19.76 -53.10 -62.65
N SER L 250 -19.98 -52.27 -61.64
CA SER L 250 -21.30 -52.10 -61.03
C SER L 250 -22.00 -50.82 -61.48
N GLY L 251 -21.40 -50.07 -62.40
CA GLY L 251 -21.87 -48.74 -62.69
C GLY L 251 -21.62 -47.73 -61.58
N VAL L 252 -20.98 -48.15 -60.49
CA VAL L 252 -20.66 -47.28 -59.38
C VAL L 252 -19.16 -47.36 -59.12
N PRO L 253 -18.36 -46.43 -59.70
CA PRO L 253 -16.91 -46.51 -59.53
C PRO L 253 -16.48 -46.51 -58.08
N ASP L 254 -17.17 -45.79 -57.21
CA ASP L 254 -16.80 -45.78 -55.80
C ASP L 254 -17.02 -47.15 -55.16
N LEU L 255 -18.11 -47.83 -55.54
CA LEU L 255 -18.34 -49.18 -55.04
C LEU L 255 -17.26 -50.13 -55.53
N ASP L 256 -16.85 -49.99 -56.80
CA ASP L 256 -15.75 -50.82 -57.28
C ASP L 256 -14.45 -50.51 -56.53
N ALA L 257 -14.25 -49.23 -56.18
CA ALA L 257 -13.03 -48.85 -55.47
C ALA L 257 -12.99 -49.44 -54.07
N MET L 258 -14.14 -49.44 -53.38
CA MET L 258 -14.19 -50.08 -52.06
C MET L 258 -13.54 -51.46 -52.11
N MET L 259 -13.72 -52.18 -53.21
CA MET L 259 -13.15 -53.51 -53.37
C MET L 259 -11.72 -53.41 -53.87
N ALA L 260 -10.83 -54.21 -53.27
CA ALA L 260 -9.41 -54.11 -53.56
C ALA L 260 -9.11 -54.44 -55.02
N GLY L 261 -9.38 -55.68 -55.43
CA GLY L 261 -9.00 -56.11 -56.77
C GLY L 261 -9.53 -55.21 -57.87
N GLY L 262 -10.65 -54.53 -57.62
CA GLY L 262 -11.21 -53.63 -58.60
C GLY L 262 -12.68 -53.87 -58.89
N GLY L 263 -13.31 -54.75 -58.13
CA GLY L 263 -14.72 -55.03 -58.29
C GLY L 263 -15.03 -56.48 -58.02
N PHE L 264 -16.33 -56.77 -57.98
CA PHE L 264 -16.79 -58.13 -57.73
C PHE L 264 -16.28 -59.08 -58.81
N PHE L 265 -16.02 -60.32 -58.42
CA PHE L 265 -15.73 -61.35 -59.41
C PHE L 265 -16.94 -61.57 -60.31
N ARG L 266 -16.68 -61.98 -61.55
CA ARG L 266 -17.75 -62.03 -62.53
C ARG L 266 -18.60 -63.29 -62.41
N GLY L 267 -18.01 -64.41 -61.98
CA GLY L 267 -18.74 -65.65 -61.90
C GLY L 267 -19.34 -65.81 -60.51
N SER L 268 -20.04 -64.77 -60.06
CA SER L 268 -20.40 -64.64 -58.66
C SER L 268 -21.87 -64.30 -58.49
N SER L 269 -22.30 -64.36 -57.24
CA SER L 269 -23.64 -63.99 -56.81
C SER L 269 -23.52 -62.85 -55.79
N ILE L 270 -24.20 -61.75 -56.07
CA ILE L 270 -24.18 -60.55 -55.25
C ILE L 270 -25.56 -60.35 -54.67
N LEU L 271 -25.61 -59.83 -53.44
CA LEU L 271 -26.86 -59.65 -52.70
C LEU L 271 -27.00 -58.18 -52.32
N VAL L 272 -27.85 -57.47 -53.05
CA VAL L 272 -28.24 -56.12 -52.69
C VAL L 272 -29.37 -56.25 -51.68
N SER L 273 -29.00 -56.40 -50.42
CA SER L 273 -29.97 -56.44 -49.34
C SER L 273 -30.25 -55.03 -48.87
N GLY L 274 -31.46 -54.83 -48.36
CA GLY L 274 -31.82 -53.53 -47.82
C GLY L 274 -33.26 -53.40 -47.37
N VAL L 275 -33.79 -52.18 -47.44
CA VAL L 275 -35.14 -51.88 -46.99
C VAL L 275 -35.83 -51.09 -48.09
N ALA L 276 -37.12 -50.86 -47.90
CA ALA L 276 -37.89 -50.07 -48.85
C ALA L 276 -37.37 -48.64 -48.87
N GLY L 277 -37.04 -48.15 -50.07
CA GLY L 277 -36.53 -46.81 -50.23
C GLY L 277 -35.04 -46.65 -50.09
N ALA L 278 -34.29 -47.76 -50.03
CA ALA L 278 -32.84 -47.71 -49.88
C ALA L 278 -32.13 -47.94 -51.20
N GLY L 279 -32.81 -47.76 -52.33
CA GLY L 279 -32.19 -47.94 -53.63
C GLY L 279 -31.77 -49.38 -53.91
N LYS L 280 -32.57 -50.35 -53.47
CA LYS L 280 -32.23 -51.75 -53.70
C LYS L 280 -32.12 -52.04 -55.19
N SER L 281 -33.13 -51.65 -55.97
CA SER L 281 -33.18 -51.97 -57.38
C SER L 281 -32.30 -51.07 -58.23
N SER L 282 -31.95 -49.87 -57.73
CA SER L 282 -31.17 -48.94 -58.55
C SER L 282 -29.75 -49.43 -58.77
N LEU L 283 -29.12 -50.01 -57.74
CA LEU L 283 -27.78 -50.55 -57.92
C LEU L 283 -27.77 -51.70 -58.92
N ALA L 284 -28.81 -52.54 -58.89
CA ALA L 284 -28.89 -53.62 -59.86
C ALA L 284 -29.13 -53.08 -61.27
N ALA L 285 -29.95 -52.03 -61.39
CA ALA L 285 -30.14 -51.39 -62.69
C ALA L 285 -28.82 -50.84 -63.22
N HIS L 286 -28.01 -50.26 -62.33
CA HIS L 286 -26.70 -49.76 -62.74
C HIS L 286 -25.80 -50.92 -63.17
N PHE L 287 -25.82 -52.02 -62.41
CA PHE L 287 -25.10 -53.23 -62.82
C PHE L 287 -25.46 -53.62 -64.25
N ALA L 288 -26.76 -53.70 -64.53
CA ALA L 288 -27.22 -54.16 -65.84
C ALA L 288 -26.80 -53.18 -66.94
N ALA L 289 -27.01 -51.89 -66.71
CA ALA L 289 -26.65 -50.89 -67.72
C ALA L 289 -25.15 -50.90 -67.97
N ALA L 290 -24.35 -51.12 -66.93
CA ALA L 290 -22.91 -51.22 -67.11
C ALA L 290 -22.55 -52.44 -67.95
N ALA L 291 -23.18 -53.58 -67.66
CA ALA L 291 -22.93 -54.78 -68.47
C ALA L 291 -23.31 -54.53 -69.93
N CYS L 292 -24.38 -53.79 -70.16
CA CYS L 292 -24.79 -53.52 -71.54
C CYS L 292 -23.82 -52.57 -72.23
N ALA L 293 -23.33 -51.55 -71.52
CA ALA L 293 -22.37 -50.63 -72.12
C ALA L 293 -21.02 -51.31 -72.36
N ARG L 294 -20.68 -52.30 -71.55
CA ARG L 294 -19.45 -53.06 -71.75
C ARG L 294 -19.51 -53.99 -72.96
N GLY L 295 -20.65 -54.04 -73.65
CA GLY L 295 -20.80 -54.91 -74.81
C GLY L 295 -21.39 -56.27 -74.54
N GLU L 296 -21.98 -56.48 -73.36
CA GLU L 296 -22.55 -57.75 -72.96
C GLU L 296 -24.07 -57.68 -72.98
N ARG L 297 -24.70 -58.78 -72.55
CA ARG L 297 -26.15 -58.88 -72.48
C ARG L 297 -26.61 -59.05 -71.04
N ALA L 298 -27.80 -58.53 -70.76
CA ALA L 298 -28.31 -58.50 -69.40
C ALA L 298 -29.83 -58.70 -69.40
N MET L 299 -30.31 -59.28 -68.31
CA MET L 299 -31.73 -59.61 -68.18
C MET L 299 -32.19 -59.22 -66.77
N TYR L 300 -33.29 -58.50 -66.71
CA TYR L 300 -33.86 -57.99 -65.46
C TYR L 300 -35.19 -58.69 -65.20
N PHE L 301 -35.28 -59.39 -64.07
CA PHE L 301 -36.49 -60.10 -63.66
C PHE L 301 -37.11 -59.34 -62.50
N SER L 302 -38.17 -58.59 -62.80
CA SER L 302 -38.89 -57.79 -61.81
C SER L 302 -40.15 -58.53 -61.40
N PHE L 303 -40.28 -58.80 -60.10
CA PHE L 303 -41.45 -59.44 -59.55
C PHE L 303 -42.37 -58.47 -58.82
N GLU L 304 -42.23 -57.17 -59.10
CA GLU L 304 -43.06 -56.17 -58.43
C GLU L 304 -43.33 -54.94 -59.31
N GLU L 305 -42.62 -54.81 -60.43
CA GLU L 305 -42.70 -53.61 -61.24
C GLU L 305 -42.58 -53.98 -62.72
N ALA L 306 -43.14 -53.10 -63.57
CA ALA L 306 -43.16 -53.31 -65.00
C ALA L 306 -41.96 -52.65 -65.67
N ALA L 307 -41.73 -53.04 -66.93
CA ALA L 307 -40.53 -52.61 -67.63
C ALA L 307 -40.56 -51.11 -67.94
N ASP L 308 -41.71 -50.61 -68.42
CA ASP L 308 -41.81 -49.18 -68.74
C ASP L 308 -41.69 -48.33 -67.47
N GLN L 309 -42.35 -48.76 -66.39
CA GLN L 309 -42.24 -48.06 -65.12
C GLN L 309 -40.79 -48.03 -64.64
N ALA L 310 -40.08 -49.16 -64.78
CA ALA L 310 -38.68 -49.20 -64.43
C ALA L 310 -37.87 -48.23 -65.28
N VAL L 311 -38.15 -48.19 -66.58
CA VAL L 311 -37.47 -47.25 -67.46
C VAL L 311 -37.61 -45.84 -66.91
N ARG L 312 -38.85 -45.43 -66.61
CA ARG L 312 -39.08 -44.07 -66.12
C ARG L 312 -38.30 -43.80 -64.83
N ASN L 313 -38.43 -44.69 -63.85
CA ASN L 313 -37.82 -44.44 -62.55
C ASN L 313 -36.29 -44.37 -62.65
N MET L 314 -35.69 -45.39 -63.27
CA MET L 314 -34.24 -45.40 -63.42
C MET L 314 -33.76 -44.27 -64.33
N ARG L 315 -34.60 -43.77 -65.23
CA ARG L 315 -34.24 -42.60 -66.01
C ARG L 315 -34.13 -41.38 -65.10
N SER L 316 -35.08 -41.21 -64.20
CA SER L 316 -34.95 -40.13 -63.21
C SER L 316 -33.62 -40.26 -62.47
N LEU L 317 -33.26 -41.48 -62.06
CA LEU L 317 -31.96 -41.64 -61.40
C LEU L 317 -30.79 -41.32 -62.32
N GLY L 318 -30.95 -41.56 -63.63
CA GLY L 318 -29.88 -41.26 -64.58
C GLY L 318 -29.45 -42.47 -65.38
N LEU L 319 -30.41 -43.30 -65.75
CA LEU L 319 -30.15 -44.54 -66.47
C LEU L 319 -31.10 -44.63 -67.65
N ASP L 320 -30.54 -44.64 -68.87
CA ASP L 320 -31.34 -44.77 -70.09
C ASP L 320 -31.47 -46.26 -70.43
N LEU L 321 -32.32 -46.94 -69.65
CA LEU L 321 -32.54 -48.36 -69.87
C LEU L 321 -33.24 -48.63 -71.19
N GLY L 322 -34.04 -47.66 -71.66
CA GLY L 322 -34.71 -47.84 -72.94
C GLY L 322 -33.76 -47.99 -74.10
N ARG L 323 -32.60 -47.33 -74.04
CA ARG L 323 -31.60 -47.49 -75.09
C ARG L 323 -31.21 -48.96 -75.26
N TRP L 324 -30.83 -49.61 -74.16
CA TRP L 324 -30.41 -51.00 -74.24
C TRP L 324 -31.58 -51.92 -74.57
N ARG L 325 -32.76 -51.61 -74.04
CA ARG L 325 -33.93 -52.41 -74.38
C ARG L 325 -34.20 -52.37 -75.88
N ASP L 326 -34.04 -51.20 -76.50
CA ASP L 326 -34.24 -51.09 -77.94
C ASP L 326 -33.12 -51.79 -78.70
N ALA L 327 -31.87 -51.62 -78.27
CA ALA L 327 -30.75 -52.26 -78.94
C ALA L 327 -30.79 -53.77 -78.81
N GLY L 328 -31.56 -54.29 -77.86
CA GLY L 328 -31.71 -55.72 -77.70
C GLY L 328 -30.70 -56.36 -76.78
N LEU L 329 -29.95 -55.57 -76.02
CA LEU L 329 -28.98 -56.12 -75.06
C LEU L 329 -29.61 -56.35 -73.70
N LEU L 330 -30.65 -55.60 -73.35
CA LEU L 330 -31.33 -55.73 -72.05
C LEU L 330 -32.74 -56.25 -72.27
N ARG L 331 -33.09 -57.32 -71.54
CA ARG L 331 -34.43 -57.90 -71.64
C ARG L 331 -35.12 -57.87 -70.27
N PHE L 332 -36.36 -57.39 -70.24
CA PHE L 332 -37.14 -57.24 -69.02
C PHE L 332 -38.22 -58.29 -68.99
N MET L 333 -38.34 -59.01 -67.86
CA MET L 333 -39.33 -60.07 -67.73
C MET L 333 -40.69 -59.54 -67.25
N ALA L 334 -40.71 -58.90 -66.07
CA ALA L 334 -41.91 -58.24 -65.55
C ALA L 334 -42.97 -59.27 -65.16
N THR L 335 -42.58 -60.23 -64.34
CA THR L 335 -43.49 -61.25 -63.83
C THR L 335 -43.99 -60.86 -62.45
N ARG L 336 -44.81 -61.73 -61.85
CA ARG L 336 -45.31 -61.52 -60.51
C ARG L 336 -45.43 -62.87 -59.82
N PRO L 337 -45.20 -62.95 -58.50
CA PRO L 337 -44.95 -64.25 -57.86
C PRO L 337 -46.14 -65.19 -57.85
N THR L 338 -47.30 -64.72 -57.37
CA THR L 338 -48.40 -65.62 -57.06
C THR L 338 -49.03 -66.26 -58.30
N PHE L 339 -48.64 -65.86 -59.51
CA PHE L 339 -49.27 -66.34 -60.73
C PHE L 339 -48.61 -67.59 -61.29
N TYR L 340 -48.06 -68.45 -60.43
CA TYR L 340 -47.43 -69.68 -60.87
C TYR L 340 -46.85 -70.44 -59.68
N SER L 341 -46.31 -71.63 -59.94
CA SER L 341 -45.62 -72.39 -58.91
C SER L 341 -44.13 -72.07 -58.91
N LEU L 342 -43.51 -72.29 -57.76
CA LEU L 342 -42.09 -71.96 -57.60
C LEU L 342 -41.24 -72.69 -58.64
N GLU L 343 -41.47 -74.00 -58.79
CA GLU L 343 -40.71 -74.78 -59.77
C GLU L 343 -41.01 -74.33 -61.18
N MET L 344 -42.27 -73.99 -61.46
CA MET L 344 -42.62 -73.48 -62.79
C MET L 344 -41.81 -72.24 -63.12
N HIS L 345 -41.75 -71.28 -62.19
CA HIS L 345 -41.00 -70.07 -62.49
C HIS L 345 -39.49 -70.32 -62.49
N LEU L 346 -39.01 -71.27 -61.69
CA LEU L 346 -37.62 -71.69 -61.81
C LEU L 346 -37.31 -72.07 -63.25
N ALA L 347 -38.11 -73.00 -63.79
CA ALA L 347 -37.89 -73.45 -65.17
C ALA L 347 -38.08 -72.30 -66.16
N VAL L 348 -39.01 -71.39 -65.89
CA VAL L 348 -39.28 -70.30 -66.82
C VAL L 348 -38.09 -69.35 -66.89
N ILE L 349 -37.60 -68.92 -65.73
CA ILE L 349 -36.44 -68.05 -65.69
C ILE L 349 -35.25 -68.72 -66.36
N LEU L 350 -35.04 -70.01 -66.08
CA LEU L 350 -33.91 -70.69 -66.70
C LEU L 350 -34.08 -70.82 -68.21
N ARG L 351 -35.32 -70.99 -68.69
CA ARG L 351 -35.54 -71.07 -70.13
C ARG L 351 -35.24 -69.74 -70.79
N GLU L 352 -35.71 -68.64 -70.21
CA GLU L 352 -35.40 -67.33 -70.79
C GLU L 352 -33.90 -67.06 -70.75
N VAL L 353 -33.24 -67.49 -69.69
CA VAL L 353 -31.79 -67.31 -69.60
C VAL L 353 -31.09 -68.12 -70.68
N MET L 354 -31.57 -69.33 -70.96
CA MET L 354 -30.97 -70.15 -72.00
C MET L 354 -31.23 -69.56 -73.38
N ARG L 355 -32.40 -68.93 -73.57
CA ARG L 355 -32.74 -68.36 -74.87
C ARG L 355 -31.99 -67.07 -75.14
N PHE L 356 -31.63 -66.32 -74.09
CA PHE L 356 -30.92 -65.07 -74.29
C PHE L 356 -29.41 -65.16 -74.07
N GLU L 357 -28.93 -66.21 -73.41
CA GLU L 357 -27.53 -66.39 -73.03
C GLU L 357 -26.94 -65.06 -72.52
N PRO L 358 -27.50 -64.49 -71.45
CA PRO L 358 -27.03 -63.21 -70.95
C PRO L 358 -25.72 -63.33 -70.19
N SER L 359 -25.16 -62.18 -69.84
CA SER L 359 -23.97 -62.10 -69.00
C SER L 359 -24.26 -61.59 -67.60
N VAL L 360 -25.26 -60.72 -67.44
CA VAL L 360 -25.69 -60.28 -66.11
C VAL L 360 -27.18 -60.55 -65.96
N VAL L 361 -27.57 -61.07 -64.80
CA VAL L 361 -28.96 -61.41 -64.52
C VAL L 361 -29.34 -60.80 -63.18
N VAL L 362 -30.39 -59.98 -63.17
CA VAL L 362 -30.88 -59.32 -61.97
C VAL L 362 -32.19 -59.99 -61.57
N LEU L 363 -32.31 -60.29 -60.28
CA LEU L 363 -33.53 -60.88 -59.71
C LEU L 363 -33.99 -59.91 -58.61
N ASP L 364 -35.05 -59.15 -58.90
CA ASP L 364 -35.49 -58.12 -57.97
C ASP L 364 -37.01 -58.06 -57.89
N PRO L 365 -37.61 -58.32 -56.71
CA PRO L 365 -37.03 -58.80 -55.46
C PRO L 365 -37.19 -60.30 -55.27
N ILE L 366 -36.22 -60.95 -54.61
CA ILE L 366 -36.35 -62.35 -54.27
C ILE L 366 -37.18 -62.56 -53.01
N SER L 367 -37.53 -61.48 -52.31
CA SER L 367 -38.46 -61.60 -51.18
C SER L 367 -39.89 -61.79 -51.64
N ALA L 368 -40.19 -61.49 -52.90
CA ALA L 368 -41.55 -61.69 -53.41
C ALA L 368 -41.93 -63.16 -53.47
N PHE L 369 -40.96 -64.07 -53.36
CA PHE L 369 -41.23 -65.49 -53.28
C PHE L 369 -41.27 -66.00 -51.84
N THR L 370 -40.85 -65.18 -50.87
CA THR L 370 -40.80 -65.64 -49.48
C THR L 370 -42.17 -65.82 -48.86
N GLU L 371 -43.25 -65.45 -49.57
CA GLU L 371 -44.56 -65.94 -49.17
C GLU L 371 -44.53 -67.45 -49.03
N SER L 372 -43.77 -68.11 -49.89
CA SER L 372 -43.31 -69.47 -49.67
C SER L 372 -44.40 -70.51 -49.87
N GLY L 373 -44.29 -71.30 -50.94
CA GLY L 373 -45.01 -72.56 -50.98
C GLY L 373 -44.47 -73.53 -49.95
N ASP L 374 -43.19 -73.40 -49.61
CA ASP L 374 -42.60 -74.12 -48.50
C ASP L 374 -41.23 -73.52 -48.18
N ARG L 375 -40.93 -73.44 -46.88
CA ARG L 375 -39.68 -72.84 -46.43
C ARG L 375 -38.50 -73.40 -47.20
N LEU L 376 -38.38 -74.73 -47.24
CA LEU L 376 -37.25 -75.37 -47.91
C LEU L 376 -37.35 -75.20 -49.43
N GLU L 377 -38.57 -75.08 -49.97
CA GLU L 377 -38.72 -74.93 -51.41
C GLU L 377 -38.12 -73.61 -51.88
N VAL L 378 -38.29 -72.54 -51.10
CA VAL L 378 -37.70 -71.26 -51.49
C VAL L 378 -36.17 -71.36 -51.52
N GLN L 379 -35.60 -71.97 -50.47
CA GLN L 379 -34.16 -72.17 -50.43
C GLN L 379 -33.67 -72.97 -51.63
N SER L 380 -34.40 -74.03 -51.98
CA SER L 380 -34.02 -74.85 -53.13
C SER L 380 -34.03 -74.03 -54.41
N MET L 381 -35.09 -73.24 -54.60
CA MET L 381 -35.16 -72.39 -55.79
C MET L 381 -33.94 -71.48 -55.87
N LEU L 382 -33.64 -70.78 -54.78
CA LEU L 382 -32.51 -69.84 -54.79
C LEU L 382 -31.21 -70.56 -55.10
N LEU L 383 -30.95 -71.67 -54.41
CA LEU L 383 -29.71 -72.42 -54.62
C LEU L 383 -29.59 -72.86 -56.07
N ARG L 384 -30.68 -73.34 -56.66
CA ARG L 384 -30.63 -73.87 -58.02
C ARG L 384 -30.38 -72.76 -59.04
N ILE L 385 -31.08 -71.63 -58.88
CA ILE L 385 -30.84 -70.49 -59.77
C ILE L 385 -29.39 -70.07 -59.71
N VAL L 386 -28.87 -69.91 -58.48
CA VAL L 386 -27.47 -69.51 -58.32
C VAL L 386 -26.55 -70.52 -58.99
N ASP L 387 -26.82 -71.81 -58.78
CA ASP L 387 -25.95 -72.85 -59.32
C ASP L 387 -25.87 -72.76 -60.84
N PHE L 388 -27.02 -72.65 -61.51
CA PHE L 388 -26.97 -72.58 -62.96
C PHE L 388 -26.28 -71.31 -63.45
N LEU L 389 -26.66 -70.15 -62.89
CA LEU L 389 -26.10 -68.90 -63.37
C LEU L 389 -24.58 -68.86 -63.16
N LYS L 390 -24.09 -69.52 -62.11
CA LYS L 390 -22.65 -69.54 -61.89
C LYS L 390 -21.95 -70.63 -62.68
N ASN L 391 -22.67 -71.70 -63.02
CA ASN L 391 -22.10 -72.72 -63.91
C ASN L 391 -21.90 -72.17 -65.31
N ARG L 392 -22.75 -71.23 -65.73
CA ARG L 392 -22.60 -70.64 -67.05
C ARG L 392 -21.69 -69.42 -67.09
N GLY L 393 -21.00 -69.11 -65.98
CA GLY L 393 -20.13 -67.95 -65.96
C GLY L 393 -20.88 -66.63 -66.06
N ILE L 394 -22.06 -66.55 -65.48
CA ILE L 394 -22.92 -65.36 -65.55
C ILE L 394 -22.94 -64.71 -64.17
N THR L 395 -22.98 -63.38 -64.15
CA THR L 395 -23.02 -62.63 -62.90
C THR L 395 -24.48 -62.51 -62.44
N GLY L 396 -24.70 -62.72 -61.14
CA GLY L 396 -26.03 -62.64 -60.60
C GLY L 396 -26.20 -61.56 -59.56
N ILE L 397 -27.27 -60.77 -59.67
CA ILE L 397 -27.63 -59.76 -58.67
C ILE L 397 -28.96 -60.18 -58.05
N PHE L 398 -29.05 -60.11 -56.73
CA PHE L 398 -30.21 -60.56 -55.98
C PHE L 398 -30.61 -59.47 -55.02
N THR L 399 -31.77 -58.84 -55.22
CA THR L 399 -32.22 -57.81 -54.29
C THR L 399 -33.12 -58.44 -53.22
N HIS L 400 -32.90 -58.05 -51.96
CA HIS L 400 -33.62 -58.64 -50.85
C HIS L 400 -34.06 -57.56 -49.87
N LEU L 401 -35.18 -57.84 -49.19
CA LEU L 401 -35.74 -56.93 -48.19
C LEU L 401 -35.51 -57.47 -46.80
N ALA L 412 -29.45 -67.57 -40.19
CA ALA L 412 -29.41 -66.12 -40.41
C ALA L 412 -30.19 -65.73 -41.66
N GLY L 413 -29.75 -66.24 -42.81
CA GLY L 413 -30.43 -65.93 -44.06
C GLY L 413 -29.69 -66.47 -45.26
N LEU L 414 -29.92 -65.82 -46.40
CA LEU L 414 -29.39 -66.26 -47.69
C LEU L 414 -27.92 -65.94 -47.89
N SER L 415 -27.31 -65.16 -47.00
CA SER L 415 -25.92 -64.75 -47.19
C SER L 415 -24.99 -65.93 -47.41
N SER L 416 -25.36 -67.12 -46.93
CA SER L 416 -24.53 -68.30 -47.16
C SER L 416 -24.37 -68.58 -48.65
N LEU L 417 -25.47 -68.52 -49.40
CA LEU L 417 -25.42 -68.83 -50.82
C LEU L 417 -24.61 -67.81 -51.59
N MET L 418 -24.63 -66.56 -51.17
CA MET L 418 -24.06 -65.46 -51.94
C MET L 418 -22.59 -65.27 -51.63
N ASP L 419 -21.84 -64.78 -52.62
CA ASP L 419 -20.43 -64.46 -52.45
C ASP L 419 -20.18 -62.97 -52.23
N GLY L 420 -21.16 -62.12 -52.51
CA GLY L 420 -21.04 -60.70 -52.22
C GLY L 420 -22.28 -60.19 -51.52
N TRP L 421 -22.08 -59.26 -50.59
CA TRP L 421 -23.19 -58.75 -49.77
C TRP L 421 -23.06 -57.24 -49.63
N VAL L 422 -23.91 -56.51 -50.35
CA VAL L 422 -24.08 -55.07 -50.20
C VAL L 422 -25.34 -54.84 -49.38
N LEU L 423 -25.25 -53.92 -48.41
CA LEU L 423 -26.38 -53.59 -47.54
C LEU L 423 -26.72 -52.13 -47.68
N MET L 424 -27.97 -51.83 -48.00
CA MET L 424 -28.46 -50.47 -48.19
C MET L 424 -29.40 -50.14 -47.04
N LEU L 425 -29.04 -49.11 -46.26
CA LEU L 425 -29.81 -48.72 -45.09
C LEU L 425 -30.29 -47.28 -45.26
N ASN L 426 -31.49 -47.02 -44.75
CA ASN L 426 -32.09 -45.68 -44.74
C ASN L 426 -32.36 -45.34 -43.28
N ARG L 427 -31.33 -44.80 -42.61
CA ARG L 427 -31.39 -44.59 -41.17
C ARG L 427 -32.01 -43.24 -40.83
N GLU L 428 -32.77 -43.21 -39.75
CA GLU L 428 -33.42 -41.99 -39.25
C GLU L 428 -32.64 -41.42 -38.09
N VAL L 429 -32.45 -40.10 -38.11
CA VAL L 429 -31.76 -39.41 -37.02
C VAL L 429 -32.06 -37.93 -37.11
N ASN L 430 -32.47 -37.34 -35.99
CA ASN L 430 -32.75 -35.90 -35.91
C ASN L 430 -33.69 -35.46 -37.04
N GLY L 431 -34.63 -36.35 -37.38
CA GLY L 431 -35.61 -36.03 -38.40
C GLY L 431 -35.08 -36.01 -39.81
N GLU L 432 -34.10 -36.85 -40.12
CA GLU L 432 -33.53 -36.93 -41.47
C GLU L 432 -33.26 -38.39 -41.80
N PHE L 433 -33.74 -38.83 -42.96
CA PHE L 433 -33.51 -40.19 -43.44
C PHE L 433 -32.30 -40.15 -44.37
N ASN L 434 -31.18 -40.65 -43.88
CA ASN L 434 -29.92 -40.66 -44.62
C ASN L 434 -29.60 -42.05 -45.11
N ARG L 435 -29.06 -42.14 -46.32
CA ARG L 435 -28.84 -43.40 -47.01
C ARG L 435 -27.37 -43.81 -46.88
N GLU L 436 -27.14 -44.99 -46.33
CA GLU L 436 -25.81 -45.52 -46.12
C GLU L 436 -25.66 -46.87 -46.80
N LEU L 437 -24.43 -47.18 -47.22
CA LEU L 437 -24.13 -48.42 -47.93
C LEU L 437 -22.98 -49.10 -47.22
N TYR L 438 -23.16 -50.39 -46.97
CA TYR L 438 -22.17 -51.26 -46.36
C TYR L 438 -21.76 -52.34 -47.35
N LEU L 439 -20.52 -52.79 -47.25
CA LEU L 439 -20.06 -54.00 -47.93
C LEU L 439 -19.69 -54.99 -46.82
N LEU L 440 -20.55 -55.98 -46.58
CA LEU L 440 -20.34 -56.90 -45.47
C LEU L 440 -19.60 -58.16 -45.87
N LYS L 441 -19.62 -58.54 -47.14
CA LYS L 441 -18.91 -59.72 -47.59
C LYS L 441 -18.38 -59.50 -49.01
N ALA L 442 -17.17 -60.01 -49.24
CA ALA L 442 -16.60 -60.06 -50.58
C ALA L 442 -15.50 -61.14 -50.50
N ARG L 443 -15.88 -62.36 -50.83
CA ARG L 443 -15.14 -63.54 -50.39
C ARG L 443 -13.66 -63.44 -50.72
N GLY L 444 -13.33 -63.37 -52.00
CA GLY L 444 -11.93 -63.31 -52.42
C GLY L 444 -11.31 -61.94 -52.39
N MET L 445 -12.02 -60.94 -51.88
CA MET L 445 -11.57 -59.56 -51.94
C MET L 445 -10.94 -59.13 -50.60
N ALA L 446 -10.48 -57.89 -50.56
CA ALA L 446 -10.01 -57.24 -49.34
C ALA L 446 -10.77 -55.92 -49.19
N HIS L 447 -12.09 -56.01 -49.17
CA HIS L 447 -12.96 -54.85 -49.27
C HIS L 447 -12.71 -53.88 -48.11
N SER L 448 -13.34 -52.72 -48.21
CA SER L 448 -13.21 -51.68 -47.20
C SER L 448 -14.15 -51.95 -46.04
N ASN L 449 -13.60 -51.99 -44.83
CA ASN L 449 -14.39 -52.16 -43.61
C ASN L 449 -15.21 -50.92 -43.26
N GLN L 450 -15.15 -49.86 -44.07
CA GLN L 450 -15.79 -48.60 -43.76
C GLN L 450 -17.25 -48.59 -44.21
N VAL L 451 -18.05 -47.81 -43.52
CA VAL L 451 -19.44 -47.54 -43.92
C VAL L 451 -19.44 -46.29 -44.78
N ARG L 452 -20.04 -46.35 -45.97
CA ARG L 452 -19.98 -45.23 -46.91
C ARG L 452 -21.38 -44.69 -47.11
N GLU L 453 -21.62 -43.47 -46.66
CA GLU L 453 -22.88 -42.81 -46.98
C GLU L 453 -22.96 -42.60 -48.49
N PHE L 454 -24.17 -42.71 -49.04
CA PHE L 454 -24.35 -42.59 -50.47
C PHE L 454 -25.58 -41.74 -50.78
N LEU L 455 -25.56 -41.16 -51.97
CA LEU L 455 -26.62 -40.27 -52.44
C LEU L 455 -27.10 -40.75 -53.80
N MET L 456 -28.31 -40.33 -54.16
CA MET L 456 -28.97 -40.73 -55.39
C MET L 456 -29.51 -39.48 -56.07
N SER L 457 -28.93 -39.11 -57.22
CA SER L 457 -29.30 -37.90 -57.93
C SER L 457 -29.36 -38.20 -59.42
N ASP L 458 -29.59 -37.16 -60.22
CA ASP L 458 -29.68 -37.33 -61.66
C ASP L 458 -28.38 -37.87 -62.26
N ARG L 459 -27.25 -37.70 -61.56
CA ARG L 459 -26.01 -38.29 -62.03
C ARG L 459 -25.98 -39.79 -61.79
N GLY L 460 -26.54 -40.24 -60.68
CA GLY L 460 -26.63 -41.65 -60.37
C GLY L 460 -26.50 -41.87 -58.87
N ILE L 461 -25.95 -43.03 -58.52
CA ILE L 461 -25.64 -43.38 -57.15
C ILE L 461 -24.17 -43.04 -56.90
N SER L 462 -23.92 -42.15 -55.94
CA SER L 462 -22.57 -41.66 -55.68
C SER L 462 -22.26 -41.80 -54.20
N LEU L 463 -21.07 -42.34 -53.90
CA LEU L 463 -20.65 -42.56 -52.52
C LEU L 463 -19.83 -41.38 -52.03
N LEU L 464 -20.24 -40.82 -50.89
CA LEU L 464 -19.47 -39.74 -50.27
C LEU L 464 -18.19 -40.30 -49.66
N PRO L 465 -17.22 -39.44 -49.36
CA PRO L 465 -15.95 -39.94 -48.85
C PRO L 465 -16.15 -40.72 -47.55
N PRO L 466 -15.27 -41.67 -47.28
CA PRO L 466 -15.34 -42.37 -45.98
C PRO L 466 -14.94 -41.44 -44.84
N HIS L 467 -15.68 -41.52 -43.74
CA HIS L 467 -15.27 -40.78 -42.57
C HIS L 467 -13.99 -41.37 -42.00
N LEU L 468 -13.30 -40.57 -41.19
CA LEU L 468 -12.02 -40.97 -40.62
C LEU L 468 -11.86 -40.34 -39.26
N GLY L 469 -11.03 -40.97 -38.42
CA GLY L 469 -10.82 -40.46 -37.08
C GLY L 469 -12.04 -40.68 -36.22
N GLU L 470 -12.05 -39.97 -35.09
CA GLU L 470 -13.15 -40.06 -34.15
C GLU L 470 -14.30 -39.14 -34.58
N GLY L 471 -15.47 -39.37 -33.98
CA GLY L 471 -16.67 -38.63 -34.29
C GLY L 471 -17.71 -39.44 -35.05
N GLY L 472 -17.30 -40.52 -35.71
CA GLY L 472 -18.23 -41.37 -36.42
C GLY L 472 -18.57 -40.85 -37.80
N ALA L 473 -19.31 -41.68 -38.55
CA ALA L 473 -19.66 -41.32 -39.91
C ALA L 473 -20.64 -40.16 -39.95
N LEU L 474 -21.45 -40.00 -38.90
CA LEU L 474 -22.42 -38.90 -38.85
C LEU L 474 -23.39 -38.99 -40.02
N THR L 475 -22.88 -38.76 -41.23
CA THR L 475 -23.65 -38.94 -42.45
C THR L 475 -24.94 -38.12 -42.42
N GLY L 476 -24.83 -36.82 -42.65
CA GLY L 476 -26.00 -35.97 -42.75
C GLY L 476 -25.70 -34.55 -42.34
N THR L 477 -26.78 -33.80 -42.14
CA THR L 477 -26.65 -32.45 -41.61
C THR L 477 -25.84 -32.43 -40.33
N ALA L 478 -25.82 -33.55 -39.59
CA ALA L 478 -24.97 -33.62 -38.39
C ALA L 478 -23.50 -33.64 -38.76
N ARG L 479 -23.12 -34.38 -39.81
CA ARG L 479 -21.73 -34.34 -40.26
C ARG L 479 -21.36 -32.95 -40.73
N LYS L 480 -22.24 -32.31 -41.52
CA LYS L 480 -21.94 -30.96 -41.98
C LYS L 480 -21.86 -29.98 -40.80
N ALA L 481 -22.70 -30.18 -39.78
CA ALA L 481 -22.66 -29.31 -38.61
C ALA L 481 -21.38 -29.50 -37.83
N GLU L 482 -20.90 -30.74 -37.72
CA GLU L 482 -19.64 -30.97 -37.01
C GLU L 482 -18.46 -30.38 -37.78
N GLU L 483 -18.50 -30.45 -39.11
CA GLU L 483 -17.44 -29.81 -39.88
C GLU L 483 -17.46 -28.29 -39.70
N ALA L 484 -18.66 -27.70 -39.67
CA ALA L 484 -18.77 -26.28 -39.37
C ALA L 484 -18.22 -25.96 -37.99
N ARG L 485 -18.54 -26.79 -37.00
CA ARG L 485 -18.01 -26.61 -35.65
C ARG L 485 -16.49 -26.65 -35.66
N LEU L 486 -15.90 -27.58 -36.41
CA LEU L 486 -14.45 -27.69 -36.44
C LEU L 486 -13.81 -26.48 -37.09
N ARG L 487 -14.40 -25.99 -38.19
CA ARG L 487 -13.88 -24.77 -38.80
C ARG L 487 -13.94 -23.60 -37.83
N ARG L 488 -15.08 -23.44 -37.14
CA ARG L 488 -15.21 -22.37 -36.15
C ARG L 488 -14.18 -22.53 -35.05
N ALA L 489 -13.91 -23.77 -34.61
CA ALA L 489 -12.96 -24.01 -33.55
C ALA L 489 -11.55 -23.62 -33.98
N GLU L 490 -11.18 -23.92 -35.22
CA GLU L 490 -9.85 -23.55 -35.69
C GLU L 490 -9.73 -22.02 -35.82
N ILE L 491 -10.78 -21.37 -36.31
CA ILE L 491 -10.77 -19.91 -36.36
C ILE L 491 -10.58 -19.33 -34.96
N GLU L 492 -11.26 -19.92 -33.97
CA GLU L 492 -11.14 -19.41 -32.60
C GLU L 492 -9.75 -19.68 -32.04
N ARG L 493 -9.15 -20.82 -32.38
CA ARG L 493 -7.76 -21.06 -32.02
C ARG L 493 -6.85 -19.96 -32.56
N GLN L 494 -7.04 -19.62 -33.84
CA GLN L 494 -6.25 -18.55 -34.44
C GLN L 494 -6.42 -17.24 -33.68
N THR L 495 -7.67 -16.85 -33.41
CA THR L 495 -7.93 -15.61 -32.69
C THR L 495 -7.26 -15.64 -31.31
N GLU L 496 -7.37 -16.76 -30.60
CA GLU L 496 -6.79 -16.84 -29.27
C GLU L 496 -5.28 -16.67 -29.32
N LEU L 497 -4.61 -17.36 -30.25
CA LEU L 497 -3.15 -17.23 -30.36
C LEU L 497 -2.76 -15.79 -30.66
N GLY L 498 -3.42 -15.18 -31.65
CA GLY L 498 -3.07 -13.81 -32.01
C GLY L 498 -3.30 -12.83 -30.88
N ARG L 499 -4.43 -12.97 -30.17
CA ARG L 499 -4.72 -12.08 -29.06
C ARG L 499 -3.70 -12.26 -27.94
N LEU L 500 -3.29 -13.50 -27.68
CA LEU L 500 -2.25 -13.73 -26.68
C LEU L 500 -0.97 -13.03 -27.06
N GLN L 501 -0.60 -13.08 -28.35
CA GLN L 501 0.62 -12.42 -28.79
C GLN L 501 0.54 -10.91 -28.59
N GLN L 502 -0.57 -10.31 -29.02
CA GLN L 502 -0.72 -8.85 -28.85
C GLN L 502 -0.73 -8.48 -27.37
N GLN L 503 -1.35 -9.30 -26.53
CA GLN L 503 -1.34 -9.06 -25.09
C GLN L 503 0.07 -9.11 -24.54
N ILE L 504 0.87 -10.07 -25.01
CA ILE L 504 2.27 -10.14 -24.59
C ILE L 504 3.00 -8.86 -24.96
N GLU L 505 2.77 -8.38 -26.18
CA GLU L 505 3.44 -7.16 -26.63
C GLU L 505 3.08 -5.98 -25.74
N GLN L 506 1.80 -5.84 -25.38
CA GLN L 506 1.39 -4.70 -24.57
C GLN L 506 1.88 -4.85 -23.13
N ARG L 507 1.87 -6.06 -22.58
CA ARG L 507 2.47 -6.29 -21.27
C ARG L 507 3.93 -5.87 -21.28
N ARG L 508 4.66 -6.20 -22.35
CA ARG L 508 6.04 -5.75 -22.46
C ARG L 508 6.11 -4.24 -22.43
N ARG L 509 5.39 -3.56 -23.35
CA ARG L 509 5.33 -2.11 -23.30
C ARG L 509 5.20 -1.59 -21.87
N ARG L 510 4.26 -2.16 -21.11
CA ARG L 510 4.10 -1.78 -19.70
C ARG L 510 5.43 -1.92 -18.94
N ALA L 511 6.04 -3.09 -19.02
CA ALA L 511 7.23 -3.35 -18.22
C ALA L 511 8.39 -2.44 -18.61
N ARG L 512 8.60 -2.26 -19.93
CA ARG L 512 9.67 -1.39 -20.40
C ARG L 512 9.45 0.05 -19.95
N ALA L 513 8.20 0.52 -19.97
CA ALA L 513 7.95 1.89 -19.52
C ALA L 513 8.18 2.02 -18.02
N GLN L 514 7.79 1.02 -17.24
CA GLN L 514 8.08 1.05 -15.81
C GLN L 514 9.59 1.09 -15.56
N ILE L 515 10.36 0.33 -16.37
CA ILE L 515 11.81 0.35 -16.25
C ILE L 515 12.34 1.74 -16.56
N GLU L 516 11.82 2.38 -17.61
CA GLU L 516 12.24 3.74 -17.94
C GLU L 516 11.96 4.68 -16.77
N ALA L 517 10.80 4.53 -16.13
CA ALA L 517 10.46 5.39 -14.99
C ALA L 517 11.44 5.18 -13.84
N LEU L 518 11.79 3.92 -13.56
CA LEU L 518 12.76 3.66 -12.49
C LEU L 518 14.12 4.29 -12.81
N GLU L 519 14.55 4.16 -14.07
CA GLU L 519 15.84 4.75 -14.46
C GLU L 519 15.80 6.27 -14.33
N ALA L 520 14.68 6.89 -14.69
CA ALA L 520 14.54 8.33 -14.53
C ALA L 520 14.60 8.73 -13.05
N GLU L 521 13.93 7.95 -12.19
CA GLU L 521 14.03 8.18 -10.76
C GLU L 521 15.49 8.17 -10.32
N LEU L 522 16.25 7.16 -10.77
CA LEU L 522 17.64 7.04 -10.36
C LEU L 522 18.45 8.25 -10.82
N GLN L 523 18.29 8.65 -12.09
CA GLN L 523 19.05 9.79 -12.61
C GLN L 523 18.71 11.07 -11.84
N ALA L 524 17.43 11.29 -11.57
CA ALA L 524 17.03 12.48 -10.82
C ALA L 524 17.62 12.47 -9.42
N GLU L 525 17.60 11.30 -8.77
CA GLU L 525 18.22 11.20 -7.44
C GLU L 525 19.69 11.53 -7.50
N GLU L 526 20.39 11.01 -8.51
CA GLU L 526 21.81 11.35 -8.69
C GLU L 526 22.00 12.86 -8.77
N ILE L 527 21.27 13.51 -9.67
CA ILE L 527 21.48 14.94 -9.90
C ILE L 527 21.16 15.73 -8.64
N ALA L 528 20.09 15.35 -7.94
CA ALA L 528 19.71 16.08 -6.74
C ALA L 528 20.76 15.94 -5.64
N LEU L 529 21.18 14.70 -5.37
CA LEU L 529 22.20 14.48 -4.35
C LEU L 529 23.50 15.22 -4.70
N LYS L 530 23.83 15.27 -5.99
CA LYS L 530 25.02 15.99 -6.41
C LYS L 530 24.86 17.49 -6.15
N ALA L 531 23.68 18.04 -6.44
CA ALA L 531 23.43 19.44 -6.13
C ALA L 531 23.56 19.71 -4.64
N LEU L 532 23.14 18.75 -3.81
CA LEU L 532 23.27 18.87 -2.36
C LEU L 532 24.73 18.77 -1.94
PB ADP M . 68.02 102.95 22.01
O1B ADP M . 69.00 102.50 23.08
O2B ADP M . 67.71 104.43 22.04
O3B ADP M . 66.82 102.05 21.86
PA ADP M . 68.12 103.08 19.23
O1A ADP M . 66.77 103.70 19.55
O2A ADP M . 69.10 103.85 18.37
O3A ADP M . 68.84 102.76 20.63
O5' ADP M . 67.88 101.64 18.54
C5' ADP M . 68.45 100.44 19.05
C4' ADP M . 67.82 99.26 18.32
O4' ADP M . 67.70 99.52 16.92
C3' ADP M . 68.60 97.95 18.46
O3' ADP M . 67.98 97.08 19.40
C2' ADP M . 68.59 97.33 17.07
O2' ADP M . 67.99 96.04 17.05
C1' ADP M . 67.76 98.28 16.20
N9 ADP M . 68.37 98.42 14.85
C8 ADP M . 69.25 99.34 14.45
N7 ADP M . 69.58 99.16 13.14
C5 ADP M . 68.90 98.09 12.70
C6 ADP M . 68.78 97.34 11.42
N6 ADP M . 69.48 97.72 10.31
N1 ADP M . 67.95 96.28 11.39
C2 ADP M . 67.23 95.89 12.46
N3 ADP M . 67.30 96.52 13.65
C4 ADP M . 68.09 97.61 13.84
H5'1 ADP M . 68.28 100.36 20.12
H5'2 ADP M . 69.54 100.44 18.88
H4' ADP M . 66.83 99.14 18.79
H3' ADP M . 69.62 98.12 18.83
H2' ADP M . 69.62 97.19 16.70
HO2' ADP M . 68.68 95.36 17.12
H1' ADP M . 66.75 97.90 16.03
H8 ADP M . 69.65 100.14 15.08
HN61 ADP M . 69.38 97.20 9.46
HN62 ADP M . 70.10 98.52 10.36
H2 ADP M . 66.59 95.03 12.37
MG MG N . 51.18 66.19 7.34
MG MG O . 70.15 105.79 20.43
PB ADP P . 50.55 63.97 5.14
O1B ADP P . 51.09 62.86 6.03
O2B ADP P . 51.59 64.97 4.69
O3B ADP P . 49.26 64.58 5.62
PA ADP P . 51.16 63.12 2.54
O1A ADP P . 52.56 63.05 3.12
O2A ADP P . 50.78 64.18 1.54
O3A ADP P . 50.13 63.22 3.78
O5' ADP P . 50.79 61.68 1.95
C5' ADP P . 51.68 60.58 2.08
C4' ADP P . 50.98 59.36 1.52
O4' ADP P . 51.06 59.35 0.09
C3' ADP P . 51.58 58.04 2.00
O3' ADP P . 50.70 57.46 2.97
C2' ADP P . 51.71 57.18 0.76
O2' ADP P . 51.02 55.94 0.88
C1' ADP P . 51.10 58.00 -0.37
N9 ADP P . 51.85 57.88 -1.62
C8 ADP P . 52.93 58.60 -1.99
N7 ADP P . 53.37 58.21 -3.21
C5 ADP P . 52.57 57.23 -3.65
C6 ADP P . 52.47 56.38 -4.85
N6 ADP P . 53.35 56.51 -5.88
N1 ADP P . 51.48 55.47 -4.90
C2 ADP P . 50.59 55.32 -3.90
N3 ADP P . 50.62 56.06 -2.78
C4 ADP P . 51.57 57.01 -2.60
H5'1 ADP P . 51.93 60.42 3.13
H5'2 ADP P . 52.60 60.77 1.54
H4' ADP P . 49.94 59.43 1.87
H3' ADP P . 52.55 58.15 2.51
HO3' ADP P . 51.21 56.94 3.60
H2' ADP P . 52.76 56.92 0.58
HO2' ADP P . 51.65 55.24 1.10
H1' ADP P . 50.08 57.63 -0.59
H8 ADP P . 53.38 59.39 -1.39
HN61 ADP P . 54.10 57.20 -5.83
HN62 ADP P . 53.27 55.92 -6.69
H2 ADP P . 49.81 54.56 -4.01
PB ADP Q . 45.41 111.99 32.61
O1B ADP Q . 44.72 110.66 32.76
O2B ADP Q . 44.94 113.05 33.58
O3B ADP Q . 46.92 111.91 32.48
PA ADP Q . 43.36 112.70 30.83
O1A ADP Q . 42.58 112.19 32.03
O2A ADP Q . 43.13 114.11 30.34
O3A ADP Q . 44.93 112.54 31.17
O5' ADP Q . 43.11 111.70 29.60
C5' ADP Q . 43.68 110.39 29.58
C4' ADP Q . 42.87 109.50 28.65
O4' ADP Q . 41.74 110.18 28.09
C3' ADP Q . 43.67 108.97 27.45
O3' ADP Q . 44.21 107.69 27.74
C2' ADP Q . 42.65 108.91 26.31
O2' ADP Q . 42.39 107.58 25.89
C1' ADP Q . 41.36 109.51 26.88
N9 ADP Q . 40.71 110.39 25.89
C8 ADP Q . 40.72 111.74 25.87
N7 ADP Q . 40.00 112.20 24.82
C5 ADP Q . 39.51 111.14 24.15
C6 ADP Q . 38.67 110.92 22.95
N6 ADP Q . 38.20 111.96 22.22
N1 ADP Q . 38.40 109.65 22.59
C2 ADP Q . 38.86 108.60 23.30
N3 ADP Q . 39.63 108.73 24.40
C4 ADP Q . 39.97 109.95 24.86
H5'1 ADP Q . 43.67 109.97 30.58
H5'2 ADP Q . 44.72 110.44 29.24
H4' ADP Q . 42.56 108.66 29.29
H3' ADP Q . 44.52 109.61 27.18
HO3' ADP Q . 45.01 107.55 27.20
H2' ADP Q . 43.03 109.46 25.44
HO2' ADP Q . 42.75 107.46 24.99
H1' ADP Q . 40.62 108.73 27.10
H8 ADP Q . 41.24 112.36 26.59
HN61 ADP Q . 37.63 111.79 21.39
HN62 ADP Q . 38.42 112.90 22.50
H2 ADP Q . 38.60 107.60 22.96
MG MG R . 28.15 78.21 13.12
MG MG S . 45.78 115.68 32.77
PB ADP T . 27.02 76.05 10.93
O1B ADP T . 26.50 75.72 12.31
O2B ADP T . 28.24 75.27 10.52
O3B ADP T . 27.10 77.54 10.65
PA ADP T . 25.37 76.39 8.69
O1A ADP T . 24.12 77.15 9.08
O2A ADP T . 26.57 77.11 8.12
O3A ADP T . 25.85 75.52 9.96
O5' ADP T . 24.96 75.21 7.68
C5' ADP T . 25.84 74.87 6.61
C4' ADP T . 25.57 73.43 6.21
O4' ADP T . 24.34 73.34 5.49
C3' ADP T . 26.67 72.88 5.30
O3' ADP T . 27.14 71.64 5.82
C2' ADP T . 26.01 72.71 3.94
O2' ADP T . 26.49 71.57 3.24
C1' ADP T . 24.52 72.60 4.28
N9 ADP T . 23.67 73.10 3.20
C8 ADP T . 23.48 74.39 2.84
N7 ADP T . 22.62 74.47 1.79
C5 ADP T . 22.25 73.22 1.45
C6 ADP T . 21.37 72.60 0.44
N6 ADP T . 20.69 73.35 -0.46
N1 ADP T . 21.27 71.25 0.43
C2 ADP T . 21.93 70.48 1.32
N3 ADP T . 22.74 70.98 2.27
C4 ADP T . 22.94 72.32 2.38
H5'1 ADP T . 26.87 74.98 6.93
H5'2 ADP T . 25.66 75.53 5.76
H4' ADP T . 25.53 72.84 7.13
H3' ADP T . 27.55 73.54 5.24
HO3' ADP T . 27.85 71.30 5.25
H2' ADP T . 26.22 73.55 3.25
HO2' ADP T . 27.41 71.71 2.98
H1' ADP T . 24.25 71.53 4.41
H8 ADP T . 23.94 75.23 3.33
HN61 ADP T . 20.11 72.90 -1.16
HN62 ADP T . 20.79 74.35 -0.46
H2 ADP T . 21.80 69.41 1.27
MG MG U . 36.69 107.67 58.90
PB ADP V . 83.61 88.81 35.84
O1B ADP V . 83.76 89.50 37.17
O2B ADP V . 82.19 88.72 35.34
O3B ADP V . 84.60 89.22 34.78
PA ADP V . 85.15 86.48 35.48
O1A ADP V . 86.34 86.47 36.42
O2A ADP V . 85.33 86.99 34.07
O3A ADP V . 83.92 87.26 36.15
O5' ADP V . 84.55 85.00 35.34
C5' ADP V . 84.89 84.23 34.18
C4' ADP V . 84.00 83.00 34.10
O4' ADP V . 84.54 82.12 33.11
C3' ADP V . 83.95 82.25 35.43
O3' ADP V . 82.61 82.21 35.94
C2' ADP V . 84.44 80.84 35.13
O2' ADP V . 83.48 79.87 35.50
C1' ADP V . 84.69 80.80 33.63
N9 ADP V . 86.08 80.31 33.41
C8 ADP V . 87.19 81.05 33.45
N7 ADP V . 88.29 80.27 33.22
C5 ADP V . 87.86 79.01 33.04
C6 ADP V . 88.48 77.71 32.76
N6 ADP V . 89.82 77.59 32.63
N1 ADP V . 87.67 76.63 32.64
C2 ADP V . 86.33 76.73 32.77
N3 ADP V . 85.71 77.89 33.03
C4 ADP V . 86.39 79.04 33.17
H5'1 ADP V . 85.94 83.93 34.22
H5'2 ADP V . 84.74 84.85 33.28
H4' ADP V . 82.98 83.33 33.85
H3' ADP V . 84.55 82.74 36.20
H2' ADP V . 85.35 80.61 35.70
HO2' ADP V . 83.45 79.80 36.47
H1' ADP V . 83.99 80.13 33.12
H8 ADP V . 87.23 82.11 33.63
HN61 ADP V . 90.40 78.41 32.73
HN62 ADP V . 90.23 76.69 32.44
H2 ADP V . 85.73 75.83 32.67
MG MG W . 64.35 50.57 24.09
MG MG X . 87.19 88.96 37.07
PB ADP Y . 62.88 48.01 22.92
O1B ADP Y . 62.26 47.58 24.23
O2B ADP Y . 64.36 48.33 22.98
O3B ADP Y . 62.07 49.03 22.15
PA ADP Y . 64.01 45.61 22.01
O1A ADP Y . 64.62 45.63 23.39
O2A ADP Y . 64.86 45.83 20.79
O3A ADP Y . 62.81 46.69 22.00
O5' ADP Y . 63.22 44.23 21.84
C5' ADP Y . 63.56 43.11 22.66
C4' ADP Y . 62.73 41.91 22.23
O4' ADP Y . 63.48 41.06 21.36
C3' ADP Y . 62.30 41.04 23.42
O3' ADP Y . 60.93 41.29 23.72
C2' ADP Y . 62.54 39.61 22.97
O2' ADP Y . 61.35 38.82 23.01
C1' ADP Y . 63.06 39.71 21.54
N9 ADP Y . 64.12 38.71 21.31
C8 ADP Y . 65.41 38.79 21.71
N7 ADP Y . 66.09 37.68 21.32
C5 ADP Y . 65.24 36.88 20.66
C6 ADP Y . 65.30 35.56 19.99
N6 ADP Y . 66.46 34.85 19.94
N1 ADP Y . 64.17 35.08 19.42
C2 ADP Y . 63.01 35.77 19.45
N3 ADP Y . 62.88 36.97 20.05
C4 ADP Y . 63.94 37.56 20.65
H5'1 ADP Y . 63.37 43.34 23.70
H5'2 ADP Y . 64.62 42.88 22.56
H4' ADP Y . 61.86 42.32 21.72
H3' ADP Y . 62.86 41.28 24.34
HO3' ADP Y . 60.74 40.99 24.62
H2' ADP Y . 63.25 39.11 23.66
HO2' ADP Y . 61.42 38.16 23.72
H1' ADP Y . 62.27 39.47 20.81
H8 ADP Y . 65.83 39.61 22.27
HN61 ADP Y . 66.48 33.95 19.47
HN62 ADP Y . 67.30 35.22 20.36
H2 ADP Y . 62.14 35.33 18.98
PB ADP Z . 53.88 88.02 71.26
O1B ADP Z . 55.02 88.02 72.26
O2B ADP Z . 54.00 86.95 70.19
O3B ADP Z . 53.51 89.39 70.73
PA ADP Z . 52.61 86.16 72.88
O1A ADP Z . 52.22 86.38 74.33
O2A ADP Z . 53.93 85.51 72.56
O3A ADP Z . 52.61 87.58 72.14
O5' ADP Z . 51.44 85.31 72.17
C5' ADP Z . 50.22 85.91 71.72
C4' ADP Z . 49.31 84.79 71.20
O4' ADP Z . 49.16 83.77 72.19
C3' ADP Z . 47.90 85.25 70.83
O3' ADP Z . 47.78 85.46 69.43
C2' ADP Z . 46.98 84.13 71.30
O2' ADP Z . 46.36 83.48 70.19
C1' ADP Z . 47.89 83.13 72.04
N9 ADP Z . 47.30 82.75 73.34
C8 ADP Z . 47.42 83.41 74.50
N7 ADP Z . 46.75 82.77 75.49
C5 ADP Z . 46.19 81.67 74.96
C6 ADP Z . 45.36 80.56 75.46
N6 ADP Z . 44.96 80.48 76.75
N1 ADP Z . 44.99 79.60 74.56
C2 ADP Z . 45.35 79.66 73.26
N3 ADP Z . 46.12 80.65 72.76
C4 ADP Z . 46.56 81.66 73.54
H5'1 ADP Z . 50.42 86.63 70.93
H5'2 ADP Z . 49.73 86.43 72.54
H4' ADP Z . 49.82 84.43 70.30
H3' ADP Z . 47.64 86.21 71.31
H2' ADP Z . 46.18 84.52 71.93
HO2' ADP Z . 45.81 84.11 69.72
H1' ADP Z . 47.99 82.21 71.45
H8 ADP Z . 47.98 84.35 74.63
HN61 ADP Z . 45.25 81.19 77.40
HN62 ADP Z . 44.39 79.70 77.06
H2 ADP Z . 45.03 78.87 72.61
MG MG AA . 27.37 56.87 51.12
MG MG BA . 54.97 90.16 74.70
PB ADP CA . 27.97 55.24 52.93
O1B ADP CA . 28.51 54.75 54.25
O2B ADP CA . 27.31 56.61 53.00
O3B ADP CA . 28.90 55.06 51.76
PA ADP CA . 25.73 53.82 53.82
O1A ADP CA . 26.43 52.82 54.70
O2A ADP CA . 25.14 55.09 54.40
O3A ADP CA . 26.75 54.25 52.63
O5' ADP CA . 24.59 53.06 52.98
C5' ADP CA . 23.22 53.47 53.06
C4' ADP CA . 22.37 52.41 52.40
O4' ADP CA . 21.92 51.45 53.37
C3' ADP CA . 21.12 52.97 51.73
O3' ADP CA . 21.34 53.04 50.33
C2' ADP CA . 20.00 52.01 52.08
O2' ADP CA . 19.43 51.40 50.92
C1' ADP CA . 20.64 50.93 52.96
N9 ADP CA . 19.79 50.56 54.10
C8 ADP CA . 19.64 51.25 55.25
N7 ADP CA . 18.77 50.60 56.07
C5 ADP CA . 18.38 49.47 55.46
C6 ADP CA . 17.48 48.33 55.76
N6 ADP CA . 16.79 48.26 56.93
N1 ADP CA . 17.35 47.36 54.83
C2 ADP CA . 18.00 47.41 53.65
N3 ADP CA . 18.83 48.42 53.31
C4 ADP CA . 19.05 49.45 54.15
H5'1 ADP CA . 23.09 54.43 52.55
H5'2 ADP CA . 22.93 53.61 54.11
H4' ADP CA . 23.02 51.95 51.65
H3' ADP CA . 20.88 53.99 52.06
HO3' ADP CA . 20.65 53.61 49.93
H2' ADP CA . 19.17 52.53 52.59
HO2' ADP CA . 18.74 51.97 50.57
H1' ADP CA . 20.78 50.01 52.38
H8 ADP CA . 20.11 52.19 55.48
HN61 ADP CA . 16.90 48.98 57.62
HN62 ADP CA . 16.19 47.46 57.11
H2 ADP CA . 17.86 46.61 52.94
PB ADP DA . 76.43 80.21 60.04
O1B ADP DA . 77.93 80.23 59.86
O2B ADP DA . 75.84 81.50 60.54
O3B ADP DA . 75.70 79.60 58.88
PA ADP DA . 77.25 78.03 61.63
O1A ADP DA . 77.85 78.39 62.97
O2A ADP DA . 78.16 77.80 60.46
O3A ADP DA . 76.17 79.17 61.25
O5' ADP DA . 76.34 76.71 61.83
C5' ADP DA . 75.69 76.15 60.70
C4' ADP DA . 74.99 74.84 61.00
O4' ADP DA . 75.90 73.81 61.42
C3' ADP DA . 73.93 74.94 62.11
O3' ADP DA . 72.63 75.17 61.57
C2' ADP DA . 74.00 73.59 62.82
O2' ADP DA . 72.78 72.86 62.70
C1' ADP DA . 75.14 72.83 62.13
N9 ADP DA . 75.91 72.06 63.12
C8 ADP DA . 76.90 72.50 63.91
N7 ADP DA . 77.37 71.49 64.70
C5 ADP DA . 76.66 70.39 64.41
C6 ADP DA . 76.64 68.97 64.88
N6 ADP DA . 77.49 68.53 65.83
N1 ADP DA . 75.73 68.14 64.31
C2 ADP DA . 74.87 68.56 63.36
N3 ADP DA . 74.85 69.83 62.90
C4 ADP DA . 75.70 70.77 63.37
H5'1 ADP DA . 76.43 75.98 59.91
H5'2 ADP DA . 74.96 76.87 60.31
H4' ADP DA . 74.50 74.58 60.05
H3' ADP DA . 74.11 75.78 62.79
H2' ADP DA . 74.16 73.72 63.90
HO2' ADP DA . 72.19 73.11 63.42
H1' ADP DA . 74.76 72.08 61.41
H8 ADP DA . 77.28 73.51 63.91
HN61 ADP DA . 78.15 69.17 66.24
HN62 ADP DA . 77.45 67.57 66.13
H2 ADP DA . 74.17 67.85 62.94
MG MG EA . 52.86 44.82 48.48
MG MG FA . 78.87 81.89 63.27
PB ADP GA . 51.02 43.48 46.36
O1B ADP GA . 52.51 43.40 46.57
O2B ADP GA . 50.28 44.40 47.32
O3B ADP GA . 50.61 43.63 44.92
PA ADP GA . 51.31 41.05 47.74
O1A ADP GA . 51.26 41.67 49.12
O2A ADP GA . 52.63 40.70 47.10
O3A ADP GA . 50.49 42.01 46.73
O5' ADP GA . 50.37 39.74 47.71
C5' ADP GA . 49.23 39.62 48.56
C4' ADP GA . 48.36 38.52 47.99
O4' ADP GA . 48.90 37.23 48.32
C3' ADP GA . 46.93 38.54 48.52
O3' ADP GA . 46.06 39.20 47.60
C2' ADP GA . 46.56 37.07 48.70
O2' ADP GA . 45.51 36.68 47.84
C1' ADP GA . 47.83 36.28 48.35
N9 ADP GA . 48.04 35.21 49.33
C8 ADP GA . 48.79 35.27 50.45
N7 ADP GA . 48.74 34.08 51.12
C5 ADP GA . 47.95 33.25 50.43
C6 ADP GA . 47.46 31.85 50.57
N6 ADP GA . 47.84 31.07 51.61
N1 ADP GA . 46.64 31.38 49.61
C2 ADP GA . 46.25 32.12 48.55
N3 ADP GA . 46.65 33.39 48.37
C4 ADP GA . 47.48 34.00 49.25
H5'1 ADP GA . 48.69 40.57 48.59
H5'2 ADP GA . 49.55 39.37 49.57
H4' ADP GA . 48.35 38.70 46.91
H3' ADP GA . 46.82 39.11 49.46
HO3' ADP GA . 45.20 39.36 48.02
H2' ADP GA . 46.21 36.90 49.72
HO2' ADP GA . 44.81 36.24 48.35
H1' ADP GA . 47.74 35.79 47.37
H8 ADP GA . 49.36 36.13 50.77
HN61 ADP GA . 47.50 30.13 51.69
HN62 ADP GA . 48.46 31.44 52.32
H2 ADP GA . 45.59 31.68 47.83
PB ADP HA . 38.29 104.22 57.35
O1B ADP HA . 38.27 104.39 58.85
O2B ADP HA . 39.17 105.21 56.63
O3B ADP HA . 38.45 102.79 56.90
PA ADP HA . 35.51 104.08 57.69
O1A ADP HA . 36.00 103.38 58.93
O2A ADP HA . 34.50 105.20 57.79
O3A ADP HA . 36.79 104.62 56.88
O5' ADP HA . 34.90 102.96 56.71
C5' ADP HA . 34.57 103.22 55.35
C4' ADP HA . 33.59 102.15 54.91
O4' ADP HA . 32.46 102.14 55.79
C3' ADP HA . 33.03 102.34 53.51
O3' ADP HA . 33.71 101.49 52.58
C2' ADP HA . 31.56 101.97 53.61
O2' ADP HA . 31.26 100.79 52.86
C1' ADP HA . 31.29 101.71 55.09
N9 ADP HA . 30.08 102.45 55.53
C8 ADP HA . 30.04 103.51 56.37
N7 ADP HA . 28.76 103.92 56.56
C5 ADP HA . 27.96 103.11 55.84
C6 ADP HA . 26.51 102.99 55.57
N6 ADP HA . 25.63 103.84 56.15
N1 ADP HA . 26.10 102.00 54.75
C2 ADP HA . 26.95 101.14 54.17
N3 ADP HA . 28.29 101.20 54.36
C4 ADP HA . 28.85 102.14 55.16
H5'1 ADP HA . 35.47 103.20 54.72
H5'2 ADP HA . 34.12 104.21 55.25
H4' ADP HA . 34.16 101.21 54.93
H3' ADP HA . 33.17 103.36 53.14
H2' ADP HA . 30.93 102.76 53.19
HO2' ADP HA . 31.42 100.96 51.92
H1' ADP HA . 31.11 100.65 55.27
H8 ADP HA . 30.91 103.96 56.83
HN61 ADP HA . 25.97 104.56 56.76
HN62 ADP HA . 24.64 103.74 55.97
H2 ADP HA . 26.56 100.37 53.53
MG MG IA . 18.23 73.20 34.88
PB ADP JA . 15.97 71.04 34.83
O1B ADP JA . 16.82 69.79 34.68
O2B ADP JA . 16.18 72.07 33.74
O3B ADP JA . 15.94 71.60 36.23
PA ADP JA . 13.22 71.53 34.67
O1A ADP JA . 12.71 71.56 36.09
O2A ADP JA . 13.61 72.80 33.96
O3A ADP JA . 14.47 70.52 34.59
O5' ADP JA . 12.15 70.75 33.77
C5' ADP JA . 11.68 71.28 32.53
C4' ADP JA . 11.03 70.13 31.77
O4' ADP JA . 9.66 70.00 32.14
C3' ADP JA . 11.09 70.29 30.26
O3' ADP JA . 12.13 69.51 29.71
C2' ADP JA . 9.72 69.82 29.77
O2' ADP JA . 9.82 68.73 28.87
C1' ADP JA . 8.97 69.39 31.03
N9 ADP JA . 7.55 69.77 30.96
C8 ADP JA . 7.02 71.00 31.13
N7 ADP JA . 5.67 70.97 30.98
C5 ADP JA . 5.32 69.70 30.70
C6 ADP JA . 4.06 68.96 30.43
N6 ADP JA . 2.86 69.60 30.43
N1 ADP JA . 4.14 67.64 30.19
C2 ADP JA . 5.32 66.98 30.20
N3 ADP JA . 6.50 67.59 30.44
C4 ADP JA . 6.56 68.92 30.69
H5'1 ADP JA . 12.51 71.69 31.96
H5'2 ADP JA . 10.96 72.08 32.71
H4' ADP JA . 11.61 69.24 32.06
H3' ADP JA . 11.30 71.33 29.95
HO3' ADP JA . 12.25 69.71 28.77
H2' ADP JA . 9.21 70.62 29.22
HO2' ADP JA . 9.91 69.06 27.97
H1' ADP JA . 8.97 68.30 31.15
H8 ADP JA . 7.60 71.89 31.35
HN61 ADP JA . 2.81 70.59 30.60
HN62 ADP JA . 2.02 69.08 30.24
H2 ADP JA . 5.32 65.92 30.01
PB ADP KA . -84.06 -85.32 -35.45
O1B ADP KA . -83.84 -86.81 -35.31
O2B ADP KA . -85.06 -84.94 -36.51
O3B ADP KA . -82.80 -84.50 -35.48
PA ADP KA . -85.66 -83.57 -33.92
O1A ADP KA . -86.90 -83.92 -33.12
O2A ADP KA . -85.78 -82.94 -35.28
O3A ADP KA . -84.76 -84.91 -34.05
O5' ADP KA . -84.75 -82.60 -33.00
C5' ADP KA . -83.93 -83.10 -31.94
C4' ADP KA . -83.34 -81.91 -31.20
O4' ADP KA . -84.36 -80.95 -30.93
C3' ADP KA . -82.70 -82.26 -29.87
O3' ADP KA . -81.28 -82.38 -30.01
C2' ADP KA . -83.11 -81.14 -28.90
O2' ADP KA . -82.06 -80.33 -28.41
C1' ADP KA . -84.04 -80.24 -29.72
N9 ADP KA . -85.24 -79.88 -28.95
C8 ADP KA . -86.43 -80.51 -28.95
N7 ADP KA . -87.31 -79.90 -28.11
C5 ADP KA . -86.66 -78.86 -27.54
C6 ADP KA . -87.00 -77.80 -26.56
N6 ADP KA . -88.22 -77.73 -26.00
N1 ADP KA . -86.03 -76.91 -26.25
C2 ADP KA . -84.80 -76.96 -26.80
N3 ADP KA . -84.44 -77.90 -27.69
C4 ADP KA . -85.31 -78.86 -28.10
H5'1 ADP KA . -83.14 -83.73 -32.34
H5'2 ADP KA . -84.53 -83.70 -31.25
H4' ADP KA . -82.57 -81.51 -31.88
H3' ADP KA . -83.03 -83.23 -29.47
H2' ADP KA . -83.56 -81.62 -28.01
HO2' ADP KA . -81.22 -80.59 -28.83
H1' ADP KA . -83.54 -79.29 -29.97
H8 ADP KA . -86.66 -81.39 -29.56
HN61 ADP KA . -88.44 -77.00 -25.33
HN62 ADP KA . -88.92 -78.41 -26.25
H2 ADP KA . -84.07 -76.21 -26.50
MG MG LA . -62.76 -54.78 -13.99
MG MG MA . -87.24 -86.53 -35.93
PB ADP NA . -59.55 -53.15 -13.95
O1B ADP NA . -60.03 -54.37 -13.20
O2B ADP NA . -60.58 -52.55 -14.88
O3B ADP NA . -58.17 -53.26 -14.53
PA ADP NA . -60.60 -51.70 -11.78
O1A ADP NA . -61.00 -53.00 -11.11
O2A ADP NA . -61.61 -50.85 -12.50
O3A ADP NA . -59.39 -52.03 -12.80
O5' ADP NA . -59.83 -50.79 -10.71
C5' ADP NA . -59.47 -51.28 -9.43
C4' ADP NA . -58.59 -50.23 -8.78
O4' ADP NA . -59.39 -49.17 -8.24
C3' ADP NA . -57.73 -50.74 -7.63
O3' ADP NA . -56.43 -51.05 -8.11
C2' ADP NA . -57.72 -49.60 -6.62
O2' ADP NA . -56.41 -49.03 -6.47
C1' ADP NA . -58.66 -48.54 -7.19
N9 ADP NA . -59.52 -47.99 -6.13
C8 ADP NA . -60.68 -48.50 -5.66
N7 ADP NA . -61.19 -47.71 -4.68
C5 ADP NA . -60.36 -46.67 -4.51
C6 ADP NA . -60.29 -45.47 -3.66
N6 ADP NA . -61.25 -45.21 -2.74
N1 ADP NA . -59.24 -44.64 -3.80
C2 ADP NA . -58.26 -44.87 -4.70
N3 ADP NA . -58.26 -45.95 -5.52
C4 ADP NA . -59.26 -46.86 -5.47
H5'1 ADP NA . -58.92 -52.22 -9.52
H5'2 ADP NA . -60.35 -51.48 -8.82
H4' ADP NA . -57.93 -49.87 -9.59
H3' ADP NA . -58.10 -51.67 -7.18
HO3' ADP NA . -56.00 -51.67 -7.50
H2' ADP NA . -58.02 -49.96 -5.63
HO2' ADP NA . -56.21 -48.96 -5.53
H1' ADP NA . -58.10 -47.68 -7.58
H8 ADP NA . -61.14 -49.42 -6.02
HN61 ADP NA . -62.03 -45.83 -2.63
HN62 ADP NA . -61.18 -44.37 -2.16
H2 ADP NA . -57.44 -44.18 -4.78
MG MG OA . -60.22 -44.55 -39.67
PB ADP PA . -76.72 -78.34 -59.71
O1B ADP PA . -77.09 -79.42 -58.73
O2B ADP PA . -76.79 -78.76 -61.17
O3B ADP PA . -75.47 -77.58 -59.36
PA ADP PA . -77.89 -75.93 -60.50
O1A ADP PA . -79.32 -75.60 -60.84
O2A ADP PA . -76.89 -76.17 -61.59
O3A ADP PA . -77.90 -77.25 -59.58
O5' ADP PA . -77.33 -74.77 -59.54
C5' ADP PA . -77.43 -74.81 -58.11
C4' ADP PA . -76.71 -73.59 -57.56
O4' ADP PA . -77.01 -72.44 -58.35
C3' ADP PA . -77.09 -73.24 -56.12
O3' ADP PA . -76.09 -73.69 -55.21
C2' ADP PA . -77.20 -71.72 -56.09
O2' ADP PA . -76.25 -71.14 -55.22
C1' ADP PA . -76.94 -71.27 -57.54
N9 ADP PA . -77.91 -70.22 -57.94
C8 ADP PA . -79.06 -70.42 -58.62
N7 ADP PA . -79.70 -69.22 -58.81
C5 ADP PA . -78.94 -68.26 -58.26
C6 ADP PA . -79.02 -66.78 -58.11
N6 ADP PA . -80.06 -66.07 -58.59
N1 ADP PA . -78.01 -66.18 -57.45
C2 ADP PA . -76.96 -66.85 -56.95
N3 ADP PA . -76.83 -68.18 -57.06
C4 ADP PA . -77.77 -68.93 -57.68
H5'1 ADP PA . -76.97 -75.73 -57.73
H5'2 ADP PA . -78.48 -74.80 -57.81
H4' ADP PA . -75.64 -73.86 -57.59
H3' ADP PA . -78.03 -73.72 -55.81
H2' ADP PA . -78.19 -71.40 -55.73
HO2' ADP PA . -76.39 -71.47 -54.33
H1' ADP PA . -75.95 -70.81 -57.62
H8 ADP PA . -79.43 -71.37 -58.96
HN61 ADP PA . -80.81 -66.54 -59.08
HN62 ADP PA . -80.08 -65.06 -58.47
H2 ADP PA . -76.18 -66.29 -56.44
MG MG QA . -79.58 -78.84 -61.55
PB ADP RA . -56.96 -43.40 -38.46
O1B ADP RA . -57.85 -43.79 -37.32
O2B ADP RA . -57.51 -43.74 -39.84
O3B ADP RA . -55.50 -43.76 -38.27
PA ADP RA . -58.31 -40.98 -38.76
O1A ADP RA . -59.47 -41.72 -38.14
O2A ADP RA . -58.32 -40.61 -40.23
O3A ADP RA . -56.97 -41.80 -38.44
O5' ADP RA . -58.05 -39.64 -37.92
C5' ADP RA . -58.82 -39.34 -36.75
C4' ADP RA . -58.10 -38.21 -36.02
O4' ADP RA . -58.41 -36.95 -36.63
C3' ADP RA . -58.49 -38.10 -34.56
O3' ADP RA . -57.50 -38.69 -33.73
C2' ADP RA . -58.62 -36.60 -34.30
O2' ADP RA . -57.72 -36.14 -33.30
C1' ADP RA . -58.29 -35.93 -35.64
N9 ADP RA . -59.20 -34.79 -35.86
C8 ADP RA . -60.37 -34.81 -36.51
N7 ADP RA . -60.94 -33.57 -36.52
C5 ADP RA . -60.11 -32.74 -35.87
C6 ADP RA . -60.09 -31.30 -35.51
N6 ADP RA . -61.09 -30.46 -35.86
N1 ADP RA . -59.01 -30.85 -34.82
C2 ADP RA . -58.00 -31.64 -34.45
N3 ADP RA . -57.96 -32.96 -34.75
C4 ADP RA . -58.97 -33.55 -35.44
H5'1 ADP RA . -58.90 -40.22 -36.11
H5'2 ADP RA . -59.83 -39.03 -37.03
H4' ADP RA . -57.04 -38.46 -36.10
H3' ADP RA . -59.43 -38.63 -34.32
HO3' ADP RA . -57.83 -38.77 -32.83
H2' ADP RA . -59.63 -36.36 -33.94
HO2' ADP RA . -58.21 -36.00 -32.48
H1' ADP RA . -57.28 -35.51 -35.65
H8 ADP RA . -60.82 -35.69 -36.97
HN61 ADP RA . -61.89 -30.83 -36.38
HN62 ADP RA . -61.05 -29.50 -35.60
H2 ADP RA . -57.18 -31.21 -33.90
MG MG SA . -37.97 -50.51 -55.08
PB ADP TA . -69.25 -101.59 -21.41
O1B ADP TA . -70.73 -101.76 -21.14
O2B ADP TA . -68.81 -100.15 -21.43
O3B ADP TA . -68.73 -102.41 -22.56
PA ADP TA . -69.17 -102.14 -18.64
O1A ADP TA . -69.17 -103.53 -18.06
O2A ADP TA . -70.47 -101.38 -18.75
O3A ADP TA . -68.52 -102.20 -20.11
O5' ADP TA . -68.15 -101.24 -17.80
C5' ADP TA . -66.73 -101.33 -17.98
C4' ADP TA . -66.08 -100.19 -17.21
O4' ADP TA . -66.81 -99.95 -15.99
C3' ADP TA . -64.62 -100.47 -16.81
O3' ADP TA . -63.72 -99.70 -17.60
C2' ADP TA . -64.52 -100.08 -15.34
O2' ADP TA . -63.55 -99.07 -15.12
C1' ADP TA . -65.91 -99.56 -14.95
N9 ADP TA . -66.32 -100.12 -13.65
C8 ADP TA . -67.16 -101.15 -13.45
N7 ADP TA . -67.32 -101.40 -12.12
C5 ADP TA . -66.55 -100.53 -11.45
C6 ADP TA . -66.24 -100.25 -10.03
N6 ADP TA . -66.81 -100.98 -9.04
N1 ADP TA . -65.39 -99.23 -9.76
C2 ADP TA . -64.82 -98.50 -10.73
N3 ADP TA . -65.06 -98.71 -12.04
C4 ADP TA . -65.89 -99.68 -12.45
H5'1 ADP TA . -66.48 -101.25 -19.04
H5'2 ADP TA . -66.36 -102.29 -17.62
H4' ADP TA . -66.09 -99.33 -17.88
H3' ADP TA . -64.35 -101.52 -16.98
H2' ADP TA . -64.21 -100.95 -14.73
HO2' ADP TA . -62.67 -99.47 -15.03
H1' ADP TA . -65.89 -98.47 -14.84
H8 ADP TA . -67.66 -101.69 -14.24
HN61 ADP TA . -66.61 -100.79 -8.08
HN62 ADP TA . -67.45 -101.73 -9.29
H2 ADP TA . -64.14 -97.71 -10.45
MG MG UA . -42.61 -73.00 -4.10
MG MG VA . -70.50 -105.26 -20.43
PB ADP WA . -41.23 -70.02 -4.59
O1B ADP WA . -42.60 -70.35 -4.04
O2B ADP WA . -40.44 -71.21 -5.07
O3B ADP WA . -41.21 -68.83 -5.51
PA ADP WA . -40.17 -70.50 -2.03
O1A ADP WA . -41.44 -70.54 -1.21
O2A ADP WA . -39.53 -71.76 -2.55
O3A ADP WA . -40.42 -69.53 -3.29
O5' ADP WA . -39.07 -69.65 -1.22
C5' ADP WA . -37.79 -70.19 -0.87
C4' ADP WA . -36.95 -69.03 -0.39
O4' ADP WA . -37.08 -68.86 1.02
C3' ADP WA . -35.46 -69.16 -0.67
O3' ADP WA . -35.12 -68.51 -1.89
C2' ADP WA . -34.80 -68.49 0.53
O2' ADP WA . -34.15 -67.28 0.17
C1' ADP WA . -35.92 -68.17 1.51
N9 ADP WA . -35.56 -68.54 2.89
C8 ADP WA . -35.77 -69.71 3.52
N7 ADP WA . -35.31 -69.65 4.79
C5 ADP WA . -34.79 -68.43 5.00
C6 ADP WA . -34.14 -67.71 6.11
N6 ADP WA . -33.93 -68.30 7.31
N1 ADP WA . -33.75 -66.43 5.89
C2 ADP WA . -33.94 -65.81 4.71
N3 ADP WA . -34.52 -66.42 3.66
C4 ADP WA . -34.96 -67.70 3.74
H5'1 ADP WA . -37.34 -70.66 -1.74
H5'2 ADP WA . -37.90 -70.94 -0.09
H4' ADP WA . -37.34 -68.17 -0.94
H3' ADP WA . -35.14 -70.20 -0.79
HO3' ADP WA . -34.17 -68.62 -2.05
H2' ADP WA . -34.03 -69.16 0.96
HO2' ADP WA . -33.37 -67.15 0.73
H1' ADP WA . -36.11 -67.09 1.54
H8 ADP WA . -36.25 -70.57 3.06
HN61 ADP WA . -34.23 -69.25 7.46
HN62 ADP WA . -33.48 -67.79 8.05
H2 ADP WA . -33.60 -64.80 4.60
PB ADP XA . -39.85 -105.34 -56.10
O1B ADP XA . -39.81 -106.76 -55.58
O2B ADP XA . -39.48 -104.30 -55.06
O3B ADP XA . -41.08 -105.00 -56.89
PA ADP XA . -37.12 -105.33 -56.74
O1A ADP XA . -37.06 -105.49 -55.23
O2A ADP XA . -36.41 -106.33 -57.62
O3A ADP XA . -38.66 -105.29 -57.18
O5' ADP XA . -36.54 -103.87 -57.12
C5' ADP XA . -37.25 -102.68 -56.82
C4' ADP XA . -36.26 -101.59 -56.46
O4' ADP XA . -34.90 -102.01 -56.71
C3' ADP XA . -36.43 -100.29 -57.27
O3' ADP XA . -37.32 -99.40 -56.61
C2' ADP XA . -35.02 -99.73 -57.37
O2' ADP XA . -34.84 -98.58 -56.55
C1' ADP XA . -34.10 -100.84 -56.86
N9 ADP XA . -32.94 -101.06 -57.76
C8 ADP XA . -32.84 -101.97 -58.75
N7 ADP XA . -31.63 -101.87 -59.37
C5 ADP XA . -30.93 -100.89 -58.75
C6 ADP XA . -29.59 -100.28 -58.89
N6 ADP XA . -28.71 -100.70 -59.83
N1 ADP XA . -29.27 -99.28 -58.04
C2 ADP XA . -30.11 -98.85 -57.09
N3 ADP XA . -31.35 -99.36 -56.91
C4 ADP XA . -31.80 -100.37 -57.70
H5'1 ADP XA . -37.92 -102.85 -55.97
H5'2 ADP XA . -37.86 -102.38 -57.66
H4' ADP XA . -36.45 -101.40 -55.40
H3' ADP XA . -36.87 -100.46 -58.26
H2' ADP XA . -34.80 -99.43 -58.40
HO2' ADP XA . -35.54 -97.94 -56.74
H1' ADP XA . -33.65 -100.56 -55.89
H8 ADP XA . -33.62 -102.66 -59.03
HN61 ADP XA . -27.81 -100.27 -59.91
HN62 ADP XA . -28.97 -101.45 -60.46
H2 ADP XA . -29.80 -98.04 -56.44
MG MG YA . -18.14 -69.52 -45.07
MG MG ZA . -42.47 -107.82 -57.32
PB ADP AB . -17.35 -66.53 -43.81
O1B ADP AB . -16.97 -67.98 -43.63
O2B ADP AB . -17.96 -66.21 -45.17
O3B ADP AB . -18.11 -65.93 -42.65
PA ADP AB . -14.90 -65.90 -45.03
O1A ADP AB . -13.86 -66.94 -44.65
O2A ADP AB . -15.68 -66.02 -46.31
O3A ADP AB . -15.95 -65.75 -43.81
O5' ADP AB . -14.21 -64.45 -45.00
C5' ADP AB . -14.38 -63.56 -46.11
C4' ADP AB . -13.93 -62.17 -45.71
O4' ADP AB . -12.51 -62.11 -45.54
C3' ADP AB . -14.31 -61.14 -46.78
O3' ADP AB . -15.21 -60.19 -46.23
C2' ADP AB . -13.00 -60.49 -47.18
O2' ADP AB . -13.11 -59.07 -47.31
C1' ADP AB . -12.02 -60.88 -46.06
N9 ADP AB . -10.65 -60.98 -46.60
C8 ADP AB . -10.12 -62.00 -47.29
N7 ADP AB . -8.83 -61.74 -47.62
C5 ADP AB . -8.51 -60.53 -47.14
C6 ADP AB . -7.32 -59.64 -47.13
N6 ADP AB . -6.17 -60.03 -47.72
N1 ADP AB . -7.43 -58.45 -46.50
C2 ADP AB . -8.56 -58.05 -45.90
N3 ADP AB . -9.68 -58.80 -45.87
C4 ADP AB . -9.72 -60.02 -46.46
H5'1 ADP AB . -15.42 -63.55 -46.42
H5'2 ADP AB . -13.78 -63.92 -46.96
H4' ADP AB . -14.44 -61.94 -44.77
H3' ADP AB . -14.82 -61.58 -47.64
HO3' ADP AB . -15.54 -59.61 -46.93
H2' ADP AB . -12.65 -60.81 -48.17
HO2' ADP AB . -13.54 -58.86 -48.15
H1' ADP AB . -11.99 -60.12 -45.27
H8 ADP AB . -10.66 -62.91 -47.55
HN61 ADP AB . -6.11 -60.92 -48.18
HN62 ADP AB . -5.37 -59.41 -47.71
H2 ADP AB . -8.59 -57.09 -45.42
PB ADP BB . -47.08 -111.69 -30.87
O1B ADP BB . -47.49 -111.00 -29.59
O2B ADP BB . -46.12 -110.90 -31.73
O3B ADP BB . -48.20 -112.34 -31.63
PA ADP BB . -44.97 -112.74 -29.31
O1A ADP BB . -44.07 -113.95 -29.43
O2A ADP BB . -45.56 -112.38 -27.97
O3A ADP BB . -46.18 -112.93 -30.36
O5' ADP BB . -44.19 -111.45 -29.87
C5' ADP BB . -42.78 -111.49 -30.14
C4' ADP BB . -42.10 -110.32 -29.45
O4' ADP BB . -41.44 -110.80 -28.28
C3' ADP BB . -41.05 -109.61 -30.31
O3' ADP BB . -41.46 -108.27 -30.60
C2' ADP BB . -39.78 -109.60 -29.48
O2' ADP BB . -39.25 -108.29 -29.32
C1' ADP BB . -40.16 -110.18 -28.13
N9 ADP BB . -39.14 -111.15 -27.69
C8 ADP BB . -39.16 -112.48 -27.91
N7 ADP BB . -38.06 -113.08 -27.37
C5 ADP BB . -37.32 -112.11 -26.79
C6 ADP BB . -36.04 -112.05 -26.06
N6 ADP BB . -35.34 -113.18 -25.82
N1 ADP BB . -35.62 -110.84 -25.63
C2 ADP BB . -36.32 -109.72 -25.86
N3 ADP BB . -37.49 -109.70 -26.52
C4 ADP BB . -38.03 -110.84 -27.00
H5'1 ADP BB . -42.61 -111.43 -31.22
H5'2 ADP BB . -42.36 -112.42 -29.78
H4' ADP BB . -42.89 -109.59 -29.23
H3' ADP BB . -40.91 -110.11 -31.28
H2' ADP BB . -38.99 -110.18 -29.99
HO2' ADP BB . -38.67 -108.08 -30.08
H1' ADP BB . -40.21 -109.38 -27.36
H8 ADP BB . -39.94 -113.01 -28.44
HN61 ADP BB . -34.46 -113.14 -25.32
HN62 ADP BB . -35.69 -114.06 -26.16
H2 ADP BB . -35.93 -108.78 -25.48
MG MG CB . -21.14 -79.61 -19.46
MG MG DB . -46.96 -115.83 -31.28
PB ADP EB . -19.85 -77.01 -19.49
O1B ADP EB . -20.40 -78.11 -18.61
O2B ADP EB . -20.62 -75.72 -19.46
O3B ADP EB . -19.44 -77.48 -20.86
PA ADP EB . -17.32 -77.74 -18.54
O1A ADP EB . -17.65 -78.53 -17.29
O2A ADP EB . -17.08 -78.44 -19.86
O3A ADP EB . -18.47 -76.64 -18.75
O5' ADP EB . -16.07 -76.79 -18.22
C5' ADP EB . -15.20 -76.36 -19.28
C4' ADP EB . -14.56 -75.07 -18.84
O4' ADP EB . -13.61 -75.31 -17.79
C3' ADP EB . -13.81 -74.35 -19.97
O3' ADP EB . -14.53 -73.18 -20.36
C2' ADP EB . -12.44 -74.02 -19.40
O2' ADP EB . -12.12 -72.64 -19.56
C1' ADP EB . -12.52 -74.38 -17.92
N9 ADP EB . -11.25 -74.96 -17.44
C8 ADP EB . -10.86 -76.25 -17.52
N7 ADP EB . -9.63 -76.42 -16.98
C5 ADP EB . -9.21 -75.21 -16.55
C6 ADP EB . -7.99 -74.66 -15.88
N6 ADP EB . -6.96 -75.47 -15.55
N1 ADP EB . -7.97 -73.34 -15.62
C2 ADP EB . -8.99 -72.53 -15.93
N3 ADP EB . -10.12 -72.96 -16.53
C4 ADP EB . -10.28 -74.26 -16.86
H5'1 ADP EB . -15.78 -76.21 -20.19
H5'2 ADP EB . -14.45 -77.12 -19.47
H4' ADP EB . -15.38 -74.41 -18.49
H3' ADP EB . -13.72 -74.98 -20.87
HO3' ADP EB . -14.21 -72.89 -21.22
H2' ADP EB . -11.65 -74.56 -19.94
HO2' ADP EB . -11.65 -72.51 -20.39
H1' ADP EB . -12.69 -73.49 -17.31
H8 ADP EB . -11.46 -77.05 -17.94
HN61 ADP EB . -6.99 -76.45 -15.76
HN62 ADP EB . -6.14 -75.07 -15.11
H2 ADP EB . -8.90 -71.47 -15.70
PB ADP FB . -54.79 -88.36 -70.16
O1B ADP FB . -55.79 -88.58 -69.05
O2B ADP FB . -55.09 -89.15 -71.41
O3B ADP FB . -53.36 -88.42 -69.71
PA ADP FB . -54.15 -86.17 -71.79
O1A ADP FB . -52.83 -86.88 -71.84
O2A ADP FB . -55.02 -86.16 -73.03
O3A ADP FB . -55.03 -86.83 -70.61
O5' ADP FB . -53.91 -84.64 -71.34
C5' ADP FB . -52.88 -84.33 -70.43
C4' ADP FB . -52.60 -82.83 -70.32
O4' ADP FB . -51.70 -82.40 -71.35
C3' ADP FB . -53.82 -81.92 -70.43
O3' ADP FB . -54.41 -81.67 -69.16
C2' ADP FB . -53.26 -80.64 -71.03
O2' ADP FB . -53.16 -79.58 -70.07
C1' ADP FB . -51.84 -80.99 -71.51
N9 ADP FB . -51.65 -80.53 -72.91
C8 ADP FB . -52.07 -81.16 -74.02
N7 ADP FB . -51.72 -80.46 -75.13
C5 ADP FB . -51.07 -79.35 -74.72
C6 ADP FB . -50.45 -78.18 -75.37
N6 ADP FB . -50.44 -78.04 -76.71
N1 ADP FB . -49.88 -77.24 -74.57
C2 ADP FB . -49.88 -77.35 -73.23
N3 ADP FB . -50.43 -78.39 -72.58
C4 ADP FB . -51.04 -79.40 -73.25
H5'1 ADP FB . -51.96 -84.83 -70.75
H5'2 ADP FB . -53.14 -84.71 -69.44
H4' ADP FB . -52.18 -82.74 -69.31
H3' ADP FB . -54.62 -82.36 -71.04
H2' ADP FB . -53.91 -80.28 -71.83
HO2' ADP FB . -53.52 -78.77 -70.45
H1' ADP FB . -51.08 -80.46 -70.91
H8 ADP FB . -52.60 -82.11 -74.03
HN61 ADP FB . -50.86 -78.75 -77.28
HN62 ADP FB . -50.00 -77.24 -77.13
H2 ADP FB . -49.41 -76.57 -72.64
PB ADP GB . -36.03 -50.09 -53.40
O1B ADP GB . -35.42 -50.46 -52.07
O2B ADP GB . -37.40 -49.48 -53.30
O3B ADP GB . -35.90 -51.16 -54.47
PA ADP GB . -35.37 -48.20 -55.35
O1A ADP GB . -36.84 -48.34 -55.64
O2A ADP GB . -34.32 -48.69 -56.33
O3A ADP GB . -35.09 -48.89 -53.92
O5' ADP GB . -35.07 -46.66 -54.99
C5' ADP GB . -36.13 -45.71 -55.04
C4' ADP GB . -35.72 -44.48 -54.26
O4' ADP GB . -34.86 -43.64 -55.03
C3' ADP GB . -36.94 -43.64 -53.85
O3' ADP GB . -37.01 -43.56 -52.43
C2' ADP GB . -36.69 -42.28 -54.46
O2' ADP GB . -37.05 -41.23 -53.58
C1' ADP GB . -35.20 -42.27 -54.78
N9 ADP GB . -34.90 -41.37 -55.91
C8 ADP GB . -35.11 -41.62 -57.22
N7 ADP GB . -34.72 -40.57 -57.97
C5 ADP GB . -34.26 -39.61 -57.15
C6 ADP GB . -33.70 -38.25 -57.28
N6 ADP GB . -33.55 -37.66 -58.50
N1 ADP GB . -33.34 -37.60 -56.15
C2 ADP GB . -33.49 -38.15 -54.93
N3 ADP GB . -33.99 -39.38 -54.74
C4 ADP GB . -34.38 -40.15 -55.79
H5'1 ADP GB . -37.04 -46.15 -54.60
H5'2 ADP GB . -36.35 -45.44 -56.08
H4' ADP GB . -35.20 -44.84 -53.36
H3' ADP GB . -37.89 -44.08 -54.20
HO3' ADP GB . -37.78 -43.03 -52.18
H2' ADP GB . -37.32 -42.10 -55.35
HO2' ADP GB . -38.02 -41.21 -53.47
H1' ADP GB . -34.61 -41.88 -53.94
H8 ADP GB . -35.52 -42.55 -57.60
HN61 ADP GB . -33.16 -36.73 -58.57
HN62 ADP GB . -33.81 -38.17 -59.33
H2 ADP GB . -33.18 -37.58 -54.07
#